data_5IM6
#
_entry.id   5IM6
#
_cell.length_a   284.170
_cell.length_b   284.170
_cell.length_c   640.470
_cell.angle_alpha   90.000
_cell.angle_beta   90.000
_cell.angle_gamma   120.000
#
_symmetry.space_group_name_H-M   'H 3'
#
loop_
_entity.id
_entity.type
_entity.pdbx_description
1 polymer 'Designed self-assembling icosahedral cage I32-28 trimeric subunit'
2 polymer 'Designed self-assembling icosahedral cage I32-28 dimeric subunit'
#
loop_
_entity_poly.entity_id
_entity_poly.type
_entity_poly.pdbx_seq_one_letter_code
_entity_poly.pdbx_strand_id
1 'polypeptide(L)'
;MGDDARIAAIGDVDELNSQIGVLLAEPLPDDVRAALSAIQHDLFDLGGELCIPGHAAITEDHLLRLALWLVHYNGQLPPL
EEFILPGGARGAALAHVCRTVCRRAERSIKALGASEPLNIAPAAYVNLLSDLLFVLARVLNRAAGGADVLWDRTRAH
;
A,B,C,D,E,F,G,H,I,J,K,L,M,N,O,P,Q,R,S,T
2 'polypeptide(L)'
;MILSAEQSFTLRHPHGQAAALAFVREPAAALAGVQRLRGLDSDGEQVWGELLVRVPLLGEVDLPFRSEIVRTPQGAELRP
LTLTGERAWVAVSGQATAAEGGEMAFAFQFQAHLATPEAEGEGGAAFEVMVQAAAGVTLLLVAMALPQGLAAGLPPALEH
HHHHH
;
U,V,W,X,Y,Z,a,b,c,d,e,f,g,h,i,j,k,l,m,n
#
# COMPACT_ATOMS: atom_id res chain seq x y z
N MET A 1 -13.64 49.20 -117.63
CA MET A 1 -12.25 48.81 -117.81
C MET A 1 -11.43 49.03 -116.54
N GLY A 2 -11.20 50.30 -116.22
CA GLY A 2 -10.44 50.66 -115.02
C GLY A 2 -11.16 50.17 -113.77
N ASP A 3 -12.48 50.29 -113.75
CA ASP A 3 -13.22 49.85 -112.57
C ASP A 3 -12.98 48.37 -112.34
N ASP A 4 -13.04 47.57 -113.40
CA ASP A 4 -12.81 46.14 -113.24
C ASP A 4 -11.37 45.89 -112.80
N ALA A 5 -10.44 46.57 -113.45
CA ALA A 5 -9.01 46.46 -113.15
C ALA A 5 -8.70 47.01 -111.76
N ARG A 6 -9.33 48.13 -111.45
CA ARG A 6 -9.16 48.82 -110.16
C ARG A 6 -10.02 48.22 -109.05
N ILE A 7 -11.32 48.07 -109.24
CA ILE A 7 -12.24 47.51 -108.25
C ILE A 7 -11.84 46.09 -107.87
N ALA A 8 -11.31 45.34 -108.83
CA ALA A 8 -10.87 43.97 -108.57
C ALA A 8 -9.63 43.93 -107.68
N ALA A 9 -8.67 44.82 -107.96
CA ALA A 9 -7.45 44.88 -107.18
C ALA A 9 -7.80 45.27 -105.74
N ILE A 10 -8.66 46.27 -105.58
CA ILE A 10 -9.07 46.72 -104.26
C ILE A 10 -9.72 45.55 -103.51
N GLY A 11 -10.58 44.82 -104.19
CA GLY A 11 -11.26 43.68 -103.56
C GLY A 11 -10.29 42.60 -103.11
N ASP A 12 -9.29 42.27 -103.93
CA ASP A 12 -8.34 41.24 -103.55
C ASP A 12 -7.47 41.66 -102.36
N VAL A 13 -7.15 42.94 -102.27
CA VAL A 13 -6.36 43.43 -101.14
C VAL A 13 -7.22 43.31 -99.90
N ASP A 14 -8.51 43.61 -100.05
CA ASP A 14 -9.48 43.52 -98.96
C ASP A 14 -9.59 42.05 -98.51
N GLU A 15 -9.69 41.14 -99.48
CA GLU A 15 -9.80 39.72 -99.17
C GLU A 15 -8.55 39.25 -98.42
N LEU A 16 -7.38 39.69 -98.88
CA LEU A 16 -6.13 39.34 -98.24
C LEU A 16 -6.13 39.84 -96.80
N ASN A 17 -6.50 41.11 -96.62
CA ASN A 17 -6.52 41.71 -95.28
C ASN A 17 -7.47 40.92 -94.37
N SER A 18 -8.58 40.44 -94.92
CA SER A 18 -9.54 39.66 -94.15
C SER A 18 -8.95 38.30 -93.77
N GLN A 19 -8.18 37.70 -94.67
CA GLN A 19 -7.57 36.42 -94.36
C GLN A 19 -6.55 36.61 -93.25
N ILE A 20 -5.88 37.76 -93.24
CA ILE A 20 -4.90 38.03 -92.18
C ILE A 20 -5.66 38.21 -90.86
N GLY A 21 -6.87 38.75 -90.93
CA GLY A 21 -7.67 38.90 -89.74
C GLY A 21 -7.99 37.54 -89.14
N VAL A 22 -8.20 36.55 -90.00
CA VAL A 22 -8.48 35.19 -89.53
C VAL A 22 -7.23 34.62 -88.86
N LEU A 23 -6.08 34.88 -89.46
CA LEU A 23 -4.81 34.40 -88.91
C LEU A 23 -4.57 35.05 -87.53
N LEU A 24 -4.95 36.31 -87.39
CA LEU A 24 -4.79 37.03 -86.14
C LEU A 24 -5.69 36.54 -85.02
N ALA A 25 -6.69 35.72 -85.37
CA ALA A 25 -7.61 35.18 -84.37
C ALA A 25 -7.00 33.92 -83.74
N GLU A 26 -5.83 33.53 -84.23
CA GLU A 26 -5.12 32.36 -83.74
C GLU A 26 -4.07 32.78 -82.72
N PRO A 27 -3.57 31.81 -81.93
CA PRO A 27 -2.53 32.16 -80.95
C PRO A 27 -1.27 32.43 -81.76
N LEU A 28 -0.55 33.49 -81.42
CA LEU A 28 0.66 33.84 -82.15
C LEU A 28 1.75 34.41 -81.26
N PRO A 29 2.99 34.39 -81.75
CA PRO A 29 4.10 34.95 -81.00
C PRO A 29 3.85 36.45 -80.95
N ASP A 30 4.07 37.10 -79.82
CA ASP A 30 3.79 38.52 -79.74
C ASP A 30 4.38 39.35 -80.87
N ASP A 31 5.61 39.04 -81.27
CA ASP A 31 6.25 39.78 -82.34
C ASP A 31 5.52 39.57 -83.67
N VAL A 32 5.15 38.33 -83.97
CA VAL A 32 4.44 38.03 -85.20
C VAL A 32 3.10 38.76 -85.23
N ARG A 33 2.40 38.78 -84.09
CA ARG A 33 1.11 39.46 -83.99
C ARG A 33 1.28 40.95 -84.28
N ALA A 34 2.32 41.55 -83.73
CA ALA A 34 2.56 42.97 -83.94
C ALA A 34 2.80 43.28 -85.41
N ALA A 35 3.58 42.44 -86.08
CA ALA A 35 3.86 42.66 -87.49
C ALA A 35 2.59 42.54 -88.33
N LEU A 36 1.84 41.46 -88.13
CA LEU A 36 0.60 41.25 -88.88
C LEU A 36 -0.41 42.37 -88.67
N SER A 37 -0.58 42.84 -87.43
CA SER A 37 -1.52 43.92 -87.16
C SER A 37 -1.12 45.19 -87.91
N ALA A 38 0.17 45.49 -87.91
CA ALA A 38 0.66 46.68 -88.61
C ALA A 38 0.40 46.54 -90.12
N ILE A 39 0.62 45.34 -90.64
CA ILE A 39 0.40 45.06 -92.05
C ILE A 39 -1.06 45.33 -92.42
N GLN A 40 -2.00 44.99 -91.52
CA GLN A 40 -3.40 45.24 -91.81
C GLN A 40 -3.63 46.73 -92.08
N HIS A 41 -2.98 47.59 -91.30
CA HIS A 41 -3.13 49.02 -91.50
C HIS A 41 -2.52 49.40 -92.85
N ASP A 42 -1.37 48.81 -93.17
CA ASP A 42 -0.71 49.07 -94.45
C ASP A 42 -1.65 48.71 -95.61
N LEU A 43 -2.27 47.54 -95.53
CA LEU A 43 -3.17 47.09 -96.58
C LEU A 43 -4.38 47.99 -96.71
N PHE A 44 -4.84 48.54 -95.60
CA PHE A 44 -5.99 49.46 -95.65
C PHE A 44 -5.54 50.68 -96.45
N ASP A 45 -4.35 51.20 -96.14
CA ASP A 45 -3.84 52.36 -96.86
C ASP A 45 -3.57 52.03 -98.32
N LEU A 46 -3.07 50.83 -98.57
CA LEU A 46 -2.77 50.41 -99.93
C LEU A 46 -4.04 50.40 -100.78
N GLY A 47 -5.12 49.86 -100.21
CA GLY A 47 -6.39 49.84 -100.91
C GLY A 47 -6.86 51.25 -101.23
N GLY A 48 -6.62 52.18 -100.30
CA GLY A 48 -7.01 53.55 -100.52
C GLY A 48 -6.23 54.19 -101.67
N GLU A 49 -4.95 53.84 -101.78
CA GLU A 49 -4.12 54.38 -102.85
C GLU A 49 -4.61 53.86 -104.20
N LEU A 50 -4.97 52.59 -104.26
CA LEU A 50 -5.46 51.99 -105.50
C LEU A 50 -6.77 52.65 -105.92
N CYS A 51 -7.59 53.01 -104.93
CA CYS A 51 -8.88 53.59 -105.21
C CYS A 51 -8.87 55.06 -105.66
N ILE A 52 -8.25 55.92 -104.86
CA ILE A 52 -8.21 57.35 -105.17
C ILE A 52 -7.11 57.81 -106.12
N PRO A 53 -7.52 58.47 -107.21
CA PRO A 53 -6.59 59.04 -108.19
C PRO A 53 -5.84 60.23 -107.62
N GLY A 54 -4.53 60.28 -107.89
CA GLY A 54 -3.71 61.37 -107.40
C GLY A 54 -3.33 61.20 -105.94
N HIS A 55 -3.78 60.09 -105.34
CA HIS A 55 -3.48 59.82 -103.94
C HIS A 55 -2.50 58.66 -103.77
N ALA A 56 -1.47 58.88 -102.97
CA ALA A 56 -0.47 57.85 -102.69
C ALA A 56 -0.37 57.65 -101.18
N ALA A 57 0.00 56.45 -100.76
CA ALA A 57 0.11 56.15 -99.34
C ALA A 57 1.29 55.23 -99.01
N ILE A 58 1.63 54.34 -99.93
CA ILE A 58 2.73 53.40 -99.71
C ILE A 58 4.05 54.05 -100.12
N THR A 59 5.00 54.08 -99.19
CA THR A 59 6.30 54.70 -99.41
C THR A 59 7.47 53.74 -99.21
N GLU A 60 8.68 54.25 -99.44
CA GLU A 60 9.87 53.43 -99.26
C GLU A 60 9.90 52.91 -97.83
N ASP A 61 9.44 53.73 -96.90
CA ASP A 61 9.43 53.34 -95.48
C ASP A 61 8.63 52.06 -95.26
N HIS A 62 7.54 51.90 -96.00
CA HIS A 62 6.70 50.69 -95.88
C HIS A 62 7.48 49.50 -96.40
N LEU A 63 8.13 49.70 -97.55
CA LEU A 63 8.92 48.63 -98.17
C LEU A 63 10.10 48.26 -97.28
N LEU A 64 10.75 49.27 -96.72
CA LEU A 64 11.89 49.07 -95.83
C LEU A 64 11.50 48.23 -94.62
N ARG A 65 10.34 48.51 -94.05
CA ARG A 65 9.88 47.77 -92.88
C ARG A 65 9.67 46.30 -93.22
N LEU A 66 9.11 46.03 -94.40
CA LEU A 66 8.89 44.65 -94.82
C LEU A 66 10.25 43.98 -95.02
N ALA A 67 11.17 44.68 -95.68
CA ALA A 67 12.51 44.14 -95.91
C ALA A 67 13.14 43.79 -94.57
N LEU A 68 12.93 44.64 -93.58
CA LEU A 68 13.49 44.42 -92.26
C LEU A 68 12.90 43.18 -91.60
N TRP A 69 11.60 43.00 -91.72
CA TRP A 69 10.96 41.82 -91.14
C TRP A 69 11.42 40.54 -91.82
N LEU A 70 11.63 40.61 -93.13
CA LEU A 70 12.09 39.44 -93.88
C LEU A 70 13.46 39.02 -93.37
N VAL A 71 14.39 39.97 -93.33
CA VAL A 71 15.74 39.69 -92.85
C VAL A 71 15.69 39.15 -91.43
N HIS A 72 14.90 39.81 -90.58
CA HIS A 72 14.78 39.40 -89.19
C HIS A 72 14.28 37.97 -88.98
N TYR A 73 13.08 37.68 -89.44
CA TYR A 73 12.50 36.35 -89.28
C TYR A 73 13.27 35.25 -89.99
N ASN A 74 13.86 35.57 -91.14
CA ASN A 74 14.64 34.58 -91.87
C ASN A 74 15.91 34.22 -91.10
N GLY A 75 16.51 35.21 -90.44
CA GLY A 75 17.72 34.96 -89.68
C GLY A 75 17.38 34.32 -88.35
N GLN A 76 16.11 33.97 -88.19
CA GLN A 76 15.60 33.34 -86.99
C GLN A 76 15.16 31.92 -87.31
N LEU A 77 15.38 31.53 -88.57
CA LEU A 77 15.01 30.21 -89.05
C LEU A 77 16.20 29.49 -89.66
N PRO A 78 16.15 28.16 -89.71
CA PRO A 78 17.24 27.40 -90.32
C PRO A 78 17.07 27.49 -91.83
N PRO A 79 18.14 27.27 -92.60
CA PRO A 79 18.04 27.36 -94.06
C PRO A 79 17.04 26.37 -94.65
N LEU A 80 16.43 26.74 -95.78
CA LEU A 80 15.47 25.89 -96.45
C LEU A 80 16.18 24.67 -97.02
N GLU A 81 15.75 23.47 -96.62
CA GLU A 81 16.38 22.23 -97.07
C GLU A 81 15.70 21.56 -98.26
N GLU A 82 14.43 21.89 -98.49
CA GLU A 82 13.68 21.29 -99.58
C GLU A 82 12.41 22.10 -99.84
N PHE A 83 11.75 21.83 -100.97
CA PHE A 83 10.51 22.51 -101.28
C PHE A 83 9.53 22.23 -100.15
N ILE A 84 8.75 23.24 -99.77
CA ILE A 84 7.79 23.09 -98.69
C ILE A 84 6.36 23.04 -99.23
N LEU A 85 5.51 22.27 -98.57
CA LEU A 85 4.12 22.15 -98.95
C LEU A 85 3.36 23.03 -97.97
N PRO A 86 2.35 23.77 -98.44
CA PRO A 86 1.65 24.65 -97.50
C PRO A 86 0.87 23.85 -96.46
N GLY A 87 1.20 24.03 -95.19
CA GLY A 87 0.53 23.32 -94.13
C GLY A 87 1.33 23.26 -92.85
N GLY A 88 0.86 22.46 -91.90
CA GLY A 88 1.53 22.32 -90.62
C GLY A 88 0.58 22.73 -89.51
N ALA A 89 1.06 23.52 -88.56
CA ALA A 89 0.20 23.98 -87.48
C ALA A 89 -0.87 24.84 -88.16
N ARG A 90 -2.04 24.94 -87.53
CA ARG A 90 -3.12 25.72 -88.13
C ARG A 90 -2.66 27.14 -88.48
N GLY A 91 -1.89 27.75 -87.59
CA GLY A 91 -1.40 29.09 -87.84
C GLY A 91 -0.57 29.14 -89.12
N ALA A 92 0.34 28.20 -89.26
CA ALA A 92 1.19 28.13 -90.43
C ALA A 92 0.36 27.93 -91.70
N ALA A 93 -0.63 27.04 -91.63
CA ALA A 93 -1.49 26.76 -92.77
C ALA A 93 -2.25 28.01 -93.21
N LEU A 94 -2.76 28.76 -92.25
CA LEU A 94 -3.49 29.99 -92.55
C LEU A 94 -2.54 31.02 -93.17
N ALA A 95 -1.31 31.09 -92.66
CA ALA A 95 -0.33 32.02 -93.19
C ALA A 95 -0.10 31.71 -94.67
N HIS A 96 -0.07 30.43 -95.01
CA HIS A 96 0.12 30.04 -96.41
C HIS A 96 -1.08 30.44 -97.25
N VAL A 97 -2.28 30.37 -96.68
CA VAL A 97 -3.46 30.81 -97.42
C VAL A 97 -3.32 32.31 -97.65
N CYS A 98 -2.89 33.03 -96.62
CA CYS A 98 -2.70 34.47 -96.76
C CYS A 98 -1.69 34.73 -97.87
N ARG A 99 -0.62 33.93 -97.88
CA ARG A 99 0.42 34.07 -98.89
C ARG A 99 -0.15 33.96 -100.30
N THR A 100 -0.97 32.94 -100.54
CA THR A 100 -1.54 32.75 -101.86
C THR A 100 -2.56 33.83 -102.24
N VAL A 101 -3.29 34.35 -101.27
CA VAL A 101 -4.26 35.40 -101.56
C VAL A 101 -3.50 36.70 -101.83
N CYS A 102 -2.35 36.87 -101.17
CA CYS A 102 -1.53 38.05 -101.38
C CYS A 102 -0.99 38.01 -102.82
N ARG A 103 -0.58 36.82 -103.27
CA ARG A 103 -0.06 36.69 -104.63
C ARG A 103 -1.18 36.96 -105.64
N ARG A 104 -2.41 36.58 -105.28
CA ARG A 104 -3.56 36.81 -106.13
C ARG A 104 -3.78 38.32 -106.26
N ALA A 105 -3.64 39.04 -105.14
CA ALA A 105 -3.81 40.48 -105.13
C ALA A 105 -2.70 41.13 -105.94
N GLU A 106 -1.50 40.58 -105.87
CA GLU A 106 -0.37 41.12 -106.63
C GLU A 106 -0.67 41.01 -108.13
N ARG A 107 -1.26 39.89 -108.55
CA ARG A 107 -1.58 39.72 -109.96
C ARG A 107 -2.58 40.80 -110.42
N SER A 108 -3.58 41.07 -109.57
CA SER A 108 -4.58 42.08 -109.88
C SER A 108 -3.98 43.49 -109.89
N ILE A 109 -3.05 43.74 -108.98
CA ILE A 109 -2.40 45.04 -108.90
C ILE A 109 -1.52 45.24 -110.13
N LYS A 110 -0.87 44.17 -110.57
CA LYS A 110 -0.02 44.24 -111.76
C LYS A 110 -0.90 44.51 -112.98
N ALA A 111 -2.05 43.85 -113.04
CA ALA A 111 -2.98 44.06 -114.16
C ALA A 111 -3.46 45.51 -114.19
N LEU A 112 -3.76 46.05 -113.01
CA LEU A 112 -4.23 47.42 -112.90
C LEU A 112 -3.18 48.40 -113.41
N GLY A 113 -1.94 48.21 -112.97
CA GLY A 113 -0.86 49.08 -113.41
C GLY A 113 -0.61 49.04 -114.89
N ALA A 114 -1.07 47.97 -115.54
CA ALA A 114 -0.88 47.83 -116.98
C ALA A 114 -1.91 48.62 -117.77
N SER A 115 -3.04 48.95 -117.16
CA SER A 115 -4.10 49.70 -117.86
C SER A 115 -4.30 51.12 -117.32
N GLU A 116 -3.59 51.46 -116.25
CA GLU A 116 -3.70 52.79 -115.65
C GLU A 116 -2.40 53.20 -114.99
N PRO A 117 -2.12 54.51 -114.94
CA PRO A 117 -0.89 54.98 -114.30
C PRO A 117 -0.99 54.66 -112.81
N LEU A 118 0.03 53.97 -112.29
CA LEU A 118 0.04 53.59 -110.89
C LEU A 118 1.48 53.61 -110.40
N ASN A 119 1.69 54.01 -109.15
CA ASN A 119 3.04 54.01 -108.60
C ASN A 119 3.47 52.56 -108.47
N ILE A 120 4.78 52.33 -108.36
CA ILE A 120 5.30 50.98 -108.25
C ILE A 120 5.24 50.41 -106.83
N ALA A 121 5.11 51.29 -105.84
CA ALA A 121 5.08 50.87 -104.45
C ALA A 121 4.06 49.78 -104.10
N PRO A 122 2.81 49.91 -104.58
CA PRO A 122 1.83 48.88 -104.25
C PRO A 122 2.24 47.45 -104.64
N ALA A 123 2.66 47.23 -105.87
CA ALA A 123 3.06 45.88 -106.26
C ALA A 123 4.33 45.44 -105.53
N ALA A 124 5.25 46.38 -105.29
CA ALA A 124 6.48 46.04 -104.58
C ALA A 124 6.16 45.65 -103.14
N TYR A 125 5.12 46.28 -102.58
CA TYR A 125 4.71 45.98 -101.21
C TYR A 125 4.20 44.54 -101.10
N VAL A 126 3.23 44.18 -101.95
CA VAL A 126 2.67 42.84 -101.89
C VAL A 126 3.64 41.77 -102.36
N ASN A 127 4.63 42.16 -103.17
CA ASN A 127 5.64 41.22 -103.64
C ASN A 127 6.42 40.78 -102.39
N LEU A 128 6.80 41.75 -101.58
CA LEU A 128 7.52 41.48 -100.35
C LEU A 128 6.64 40.77 -99.32
N LEU A 129 5.39 41.20 -99.22
CA LEU A 129 4.46 40.61 -98.27
C LEU A 129 4.26 39.10 -98.51
N SER A 130 4.16 38.71 -99.77
CA SER A 130 3.99 37.28 -100.11
C SER A 130 5.18 36.50 -99.53
N ASP A 131 6.38 37.03 -99.76
CA ASP A 131 7.57 36.37 -99.27
C ASP A 131 7.59 36.33 -97.74
N LEU A 132 7.15 37.41 -97.11
CA LEU A 132 7.13 37.47 -95.65
C LEU A 132 6.12 36.48 -95.05
N LEU A 133 4.97 36.33 -95.71
CA LEU A 133 3.95 35.41 -95.21
C LEU A 133 4.49 33.97 -95.29
N PHE A 134 5.32 33.70 -96.29
CA PHE A 134 5.92 32.37 -96.44
C PHE A 134 6.85 32.15 -95.25
N VAL A 135 7.65 33.16 -94.94
CA VAL A 135 8.60 33.11 -93.83
C VAL A 135 7.87 32.99 -92.50
N LEU A 136 6.81 33.78 -92.32
CA LEU A 136 6.05 33.72 -91.08
C LEU A 136 5.40 32.36 -90.89
N ALA A 137 5.04 31.70 -91.98
CA ALA A 137 4.45 30.36 -91.87
C ALA A 137 5.48 29.42 -91.23
N ARG A 138 6.73 29.54 -91.68
CA ARG A 138 7.78 28.71 -91.14
C ARG A 138 8.02 29.02 -89.67
N VAL A 139 7.94 30.31 -89.32
CA VAL A 139 8.12 30.74 -87.94
C VAL A 139 7.03 30.15 -87.06
N LEU A 140 5.80 30.13 -87.57
CA LEU A 140 4.68 29.60 -86.81
C LEU A 140 4.75 28.08 -86.63
N ASN A 141 5.29 27.37 -87.61
CA ASN A 141 5.43 25.94 -87.47
C ASN A 141 6.47 25.71 -86.39
N ARG A 142 7.53 26.51 -86.44
CA ARG A 142 8.62 26.44 -85.48
C ARG A 142 8.08 26.72 -84.08
N ALA A 143 7.35 27.82 -83.94
CA ALA A 143 6.78 28.23 -82.67
C ALA A 143 5.79 27.22 -82.11
N ALA A 144 5.22 26.39 -82.98
CA ALA A 144 4.26 25.37 -82.55
C ALA A 144 5.00 24.10 -82.15
N GLY A 145 6.33 24.13 -82.24
CA GLY A 145 7.11 22.97 -81.88
C GLY A 145 7.15 21.95 -83.00
N GLY A 146 6.53 22.30 -84.12
CA GLY A 146 6.51 21.40 -85.26
C GLY A 146 7.52 21.79 -86.32
N ALA A 147 7.35 21.24 -87.53
CA ALA A 147 8.24 21.55 -88.63
C ALA A 147 7.46 21.72 -89.94
N ASP A 148 8.11 22.30 -90.93
CA ASP A 148 7.46 22.52 -92.23
C ASP A 148 7.17 21.18 -92.91
N VAL A 149 6.13 21.16 -93.74
CA VAL A 149 5.75 19.96 -94.46
C VAL A 149 6.61 19.90 -95.72
N LEU A 150 7.35 18.82 -95.91
CA LEU A 150 8.24 18.70 -97.07
C LEU A 150 7.61 17.87 -98.18
N TRP A 151 8.10 18.05 -99.41
CA TRP A 151 7.53 17.27 -100.50
C TRP A 151 8.41 16.07 -100.84
N ASP A 152 7.93 15.22 -101.74
CA ASP A 152 8.66 14.03 -102.15
C ASP A 152 10.00 14.41 -102.78
N MET B 1 -0.25 37.38 -122.01
CA MET B 1 -1.33 36.46 -122.38
C MET B 1 -1.17 35.12 -121.67
N GLY B 2 -0.17 34.36 -122.08
CA GLY B 2 0.08 33.05 -121.48
C GLY B 2 0.42 33.19 -120.01
N ASP B 3 1.20 34.22 -119.67
CA ASP B 3 1.56 34.40 -118.27
C ASP B 3 0.32 34.60 -117.42
N ASP B 4 -0.62 35.41 -117.90
CA ASP B 4 -1.85 35.62 -117.15
C ASP B 4 -2.66 34.33 -117.08
N ALA B 5 -2.77 33.65 -118.22
CA ALA B 5 -3.49 32.39 -118.32
C ALA B 5 -2.79 31.29 -117.52
N ARG B 6 -1.47 31.28 -117.62
CA ARG B 6 -0.62 30.30 -116.94
C ARG B 6 -0.34 30.66 -115.49
N ILE B 7 0.14 31.87 -115.19
CA ILE B 7 0.44 32.33 -113.85
C ILE B 7 -0.81 32.29 -112.96
N ALA B 8 -1.96 32.57 -113.55
CA ALA B 8 -3.22 32.55 -112.80
C ALA B 8 -3.61 31.12 -112.41
N ALA B 9 -3.45 30.19 -113.33
CA ALA B 9 -3.79 28.80 -113.07
C ALA B 9 -2.88 28.26 -111.96
N ILE B 10 -1.59 28.55 -112.07
CA ILE B 10 -0.62 28.12 -111.07
C ILE B 10 -1.02 28.66 -109.70
N GLY B 11 -1.38 29.95 -109.66
CA GLY B 11 -1.78 30.56 -108.41
C GLY B 11 -3.01 29.93 -107.78
N ASP B 12 -4.03 29.62 -108.59
CA ASP B 12 -5.23 28.99 -108.06
C ASP B 12 -4.97 27.59 -107.52
N VAL B 13 -4.06 26.86 -108.16
CA VAL B 13 -3.73 25.52 -107.70
C VAL B 13 -3.04 25.66 -106.35
N ASP B 14 -2.19 26.68 -106.25
CA ASP B 14 -1.45 26.98 -105.03
C ASP B 14 -2.45 27.35 -103.92
N GLU B 15 -3.43 28.19 -104.26
CA GLU B 15 -4.43 28.61 -103.29
C GLU B 15 -5.22 27.39 -102.80
N LEU B 16 -5.58 26.52 -103.72
CA LEU B 16 -6.32 25.29 -103.39
C LEU B 16 -5.48 24.45 -102.43
N ASN B 17 -4.21 24.24 -102.79
CA ASN B 17 -3.33 23.44 -101.96
C ASN B 17 -3.21 24.02 -100.54
N SER B 18 -3.21 25.35 -100.45
CA SER B 18 -3.14 26.02 -99.17
C SER B 18 -4.42 25.81 -98.37
N GLN B 19 -5.55 25.82 -99.04
CA GLN B 19 -6.81 25.60 -98.35
C GLN B 19 -6.86 24.18 -97.82
N ILE B 20 -6.25 23.25 -98.56
CA ILE B 20 -6.20 21.86 -98.10
C ILE B 20 -5.29 21.78 -96.86
N GLY B 21 -4.27 22.63 -96.83
CA GLY B 21 -3.38 22.65 -95.69
C GLY B 21 -4.16 23.08 -94.45
N VAL B 22 -5.10 23.98 -94.62
CA VAL B 22 -5.91 24.45 -93.50
C VAL B 22 -6.82 23.31 -93.03
N LEU B 23 -7.36 22.56 -93.98
CA LEU B 23 -8.22 21.43 -93.67
C LEU B 23 -7.42 20.37 -92.90
N LEU B 24 -6.16 20.19 -93.29
CA LEU B 24 -5.30 19.21 -92.64
C LEU B 24 -4.90 19.58 -91.22
N ALA B 25 -5.17 20.83 -90.82
CA ALA B 25 -4.85 21.28 -89.47
C ALA B 25 -5.99 20.90 -88.52
N GLU B 26 -7.04 20.32 -89.07
CA GLU B 26 -8.20 19.90 -88.32
C GLU B 26 -8.10 18.42 -87.98
N PRO B 27 -8.89 17.95 -87.00
CA PRO B 27 -8.85 16.53 -86.66
C PRO B 27 -9.51 15.80 -87.82
N LEU B 28 -8.91 14.69 -88.25
CA LEU B 28 -9.45 13.94 -89.39
C LEU B 28 -9.28 12.44 -89.23
N PRO B 29 -10.07 11.68 -89.97
CA PRO B 29 -9.96 10.22 -89.95
C PRO B 29 -8.60 9.91 -90.55
N ASP B 30 -7.85 8.97 -90.00
CA ASP B 30 -6.53 8.69 -90.54
C ASP B 30 -6.49 8.47 -92.05
N ASP B 31 -7.48 7.76 -92.58
CA ASP B 31 -7.52 7.51 -94.01
C ASP B 31 -7.70 8.81 -94.80
N VAL B 32 -8.62 9.66 -94.34
CA VAL B 32 -8.86 10.93 -95.01
C VAL B 32 -7.60 11.79 -94.99
N ARG B 33 -6.91 11.81 -93.86
CA ARG B 33 -5.67 12.58 -93.74
C ARG B 33 -4.63 12.09 -94.73
N ALA B 34 -4.50 10.78 -94.87
CA ALA B 34 -3.53 10.20 -95.79
C ALA B 34 -3.83 10.61 -97.23
N ALA B 35 -5.11 10.58 -97.62
CA ALA B 35 -5.49 10.95 -98.97
C ALA B 35 -5.19 12.43 -99.24
N LEU B 36 -5.64 13.30 -98.34
CA LEU B 36 -5.40 14.73 -98.49
C LEU B 36 -3.91 15.08 -98.57
N SER B 37 -3.09 14.47 -97.72
CA SER B 37 -1.65 14.76 -97.75
C SER B 37 -1.05 14.36 -99.09
N ALA B 38 -1.45 13.21 -99.61
CA ALA B 38 -0.94 12.74 -100.90
C ALA B 38 -1.38 13.72 -102.00
N ILE B 39 -2.61 14.19 -101.92
CA ILE B 39 -3.14 15.14 -102.90
C ILE B 39 -2.29 16.40 -102.91
N GLN B 40 -1.84 16.86 -101.74
CA GLN B 40 -1.01 18.07 -101.69
C GLN B 40 0.24 17.89 -102.56
N HIS B 41 0.84 16.69 -102.51
CA HIS B 41 2.01 16.43 -103.33
C HIS B 41 1.61 16.45 -104.80
N ASP B 42 0.46 15.87 -105.11
CA ASP B 42 -0.04 15.85 -106.49
C ASP B 42 -0.20 17.28 -107.01
N LEU B 43 -0.81 18.14 -106.19
CA LEU B 43 -1.03 19.53 -106.59
C LEU B 43 0.28 20.28 -106.78
N PHE B 44 1.29 19.94 -105.99
CA PHE B 44 2.59 20.58 -106.15
C PHE B 44 3.12 20.20 -107.53
N ASP B 45 3.03 18.91 -107.86
CA ASP B 45 3.51 18.45 -109.16
C ASP B 45 2.67 19.04 -110.29
N LEU B 46 1.36 19.15 -110.06
CA LEU B 46 0.46 19.70 -111.07
C LEU B 46 0.86 21.13 -111.41
N GLY B 47 1.13 21.91 -110.37
CA GLY B 47 1.54 23.30 -110.57
C GLY B 47 2.83 23.35 -111.38
N GLY B 48 3.74 22.42 -111.13
CA GLY B 48 4.99 22.37 -111.86
C GLY B 48 4.77 22.08 -113.33
N GLU B 49 3.81 21.21 -113.63
CA GLU B 49 3.51 20.87 -115.02
C GLU B 49 2.93 22.08 -115.75
N LEU B 50 2.06 22.82 -115.08
CA LEU B 50 1.47 24.01 -115.68
C LEU B 50 2.54 25.06 -115.96
N CYS B 51 3.53 25.13 -115.08
CA CYS B 51 4.58 26.12 -115.21
C CYS B 51 5.62 25.83 -116.29
N ILE B 52 6.25 24.67 -116.22
CA ILE B 52 7.29 24.31 -117.18
C ILE B 52 6.83 23.71 -118.51
N PRO B 53 7.26 24.33 -119.60
CA PRO B 53 6.96 23.87 -120.97
C PRO B 53 7.71 22.58 -121.29
N GLY B 54 7.02 21.63 -121.90
CA GLY B 54 7.63 20.37 -122.27
C GLY B 54 7.73 19.42 -121.08
N HIS B 55 7.24 19.87 -119.93
CA HIS B 55 7.28 19.05 -118.72
C HIS B 55 5.89 18.56 -118.30
N ALA B 56 5.78 17.26 -118.04
CA ALA B 56 4.52 16.66 -117.60
C ALA B 56 4.76 15.92 -116.29
N ALA B 57 3.72 15.82 -115.46
CA ALA B 57 3.85 15.15 -114.18
C ALA B 57 2.60 14.35 -113.80
N ILE B 58 1.44 14.81 -114.23
CA ILE B 58 0.18 14.12 -113.91
C ILE B 58 -0.08 13.03 -114.95
N THR B 59 -0.25 11.80 -114.47
CA THR B 59 -0.48 10.64 -115.33
C THR B 59 -1.78 9.91 -115.05
N GLU B 60 -2.05 8.86 -115.83
CA GLU B 60 -3.27 8.08 -115.62
C GLU B 60 -3.29 7.54 -114.20
N ASP B 61 -2.11 7.21 -113.67
CA ASP B 61 -1.99 6.68 -112.32
C ASP B 61 -2.56 7.64 -111.29
N HIS B 62 -2.37 8.94 -111.51
CA HIS B 62 -2.89 9.97 -110.59
C HIS B 62 -4.41 9.98 -110.68
N LEU B 63 -4.92 9.93 -111.91
CA LEU B 63 -6.36 9.94 -112.13
C LEU B 63 -6.98 8.67 -111.56
N LEU B 64 -6.32 7.53 -111.77
CA LEU B 64 -6.82 6.26 -111.27
C LEU B 64 -6.95 6.27 -109.75
N ARG B 65 -5.95 6.86 -109.08
CA ARG B 65 -5.98 6.93 -107.62
C ARG B 65 -7.16 7.75 -107.13
N LEU B 66 -7.46 8.85 -107.82
CA LEU B 66 -8.58 9.68 -107.44
C LEU B 66 -9.87 8.89 -107.67
N ALA B 67 -9.96 8.23 -108.82
CA ALA B 67 -11.15 7.42 -109.14
C ALA B 67 -11.36 6.39 -108.04
N LEU B 68 -10.26 5.81 -107.58
CA LEU B 68 -10.33 4.81 -106.52
C LEU B 68 -10.86 5.37 -105.22
N TRP B 69 -10.38 6.56 -104.85
CA TRP B 69 -10.83 7.19 -103.63
C TRP B 69 -12.31 7.56 -103.71
N LEU B 70 -12.74 8.01 -104.88
CA LEU B 70 -14.14 8.37 -105.07
C LEU B 70 -15.03 7.15 -104.85
N VAL B 71 -14.71 6.06 -105.54
CA VAL B 71 -15.48 4.82 -105.41
C VAL B 71 -15.48 4.37 -103.94
N HIS B 72 -14.29 4.39 -103.33
CA HIS B 72 -14.15 3.97 -101.94
C HIS B 72 -15.00 4.74 -100.94
N TYR B 73 -14.76 6.04 -100.84
CA TYR B 73 -15.50 6.87 -99.90
C TYR B 73 -16.99 6.94 -100.18
N ASN B 74 -17.36 6.91 -101.46
CA ASN B 74 -18.78 6.95 -101.81
C ASN B 74 -19.48 5.67 -101.37
N GLY B 75 -18.79 4.55 -101.47
CA GLY B 75 -19.38 3.28 -101.07
C GLY B 75 -19.34 3.14 -99.56
N GLN B 76 -18.93 4.21 -98.90
CA GLN B 76 -18.83 4.26 -97.45
C GLN B 76 -19.86 5.25 -96.91
N LEU B 77 -20.65 5.80 -97.82
CA LEU B 77 -21.69 6.77 -97.47
C LEU B 77 -23.04 6.33 -97.98
N PRO B 78 -24.11 6.84 -97.37
CA PRO B 78 -25.47 6.49 -97.82
C PRO B 78 -25.74 7.32 -99.07
N PRO B 79 -26.69 6.90 -99.91
CA PRO B 79 -27.00 7.65 -101.14
C PRO B 79 -27.49 9.06 -100.86
N LEU B 80 -27.20 9.97 -101.79
CA LEU B 80 -27.60 11.36 -101.66
C LEU B 80 -29.12 11.45 -101.75
N GLU B 81 -29.75 12.01 -100.72
CA GLU B 81 -31.22 12.13 -100.68
C GLU B 81 -31.77 13.47 -101.15
N GLU B 82 -30.92 14.50 -101.12
CA GLU B 82 -31.35 15.83 -101.53
C GLU B 82 -30.14 16.72 -101.77
N PHE B 83 -30.35 17.89 -102.38
CA PHE B 83 -29.26 18.82 -102.61
C PHE B 83 -28.66 19.18 -101.25
N ILE B 84 -27.34 19.28 -101.20
CA ILE B 84 -26.65 19.61 -99.97
C ILE B 84 -26.13 21.04 -99.97
N LEU B 85 -26.14 21.67 -98.80
CA LEU B 85 -25.64 23.03 -98.66
C LEU B 85 -24.25 22.89 -98.06
N PRO B 86 -23.28 23.67 -98.51
CA PRO B 86 -21.94 23.52 -97.94
C PRO B 86 -21.89 23.92 -96.48
N GLY B 87 -21.53 22.98 -95.62
CA GLY B 87 -21.46 23.28 -94.20
C GLY B 87 -21.54 22.03 -93.34
N GLY B 88 -21.66 22.22 -92.03
CA GLY B 88 -21.74 21.11 -91.10
C GLY B 88 -20.60 21.21 -90.11
N ALA B 89 -19.92 20.11 -89.84
CA ALA B 89 -18.80 20.13 -88.92
C ALA B 89 -17.76 21.05 -89.57
N ARG B 90 -16.90 21.66 -88.78
CA ARG B 90 -15.89 22.57 -89.33
C ARG B 90 -15.08 21.89 -90.43
N GLY B 91 -14.71 20.64 -90.22
CA GLY B 91 -13.94 19.91 -91.21
C GLY B 91 -14.69 19.83 -92.53
N ALA B 92 -15.97 19.47 -92.45
CA ALA B 92 -16.80 19.36 -93.65
C ALA B 92 -16.92 20.71 -94.36
N ALA B 93 -17.12 21.77 -93.59
CA ALA B 93 -17.25 23.12 -94.15
C ALA B 93 -15.98 23.52 -94.90
N LEU B 94 -14.82 23.23 -94.31
CA LEU B 94 -13.55 23.55 -94.94
C LEU B 94 -13.37 22.74 -96.22
N ALA B 95 -13.79 21.48 -96.18
CA ALA B 95 -13.69 20.62 -97.36
C ALA B 95 -14.49 21.24 -98.49
N HIS B 96 -15.65 21.81 -98.18
CA HIS B 96 -16.47 22.44 -99.19
C HIS B 96 -15.79 23.69 -99.75
N VAL B 97 -15.07 24.41 -98.89
CA VAL B 97 -14.35 25.58 -99.37
C VAL B 97 -13.27 25.07 -100.33
N CYS B 98 -12.59 24.00 -99.95
CA CYS B 98 -11.56 23.44 -100.81
C CYS B 98 -12.18 23.04 -102.14
N ARG B 99 -13.38 22.46 -102.07
CA ARG B 99 -14.10 22.04 -103.27
C ARG B 99 -14.31 23.22 -104.22
N THR B 100 -14.79 24.34 -103.70
CA THR B 100 -15.04 25.50 -104.53
C THR B 100 -13.76 26.14 -105.08
N VAL B 101 -12.69 26.10 -104.32
CA VAL B 101 -11.43 26.68 -104.78
C VAL B 101 -10.85 25.75 -105.85
N CYS B 102 -11.09 24.45 -105.72
CA CYS B 102 -10.61 23.49 -106.70
C CYS B 102 -11.35 23.75 -108.02
N ARG B 103 -12.65 24.02 -107.94
CA ARG B 103 -13.41 24.30 -109.15
C ARG B 103 -12.92 25.59 -109.79
N ARG B 104 -12.52 26.54 -108.96
CA ARG B 104 -11.99 27.82 -109.44
C ARG B 104 -10.69 27.55 -110.21
N ALA B 105 -9.86 26.67 -109.66
CA ALA B 105 -8.60 26.32 -110.30
C ALA B 105 -8.86 25.59 -111.62
N GLU B 106 -9.89 24.76 -111.63
CA GLU B 106 -10.25 24.03 -112.85
C GLU B 106 -10.64 25.02 -113.95
N ARG B 107 -11.37 26.07 -113.59
CA ARG B 107 -11.76 27.07 -114.59
C ARG B 107 -10.52 27.74 -115.19
N SER B 108 -9.55 28.05 -114.35
CA SER B 108 -8.32 28.68 -114.79
C SER B 108 -7.48 27.73 -115.64
N ILE B 109 -7.47 26.45 -115.29
CA ILE B 109 -6.72 25.45 -116.03
C ILE B 109 -7.37 25.26 -117.40
N LYS B 110 -8.69 25.30 -117.44
CA LYS B 110 -9.41 25.15 -118.69
C LYS B 110 -9.11 26.36 -119.59
N ALA B 111 -9.08 27.55 -118.99
CA ALA B 111 -8.78 28.77 -119.75
C ALA B 111 -7.36 28.68 -120.33
N LEU B 112 -6.44 28.17 -119.52
CA LEU B 112 -5.05 28.05 -119.96
C LEU B 112 -4.93 27.12 -121.15
N GLY B 113 -5.60 25.96 -121.06
CA GLY B 113 -5.55 24.99 -122.15
C GLY B 113 -6.15 25.53 -123.43
N ALA B 114 -6.97 26.56 -123.32
CA ALA B 114 -7.61 27.14 -124.50
C ALA B 114 -6.68 28.09 -125.25
N SER B 115 -5.66 28.62 -124.57
CA SER B 115 -4.73 29.55 -125.18
C SER B 115 -3.32 28.99 -125.37
N GLU B 116 -3.09 27.80 -124.86
CA GLU B 116 -1.78 27.16 -124.97
C GLU B 116 -1.90 25.63 -124.99
N PRO B 117 -0.97 24.95 -125.67
CA PRO B 117 -1.01 23.49 -125.72
C PRO B 117 -0.79 22.97 -124.30
N LEU B 118 -1.70 22.13 -123.84
CA LEU B 118 -1.61 21.57 -122.49
C LEU B 118 -2.18 20.16 -122.50
N ASN B 119 -1.59 19.26 -121.74
CA ASN B 119 -2.11 17.90 -121.67
C ASN B 119 -3.46 17.96 -120.98
N ILE B 120 -4.28 16.94 -121.16
CA ILE B 120 -5.61 16.90 -120.56
C ILE B 120 -5.61 16.47 -119.10
N ALA B 121 -4.54 15.81 -118.66
CA ALA B 121 -4.47 15.30 -117.30
C ALA B 121 -4.73 16.33 -116.20
N PRO B 122 -4.12 17.53 -116.29
CA PRO B 122 -4.38 18.52 -115.23
C PRO B 122 -5.85 18.84 -114.99
N ALA B 123 -6.61 19.17 -116.04
CA ALA B 123 -8.02 19.47 -115.82
C ALA B 123 -8.80 18.24 -115.37
N ALA B 124 -8.43 17.06 -115.88
CA ALA B 124 -9.11 15.84 -115.49
C ALA B 124 -8.83 15.54 -114.02
N TYR B 125 -7.65 15.90 -113.56
CA TYR B 125 -7.28 15.69 -112.17
C TYR B 125 -8.14 16.53 -111.24
N VAL B 126 -8.20 17.84 -111.47
CA VAL B 126 -8.99 18.72 -110.63
C VAL B 126 -10.50 18.51 -110.79
N ASN B 127 -10.91 17.95 -111.93
CA ASN B 127 -12.34 17.68 -112.16
C ASN B 127 -12.71 16.59 -111.14
N LEU B 128 -11.86 15.57 -111.04
CA LEU B 128 -12.09 14.49 -110.10
C LEU B 128 -11.93 14.95 -108.66
N LEU B 129 -10.92 15.79 -108.42
CA LEU B 129 -10.65 16.28 -107.07
C LEU B 129 -11.82 17.07 -106.49
N SER B 130 -12.48 17.87 -107.32
CA SER B 130 -13.63 18.65 -106.86
C SER B 130 -14.71 17.67 -106.37
N ASP B 131 -14.96 16.62 -107.14
CA ASP B 131 -15.95 15.63 -106.77
C ASP B 131 -15.54 14.91 -105.48
N LEU B 132 -14.25 14.60 -105.35
CA LEU B 132 -13.76 13.91 -104.16
C LEU B 132 -13.87 14.78 -102.90
N LEU B 133 -13.60 16.07 -103.03
CA LEU B 133 -13.70 16.97 -101.89
C LEU B 133 -15.15 17.05 -101.42
N PHE B 134 -16.09 16.93 -102.36
CA PHE B 134 -17.52 16.96 -102.02
C PHE B 134 -17.81 15.71 -101.19
N VAL B 135 -17.30 14.58 -101.66
CA VAL B 135 -17.50 13.29 -100.99
C VAL B 135 -16.84 13.30 -99.61
N LEU B 136 -15.61 13.80 -99.54
CA LEU B 136 -14.91 13.85 -98.27
C LEU B 136 -15.64 14.75 -97.26
N ALA B 137 -16.31 15.78 -97.74
CA ALA B 137 -17.06 16.65 -96.85
C ALA B 137 -18.14 15.82 -96.17
N ARG B 138 -18.82 14.98 -96.95
CA ARG B 138 -19.87 14.14 -96.41
C ARG B 138 -19.29 13.14 -95.40
N VAL B 139 -18.11 12.61 -95.71
CA VAL B 139 -17.44 11.67 -94.83
C VAL B 139 -17.11 12.34 -93.50
N LEU B 140 -16.65 13.58 -93.56
CA LEU B 140 -16.30 14.31 -92.35
C LEU B 140 -17.51 14.65 -91.50
N ASN B 141 -18.64 14.94 -92.13
CA ASN B 141 -19.84 15.24 -91.36
C ASN B 141 -20.24 13.94 -90.65
N ARG B 142 -20.14 12.84 -91.38
CA ARG B 142 -20.46 11.52 -90.87
C ARG B 142 -19.55 11.20 -89.69
N ALA B 143 -18.24 11.36 -89.90
CA ALA B 143 -17.25 11.08 -88.87
C ALA B 143 -17.41 11.95 -87.64
N ALA B 144 -18.05 13.11 -87.79
CA ALA B 144 -18.26 14.02 -86.68
C ALA B 144 -19.54 13.66 -85.94
N GLY B 145 -20.22 12.61 -86.41
CA GLY B 145 -21.45 12.18 -85.78
C GLY B 145 -22.63 13.02 -86.23
N GLY B 146 -22.37 13.96 -87.14
CA GLY B 146 -23.42 14.81 -87.65
C GLY B 146 -23.93 14.37 -89.01
N ALA B 147 -24.63 15.25 -89.69
CA ALA B 147 -25.17 14.95 -91.02
C ALA B 147 -25.02 16.15 -91.95
N ASP B 148 -25.17 15.91 -93.26
CA ASP B 148 -25.05 16.99 -94.23
C ASP B 148 -26.18 17.99 -94.07
N VAL B 149 -25.92 19.23 -94.44
CA VAL B 149 -26.93 20.29 -94.37
C VAL B 149 -27.78 20.21 -95.63
N LEU B 150 -29.08 20.06 -95.48
CA LEU B 150 -29.97 19.93 -96.64
C LEU B 150 -30.65 21.24 -96.97
N TRP B 151 -31.12 21.38 -98.21
CA TRP B 151 -31.79 22.62 -98.58
C TRP B 151 -33.30 22.47 -98.54
N ASP B 152 -34.00 23.57 -98.74
CA ASP B 152 -35.47 23.56 -98.72
C ASP B 152 -36.02 22.65 -99.81
N MET C 1 -17.97 32.49 -123.71
CA MET C 1 -18.29 33.84 -123.26
C MET C 1 -19.25 33.81 -122.07
N GLY C 2 -20.49 33.44 -122.34
CA GLY C 2 -21.50 33.37 -121.28
C GLY C 2 -21.11 32.35 -120.22
N ASP C 3 -20.56 31.21 -120.66
CA ASP C 3 -20.18 30.19 -119.70
C ASP C 3 -19.14 30.74 -118.73
N ASP C 4 -18.15 31.47 -119.25
CA ASP C 4 -17.14 32.05 -118.38
C ASP C 4 -17.78 33.10 -117.47
N ALA C 5 -18.61 33.96 -118.05
CA ALA C 5 -19.32 35.00 -117.31
C ALA C 5 -20.31 34.41 -116.32
N ARG C 6 -21.01 33.38 -116.78
CA ARG C 6 -22.03 32.69 -115.99
C ARG C 6 -21.44 31.65 -115.04
N ILE C 7 -20.60 30.72 -115.52
CA ILE C 7 -19.98 29.68 -114.71
C ILE C 7 -19.13 30.29 -113.60
N ALA C 8 -18.50 31.42 -113.89
CA ALA C 8 -17.66 32.09 -112.90
C ALA C 8 -18.52 32.69 -111.78
N ALA C 9 -19.62 33.32 -112.13
CA ALA C 9 -20.51 33.92 -111.15
C ALA C 9 -21.08 32.82 -110.24
N ILE C 10 -21.51 31.72 -110.85
CA ILE C 10 -22.05 30.61 -110.09
C ILE C 10 -21.00 30.10 -109.11
N GLY C 11 -19.76 29.95 -109.58
CA GLY C 11 -18.69 29.48 -108.73
C GLY C 11 -18.40 30.39 -107.54
N ASP C 12 -18.39 31.71 -107.78
CA ASP C 12 -18.12 32.65 -106.69
C ASP C 12 -19.25 32.64 -105.64
N VAL C 13 -20.48 32.45 -106.08
CA VAL C 13 -21.60 32.40 -105.14
C VAL C 13 -21.43 31.13 -104.30
N ASP C 14 -20.98 30.06 -104.95
CA ASP C 14 -20.75 28.77 -104.30
C ASP C 14 -19.62 28.94 -103.28
N GLU C 15 -18.56 29.63 -103.68
CA GLU C 15 -17.42 29.85 -102.78
C GLU C 15 -17.86 30.66 -101.56
N LEU C 16 -18.67 31.69 -101.80
CA LEU C 16 -19.20 32.52 -100.73
C LEU C 16 -20.02 31.65 -99.77
N ASN C 17 -20.92 30.86 -100.32
CA ASN C 17 -21.79 30.00 -99.52
C ASN C 17 -20.94 29.05 -98.66
N SER C 18 -19.83 28.57 -99.23
CA SER C 18 -18.95 27.68 -98.50
C SER C 18 -18.24 28.41 -97.37
N GLN C 19 -17.86 29.66 -97.61
CA GLN C 19 -17.20 30.43 -96.57
C GLN C 19 -18.18 30.68 -95.43
N ILE C 20 -19.46 30.84 -95.75
CA ILE C 20 -20.47 31.03 -94.73
C ILE C 20 -20.62 29.74 -93.94
N GLY C 21 -20.43 28.61 -94.61
CA GLY C 21 -20.51 27.32 -93.93
C GLY C 21 -19.42 27.22 -92.88
N VAL C 22 -18.25 27.78 -93.20
CA VAL C 22 -17.13 27.76 -92.26
C VAL C 22 -17.47 28.65 -91.05
N LEU C 23 -18.09 29.79 -91.33
CA LEU C 23 -18.49 30.71 -90.27
C LEU C 23 -19.52 30.04 -89.36
N LEU C 24 -20.42 29.26 -89.96
CA LEU C 24 -21.45 28.56 -89.20
C LEU C 24 -20.91 27.44 -88.32
N ALA C 25 -19.65 27.06 -88.51
CA ALA C 25 -19.03 26.01 -87.70
C ALA C 25 -18.49 26.61 -86.41
N GLU C 26 -18.61 27.93 -86.28
CA GLU C 26 -18.15 28.65 -85.10
C GLU C 26 -19.30 28.88 -84.15
N PRO C 27 -18.99 29.23 -82.89
CA PRO C 27 -20.07 29.48 -81.93
C PRO C 27 -20.68 30.82 -82.35
N LEU C 28 -22.00 30.91 -82.35
CA LEU C 28 -22.68 32.12 -82.77
C LEU C 28 -23.95 32.40 -81.97
N PRO C 29 -24.39 33.65 -81.99
CA PRO C 29 -25.62 34.02 -81.30
C PRO C 29 -26.74 33.30 -82.04
N ASP C 30 -27.71 32.73 -81.34
CA ASP C 30 -28.76 32.00 -82.04
C ASP C 30 -29.41 32.75 -83.19
N ASP C 31 -29.64 34.05 -83.01
CA ASP C 31 -30.26 34.84 -84.06
C ASP C 31 -29.35 34.95 -85.28
N VAL C 32 -28.06 35.19 -85.04
CA VAL C 32 -27.10 35.30 -86.14
C VAL C 32 -27.04 33.98 -86.91
N ARG C 33 -27.02 32.87 -86.18
CA ARG C 33 -26.98 31.55 -86.81
C ARG C 33 -28.20 31.34 -87.69
N ALA C 34 -29.37 31.73 -87.21
CA ALA C 34 -30.60 31.56 -87.98
C ALA C 34 -30.54 32.36 -89.28
N ALA C 35 -30.04 33.59 -89.21
CA ALA C 35 -29.96 34.43 -90.40
C ALA C 35 -28.99 33.83 -91.42
N LEU C 36 -27.79 33.48 -90.97
CA LEU C 36 -26.79 32.89 -91.84
C LEU C 36 -27.26 31.60 -92.51
N SER C 37 -27.92 30.73 -91.75
CA SER C 37 -28.42 29.47 -92.32
C SER C 37 -29.44 29.74 -93.43
N ALA C 38 -30.33 30.70 -93.18
CA ALA C 38 -31.34 31.05 -94.18
C ALA C 38 -30.67 31.61 -95.43
N ILE C 39 -29.64 32.42 -95.23
CA ILE C 39 -28.90 33.01 -96.35
C ILE C 39 -28.30 31.91 -97.21
N GLN C 40 -27.80 30.83 -96.59
CA GLN C 40 -27.23 29.74 -97.37
C GLN C 40 -28.25 29.20 -98.37
N HIS C 41 -29.51 29.06 -97.93
CA HIS C 41 -30.56 28.59 -98.82
C HIS C 41 -30.78 29.61 -99.93
N ASP C 42 -30.76 30.89 -99.57
CA ASP C 42 -30.94 31.95 -100.56
C ASP C 42 -29.85 31.87 -101.63
N LEU C 43 -28.61 31.69 -101.19
CA LEU C 43 -27.49 31.61 -102.12
C LEU C 43 -27.59 30.40 -103.03
N PHE C 44 -28.14 29.31 -102.50
CA PHE C 44 -28.30 28.10 -103.32
C PHE C 44 -29.29 28.44 -104.42
N ASP C 45 -30.40 29.10 -104.06
CA ASP C 45 -31.40 29.48 -105.05
C ASP C 45 -30.84 30.51 -106.02
N LEU C 46 -30.02 31.44 -105.51
CA LEU C 46 -29.44 32.48 -106.35
C LEU C 46 -28.57 31.83 -107.43
N GLY C 47 -27.75 30.87 -107.03
CA GLY C 47 -26.90 30.18 -107.99
C GLY C 47 -27.73 29.49 -109.05
N GLY C 48 -28.88 28.94 -108.65
CA GLY C 48 -29.75 28.28 -109.60
C GLY C 48 -30.33 29.25 -110.62
N GLU C 49 -30.64 30.46 -110.16
CA GLU C 49 -31.19 31.48 -111.05
C GLU C 49 -30.13 31.89 -112.07
N LEU C 50 -28.88 32.05 -111.63
CA LEU C 50 -27.80 32.43 -112.52
C LEU C 50 -27.57 31.35 -113.58
N CYS C 51 -27.75 30.10 -113.17
CA CYS C 51 -27.51 28.98 -114.06
C CYS C 51 -28.58 28.73 -115.11
N ILE C 52 -29.83 28.57 -114.68
CA ILE C 52 -30.92 28.30 -115.60
C ILE C 52 -31.59 29.49 -116.28
N PRO C 53 -31.60 29.47 -117.61
CA PRO C 53 -32.25 30.51 -118.42
C PRO C 53 -33.77 30.47 -118.29
N GLY C 54 -34.38 31.64 -118.14
CA GLY C 54 -35.80 31.72 -118.00
C GLY C 54 -36.28 31.39 -116.60
N HIS C 55 -35.33 31.09 -115.72
CA HIS C 55 -35.65 30.76 -114.33
C HIS C 55 -35.24 31.85 -113.35
N ALA C 56 -36.16 32.23 -112.48
CA ALA C 56 -35.89 33.25 -111.46
C ALA C 56 -36.21 32.68 -110.09
N ALA C 57 -35.53 33.16 -109.06
CA ALA C 57 -35.75 32.67 -107.70
C ALA C 57 -35.67 33.76 -106.65
N ILE C 58 -34.84 34.77 -106.88
CA ILE C 58 -34.68 35.87 -105.93
C ILE C 58 -35.75 36.94 -106.18
N THR C 59 -36.52 37.25 -105.15
CA THR C 59 -37.60 38.21 -105.23
C THR C 59 -37.47 39.39 -104.26
N GLU C 60 -38.40 40.32 -104.33
CA GLU C 60 -38.38 41.47 -103.43
C GLU C 60 -38.38 40.99 -101.99
N ASP C 61 -39.09 39.89 -101.74
CA ASP C 61 -39.17 39.32 -100.40
C ASP C 61 -37.79 38.99 -99.84
N HIS C 62 -36.90 38.50 -100.71
CA HIS C 62 -35.54 38.16 -100.29
C HIS C 62 -34.79 39.43 -99.94
N LEU C 63 -34.95 40.44 -100.77
CA LEU C 63 -34.29 41.73 -100.56
C LEU C 63 -34.82 42.38 -99.28
N LEU C 64 -36.14 42.31 -99.10
CA LEU C 64 -36.79 42.89 -97.94
C LEU C 64 -36.26 42.27 -96.64
N ARG C 65 -36.08 40.95 -96.66
CA ARG C 65 -35.58 40.27 -95.47
C ARG C 65 -34.17 40.72 -95.13
N LEU C 66 -33.34 40.93 -96.14
CA LEU C 66 -31.98 41.41 -95.90
C LEU C 66 -32.03 42.82 -95.34
N ALA C 67 -32.88 43.66 -95.94
CA ALA C 67 -33.03 45.04 -95.48
C ALA C 67 -33.45 45.03 -94.01
N LEU C 68 -34.34 44.10 -93.66
CA LEU C 68 -34.80 43.99 -92.29
C LEU C 68 -33.69 43.61 -91.34
N TRP C 69 -32.84 42.66 -91.74
CA TRP C 69 -31.73 42.23 -90.90
C TRP C 69 -30.73 43.36 -90.72
N LEU C 70 -30.50 44.13 -91.78
CA LEU C 70 -29.56 45.24 -91.70
C LEU C 70 -30.04 46.25 -90.67
N VAL C 71 -31.30 46.68 -90.82
CA VAL C 71 -31.87 47.64 -89.88
C VAL C 71 -31.81 47.10 -88.46
N HIS C 72 -32.21 45.84 -88.31
CA HIS C 72 -32.21 45.20 -86.99
C HIS C 72 -30.85 45.16 -86.28
N TYR C 73 -29.88 44.49 -86.90
CA TYR C 73 -28.55 44.38 -86.31
C TYR C 73 -27.84 45.70 -86.15
N ASN C 74 -28.06 46.62 -87.08
CA ASN C 74 -27.43 47.93 -86.98
C ASN C 74 -27.98 48.73 -85.80
N GLY C 75 -29.27 48.57 -85.53
CA GLY C 75 -29.89 49.28 -84.42
C GLY C 75 -29.57 48.57 -83.11
N GLN C 76 -28.70 47.57 -83.21
CA GLN C 76 -28.29 46.77 -82.06
C GLN C 76 -26.81 47.05 -81.79
N LEU C 77 -26.24 47.94 -82.58
CA LEU C 77 -24.82 48.31 -82.46
C LEU C 77 -24.66 49.80 -82.28
N PRO C 78 -23.52 50.22 -81.71
CA PRO C 78 -23.27 51.65 -81.52
C PRO C 78 -22.83 52.19 -82.87
N PRO C 79 -22.96 53.51 -83.09
CA PRO C 79 -22.55 54.10 -84.37
C PRO C 79 -21.07 53.91 -84.69
N LEU C 80 -20.76 53.82 -85.98
CA LEU C 80 -19.39 53.63 -86.43
C LEU C 80 -18.57 54.89 -86.10
N GLU C 81 -17.50 54.73 -85.34
CA GLU C 81 -16.67 55.86 -84.94
C GLU C 81 -15.43 56.09 -85.81
N GLU C 82 -15.01 55.07 -86.53
CA GLU C 82 -13.83 55.17 -87.39
C GLU C 82 -13.80 53.99 -88.36
N PHE C 83 -12.92 54.09 -89.36
CA PHE C 83 -12.78 53.00 -90.32
C PHE C 83 -12.38 51.75 -89.54
N ILE C 84 -12.94 50.61 -89.94
CA ILE C 84 -12.65 49.35 -89.27
C ILE C 84 -11.74 48.46 -90.11
N LEU C 85 -10.88 47.71 -89.45
CA LEU C 85 -9.98 46.79 -90.13
C LEU C 85 -10.60 45.42 -89.96
N PRO C 86 -10.58 44.59 -91.01
CA PRO C 86 -11.22 43.27 -90.85
C PRO C 86 -10.47 42.40 -89.85
N GLY C 87 -11.17 42.00 -88.78
CA GLY C 87 -10.54 41.18 -87.76
C GLY C 87 -11.26 41.23 -86.43
N GLY C 88 -10.64 40.65 -85.41
CA GLY C 88 -11.23 40.64 -84.08
C GLY C 88 -11.42 39.20 -83.63
N ALA C 89 -12.58 38.88 -83.08
CA ALA C 89 -12.85 37.51 -82.66
C ALA C 89 -12.81 36.68 -83.94
N ARG C 90 -12.50 35.39 -83.83
CA ARG C 90 -12.44 34.54 -85.01
C ARG C 90 -13.71 34.62 -85.84
N GLY C 91 -14.86 34.62 -85.16
CA GLY C 91 -16.13 34.71 -85.86
C GLY C 91 -16.21 35.98 -86.69
N ALA C 92 -15.85 37.10 -86.08
CA ALA C 92 -15.88 38.39 -86.78
C ALA C 92 -14.94 38.38 -87.98
N ALA C 93 -13.74 37.83 -87.79
CA ALA C 93 -12.75 37.76 -88.87
C ALA C 93 -13.28 36.95 -90.05
N LEU C 94 -13.92 35.81 -89.75
CA LEU C 94 -14.48 34.97 -90.81
C LEU C 94 -15.61 35.71 -91.53
N ALA C 95 -16.42 36.44 -90.77
CA ALA C 95 -17.52 37.20 -91.35
C ALA C 95 -16.96 38.19 -92.37
N HIS C 96 -15.82 38.80 -92.04
CA HIS C 96 -15.19 39.75 -92.95
C HIS C 96 -14.68 39.05 -94.20
N VAL C 97 -14.20 37.81 -94.05
CA VAL C 97 -13.75 37.07 -95.22
C VAL C 97 -14.99 36.81 -96.08
N CYS C 98 -16.10 36.42 -95.44
CA CYS C 98 -17.33 36.18 -96.18
C CYS C 98 -17.73 37.45 -96.92
N ARG C 99 -17.58 38.59 -96.23
CA ARG C 99 -17.93 39.88 -96.81
C ARG C 99 -17.15 40.12 -98.11
N THR C 100 -15.84 39.89 -98.07
CA THR C 100 -15.02 40.13 -99.25
C THR C 100 -15.29 39.13 -100.37
N VAL C 101 -15.64 37.90 -100.03
CA VAL C 101 -15.94 36.91 -101.06
C VAL C 101 -17.31 37.23 -101.67
N CYS C 102 -18.20 37.81 -100.86
CA CYS C 102 -19.52 38.19 -101.35
C CYS C 102 -19.32 39.33 -102.35
N ARG C 103 -18.44 40.27 -102.04
CA ARG C 103 -18.20 41.38 -102.96
C ARG C 103 -17.58 40.86 -104.26
N ARG C 104 -16.75 39.81 -104.14
CA ARG C 104 -16.13 39.21 -105.31
C ARG C 104 -17.22 38.60 -106.18
N ALA C 105 -18.18 37.95 -105.55
CA ALA C 105 -19.31 37.34 -106.28
C ALA C 105 -20.15 38.42 -106.94
N GLU C 106 -20.32 39.54 -106.25
CA GLU C 106 -21.09 40.65 -106.80
C GLU C 106 -20.42 41.17 -108.08
N ARG C 107 -19.09 41.25 -108.08
CA ARG C 107 -18.39 41.71 -109.27
C ARG C 107 -18.64 40.78 -110.44
N SER C 108 -18.61 39.47 -110.18
CA SER C 108 -18.85 38.47 -111.22
C SER C 108 -20.31 38.50 -111.71
N ILE C 109 -21.23 38.74 -110.80
CA ILE C 109 -22.66 38.82 -111.14
C ILE C 109 -22.89 40.06 -111.99
N LYS C 110 -22.22 41.15 -111.66
CA LYS C 110 -22.35 42.39 -112.42
C LYS C 110 -21.78 42.16 -113.83
N ALA C 111 -20.65 41.47 -113.92
CA ALA C 111 -20.04 41.18 -115.21
C ALA C 111 -20.98 40.33 -116.06
N LEU C 112 -21.62 39.35 -115.43
CA LEU C 112 -22.54 38.46 -116.13
C LEU C 112 -23.72 39.25 -116.70
N GLY C 113 -24.30 40.12 -115.87
CA GLY C 113 -25.43 40.92 -116.32
C GLY C 113 -25.08 41.85 -117.46
N ALA C 114 -23.79 42.13 -117.63
CA ALA C 114 -23.36 43.01 -118.71
C ALA C 114 -23.28 42.31 -120.05
N SER C 115 -23.15 40.98 -120.03
CA SER C 115 -23.05 40.21 -121.27
C SER C 115 -24.26 39.33 -121.56
N GLU C 116 -25.20 39.29 -120.62
CA GLU C 116 -26.40 38.48 -120.79
C GLU C 116 -27.59 39.08 -120.04
N PRO C 117 -28.81 38.87 -120.54
CA PRO C 117 -29.98 39.41 -119.86
C PRO C 117 -30.11 38.71 -118.50
N LEU C 118 -30.20 39.52 -117.45
CA LEU C 118 -30.29 38.98 -116.09
C LEU C 118 -31.15 39.92 -115.26
N ASN C 119 -31.95 39.35 -114.36
CA ASN C 119 -32.78 40.20 -113.51
C ASN C 119 -31.84 40.95 -112.57
N ILE C 120 -32.33 42.04 -111.99
CA ILE C 120 -31.52 42.85 -111.10
C ILE C 120 -31.42 42.30 -109.67
N ALA C 121 -32.37 41.45 -109.31
CA ALA C 121 -32.41 40.88 -107.95
C ALA C 121 -31.11 40.25 -107.47
N PRO C 122 -30.46 39.41 -108.30
CA PRO C 122 -29.22 38.79 -107.83
C PRO C 122 -28.15 39.77 -107.35
N ALA C 123 -27.81 40.78 -108.15
CA ALA C 123 -26.81 41.73 -107.71
C ALA C 123 -27.28 42.56 -106.52
N ALA C 124 -28.58 42.89 -106.48
CA ALA C 124 -29.11 43.66 -105.37
C ALA C 124 -29.05 42.82 -104.09
N TYR C 125 -29.21 41.51 -104.23
CA TYR C 125 -29.15 40.63 -103.08
C TYR C 125 -27.75 40.61 -102.47
N VAL C 126 -26.74 40.34 -103.29
CA VAL C 126 -25.37 40.30 -102.77
C VAL C 126 -24.85 41.66 -102.36
N ASN C 127 -25.42 42.73 -102.92
CA ASN C 127 -25.01 44.10 -102.57
C ASN C 127 -25.40 44.27 -101.09
N LEU C 128 -26.62 43.86 -100.77
CA LEU C 128 -27.11 43.96 -99.40
C LEU C 128 -26.38 42.98 -98.48
N LEU C 129 -26.14 41.77 -98.97
CA LEU C 129 -25.46 40.75 -98.17
C LEU C 129 -24.07 41.18 -97.74
N SER C 130 -23.33 41.85 -98.61
CA SER C 130 -21.99 42.33 -98.28
C SER C 130 -22.10 43.28 -97.08
N ASP C 131 -23.06 44.19 -97.16
CA ASP C 131 -23.25 45.15 -96.07
C ASP C 131 -23.67 44.44 -94.78
N LEU C 132 -24.52 43.42 -94.90
CA LEU C 132 -24.97 42.67 -93.73
C LEU C 132 -23.83 41.90 -93.07
N LEU C 133 -22.95 41.32 -93.88
CA LEU C 133 -21.83 40.55 -93.34
C LEU C 133 -20.90 41.50 -92.57
N PHE C 134 -20.81 42.74 -93.02
CA PHE C 134 -19.98 43.74 -92.34
C PHE C 134 -20.60 43.99 -90.96
N VAL C 135 -21.92 44.17 -90.96
CA VAL C 135 -22.66 44.43 -89.72
C VAL C 135 -22.57 43.23 -88.78
N LEU C 136 -22.75 42.03 -89.32
CA LEU C 136 -22.68 40.83 -88.50
C LEU C 136 -21.30 40.66 -87.89
N ALA C 137 -20.26 41.10 -88.59
CA ALA C 137 -18.91 40.99 -88.05
C ALA C 137 -18.84 41.83 -86.77
N ARG C 138 -19.41 43.04 -86.82
CA ARG C 138 -19.41 43.91 -85.66
C ARG C 138 -20.22 43.28 -84.51
N VAL C 139 -21.33 42.65 -84.86
CA VAL C 139 -22.17 41.99 -83.87
C VAL C 139 -21.40 40.86 -83.18
N LEU C 140 -20.63 40.10 -83.96
CA LEU C 140 -19.85 39.00 -83.42
C LEU C 140 -18.70 39.47 -82.52
N ASN C 141 -18.10 40.62 -82.86
CA ASN C 141 -17.03 41.13 -82.01
C ASN C 141 -17.67 41.54 -80.69
N ARG C 142 -18.85 42.16 -80.80
CA ARG C 142 -19.60 42.61 -79.64
C ARG C 142 -19.96 41.41 -78.77
N ALA C 143 -20.55 40.39 -79.40
CA ALA C 143 -20.97 39.17 -78.70
C ALA C 143 -19.80 38.43 -78.06
N ALA C 144 -18.60 38.66 -78.56
CA ALA C 144 -17.41 38.01 -78.01
C ALA C 144 -16.84 38.82 -76.86
N GLY C 145 -17.50 39.93 -76.55
CA GLY C 145 -17.04 40.78 -75.47
C GLY C 145 -15.91 41.68 -75.90
N GLY C 146 -15.56 41.60 -77.18
CA GLY C 146 -14.48 42.43 -77.71
C GLY C 146 -14.99 43.63 -78.47
N ALA C 147 -14.13 44.25 -79.27
CA ALA C 147 -14.50 45.41 -80.05
C ALA C 147 -13.89 45.33 -81.45
N ASP C 148 -14.39 46.16 -82.37
CA ASP C 148 -13.87 46.17 -83.73
C ASP C 148 -12.44 46.70 -83.75
N VAL C 149 -11.66 46.25 -84.74
CA VAL C 149 -10.28 46.68 -84.89
C VAL C 149 -10.31 48.01 -85.65
N LEU C 150 -9.72 49.05 -85.07
CA LEU C 150 -9.74 50.38 -85.70
C LEU C 150 -8.43 50.66 -86.42
N TRP C 151 -8.46 51.59 -87.38
CA TRP C 151 -7.22 51.90 -88.09
C TRP C 151 -6.58 53.17 -87.54
N ASP C 152 -5.38 53.48 -88.03
CA ASP C 152 -4.66 54.67 -87.59
C ASP C 152 -5.45 55.94 -87.89
N MET D 1 -91.48 68.56 -64.25
CA MET D 1 -90.50 69.64 -64.28
C MET D 1 -89.75 69.73 -62.96
N GLY D 2 -90.44 70.17 -61.91
CA GLY D 2 -89.82 70.31 -60.61
C GLY D 2 -89.36 68.95 -60.09
N ASP D 3 -90.16 67.91 -60.32
CA ASP D 3 -89.79 66.60 -59.84
C ASP D 3 -88.45 66.18 -60.46
N ASP D 4 -88.30 66.40 -61.77
CA ASP D 4 -87.05 66.05 -62.42
C ASP D 4 -85.91 66.90 -61.89
N ALA D 5 -86.17 68.21 -61.76
CA ALA D 5 -85.19 69.15 -61.23
C ALA D 5 -84.89 68.89 -59.77
N ARG D 6 -85.95 68.60 -59.02
CA ARG D 6 -85.87 68.33 -57.59
C ARG D 6 -85.45 66.88 -57.27
N ILE D 7 -86.12 65.87 -57.83
CA ILE D 7 -85.83 64.47 -57.62
C ILE D 7 -84.39 64.15 -58.05
N ALA D 8 -83.92 64.80 -59.11
CA ALA D 8 -82.57 64.57 -59.59
C ALA D 8 -81.53 65.12 -58.62
N ALA D 9 -81.78 66.32 -58.09
CA ALA D 9 -80.85 66.93 -57.14
C ALA D 9 -80.76 66.06 -55.88
N ILE D 10 -81.92 65.62 -55.39
CA ILE D 10 -81.97 64.77 -54.21
C ILE D 10 -81.16 63.50 -54.45
N GLY D 11 -81.34 62.90 -55.63
CA GLY D 11 -80.62 61.69 -55.96
C GLY D 11 -79.11 61.87 -56.01
N ASP D 12 -78.64 62.97 -56.59
CA ASP D 12 -77.21 63.23 -56.67
C ASP D 12 -76.60 63.46 -55.28
N VAL D 13 -77.35 64.10 -54.39
CA VAL D 13 -76.85 64.34 -53.04
C VAL D 13 -76.72 62.98 -52.35
N ASP D 14 -77.70 62.13 -52.62
CA ASP D 14 -77.75 60.78 -52.05
C ASP D 14 -76.54 59.98 -52.59
N GLU D 15 -76.28 60.09 -53.89
CA GLU D 15 -75.17 59.38 -54.50
C GLU D 15 -73.85 59.86 -53.89
N LEU D 16 -73.72 61.16 -53.71
CA LEU D 16 -72.53 61.75 -53.11
C LEU D 16 -72.34 61.19 -51.70
N ASN D 17 -73.42 61.22 -50.91
CA ASN D 17 -73.37 60.72 -49.54
C ASN D 17 -72.93 59.25 -49.51
N SER D 18 -73.39 58.49 -50.50
CA SER D 18 -73.03 57.07 -50.58
C SER D 18 -71.56 56.91 -50.93
N GLN D 19 -71.04 57.78 -51.80
CA GLN D 19 -69.63 57.70 -52.15
C GLN D 19 -68.78 58.04 -50.93
N ILE D 20 -69.28 58.94 -50.09
CA ILE D 20 -68.55 59.29 -48.87
C ILE D 20 -68.57 58.09 -47.93
N GLY D 21 -69.66 57.32 -47.97
CA GLY D 21 -69.74 56.13 -47.14
C GLY D 21 -68.66 55.14 -47.54
N VAL D 22 -68.38 55.07 -48.84
CA VAL D 22 -67.35 54.16 -49.33
C VAL D 22 -65.98 54.65 -48.84
N LEU D 23 -65.78 55.97 -48.88
CA LEU D 23 -64.52 56.56 -48.42
C LEU D 23 -64.33 56.27 -46.93
N LEU D 24 -65.43 56.31 -46.18
CA LEU D 24 -65.38 56.06 -44.73
C LEU D 24 -65.07 54.61 -44.38
N ALA D 25 -65.14 53.71 -45.36
CA ALA D 25 -64.85 52.30 -45.13
C ALA D 25 -63.34 52.07 -45.23
N GLU D 26 -62.61 53.13 -45.54
CA GLU D 26 -61.16 53.07 -45.67
C GLU D 26 -60.50 53.55 -44.39
N PRO D 27 -59.21 53.24 -44.21
CA PRO D 27 -58.53 53.70 -42.99
C PRO D 27 -58.35 55.21 -43.16
N LEU D 28 -58.61 55.96 -42.10
CA LEU D 28 -58.52 57.42 -42.17
C LEU D 28 -58.01 58.04 -40.89
N PRO D 29 -57.49 59.26 -40.99
CA PRO D 29 -57.01 59.97 -39.80
C PRO D 29 -58.26 60.24 -38.95
N ASP D 30 -58.18 60.07 -37.64
CA ASP D 30 -59.36 60.26 -36.81
C ASP D 30 -60.09 61.58 -37.06
N ASP D 31 -59.35 62.65 -37.27
CA ASP D 31 -59.97 63.95 -37.51
C ASP D 31 -60.74 63.95 -38.84
N VAL D 32 -60.13 63.39 -39.88
CA VAL D 32 -60.76 63.33 -41.19
C VAL D 32 -62.05 62.51 -41.10
N ARG D 33 -62.00 61.39 -40.39
CA ARG D 33 -63.16 60.53 -40.23
C ARG D 33 -64.30 61.28 -39.54
N ALA D 34 -63.96 62.05 -38.50
CA ALA D 34 -64.97 62.81 -37.78
C ALA D 34 -65.65 63.84 -38.68
N ALA D 35 -64.86 64.52 -39.51
CA ALA D 35 -65.42 65.52 -40.41
C ALA D 35 -66.35 64.88 -41.44
N LEU D 36 -65.86 63.82 -42.09
CA LEU D 36 -66.67 63.13 -43.10
C LEU D 36 -67.98 62.58 -42.53
N SER D 37 -67.93 61.98 -41.33
CA SER D 37 -69.14 61.44 -40.73
C SER D 37 -70.17 62.55 -40.48
N ALA D 38 -69.70 63.68 -39.98
CA ALA D 38 -70.58 64.82 -39.72
C ALA D 38 -71.20 65.31 -41.02
N ILE D 39 -70.39 65.34 -42.08
CA ILE D 39 -70.86 65.78 -43.39
C ILE D 39 -71.99 64.88 -43.87
N GLN D 40 -71.89 63.58 -43.61
CA GLN D 40 -72.95 62.67 -44.03
C GLN D 40 -74.30 63.10 -43.43
N HIS D 41 -74.28 63.51 -42.16
CA HIS D 41 -75.50 63.98 -41.52
C HIS D 41 -75.98 65.25 -42.20
N ASP D 42 -75.03 66.14 -42.51
CA ASP D 42 -75.37 67.39 -43.19
C ASP D 42 -76.07 67.10 -44.53
N LEU D 43 -75.49 66.17 -45.29
CA LEU D 43 -76.06 65.82 -46.60
C LEU D 43 -77.45 65.22 -46.47
N PHE D 44 -77.68 64.47 -45.40
CA PHE D 44 -78.98 63.87 -45.18
C PHE D 44 -79.97 65.02 -44.98
N ASP D 45 -79.60 65.99 -44.15
CA ASP D 45 -80.46 67.14 -43.90
C ASP D 45 -80.64 67.98 -45.16
N LEU D 46 -79.56 68.11 -45.95
CA LEU D 46 -79.61 68.90 -47.17
C LEU D 46 -80.64 68.30 -48.13
N GLY D 47 -80.59 66.98 -48.27
CA GLY D 47 -81.53 66.29 -49.14
C GLY D 47 -82.96 66.54 -48.68
N GLY D 48 -83.17 66.56 -47.37
CA GLY D 48 -84.49 66.81 -46.83
C GLY D 48 -84.99 68.21 -47.16
N GLU D 49 -84.08 69.18 -47.14
CA GLU D 49 -84.44 70.55 -47.46
C GLU D 49 -84.85 70.66 -48.93
N LEU D 50 -84.11 69.99 -49.80
CA LEU D 50 -84.43 70.02 -51.22
C LEU D 50 -85.78 69.39 -51.49
N CYS D 51 -86.11 68.36 -50.71
CA CYS D 51 -87.35 67.64 -50.89
C CYS D 51 -88.60 68.36 -50.39
N ILE D 52 -88.61 68.74 -49.12
CA ILE D 52 -89.77 69.39 -48.53
C ILE D 52 -89.88 70.91 -48.72
N PRO D 53 -91.02 71.33 -49.28
CA PRO D 53 -91.33 72.74 -49.49
C PRO D 53 -91.60 73.46 -48.17
N GLY D 54 -91.02 74.65 -48.04
CA GLY D 54 -91.19 75.43 -46.81
C GLY D 54 -90.29 74.95 -45.69
N HIS D 55 -89.48 73.94 -45.97
CA HIS D 55 -88.57 73.39 -44.98
C HIS D 55 -87.11 73.71 -45.28
N ALA D 56 -86.40 74.22 -44.28
CA ALA D 56 -84.98 74.55 -44.42
C ALA D 56 -84.19 73.82 -43.33
N ALA D 57 -82.93 73.51 -43.62
CA ALA D 57 -82.10 72.80 -42.66
C ALA D 57 -80.65 73.27 -42.65
N ILE D 58 -80.16 73.71 -43.81
CA ILE D 58 -78.78 74.19 -43.92
C ILE D 58 -78.70 75.67 -43.55
N THR D 59 -77.86 75.97 -42.57
CA THR D 59 -77.70 77.33 -42.06
C THR D 59 -76.27 77.86 -42.18
N GLU D 60 -76.08 79.11 -41.77
CA GLU D 60 -74.75 79.72 -41.81
C GLU D 60 -73.79 78.86 -41.00
N ASP D 61 -74.28 78.29 -39.91
CA ASP D 61 -73.46 77.44 -39.04
C ASP D 61 -72.85 76.27 -39.80
N HIS D 62 -73.60 75.72 -40.75
CA HIS D 62 -73.12 74.60 -41.56
C HIS D 62 -72.01 75.09 -42.47
N LEU D 63 -72.24 76.24 -43.09
CA LEU D 63 -71.28 76.84 -44.00
C LEU D 63 -70.01 77.21 -43.22
N LEU D 64 -70.19 77.80 -42.04
CA LEU D 64 -69.08 78.22 -41.21
C LEU D 64 -68.19 77.03 -40.84
N ARG D 65 -68.81 75.90 -40.52
CA ARG D 65 -68.05 74.71 -40.15
C ARG D 65 -67.21 74.22 -41.32
N LEU D 66 -67.77 74.28 -42.53
CA LEU D 66 -67.02 73.86 -43.71
C LEU D 66 -65.86 74.82 -43.93
N ALA D 67 -66.13 76.13 -43.80
CA ALA D 67 -65.10 77.14 -43.98
C ALA D 67 -63.96 76.87 -42.99
N LEU D 68 -64.34 76.49 -41.77
CA LEU D 68 -63.36 76.20 -40.74
C LEU D 68 -62.50 75.00 -41.09
N TRP D 69 -63.11 73.95 -41.62
CA TRP D 69 -62.36 72.77 -42.00
C TRP D 69 -61.42 73.06 -43.16
N LEU D 70 -61.87 73.90 -44.09
CA LEU D 70 -61.03 74.26 -45.24
C LEU D 70 -59.78 74.97 -44.75
N VAL D 71 -59.97 76.01 -43.94
CA VAL D 71 -58.85 76.76 -43.40
C VAL D 71 -57.92 75.84 -42.63
N HIS D 72 -58.50 75.00 -41.78
CA HIS D 72 -57.72 74.07 -40.97
C HIS D 72 -56.84 73.11 -41.75
N TYR D 73 -57.47 72.27 -42.58
CA TYR D 73 -56.73 71.30 -43.36
C TYR D 73 -55.76 71.91 -44.36
N ASN D 74 -56.13 73.06 -44.92
CA ASN D 74 -55.26 73.73 -45.87
C ASN D 74 -53.99 74.25 -45.19
N GLY D 75 -54.16 74.72 -43.95
CA GLY D 75 -53.01 75.24 -43.21
C GLY D 75 -52.21 74.09 -42.64
N GLN D 76 -52.58 72.88 -43.03
CA GLN D 76 -51.91 71.67 -42.57
C GLN D 76 -51.22 71.02 -43.77
N LEU D 77 -51.29 71.69 -44.91
CA LEU D 77 -50.69 71.19 -46.15
C LEU D 77 -49.76 72.22 -46.74
N PRO D 78 -48.81 71.78 -47.58
CA PRO D 78 -47.88 72.70 -48.23
C PRO D 78 -48.64 73.34 -49.38
N PRO D 79 -48.20 74.51 -49.86
CA PRO D 79 -48.88 75.18 -50.96
C PRO D 79 -48.91 74.35 -52.23
N LEU D 80 -49.96 74.55 -53.04
CA LEU D 80 -50.11 73.83 -54.30
C LEU D 80 -49.02 74.28 -55.27
N GLU D 81 -48.21 73.35 -55.77
CA GLU D 81 -47.13 73.67 -56.68
C GLU D 81 -47.46 73.51 -58.16
N GLU D 82 -48.48 72.70 -58.45
CA GLU D 82 -48.87 72.45 -59.83
C GLU D 82 -50.26 71.82 -59.88
N PHE D 83 -50.85 71.75 -61.07
CA PHE D 83 -52.16 71.14 -61.22
C PHE D 83 -52.04 69.69 -60.74
N ILE D 84 -53.07 69.22 -60.04
CA ILE D 84 -53.07 67.85 -59.53
C ILE D 84 -54.01 66.96 -60.32
N LEU D 85 -53.63 65.69 -60.46
CA LEU D 85 -54.45 64.72 -61.16
C LEU D 85 -55.14 63.91 -60.08
N PRO D 86 -56.42 63.58 -60.25
CA PRO D 86 -57.09 62.83 -59.19
C PRO D 86 -56.51 61.43 -59.04
N GLY D 87 -55.98 61.13 -57.86
CA GLY D 87 -55.40 59.82 -57.63
C GLY D 87 -54.41 59.81 -56.47
N GLY D 88 -53.71 58.70 -56.31
CA GLY D 88 -52.74 58.56 -55.24
C GLY D 88 -53.13 57.38 -54.38
N ALA D 89 -53.09 57.56 -53.05
CA ALA D 89 -53.48 56.48 -52.15
C ALA D 89 -54.96 56.23 -52.45
N ARG D 90 -55.43 55.02 -52.18
CA ARG D 90 -56.83 54.70 -52.45
C ARG D 90 -57.78 55.70 -51.79
N GLY D 91 -57.47 56.08 -50.56
CA GLY D 91 -58.30 57.04 -49.85
C GLY D 91 -58.38 58.34 -50.61
N ALA D 92 -57.23 58.84 -51.06
CA ALA D 92 -57.18 60.09 -51.79
C ALA D 92 -57.98 59.99 -53.10
N ALA D 93 -57.82 58.87 -53.80
CA ALA D 93 -58.52 58.65 -55.06
C ALA D 93 -60.03 58.67 -54.86
N LEU D 94 -60.51 58.02 -53.79
CA LEU D 94 -61.93 57.99 -53.48
C LEU D 94 -62.42 59.39 -53.14
N ALA D 95 -61.60 60.14 -52.41
CA ALA D 95 -61.98 61.51 -52.04
C ALA D 95 -62.20 62.33 -53.31
N HIS D 96 -61.36 62.10 -54.32
CA HIS D 96 -61.50 62.82 -55.59
C HIS D 96 -62.78 62.40 -56.29
N VAL D 97 -63.16 61.13 -56.18
CA VAL D 97 -64.41 60.70 -56.79
C VAL D 97 -65.54 61.42 -56.07
N CYS D 98 -65.45 61.48 -54.74
CA CYS D 98 -66.49 62.18 -53.96
C CYS D 98 -66.55 63.63 -54.42
N ARG D 99 -65.38 64.22 -54.65
CA ARG D 99 -65.31 65.61 -55.09
C ARG D 99 -66.08 65.82 -56.39
N THR D 100 -65.87 64.95 -57.36
CA THR D 100 -66.55 65.08 -58.64
C THR D 100 -68.05 64.80 -58.56
N VAL D 101 -68.45 63.91 -57.67
CA VAL D 101 -69.88 63.61 -57.52
C VAL D 101 -70.54 64.78 -56.80
N CYS D 102 -69.79 65.42 -55.91
CA CYS D 102 -70.31 66.59 -55.18
C CYS D 102 -70.54 67.71 -56.19
N ARG D 103 -69.60 67.88 -57.13
CA ARG D 103 -69.76 68.93 -58.13
C ARG D 103 -70.96 68.61 -59.03
N ARG D 104 -71.19 67.33 -59.26
CA ARG D 104 -72.33 66.90 -60.08
C ARG D 104 -73.62 67.28 -59.35
N ALA D 105 -73.63 67.07 -58.03
CA ALA D 105 -74.80 67.40 -57.22
C ALA D 105 -75.01 68.92 -57.21
N GLU D 106 -73.91 69.66 -57.18
CA GLU D 106 -74.00 71.12 -57.19
C GLU D 106 -74.66 71.59 -58.49
N ARG D 107 -74.30 70.97 -59.61
CA ARG D 107 -74.92 71.34 -60.88
C ARG D 107 -76.42 71.12 -60.86
N SER D 108 -76.84 70.00 -60.28
CA SER D 108 -78.26 69.67 -60.18
C SER D 108 -78.99 70.61 -59.22
N ILE D 109 -78.31 70.99 -58.14
CA ILE D 109 -78.90 71.89 -57.16
C ILE D 109 -79.05 73.28 -57.78
N LYS D 110 -78.07 73.68 -58.59
CA LYS D 110 -78.13 74.97 -59.27
C LYS D 110 -79.27 74.96 -60.27
N ALA D 111 -79.44 73.86 -60.99
CA ALA D 111 -80.53 73.72 -61.95
C ALA D 111 -81.88 73.83 -61.26
N LEU D 112 -81.97 73.18 -60.09
CA LEU D 112 -83.22 73.18 -59.32
C LEU D 112 -83.58 74.61 -58.89
N GLY D 113 -82.59 75.33 -58.37
CA GLY D 113 -82.82 76.70 -57.92
C GLY D 113 -83.24 77.62 -59.05
N ALA D 114 -82.94 77.23 -60.28
CA ALA D 114 -83.29 78.04 -61.44
C ALA D 114 -84.75 77.88 -61.84
N SER D 115 -85.37 76.76 -61.46
CA SER D 115 -86.76 76.50 -61.81
C SER D 115 -87.72 76.54 -60.63
N GLU D 116 -87.18 76.69 -59.42
CA GLU D 116 -88.00 76.74 -58.22
C GLU D 116 -87.33 77.59 -57.14
N PRO D 117 -88.15 78.21 -56.27
CA PRO D 117 -87.58 79.04 -55.20
C PRO D 117 -86.82 78.12 -54.26
N LEU D 118 -85.55 78.45 -54.01
CA LEU D 118 -84.72 77.64 -53.14
C LEU D 118 -83.76 78.55 -52.40
N ASN D 119 -83.46 78.24 -51.14
CA ASN D 119 -82.52 79.05 -50.39
C ASN D 119 -81.15 78.86 -51.02
N ILE D 120 -80.24 79.78 -50.76
CA ILE D 120 -78.89 79.71 -51.33
C ILE D 120 -77.95 78.75 -50.57
N ALA D 121 -78.29 78.46 -49.32
CA ALA D 121 -77.45 77.61 -48.50
C ALA D 121 -77.06 76.26 -49.10
N PRO D 122 -78.02 75.53 -49.70
CA PRO D 122 -77.66 74.24 -50.29
C PRO D 122 -76.52 74.29 -51.32
N ALA D 123 -76.60 75.18 -52.31
CA ALA D 123 -75.53 75.26 -53.29
C ALA D 123 -74.24 75.76 -52.67
N ALA D 124 -74.34 76.69 -51.71
CA ALA D 124 -73.15 77.22 -51.07
C ALA D 124 -72.48 76.12 -50.25
N TYR D 125 -73.29 75.21 -49.71
CA TYR D 125 -72.75 74.10 -48.91
C TYR D 125 -71.93 73.17 -49.80
N VAL D 126 -72.50 72.68 -50.89
CA VAL D 126 -71.79 71.77 -51.76
C VAL D 126 -70.64 72.45 -52.51
N ASN D 127 -70.72 73.76 -52.68
CA ASN D 127 -69.64 74.50 -53.35
C ASN D 127 -68.42 74.37 -52.44
N LEU D 128 -68.63 74.59 -51.15
CA LEU D 128 -67.55 74.47 -50.18
C LEU D 128 -67.09 73.02 -50.01
N LEU D 129 -68.05 72.09 -49.99
CA LEU D 129 -67.74 70.69 -49.82
C LEU D 129 -66.83 70.15 -50.93
N SER D 130 -67.07 70.58 -52.17
CA SER D 130 -66.24 70.13 -53.29
C SER D 130 -64.79 70.56 -53.02
N ASP D 131 -64.62 71.80 -52.60
CA ASP D 131 -63.28 72.31 -52.31
C ASP D 131 -62.66 71.54 -51.14
N LEU D 132 -63.46 71.22 -50.12
CA LEU D 132 -62.95 70.49 -48.96
C LEU D 132 -62.53 69.07 -49.32
N LEU D 133 -63.29 68.42 -50.19
CA LEU D 133 -62.96 67.06 -50.59
C LEU D 133 -61.63 67.06 -51.36
N PHE D 134 -61.37 68.14 -52.09
CA PHE D 134 -60.12 68.27 -52.83
C PHE D 134 -58.98 68.34 -51.81
N VAL D 135 -59.18 69.17 -50.79
CA VAL D 135 -58.19 69.36 -49.73
C VAL D 135 -57.98 68.07 -48.94
N LEU D 136 -59.07 67.39 -48.60
CA LEU D 136 -58.96 66.15 -47.86
C LEU D 136 -58.23 65.08 -48.67
N ALA D 137 -58.35 65.12 -49.99
CA ALA D 137 -57.65 64.15 -50.82
C ALA D 137 -56.13 64.37 -50.61
N ARG D 138 -55.72 65.62 -50.59
CA ARG D 138 -54.31 65.93 -50.40
C ARG D 138 -53.85 65.48 -49.02
N VAL D 139 -54.71 65.68 -48.02
CA VAL D 139 -54.40 65.27 -46.65
C VAL D 139 -54.21 63.76 -46.58
N LEU D 140 -55.06 63.03 -47.28
CA LEU D 140 -54.97 61.57 -47.28
C LEU D 140 -53.73 61.05 -48.00
N ASN D 141 -53.31 61.74 -49.05
CA ASN D 141 -52.10 61.30 -49.75
C ASN D 141 -50.94 61.53 -48.78
N ARG D 142 -50.99 62.67 -48.10
CA ARG D 142 -49.97 63.06 -47.12
C ARG D 142 -49.93 62.01 -46.01
N ALA D 143 -51.09 61.73 -45.43
CA ALA D 143 -51.21 60.76 -44.35
C ALA D 143 -50.77 59.36 -44.75
N ALA D 144 -50.81 59.07 -46.05
CA ALA D 144 -50.40 57.75 -46.53
C ALA D 144 -48.90 57.72 -46.78
N GLY D 145 -48.23 58.84 -46.51
CA GLY D 145 -46.80 58.91 -46.72
C GLY D 145 -46.45 59.17 -48.17
N GLY D 146 -47.48 59.34 -48.99
CA GLY D 146 -47.27 59.60 -50.40
C GLY D 146 -47.43 61.06 -50.75
N ALA D 147 -47.58 61.35 -52.05
CA ALA D 147 -47.75 62.72 -52.51
C ALA D 147 -48.81 62.80 -53.61
N ASP D 148 -49.28 64.01 -53.90
CA ASP D 148 -50.30 64.19 -54.93
C ASP D 148 -49.72 63.85 -56.30
N VAL D 149 -50.59 63.43 -57.20
CA VAL D 149 -50.18 63.09 -58.56
C VAL D 149 -50.17 64.40 -59.36
N LEU D 150 -49.03 64.73 -59.97
CA LEU D 150 -48.91 65.98 -60.71
C LEU D 150 -49.06 65.76 -62.21
N TRP D 151 -49.41 66.81 -62.95
CA TRP D 151 -49.56 66.64 -64.39
C TRP D 151 -48.32 67.13 -65.13
N ASP D 152 -48.30 66.91 -66.43
CA ASP D 152 -47.18 67.31 -67.27
C ASP D 152 -46.97 68.82 -67.21
N MET E 1 -76.91 77.64 -71.35
CA MET E 1 -76.95 76.65 -72.43
C MET E 1 -75.59 75.99 -72.61
N GLY E 2 -74.61 76.76 -73.11
CA GLY E 2 -73.27 76.24 -73.33
C GLY E 2 -72.65 75.82 -72.02
N ASP E 3 -72.87 76.61 -70.97
CA ASP E 3 -72.27 76.26 -69.68
C ASP E 3 -72.77 74.89 -69.23
N ASP E 4 -74.08 74.64 -69.36
CA ASP E 4 -74.61 73.35 -68.98
C ASP E 4 -74.05 72.24 -69.87
N ALA E 5 -74.04 72.51 -71.18
CA ALA E 5 -73.51 71.57 -72.16
C ALA E 5 -72.01 71.38 -72.00
N ARG E 6 -71.32 72.48 -71.75
CA ARG E 6 -69.87 72.51 -71.56
C ARG E 6 -69.43 72.12 -70.15
N ILE E 7 -69.97 72.75 -69.11
CA ILE E 7 -69.65 72.47 -67.72
C ILE E 7 -69.95 71.01 -67.37
N ALA E 8 -71.01 70.47 -67.96
CA ALA E 8 -71.38 69.08 -67.70
C ALA E 8 -70.38 68.10 -68.32
N ALA E 9 -69.94 68.39 -69.54
CA ALA E 9 -68.98 67.53 -70.23
C ALA E 9 -67.66 67.54 -69.44
N ILE E 10 -67.23 68.73 -69.03
CA ILE E 10 -65.99 68.86 -68.26
C ILE E 10 -66.11 68.03 -66.98
N GLY E 11 -67.24 68.14 -66.30
CA GLY E 11 -67.44 67.39 -65.07
C GLY E 11 -67.40 65.88 -65.26
N ASP E 12 -68.02 65.38 -66.32
CA ASP E 12 -68.01 63.94 -66.58
C ASP E 12 -66.61 63.43 -66.90
N VAL E 13 -65.80 64.24 -67.60
CA VAL E 13 -64.45 63.83 -67.92
C VAL E 13 -63.67 63.77 -66.60
N ASP E 14 -63.94 64.73 -65.73
CA ASP E 14 -63.30 64.80 -64.42
C ASP E 14 -63.69 63.56 -63.60
N GLU E 15 -64.97 63.22 -63.63
CA GLU E 15 -65.46 62.06 -62.89
C GLU E 15 -64.79 60.79 -63.40
N LEU E 16 -64.69 60.68 -64.72
CA LEU E 16 -64.04 59.53 -65.35
C LEU E 16 -62.59 59.45 -64.88
N ASN E 17 -61.88 60.58 -64.96
CA ASN E 17 -60.48 60.62 -64.55
C ASN E 17 -60.32 60.19 -63.08
N SER E 18 -61.29 60.57 -62.26
CA SER E 18 -61.25 60.20 -60.85
C SER E 18 -61.49 58.71 -60.66
N GLN E 19 -62.37 58.14 -61.47
CA GLN E 19 -62.62 56.71 -61.38
C GLN E 19 -61.37 55.94 -61.79
N ILE E 20 -60.61 56.50 -62.75
CA ILE E 20 -59.38 55.86 -63.19
C ILE E 20 -58.37 55.94 -62.05
N GLY E 21 -58.44 57.03 -61.27
CA GLY E 21 -57.54 57.17 -60.13
C GLY E 21 -57.79 56.07 -59.13
N VAL E 22 -59.07 55.69 -58.97
CA VAL E 22 -59.42 54.63 -58.04
C VAL E 22 -58.87 53.30 -58.57
N LEU E 23 -58.98 53.09 -59.88
CA LEU E 23 -58.47 51.87 -60.49
C LEU E 23 -56.95 51.80 -60.31
N LEU E 24 -56.28 52.94 -60.39
CA LEU E 24 -54.83 53.00 -60.24
C LEU E 24 -54.36 52.71 -58.81
N ALA E 25 -55.29 52.70 -57.86
CA ALA E 25 -54.94 52.43 -56.46
C ALA E 25 -54.90 50.93 -56.23
N GLU E 26 -55.25 50.17 -57.26
CA GLU E 26 -55.27 48.71 -57.21
C GLU E 26 -53.97 48.15 -57.78
N PRO E 27 -53.68 46.87 -57.48
CA PRO E 27 -52.46 46.28 -58.02
C PRO E 27 -52.71 46.10 -59.52
N LEU E 28 -51.72 46.43 -60.34
CA LEU E 28 -51.89 46.32 -61.79
C LEU E 28 -50.60 45.90 -62.48
N PRO E 29 -50.75 45.39 -63.71
CA PRO E 29 -49.57 45.00 -64.49
C PRO E 29 -48.84 46.29 -64.80
N ASP E 30 -47.52 46.30 -64.72
CA ASP E 30 -46.80 47.54 -64.96
C ASP E 30 -47.19 48.26 -66.25
N ASP E 31 -47.39 47.50 -67.32
CA ASP E 31 -47.77 48.11 -68.59
C ASP E 31 -49.14 48.76 -68.51
N VAL E 32 -50.09 48.09 -67.88
CA VAL E 32 -51.44 48.64 -67.74
C VAL E 32 -51.39 49.93 -66.92
N ARG E 33 -50.60 49.92 -65.85
CA ARG E 33 -50.47 51.10 -65.00
C ARG E 33 -49.92 52.27 -65.79
N ALA E 34 -48.92 52.01 -66.62
CA ALA E 34 -48.31 53.07 -67.42
C ALA E 34 -49.33 53.69 -68.38
N ALA E 35 -50.14 52.84 -69.02
CA ALA E 35 -51.14 53.33 -69.96
C ALA E 35 -52.19 54.18 -69.24
N LEU E 36 -52.74 53.65 -68.16
CA LEU E 36 -53.74 54.39 -67.39
C LEU E 36 -53.24 55.73 -66.87
N SER E 37 -52.01 55.78 -66.36
CA SER E 37 -51.46 57.02 -65.85
C SER E 37 -51.35 58.07 -66.96
N ALA E 38 -50.89 57.63 -68.14
CA ALA E 38 -50.76 58.52 -69.28
C ALA E 38 -52.15 59.05 -69.69
N ILE E 39 -53.14 58.17 -69.66
CA ILE E 39 -54.51 58.54 -70.01
C ILE E 39 -55.01 59.64 -69.07
N GLN E 40 -54.66 59.57 -67.78
CA GLN E 40 -55.10 60.60 -66.85
C GLN E 40 -54.61 61.98 -67.31
N HIS E 41 -53.38 62.05 -67.81
CA HIS E 41 -52.86 63.32 -68.30
C HIS E 41 -53.65 63.73 -69.53
N ASP E 42 -53.96 62.78 -70.40
CA ASP E 42 -54.74 63.06 -71.61
C ASP E 42 -56.09 63.65 -71.23
N LEU E 43 -56.75 63.04 -70.25
CA LEU E 43 -58.07 63.50 -69.82
C LEU E 43 -58.00 64.90 -69.22
N PHE E 44 -56.90 65.21 -68.54
CA PHE E 44 -56.74 66.53 -67.95
C PHE E 44 -56.69 67.52 -69.11
N ASP E 45 -55.90 67.21 -70.13
CA ASP E 45 -55.79 68.08 -71.30
C ASP E 45 -57.12 68.17 -72.04
N LEU E 46 -57.81 67.04 -72.13
CA LEU E 46 -59.10 67.01 -72.84
C LEU E 46 -60.08 67.96 -72.17
N GLY E 47 -60.13 67.92 -70.84
CA GLY E 47 -61.02 68.79 -70.10
C GLY E 47 -60.68 70.24 -70.37
N GLY E 48 -59.39 70.54 -70.48
CA GLY E 48 -58.97 71.90 -70.76
C GLY E 48 -59.42 72.37 -72.13
N GLU E 49 -59.40 71.46 -73.10
CA GLU E 49 -59.82 71.79 -74.46
C GLU E 49 -61.32 72.10 -74.47
N LEU E 50 -62.10 71.31 -73.74
CA LEU E 50 -63.54 71.51 -73.67
C LEU E 50 -63.86 72.86 -73.02
N CYS E 51 -63.04 73.23 -72.04
CA CYS E 51 -63.26 74.46 -71.32
C CYS E 51 -62.90 75.76 -72.05
N ILE E 52 -61.66 75.84 -72.51
CA ILE E 52 -61.19 77.04 -73.20
C ILE E 52 -61.49 77.14 -74.70
N PRO E 53 -62.15 78.23 -75.08
CA PRO E 53 -62.48 78.53 -76.48
C PRO E 53 -61.23 78.88 -77.28
N GLY E 54 -61.13 78.32 -78.48
CA GLY E 54 -59.98 78.58 -79.33
C GLY E 54 -58.77 77.76 -78.93
N HIS E 55 -58.92 76.93 -77.90
CA HIS E 55 -57.83 76.09 -77.43
C HIS E 55 -58.06 74.62 -77.73
N ALA E 56 -57.04 73.98 -78.30
CA ALA E 56 -57.10 72.55 -78.63
C ALA E 56 -55.92 71.84 -77.98
N ALA E 57 -56.10 70.56 -77.66
CA ALA E 57 -55.03 69.80 -77.01
C ALA E 57 -54.96 68.36 -77.49
N ILE E 58 -56.10 67.78 -77.86
CA ILE E 58 -56.14 66.40 -78.33
C ILE E 58 -55.85 66.36 -79.83
N THR E 59 -54.84 65.58 -80.20
CA THR E 59 -54.41 65.45 -81.59
C THR E 59 -54.47 64.03 -82.12
N GLU E 60 -54.13 63.85 -83.39
CA GLU E 60 -54.12 62.53 -84.00
C GLU E 60 -53.18 61.62 -83.20
N ASP E 61 -52.10 62.20 -82.70
CA ASP E 61 -51.12 61.44 -81.92
C ASP E 61 -51.76 60.78 -80.70
N HIS E 62 -52.72 61.46 -80.09
CA HIS E 62 -53.41 60.92 -78.92
C HIS E 62 -54.28 59.76 -79.35
N LEU E 63 -54.98 59.94 -80.46
CA LEU E 63 -55.86 58.91 -81.00
C LEU E 63 -55.03 57.70 -81.43
N LEU E 64 -53.89 57.97 -82.09
CA LEU E 64 -53.01 56.91 -82.56
C LEU E 64 -52.50 56.06 -81.41
N ARG E 65 -52.16 56.70 -80.30
CA ARG E 65 -51.66 55.97 -79.13
C ARG E 65 -52.74 55.05 -78.57
N LEU E 66 -53.98 55.52 -78.55
CA LEU E 66 -55.08 54.69 -78.07
C LEU E 66 -55.28 53.51 -79.02
N ALA E 67 -55.26 53.79 -80.31
CA ALA E 67 -55.42 52.74 -81.32
C ALA E 67 -54.34 51.69 -81.13
N LEU E 68 -53.12 52.15 -80.82
CA LEU E 68 -52.01 51.24 -80.60
C LEU E 68 -52.22 50.36 -79.39
N TRP E 69 -52.73 50.93 -78.30
CA TRP E 69 -52.97 50.16 -77.10
C TRP E 69 -54.08 49.14 -77.32
N LEU E 70 -55.10 49.52 -78.09
CA LEU E 70 -56.20 48.61 -78.39
C LEU E 70 -55.67 47.39 -79.13
N VAL E 71 -54.95 47.64 -80.22
CA VAL E 71 -54.38 46.56 -81.01
C VAL E 71 -53.49 45.68 -80.14
N HIS E 72 -52.63 46.33 -79.36
CA HIS E 72 -51.70 45.61 -78.49
C HIS E 72 -52.36 44.67 -77.48
N TYR E 73 -53.18 45.24 -76.59
CA TYR E 73 -53.84 44.45 -75.57
C TYR E 73 -54.81 43.41 -76.12
N ASN E 74 -55.46 43.73 -77.22
CA ASN E 74 -56.40 42.80 -77.84
C ASN E 74 -55.65 41.60 -78.41
N GLY E 75 -54.46 41.83 -78.96
CA GLY E 75 -53.67 40.75 -79.52
C GLY E 75 -52.98 39.98 -78.42
N GLN E 76 -53.31 40.32 -77.18
CA GLN E 76 -52.74 39.70 -76.00
C GLN E 76 -53.84 38.91 -75.28
N LEU E 77 -55.03 38.91 -75.88
CA LEU E 77 -56.18 38.23 -75.30
C LEU E 77 -56.78 37.26 -76.29
N PRO E 78 -57.51 36.25 -75.80
CA PRO E 78 -58.14 35.28 -76.69
C PRO E 78 -59.39 35.96 -77.25
N PRO E 79 -59.91 35.47 -78.39
CA PRO E 79 -61.10 36.08 -78.99
C PRO E 79 -62.31 36.01 -78.07
N LEU E 80 -63.20 37.00 -78.21
CA LEU E 80 -64.42 37.06 -77.41
C LEU E 80 -65.34 35.92 -77.81
N GLU E 81 -65.71 35.08 -76.84
CA GLU E 81 -66.57 33.92 -77.12
C GLU E 81 -68.05 34.15 -76.85
N GLU E 82 -68.36 35.15 -76.02
CA GLU E 82 -69.75 35.44 -75.68
C GLU E 82 -69.85 36.82 -75.05
N PHE E 83 -71.07 37.33 -74.90
CA PHE E 83 -71.27 38.62 -74.27
C PHE E 83 -70.70 38.54 -72.85
N ILE E 84 -70.05 39.61 -72.43
CA ILE E 84 -69.44 39.66 -71.11
C ILE E 84 -70.25 40.53 -70.15
N LEU E 85 -70.28 40.14 -68.88
CA LEU E 85 -70.98 40.91 -67.86
C LEU E 85 -69.89 41.68 -67.12
N PRO E 86 -70.13 42.95 -66.77
CA PRO E 86 -69.07 43.69 -66.09
C PRO E 86 -68.79 43.12 -64.70
N GLY E 87 -67.56 42.68 -64.48
CA GLY E 87 -67.20 42.12 -63.20
C GLY E 87 -65.98 41.22 -63.26
N GLY E 88 -65.70 40.52 -62.16
CA GLY E 88 -64.55 39.64 -62.10
C GLY E 88 -63.64 40.08 -60.98
N ALA E 89 -62.34 40.14 -61.24
CA ALA E 89 -61.40 40.60 -60.22
C ALA E 89 -61.77 42.05 -59.94
N ARG E 90 -61.47 42.54 -58.75
CA ARG E 90 -61.81 43.91 -58.42
C ARG E 90 -61.29 44.90 -59.45
N GLY E 91 -60.06 44.68 -59.90
CA GLY E 91 -59.49 45.56 -60.91
C GLY E 91 -60.33 45.59 -62.16
N ALA E 92 -60.72 44.41 -62.64
CA ALA E 92 -61.54 44.31 -63.84
C ALA E 92 -62.88 45.01 -63.65
N ALA E 93 -63.50 44.80 -62.49
CA ALA E 93 -64.79 45.41 -62.19
C ALA E 93 -64.70 46.94 -62.21
N LEU E 94 -63.63 47.48 -61.63
CA LEU E 94 -63.42 48.93 -61.61
C LEU E 94 -63.20 49.44 -63.03
N ALA E 95 -62.46 48.69 -63.84
CA ALA E 95 -62.21 49.08 -65.22
C ALA E 95 -63.55 49.21 -65.95
N HIS E 96 -64.47 48.30 -65.66
CA HIS E 96 -65.79 48.35 -66.29
C HIS E 96 -66.56 49.59 -65.84
N VAL E 97 -66.39 49.96 -64.57
CA VAL E 97 -67.07 51.17 -64.08
C VAL E 97 -66.47 52.34 -64.85
N CYS E 98 -65.14 52.35 -65.01
CA CYS E 98 -64.48 53.43 -65.74
C CYS E 98 -65.04 53.46 -67.16
N ARG E 99 -65.22 52.28 -67.74
CA ARG E 99 -65.75 52.18 -69.10
C ARG E 99 -67.11 52.86 -69.22
N THR E 100 -68.01 52.57 -68.28
CA THR E 100 -69.35 53.16 -68.33
C THR E 100 -69.34 54.67 -68.06
N VAL E 101 -68.43 55.14 -67.21
CA VAL E 101 -68.37 56.57 -66.93
C VAL E 101 -67.76 57.27 -68.15
N CYS E 102 -66.87 56.59 -68.85
CA CYS E 102 -66.26 57.16 -70.04
C CYS E 102 -67.35 57.30 -71.11
N ARG E 103 -68.23 56.32 -71.22
CA ARG E 103 -69.31 56.40 -72.20
C ARG E 103 -70.26 57.53 -71.82
N ARG E 104 -70.43 57.75 -70.52
CA ARG E 104 -71.29 58.82 -70.03
C ARG E 104 -70.69 60.16 -70.46
N ALA E 105 -69.37 60.27 -70.33
CA ALA E 105 -68.66 61.49 -70.71
C ALA E 105 -68.76 61.70 -72.22
N GLU E 106 -68.71 60.60 -72.98
CA GLU E 106 -68.81 60.70 -74.43
C GLU E 106 -70.18 61.26 -74.81
N ARG E 107 -71.23 60.84 -74.12
CA ARG E 107 -72.57 61.34 -74.41
C ARG E 107 -72.64 62.86 -74.18
N SER E 108 -72.02 63.31 -73.10
CA SER E 108 -71.99 64.74 -72.77
C SER E 108 -71.15 65.54 -73.77
N ILE E 109 -70.06 64.93 -74.22
CA ILE E 109 -69.18 65.59 -75.19
C ILE E 109 -69.91 65.69 -76.53
N LYS E 110 -70.66 64.65 -76.88
CA LYS E 110 -71.42 64.66 -78.12
C LYS E 110 -72.51 65.74 -78.04
N ALA E 111 -73.16 65.85 -76.88
CA ALA E 111 -74.19 66.87 -76.69
C ALA E 111 -73.59 68.26 -76.84
N LEU E 112 -72.40 68.45 -76.26
CA LEU E 112 -71.73 69.74 -76.33
C LEU E 112 -71.42 70.13 -77.76
N GLY E 113 -70.87 69.18 -78.52
CA GLY E 113 -70.53 69.44 -79.91
C GLY E 113 -71.74 69.77 -80.76
N ALA E 114 -72.92 69.39 -80.29
CA ALA E 114 -74.15 69.66 -81.03
C ALA E 114 -74.64 71.09 -80.83
N SER E 115 -74.23 71.73 -79.73
CA SER E 115 -74.66 73.10 -79.45
C SER E 115 -73.55 74.14 -79.56
N GLU E 116 -72.33 73.68 -79.79
CA GLU E 116 -71.19 74.58 -79.91
C GLU E 116 -70.13 74.00 -80.83
N PRO E 117 -69.36 74.87 -81.51
CA PRO E 117 -68.31 74.38 -82.40
C PRO E 117 -67.26 73.69 -81.55
N LEU E 118 -66.94 72.44 -81.91
CA LEU E 118 -65.95 71.67 -81.16
C LEU E 118 -65.22 70.76 -82.12
N ASN E 119 -63.93 70.56 -81.89
CA ASN E 119 -63.16 69.67 -82.75
C ASN E 119 -63.68 68.26 -82.52
N ILE E 120 -63.42 67.37 -83.46
CA ILE E 120 -63.88 65.99 -83.35
C ILE E 120 -63.00 65.11 -82.46
N ALA E 121 -61.76 65.54 -82.24
CA ALA E 121 -60.83 64.75 -81.45
C ALA E 121 -61.32 64.32 -80.06
N PRO E 122 -61.93 65.24 -79.30
CA PRO E 122 -62.41 64.83 -77.97
C PRO E 122 -63.35 63.63 -77.97
N ALA E 123 -64.40 63.65 -78.79
CA ALA E 123 -65.31 62.49 -78.80
C ALA E 123 -64.63 61.25 -79.36
N ALA E 124 -63.75 61.42 -80.34
CA ALA E 124 -63.05 60.28 -80.91
C ALA E 124 -62.11 59.67 -79.87
N TYR E 125 -61.58 60.52 -79.00
CA TYR E 125 -60.68 60.04 -77.94
C TYR E 125 -61.44 59.15 -76.95
N VAL E 126 -62.54 59.65 -76.40
CA VAL E 126 -63.29 58.87 -75.44
C VAL E 126 -64.01 57.68 -76.06
N ASN E 127 -64.26 57.74 -77.37
CA ASN E 127 -64.90 56.62 -78.07
C ASN E 127 -63.90 55.45 -78.00
N LEU E 128 -62.64 55.76 -78.30
CA LEU E 128 -61.59 54.76 -78.25
C LEU E 128 -61.30 54.31 -76.82
N LEU E 129 -61.30 55.28 -75.90
CA LEU E 129 -61.01 54.98 -74.50
C LEU E 129 -62.02 53.99 -73.89
N SER E 130 -63.29 54.15 -74.24
CA SER E 130 -64.32 53.24 -73.72
C SER E 130 -63.97 51.81 -74.17
N ASP E 131 -63.62 51.66 -75.44
CA ASP E 131 -63.27 50.36 -75.98
C ASP E 131 -62.01 49.81 -75.29
N LEU E 132 -61.03 50.68 -75.04
CA LEU E 132 -59.80 50.25 -74.39
C LEU E 132 -60.04 49.81 -72.93
N LEU E 133 -60.92 50.52 -72.23
CA LEU E 133 -61.20 50.15 -70.85
C LEU E 133 -61.86 48.78 -70.80
N PHE E 134 -62.65 48.46 -71.83
CA PHE E 134 -63.31 47.15 -71.92
C PHE E 134 -62.22 46.10 -72.07
N VAL E 135 -61.26 46.37 -72.95
CA VAL E 135 -60.15 45.46 -73.22
C VAL E 135 -59.27 45.30 -71.98
N LEU E 136 -58.97 46.41 -71.32
CA LEU E 136 -58.14 46.36 -70.12
C LEU E 136 -58.82 45.57 -69.01
N ALA E 137 -60.15 45.59 -68.96
CA ALA E 137 -60.86 44.84 -67.95
C ALA E 137 -60.57 43.35 -68.17
N ARG E 138 -60.61 42.93 -69.44
CA ARG E 138 -60.33 41.53 -69.77
C ARG E 138 -58.89 41.18 -69.42
N VAL E 139 -57.96 42.12 -69.66
CA VAL E 139 -56.57 41.90 -69.35
C VAL E 139 -56.38 41.72 -67.85
N LEU E 140 -57.09 42.52 -67.07
CA LEU E 140 -56.98 42.43 -65.61
C LEU E 140 -57.58 41.14 -65.06
N ASN E 141 -58.64 40.64 -65.68
CA ASN E 141 -59.22 39.38 -65.20
C ASN E 141 -58.19 38.30 -65.49
N ARG E 142 -57.59 38.39 -66.68
CA ARG E 142 -56.57 37.45 -67.12
C ARG E 142 -55.39 37.48 -66.16
N ALA E 143 -54.88 38.68 -65.90
CA ALA E 143 -53.75 38.87 -65.01
C ALA E 143 -54.02 38.41 -63.59
N ALA E 144 -55.29 38.36 -63.21
CA ALA E 144 -55.67 37.92 -61.87
C ALA E 144 -55.80 36.40 -61.83
N GLY E 145 -55.56 35.77 -62.96
CA GLY E 145 -55.67 34.32 -63.03
C GLY E 145 -57.11 33.87 -63.20
N GLY E 146 -58.02 34.84 -63.31
CA GLY E 146 -59.42 34.52 -63.47
C GLY E 146 -59.88 34.65 -64.91
N ALA E 147 -61.18 34.72 -65.12
CA ALA E 147 -61.75 34.84 -66.45
C ALA E 147 -62.92 35.83 -66.46
N ASP E 148 -63.33 36.28 -67.63
CA ASP E 148 -64.44 37.22 -67.75
C ASP E 148 -65.74 36.55 -67.33
N VAL E 149 -66.67 37.35 -66.84
CA VAL E 149 -67.98 36.85 -66.42
C VAL E 149 -68.86 36.77 -67.67
N LEU E 150 -69.39 35.59 -67.97
CA LEU E 150 -70.21 35.42 -69.17
C LEU E 150 -71.69 35.47 -68.85
N TRP E 151 -72.52 35.76 -69.85
CA TRP E 151 -73.96 35.80 -69.59
C TRP E 151 -74.64 34.52 -70.04
N ASP E 152 -75.93 34.41 -69.73
CA ASP E 152 -76.71 33.23 -70.09
C ASP E 152 -76.73 33.03 -71.60
N MET F 1 -83.37 62.51 -79.82
CA MET F 1 -84.38 62.48 -78.77
C MET F 1 -84.44 61.11 -78.09
N GLY F 2 -84.93 60.12 -78.82
CA GLY F 2 -85.03 58.76 -78.28
C GLY F 2 -83.65 58.22 -77.96
N ASP F 3 -82.68 58.50 -78.81
CA ASP F 3 -81.34 57.98 -78.56
C ASP F 3 -80.82 58.52 -77.23
N ASP F 4 -81.01 59.80 -76.98
CA ASP F 4 -80.57 60.38 -75.71
C ASP F 4 -81.35 59.77 -74.55
N ALA F 5 -82.66 59.67 -74.71
CA ALA F 5 -83.54 59.09 -73.71
C ALA F 5 -83.28 57.61 -73.53
N ARG F 6 -83.06 56.93 -74.65
CA ARG F 6 -82.81 55.49 -74.68
C ARG F 6 -81.34 55.14 -74.39
N ILE F 7 -80.38 55.74 -75.09
CA ILE F 7 -78.95 55.50 -74.91
C ILE F 7 -78.51 55.84 -73.48
N ALA F 8 -79.13 56.86 -72.90
CA ALA F 8 -78.80 57.26 -71.54
C ALA F 8 -79.28 56.22 -70.52
N ALA F 9 -80.49 55.71 -70.72
CA ALA F 9 -81.05 54.71 -69.82
C ALA F 9 -80.19 53.44 -69.87
N ILE F 10 -79.84 53.03 -71.09
CA ILE F 10 -79.00 51.85 -71.27
C ILE F 10 -77.68 52.03 -70.54
N GLY F 11 -77.09 53.22 -70.70
CA GLY F 11 -75.82 53.50 -70.03
C GLY F 11 -75.90 53.45 -68.52
N ASP F 12 -76.96 54.00 -67.94
CA ASP F 12 -77.10 53.98 -66.49
C ASP F 12 -77.31 52.57 -65.95
N VAL F 13 -78.02 51.73 -66.71
CA VAL F 13 -78.22 50.35 -66.28
C VAL F 13 -76.86 49.65 -66.31
N ASP F 14 -76.08 49.98 -67.33
CA ASP F 14 -74.73 49.40 -67.50
C ASP F 14 -73.85 49.85 -66.32
N GLU F 15 -73.93 51.14 -65.98
CA GLU F 15 -73.14 51.67 -64.88
C GLU F 15 -73.53 50.99 -63.56
N LEU F 16 -74.82 50.80 -63.36
CA LEU F 16 -75.32 50.12 -62.18
C LEU F 16 -74.77 48.70 -62.12
N ASN F 17 -74.88 47.99 -63.24
CA ASN F 17 -74.39 46.61 -63.32
C ASN F 17 -72.89 46.55 -62.98
N SER F 18 -72.14 47.55 -63.43
CA SER F 18 -70.72 47.61 -63.16
C SER F 18 -70.45 47.86 -61.69
N GLN F 19 -71.27 48.71 -61.06
CA GLN F 19 -71.09 48.96 -59.64
C GLN F 19 -71.37 47.69 -58.84
N ILE F 20 -72.32 46.88 -59.33
CA ILE F 20 -72.62 45.62 -58.66
C ILE F 20 -71.44 44.68 -58.83
N GLY F 21 -70.75 44.79 -59.96
CA GLY F 21 -69.57 43.96 -60.19
C GLY F 21 -68.50 44.29 -59.16
N VAL F 22 -68.40 45.57 -58.79
CA VAL F 22 -67.42 45.99 -57.80
C VAL F 22 -67.81 45.42 -56.44
N LEU F 23 -69.11 45.44 -56.13
CA LEU F 23 -69.61 44.90 -54.88
C LEU F 23 -69.33 43.39 -54.81
N LEU F 24 -69.45 42.72 -55.95
CA LEU F 24 -69.21 41.28 -56.01
C LEU F 24 -67.75 40.90 -55.83
N ALA F 25 -66.85 41.88 -55.89
CA ALA F 25 -65.42 41.63 -55.72
C ALA F 25 -65.08 41.61 -54.23
N GLU F 26 -66.08 41.90 -53.41
CA GLU F 26 -65.92 41.92 -51.96
C GLU F 26 -66.36 40.60 -51.36
N PRO F 27 -65.96 40.33 -50.10
CA PRO F 27 -66.38 39.08 -49.46
C PRO F 27 -67.87 39.24 -49.17
N LEU F 28 -68.65 38.21 -49.46
CA LEU F 28 -70.09 38.28 -49.24
C LEU F 28 -70.69 36.96 -48.77
N PRO F 29 -71.86 37.03 -48.17
CA PRO F 29 -72.56 35.82 -47.72
C PRO F 29 -72.91 35.05 -48.99
N ASP F 30 -72.76 33.74 -49.01
CA ASP F 30 -73.05 33.00 -50.22
C ASP F 30 -74.39 33.30 -50.84
N ASP F 31 -75.42 33.46 -50.02
CA ASP F 31 -76.76 33.74 -50.53
C ASP F 31 -76.79 35.12 -51.20
N VAL F 32 -76.19 36.11 -50.57
CA VAL F 32 -76.16 37.46 -51.12
C VAL F 32 -75.43 37.45 -52.47
N ARG F 33 -74.31 36.73 -52.53
CA ARG F 33 -73.54 36.65 -53.77
C ARG F 33 -74.39 36.04 -54.89
N ALA F 34 -75.13 34.98 -54.57
CA ALA F 34 -75.97 34.33 -55.56
C ALA F 34 -77.04 35.28 -56.11
N ALA F 35 -77.66 36.06 -55.22
CA ALA F 35 -78.69 37.00 -55.64
C ALA F 35 -78.09 38.08 -56.55
N LEU F 36 -77.01 38.70 -56.10
CA LEU F 36 -76.37 39.76 -56.89
C LEU F 36 -75.90 39.27 -58.26
N SER F 37 -75.32 38.07 -58.34
CA SER F 37 -74.88 37.54 -59.63
C SER F 37 -76.06 37.36 -60.58
N ALA F 38 -77.16 36.84 -60.05
CA ALA F 38 -78.36 36.64 -60.88
C ALA F 38 -78.88 37.99 -61.37
N ILE F 39 -78.85 38.99 -60.50
CA ILE F 39 -79.31 40.33 -60.84
C ILE F 39 -78.49 40.88 -62.02
N GLN F 40 -77.18 40.61 -62.02
CA GLN F 40 -76.35 41.09 -63.12
C GLN F 40 -76.88 40.59 -64.46
N HIS F 41 -77.30 39.32 -64.49
CA HIS F 41 -77.85 38.76 -65.72
C HIS F 41 -79.16 39.48 -66.06
N ASP F 42 -79.97 39.73 -65.04
CA ASP F 42 -81.24 40.43 -65.23
C ASP F 42 -80.99 41.81 -65.85
N LEU F 43 -80.02 42.53 -65.31
CA LEU F 43 -79.70 43.86 -65.81
C LEU F 43 -79.18 43.83 -67.24
N PHE F 44 -78.46 42.77 -67.60
CA PHE F 44 -77.98 42.64 -68.96
C PHE F 44 -79.19 42.50 -69.87
N ASP F 45 -80.14 41.66 -69.47
CA ASP F 45 -81.35 41.48 -70.27
C ASP F 45 -82.19 42.75 -70.31
N LEU F 46 -82.23 43.45 -69.18
CA LEU F 46 -83.02 44.68 -69.09
C LEU F 46 -82.48 45.71 -70.09
N GLY F 47 -81.16 45.84 -70.14
CA GLY F 47 -80.53 46.77 -71.07
C GLY F 47 -80.88 46.41 -72.50
N GLY F 48 -80.94 45.10 -72.79
CA GLY F 48 -81.29 44.66 -74.12
C GLY F 48 -82.71 45.02 -74.48
N GLU F 49 -83.61 44.95 -73.51
CA GLU F 49 -85.01 45.29 -73.76
C GLU F 49 -85.14 46.78 -74.06
N LEU F 50 -84.40 47.61 -73.31
CA LEU F 50 -84.44 49.05 -73.53
C LEU F 50 -83.90 49.40 -74.91
N CYS F 51 -82.91 48.64 -75.36
CA CYS F 51 -82.28 48.90 -76.64
C CYS F 51 -83.08 48.49 -77.87
N ILE F 52 -83.48 47.22 -77.93
CA ILE F 52 -84.22 46.70 -79.08
C ILE F 52 -85.73 46.91 -79.07
N PRO F 53 -86.24 47.54 -80.14
CA PRO F 53 -87.66 47.78 -80.33
C PRO F 53 -88.42 46.47 -80.62
N GLY F 54 -89.57 46.31 -79.97
CA GLY F 54 -90.36 45.11 -80.17
C GLY F 54 -89.83 43.94 -79.37
N HIS F 55 -88.76 44.16 -78.63
CA HIS F 55 -88.16 43.10 -77.83
C HIS F 55 -88.36 43.31 -76.33
N ALA F 56 -88.82 42.26 -75.65
CA ALA F 56 -89.07 42.31 -74.20
C ALA F 56 -88.28 41.18 -73.54
N ALA F 57 -87.88 41.38 -72.29
CA ALA F 57 -87.11 40.37 -71.57
C ALA F 57 -87.49 40.26 -70.10
N ILE F 58 -87.88 41.39 -69.50
CA ILE F 58 -88.25 41.40 -68.09
C ILE F 58 -89.72 41.04 -67.94
N THR F 59 -89.98 40.01 -67.13
CA THR F 59 -91.33 39.49 -66.91
C THR F 59 -91.75 39.52 -65.44
N GLU F 60 -92.99 39.10 -65.18
CA GLU F 60 -93.50 39.07 -63.81
C GLU F 60 -92.59 38.19 -62.97
N ASP F 61 -92.06 37.13 -63.58
CA ASP F 61 -91.17 36.21 -62.88
C ASP F 61 -89.95 36.93 -62.31
N HIS F 62 -89.44 37.91 -63.05
CA HIS F 62 -88.29 38.68 -62.59
C HIS F 62 -88.68 39.53 -61.38
N LEU F 63 -89.84 40.16 -61.50
CA LEU F 63 -90.36 40.99 -60.43
C LEU F 63 -90.66 40.16 -59.19
N LEU F 64 -91.27 38.98 -59.40
CA LEU F 64 -91.60 38.08 -58.31
C LEU F 64 -90.36 37.65 -57.54
N ARG F 65 -89.27 37.37 -58.26
CA ARG F 65 -88.04 36.95 -57.62
C ARG F 65 -87.48 38.06 -56.74
N LEU F 66 -87.57 39.30 -57.21
CA LEU F 66 -87.10 40.43 -56.43
C LEU F 66 -87.97 40.58 -55.18
N ALA F 67 -89.28 40.48 -55.37
CA ALA F 67 -90.22 40.58 -54.25
C ALA F 67 -89.88 39.52 -53.21
N LEU F 68 -89.54 38.32 -53.69
CA LEU F 68 -89.18 37.23 -52.81
C LEU F 68 -87.93 37.53 -52.01
N TRP F 69 -86.91 38.09 -52.67
CA TRP F 69 -85.68 38.41 -51.98
C TRP F 69 -85.89 39.51 -50.95
N LEU F 70 -86.75 40.47 -51.27
CA LEU F 70 -87.04 41.56 -50.34
C LEU F 70 -87.67 41.00 -49.07
N VAL F 71 -88.73 40.20 -49.24
CA VAL F 71 -89.40 39.60 -48.10
C VAL F 71 -88.42 38.77 -47.29
N HIS F 72 -87.64 37.94 -47.99
CA HIS F 72 -86.66 37.08 -47.33
C HIS F 72 -85.63 37.81 -46.47
N TYR F 73 -84.83 38.67 -47.10
CA TYR F 73 -83.80 39.40 -46.38
C TYR F 73 -84.34 40.33 -45.32
N ASN F 74 -85.50 40.92 -45.56
CA ASN F 74 -86.09 41.82 -44.58
C ASN F 74 -86.53 41.05 -43.34
N GLY F 75 -87.03 39.83 -43.55
CA GLY F 75 -87.46 39.02 -42.41
C GLY F 75 -86.27 38.39 -41.73
N GLN F 76 -85.08 38.79 -42.16
CA GLN F 76 -83.83 38.30 -41.61
C GLN F 76 -83.12 39.44 -40.89
N LEU F 77 -83.79 40.60 -40.85
CA LEU F 77 -83.24 41.78 -40.21
C LEU F 77 -84.19 42.33 -39.16
N PRO F 78 -83.67 43.10 -38.19
CA PRO F 78 -84.53 43.68 -37.16
C PRO F 78 -85.21 44.89 -37.80
N PRO F 79 -86.34 45.32 -37.24
CA PRO F 79 -87.05 46.49 -37.81
C PRO F 79 -86.22 47.76 -37.80
N LEU F 80 -86.47 48.63 -38.78
CA LEU F 80 -85.75 49.89 -38.91
C LEU F 80 -86.13 50.79 -37.73
N GLU F 81 -85.13 51.23 -36.97
CA GLU F 81 -85.37 52.07 -35.79
C GLU F 81 -85.21 53.57 -36.05
N GLU F 82 -84.48 53.92 -37.10
CA GLU F 82 -84.25 55.32 -37.41
C GLU F 82 -83.71 55.45 -38.84
N PHE F 83 -83.68 56.68 -39.35
CA PHE F 83 -83.16 56.92 -40.69
C PHE F 83 -81.72 56.43 -40.71
N ILE F 84 -81.32 55.80 -41.80
CA ILE F 84 -79.97 55.27 -41.94
C ILE F 84 -79.13 56.12 -42.89
N LEU F 85 -77.84 56.23 -42.59
CA LEU F 85 -76.93 56.99 -43.44
C LEU F 85 -76.18 55.95 -44.25
N PRO F 86 -75.93 56.21 -45.54
CA PRO F 86 -75.25 55.18 -46.32
C PRO F 86 -73.81 55.00 -45.86
N GLY F 87 -73.48 53.78 -45.43
CA GLY F 87 -72.13 53.50 -44.96
C GLY F 87 -72.06 52.28 -44.06
N GLY F 88 -70.90 52.07 -43.45
CA GLY F 88 -70.71 50.94 -42.56
C GLY F 88 -69.57 50.09 -43.09
N ALA F 89 -69.75 48.77 -43.12
CA ALA F 89 -68.71 47.90 -43.65
C ALA F 89 -68.56 48.29 -45.12
N ARG F 90 -67.39 48.05 -45.70
CA ARG F 90 -67.17 48.41 -47.09
C ARG F 90 -68.24 47.82 -48.00
N GLY F 91 -68.61 46.57 -47.75
CA GLY F 91 -69.63 45.93 -48.55
C GLY F 91 -70.93 46.69 -48.50
N ALA F 92 -71.35 47.05 -47.28
CA ALA F 92 -72.59 47.80 -47.10
C ALA F 92 -72.53 49.15 -47.81
N ALA F 93 -71.39 49.84 -47.69
CA ALA F 93 -71.21 51.15 -48.32
C ALA F 93 -71.34 51.04 -49.84
N LEU F 94 -70.73 50.01 -50.42
CA LEU F 94 -70.81 49.79 -51.87
C LEU F 94 -72.25 49.49 -52.27
N ALA F 95 -72.94 48.70 -51.47
CA ALA F 95 -74.34 48.36 -51.75
C ALA F 95 -75.16 49.65 -51.83
N HIS F 96 -74.86 50.60 -50.94
CA HIS F 96 -75.58 51.88 -50.96
C HIS F 96 -75.25 52.66 -52.22
N VAL F 97 -74.01 52.57 -52.69
CA VAL F 97 -73.66 53.26 -53.92
C VAL F 97 -74.47 52.61 -55.05
N CYS F 98 -74.54 51.28 -55.04
CA CYS F 98 -75.31 50.58 -56.07
C CYS F 98 -76.76 51.04 -55.99
N ARG F 99 -77.26 51.19 -54.78
CA ARG F 99 -78.64 51.64 -54.57
C ARG F 99 -78.89 52.99 -55.25
N THR F 100 -77.99 53.95 -55.02
CA THR F 100 -78.17 55.26 -55.61
C THR F 100 -78.00 55.28 -57.14
N VAL F 101 -77.14 54.42 -57.66
CA VAL F 101 -76.96 54.36 -59.11
C VAL F 101 -78.17 53.68 -59.73
N CYS F 102 -78.78 52.76 -58.99
CA CYS F 102 -79.97 52.07 -59.48
C CYS F 102 -81.11 53.09 -59.55
N ARG F 103 -81.20 53.96 -58.55
CA ARG F 103 -82.24 54.98 -58.57
C ARG F 103 -82.01 55.95 -59.72
N ARG F 104 -80.75 56.20 -60.03
CA ARG F 104 -80.39 57.08 -61.14
C ARG F 104 -80.86 56.44 -62.44
N ALA F 105 -80.66 55.13 -62.57
CA ALA F 105 -81.09 54.40 -63.76
C ALA F 105 -82.61 54.40 -63.86
N GLU F 106 -83.29 54.30 -62.71
CA GLU F 106 -84.74 54.32 -62.69
C GLU F 106 -85.24 55.67 -63.23
N ARG F 107 -84.59 56.75 -62.85
CA ARG F 107 -85.00 58.07 -63.35
C ARG F 107 -84.88 58.14 -64.87
N SER F 108 -83.80 57.59 -65.40
CA SER F 108 -83.57 57.59 -66.84
C SER F 108 -84.57 56.68 -67.57
N ILE F 109 -84.91 55.55 -66.94
CA ILE F 109 -85.86 54.62 -67.51
C ILE F 109 -87.26 55.25 -67.52
N LYS F 110 -87.58 56.00 -66.47
CA LYS F 110 -88.86 56.68 -66.38
C LYS F 110 -88.93 57.76 -67.47
N ALA F 111 -87.82 58.49 -67.67
CA ALA F 111 -87.76 59.52 -68.69
C ALA F 111 -87.97 58.90 -70.08
N LEU F 112 -87.34 57.75 -70.29
CA LEU F 112 -87.45 57.07 -71.58
C LEU F 112 -88.89 56.66 -71.86
N GLY F 113 -89.54 56.07 -70.86
CA GLY F 113 -90.93 55.66 -71.02
C GLY F 113 -91.87 56.81 -71.30
N ALA F 114 -91.45 58.03 -70.95
CA ALA F 114 -92.28 59.20 -71.18
C ALA F 114 -92.21 59.69 -72.61
N SER F 115 -91.15 59.35 -73.32
CA SER F 115 -90.98 59.79 -74.71
C SER F 115 -91.10 58.68 -75.74
N GLU F 116 -91.22 57.44 -75.26
CA GLU F 116 -91.34 56.29 -76.15
C GLU F 116 -92.15 55.17 -75.51
N PRO F 117 -92.84 54.36 -76.32
CA PRO F 117 -93.63 53.27 -75.77
C PRO F 117 -92.67 52.26 -75.14
N LEU F 118 -92.90 51.94 -73.87
CA LEU F 118 -92.04 51.01 -73.16
C LEU F 118 -92.90 50.21 -72.18
N ASN F 119 -92.58 48.94 -71.98
CA ASN F 119 -93.32 48.13 -71.04
C ASN F 119 -93.02 48.67 -69.65
N ILE F 120 -93.88 48.35 -68.69
CA ILE F 120 -93.70 48.83 -67.32
C ILE F 120 -92.70 48.02 -66.51
N ALA F 121 -92.43 46.78 -66.95
CA ALA F 121 -91.53 45.90 -66.22
C ALA F 121 -90.15 46.49 -65.90
N PRO F 122 -89.50 47.14 -66.86
CA PRO F 122 -88.17 47.70 -66.56
C PRO F 122 -88.14 48.64 -65.35
N ALA F 123 -89.02 49.65 -65.32
CA ALA F 123 -89.01 50.56 -64.17
C ALA F 123 -89.43 49.86 -62.89
N ALA F 124 -90.37 48.90 -62.99
CA ALA F 124 -90.82 48.18 -61.80
C ALA F 124 -89.68 47.32 -61.27
N TYR F 125 -88.83 46.82 -62.17
CA TYR F 125 -87.69 46.00 -61.77
C TYR F 125 -86.69 46.82 -60.96
N VAL F 126 -86.25 47.95 -61.51
CA VAL F 126 -85.28 48.77 -60.79
C VAL F 126 -85.86 49.45 -59.56
N ASN F 127 -87.17 49.62 -59.52
CA ASN F 127 -87.83 50.22 -58.36
C ASN F 127 -87.61 49.23 -57.21
N LEU F 128 -87.86 47.96 -57.49
CA LEU F 128 -87.67 46.92 -56.48
C LEU F 128 -86.20 46.72 -56.15
N LEU F 129 -85.36 46.75 -57.17
CA LEU F 129 -83.92 46.56 -56.97
C LEU F 129 -83.32 47.61 -56.05
N SER F 130 -83.75 48.86 -56.16
CA SER F 130 -83.24 49.93 -55.29
C SER F 130 -83.56 49.55 -53.85
N ASP F 131 -84.79 49.13 -53.61
CA ASP F 131 -85.20 48.76 -52.26
C ASP F 131 -84.41 47.55 -51.77
N LEU F 132 -84.15 46.59 -52.65
CA LEU F 132 -83.40 45.39 -52.27
C LEU F 132 -81.94 45.72 -51.94
N LEU F 133 -81.34 46.63 -52.68
CA LEU F 133 -79.96 47.00 -52.42
C LEU F 133 -79.86 47.68 -51.05
N PHE F 134 -80.91 48.40 -50.67
CA PHE F 134 -80.94 49.06 -49.36
C PHE F 134 -80.95 47.96 -48.28
N VAL F 135 -81.78 46.96 -48.50
CA VAL F 135 -81.92 45.84 -47.57
C VAL F 135 -80.62 45.05 -47.50
N LEU F 136 -80.02 44.77 -48.66
CA LEU F 136 -78.78 44.02 -48.69
C LEU F 136 -77.66 44.76 -47.98
N ALA F 137 -77.70 46.09 -48.02
CA ALA F 137 -76.68 46.87 -47.33
C ALA F 137 -76.77 46.58 -45.83
N ARG F 138 -78.00 46.54 -45.32
CA ARG F 138 -78.22 46.25 -43.91
C ARG F 138 -77.76 44.82 -43.57
N VAL F 139 -78.01 43.90 -44.49
CA VAL F 139 -77.60 42.51 -44.29
C VAL F 139 -76.08 42.42 -44.21
N LEU F 140 -75.40 43.17 -45.07
CA LEU F 140 -73.93 43.15 -45.09
C LEU F 140 -73.32 43.78 -43.84
N ASN F 141 -73.96 44.81 -43.30
CA ASN F 141 -73.44 45.43 -42.09
C ASN F 141 -73.60 44.39 -40.98
N ARG F 142 -74.75 43.72 -40.98
CA ARG F 142 -75.06 42.68 -40.01
C ARG F 142 -74.03 41.56 -40.11
N ALA F 143 -73.83 41.06 -41.33
CA ALA F 143 -72.89 39.98 -41.59
C ALA F 143 -71.45 40.35 -41.23
N ALA F 144 -71.16 41.64 -41.20
CA ALA F 144 -69.81 42.10 -40.86
C ALA F 144 -69.66 42.24 -39.34
N GLY F 145 -70.74 41.95 -38.63
CA GLY F 145 -70.71 42.05 -37.18
C GLY F 145 -70.93 43.47 -36.73
N GLY F 146 -71.16 44.36 -37.68
CA GLY F 146 -71.39 45.76 -37.36
C GLY F 146 -72.86 46.13 -37.39
N ALA F 147 -73.15 47.43 -37.44
CA ALA F 147 -74.52 47.91 -37.47
C ALA F 147 -74.67 49.07 -38.46
N ASP F 148 -75.90 49.38 -38.82
CA ASP F 148 -76.15 50.49 -39.75
C ASP F 148 -75.76 51.82 -39.11
N VAL F 149 -75.39 52.78 -39.95
CA VAL F 149 -75.02 54.11 -39.47
C VAL F 149 -76.31 54.91 -39.31
N LEU F 150 -76.56 55.43 -38.12
CA LEU F 150 -77.79 56.18 -37.85
C LEU F 150 -77.56 57.68 -37.93
N TRP F 151 -78.64 58.44 -38.15
CA TRP F 151 -78.47 59.89 -38.22
C TRP F 151 -78.85 60.56 -36.91
N ASP F 152 -78.61 61.86 -36.82
CA ASP F 152 -78.94 62.61 -35.62
C ASP F 152 -80.44 62.55 -35.31
N MET G 1 -130.89 2.92 -31.01
CA MET G 1 -130.49 3.16 -32.39
C MET G 1 -129.31 4.12 -32.46
N GLY G 2 -129.57 5.40 -32.15
CA GLY G 2 -128.53 6.41 -32.18
C GLY G 2 -127.43 6.08 -31.17
N ASP G 3 -127.83 5.59 -29.99
CA ASP G 3 -126.82 5.28 -28.99
C ASP G 3 -125.87 4.21 -29.52
N ASP G 4 -126.40 3.17 -30.17
CA ASP G 4 -125.55 2.14 -30.73
C ASP G 4 -124.68 2.72 -31.84
N ALA G 5 -125.29 3.51 -32.71
CA ALA G 5 -124.60 4.15 -33.82
C ALA G 5 -123.60 5.18 -33.33
N ARG G 6 -124.03 5.94 -32.33
CA ARG G 6 -123.23 7.00 -31.71
C ARG G 6 -122.23 6.47 -30.67
N ILE G 7 -122.67 5.69 -29.69
CA ILE G 7 -121.83 5.12 -28.65
C ILE G 7 -120.73 4.24 -29.25
N ALA G 8 -121.05 3.55 -30.33
CA ALA G 8 -120.08 2.69 -30.99
C ALA G 8 -118.99 3.51 -31.67
N ALA G 9 -119.37 4.58 -32.35
CA ALA G 9 -118.41 5.44 -33.04
C ALA G 9 -117.47 6.07 -32.01
N ILE G 10 -118.04 6.56 -30.91
CA ILE G 10 -117.24 7.17 -29.85
C ILE G 10 -116.24 6.14 -29.31
N GLY G 11 -116.70 4.92 -29.09
CA GLY G 11 -115.82 3.87 -28.59
C GLY G 11 -114.67 3.55 -29.53
N ASP G 12 -114.95 3.46 -30.83
CA ASP G 12 -113.89 3.15 -31.80
C ASP G 12 -112.86 4.27 -31.88
N VAL G 13 -113.30 5.52 -31.74
CA VAL G 13 -112.36 6.64 -31.78
C VAL G 13 -111.48 6.54 -30.55
N ASP G 14 -112.09 6.17 -29.43
CA ASP G 14 -111.39 6.00 -28.16
C ASP G 14 -110.36 4.87 -28.30
N GLU G 15 -110.78 3.77 -28.90
CA GLU G 15 -109.88 2.62 -29.09
C GLU G 15 -108.70 3.03 -29.97
N LEU G 16 -108.98 3.78 -31.04
CA LEU G 16 -107.94 4.25 -31.94
C LEU G 16 -106.96 5.13 -31.16
N ASN G 17 -107.49 6.07 -30.40
CA ASN G 17 -106.66 6.98 -29.61
C ASN G 17 -105.76 6.20 -28.65
N SER G 18 -106.30 5.11 -28.08
CA SER G 18 -105.55 4.28 -27.16
C SER G 18 -104.44 3.54 -27.90
N GLN G 19 -104.71 3.09 -29.11
CA GLN G 19 -103.69 2.40 -29.89
C GLN G 19 -102.57 3.37 -30.22
N ILE G 20 -102.91 4.64 -30.45
CA ILE G 20 -101.90 5.64 -30.74
C ILE G 20 -101.06 5.87 -29.48
N GLY G 21 -101.70 5.74 -28.32
CA GLY G 21 -100.97 5.90 -27.06
C GLY G 21 -99.91 4.81 -26.94
N VAL G 22 -100.24 3.61 -27.43
CA VAL G 22 -99.29 2.51 -27.38
C VAL G 22 -98.12 2.80 -28.32
N LEU G 23 -98.44 3.35 -29.49
CA LEU G 23 -97.42 3.70 -30.47
C LEU G 23 -96.49 4.78 -29.88
N LEU G 24 -97.07 5.70 -29.13
CA LEU G 24 -96.29 6.78 -28.53
C LEU G 24 -95.37 6.30 -27.40
N ALA G 25 -95.54 5.07 -26.95
CA ALA G 25 -94.70 4.52 -25.89
C ALA G 25 -93.41 3.95 -26.51
N GLU G 26 -93.34 4.00 -27.83
CA GLU G 26 -92.18 3.50 -28.57
C GLU G 26 -91.24 4.64 -28.91
N PRO G 27 -89.99 4.32 -29.28
CA PRO G 27 -89.05 5.38 -29.62
C PRO G 27 -89.53 5.92 -30.98
N LEU G 28 -89.53 7.23 -31.14
CA LEU G 28 -90.01 7.84 -32.37
C LEU G 28 -89.23 9.09 -32.75
N PRO G 29 -89.29 9.47 -34.03
CA PRO G 29 -88.61 10.69 -34.48
C PRO G 29 -89.35 11.84 -33.80
N ASP G 30 -88.64 12.84 -33.32
CA ASP G 30 -89.30 13.92 -32.62
C ASP G 30 -90.50 14.53 -33.37
N ASP G 31 -90.35 14.69 -34.69
CA ASP G 31 -91.44 15.25 -35.48
C ASP G 31 -92.65 14.33 -35.48
N VAL G 32 -92.42 13.04 -35.66
CA VAL G 32 -93.51 12.06 -35.68
C VAL G 32 -94.23 12.07 -34.33
N ARG G 33 -93.46 12.13 -33.24
CA ARG G 33 -94.05 12.15 -31.90
C ARG G 33 -94.93 13.37 -31.72
N ALA G 34 -94.47 14.53 -32.19
CA ALA G 34 -95.24 15.74 -32.07
C ALA G 34 -96.57 15.65 -32.82
N ALA G 35 -96.54 15.08 -34.03
CA ALA G 35 -97.75 14.94 -34.81
C ALA G 35 -98.75 14.00 -34.12
N LEU G 36 -98.27 12.83 -33.72
CA LEU G 36 -99.13 11.86 -33.06
C LEU G 36 -99.75 12.40 -31.77
N SER G 37 -98.97 13.11 -30.95
CA SER G 37 -99.50 13.67 -29.71
C SER G 37 -100.62 14.67 -30.00
N ALA G 38 -100.42 15.52 -31.01
CA ALA G 38 -101.42 16.50 -31.39
C ALA G 38 -102.70 15.79 -31.86
N ILE G 39 -102.52 14.71 -32.62
CA ILE G 39 -103.65 13.94 -33.12
C ILE G 39 -104.47 13.39 -31.96
N GLN G 40 -103.81 12.97 -30.88
CA GLN G 40 -104.55 12.45 -29.73
C GLN G 40 -105.52 13.50 -29.21
N HIS G 41 -105.09 14.76 -29.17
CA HIS G 41 -105.97 15.83 -28.72
C HIS G 41 -107.13 15.98 -29.71
N ASP G 42 -106.80 15.90 -31.00
CA ASP G 42 -107.83 16.01 -32.04
C ASP G 42 -108.89 14.93 -31.85
N LEU G 43 -108.44 13.70 -31.62
CA LEU G 43 -109.36 12.57 -31.44
C LEU G 43 -110.22 12.75 -30.20
N PHE G 44 -109.66 13.34 -29.17
CA PHE G 44 -110.43 13.59 -27.95
C PHE G 44 -111.56 14.55 -28.30
N ASP G 45 -111.22 15.62 -29.03
CA ASP G 45 -112.23 16.58 -29.43
C ASP G 45 -113.24 15.96 -30.40
N LEU G 46 -112.76 15.11 -31.29
CA LEU G 46 -113.62 14.45 -32.27
C LEU G 46 -114.68 13.62 -31.54
N GLY G 47 -114.24 12.86 -30.53
CA GLY G 47 -115.16 12.05 -29.77
C GLY G 47 -116.21 12.91 -29.10
N GLY G 48 -115.80 14.08 -28.62
CA GLY G 48 -116.73 14.99 -27.98
C GLY G 48 -117.77 15.50 -28.95
N GLU G 49 -117.37 15.75 -30.19
CA GLU G 49 -118.31 16.23 -31.19
C GLU G 49 -119.33 15.15 -31.52
N LEU G 50 -118.88 13.91 -31.62
CA LEU G 50 -119.79 12.80 -31.90
C LEU G 50 -120.79 12.62 -30.78
N CYS G 51 -120.35 12.87 -29.56
CA CYS G 51 -121.19 12.69 -28.39
C CYS G 51 -122.24 13.77 -28.16
N ILE G 52 -121.81 15.02 -28.10
CA ILE G 52 -122.74 16.13 -27.85
C ILE G 52 -123.45 16.72 -29.05
N PRO G 53 -124.78 16.74 -28.98
CA PRO G 53 -125.64 17.31 -30.02
C PRO G 53 -125.52 18.83 -30.07
N GLY G 54 -125.41 19.37 -31.29
CA GLY G 54 -125.29 20.80 -31.45
C GLY G 54 -123.87 21.29 -31.20
N HIS G 55 -122.98 20.37 -30.88
CA HIS G 55 -121.59 20.72 -30.61
C HIS G 55 -120.64 20.24 -31.71
N ALA G 56 -119.78 21.15 -32.17
CA ALA G 56 -118.81 20.83 -33.21
C ALA G 56 -117.42 21.19 -32.71
N ALA G 57 -116.40 20.48 -33.20
CA ALA G 57 -115.03 20.74 -32.76
C ALA G 57 -114.01 20.60 -33.89
N ILE G 58 -114.28 19.72 -34.84
CA ILE G 58 -113.37 19.50 -35.96
C ILE G 58 -113.67 20.50 -37.08
N THR G 59 -112.64 21.26 -37.46
CA THR G 59 -112.77 22.29 -38.49
C THR G 59 -111.84 22.08 -39.68
N GLU G 60 -111.95 22.97 -40.67
CA GLU G 60 -111.09 22.88 -41.85
C GLU G 60 -109.64 22.92 -41.41
N ASP G 61 -109.35 23.70 -40.37
CA ASP G 61 -107.99 23.81 -39.85
C ASP G 61 -107.41 22.46 -39.46
N HIS G 62 -108.26 21.59 -38.90
CA HIS G 62 -107.82 20.26 -38.49
C HIS G 62 -107.50 19.43 -39.73
N LEU G 63 -108.37 19.52 -40.72
CA LEU G 63 -108.19 18.80 -41.98
C LEU G 63 -106.96 19.31 -42.70
N LEU G 64 -106.78 20.63 -42.72
CA LEU G 64 -105.64 21.25 -43.38
C LEU G 64 -104.32 20.77 -42.76
N ARG G 65 -104.29 20.65 -41.44
CA ARG G 65 -103.09 20.20 -40.77
C ARG G 65 -102.74 18.77 -41.15
N LEU G 66 -103.75 17.93 -41.28
CA LEU G 66 -103.53 16.54 -41.68
C LEU G 66 -103.01 16.53 -43.12
N ALA G 67 -103.64 17.32 -43.99
CA ALA G 67 -103.23 17.39 -45.39
C ALA G 67 -101.76 17.81 -45.45
N LEU G 68 -101.40 18.75 -44.59
CA LEU G 68 -100.02 19.23 -44.55
C LEU G 68 -99.05 18.15 -44.14
N TRP G 69 -99.41 17.36 -43.13
CA TRP G 69 -98.55 16.28 -42.68
C TRP G 69 -98.40 15.20 -43.74
N LEU G 70 -99.49 14.93 -44.47
CA LEU G 70 -99.44 13.93 -45.53
C LEU G 70 -98.46 14.36 -46.61
N VAL G 71 -98.62 15.59 -47.09
CA VAL G 71 -97.72 16.11 -48.12
C VAL G 71 -96.28 16.08 -47.63
N HIS G 72 -96.08 16.56 -46.40
CA HIS G 72 -94.75 16.60 -45.80
C HIS G 72 -94.03 15.25 -45.72
N TYR G 73 -94.62 14.31 -44.98
CA TYR G 73 -94.02 13.00 -44.81
C TYR G 73 -93.90 12.21 -46.09
N ASN G 74 -94.85 12.38 -46.99
CA ASN G 74 -94.81 11.67 -48.27
C ASN G 74 -93.65 12.18 -49.13
N GLY G 75 -93.40 13.49 -49.06
CA GLY G 75 -92.31 14.07 -49.83
C GLY G 75 -90.98 13.80 -49.16
N GLN G 76 -91.03 12.98 -48.11
CA GLN G 76 -89.84 12.62 -47.34
C GLN G 76 -89.58 11.13 -47.53
N LEU G 77 -90.40 10.51 -48.37
CA LEU G 77 -90.28 9.08 -48.66
C LEU G 77 -90.15 8.83 -50.15
N PRO G 78 -89.59 7.67 -50.52
CA PRO G 78 -89.45 7.34 -51.94
C PRO G 78 -90.81 6.86 -52.41
N PRO G 79 -91.08 6.92 -53.72
CA PRO G 79 -92.39 6.47 -54.24
C PRO G 79 -92.68 5.01 -53.95
N LEU G 80 -93.97 4.69 -53.80
CA LEU G 80 -94.40 3.33 -53.52
C LEU G 80 -94.11 2.46 -54.75
N GLU G 81 -93.34 1.39 -54.55
CA GLU G 81 -92.97 0.50 -55.65
C GLU G 81 -93.84 -0.74 -55.78
N GLU G 82 -94.52 -1.12 -54.70
CA GLU G 82 -95.37 -2.30 -54.70
C GLU G 82 -96.30 -2.29 -53.51
N PHE G 83 -97.29 -3.17 -53.51
CA PHE G 83 -98.22 -3.26 -52.38
C PHE G 83 -97.39 -3.58 -51.14
N ILE G 84 -97.75 -2.96 -50.02
CA ILE G 84 -97.04 -3.17 -48.78
C ILE G 84 -97.84 -4.03 -47.80
N LEU G 85 -97.15 -4.85 -47.03
CA LEU G 85 -97.79 -5.70 -46.04
C LEU G 85 -97.58 -4.99 -44.70
N PRO G 86 -98.59 -4.97 -43.83
CA PRO G 86 -98.39 -4.27 -42.57
C PRO G 86 -97.35 -4.96 -41.69
N GLY G 87 -96.28 -4.23 -41.37
CA GLY G 87 -95.23 -4.81 -40.54
C GLY G 87 -93.90 -4.09 -40.69
N GLY G 88 -92.86 -4.66 -40.12
CA GLY G 88 -91.53 -4.07 -40.19
C GLY G 88 -91.04 -3.81 -38.77
N ALA G 89 -90.48 -2.62 -38.54
CA ALA G 89 -90.01 -2.28 -37.20
C ALA G 89 -91.27 -2.27 -36.32
N ARG G 90 -91.11 -2.50 -35.02
CA ARG G 90 -92.26 -2.52 -34.14
C ARG G 90 -93.09 -1.26 -34.26
N GLY G 91 -92.42 -0.11 -34.35
CA GLY G 91 -93.14 1.14 -34.48
C GLY G 91 -94.00 1.15 -35.72
N ALA G 92 -93.44 0.73 -36.84
CA ALA G 92 -94.18 0.69 -38.10
C ALA G 92 -95.38 -0.26 -38.00
N ALA G 93 -95.17 -1.42 -37.39
CA ALA G 93 -96.23 -2.42 -37.22
C ALA G 93 -97.38 -1.85 -36.40
N LEU G 94 -97.05 -1.15 -35.32
CA LEU G 94 -98.08 -0.55 -34.47
C LEU G 94 -98.83 0.54 -35.25
N ALA G 95 -98.10 1.31 -36.04
CA ALA G 95 -98.72 2.37 -36.85
C ALA G 95 -99.76 1.74 -37.77
N HIS G 96 -99.44 0.58 -38.32
CA HIS G 96 -100.39 -0.11 -39.20
C HIS G 96 -101.61 -0.58 -38.43
N VAL G 97 -101.42 -1.00 -37.18
CA VAL G 97 -102.55 -1.41 -36.36
C VAL G 97 -103.42 -0.16 -36.14
N CYS G 98 -102.77 0.97 -35.84
CA CYS G 98 -103.51 2.21 -35.64
C CYS G 98 -104.29 2.53 -36.92
N ARG G 99 -103.64 2.33 -38.06
CA ARG G 99 -104.28 2.59 -39.35
C ARG G 99 -105.58 1.80 -39.51
N THR G 100 -105.52 0.50 -39.21
CA THR G 100 -106.70 -0.34 -39.34
C THR G 100 -107.79 -0.01 -38.33
N VAL G 101 -107.41 0.41 -37.13
CA VAL G 101 -108.40 0.75 -36.12
C VAL G 101 -109.03 2.09 -36.50
N CYS G 102 -108.26 2.96 -37.14
CA CYS G 102 -108.76 4.25 -37.59
C CYS G 102 -109.81 4.00 -38.68
N ARG G 103 -109.52 3.05 -39.57
CA ARG G 103 -110.48 2.74 -40.65
C ARG G 103 -111.75 2.15 -40.04
N ARG G 104 -111.59 1.38 -38.95
CA ARG G 104 -112.73 0.79 -38.27
C ARG G 104 -113.59 1.91 -37.69
N ALA G 105 -112.94 2.92 -37.12
CA ALA G 105 -113.66 4.07 -36.55
C ALA G 105 -114.37 4.85 -37.66
N GLU G 106 -113.71 4.94 -38.81
CA GLU G 106 -114.31 5.66 -39.93
C GLU G 106 -115.61 4.96 -40.37
N ARG G 107 -115.59 3.62 -40.39
CA ARG G 107 -116.80 2.88 -40.77
C ARG G 107 -117.94 3.19 -39.79
N SER G 108 -117.63 3.24 -38.50
CA SER G 108 -118.63 3.53 -37.48
C SER G 108 -119.13 4.97 -37.57
N ILE G 109 -118.23 5.89 -37.91
CA ILE G 109 -118.59 7.30 -38.04
C ILE G 109 -119.49 7.47 -39.26
N LYS G 110 -119.19 6.73 -40.33
CA LYS G 110 -120.00 6.79 -41.53
C LYS G 110 -121.39 6.23 -41.24
N ALA G 111 -121.45 5.14 -40.48
CA ALA G 111 -122.74 4.54 -40.11
C ALA G 111 -123.56 5.53 -39.28
N LEU G 112 -122.89 6.21 -38.36
CA LEU G 112 -123.56 7.18 -37.50
C LEU G 112 -124.17 8.32 -38.33
N GLY G 113 -123.38 8.85 -39.26
CA GLY G 113 -123.86 9.93 -40.10
C GLY G 113 -125.03 9.53 -40.98
N ALA G 114 -125.21 8.22 -41.18
CA ALA G 114 -126.30 7.75 -42.00
C ALA G 114 -127.63 7.69 -41.23
N SER G 115 -127.55 7.64 -39.90
CA SER G 115 -128.76 7.56 -39.09
C SER G 115 -129.03 8.82 -38.27
N GLU G 116 -128.10 9.77 -38.32
CA GLU G 116 -128.24 11.02 -37.57
C GLU G 116 -127.52 12.16 -38.26
N PRO G 117 -128.03 13.40 -38.10
CA PRO G 117 -127.38 14.54 -38.73
C PRO G 117 -126.00 14.71 -38.09
N LEU G 118 -124.97 14.75 -38.94
CA LEU G 118 -123.61 14.89 -38.45
C LEU G 118 -122.81 15.70 -39.47
N ASN G 119 -121.89 16.53 -38.99
CA ASN G 119 -121.07 17.32 -39.89
C ASN G 119 -120.16 16.35 -40.63
N ILE G 120 -119.62 16.77 -41.77
CA ILE G 120 -118.76 15.92 -42.57
C ILE G 120 -117.31 15.87 -42.06
N ALA G 121 -116.92 16.87 -41.28
CA ALA G 121 -115.55 16.94 -40.77
C ALA G 121 -115.02 15.68 -40.07
N PRO G 122 -115.83 15.08 -39.17
CA PRO G 122 -115.33 13.87 -38.50
C PRO G 122 -114.87 12.74 -39.43
N ALA G 123 -115.71 12.36 -40.40
CA ALA G 123 -115.30 11.30 -41.30
C ALA G 123 -114.14 11.73 -42.20
N ALA G 124 -114.12 13.00 -42.59
CA ALA G 124 -113.04 13.50 -43.44
C ALA G 124 -111.74 13.50 -42.65
N TYR G 125 -111.83 13.73 -41.34
CA TYR G 125 -110.64 13.72 -40.49
C TYR G 125 -110.02 12.33 -40.42
N VAL G 126 -110.82 11.34 -40.08
CA VAL G 126 -110.30 9.97 -39.97
C VAL G 126 -109.93 9.37 -41.32
N ASN G 127 -110.54 9.88 -42.39
CA ASN G 127 -110.23 9.39 -43.74
C ASN G 127 -108.76 9.79 -43.99
N LEU G 128 -108.43 11.04 -43.67
CA LEU G 128 -107.07 11.52 -43.84
C LEU G 128 -106.12 10.85 -42.86
N LEU G 129 -106.56 10.67 -41.62
CA LEU G 129 -105.73 10.07 -40.60
C LEU G 129 -105.29 8.64 -40.96
N SER G 130 -106.18 7.87 -41.55
CA SER G 130 -105.86 6.50 -41.96
C SER G 130 -104.70 6.57 -42.96
N ASP G 131 -104.81 7.47 -43.93
CA ASP G 131 -103.76 7.62 -44.94
C ASP G 131 -102.45 8.07 -44.29
N LEU G 132 -102.53 8.99 -43.32
CA LEU G 132 -101.35 9.49 -42.65
C LEU G 132 -100.66 8.40 -41.82
N LEU G 133 -101.44 7.55 -41.17
CA LEU G 133 -100.85 6.47 -40.37
C LEU G 133 -100.11 5.50 -41.28
N PHE G 134 -100.61 5.33 -42.50
CA PHE G 134 -99.95 4.45 -43.47
C PHE G 134 -98.59 5.06 -43.81
N VAL G 135 -98.60 6.36 -44.06
CA VAL G 135 -97.38 7.10 -44.40
C VAL G 135 -96.39 7.08 -43.24
N LEU G 136 -96.90 7.33 -42.04
CA LEU G 136 -96.03 7.33 -40.86
C LEU G 136 -95.40 5.96 -40.62
N ALA G 137 -96.11 4.90 -40.99
CA ALA G 137 -95.56 3.56 -40.83
C ALA G 137 -94.31 3.44 -41.71
N ARG G 138 -94.41 3.95 -42.94
CA ARG G 138 -93.28 3.91 -43.85
C ARG G 138 -92.12 4.75 -43.31
N VAL G 139 -92.45 5.89 -42.73
CA VAL G 139 -91.44 6.77 -42.15
C VAL G 139 -90.71 6.07 -41.01
N LEU G 140 -91.46 5.34 -40.18
CA LEU G 140 -90.86 4.63 -39.06
C LEU G 140 -89.99 3.47 -39.50
N ASN G 141 -90.35 2.79 -40.59
CA ASN G 141 -89.52 1.69 -41.07
C ASN G 141 -88.22 2.32 -41.56
N ARG G 142 -88.36 3.46 -42.25
CA ARG G 142 -87.22 4.19 -42.78
C ARG G 142 -86.32 4.63 -41.62
N ALA G 143 -86.92 5.27 -40.62
CA ALA G 143 -86.18 5.75 -39.47
C ALA G 143 -85.50 4.64 -38.69
N ALA G 144 -86.01 3.41 -38.82
CA ALA G 144 -85.43 2.28 -38.12
C ALA G 144 -84.29 1.68 -38.94
N GLY G 145 -84.03 2.27 -40.11
CA GLY G 145 -82.97 1.77 -40.96
C GLY G 145 -83.43 0.58 -41.78
N GLY G 146 -84.71 0.23 -41.64
CA GLY G 146 -85.25 -0.90 -42.38
C GLY G 146 -86.06 -0.45 -43.58
N ALA G 147 -86.86 -1.36 -44.12
CA ALA G 147 -87.70 -1.06 -45.27
C ALA G 147 -89.09 -1.67 -45.11
N ASP G 148 -90.03 -1.22 -45.93
CA ASP G 148 -91.40 -1.75 -45.87
C ASP G 148 -91.42 -3.20 -46.30
N VAL G 149 -92.39 -3.95 -45.78
CA VAL G 149 -92.55 -5.36 -46.14
C VAL G 149 -93.36 -5.42 -47.44
N LEU G 150 -92.81 -6.05 -48.46
CA LEU G 150 -93.50 -6.12 -49.75
C LEU G 150 -94.21 -7.44 -49.95
N TRP G 151 -95.20 -7.48 -50.84
CA TRP G 151 -95.92 -8.73 -51.06
C TRP G 151 -95.41 -9.44 -52.31
N ASP G 152 -95.90 -10.65 -52.53
CA ASP G 152 -95.49 -11.43 -53.69
C ASP G 152 -95.85 -10.72 -55.00
N MET H 1 -87.03 -84.58 -56.27
CA MET H 1 -87.55 -83.47 -57.07
C MET H 1 -87.68 -82.20 -56.24
N GLY H 2 -88.66 -82.20 -55.34
CA GLY H 2 -88.90 -81.04 -54.48
C GLY H 2 -87.67 -80.78 -53.60
N ASP H 3 -87.05 -81.84 -53.09
CA ASP H 3 -85.90 -81.63 -52.24
C ASP H 3 -84.80 -80.91 -53.00
N ASP H 4 -84.55 -81.31 -54.25
CA ASP H 4 -83.54 -80.64 -55.04
C ASP H 4 -83.96 -79.19 -55.32
N ALA H 5 -85.21 -79.02 -55.70
CA ALA H 5 -85.77 -77.70 -55.98
C ALA H 5 -85.84 -76.84 -54.73
N ARG H 6 -86.24 -77.48 -53.63
CA ARG H 6 -86.39 -76.83 -52.33
C ARG H 6 -85.07 -76.71 -51.57
N ILE H 7 -84.32 -77.80 -51.39
CA ILE H 7 -83.05 -77.82 -50.69
C ILE H 7 -82.04 -76.88 -51.37
N ALA H 8 -82.11 -76.79 -52.69
CA ALA H 8 -81.20 -75.91 -53.43
C ALA H 8 -81.51 -74.45 -53.18
N ALA H 9 -82.80 -74.09 -53.18
CA ALA H 9 -83.21 -72.72 -52.94
C ALA H 9 -82.80 -72.30 -51.53
N ILE H 10 -83.03 -73.17 -50.56
CA ILE H 10 -82.66 -72.90 -49.17
C ILE H 10 -81.16 -72.66 -49.09
N GLY H 11 -80.38 -73.51 -49.76
CA GLY H 11 -78.93 -73.36 -49.74
C GLY H 11 -78.45 -72.05 -50.34
N ASP H 12 -79.04 -71.63 -51.45
CA ASP H 12 -78.64 -70.38 -52.08
C ASP H 12 -78.97 -69.17 -51.22
N VAL H 13 -80.10 -69.23 -50.50
CA VAL H 13 -80.47 -68.12 -49.62
C VAL H 13 -79.46 -68.07 -48.50
N ASP H 14 -79.05 -69.25 -48.03
CA ASP H 14 -78.06 -69.38 -46.96
C ASP H 14 -76.72 -68.81 -47.44
N GLU H 15 -76.34 -69.16 -48.67
CA GLU H 15 -75.08 -68.68 -49.23
C GLU H 15 -75.11 -67.15 -49.35
N LEU H 16 -76.24 -66.61 -49.80
CA LEU H 16 -76.42 -65.16 -49.92
C LEU H 16 -76.26 -64.52 -48.55
N ASN H 17 -76.96 -65.07 -47.56
CA ASN H 17 -76.90 -64.53 -46.20
C ASN H 17 -75.47 -64.53 -45.68
N SER H 18 -74.71 -65.57 -46.03
CA SER H 18 -73.33 -65.66 -45.60
C SER H 18 -72.47 -64.61 -46.30
N GLN H 19 -72.75 -64.34 -47.56
CA GLN H 19 -71.99 -63.33 -48.28
C GLN H 19 -72.27 -61.96 -47.67
N ILE H 20 -73.49 -61.76 -47.18
CA ILE H 20 -73.85 -60.50 -46.56
C ILE H 20 -73.09 -60.40 -45.23
N GLY H 21 -72.87 -61.54 -44.58
CA GLY H 21 -72.12 -61.56 -43.34
C GLY H 21 -70.69 -61.08 -43.58
N VAL H 22 -70.15 -61.45 -44.74
CA VAL H 22 -68.79 -61.03 -45.10
C VAL H 22 -68.77 -59.52 -45.32
N LEU H 23 -69.82 -59.01 -45.99
CA LEU H 23 -69.93 -57.58 -46.25
C LEU H 23 -70.03 -56.82 -44.93
N LEU H 24 -70.73 -57.40 -43.96
CA LEU H 24 -70.92 -56.77 -42.66
C LEU H 24 -69.64 -56.73 -41.82
N ALA H 25 -68.62 -57.46 -42.24
CA ALA H 25 -67.34 -57.48 -41.53
C ALA H 25 -66.48 -56.30 -41.98
N GLU H 26 -66.99 -55.55 -42.94
CA GLU H 26 -66.30 -54.39 -43.49
C GLU H 26 -66.80 -53.12 -42.82
N PRO H 27 -66.05 -52.01 -42.95
CA PRO H 27 -66.50 -50.76 -42.33
C PRO H 27 -67.68 -50.30 -43.18
N LEU H 28 -68.75 -49.84 -42.55
CA LEU H 28 -69.95 -49.40 -43.27
C LEU H 28 -70.63 -48.22 -42.61
N PRO H 29 -71.45 -47.51 -43.38
CA PRO H 29 -72.19 -46.38 -42.84
C PRO H 29 -73.18 -46.98 -41.86
N ASP H 30 -73.38 -46.36 -40.70
CA ASP H 30 -74.28 -46.94 -39.72
C ASP H 30 -75.64 -47.33 -40.27
N ASP H 31 -76.21 -46.50 -41.15
CA ASP H 31 -77.51 -46.80 -41.71
C ASP H 31 -77.46 -48.06 -42.59
N VAL H 32 -76.42 -48.15 -43.41
CA VAL H 32 -76.26 -49.32 -44.29
C VAL H 32 -76.12 -50.59 -43.45
N ARG H 33 -75.32 -50.51 -42.38
CA ARG H 33 -75.13 -51.65 -41.50
C ARG H 33 -76.46 -52.11 -40.89
N ALA H 34 -77.26 -51.15 -40.46
CA ALA H 34 -78.54 -51.48 -39.86
C ALA H 34 -79.46 -52.20 -40.86
N ALA H 35 -79.48 -51.72 -42.10
CA ALA H 35 -80.32 -52.34 -43.11
C ALA H 35 -79.86 -53.77 -43.40
N LEU H 36 -78.57 -53.94 -43.66
CA LEU H 36 -78.01 -55.26 -43.94
C LEU H 36 -78.25 -56.26 -42.81
N SER H 37 -78.06 -55.83 -41.56
CA SER H 37 -78.28 -56.73 -40.43
C SER H 37 -79.73 -57.20 -40.37
N ALA H 38 -80.65 -56.27 -40.60
CA ALA H 38 -82.08 -56.60 -40.58
C ALA H 38 -82.38 -57.59 -41.71
N ILE H 39 -81.78 -57.37 -42.87
CA ILE H 39 -81.98 -58.26 -44.01
C ILE H 39 -81.54 -59.69 -43.67
N GLN H 40 -80.45 -59.83 -42.91
CA GLN H 40 -79.99 -61.16 -42.53
C GLN H 40 -81.09 -61.91 -41.79
N HIS H 41 -81.80 -61.21 -40.91
CA HIS H 41 -82.90 -61.84 -40.18
C HIS H 41 -84.01 -62.21 -41.16
N ASP H 42 -84.28 -61.33 -42.10
CA ASP H 42 -85.31 -61.58 -43.11
C ASP H 42 -84.97 -62.85 -43.89
N LEU H 43 -83.71 -62.96 -44.32
CA LEU H 43 -83.28 -64.13 -45.08
C LEU H 43 -83.36 -65.41 -44.27
N PHE H 44 -83.12 -65.32 -42.97
CA PHE H 44 -83.22 -66.50 -42.12
C PHE H 44 -84.68 -66.94 -42.14
N ASP H 45 -85.60 -65.99 -41.97
CA ASP H 45 -87.02 -66.31 -41.99
C ASP H 45 -87.46 -66.81 -43.37
N LEU H 46 -86.90 -66.22 -44.42
CA LEU H 46 -87.24 -66.61 -45.78
C LEU H 46 -86.89 -68.08 -46.00
N GLY H 47 -85.68 -68.45 -45.56
CA GLY H 47 -85.24 -69.83 -45.70
C GLY H 47 -86.18 -70.77 -44.97
N GLY H 48 -86.67 -70.34 -43.80
CA GLY H 48 -87.59 -71.15 -43.04
C GLY H 48 -88.91 -71.36 -43.77
N GLU H 49 -89.36 -70.32 -44.46
CA GLU H 49 -90.62 -70.41 -45.21
C GLU H 49 -90.46 -71.40 -46.36
N LEU H 50 -89.32 -71.34 -47.05
CA LEU H 50 -89.07 -72.25 -48.16
C LEU H 50 -89.02 -73.69 -47.67
N CYS H 51 -88.49 -73.89 -46.47
CA CYS H 51 -88.34 -75.21 -45.92
C CYS H 51 -89.63 -75.87 -45.41
N ILE H 52 -90.32 -75.19 -44.50
CA ILE H 52 -91.54 -75.74 -43.91
C ILE H 52 -92.84 -75.52 -44.69
N PRO H 53 -93.52 -76.64 -44.99
CA PRO H 53 -94.80 -76.62 -45.69
C PRO H 53 -95.92 -76.05 -44.81
N GLY H 54 -96.74 -75.19 -45.39
CA GLY H 54 -97.83 -74.59 -44.65
C GLY H 54 -97.36 -73.43 -43.78
N HIS H 55 -96.08 -73.14 -43.84
CA HIS H 55 -95.50 -72.05 -43.04
C HIS H 55 -95.08 -70.86 -43.90
N ALA H 56 -95.50 -69.67 -43.50
CA ALA H 56 -95.16 -68.44 -44.22
C ALA H 56 -94.50 -67.46 -43.24
N ALA H 57 -93.63 -66.60 -43.75
CA ALA H 57 -92.94 -65.65 -42.89
C ALA H 57 -92.74 -64.29 -43.55
N ILE H 58 -92.58 -64.28 -44.86
CA ILE H 58 -92.39 -63.03 -45.60
C ILE H 58 -93.74 -62.41 -45.95
N THR H 59 -93.92 -61.16 -45.53
CA THR H 59 -95.17 -60.44 -45.75
C THR H 59 -95.00 -59.14 -46.52
N GLU H 60 -96.11 -58.46 -46.79
CA GLU H 60 -96.06 -57.19 -47.51
C GLU H 60 -95.15 -56.23 -46.76
N ASP H 61 -95.19 -56.30 -45.43
CA ASP H 61 -94.36 -55.43 -44.59
C ASP H 61 -92.88 -55.56 -44.93
N HIS H 62 -92.44 -56.79 -45.23
CA HIS H 62 -91.05 -57.03 -45.58
C HIS H 62 -90.74 -56.38 -46.92
N LEU H 63 -91.65 -56.55 -47.87
CA LEU H 63 -91.50 -55.98 -49.20
C LEU H 63 -91.51 -54.46 -49.12
N LEU H 64 -92.43 -53.93 -48.31
CA LEU H 64 -92.55 -52.48 -48.15
C LEU H 64 -91.27 -51.87 -47.60
N ARG H 65 -90.66 -52.55 -46.64
CA ARG H 65 -89.41 -52.06 -46.05
C ARG H 65 -88.31 -52.00 -47.10
N LEU H 66 -88.24 -53.00 -47.96
CA LEU H 66 -87.23 -53.02 -49.02
C LEU H 66 -87.51 -51.87 -49.98
N ALA H 67 -88.78 -51.71 -50.36
CA ALA H 67 -89.17 -50.64 -51.27
C ALA H 67 -88.75 -49.30 -50.68
N LEU H 68 -88.92 -49.16 -49.37
CA LEU H 68 -88.56 -47.93 -48.68
C LEU H 68 -87.07 -47.68 -48.74
N TRP H 69 -86.27 -48.72 -48.53
CA TRP H 69 -84.82 -48.56 -48.57
C TRP H 69 -84.35 -48.21 -49.98
N LEU H 70 -84.99 -48.80 -50.99
CA LEU H 70 -84.63 -48.51 -52.37
C LEU H 70 -84.86 -47.04 -52.66
N VAL H 71 -86.06 -46.56 -52.38
CA VAL H 71 -86.40 -45.16 -52.61
C VAL H 71 -85.42 -44.26 -51.85
N HIS H 72 -85.20 -44.59 -50.58
CA HIS H 72 -84.30 -43.80 -49.73
C HIS H 72 -82.87 -43.66 -50.26
N TYR H 73 -82.18 -44.80 -50.40
CA TYR H 73 -80.81 -44.77 -50.87
C TYR H 73 -80.64 -44.25 -52.29
N ASN H 74 -81.63 -44.51 -53.14
CA ASN H 74 -81.56 -44.03 -54.51
C ASN H 74 -81.68 -42.51 -54.55
N GLY H 75 -82.50 -41.96 -53.68
CA GLY H 75 -82.68 -40.52 -53.63
C GLY H 75 -81.52 -39.87 -52.91
N GLN H 76 -80.52 -40.68 -52.59
CA GLN H 76 -79.33 -40.23 -51.88
C GLN H 76 -78.13 -40.34 -52.84
N LEU H 77 -78.41 -40.76 -54.07
CA LEU H 77 -77.38 -40.94 -55.08
C LEU H 77 -77.70 -40.15 -56.34
N PRO H 78 -76.68 -39.84 -57.14
CA PRO H 78 -76.92 -39.10 -58.38
C PRO H 78 -77.45 -40.11 -59.40
N PRO H 79 -78.14 -39.63 -60.44
CA PRO H 79 -78.69 -40.54 -61.45
C PRO H 79 -77.62 -41.36 -62.16
N LEU H 80 -77.99 -42.57 -62.59
CA LEU H 80 -77.07 -43.47 -63.28
C LEU H 80 -76.74 -42.86 -64.64
N GLU H 81 -75.45 -42.65 -64.91
CA GLU H 81 -75.02 -42.05 -66.17
C GLU H 81 -74.59 -43.05 -67.23
N GLU H 82 -74.24 -44.26 -66.81
CA GLU H 82 -73.78 -45.29 -67.75
C GLU H 82 -73.81 -46.66 -67.07
N PHE H 83 -73.66 -47.72 -67.85
CA PHE H 83 -73.64 -49.07 -67.30
C PHE H 83 -72.48 -49.13 -66.30
N ILE H 84 -72.70 -49.80 -65.18
CA ILE H 84 -71.67 -49.92 -64.16
C ILE H 84 -71.07 -51.32 -64.14
N LEU H 85 -69.77 -51.40 -63.83
CA LEU H 85 -69.09 -52.68 -63.74
C LEU H 85 -68.99 -52.98 -62.25
N PRO H 86 -69.19 -54.23 -61.86
CA PRO H 86 -69.13 -54.51 -60.42
C PRO H 86 -67.72 -54.33 -59.86
N GLY H 87 -67.58 -53.41 -58.92
CA GLY H 87 -66.27 -53.16 -58.33
C GLY H 87 -66.18 -51.79 -57.66
N GLY H 88 -64.97 -51.41 -57.26
CA GLY H 88 -64.76 -50.14 -56.61
C GLY H 88 -64.16 -50.38 -55.24
N ALA H 89 -64.67 -49.70 -54.21
CA ALA H 89 -64.16 -49.91 -52.86
C ALA H 89 -64.48 -51.37 -52.53
N ARG H 90 -63.71 -51.97 -51.63
CA ARG H 90 -63.94 -53.36 -51.28
C ARG H 90 -65.39 -53.60 -50.86
N GLY H 91 -65.95 -52.68 -50.08
CA GLY H 91 -67.32 -52.82 -49.64
C GLY H 91 -68.26 -52.89 -50.82
N ALA H 92 -68.09 -51.98 -51.77
CA ALA H 92 -68.93 -51.95 -52.96
C ALA H 92 -68.80 -53.25 -53.76
N ALA H 93 -67.56 -53.72 -53.92
CA ALA H 93 -67.31 -54.95 -54.66
C ALA H 93 -68.02 -56.15 -54.02
N LEU H 94 -67.96 -56.23 -52.69
CA LEU H 94 -68.62 -57.31 -51.97
C LEU H 94 -70.14 -57.21 -52.13
N ALA H 95 -70.65 -55.98 -52.09
CA ALA H 95 -72.08 -55.77 -52.26
C ALA H 95 -72.52 -56.31 -53.62
N HIS H 96 -71.69 -56.13 -54.63
CA HIS H 96 -72.00 -56.63 -55.97
C HIS H 96 -71.98 -58.16 -55.98
N VAL H 97 -71.07 -58.76 -55.21
CA VAL H 97 -71.05 -60.21 -55.14
C VAL H 97 -72.35 -60.66 -54.48
N CYS H 98 -72.75 -59.95 -53.43
CA CYS H 98 -74.00 -60.31 -52.74
C CYS H 98 -75.15 -60.19 -53.74
N ARG H 99 -75.11 -59.14 -54.56
CA ARG H 99 -76.14 -58.91 -55.56
C ARG H 99 -76.28 -60.11 -56.50
N THR H 100 -75.15 -60.59 -57.01
CA THR H 100 -75.19 -61.72 -57.94
C THR H 100 -75.60 -63.03 -57.26
N VAL H 101 -75.25 -63.21 -56.00
CA VAL H 101 -75.64 -64.43 -55.29
C VAL H 101 -77.14 -64.36 -54.98
N CYS H 102 -77.63 -63.14 -54.75
CA CYS H 102 -79.05 -62.95 -54.48
C CYS H 102 -79.84 -63.30 -55.75
N ARG H 103 -79.32 -62.90 -56.90
CA ARG H 103 -79.99 -63.21 -58.16
C ARG H 103 -79.97 -64.71 -58.39
N ARG H 104 -78.90 -65.37 -57.97
CA ARG H 104 -78.77 -66.82 -58.10
C ARG H 104 -79.85 -67.48 -57.24
N ALA H 105 -80.05 -66.95 -56.04
CA ALA H 105 -81.05 -67.49 -55.12
C ALA H 105 -82.45 -67.26 -55.71
N GLU H 106 -82.64 -66.12 -56.36
CA GLU H 106 -83.93 -65.82 -56.97
C GLU H 106 -84.25 -66.85 -58.06
N ARG H 107 -83.24 -67.22 -58.85
CA ARG H 107 -83.45 -68.21 -59.90
C ARG H 107 -83.90 -69.54 -59.29
N SER H 108 -83.27 -69.94 -58.19
CA SER H 108 -83.62 -71.19 -57.51
C SER H 108 -85.00 -71.11 -56.87
N ILE H 109 -85.36 -69.96 -56.35
CA ILE H 109 -86.67 -69.76 -55.73
C ILE H 109 -87.75 -69.82 -56.82
N LYS H 110 -87.45 -69.24 -57.98
CA LYS H 110 -88.39 -69.27 -59.09
C LYS H 110 -88.57 -70.70 -59.56
N ALA H 111 -87.48 -71.45 -59.64
CA ALA H 111 -87.55 -72.85 -60.06
C ALA H 111 -88.41 -73.66 -59.08
N LEU H 112 -88.22 -73.39 -57.79
CA LEU H 112 -88.98 -74.09 -56.75
C LEU H 112 -90.46 -73.82 -56.89
N GLY H 113 -90.83 -72.55 -57.08
CA GLY H 113 -92.23 -72.19 -57.22
C GLY H 113 -92.88 -72.81 -58.44
N ALA H 114 -92.05 -73.23 -59.40
CA ALA H 114 -92.58 -73.84 -60.62
C ALA H 114 -92.93 -75.31 -60.42
N SER H 115 -92.34 -75.95 -59.41
CA SER H 115 -92.59 -77.36 -59.16
C SER H 115 -93.37 -77.62 -57.87
N GLU H 116 -93.62 -76.58 -57.10
CA GLU H 116 -94.35 -76.71 -55.84
C GLU H 116 -95.11 -75.44 -55.51
N PRO H 117 -96.24 -75.56 -54.79
CA PRO H 117 -97.02 -74.38 -54.44
C PRO H 117 -96.19 -73.55 -53.48
N LEU H 118 -96.01 -72.27 -53.82
CA LEU H 118 -95.20 -71.38 -52.99
C LEU H 118 -95.80 -69.98 -53.08
N ASN H 119 -95.77 -69.24 -51.98
CA ASN H 119 -96.29 -67.88 -52.00
C ASN H 119 -95.36 -67.05 -52.86
N ILE H 120 -95.85 -65.91 -53.34
CA ILE H 120 -95.06 -65.06 -54.21
C ILE H 120 -94.07 -64.16 -53.46
N ALA H 121 -94.31 -63.95 -52.17
CA ALA H 121 -93.46 -63.09 -51.37
C ALA H 121 -91.96 -63.39 -51.43
N PRO H 122 -91.56 -64.67 -51.30
CA PRO H 122 -90.13 -64.97 -51.35
C PRO H 122 -89.41 -64.45 -52.60
N ALA H 123 -89.93 -64.75 -53.79
CA ALA H 123 -89.26 -64.26 -55.00
C ALA H 123 -89.33 -62.73 -55.11
N ALA H 124 -90.44 -62.15 -54.67
CA ALA H 124 -90.58 -60.70 -54.73
C ALA H 124 -89.59 -60.05 -53.77
N TYR H 125 -89.30 -60.72 -52.67
CA TYR H 125 -88.35 -60.20 -51.69
C TYR H 125 -86.95 -60.14 -52.28
N VAL H 126 -86.47 -61.26 -52.81
CA VAL H 126 -85.13 -61.29 -53.38
C VAL H 126 -85.00 -60.49 -54.68
N ASN H 127 -86.13 -60.26 -55.36
CA ASN H 127 -86.12 -59.47 -56.58
C ASN H 127 -85.75 -58.05 -56.15
N LEU H 128 -86.40 -57.58 -55.09
CA LEU H 128 -86.12 -56.26 -54.56
C LEU H 128 -84.73 -56.17 -53.94
N LEU H 129 -84.35 -57.23 -53.21
CA LEU H 129 -83.05 -57.26 -52.56
C LEU H 129 -81.89 -57.12 -53.54
N SER H 130 -82.00 -57.78 -54.70
CA SER H 130 -80.95 -57.70 -55.71
C SER H 130 -80.78 -56.23 -56.13
N ASP H 131 -81.90 -55.57 -56.37
CA ASP H 131 -81.86 -54.16 -56.77
C ASP H 131 -81.28 -53.30 -55.65
N LEU H 132 -81.64 -53.60 -54.41
CA LEU H 132 -81.12 -52.83 -53.27
C LEU H 132 -79.62 -53.01 -53.09
N LEU H 133 -79.12 -54.23 -53.30
CA LEU H 133 -77.70 -54.48 -53.15
C LEU H 133 -76.93 -53.70 -54.21
N PHE H 134 -77.53 -53.53 -55.38
CA PHE H 134 -76.91 -52.77 -56.46
C PHE H 134 -76.79 -51.32 -55.99
N VAL H 135 -77.88 -50.81 -55.42
CA VAL H 135 -77.94 -49.44 -54.92
C VAL H 135 -76.95 -49.23 -53.78
N LEU H 136 -76.92 -50.18 -52.84
CA LEU H 136 -76.01 -50.08 -51.71
C LEU H 136 -74.56 -50.10 -52.16
N ALA H 137 -74.26 -50.80 -53.25
CA ALA H 137 -72.90 -50.83 -53.76
C ALA H 137 -72.51 -49.40 -54.16
N ARG H 138 -73.41 -48.71 -54.82
CA ARG H 138 -73.15 -47.33 -55.24
C ARG H 138 -72.98 -46.44 -54.02
N VAL H 139 -73.78 -46.66 -52.99
CA VAL H 139 -73.70 -45.88 -51.76
C VAL H 139 -72.33 -46.08 -51.11
N LEU H 140 -71.86 -47.33 -51.11
CA LEU H 140 -70.57 -47.63 -50.50
C LEU H 140 -69.39 -47.03 -51.26
N ASN H 141 -69.50 -46.97 -52.59
CA ASN H 141 -68.43 -46.37 -53.37
C ASN H 141 -68.41 -44.89 -53.03
N ARG H 142 -69.61 -44.32 -52.93
CA ARG H 142 -69.80 -42.91 -52.60
C ARG H 142 -69.20 -42.64 -51.21
N ALA H 143 -69.60 -43.44 -50.24
CA ALA H 143 -69.13 -43.30 -48.87
C ALA H 143 -67.62 -43.47 -48.73
N ALA H 144 -67.02 -44.18 -49.69
CA ALA H 144 -65.58 -44.40 -49.66
C ALA H 144 -64.85 -43.24 -50.33
N GLY H 145 -65.61 -42.26 -50.79
CA GLY H 145 -65.02 -41.11 -51.46
C GLY H 145 -64.67 -41.41 -52.90
N GLY H 146 -65.01 -42.62 -53.35
CA GLY H 146 -64.74 -43.01 -54.71
C GLY H 146 -65.98 -42.92 -55.59
N ALA H 147 -65.92 -43.56 -56.76
CA ALA H 147 -67.03 -43.56 -57.70
C ALA H 147 -67.23 -44.94 -58.31
N ASP H 148 -68.38 -45.16 -58.92
CA ASP H 148 -68.67 -46.44 -59.56
C ASP H 148 -67.75 -46.67 -60.76
N VAL H 149 -67.48 -47.94 -61.06
CA VAL H 149 -66.64 -48.28 -62.19
C VAL H 149 -67.52 -48.29 -63.44
N LEU H 150 -67.16 -47.52 -64.45
CA LEU H 150 -67.97 -47.42 -65.66
C LEU H 150 -67.42 -48.30 -66.77
N TRP H 151 -68.26 -48.65 -67.75
CA TRP H 151 -67.77 -49.48 -68.84
C TRP H 151 -67.46 -48.63 -70.07
N ASP H 152 -66.88 -49.28 -71.08
CA ASP H 152 -66.52 -48.59 -72.32
C ASP H 152 -67.75 -47.99 -72.98
N MET I 1 -6.81 -62.72 -113.58
CA MET I 1 -8.22 -62.38 -113.73
C MET I 1 -8.96 -62.52 -112.40
N GLY I 2 -9.15 -63.76 -111.96
CA GLY I 2 -9.84 -64.02 -110.71
C GLY I 2 -9.08 -63.42 -109.54
N ASP I 3 -7.75 -63.51 -109.57
CA ASP I 3 -6.99 -62.96 -108.47
C ASP I 3 -7.23 -61.47 -108.35
N ASP I 4 -7.24 -60.76 -109.47
CA ASP I 4 -7.51 -59.32 -109.43
C ASP I 4 -8.94 -59.06 -108.95
N ALA I 5 -9.88 -59.83 -109.49
CA ALA I 5 -11.29 -59.71 -109.12
C ALA I 5 -11.52 -60.15 -107.68
N ARG I 6 -10.85 -61.22 -107.30
CA ARG I 6 -10.95 -61.81 -105.97
C ARG I 6 -10.06 -61.10 -104.94
N ILE I 7 -8.76 -60.94 -105.21
CA ILE I 7 -7.81 -60.28 -104.32
C ILE I 7 -8.23 -58.83 -104.04
N ALA I 8 -8.83 -58.18 -105.03
CA ALA I 8 -9.28 -56.81 -104.87
C ALA I 8 -10.48 -56.72 -103.93
N ALA I 9 -11.42 -57.64 -104.08
CA ALA I 9 -12.61 -57.66 -103.24
C ALA I 9 -12.19 -57.92 -101.79
N ILE I 10 -11.30 -58.89 -101.59
CA ILE I 10 -10.80 -59.22 -100.26
C ILE I 10 -10.16 -57.98 -99.63
N GLY I 11 -9.34 -57.29 -100.42
CA GLY I 11 -8.68 -56.09 -99.92
C GLY I 11 -9.63 -54.98 -99.52
N ASP I 12 -10.68 -54.75 -100.31
CA ASP I 12 -11.65 -53.71 -99.98
C ASP I 12 -12.44 -54.05 -98.71
N VAL I 13 -12.73 -55.33 -98.50
CA VAL I 13 -13.46 -55.74 -97.31
C VAL I 13 -12.54 -55.48 -96.12
N ASP I 14 -11.25 -55.77 -96.30
CA ASP I 14 -10.23 -55.57 -95.28
C ASP I 14 -10.13 -54.07 -94.96
N GLU I 15 -10.11 -53.25 -96.00
CA GLU I 15 -10.02 -51.80 -95.81
C GLU I 15 -11.25 -51.28 -95.05
N LEU I 16 -12.42 -51.79 -95.41
CA LEU I 16 -13.66 -51.42 -94.74
C LEU I 16 -13.57 -51.79 -93.27
N ASN I 17 -13.16 -53.03 -93.00
CA ASN I 17 -13.05 -53.52 -91.63
C ASN I 17 -12.09 -52.63 -90.82
N SER I 18 -11.02 -52.17 -91.47
CA SER I 18 -10.05 -51.31 -90.81
C SER I 18 -10.65 -49.94 -90.52
N GLN I 19 -11.47 -49.43 -91.43
CA GLN I 19 -12.10 -48.14 -91.20
C GLN I 19 -13.07 -48.27 -90.03
N ILE I 20 -13.70 -49.42 -89.88
CA ILE I 20 -14.62 -49.63 -88.76
C ILE I 20 -13.81 -49.68 -87.47
N GLY I 21 -12.58 -50.18 -87.56
CA GLY I 21 -11.71 -50.22 -86.39
C GLY I 21 -11.42 -48.81 -85.92
N VAL I 22 -11.27 -47.89 -86.87
CA VAL I 22 -10.99 -46.50 -86.54
C VAL I 22 -12.22 -45.89 -85.86
N LEU I 23 -13.40 -46.23 -86.37
CA LEU I 23 -14.65 -45.73 -85.81
C LEU I 23 -14.81 -46.26 -84.37
N LEU I 24 -14.38 -47.50 -84.15
CA LEU I 24 -14.49 -48.11 -82.83
C LEU I 24 -13.53 -47.50 -81.80
N ALA I 25 -12.58 -46.70 -82.27
CA ALA I 25 -11.62 -46.06 -81.35
C ALA I 25 -12.23 -44.77 -80.81
N GLU I 26 -13.43 -44.45 -81.28
CA GLU I 26 -14.15 -43.25 -80.83
C GLU I 26 -15.15 -43.60 -79.75
N PRO I 27 -15.63 -42.58 -79.01
CA PRO I 27 -16.60 -42.86 -77.96
C PRO I 27 -17.90 -43.23 -78.68
N LEU I 28 -18.58 -44.27 -78.23
CA LEU I 28 -19.81 -44.72 -78.87
C LEU I 28 -20.84 -45.23 -77.88
N PRO I 29 -22.10 -45.26 -78.30
CA PRO I 29 -23.17 -45.78 -77.46
C PRO I 29 -22.87 -47.27 -77.30
N ASP I 30 -23.03 -47.82 -76.11
CA ASP I 30 -22.71 -49.23 -75.92
C ASP I 30 -23.34 -50.16 -76.95
N ASP I 31 -24.59 -49.90 -77.31
CA ASP I 31 -25.26 -50.76 -78.30
C ASP I 31 -24.59 -50.65 -79.66
N VAL I 32 -24.27 -49.43 -80.07
CA VAL I 32 -23.62 -49.22 -81.37
C VAL I 32 -22.27 -49.92 -81.39
N ARG I 33 -21.52 -49.82 -80.29
CA ARG I 33 -20.22 -50.47 -80.20
C ARG I 33 -20.35 -51.99 -80.36
N ALA I 34 -21.35 -52.56 -79.70
CA ALA I 34 -21.57 -53.99 -79.77
C ALA I 34 -21.87 -54.44 -81.20
N ALA I 35 -22.69 -53.68 -81.91
CA ALA I 35 -23.04 -54.02 -83.30
C ALA I 35 -21.81 -53.95 -84.18
N LEU I 36 -21.08 -52.83 -84.12
CA LEU I 36 -19.88 -52.66 -84.94
C LEU I 36 -18.83 -53.74 -84.68
N SER I 37 -18.60 -54.10 -83.42
CA SER I 37 -17.62 -55.13 -83.11
C SER I 37 -18.02 -56.47 -83.73
N ALA I 38 -19.31 -56.80 -83.64
CA ALA I 38 -19.81 -58.04 -84.21
C ALA I 38 -19.62 -58.03 -85.74
N ILE I 39 -19.88 -56.87 -86.34
CA ILE I 39 -19.73 -56.72 -87.79
C ILE I 39 -18.29 -56.99 -88.20
N GLN I 40 -17.33 -56.56 -87.39
CA GLN I 40 -15.92 -56.80 -87.72
C GLN I 40 -15.67 -58.30 -87.88
N HIS I 41 -16.26 -59.10 -86.99
CA HIS I 41 -16.09 -60.55 -87.08
C HIS I 41 -16.76 -61.05 -88.36
N ASP I 42 -17.93 -60.51 -88.68
CA ASP I 42 -18.64 -60.89 -89.89
C ASP I 42 -17.78 -60.62 -91.12
N LEU I 43 -17.17 -59.43 -91.17
CA LEU I 43 -16.34 -59.05 -92.30
C LEU I 43 -15.11 -59.95 -92.41
N PHE I 44 -14.58 -60.38 -91.28
CA PHE I 44 -13.42 -61.27 -91.31
C PHE I 44 -13.86 -62.57 -91.98
N ASP I 45 -15.03 -63.09 -91.57
CA ASP I 45 -15.55 -64.31 -92.17
C ASP I 45 -15.89 -64.12 -93.63
N LEU I 46 -16.44 -62.96 -93.96
CA LEU I 46 -16.81 -62.65 -95.34
C LEU I 46 -15.58 -62.70 -96.24
N GLY I 47 -14.49 -62.09 -95.78
CA GLY I 47 -13.26 -62.10 -96.53
C GLY I 47 -12.78 -63.52 -96.76
N GLY I 48 -12.93 -64.36 -95.74
CA GLY I 48 -12.53 -65.76 -95.87
C GLY I 48 -13.33 -66.49 -96.92
N GLU I 49 -14.63 -66.18 -97.00
CA GLU I 49 -15.50 -66.83 -97.98
C GLU I 49 -15.08 -66.41 -99.39
N LEU I 50 -14.76 -65.14 -99.58
CA LEU I 50 -14.35 -64.66 -100.87
C LEU I 50 -13.03 -65.31 -101.31
N CYS I 51 -12.17 -65.57 -100.32
CA CYS I 51 -10.87 -66.15 -100.62
C CYS I 51 -10.87 -67.64 -100.94
N ILE I 52 -11.43 -68.44 -100.04
CA ILE I 52 -11.45 -69.89 -100.24
C ILE I 52 -12.59 -70.46 -101.08
N PRO I 53 -12.21 -71.20 -102.12
CA PRO I 53 -13.16 -71.88 -103.01
C PRO I 53 -13.87 -73.04 -102.32
N GLY I 54 -15.18 -73.13 -102.52
CA GLY I 54 -15.94 -74.19 -101.90
C GLY I 54 -16.27 -73.89 -100.45
N HIS I 55 -15.82 -72.74 -99.96
CA HIS I 55 -16.05 -72.36 -98.57
C HIS I 55 -17.04 -71.21 -98.45
N ALA I 56 -18.04 -71.37 -97.58
CA ALA I 56 -19.06 -70.36 -97.35
C ALA I 56 -19.09 -70.03 -95.86
N ALA I 57 -19.48 -68.79 -95.52
CA ALA I 57 -19.52 -68.38 -94.13
C ALA I 57 -20.69 -67.46 -93.82
N ILE I 58 -21.10 -66.65 -94.79
CA ILE I 58 -22.21 -65.73 -94.60
C ILE I 58 -23.54 -66.44 -94.90
N THR I 59 -24.43 -66.41 -93.91
CA THR I 59 -25.74 -67.07 -94.01
C THR I 59 -26.91 -66.13 -93.84
N GLU I 60 -28.13 -66.67 -93.97
CA GLU I 60 -29.32 -65.86 -93.80
C GLU I 60 -29.30 -65.22 -92.43
N ASP I 61 -28.78 -65.95 -91.45
CA ASP I 61 -28.71 -65.45 -90.07
C ASP I 61 -27.94 -64.13 -89.99
N HIS I 62 -26.88 -64.01 -90.81
CA HIS I 62 -26.07 -62.79 -90.83
C HIS I 62 -26.90 -61.65 -91.41
N LEU I 63 -27.60 -61.96 -92.49
CA LEU I 63 -28.44 -60.98 -93.16
C LEU I 63 -29.59 -60.54 -92.24
N LEU I 64 -30.18 -61.52 -91.58
CA LEU I 64 -31.29 -61.27 -90.67
C LEU I 64 -30.88 -60.33 -89.54
N ARG I 65 -29.67 -60.54 -89.01
CA ARG I 65 -29.18 -59.68 -87.93
C ARG I 65 -29.01 -58.25 -88.40
N LEU I 66 -28.52 -58.07 -89.62
CA LEU I 66 -28.36 -56.73 -90.17
C LEU I 66 -29.74 -56.10 -90.36
N ALA I 67 -30.67 -56.87 -90.90
CA ALA I 67 -32.04 -56.38 -91.12
C ALA I 67 -32.62 -55.93 -89.78
N LEU I 68 -32.34 -56.70 -88.74
CA LEU I 68 -32.83 -56.37 -87.41
C LEU I 68 -32.25 -55.07 -86.89
N TRP I 69 -30.96 -54.86 -87.09
CA TRP I 69 -30.31 -53.63 -86.63
C TRP I 69 -30.85 -52.43 -87.40
N LEU I 70 -31.11 -52.60 -88.69
CA LEU I 70 -31.64 -51.52 -89.52
C LEU I 70 -32.99 -51.09 -88.97
N VAL I 71 -33.89 -52.05 -88.81
CA VAL I 71 -35.23 -51.75 -88.29
C VAL I 71 -35.11 -51.09 -86.93
N HIS I 72 -34.28 -51.66 -86.06
CA HIS I 72 -34.10 -51.13 -84.72
C HIS I 72 -33.63 -49.68 -84.64
N TYR I 73 -32.46 -49.40 -85.20
CA TYR I 73 -31.91 -48.06 -85.17
C TYR I 73 -32.74 -47.04 -85.93
N ASN I 74 -33.38 -47.47 -87.01
CA ASN I 74 -34.21 -46.57 -87.79
C ASN I 74 -35.44 -46.16 -87.00
N GLY I 75 -35.99 -47.11 -86.23
CA GLY I 75 -37.17 -46.81 -85.43
C GLY I 75 -36.79 -46.05 -84.18
N GLN I 76 -35.51 -45.67 -84.12
CA GLN I 76 -34.97 -44.93 -82.99
C GLN I 76 -34.59 -43.53 -83.46
N LEU I 77 -34.86 -43.25 -84.73
CA LEU I 77 -34.55 -41.97 -85.34
C LEU I 77 -35.78 -41.33 -85.95
N PRO I 78 -35.77 -40.01 -86.12
CA PRO I 78 -36.92 -39.33 -86.72
C PRO I 78 -36.81 -39.54 -88.23
N PRO I 79 -37.91 -39.42 -88.97
CA PRO I 79 -37.88 -39.62 -90.42
C PRO I 79 -36.93 -38.65 -91.14
N LEU I 80 -36.37 -39.11 -92.25
CA LEU I 80 -35.46 -38.30 -93.04
C LEU I 80 -36.23 -37.15 -93.67
N GLU I 81 -35.80 -35.92 -93.40
CA GLU I 81 -36.49 -34.73 -93.92
C GLU I 81 -35.88 -34.15 -95.19
N GLU I 82 -34.62 -34.48 -95.45
CA GLU I 82 -33.94 -33.95 -96.63
C GLU I 82 -32.65 -34.75 -96.88
N PHE I 83 -32.05 -34.57 -98.05
CA PHE I 83 -30.81 -35.25 -98.37
C PHE I 83 -29.79 -34.85 -97.32
N ILE I 84 -28.99 -35.81 -96.89
CA ILE I 84 -27.96 -35.56 -95.88
C ILE I 84 -26.57 -35.53 -96.48
N LEU I 85 -25.71 -34.67 -95.93
CA LEU I 85 -24.33 -34.56 -96.39
C LEU I 85 -23.51 -35.34 -95.38
N PRO I 86 -22.51 -36.10 -95.83
CA PRO I 86 -21.74 -36.88 -94.87
C PRO I 86 -20.93 -35.98 -93.94
N GLY I 87 -21.20 -36.07 -92.64
CA GLY I 87 -20.49 -35.24 -91.67
C GLY I 87 -21.24 -35.08 -90.37
N GLY I 88 -20.74 -34.19 -89.50
CA GLY I 88 -21.36 -33.97 -88.22
C GLY I 88 -20.35 -34.26 -87.12
N ALA I 89 -20.77 -34.98 -86.09
CA ALA I 89 -19.86 -35.33 -85.01
C ALA I 89 -18.79 -36.21 -85.66
N ARG I 90 -17.59 -36.24 -85.09
CA ARG I 90 -16.51 -37.06 -85.67
C ARG I 90 -16.95 -38.50 -85.88
N GLY I 91 -17.67 -39.05 -84.91
CA GLY I 91 -18.13 -40.42 -85.02
C GLY I 91 -19.01 -40.59 -86.25
N ALA I 92 -19.96 -39.68 -86.42
CA ALA I 92 -20.87 -39.73 -87.56
C ALA I 92 -20.11 -39.63 -88.88
N ALA I 93 -19.14 -38.72 -88.93
CA ALA I 93 -18.33 -38.51 -90.13
C ALA I 93 -17.57 -39.78 -90.50
N LEU I 94 -16.99 -40.43 -89.50
CA LEU I 94 -16.24 -41.68 -89.74
C LEU I 94 -17.19 -42.76 -90.23
N ALA I 95 -18.39 -42.82 -89.64
CA ALA I 95 -19.38 -43.81 -90.05
C ALA I 95 -19.68 -43.63 -91.54
N HIS I 96 -19.76 -42.38 -91.99
CA HIS I 96 -20.03 -42.12 -93.39
C HIS I 96 -18.85 -42.57 -94.26
N VAL I 97 -17.64 -42.43 -93.75
CA VAL I 97 -16.49 -42.89 -94.51
C VAL I 97 -16.60 -44.42 -94.61
N CYS I 98 -16.96 -45.06 -93.51
CA CYS I 98 -17.11 -46.52 -93.52
C CYS I 98 -18.18 -46.89 -94.54
N ARG I 99 -19.26 -46.10 -94.57
CA ARG I 99 -20.35 -46.35 -95.51
C ARG I 99 -19.85 -46.35 -96.96
N THR I 100 -19.06 -45.34 -97.32
CA THR I 100 -18.56 -45.24 -98.68
C THR I 100 -17.53 -46.34 -99.02
N VAL I 101 -16.74 -46.76 -98.04
CA VAL I 101 -15.76 -47.81 -98.28
C VAL I 101 -16.50 -49.15 -98.41
N CYS I 102 -17.62 -49.27 -97.69
CA CYS I 102 -18.42 -50.49 -97.76
C CYS I 102 -19.03 -50.58 -99.16
N ARG I 103 -19.49 -49.45 -99.69
CA ARG I 103 -20.07 -49.45 -101.02
C ARG I 103 -18.99 -49.78 -102.05
N ARG I 104 -17.76 -49.34 -101.79
CA ARG I 104 -16.64 -49.62 -102.68
C ARG I 104 -16.39 -51.13 -102.69
N ALA I 105 -16.47 -51.74 -101.51
CA ALA I 105 -16.26 -53.18 -101.38
C ALA I 105 -17.39 -53.93 -102.10
N GLU I 106 -18.60 -53.39 -102.00
CA GLU I 106 -19.74 -54.01 -102.66
C GLU I 106 -19.52 -54.03 -104.18
N ARG I 107 -18.99 -52.93 -104.73
CA ARG I 107 -18.72 -52.89 -106.16
C ARG I 107 -17.72 -53.97 -106.58
N SER I 108 -16.69 -54.15 -105.76
CA SER I 108 -15.67 -55.17 -106.03
C SER I 108 -16.22 -56.58 -105.89
N ILE I 109 -17.11 -56.77 -104.92
CA ILE I 109 -17.73 -58.07 -104.69
C ILE I 109 -18.65 -58.40 -105.87
N LYS I 110 -19.36 -57.38 -106.36
CA LYS I 110 -20.26 -57.57 -107.49
C LYS I 110 -19.43 -57.92 -108.73
N ALA I 111 -18.29 -57.24 -108.91
CA ALA I 111 -17.42 -57.53 -110.04
C ALA I 111 -16.90 -58.97 -109.97
N LEU I 112 -16.54 -59.40 -108.77
CA LEU I 112 -16.03 -60.75 -108.56
C LEU I 112 -17.08 -61.78 -108.94
N GLY I 113 -18.30 -61.59 -108.46
CA GLY I 113 -19.38 -62.52 -108.76
C GLY I 113 -19.70 -62.60 -110.24
N ALA I 114 -19.29 -61.58 -111.00
CA ALA I 114 -19.55 -61.58 -112.43
C ALA I 114 -18.55 -62.42 -113.20
N SER I 115 -17.37 -62.65 -112.62
CA SER I 115 -16.34 -63.43 -113.30
C SER I 115 -16.08 -64.80 -112.66
N GLU I 116 -16.73 -65.06 -111.53
CA GLU I 116 -16.55 -66.33 -110.83
C GLU I 116 -17.81 -66.72 -110.06
N PRO I 117 -18.06 -68.02 -109.89
CA PRO I 117 -19.24 -68.46 -109.16
C PRO I 117 -19.09 -68.02 -107.72
N LEU I 118 -20.09 -67.31 -107.21
CA LEU I 118 -20.04 -66.81 -105.84
C LEU I 118 -21.46 -66.80 -105.28
N ASN I 119 -21.61 -67.11 -104.00
CA ASN I 119 -22.93 -67.09 -103.39
C ASN I 119 -23.39 -65.65 -103.34
N ILE I 120 -24.69 -65.44 -103.20
CA ILE I 120 -25.24 -64.09 -103.17
C ILE I 120 -25.12 -63.40 -101.81
N ALA I 121 -24.93 -64.19 -100.76
CA ALA I 121 -24.85 -63.65 -99.41
C ALA I 121 -23.84 -62.51 -99.21
N PRO I 122 -22.61 -62.66 -99.73
CA PRO I 122 -21.64 -61.58 -99.55
C PRO I 122 -22.10 -60.20 -100.02
N ALA I 123 -22.59 -60.10 -101.25
CA ALA I 123 -23.04 -58.80 -101.74
C ALA I 123 -24.28 -58.32 -100.98
N ALA I 124 -25.16 -59.26 -100.61
CA ALA I 124 -26.37 -58.88 -99.88
C ALA I 124 -25.99 -58.37 -98.49
N TYR I 125 -24.91 -58.93 -97.94
CA TYR I 125 -24.45 -58.50 -96.62
C TYR I 125 -23.96 -57.05 -96.66
N VAL I 126 -23.04 -56.74 -97.57
CA VAL I 126 -22.52 -55.39 -97.65
C VAL I 126 -23.54 -54.38 -98.16
N ASN I 127 -24.55 -54.86 -98.88
CA ASN I 127 -25.61 -53.98 -99.39
C ASN I 127 -26.34 -53.46 -98.15
N LEU I 128 -26.65 -54.37 -97.24
CA LEU I 128 -27.33 -54.00 -95.99
C LEU I 128 -26.42 -53.19 -95.08
N LEU I 129 -25.15 -53.59 -95.01
CA LEU I 129 -24.19 -52.88 -94.15
C LEU I 129 -24.03 -51.42 -94.52
N SER I 130 -24.02 -51.12 -95.83
CA SER I 130 -23.89 -49.73 -96.28
C SER I 130 -25.06 -48.93 -95.72
N ASP I 131 -26.27 -49.50 -95.85
CA ASP I 131 -27.46 -48.81 -95.35
C ASP I 131 -27.40 -48.65 -93.84
N LEU I 132 -26.90 -49.67 -93.14
CA LEU I 132 -26.81 -49.59 -91.68
C LEU I 132 -25.79 -48.55 -91.22
N LEU I 133 -24.68 -48.43 -91.93
CA LEU I 133 -23.67 -47.45 -91.57
C LEU I 133 -24.24 -46.04 -91.74
N PHE I 134 -25.13 -45.86 -92.72
CA PHE I 134 -25.77 -44.58 -92.94
C PHE I 134 -26.65 -44.26 -91.74
N VAL I 135 -27.41 -45.28 -91.30
CA VAL I 135 -28.30 -45.14 -90.16
C VAL I 135 -27.51 -44.88 -88.89
N LEU I 136 -26.44 -45.64 -88.69
CA LEU I 136 -25.61 -45.46 -87.50
C LEU I 136 -24.99 -44.06 -87.46
N ALA I 137 -24.70 -43.49 -88.61
CA ALA I 137 -24.13 -42.14 -88.65
C ALA I 137 -25.16 -41.18 -88.04
N ARG I 138 -26.41 -41.36 -88.42
CA ARG I 138 -27.48 -40.50 -87.89
C ARG I 138 -27.63 -40.71 -86.38
N VAL I 139 -27.50 -41.95 -85.94
CA VAL I 139 -27.61 -42.26 -84.52
C VAL I 139 -26.49 -41.57 -83.75
N LEU I 140 -25.28 -41.58 -84.31
CA LEU I 140 -24.14 -40.96 -83.66
C LEU I 140 -24.25 -39.44 -83.60
N ASN I 141 -24.85 -38.83 -84.62
CA ASN I 141 -25.00 -37.38 -84.59
C ASN I 141 -26.01 -37.08 -83.48
N ARG I 142 -27.05 -37.90 -83.42
CA ARG I 142 -28.09 -37.79 -82.41
C ARG I 142 -27.49 -37.93 -81.01
N ALA I 143 -26.72 -39.01 -80.83
CA ALA I 143 -26.08 -39.29 -79.54
C ALA I 143 -25.10 -38.20 -79.13
N ALA I 144 -24.59 -37.45 -80.09
CA ALA I 144 -23.64 -36.38 -79.80
C ALA I 144 -24.39 -35.10 -79.46
N GLY I 145 -25.71 -35.15 -79.48
CA GLY I 145 -26.51 -33.99 -79.18
C GLY I 145 -26.63 -33.07 -80.39
N GLY I 146 -26.05 -33.49 -81.51
CA GLY I 146 -26.11 -32.69 -82.72
C GLY I 146 -27.14 -33.19 -83.69
N ALA I 147 -27.06 -32.75 -84.94
CA ALA I 147 -27.99 -33.16 -85.98
C ALA I 147 -27.27 -33.43 -87.29
N ASP I 148 -27.94 -34.11 -88.21
CA ASP I 148 -27.34 -34.42 -89.51
C ASP I 148 -27.12 -33.14 -90.31
N VAL I 149 -26.12 -33.17 -91.19
CA VAL I 149 -25.81 -32.03 -92.03
C VAL I 149 -26.74 -32.10 -93.25
N LEU I 150 -27.51 -31.04 -93.49
CA LEU I 150 -28.45 -31.04 -94.61
C LEU I 150 -27.90 -30.30 -95.81
N TRP I 151 -28.43 -30.59 -96.99
CA TRP I 151 -27.93 -29.90 -98.18
C TRP I 151 -28.86 -28.76 -98.58
N ASP I 152 -28.43 -27.96 -99.56
CA ASP I 152 -29.22 -26.83 -100.04
C ASP I 152 -30.58 -27.29 -100.57
N MET J 1 -20.74 -51.39 -118.27
CA MET J 1 -19.69 -50.50 -118.75
C MET J 1 -19.85 -49.11 -118.15
N GLY J 2 -20.88 -48.39 -118.57
CA GLY J 2 -21.14 -47.05 -118.07
C GLY J 2 -21.41 -47.08 -116.57
N ASP J 3 -22.13 -48.09 -116.11
CA ASP J 3 -22.44 -48.17 -114.69
C ASP J 3 -21.14 -48.27 -113.88
N ASP J 4 -20.22 -49.10 -114.34
CA ASP J 4 -18.94 -49.23 -113.64
C ASP J 4 -18.17 -47.92 -113.71
N ALA J 5 -18.13 -47.34 -114.90
CA ALA J 5 -17.44 -46.07 -115.14
C ALA J 5 -18.12 -44.93 -114.39
N ARG J 6 -19.44 -44.95 -114.43
CA ARG J 6 -20.28 -43.93 -113.80
C ARG J 6 -20.49 -44.18 -112.30
N ILE J 7 -20.93 -45.37 -111.88
CA ILE J 7 -21.15 -45.73 -110.49
C ILE J 7 -19.87 -45.60 -109.67
N ALA J 8 -18.74 -45.90 -110.29
CA ALA J 8 -17.46 -45.80 -109.61
C ALA J 8 -17.07 -44.34 -109.35
N ALA J 9 -17.29 -43.48 -110.34
CA ALA J 9 -16.96 -42.07 -110.20
C ALA J 9 -17.84 -41.47 -109.10
N ILE J 10 -19.12 -41.79 -109.13
CA ILE J 10 -20.06 -41.28 -108.11
C ILE J 10 -19.59 -41.72 -106.73
N GLY J 11 -19.20 -42.98 -106.61
CA GLY J 11 -18.73 -43.49 -105.32
C GLY J 11 -17.48 -42.79 -104.81
N ASP J 12 -16.52 -42.53 -105.69
CA ASP J 12 -15.29 -41.85 -105.27
C ASP J 12 -15.57 -40.41 -104.83
N VAL J 13 -16.51 -39.74 -105.48
CA VAL J 13 -16.84 -38.37 -105.11
C VAL J 13 -17.48 -38.42 -103.73
N ASP J 14 -18.30 -39.44 -103.50
CA ASP J 14 -18.98 -39.66 -102.24
C ASP J 14 -17.92 -39.91 -101.14
N GLU J 15 -16.94 -40.76 -101.46
CA GLU J 15 -15.89 -41.09 -100.50
C GLU J 15 -15.09 -39.82 -100.15
N LEU J 16 -14.79 -39.02 -101.16
CA LEU J 16 -14.07 -37.77 -100.96
C LEU J 16 -14.89 -36.86 -100.03
N ASN J 17 -16.17 -36.70 -100.34
CA ASN J 17 -17.04 -35.85 -99.55
C ASN J 17 -17.07 -36.32 -98.08
N SER J 18 -17.05 -37.63 -97.89
CA SER J 18 -17.04 -38.20 -96.55
C SER J 18 -15.74 -37.91 -95.83
N GLN J 19 -14.63 -37.96 -96.56
CA GLN J 19 -13.35 -37.66 -95.95
C GLN J 19 -13.31 -36.19 -95.53
N ILE J 20 -13.97 -35.34 -96.30
CA ILE J 20 -14.02 -33.91 -95.96
C ILE J 20 -14.88 -33.75 -94.70
N GLY J 21 -15.88 -34.62 -94.55
CA GLY J 21 -16.71 -34.57 -93.36
C GLY J 21 -15.88 -34.88 -92.13
N VAL J 22 -14.91 -35.78 -92.28
CA VAL J 22 -14.04 -36.14 -91.16
C VAL J 22 -13.15 -34.95 -90.83
N LEU J 23 -12.65 -34.27 -91.86
CA LEU J 23 -11.80 -33.10 -91.67
C LEU J 23 -12.59 -31.99 -90.96
N LEU J 24 -13.87 -31.87 -91.29
CA LEU J 24 -14.73 -30.86 -90.69
C LEU J 24 -15.05 -31.13 -89.22
N ALA J 25 -14.73 -32.33 -88.75
CA ALA J 25 -14.99 -32.68 -87.35
C ALA J 25 -13.82 -32.21 -86.48
N GLU J 26 -12.81 -31.65 -87.14
CA GLU J 26 -11.62 -31.14 -86.46
C GLU J 26 -11.74 -29.65 -86.24
N PRO J 27 -10.90 -29.09 -85.34
CA PRO J 27 -10.97 -27.64 -85.10
C PRO J 27 -10.37 -27.00 -86.35
N LEU J 28 -11.01 -25.94 -86.85
CA LEU J 28 -10.54 -25.28 -88.06
C LEU J 28 -10.74 -23.77 -88.02
N PRO J 29 -10.00 -23.06 -88.86
CA PRO J 29 -10.14 -21.60 -88.94
C PRO J 29 -11.53 -21.37 -89.50
N ASP J 30 -12.27 -20.40 -88.99
CA ASP J 30 -13.63 -20.18 -89.49
C ASP J 30 -13.74 -20.08 -91.00
N ASP J 31 -12.78 -19.41 -91.63
CA ASP J 31 -12.82 -19.26 -93.08
C ASP J 31 -12.64 -20.62 -93.78
N VAL J 32 -11.70 -21.41 -93.28
CA VAL J 32 -11.45 -22.74 -93.87
C VAL J 32 -12.70 -23.61 -93.72
N ARG J 33 -13.34 -23.55 -92.56
CA ARG J 33 -14.55 -24.34 -92.32
C ARG J 33 -15.65 -23.94 -93.31
N ALA J 34 -15.80 -22.64 -93.53
CA ALA J 34 -16.83 -22.17 -94.45
C ALA J 34 -16.58 -22.68 -95.87
N ALA J 35 -15.32 -22.66 -96.31
CA ALA J 35 -15.00 -23.13 -97.66
C ALA J 35 -15.28 -24.62 -97.78
N LEU J 36 -14.77 -25.41 -96.84
CA LEU J 36 -14.99 -26.85 -96.88
C LEU J 36 -16.47 -27.24 -96.84
N SER J 37 -17.26 -26.58 -96.01
CA SER J 37 -18.69 -26.89 -95.96
C SER J 37 -19.36 -26.61 -97.29
N ALA J 38 -19.01 -25.50 -97.92
CA ALA J 38 -19.58 -25.15 -99.22
C ALA J 38 -19.19 -26.20 -100.26
N ILE J 39 -17.94 -26.65 -100.19
CA ILE J 39 -17.44 -27.66 -101.12
C ILE J 39 -18.26 -28.94 -100.99
N GLN J 40 -18.65 -29.30 -99.77
CA GLN J 40 -19.45 -30.52 -99.58
C GLN J 40 -20.73 -30.43 -100.41
N HIS J 41 -21.36 -29.25 -100.43
CA HIS J 41 -22.58 -29.07 -101.20
C HIS J 41 -22.25 -29.20 -102.69
N ASP J 42 -21.12 -28.63 -103.09
CA ASP J 42 -20.68 -28.71 -104.49
C ASP J 42 -20.51 -30.17 -104.89
N LEU J 43 -19.86 -30.94 -104.05
CA LEU J 43 -19.62 -32.36 -104.36
C LEU J 43 -20.92 -33.15 -104.43
N PHE J 44 -21.90 -32.76 -103.62
CA PHE J 44 -23.19 -33.44 -103.65
C PHE J 44 -23.80 -33.18 -105.03
N ASP J 45 -23.76 -31.92 -105.47
CA ASP J 45 -24.29 -31.58 -106.78
C ASP J 45 -23.50 -32.24 -107.90
N LEU J 46 -22.18 -32.30 -107.73
CA LEU J 46 -21.31 -32.91 -108.74
C LEU J 46 -21.70 -34.37 -108.94
N GLY J 47 -21.91 -35.08 -107.83
CA GLY J 47 -22.30 -36.48 -107.91
C GLY J 47 -23.61 -36.62 -108.64
N GLY J 48 -24.53 -35.68 -108.41
CA GLY J 48 -25.81 -35.73 -109.09
C GLY J 48 -25.67 -35.54 -110.60
N GLU J 49 -24.74 -34.68 -111.00
CA GLU J 49 -24.51 -34.45 -112.42
C GLU J 49 -23.95 -35.70 -113.08
N LEU J 50 -23.03 -36.37 -112.39
CA LEU J 50 -22.44 -37.60 -112.93
C LEU J 50 -23.50 -38.68 -113.08
N CYS J 51 -24.45 -38.70 -112.15
CA CYS J 51 -25.48 -39.72 -112.15
C CYS J 51 -26.58 -39.53 -113.20
N ILE J 52 -27.23 -38.38 -113.20
CA ILE J 52 -28.32 -38.11 -114.13
C ILE J 52 -27.93 -37.61 -115.52
N PRO J 53 -28.40 -38.33 -116.54
CA PRO J 53 -28.18 -37.97 -117.94
C PRO J 53 -28.97 -36.73 -118.33
N GLY J 54 -28.32 -35.83 -119.05
CA GLY J 54 -28.97 -34.60 -119.48
C GLY J 54 -29.04 -33.57 -118.37
N HIS J 55 -28.49 -33.90 -117.21
CA HIS J 55 -28.49 -32.99 -116.08
C HIS J 55 -27.09 -32.46 -115.76
N ALA J 56 -27.01 -31.13 -115.61
CA ALA J 56 -25.74 -30.47 -115.28
C ALA J 56 -25.92 -29.64 -114.02
N ALA J 57 -24.85 -29.45 -113.26
CA ALA J 57 -24.94 -28.69 -112.03
C ALA J 57 -23.69 -27.84 -111.76
N ILE J 58 -22.53 -28.32 -112.22
CA ILE J 58 -21.29 -27.57 -112.02
C ILE J 58 -21.09 -26.57 -113.14
N THR J 59 -20.92 -25.31 -112.77
CA THR J 59 -20.77 -24.21 -113.73
C THR J 59 -19.47 -23.45 -113.56
N GLU J 60 -19.24 -22.46 -114.44
CA GLU J 60 -18.04 -21.64 -114.35
C GLU J 60 -17.97 -20.99 -112.98
N ASP J 61 -19.13 -20.63 -112.44
CA ASP J 61 -19.19 -20.00 -111.12
C ASP J 61 -18.55 -20.87 -110.05
N HIS J 62 -18.74 -22.18 -110.15
CA HIS J 62 -18.15 -23.11 -109.18
C HIS J 62 -16.64 -23.12 -109.33
N LEU J 63 -16.19 -23.15 -110.58
CA LEU J 63 -14.76 -23.16 -110.88
C LEU J 63 -14.13 -21.84 -110.43
N LEU J 64 -14.82 -20.74 -110.71
CA LEU J 64 -14.34 -19.42 -110.33
C LEU J 64 -14.15 -19.30 -108.83
N ARG J 65 -15.09 -19.85 -108.06
CA ARG J 65 -15.00 -19.79 -106.62
C ARG J 65 -13.78 -20.56 -106.11
N LEU J 66 -13.49 -21.70 -106.72
CA LEU J 66 -12.33 -22.49 -106.34
C LEU J 66 -11.06 -21.71 -106.68
N ALA J 67 -11.04 -21.13 -107.89
CA ALA J 67 -9.89 -20.33 -108.32
C ALA J 67 -9.65 -19.21 -107.33
N LEU J 68 -10.74 -18.61 -106.86
CA LEU J 68 -10.64 -17.52 -105.89
C LEU J 68 -10.05 -17.98 -104.57
N TRP J 69 -10.48 -19.15 -104.10
CA TRP J 69 -9.96 -19.66 -102.84
C TRP J 69 -8.48 -20.01 -102.96
N LEU J 70 -8.09 -20.54 -104.12
CA LEU J 70 -6.69 -20.89 -104.35
C LEU J 70 -5.82 -19.64 -104.26
N VAL J 71 -6.20 -18.62 -105.02
CA VAL J 71 -5.44 -17.37 -105.01
C VAL J 71 -5.39 -16.80 -103.59
N HIS J 72 -6.55 -16.78 -102.93
CA HIS J 72 -6.63 -16.26 -101.58
C HIS J 72 -5.72 -16.93 -100.56
N TYR J 73 -5.93 -18.22 -100.35
CA TYR J 73 -5.14 -18.97 -99.37
C TYR J 73 -3.65 -19.03 -99.72
N ASN J 74 -3.34 -19.09 -101.01
CA ASN J 74 -1.95 -19.14 -101.43
C ASN J 74 -1.24 -17.83 -101.12
N GLY J 75 -1.96 -16.72 -101.28
CA GLY J 75 -1.39 -15.41 -101.00
C GLY J 75 -1.36 -15.16 -99.51
N GLN J 76 -1.71 -16.18 -98.75
CA GLN J 76 -1.76 -16.10 -97.30
C GLN J 76 -0.67 -17.03 -96.73
N LEU J 77 0.09 -17.64 -97.64
CA LEU J 77 1.16 -18.57 -97.26
C LEU J 77 2.48 -18.14 -97.88
N PRO J 78 3.59 -18.59 -97.27
CA PRO J 78 4.91 -18.24 -97.80
C PRO J 78 5.14 -19.17 -98.99
N PRO J 79 6.05 -18.79 -99.91
CA PRO J 79 6.31 -19.63 -101.09
C PRO J 79 6.84 -21.01 -100.72
N LEU J 80 6.53 -22.00 -101.57
CA LEU J 80 6.97 -23.38 -101.35
C LEU J 80 8.49 -23.44 -101.50
N GLU J 81 9.18 -23.92 -100.46
CA GLU J 81 10.64 -23.99 -100.47
C GLU J 81 11.19 -25.36 -100.87
N GLU J 82 10.37 -26.40 -100.72
CA GLU J 82 10.81 -27.76 -101.04
C GLU J 82 9.61 -28.68 -101.15
N PHE J 83 9.82 -29.88 -101.67
CA PHE J 83 8.74 -30.86 -101.78
C PHE J 83 8.21 -31.11 -100.37
N ILE J 84 6.90 -31.23 -100.25
CA ILE J 84 6.27 -31.47 -98.96
C ILE J 84 5.78 -32.91 -98.83
N LEU J 85 5.85 -33.45 -97.61
CA LEU J 85 5.39 -34.79 -97.35
C LEU J 85 4.03 -34.63 -96.69
N PRO J 86 3.06 -35.48 -97.03
CA PRO J 86 1.74 -35.29 -96.42
C PRO J 86 1.77 -35.58 -94.93
N GLY J 87 1.42 -34.57 -94.12
CA GLY J 87 1.42 -34.75 -92.68
C GLY J 87 1.52 -33.44 -91.94
N GLY J 88 1.71 -33.53 -90.61
CA GLY J 88 1.81 -32.35 -89.79
C GLY J 88 0.72 -32.39 -88.73
N ALA J 89 0.03 -31.28 -88.53
CA ALA J 89 -1.06 -31.26 -87.55
C ALA J 89 -2.10 -32.23 -88.08
N ARG J 90 -2.92 -32.79 -87.20
CA ARG J 90 -3.93 -33.75 -87.63
C ARG J 90 -4.80 -33.19 -88.74
N GLY J 91 -5.18 -31.93 -88.61
CA GLY J 91 -6.02 -31.30 -89.62
C GLY J 91 -5.32 -31.31 -90.97
N ALA J 92 -4.06 -30.92 -90.99
CA ALA J 92 -3.28 -30.89 -92.22
C ALA J 92 -3.17 -32.29 -92.83
N ALA J 93 -2.91 -33.29 -91.99
CA ALA J 93 -2.78 -34.67 -92.44
C ALA J 93 -4.07 -35.15 -93.09
N LEU J 94 -5.21 -34.83 -92.47
CA LEU J 94 -6.50 -35.23 -93.03
C LEU J 94 -6.75 -34.52 -94.36
N ALA J 95 -6.37 -33.26 -94.44
CA ALA J 95 -6.53 -32.50 -95.67
C ALA J 95 -5.77 -33.19 -96.80
N HIS J 96 -4.59 -33.72 -96.49
CA HIS J 96 -3.80 -34.42 -97.48
C HIS J 96 -4.48 -35.71 -97.90
N VAL J 97 -5.15 -36.38 -96.96
CA VAL J 97 -5.87 -37.59 -97.32
C VAL J 97 -7.00 -37.18 -98.25
N CYS J 98 -7.68 -36.09 -97.93
CA CYS J 98 -8.77 -35.61 -98.79
C CYS J 98 -8.20 -35.31 -100.18
N ARG J 99 -7.02 -34.72 -100.20
CA ARG J 99 -6.37 -34.38 -101.47
C ARG J 99 -6.17 -35.62 -102.35
N THR J 100 -5.65 -36.69 -101.74
CA THR J 100 -5.41 -37.90 -102.50
C THR J 100 -6.69 -38.62 -102.93
N VAL J 101 -7.74 -38.53 -102.11
CA VAL J 101 -9.00 -39.16 -102.48
C VAL J 101 -9.66 -38.33 -103.59
N CYS J 102 -9.43 -37.03 -103.58
CA CYS J 102 -9.98 -36.15 -104.60
C CYS J 102 -9.29 -36.51 -105.93
N ARG J 103 -8.00 -36.75 -105.89
CA ARG J 103 -7.28 -37.11 -107.11
C ARG J 103 -7.77 -38.46 -107.62
N ARG J 104 -8.12 -39.35 -106.69
CA ARG J 104 -8.63 -40.67 -107.05
C ARG J 104 -9.97 -40.48 -107.78
N ALA J 105 -10.80 -39.57 -107.26
CA ALA J 105 -12.10 -39.30 -107.88
C ALA J 105 -11.90 -38.67 -109.25
N GLU J 106 -10.88 -37.82 -109.38
CA GLU J 106 -10.60 -37.19 -110.66
C GLU J 106 -10.25 -38.26 -111.70
N ARG J 107 -9.48 -39.27 -111.30
CA ARG J 107 -9.12 -40.33 -112.23
C ARG J 107 -10.37 -41.07 -112.72
N SER J 108 -11.29 -41.33 -111.80
CA SER J 108 -12.53 -42.02 -112.14
C SER J 108 -13.43 -41.15 -113.02
N ILE J 109 -13.44 -39.85 -112.77
CA ILE J 109 -14.25 -38.92 -113.55
C ILE J 109 -13.67 -38.82 -114.97
N LYS J 110 -12.35 -38.84 -115.06
CA LYS J 110 -11.68 -38.79 -116.36
C LYS J 110 -12.00 -40.07 -117.14
N ALA J 111 -11.98 -41.21 -116.45
CA ALA J 111 -12.29 -42.49 -117.10
C ALA J 111 -13.73 -42.47 -117.61
N LEU J 112 -14.64 -41.93 -116.81
CA LEU J 112 -16.05 -41.86 -117.18
C LEU J 112 -16.23 -41.03 -118.44
N GLY J 113 -15.59 -39.85 -118.46
CA GLY J 113 -15.70 -38.98 -119.62
C GLY J 113 -15.15 -39.59 -120.88
N ALA J 114 -14.31 -40.60 -120.73
CA ALA J 114 -13.72 -41.27 -121.90
C ALA J 114 -14.66 -42.28 -122.52
N SER J 115 -15.62 -42.78 -121.75
CA SER J 115 -16.56 -43.77 -122.26
C SER J 115 -17.99 -43.25 -122.42
N GLU J 116 -18.23 -42.02 -121.99
CA GLU J 116 -19.56 -41.42 -122.09
C GLU J 116 -19.47 -39.90 -122.23
N PRO J 117 -20.44 -39.29 -122.91
CA PRO J 117 -20.43 -37.84 -123.08
C PRO J 117 -20.61 -37.21 -121.71
N LEU J 118 -19.69 -36.32 -121.35
CA LEU J 118 -19.74 -35.66 -120.05
C LEU J 118 -19.19 -34.24 -120.21
N ASN J 119 -19.77 -33.29 -119.47
CA ASN J 119 -19.27 -31.93 -119.55
C ASN J 119 -17.89 -31.91 -118.92
N ILE J 120 -17.11 -30.89 -119.21
CA ILE J 120 -15.75 -30.78 -118.69
C ILE J 120 -15.69 -30.23 -117.27
N ALA J 121 -16.74 -29.56 -116.84
CA ALA J 121 -16.78 -28.95 -115.51
C ALA J 121 -16.44 -29.88 -114.35
N PRO J 122 -17.02 -31.10 -114.32
CA PRO J 122 -16.71 -32.00 -113.20
C PRO J 122 -15.21 -32.27 -113.00
N ALA J 123 -14.49 -32.66 -114.05
CA ALA J 123 -13.06 -32.92 -113.88
C ALA J 123 -12.30 -31.64 -113.56
N ALA J 124 -12.71 -30.52 -114.16
CA ALA J 124 -12.03 -29.25 -113.89
C ALA J 124 -12.25 -28.84 -112.44
N TYR J 125 -13.41 -29.20 -111.90
CA TYR J 125 -13.71 -28.87 -110.50
C TYR J 125 -12.80 -29.63 -109.55
N VAL J 126 -12.73 -30.95 -109.69
CA VAL J 126 -11.88 -31.74 -108.81
C VAL J 126 -10.38 -31.51 -109.06
N ASN J 127 -10.03 -31.05 -110.25
CA ASN J 127 -8.63 -30.76 -110.57
C ASN J 127 -8.23 -29.60 -109.66
N LEU J 128 -9.09 -28.59 -109.61
CA LEU J 128 -8.84 -27.43 -108.77
C LEU J 128 -8.93 -27.78 -107.29
N LEU J 129 -9.91 -28.61 -106.94
CA LEU J 129 -10.10 -29.00 -105.54
C LEU J 129 -8.89 -29.71 -104.96
N SER J 130 -8.25 -30.57 -105.76
CA SER J 130 -7.06 -31.29 -105.29
C SER J 130 -6.00 -30.26 -104.92
N ASP J 131 -5.80 -29.27 -105.79
CA ASP J 131 -4.80 -28.24 -105.54
C ASP J 131 -5.18 -27.43 -104.30
N LEU J 132 -6.47 -27.13 -104.13
CA LEU J 132 -6.92 -26.35 -102.98
C LEU J 132 -6.73 -27.11 -101.66
N LEU J 133 -6.97 -28.42 -101.68
CA LEU J 133 -6.80 -29.22 -100.47
C LEU J 133 -5.33 -29.24 -100.07
N PHE J 134 -4.44 -29.18 -101.06
CA PHE J 134 -3.00 -29.15 -100.80
C PHE J 134 -2.69 -27.84 -100.07
N VAL J 135 -3.25 -26.75 -100.60
CA VAL J 135 -3.05 -25.42 -100.04
C VAL J 135 -3.65 -25.32 -98.65
N LEU J 136 -4.86 -25.84 -98.48
CA LEU J 136 -5.50 -25.81 -97.17
C LEU J 136 -4.71 -26.60 -96.13
N ALA J 137 -4.04 -27.66 -96.57
CA ALA J 137 -3.23 -28.44 -95.63
C ALA J 137 -2.13 -27.54 -95.07
N ARG J 138 -1.51 -26.76 -95.95
CA ARG J 138 -0.45 -25.86 -95.53
C ARG J 138 -1.01 -24.79 -94.58
N VAL J 139 -2.21 -24.31 -94.88
CA VAL J 139 -2.86 -23.30 -94.04
C VAL J 139 -3.12 -23.87 -92.65
N LEU J 140 -3.55 -25.13 -92.59
CA LEU J 140 -3.83 -25.76 -91.31
C LEU J 140 -2.57 -26.02 -90.49
N ASN J 141 -1.47 -26.33 -91.14
CA ASN J 141 -0.23 -26.55 -90.41
C ASN J 141 0.18 -25.19 -89.83
N ARG J 142 0.02 -24.16 -90.64
CA ARG J 142 0.33 -22.78 -90.25
C ARG J 142 -0.53 -22.40 -89.06
N ALA J 143 -1.84 -22.59 -89.19
CA ALA J 143 -2.79 -22.24 -88.14
C ALA J 143 -2.56 -23.02 -86.85
N ALA J 144 -1.90 -24.17 -86.95
CA ALA J 144 -1.62 -24.99 -85.78
C ALA J 144 -0.31 -24.54 -85.13
N GLY J 145 0.32 -23.52 -85.72
CA GLY J 145 1.57 -23.03 -85.17
C GLY J 145 2.74 -23.88 -85.61
N GLY J 146 2.46 -24.89 -86.44
CA GLY J 146 3.51 -25.76 -86.92
C GLY J 146 3.94 -25.42 -88.34
N ALA J 147 4.63 -26.35 -88.99
CA ALA J 147 5.11 -26.14 -90.35
C ALA J 147 4.93 -27.42 -91.18
N ASP J 148 5.02 -27.28 -92.50
CA ASP J 148 4.87 -28.43 -93.39
C ASP J 148 6.04 -29.40 -93.19
N VAL J 149 5.78 -30.68 -93.46
CA VAL J 149 6.81 -31.70 -93.34
C VAL J 149 7.61 -31.70 -94.65
N LEU J 150 8.92 -31.52 -94.57
CA LEU J 150 9.75 -31.46 -95.77
C LEU J 150 10.43 -32.79 -96.05
N TRP J 151 10.85 -33.01 -97.29
CA TRP J 151 11.53 -34.27 -97.59
C TRP J 151 13.05 -34.09 -97.63
N ASP J 152 13.76 -35.19 -97.77
CA ASP J 152 15.21 -35.16 -97.83
C ASP J 152 15.70 -34.33 -99.01
N LEU K 3 19.85 39.47 -101.32
CA LEU K 3 20.83 40.28 -102.11
C LEU K 3 20.75 39.96 -103.60
N SER K 4 19.63 39.34 -103.98
CA SER K 4 19.31 39.08 -105.37
C SER K 4 17.85 39.42 -105.62
N ALA K 5 17.55 39.78 -106.85
CA ALA K 5 16.19 40.04 -107.28
C ALA K 5 16.12 39.61 -108.74
N GLU K 6 14.97 39.09 -109.13
CA GLU K 6 14.73 38.55 -110.49
C GLU K 6 13.41 39.10 -111.02
N GLN K 7 13.31 39.29 -112.32
CA GLN K 7 12.04 39.68 -112.92
C GLN K 7 11.97 39.15 -114.33
N SER K 8 10.81 38.61 -114.72
CA SER K 8 10.60 38.15 -116.07
C SER K 8 9.19 38.48 -116.53
N PHE K 9 9.07 38.81 -117.81
CA PHE K 9 7.79 39.25 -118.34
C PHE K 9 7.82 39.33 -119.84
N THR K 10 6.64 39.41 -120.42
CA THR K 10 6.48 39.53 -121.87
C THR K 10 5.73 40.80 -122.20
N LEU K 11 6.02 41.37 -123.37
CA LEU K 11 5.36 42.57 -123.89
C LEU K 11 5.37 42.50 -125.39
N ARG K 12 4.32 43.00 -126.02
CA ARG K 12 4.24 43.03 -127.47
C ARG K 12 4.65 44.40 -128.01
N HIS K 13 5.54 44.42 -128.98
CA HIS K 13 5.90 45.68 -129.62
C HIS K 13 4.83 45.92 -130.69
N PRO K 14 4.13 47.05 -130.63
CA PRO K 14 3.05 47.36 -131.61
C PRO K 14 3.48 47.40 -133.09
N HIS K 15 4.78 47.57 -133.36
CA HIS K 15 5.23 47.70 -134.75
C HIS K 15 5.80 46.40 -135.39
N GLY K 16 5.73 45.28 -134.66
CA GLY K 16 6.15 44.00 -135.23
C GLY K 16 7.56 43.57 -134.91
N GLN K 17 8.02 42.50 -135.56
CA GLN K 17 9.30 41.84 -135.21
C GLN K 17 10.57 42.67 -135.42
N ALA K 18 10.76 43.20 -136.63
CA ALA K 18 11.96 44.00 -136.93
C ALA K 18 12.12 45.12 -135.92
N ALA K 19 11.02 45.80 -135.64
CA ALA K 19 11.04 46.91 -134.70
C ALA K 19 11.36 46.42 -133.26
N ALA K 20 10.79 45.27 -132.89
CA ALA K 20 11.02 44.70 -131.55
C ALA K 20 12.50 44.33 -131.38
N LEU K 21 13.09 43.74 -132.42
CA LEU K 21 14.55 43.42 -132.43
C LEU K 21 15.39 44.69 -132.24
N ALA K 22 15.04 45.75 -132.99
CA ALA K 22 15.77 47.00 -132.91
C ALA K 22 15.65 47.63 -131.53
N PHE K 23 14.45 47.56 -130.97
CA PHE K 23 14.15 48.12 -129.65
C PHE K 23 14.98 47.45 -128.54
N VAL K 24 15.00 46.12 -128.51
CA VAL K 24 15.73 45.41 -127.46
C VAL K 24 17.23 45.50 -127.62
N ARG K 25 17.69 45.81 -128.83
CA ARG K 25 19.14 45.88 -129.10
C ARG K 25 19.75 47.23 -128.83
N GLU K 26 18.91 48.25 -128.62
CA GLU K 26 19.41 49.59 -128.32
C GLU K 26 18.96 50.01 -126.92
N PRO K 27 19.89 50.05 -125.98
CA PRO K 27 19.57 50.42 -124.59
C PRO K 27 18.77 51.73 -124.46
N ALA K 28 19.25 52.79 -125.10
CA ALA K 28 18.60 54.12 -125.05
C ALA K 28 17.11 54.05 -125.41
N ALA K 29 16.74 53.04 -126.20
CA ALA K 29 15.32 52.80 -126.56
C ALA K 29 14.65 51.98 -125.47
N ALA K 30 15.19 50.79 -125.23
CA ALA K 30 14.61 49.84 -124.26
C ALA K 30 14.52 50.40 -122.85
N LEU K 31 15.54 51.13 -122.41
CA LEU K 31 15.56 51.67 -121.04
C LEU K 31 15.17 53.16 -120.91
N ALA K 32 14.65 53.76 -121.96
CA ALA K 32 14.26 55.22 -121.92
C ALA K 32 13.36 55.62 -120.72
N GLY K 33 12.37 54.79 -120.39
CA GLY K 33 11.43 55.10 -119.33
C GLY K 33 11.62 54.31 -118.05
N VAL K 34 12.73 53.59 -117.98
CA VAL K 34 13.04 52.75 -116.83
C VAL K 34 13.38 53.59 -115.62
N GLN K 35 12.70 53.34 -114.51
CA GLN K 35 12.96 54.10 -113.29
C GLN K 35 13.87 53.33 -112.36
N ARG K 36 14.43 54.06 -111.39
CA ARG K 36 15.27 53.54 -110.32
C ARG K 36 16.66 53.11 -110.76
N LEU K 37 17.01 53.50 -111.99
CA LEU K 37 18.37 53.34 -112.49
C LEU K 37 18.92 54.75 -112.75
N ARG K 38 19.52 55.34 -111.72
CA ARG K 38 19.98 56.71 -111.82
C ARG K 38 21.28 56.82 -112.63
N GLY K 39 21.44 57.93 -113.35
CA GLY K 39 22.66 58.20 -114.10
C GLY K 39 22.91 57.23 -115.23
N LEU K 40 21.83 56.67 -115.75
CA LEU K 40 21.92 55.68 -116.82
C LEU K 40 22.61 56.30 -118.03
N ASP K 41 23.60 55.61 -118.57
CA ASP K 41 24.26 56.05 -119.78
C ASP K 41 24.88 54.86 -120.51
N SER K 42 25.28 55.09 -121.77
CA SER K 42 25.87 54.04 -122.61
C SER K 42 26.65 54.61 -123.77
N ASP K 43 27.66 53.87 -124.21
CA ASP K 43 28.46 54.25 -125.39
C ASP K 43 28.18 53.27 -126.55
N GLY K 44 27.13 52.47 -126.41
CA GLY K 44 26.78 51.47 -127.43
C GLY K 44 27.40 50.11 -127.15
N GLU K 45 28.48 50.10 -126.37
CA GLU K 45 29.19 48.88 -126.01
C GLU K 45 28.81 48.41 -124.61
N GLN K 46 28.76 49.33 -123.67
CA GLN K 46 28.36 49.02 -122.33
C GLN K 46 27.31 49.99 -121.85
N VAL K 47 26.59 49.57 -120.84
CA VAL K 47 25.59 50.39 -120.18
C VAL K 47 25.97 50.50 -118.71
N TRP K 48 25.78 51.67 -118.11
CA TRP K 48 26.12 51.85 -116.70
C TRP K 48 25.19 52.84 -116.00
N GLY K 49 25.24 52.82 -114.67
CA GLY K 49 24.39 53.66 -113.86
C GLY K 49 24.54 53.29 -112.42
N GLU K 50 23.51 53.57 -111.63
CA GLU K 50 23.58 53.27 -110.21
C GLU K 50 22.20 53.05 -109.62
N LEU K 51 22.13 52.20 -108.61
CA LEU K 51 20.92 52.02 -107.83
C LEU K 51 21.13 52.72 -106.51
N LEU K 52 20.05 53.21 -105.91
CA LEU K 52 20.14 53.92 -104.64
C LEU K 52 19.63 53.08 -103.48
N VAL K 53 20.51 52.84 -102.51
CA VAL K 53 20.15 52.16 -101.28
C VAL K 53 20.06 53.22 -100.19
N ARG K 54 18.88 53.35 -99.60
CA ARG K 54 18.63 54.35 -98.58
C ARG K 54 18.78 53.77 -97.19
N VAL K 55 19.71 54.32 -96.42
CA VAL K 55 19.87 53.93 -95.04
C VAL K 55 19.83 55.16 -94.18
N PRO K 56 19.59 54.98 -92.87
CA PRO K 56 19.56 56.14 -92.01
C PRO K 56 20.87 56.90 -91.94
N LEU K 57 20.77 58.21 -91.83
CA LEU K 57 21.89 59.09 -91.62
C LEU K 57 22.77 59.31 -92.86
N LEU K 58 23.14 58.24 -93.55
CA LEU K 58 23.86 58.40 -94.83
C LEU K 58 22.89 58.82 -95.94
N GLY K 59 21.63 58.40 -95.82
CA GLY K 59 20.62 58.72 -96.81
C GLY K 59 20.79 57.84 -98.03
N GLU K 60 20.64 58.42 -99.20
CA GLU K 60 20.75 57.67 -100.45
C GLU K 60 22.20 57.37 -100.76
N VAL K 61 22.55 56.07 -100.74
CA VAL K 61 23.89 55.61 -101.09
C VAL K 61 23.83 54.97 -102.46
N ASP K 62 24.62 55.46 -103.38
CA ASP K 62 24.60 54.96 -104.77
C ASP K 62 25.55 53.78 -104.95
N LEU K 63 25.02 52.72 -105.55
CA LEU K 63 25.79 51.52 -105.87
C LEU K 63 25.87 51.43 -107.40
N PRO K 64 27.09 51.51 -107.95
CA PRO K 64 27.18 51.50 -109.39
C PRO K 64 27.01 50.10 -109.99
N PHE K 65 26.68 50.08 -111.28
CA PHE K 65 26.72 48.87 -112.09
C PHE K 65 27.22 49.26 -113.44
N ARG K 66 27.76 48.28 -114.15
CA ARG K 66 28.19 48.44 -115.51
C ARG K 66 28.04 47.07 -116.18
N SER K 67 27.39 47.04 -117.32
CA SER K 67 27.14 45.80 -118.03
C SER K 67 27.49 45.90 -119.52
N GLU K 68 27.96 44.80 -120.07
CA GLU K 68 28.29 44.70 -121.48
C GLU K 68 27.03 44.40 -122.27
N ILE K 69 26.86 45.08 -123.40
CA ILE K 69 25.72 44.84 -124.28
C ILE K 69 26.13 43.79 -125.29
N VAL K 70 25.37 42.70 -125.35
CA VAL K 70 25.66 41.60 -126.25
C VAL K 70 24.50 41.36 -127.18
N ARG K 71 24.75 41.52 -128.46
CA ARG K 71 23.76 41.35 -129.49
C ARG K 71 23.64 39.88 -129.84
N THR K 72 22.43 39.36 -129.81
CA THR K 72 22.18 37.95 -130.08
C THR K 72 21.23 37.79 -131.27
N PRO K 73 21.08 36.55 -131.77
CA PRO K 73 20.23 36.38 -132.97
C PRO K 73 18.76 36.79 -132.78
N GLN K 74 18.20 36.60 -131.59
CA GLN K 74 16.79 36.95 -131.31
C GLN K 74 16.62 38.24 -130.52
N GLY K 75 17.73 38.91 -130.19
CA GLY K 75 17.65 40.14 -129.40
C GLY K 75 18.97 40.64 -128.87
N ALA K 76 19.11 40.65 -127.55
CA ALA K 76 20.31 41.17 -126.92
C ALA K 76 20.31 40.79 -125.45
N GLU K 77 21.50 40.85 -124.84
CA GLU K 77 21.66 40.63 -123.41
C GLU K 77 22.48 41.74 -122.79
N LEU K 78 22.35 41.89 -121.48
CA LEU K 78 23.30 42.64 -120.66
C LEU K 78 24.03 41.62 -119.82
N ARG K 79 25.35 41.65 -119.88
CA ARG K 79 26.18 40.80 -119.04
C ARG K 79 27.04 41.68 -118.13
N PRO K 80 26.91 41.47 -116.80
CA PRO K 80 27.50 42.35 -115.80
C PRO K 80 29.01 42.31 -115.73
N LEU K 81 29.60 43.46 -115.47
CA LEU K 81 31.04 43.53 -115.24
C LEU K 81 31.30 43.61 -113.75
N THR K 82 32.39 42.99 -113.33
CA THR K 82 32.80 42.99 -111.94
C THR K 82 33.38 44.35 -111.59
N LEU K 83 32.90 44.94 -110.50
CA LEU K 83 33.44 46.22 -110.02
C LEU K 83 34.27 45.97 -108.74
N THR K 84 34.94 46.99 -108.23
CA THR K 84 35.91 46.78 -107.13
C THR K 84 35.20 46.54 -105.81
N GLY K 85 35.91 45.99 -104.84
CA GLY K 85 35.30 45.72 -103.53
C GLY K 85 35.35 46.89 -102.54
N GLU K 86 35.92 48.04 -102.96
CA GLU K 86 36.05 49.23 -102.10
C GLU K 86 34.70 49.77 -101.65
N ARG K 87 33.68 49.56 -102.48
CA ARG K 87 32.34 49.97 -102.13
C ARG K 87 31.36 49.04 -102.74
N ALA K 88 30.17 48.96 -102.13
CA ALA K 88 29.09 48.11 -102.61
C ALA K 88 28.72 48.45 -104.05
N TRP K 89 28.35 47.42 -104.80
CA TRP K 89 27.98 47.59 -106.19
C TRP K 89 26.88 46.62 -106.55
N VAL K 90 26.41 46.72 -107.79
CA VAL K 90 25.36 45.85 -108.27
C VAL K 90 25.73 45.25 -109.62
N ALA K 91 25.40 43.96 -109.79
CA ALA K 91 25.52 43.25 -111.08
C ALA K 91 24.14 43.19 -111.70
N VAL K 92 23.98 43.83 -112.86
CA VAL K 92 22.72 43.86 -113.60
C VAL K 92 22.83 42.99 -114.85
N SER K 93 22.04 41.94 -114.90
CA SER K 93 22.01 41.03 -116.05
C SER K 93 20.62 41.06 -116.65
N GLY K 94 20.54 40.81 -117.94
CA GLY K 94 19.26 40.75 -118.64
C GLY K 94 19.34 40.07 -119.97
N GLN K 95 18.23 39.44 -120.35
CA GLN K 95 18.13 38.80 -121.63
C GLN K 95 16.79 39.17 -122.25
N ALA K 96 16.79 39.44 -123.55
CA ALA K 96 15.60 39.84 -124.27
C ALA K 96 15.53 39.15 -125.61
N THR K 97 14.33 38.70 -125.98
CA THR K 97 14.12 38.11 -127.29
C THR K 97 12.90 38.75 -127.94
N ALA K 98 12.93 38.84 -129.26
CA ALA K 98 11.82 39.36 -130.06
C ALA K 98 11.43 38.26 -131.03
N ALA K 99 10.15 37.98 -131.10
CA ALA K 99 9.66 36.88 -131.91
C ALA K 99 8.71 37.37 -132.98
N GLU K 100 8.11 36.41 -133.68
CA GLU K 100 7.15 36.70 -134.72
C GLU K 100 6.05 37.56 -134.18
N GLY K 101 5.72 38.61 -134.91
CA GLY K 101 4.61 39.49 -134.55
C GLY K 101 4.99 40.57 -133.58
N GLY K 102 6.26 40.59 -133.14
CA GLY K 102 6.74 41.60 -132.21
C GLY K 102 6.61 41.23 -130.74
N GLU K 103 6.34 39.97 -130.47
CA GLU K 103 6.24 39.48 -129.10
C GLU K 103 7.63 39.49 -128.46
N MET K 104 7.79 40.23 -127.36
CA MET K 104 9.07 40.32 -126.66
C MET K 104 9.07 39.70 -125.27
N ALA K 105 10.14 38.98 -124.96
CA ALA K 105 10.30 38.33 -123.66
C ALA K 105 11.52 38.95 -123.00
N PHE K 106 11.38 39.27 -121.72
CA PHE K 106 12.46 39.83 -120.93
C PHE K 106 12.66 39.04 -119.66
N ALA K 107 13.91 38.94 -119.24
CA ALA K 107 14.29 38.41 -117.96
C ALA K 107 15.47 39.27 -117.44
N PHE K 108 15.34 39.77 -116.23
CA PHE K 108 16.40 40.55 -115.58
C PHE K 108 16.78 39.96 -114.27
N GLN K 109 18.08 40.01 -113.95
CA GLN K 109 18.57 39.53 -112.64
C GLN K 109 19.50 40.59 -112.04
N PHE K 110 19.37 40.81 -110.73
CA PHE K 110 20.17 41.78 -110.01
C PHE K 110 20.80 41.12 -108.83
N GLN K 111 22.07 41.43 -108.58
CA GLN K 111 22.78 40.93 -107.43
C GLN K 111 23.54 42.10 -106.78
N ALA K 112 23.33 42.33 -105.50
CA ALA K 112 24.06 43.37 -104.78
C ALA K 112 25.29 42.71 -104.19
N HIS K 113 26.45 43.33 -104.39
CA HIS K 113 27.70 42.81 -103.87
C HIS K 113 28.21 43.75 -102.78
N LEU K 114 28.19 43.27 -101.55
CA LEU K 114 28.59 44.09 -100.41
C LEU K 114 30.08 44.02 -100.14
N ALA K 115 30.62 45.11 -99.59
CA ALA K 115 32.04 45.18 -99.27
C ALA K 115 32.35 44.47 -97.95
N THR K 116 33.51 43.81 -97.90
CA THR K 116 33.92 43.11 -96.69
C THR K 116 35.30 43.56 -96.23
N GLY K 124 28.11 45.78 -84.88
CA GLY K 124 28.31 45.46 -86.31
C GLY K 124 27.32 44.44 -86.89
N ALA K 125 26.90 43.50 -86.05
CA ALA K 125 25.94 42.48 -86.49
C ALA K 125 24.54 43.12 -86.68
N ALA K 126 24.15 43.95 -85.72
CA ALA K 126 22.87 44.67 -85.76
C ALA K 126 22.81 45.62 -86.97
N PHE K 127 23.93 46.28 -87.26
CA PHE K 127 24.00 47.20 -88.38
C PHE K 127 23.86 46.48 -89.72
N GLU K 128 24.47 45.31 -89.83
CA GLU K 128 24.48 44.57 -91.08
C GLU K 128 23.03 44.34 -91.46
N VAL K 129 22.18 44.15 -90.45
CA VAL K 129 20.76 43.95 -90.67
C VAL K 129 20.12 45.13 -91.39
N MET K 130 20.48 46.36 -91.03
CA MET K 130 19.89 47.53 -91.72
C MET K 130 20.33 47.60 -93.18
N VAL K 131 21.62 47.34 -93.44
CA VAL K 131 22.13 47.42 -94.83
C VAL K 131 21.57 46.31 -95.73
N GLN K 132 21.52 45.07 -95.25
CA GLN K 132 20.99 43.96 -96.05
C GLN K 132 19.52 44.17 -96.41
N ALA K 133 18.73 44.61 -95.43
CA ALA K 133 17.30 44.87 -95.63
C ALA K 133 17.09 45.99 -96.65
N ALA K 134 17.86 47.05 -96.53
CA ALA K 134 17.74 48.21 -97.40
C ALA K 134 18.11 47.85 -98.83
N ALA K 135 19.22 47.13 -98.98
CA ALA K 135 19.70 46.72 -100.30
C ALA K 135 18.71 45.78 -100.96
N GLY K 136 18.10 44.92 -100.16
CA GLY K 136 17.07 44.01 -100.65
C GLY K 136 15.86 44.75 -101.19
N VAL K 137 15.47 45.81 -100.49
CA VAL K 137 14.33 46.63 -100.90
C VAL K 137 14.63 47.35 -102.19
N THR K 138 15.87 47.84 -102.31
CA THR K 138 16.32 48.53 -103.53
C THR K 138 16.25 47.61 -104.75
N LEU K 139 16.76 46.40 -104.60
CA LEU K 139 16.76 45.45 -105.68
C LEU K 139 15.34 45.08 -106.14
N LEU K 140 14.46 44.84 -105.18
CA LEU K 140 13.08 44.48 -105.49
C LEU K 140 12.31 45.65 -106.13
N LEU K 141 12.53 46.88 -105.65
CA LEU K 141 11.83 48.02 -106.19
C LEU K 141 12.15 48.17 -107.69
N VAL K 142 13.43 48.10 -108.04
CA VAL K 142 13.82 48.25 -109.44
C VAL K 142 13.30 47.07 -110.27
N ALA K 143 13.38 45.87 -109.73
CA ALA K 143 12.96 44.65 -110.45
C ALA K 143 11.45 44.68 -110.70
N MET K 144 10.69 44.98 -109.65
CA MET K 144 9.24 45.02 -109.74
C MET K 144 8.71 46.10 -110.68
N ALA K 145 9.47 47.19 -110.86
CA ALA K 145 9.01 48.28 -111.73
C ALA K 145 9.43 48.11 -113.20
N LEU K 146 10.27 47.13 -113.48
CA LEU K 146 10.79 46.95 -114.85
C LEU K 146 9.72 46.79 -115.93
N PRO K 147 8.71 45.95 -115.70
CA PRO K 147 7.70 45.83 -116.75
C PRO K 147 7.04 47.18 -117.12
N GLN K 148 6.72 47.96 -116.09
CA GLN K 148 6.16 49.29 -116.27
C GLN K 148 7.13 50.16 -117.08
N GLY K 149 8.41 50.13 -116.69
CA GLY K 149 9.45 50.92 -117.35
C GLY K 149 9.68 50.56 -118.79
N LEU K 150 9.75 49.26 -119.07
CA LEU K 150 9.95 48.78 -120.43
C LEU K 150 8.75 49.13 -121.29
N ALA K 151 7.56 49.02 -120.73
CA ALA K 151 6.32 49.35 -121.46
C ALA K 151 6.27 50.85 -121.80
N ALA K 152 6.73 51.68 -120.87
CA ALA K 152 6.79 53.14 -121.09
C ALA K 152 7.67 53.54 -122.29
N GLY K 153 8.60 52.68 -122.68
CA GLY K 153 9.46 53.00 -123.84
C GLY K 153 8.85 52.70 -125.20
N LEU K 154 7.69 52.04 -125.21
CA LEU K 154 7.06 51.58 -126.46
C LEU K 154 6.13 52.65 -127.06
N PRO K 155 6.24 52.84 -128.39
CA PRO K 155 5.44 53.77 -129.15
C PRO K 155 4.12 53.12 -129.56
N PRO K 156 3.14 53.94 -129.95
CA PRO K 156 1.82 53.50 -130.41
C PRO K 156 1.83 52.99 -131.83
N ALA K 157 0.91 52.07 -132.15
CA ALA K 157 0.71 51.62 -133.53
C ALA K 157 0.01 52.70 -134.32
N LEU L 3 -20.10 6.29 -113.17
CA LEU L 3 -20.28 5.46 -114.41
C LEU L 3 -20.94 6.25 -115.53
N SER L 4 -20.89 7.57 -115.37
CA SER L 4 -21.35 8.51 -116.40
C SER L 4 -20.35 9.63 -116.52
N ALA L 5 -20.28 10.21 -117.70
CA ALA L 5 -19.45 11.37 -117.97
C ALA L 5 -20.20 12.19 -119.01
N GLU L 6 -20.07 13.51 -118.91
CA GLU L 6 -20.76 14.47 -119.79
C GLU L 6 -19.77 15.50 -120.28
N GLN L 7 -19.97 16.02 -121.47
CA GLN L 7 -19.14 17.11 -121.97
C GLN L 7 -19.95 17.97 -122.93
N SER L 8 -19.82 19.29 -122.80
CA SER L 8 -20.48 20.20 -123.71
C SER L 8 -19.57 21.38 -124.03
N PHE L 9 -19.64 21.85 -125.27
CA PHE L 9 -18.76 22.89 -125.72
C PHE L 9 -19.17 23.43 -127.06
N THR L 10 -18.62 24.59 -127.41
CA THR L 10 -18.89 25.23 -128.68
C THR L 10 -17.59 25.43 -129.45
N LEU L 11 -17.71 25.41 -130.78
CA LEU L 11 -16.57 25.63 -131.69
C LEU L 11 -17.09 26.24 -132.95
N ARG L 12 -16.31 27.12 -133.55
CA ARG L 12 -16.70 27.75 -134.81
C ARG L 12 -16.05 27.04 -135.99
N HIS L 13 -16.85 26.69 -136.99
CA HIS L 13 -16.28 26.11 -138.20
C HIS L 13 -15.83 27.30 -139.05
N PRO L 14 -14.55 27.35 -139.43
CA PRO L 14 -14.01 28.47 -140.24
C PRO L 14 -14.67 28.70 -141.61
N HIS L 15 -15.37 27.69 -142.15
CA HIS L 15 -15.96 27.81 -143.49
C HIS L 15 -17.47 28.17 -143.51
N GLY L 16 -18.06 28.42 -142.33
CA GLY L 16 -19.46 28.88 -142.29
C GLY L 16 -20.48 27.79 -142.04
N GLN L 17 -21.76 28.14 -142.18
CA GLN L 17 -22.87 27.26 -141.78
C GLN L 17 -23.03 25.95 -142.56
N ALA L 18 -23.11 26.05 -143.89
CA ALA L 18 -23.27 24.86 -144.72
C ALA L 18 -22.19 23.84 -144.42
N ALA L 19 -20.95 24.32 -144.32
CA ALA L 19 -19.83 23.44 -144.03
C ALA L 19 -19.94 22.83 -142.62
N ALA L 20 -20.38 23.64 -141.65
CA ALA L 20 -20.52 23.17 -140.27
C ALA L 20 -21.59 22.07 -140.19
N LEU L 21 -22.70 22.26 -140.91
CA LEU L 21 -23.77 21.23 -141.01
C LEU L 21 -23.22 19.93 -141.58
N ALA L 22 -22.45 20.04 -142.69
CA ALA L 22 -21.88 18.87 -143.33
C ALA L 22 -20.90 18.15 -142.43
N PHE L 23 -20.10 18.92 -141.71
CA PHE L 23 -19.08 18.40 -140.78
C PHE L 23 -19.73 17.58 -139.64
N VAL L 24 -20.74 18.13 -138.99
CA VAL L 24 -21.37 17.43 -137.86
C VAL L 24 -22.21 16.24 -138.30
N ARG L 25 -22.60 16.21 -139.58
CA ARG L 25 -23.45 15.12 -140.08
C ARG L 25 -22.67 13.93 -140.59
N GLU L 26 -21.36 14.08 -140.76
CA GLU L 26 -20.52 12.98 -141.22
C GLU L 26 -19.51 12.61 -140.13
N PRO L 27 -19.71 11.46 -139.49
CA PRO L 27 -18.81 11.01 -138.42
C PRO L 27 -17.32 11.03 -138.80
N ALA L 28 -16.99 10.44 -139.95
CA ALA L 28 -15.59 10.36 -140.42
C ALA L 28 -14.92 11.74 -140.45
N ALA L 29 -15.72 12.80 -140.59
CA ALA L 29 -15.22 14.19 -140.54
C ALA L 29 -15.12 14.65 -139.09
N ALA L 30 -16.25 14.64 -138.41
CA ALA L 30 -16.35 15.13 -137.03
C ALA L 30 -15.44 14.41 -136.06
N LEU L 31 -15.32 13.08 -136.21
CA LEU L 31 -14.50 12.28 -135.28
C LEU L 31 -13.09 11.90 -135.81
N ALA L 32 -12.66 12.48 -136.92
CA ALA L 32 -11.33 12.14 -137.51
C ALA L 32 -10.13 12.21 -136.50
N GLY L 33 -10.11 13.25 -135.67
CA GLY L 33 -8.99 13.45 -134.74
C GLY L 33 -9.32 13.13 -133.29
N VAL L 34 -10.48 12.52 -133.08
CA VAL L 34 -10.94 12.18 -131.73
C VAL L 34 -10.10 11.06 -131.15
N GLN L 35 -9.57 11.28 -129.95
CA GLN L 35 -8.75 10.25 -129.31
C GLN L 35 -9.57 9.48 -128.29
N ARG L 36 -9.02 8.33 -127.91
CA ARG L 36 -9.56 7.44 -126.87
C ARG L 36 -10.81 6.69 -127.28
N LEU L 37 -11.10 6.73 -128.58
CA LEU L 37 -12.14 5.89 -129.17
C LEU L 37 -11.46 4.93 -130.16
N ARG L 38 -11.03 3.78 -129.66
CA ARG L 38 -10.26 2.86 -130.47
C ARG L 38 -11.17 2.09 -131.44
N GLY L 39 -10.64 1.76 -132.61
CA GLY L 39 -11.35 0.95 -133.59
C GLY L 39 -12.59 1.63 -134.15
N LEU L 40 -12.58 2.95 -134.15
CA LEU L 40 -13.71 3.72 -134.62
C LEU L 40 -14.01 3.39 -136.07
N ASP L 41 -15.26 3.10 -136.38
CA ASP L 41 -15.67 2.86 -137.74
C ASP L 41 -17.16 3.16 -137.92
N SER L 42 -17.61 3.24 -139.17
CA SER L 42 -19.00 3.56 -139.50
C SER L 42 -19.36 3.14 -140.91
N ASP L 43 -20.64 2.82 -141.11
CA ASP L 43 -21.17 2.48 -142.44
C ASP L 43 -22.12 3.58 -142.92
N GLY L 44 -22.10 4.73 -142.24
CA GLY L 44 -22.98 5.86 -142.60
C GLY L 44 -24.28 5.84 -141.81
N GLU L 45 -24.65 4.65 -141.31
CA GLU L 45 -25.87 4.47 -140.54
C GLU L 45 -25.59 4.43 -139.04
N GLN L 46 -24.55 3.70 -138.66
CA GLN L 46 -24.15 3.61 -137.29
C GLN L 46 -22.68 3.86 -137.16
N VAL L 47 -22.27 4.21 -135.96
CA VAL L 47 -20.87 4.40 -135.61
C VAL L 47 -20.55 3.45 -134.46
N TRP L 48 -19.36 2.87 -134.46
CA TRP L 48 -18.97 1.95 -133.40
C TRP L 48 -17.47 2.00 -133.11
N GLY L 49 -17.11 1.43 -131.96
CA GLY L 49 -15.73 1.44 -131.52
C GLY L 49 -15.65 0.90 -130.13
N GLU L 50 -14.61 1.30 -129.40
CA GLU L 50 -14.43 0.81 -128.05
C GLU L 50 -13.63 1.79 -127.20
N LEU L 51 -13.91 1.81 -125.91
CA LEU L 51 -13.14 2.55 -124.95
C LEU L 51 -12.31 1.54 -124.17
N LEU L 52 -11.14 1.98 -123.70
CA LEU L 52 -10.25 1.09 -122.97
C LEU L 52 -10.25 1.40 -121.48
N VAL L 53 -10.63 0.41 -120.69
CA VAL L 53 -10.56 0.50 -119.24
C VAL L 53 -9.35 -0.32 -118.78
N ARG L 54 -8.41 0.36 -118.14
CA ARG L 54 -7.19 -0.28 -117.69
C ARG L 54 -7.29 -0.71 -116.24
N VAL L 55 -7.14 -2.01 -116.00
CA VAL L 55 -7.11 -2.52 -114.64
C VAL L 55 -5.87 -3.37 -114.49
N PRO L 56 -5.47 -3.62 -113.23
CA PRO L 56 -4.29 -4.43 -113.03
C PRO L 56 -4.44 -5.85 -113.55
N LEU L 57 -3.34 -6.38 -114.06
CA LEU L 57 -3.24 -7.76 -114.49
C LEU L 57 -3.95 -8.06 -115.81
N LEU L 58 -5.19 -7.63 -115.96
CA LEU L 58 -5.86 -7.76 -117.26
C LEU L 58 -5.36 -6.73 -118.26
N GLY L 59 -4.93 -5.58 -117.75
CA GLY L 59 -4.42 -4.51 -118.57
C GLY L 59 -5.58 -3.77 -119.24
N GLU L 60 -5.41 -3.44 -120.51
CA GLU L 60 -6.43 -2.71 -121.23
C GLU L 60 -7.58 -3.62 -121.62
N VAL L 61 -8.76 -3.35 -121.03
CA VAL L 61 -9.97 -4.09 -121.35
C VAL L 61 -10.86 -3.21 -122.20
N ASP L 62 -11.21 -3.70 -123.38
CA ASP L 62 -12.01 -2.93 -124.32
C ASP L 62 -13.51 -3.10 -124.08
N LEU L 63 -14.21 -1.98 -124.00
CA LEU L 63 -15.67 -1.94 -123.84
C LEU L 63 -16.26 -1.36 -125.12
N PRO L 64 -17.06 -2.16 -125.85
CA PRO L 64 -17.57 -1.66 -127.10
C PRO L 64 -18.72 -0.67 -126.93
N PHE L 65 -18.96 0.12 -127.97
CA PHE L 65 -20.15 0.93 -128.09
C PHE L 65 -20.56 0.90 -129.54
N ARG L 66 -21.83 1.17 -129.77
CA ARG L 66 -22.37 1.29 -131.10
C ARG L 66 -23.55 2.27 -130.99
N SER L 67 -23.55 3.27 -131.86
CA SER L 67 -24.58 4.29 -131.83
C SER L 67 -25.16 4.55 -133.23
N GLU L 68 -26.45 4.88 -133.26
CA GLU L 68 -27.16 5.21 -134.49
C GLU L 68 -26.92 6.68 -134.81
N ILE L 69 -26.65 6.97 -136.08
CA ILE L 69 -26.46 8.34 -136.53
C ILE L 69 -27.81 8.87 -136.97
N VAL L 70 -28.23 9.98 -136.38
CA VAL L 70 -29.52 10.59 -136.68
C VAL L 70 -29.33 12.00 -137.18
N ARG L 71 -29.75 12.24 -138.39
CA ARG L 71 -29.63 13.52 -139.04
C ARG L 71 -30.81 14.39 -138.62
N THR L 72 -30.51 15.58 -138.14
CA THR L 72 -31.54 16.52 -137.66
C THR L 72 -31.50 17.82 -138.46
N PRO L 73 -32.50 18.68 -138.27
CA PRO L 73 -32.53 19.91 -139.07
C PRO L 73 -31.33 20.86 -138.86
N GLN L 74 -30.79 20.90 -137.65
CA GLN L 74 -29.64 21.78 -137.33
C GLN L 74 -28.30 21.04 -137.25
N GLY L 75 -28.33 19.73 -137.46
CA GLY L 75 -27.08 18.95 -137.35
C GLY L 75 -27.29 17.45 -137.36
N ALA L 76 -26.95 16.81 -136.25
CA ALA L 76 -27.03 15.36 -136.15
C ALA L 76 -26.87 14.94 -134.70
N GLU L 77 -27.30 13.71 -134.41
CA GLU L 77 -27.10 13.11 -133.10
C GLU L 77 -26.54 11.71 -133.23
N LEU L 78 -25.93 11.24 -132.14
CA LEU L 78 -25.66 9.82 -131.96
C LEU L 78 -26.58 9.34 -130.87
N ARG L 79 -27.31 8.27 -131.15
CA ARG L 79 -28.18 7.65 -130.17
C ARG L 79 -27.72 6.21 -129.94
N PRO L 80 -27.38 5.87 -128.67
CA PRO L 80 -26.73 4.61 -128.33
C PRO L 80 -27.59 3.39 -128.51
N LEU L 81 -26.97 2.31 -128.93
CA LEU L 81 -27.65 1.02 -129.02
C LEU L 81 -27.28 0.18 -127.80
N THR L 82 -28.24 -0.60 -127.33
CA THR L 82 -28.03 -1.48 -126.20
C THR L 82 -27.21 -2.68 -126.64
N LEU L 83 -26.16 -2.98 -125.89
CA LEU L 83 -25.33 -4.17 -126.19
C LEU L 83 -25.60 -5.23 -125.11
N THR L 84 -25.03 -6.42 -125.26
CA THR L 84 -25.39 -7.55 -124.38
C THR L 84 -24.77 -7.40 -123.00
N GLY L 85 -25.28 -8.11 -122.03
CA GLY L 85 -24.75 -8.03 -120.66
C GLY L 85 -23.58 -8.98 -120.37
N GLU L 86 -23.14 -9.76 -121.38
CA GLU L 86 -22.04 -10.73 -121.21
C GLU L 86 -20.72 -10.05 -120.86
N ARG L 87 -20.56 -8.81 -121.30
CA ARG L 87 -19.39 -8.05 -120.97
C ARG L 87 -19.73 -6.61 -120.89
N ALA L 88 -18.93 -5.86 -120.13
CA ALA L 88 -19.13 -4.42 -119.96
C ALA L 88 -19.11 -3.70 -121.30
N TRP L 89 -19.92 -2.65 -121.40
CA TRP L 89 -20.00 -1.88 -122.61
C TRP L 89 -20.24 -0.42 -122.28
N VAL L 90 -20.28 0.40 -123.31
CA VAL L 90 -20.50 1.83 -123.14
C VAL L 90 -21.59 2.32 -124.07
N ALA L 91 -22.43 3.22 -123.57
CA ALA L 91 -23.45 3.94 -124.36
C ALA L 91 -22.92 5.34 -124.63
N VAL L 92 -22.68 5.64 -125.91
CA VAL L 92 -22.19 6.94 -126.35
C VAL L 92 -23.31 7.73 -127.03
N SER L 93 -23.68 8.85 -126.43
CA SER L 93 -24.71 9.73 -126.98
C SER L 93 -24.09 11.08 -127.28
N GLY L 94 -24.64 11.76 -128.27
CA GLY L 94 -24.17 13.09 -128.63
C GLY L 94 -25.16 13.87 -129.46
N GLN L 95 -25.13 15.18 -129.32
CA GLN L 95 -25.97 16.05 -130.09
C GLN L 95 -25.11 17.22 -130.58
N ALA L 96 -25.32 17.61 -131.83
CA ALA L 96 -24.57 18.69 -132.44
C ALA L 96 -25.46 19.59 -133.26
N THR L 97 -25.24 20.89 -133.16
CA THR L 97 -25.99 21.84 -133.98
C THR L 97 -25.00 22.80 -134.64
N ALA L 98 -25.37 23.27 -135.82
CA ALA L 98 -24.59 24.26 -136.57
C ALA L 98 -25.52 25.43 -136.82
N ALA L 99 -25.02 26.62 -136.53
CA ALA L 99 -25.84 27.81 -136.62
C ALA L 99 -25.27 28.80 -137.61
N GLU L 100 -25.89 29.98 -137.66
CA GLU L 100 -25.45 31.04 -138.54
C GLU L 100 -23.99 31.35 -138.30
N GLY L 101 -23.23 31.43 -139.38
CA GLY L 101 -21.82 31.81 -139.30
C GLY L 101 -20.90 30.64 -139.04
N GLY L 102 -21.47 29.45 -138.88
CA GLY L 102 -20.68 28.24 -138.64
C GLY L 102 -20.43 27.92 -137.17
N GLU L 103 -21.15 28.58 -136.29
CA GLU L 103 -21.06 28.33 -134.86
C GLU L 103 -21.62 26.94 -134.54
N MET L 104 -20.81 26.06 -133.97
CA MET L 104 -21.25 24.71 -133.63
C MET L 104 -21.29 24.43 -132.14
N ALA L 105 -22.35 23.76 -131.70
CA ALA L 105 -22.53 23.38 -130.31
C ALA L 105 -22.54 21.87 -130.23
N PHE L 106 -21.82 21.33 -129.26
CA PHE L 106 -21.75 19.91 -129.04
C PHE L 106 -22.07 19.58 -127.58
N ALA L 107 -22.74 18.45 -127.39
CA ALA L 107 -22.94 17.85 -126.08
C ALA L 107 -22.79 16.34 -126.26
N PHE L 108 -21.96 15.73 -125.42
CA PHE L 108 -21.76 14.27 -125.42
C PHE L 108 -22.02 13.70 -124.07
N GLN L 109 -22.62 12.51 -124.02
CA GLN L 109 -22.85 11.80 -122.75
C GLN L 109 -22.38 10.35 -122.90
N PHE L 110 -21.73 9.84 -121.85
CA PHE L 110 -21.22 8.48 -121.83
C PHE L 110 -21.71 7.78 -120.60
N GLN L 111 -22.11 6.54 -120.75
CA GLN L 111 -22.54 5.71 -119.63
C GLN L 111 -21.88 4.34 -119.76
N ALA L 112 -21.18 3.91 -118.73
CA ALA L 112 -20.58 2.56 -118.73
C ALA L 112 -21.60 1.63 -118.10
N HIS L 113 -21.84 0.49 -118.76
CA HIS L 113 -22.78 -0.49 -118.30
C HIS L 113 -22.00 -1.75 -117.87
N LEU L 114 -21.97 -2.02 -116.59
CA LEU L 114 -21.22 -3.14 -116.06
C LEU L 114 -22.02 -4.43 -116.04
N ALA L 115 -21.34 -5.56 -116.17
CA ALA L 115 -21.99 -6.86 -116.18
C ALA L 115 -22.29 -7.33 -114.76
N THR L 116 -23.43 -7.99 -114.59
CA THR L 116 -23.84 -8.49 -113.28
C THR L 116 -24.11 -10.00 -113.33
N GLY L 124 -14.83 -9.67 -103.37
CA GLY L 124 -15.62 -9.12 -104.50
C GLY L 124 -16.01 -7.66 -104.34
N ALA L 125 -16.25 -7.23 -103.11
CA ALA L 125 -16.62 -5.83 -102.83
C ALA L 125 -15.41 -4.92 -103.07
N ALA L 126 -14.24 -5.34 -102.56
CA ALA L 126 -12.98 -4.61 -102.74
C ALA L 126 -12.60 -4.49 -104.22
N PHE L 127 -12.82 -5.57 -104.96
CA PHE L 127 -12.50 -5.57 -106.38
C PHE L 127 -13.39 -4.61 -107.18
N GLU L 128 -14.66 -4.56 -106.81
CA GLU L 128 -15.62 -3.74 -107.54
C GLU L 128 -15.11 -2.32 -107.51
N VAL L 129 -14.46 -1.96 -106.41
CA VAL L 129 -13.88 -0.63 -106.27
C VAL L 129 -12.83 -0.34 -107.34
N MET L 130 -11.98 -1.32 -107.68
CA MET L 130 -10.98 -1.07 -108.73
C MET L 130 -11.63 -0.88 -110.10
N VAL L 131 -12.63 -1.70 -110.42
CA VAL L 131 -13.29 -1.60 -111.74
C VAL L 131 -14.10 -0.30 -111.90
N GLN L 132 -14.87 0.09 -110.88
CA GLN L 132 -15.66 1.32 -110.95
C GLN L 132 -14.79 2.55 -111.12
N ALA L 133 -13.71 2.61 -110.35
CA ALA L 133 -12.77 3.73 -110.41
C ALA L 133 -12.11 3.82 -111.79
N ALA L 134 -11.69 2.69 -112.31
CA ALA L 134 -11.01 2.63 -113.59
C ALA L 134 -11.94 3.05 -114.71
N ALA L 135 -13.16 2.53 -114.70
CA ALA L 135 -14.15 2.84 -115.73
C ALA L 135 -14.51 4.32 -115.68
N GLY L 136 -14.58 4.87 -114.47
CA GLY L 136 -14.85 6.30 -114.29
C GLY L 136 -13.77 7.16 -114.89
N VAL L 137 -12.52 6.74 -114.73
CA VAL L 137 -11.38 7.46 -115.30
C VAL L 137 -11.39 7.42 -116.80
N THR L 138 -11.76 6.25 -117.35
CA THR L 138 -11.86 6.07 -118.79
C THR L 138 -12.90 7.03 -119.41
N LEU L 139 -14.08 7.08 -118.78
CA LEU L 139 -15.14 7.92 -119.27
C LEU L 139 -14.76 9.40 -119.25
N LEU L 140 -14.15 9.84 -118.16
CA LEU L 140 -13.74 11.23 -118.02
C LEU L 140 -12.61 11.60 -118.99
N LEU L 141 -11.64 10.69 -119.21
CA LEU L 141 -10.54 10.99 -120.10
C LEU L 141 -11.08 11.26 -121.52
N VAL L 142 -11.97 10.39 -122.00
CA VAL L 142 -12.50 10.57 -123.35
C VAL L 142 -13.37 11.83 -123.41
N ALA L 143 -14.18 12.08 -122.39
CA ALA L 143 -15.09 13.22 -122.36
C ALA L 143 -14.30 14.54 -122.33
N MET L 144 -13.31 14.60 -121.45
CA MET L 144 -12.49 15.79 -121.30
C MET L 144 -11.66 16.12 -122.52
N ALA L 145 -11.30 15.11 -123.33
CA ALA L 145 -10.48 15.34 -124.52
C ALA L 145 -11.31 15.67 -125.78
N LEU L 146 -12.63 15.53 -125.71
CA LEU L 146 -13.48 15.73 -126.88
C LEU L 146 -13.33 17.09 -127.57
N PRO L 147 -13.33 18.19 -126.79
CA PRO L 147 -13.18 19.48 -127.47
C PRO L 147 -11.89 19.56 -128.32
N GLN L 148 -10.78 19.08 -127.75
CA GLN L 148 -9.51 19.02 -128.45
C GLN L 148 -9.64 18.18 -129.73
N GLY L 149 -10.27 17.01 -129.59
CA GLY L 149 -10.46 16.08 -130.71
C GLY L 149 -11.33 16.62 -131.82
N LEU L 150 -12.44 17.24 -131.45
CA LEU L 150 -13.35 17.83 -132.43
C LEU L 150 -12.66 18.99 -133.14
N ALA L 151 -11.90 19.79 -132.39
CA ALA L 151 -11.18 20.93 -132.97
C ALA L 151 -10.11 20.45 -133.98
N ALA L 152 -9.45 19.35 -133.66
CA ALA L 152 -8.43 18.76 -134.54
C ALA L 152 -8.99 18.34 -135.91
N GLY L 153 -10.30 18.12 -136.01
CA GLY L 153 -10.90 17.75 -137.29
C GLY L 153 -11.21 18.92 -138.23
N LEU L 154 -11.07 20.15 -137.73
CA LEU L 154 -11.43 21.34 -138.48
C LEU L 154 -10.29 21.87 -139.34
N PRO L 155 -10.62 22.24 -140.61
CA PRO L 155 -9.69 22.78 -141.56
C PRO L 155 -9.57 24.29 -141.40
N PRO L 156 -8.52 24.87 -141.96
CA PRO L 156 -8.25 26.32 -141.91
C PRO L 156 -9.09 27.10 -142.91
N ALA L 157 -9.37 28.37 -142.59
CA ALA L 157 -10.04 29.27 -143.54
C ALA L 157 -9.05 29.68 -144.61
N LEU M 3 -31.03 54.83 -96.01
CA LEU M 3 -32.02 55.81 -96.59
C LEU M 3 -31.41 56.61 -97.73
N SER M 4 -30.31 56.09 -98.25
CA SER M 4 -29.66 56.65 -99.42
C SER M 4 -29.26 55.52 -100.35
N ALA M 5 -29.19 55.83 -101.64
CA ALA M 5 -28.72 54.90 -102.65
C ALA M 5 -28.03 55.74 -103.70
N GLU M 6 -26.98 55.18 -104.29
CA GLU M 6 -26.15 55.86 -105.30
C GLU M 6 -25.93 54.93 -106.47
N GLN M 7 -25.80 55.49 -107.66
CA GLN M 7 -25.46 54.68 -108.84
C GLN M 7 -24.68 55.53 -109.83
N SER M 8 -23.62 54.96 -110.39
CA SER M 8 -22.85 55.64 -111.42
C SER M 8 -22.43 54.67 -112.50
N PHE M 9 -22.41 55.15 -113.73
CA PHE M 9 -22.12 54.29 -114.86
C PHE M 9 -21.91 55.08 -116.13
N THR M 10 -21.34 54.42 -117.12
CA THR M 10 -21.09 55.02 -118.43
C THR M 10 -21.80 54.24 -119.50
N LEU M 11 -22.19 54.93 -120.57
CA LEU M 11 -22.84 54.33 -121.74
C LEU M 11 -22.49 55.16 -122.95
N ARG M 12 -22.34 54.50 -124.09
CA ARG M 12 -22.05 55.21 -125.33
C ARG M 12 -23.31 55.42 -126.15
N HIS M 13 -23.53 56.65 -126.59
CA HIS M 13 -24.67 56.91 -127.46
C HIS M 13 -24.19 56.56 -128.88
N PRO M 14 -24.88 55.64 -129.56
CA PRO M 14 -24.48 55.22 -130.92
C PRO M 14 -24.41 56.32 -131.99
N HIS M 15 -25.08 57.45 -131.76
CA HIS M 15 -25.12 58.52 -132.76
C HIS M 15 -24.12 59.68 -132.55
N GLY M 16 -23.25 59.57 -131.54
CA GLY M 16 -22.19 60.57 -131.34
C GLY M 16 -22.52 61.64 -130.32
N GLN M 17 -21.66 62.67 -130.25
CA GLN M 17 -21.73 63.69 -129.19
C GLN M 17 -22.97 64.57 -129.17
N ALA M 18 -23.28 65.22 -130.30
CA ALA M 18 -24.45 66.11 -130.37
C ALA M 18 -25.69 65.37 -129.92
N ALA M 19 -25.86 64.15 -130.39
CA ALA M 19 -27.03 63.35 -130.05
C ALA M 19 -27.02 62.99 -128.55
N ALA M 20 -25.83 62.66 -128.00
CA ALA M 20 -25.70 62.30 -126.60
C ALA M 20 -26.07 63.50 -125.71
N LEU M 21 -25.61 64.70 -126.09
CA LEU M 21 -25.98 65.94 -125.37
C LEU M 21 -27.49 66.16 -125.38
N ALA M 22 -28.13 65.98 -126.56
CA ALA M 22 -29.56 66.15 -126.69
C ALA M 22 -30.33 65.14 -125.85
N PHE M 23 -29.84 63.92 -125.85
CA PHE M 23 -30.46 62.81 -125.10
C PHE M 23 -30.47 63.07 -123.58
N VAL M 24 -29.31 63.46 -123.03
CA VAL M 24 -29.23 63.69 -121.58
C VAL M 24 -29.95 64.96 -121.14
N ARG M 25 -30.18 65.87 -122.07
CA ARG M 25 -30.83 67.15 -121.73
C ARG M 25 -32.34 67.10 -121.79
N GLU M 26 -32.90 66.03 -122.36
CA GLU M 26 -34.35 65.89 -122.44
C GLU M 26 -34.79 64.67 -121.64
N PRO M 27 -35.43 64.89 -120.49
CA PRO M 27 -35.88 63.80 -119.64
C PRO M 27 -36.69 62.72 -120.36
N ALA M 28 -37.71 63.15 -121.11
CA ALA M 28 -38.59 62.22 -121.85
C ALA M 28 -37.80 61.24 -122.73
N ALA M 29 -36.59 61.64 -123.14
CA ALA M 29 -35.68 60.77 -123.92
C ALA M 29 -34.88 59.90 -122.97
N ALA M 30 -34.13 60.54 -122.08
CA ALA M 30 -33.23 59.84 -121.15
C ALA M 30 -33.96 58.85 -120.24
N LEU M 31 -35.14 59.23 -119.75
CA LEU M 31 -35.89 58.37 -118.82
C LEU M 31 -37.05 57.55 -119.45
N ALA M 32 -37.14 57.53 -120.77
CA ALA M 32 -38.24 56.78 -121.46
C ALA M 32 -38.43 55.31 -120.99
N GLY M 33 -37.33 54.57 -120.82
CA GLY M 33 -37.40 53.17 -120.44
C GLY M 33 -37.04 52.88 -119.00
N VAL M 34 -36.90 53.93 -118.20
CA VAL M 34 -36.54 53.80 -116.79
C VAL M 34 -37.68 53.19 -115.99
N GLN M 35 -37.37 52.14 -115.25
CA GLN M 35 -38.39 51.49 -114.45
C GLN M 35 -38.30 51.94 -113.00
N ARG M 36 -39.38 51.66 -112.27
CA ARG M 36 -39.51 51.92 -110.83
C ARG M 36 -39.66 53.37 -110.48
N LEU M 37 -39.92 54.20 -111.49
CA LEU M 37 -40.29 55.59 -111.29
C LEU M 37 -41.72 55.77 -111.82
N ARG M 38 -42.70 55.54 -110.97
CA ARG M 38 -44.08 55.56 -111.40
C ARG M 38 -44.58 57.00 -111.59
N GLY M 39 -45.50 57.19 -112.55
CA GLY M 39 -46.12 58.49 -112.78
C GLY M 39 -45.16 59.56 -113.23
N LEU M 40 -44.09 59.14 -113.88
CA LEU M 40 -43.06 60.06 -114.33
C LEU M 40 -43.66 61.07 -115.29
N ASP M 41 -43.39 62.34 -115.06
CA ASP M 41 -43.83 63.39 -115.97
C ASP M 41 -42.93 64.62 -115.85
N SER M 42 -43.05 65.53 -116.82
CA SER M 42 -42.23 66.75 -116.85
C SER M 42 -42.84 67.81 -117.73
N ASP M 43 -42.57 69.08 -117.39
CA ASP M 43 -43.01 70.23 -118.18
C ASP M 43 -41.82 70.90 -118.86
N GLY M 44 -40.66 70.22 -118.86
CA GLY M 44 -39.44 70.77 -119.46
C GLY M 44 -38.58 71.50 -118.43
N GLU M 45 -39.21 71.95 -117.35
CA GLU M 45 -38.52 72.68 -116.28
C GLU M 45 -38.21 71.77 -115.10
N GLN M 46 -39.18 70.96 -114.71
CA GLN M 46 -39.02 70.03 -113.63
C GLN M 46 -39.48 68.66 -114.05
N VAL M 47 -38.99 67.66 -113.34
CA VAL M 47 -39.40 66.27 -113.53
C VAL M 47 -39.96 65.77 -112.20
N TRP M 48 -41.01 64.97 -112.25
CA TRP M 48 -41.59 64.44 -111.02
C TRP M 48 -42.19 63.05 -111.21
N GLY M 49 -42.45 62.38 -110.08
CA GLY M 49 -42.96 61.04 -110.10
C GLY M 49 -43.01 60.50 -108.69
N GLU M 50 -42.94 59.18 -108.57
CA GLU M 50 -42.99 58.57 -107.26
C GLU M 50 -42.30 57.22 -107.25
N LEU M 51 -41.74 56.86 -106.11
CA LEU M 51 -41.19 55.54 -105.89
C LEU M 51 -42.15 54.81 -104.98
N LEU M 52 -42.21 53.48 -105.12
CA LEU M 52 -43.14 52.69 -104.32
C LEU M 52 -42.39 51.91 -103.23
N VAL M 53 -42.77 52.16 -101.99
CA VAL M 53 -42.27 51.43 -100.84
C VAL M 53 -43.37 50.46 -100.41
N ARG M 54 -43.07 49.17 -100.45
CA ARG M 54 -44.03 48.14 -100.11
C ARG M 54 -43.86 47.69 -98.67
N VAL M 55 -44.92 47.87 -97.87
CA VAL M 55 -44.92 47.37 -96.51
C VAL M 55 -46.15 46.54 -96.31
N PRO M 56 -46.14 45.71 -95.25
CA PRO M 56 -47.31 44.89 -95.01
C PRO M 56 -48.57 45.69 -94.72
N LEU M 57 -49.68 45.18 -95.19
CA LEU M 57 -51.01 45.71 -94.91
C LEU M 57 -51.33 46.99 -95.66
N LEU M 58 -50.44 47.95 -95.65
CA LEU M 58 -50.64 49.16 -96.48
C LEU M 58 -50.36 48.87 -97.95
N GLY M 59 -49.46 47.92 -98.20
CA GLY M 59 -49.08 47.55 -99.55
C GLY M 59 -48.15 48.58 -100.14
N GLU M 60 -48.37 48.92 -101.40
CA GLU M 60 -47.51 49.88 -102.09
C GLU M 60 -47.82 51.29 -101.64
N VAL M 61 -46.85 51.92 -100.97
CA VAL M 61 -46.98 53.32 -100.54
C VAL M 61 -46.11 54.16 -101.43
N ASP M 62 -46.72 55.14 -102.07
CA ASP M 62 -46.00 56.01 -103.02
C ASP M 62 -45.36 57.20 -102.32
N LEU M 63 -44.07 57.40 -102.60
CA LEU M 63 -43.30 58.54 -102.10
C LEU M 63 -42.95 59.44 -103.28
N PRO M 64 -43.46 60.68 -103.28
CA PRO M 64 -43.20 61.52 -104.42
C PRO M 64 -41.79 62.10 -104.43
N PHE M 65 -41.36 62.52 -105.62
CA PHE M 65 -40.17 63.33 -105.80
C PHE M 65 -40.47 64.33 -106.87
N ARG M 66 -39.71 65.42 -106.84
CA ARG M 66 -39.78 66.44 -107.85
C ARG M 66 -38.37 67.07 -107.92
N SER M 67 -37.84 67.16 -109.12
CA SER M 67 -36.50 67.70 -109.33
C SER M 67 -36.46 68.73 -110.45
N GLU M 68 -35.59 69.71 -110.28
CA GLU M 68 -35.38 70.76 -111.26
C GLU M 68 -34.39 70.25 -112.32
N ILE M 69 -34.70 70.52 -113.59
CA ILE M 69 -33.80 70.14 -114.68
C ILE M 69 -32.86 71.31 -114.93
N VAL M 70 -31.57 71.04 -114.86
CA VAL M 70 -30.55 72.07 -115.05
C VAL M 70 -29.64 71.70 -116.20
N ARG M 71 -29.65 72.54 -117.22
CA ARG M 71 -28.85 72.34 -118.41
C ARG M 71 -27.44 72.86 -118.16
N THR M 72 -26.46 72.02 -118.42
CA THR M 72 -25.06 72.37 -118.20
C THR M 72 -24.25 72.28 -119.50
N PRO M 73 -23.01 72.78 -119.49
CA PRO M 73 -22.25 72.79 -120.75
C PRO M 73 -21.99 71.41 -121.35
N GLN M 74 -21.81 70.38 -120.52
CA GLN M 74 -21.54 69.00 -121.00
C GLN M 74 -22.76 68.08 -120.93
N GLY M 75 -23.90 68.60 -120.46
CA GLY M 75 -25.09 67.75 -120.33
C GLY M 75 -26.22 68.39 -119.55
N ALA M 76 -26.55 67.80 -118.42
CA ALA M 76 -27.67 68.27 -117.60
C ALA M 76 -27.63 67.61 -116.25
N GLU M 77 -28.32 68.21 -115.29
CA GLU M 77 -28.49 67.64 -113.95
C GLU M 77 -29.94 67.66 -113.55
N LEU M 78 -30.27 66.80 -112.58
CA LEU M 78 -31.51 66.93 -111.82
C LEU M 78 -31.11 67.35 -110.42
N ARG M 79 -31.72 68.43 -109.94
CA ARG M 79 -31.50 68.90 -108.59
C ARG M 79 -32.83 68.85 -107.82
N PRO M 80 -32.86 68.10 -106.70
CA PRO M 80 -34.10 67.79 -105.98
C PRO M 80 -34.73 68.96 -105.30
N LEU M 81 -36.06 68.98 -105.29
CA LEU M 81 -36.81 69.98 -104.55
C LEU M 81 -37.28 69.37 -103.24
N THR M 82 -37.32 70.20 -102.20
CA THR M 82 -37.76 69.79 -100.90
C THR M 82 -39.28 69.67 -100.91
N LEU M 83 -39.80 68.55 -100.43
CA LEU M 83 -41.25 68.36 -100.32
C LEU M 83 -41.66 68.41 -98.83
N THR M 84 -42.95 68.38 -98.54
CA THR M 84 -43.41 68.63 -97.15
C THR M 84 -43.14 67.43 -96.27
N GLY M 85 -43.17 67.65 -94.97
CA GLY M 85 -42.92 66.55 -94.02
C GLY M 85 -44.16 65.73 -93.64
N GLU M 86 -45.34 66.07 -94.21
CA GLU M 86 -46.60 65.38 -93.91
C GLU M 86 -46.56 63.90 -94.30
N ARG M 87 -45.76 63.59 -95.31
CA ARG M 87 -45.59 62.22 -95.73
C ARG M 87 -44.22 62.02 -96.27
N ALA M 88 -43.75 60.78 -96.23
CA ALA M 88 -42.43 60.42 -96.72
C ALA M 88 -42.29 60.79 -98.19
N TRP M 89 -41.07 61.18 -98.56
CA TRP M 89 -40.79 61.58 -99.93
C TRP M 89 -39.37 61.16 -100.28
N VAL M 90 -39.01 61.42 -101.53
CA VAL M 90 -37.68 61.08 -102.02
C VAL M 90 -37.06 62.28 -102.74
N ALA M 91 -35.75 62.47 -102.52
CA ALA M 91 -34.94 63.45 -103.24
C ALA M 91 -34.14 62.69 -104.30
N VAL M 92 -34.40 62.99 -105.58
CA VAL M 92 -33.72 62.38 -106.70
C VAL M 92 -32.76 63.37 -107.35
N SER M 93 -31.48 63.06 -107.29
CA SER M 93 -30.44 63.91 -107.89
C SER M 93 -29.73 63.11 -108.96
N GLY M 94 -29.22 63.81 -109.97
CA GLY M 94 -28.47 63.15 -111.04
C GLY M 94 -27.64 64.13 -111.84
N GLN M 95 -26.52 63.63 -112.36
CA GLN M 95 -25.66 64.42 -113.20
C GLN M 95 -25.28 63.56 -114.41
N ALA M 96 -25.26 64.19 -115.58
CA ALA M 96 -24.94 63.49 -116.82
C ALA M 96 -24.03 64.34 -117.68
N THR M 97 -23.04 63.71 -118.29
CA THR M 97 -22.17 64.41 -119.22
C THR M 97 -22.06 63.59 -120.51
N ALA M 98 -21.88 64.30 -121.63
CA ALA M 98 -21.69 63.68 -122.93
C ALA M 98 -20.37 64.20 -123.46
N ALA M 99 -19.53 63.29 -123.94
CA ALA M 99 -18.21 63.65 -124.36
C ALA M 99 -17.99 63.31 -125.84
N GLU M 100 -16.74 63.48 -126.28
CA GLU M 100 -16.36 63.18 -127.64
C GLU M 100 -16.74 61.76 -127.98
N GLY M 101 -17.38 61.60 -129.12
CA GLY M 101 -17.71 60.28 -129.63
C GLY M 101 -19.02 59.74 -129.09
N GLY M 102 -19.68 60.53 -128.23
CA GLY M 102 -20.96 60.13 -127.66
C GLY M 102 -20.87 59.35 -126.35
N GLU M 103 -19.70 59.34 -125.74
CA GLU M 103 -19.50 58.68 -124.46
C GLU M 103 -20.26 59.46 -123.37
N MET M 104 -21.19 58.78 -122.69
CA MET M 104 -21.98 59.42 -121.64
C MET M 104 -21.71 58.85 -120.25
N ALA M 105 -21.62 59.74 -119.27
CA ALA M 105 -21.38 59.37 -117.88
C ALA M 105 -22.59 59.82 -117.08
N PHE M 106 -23.06 58.93 -116.21
CA PHE M 106 -24.19 59.22 -115.35
C PHE M 106 -23.84 58.92 -113.90
N ALA M 107 -24.38 59.74 -113.00
CA ALA M 107 -24.35 59.51 -111.57
C ALA M 107 -25.73 59.92 -111.03
N PHE M 108 -26.35 59.03 -110.26
CA PHE M 108 -27.64 59.33 -109.61
C PHE M 108 -27.54 59.10 -108.13
N GLN M 109 -28.22 59.96 -107.36
CA GLN M 109 -28.28 59.78 -105.90
C GLN M 109 -29.74 59.91 -105.44
N PHE M 110 -30.14 59.05 -104.50
CA PHE M 110 -31.48 59.03 -103.96
C PHE M 110 -31.42 59.09 -102.47
N GLN M 111 -32.30 59.89 -101.88
CA GLN M 111 -32.40 59.99 -100.43
C GLN M 111 -33.89 59.92 -100.06
N ALA M 112 -34.25 59.00 -99.18
CA ALA M 112 -35.64 58.91 -98.70
C ALA M 112 -35.72 59.77 -97.44
N HIS M 113 -36.73 60.63 -97.37
CA HIS M 113 -36.94 61.50 -96.25
C HIS M 113 -38.21 61.05 -95.51
N LEU M 114 -38.02 60.52 -94.30
CA LEU M 114 -39.13 60.00 -93.53
C LEU M 114 -39.79 61.06 -92.67
N ALA M 115 -41.09 60.89 -92.42
CA ALA M 115 -41.84 61.84 -91.61
C ALA M 115 -41.63 61.60 -90.13
N THR M 116 -41.58 62.67 -89.36
CA THR M 116 -41.37 62.57 -87.91
C THR M 116 -42.48 63.30 -87.14
N GLY M 124 -43.46 50.91 -81.57
CA GLY M 124 -42.98 51.91 -82.56
C GLY M 124 -41.56 51.71 -83.04
N ALA M 125 -40.70 51.21 -82.14
CA ALA M 125 -39.30 50.97 -82.50
C ALA M 125 -39.20 49.78 -83.46
N ALA M 126 -39.95 48.70 -83.16
CA ALA M 126 -40.00 47.50 -84.01
C ALA M 126 -40.55 47.83 -85.40
N PHE M 127 -41.57 48.69 -85.44
CA PHE M 127 -42.19 49.07 -86.70
C PHE M 127 -41.23 49.88 -87.58
N GLU M 128 -40.46 50.75 -86.96
CA GLU M 128 -39.56 51.63 -87.69
C GLU M 128 -38.64 50.75 -88.50
N VAL M 129 -38.31 49.58 -87.94
CA VAL M 129 -37.45 48.64 -88.63
C VAL M 129 -38.06 48.16 -89.94
N MET M 130 -39.37 47.90 -89.97
CA MET M 130 -39.99 47.47 -91.25
C MET M 130 -39.96 48.57 -92.31
N VAL M 131 -40.26 49.81 -91.90
CA VAL M 131 -40.28 50.93 -92.86
C VAL M 131 -38.89 51.29 -93.40
N GLN M 132 -37.87 51.34 -92.53
CA GLN M 132 -36.51 51.66 -92.97
C GLN M 132 -35.97 50.61 -93.95
N ALA M 133 -36.19 49.34 -93.63
CA ALA M 133 -35.74 48.25 -94.48
C ALA M 133 -36.42 48.30 -95.85
N ALA M 134 -37.72 48.53 -95.85
CA ALA M 134 -38.50 48.56 -97.07
C ALA M 134 -38.07 49.72 -97.96
N ALA M 135 -37.91 50.89 -97.35
CA ALA M 135 -37.51 52.09 -98.09
C ALA M 135 -36.11 51.92 -98.66
N GLY M 136 -35.24 51.26 -97.91
CA GLY M 136 -33.89 50.96 -98.38
C GLY M 136 -33.90 50.06 -99.60
N VAL M 137 -34.80 49.07 -99.60
CA VAL M 137 -34.92 48.16 -100.72
C VAL M 137 -35.43 48.86 -101.95
N THR M 138 -36.38 49.78 -101.75
CA THR M 138 -36.95 50.59 -102.84
C THR M 138 -35.86 51.44 -103.51
N LEU M 139 -35.07 52.12 -102.70
CA LEU M 139 -34.02 52.97 -103.23
C LEU M 139 -32.98 52.18 -104.02
N LEU M 140 -32.58 51.04 -103.51
CA LEU M 140 -31.59 50.19 -104.17
C LEU M 140 -32.14 49.59 -105.48
N LEU M 141 -33.41 49.16 -105.47
CA LEU M 141 -33.98 48.56 -106.66
C LEU M 141 -33.95 49.56 -107.82
N VAL M 142 -34.39 50.79 -107.56
CA VAL M 142 -34.42 51.80 -108.62
C VAL M 142 -32.99 52.16 -109.05
N ALA M 143 -32.09 52.30 -108.09
CA ALA M 143 -30.70 52.69 -108.39
C ALA M 143 -30.00 51.61 -109.21
N MET M 144 -30.13 50.36 -108.78
CA MET M 144 -29.51 49.24 -109.46
C MET M 144 -30.03 49.00 -110.86
N ALA M 145 -31.28 49.39 -111.14
CA ALA M 145 -31.86 49.16 -112.47
C ALA M 145 -31.60 50.33 -113.44
N LEU M 146 -31.06 51.44 -112.95
CA LEU M 146 -30.87 52.63 -113.80
C LEU M 146 -30.04 52.40 -115.06
N PRO M 147 -28.89 51.70 -114.96
CA PRO M 147 -28.14 51.49 -116.19
C PRO M 147 -28.96 50.77 -117.29
N GLN M 148 -29.70 49.75 -116.88
CA GLN M 148 -30.58 49.00 -117.78
C GLN M 148 -31.62 49.96 -118.39
N GLY M 149 -32.22 50.79 -117.53
CA GLY M 149 -33.25 51.74 -117.97
C GLY M 149 -32.75 52.80 -118.92
N LEU M 150 -31.60 53.37 -118.60
CA LEU M 150 -30.99 54.39 -119.45
C LEU M 150 -30.61 53.79 -120.80
N ALA M 151 -30.08 52.57 -120.77
CA ALA M 151 -29.67 51.88 -122.00
C ALA M 151 -30.90 51.58 -122.90
N ALA M 152 -32.01 51.23 -122.28
CA ALA M 152 -33.27 50.97 -123.00
C ALA M 152 -33.77 52.19 -123.79
N GLY M 153 -33.35 53.39 -123.40
CA GLY M 153 -33.79 54.60 -124.13
C GLY M 153 -32.99 54.92 -125.39
N LEU M 154 -31.89 54.19 -125.60
CA LEU M 154 -30.98 54.47 -126.71
C LEU M 154 -31.37 53.74 -127.99
N PRO M 155 -31.32 54.48 -129.13
CA PRO M 155 -31.62 53.97 -130.44
C PRO M 155 -30.39 53.33 -131.08
N PRO M 156 -30.60 52.52 -132.11
CA PRO M 156 -29.53 51.83 -132.85
C PRO M 156 -28.81 52.75 -133.82
N ALA M 157 -27.53 52.44 -134.10
CA ALA M 157 -26.78 53.16 -135.13
C ALA M 157 -27.26 52.70 -136.50
N LEU N 3 -59.57 83.96 -49.12
CA LEU N 3 -59.92 85.41 -49.05
C LEU N 3 -60.32 85.96 -50.42
N SER N 4 -60.64 85.04 -51.31
CA SER N 4 -61.17 85.38 -52.63
C SER N 4 -62.33 84.46 -52.95
N ALA N 5 -63.24 84.95 -53.77
CA ALA N 5 -64.36 84.16 -54.26
C ALA N 5 -64.64 84.67 -55.67
N GLU N 6 -65.07 83.77 -56.54
CA GLU N 6 -65.34 84.06 -57.95
C GLU N 6 -66.67 83.46 -58.34
N GLN N 7 -67.37 84.08 -59.26
CA GLN N 7 -68.61 83.50 -59.79
C GLN N 7 -68.81 83.96 -61.22
N SER N 8 -69.22 83.02 -62.08
CA SER N 8 -69.51 83.36 -63.46
C SER N 8 -70.73 82.58 -63.94
N PHE N 9 -71.53 83.23 -64.78
CA PHE N 9 -72.78 82.62 -65.22
C PHE N 9 -73.41 83.41 -66.34
N THR N 10 -74.37 82.79 -67.00
CA THR N 10 -75.09 83.41 -68.09
C THR N 10 -76.58 83.42 -67.78
N LEU N 11 -77.28 84.43 -68.30
CA LEU N 11 -78.74 84.58 -68.14
C LEU N 11 -79.26 85.30 -69.36
N ARG N 12 -80.46 84.94 -69.78
CA ARG N 12 -81.09 85.61 -70.91
C ARG N 12 -82.08 86.67 -70.45
N HIS N 13 -81.96 87.87 -70.99
CA HIS N 13 -82.92 88.91 -70.67
C HIS N 13 -84.11 88.66 -71.61
N PRO N 14 -85.31 88.48 -71.05
CA PRO N 14 -86.52 88.22 -71.87
C PRO N 14 -86.89 89.29 -72.91
N HIS N 15 -86.39 90.52 -72.73
CA HIS N 15 -86.77 91.61 -73.64
C HIS N 15 -85.75 91.92 -74.77
N GLY N 16 -84.68 91.12 -74.87
CA GLY N 16 -83.73 91.28 -75.99
C GLY N 16 -82.51 92.10 -75.65
N GLN N 17 -81.71 92.42 -76.68
CA GLN N 17 -80.38 93.03 -76.52
C GLN N 17 -80.35 94.44 -75.91
N ALA N 18 -81.11 95.36 -76.51
CA ALA N 18 -81.14 96.75 -76.00
C ALA N 18 -81.48 96.77 -74.53
N ALA N 19 -82.48 95.99 -74.15
CA ALA N 19 -82.91 95.94 -72.76
C ALA N 19 -81.82 95.32 -71.87
N ALA N 20 -81.15 94.27 -72.36
CA ALA N 20 -80.09 93.61 -71.61
C ALA N 20 -78.92 94.58 -71.36
N LEU N 21 -78.55 95.35 -72.38
CA LEU N 21 -77.52 96.40 -72.25
C LEU N 21 -77.90 97.41 -71.18
N ALA N 22 -79.16 97.88 -71.22
CA ALA N 22 -79.64 98.86 -70.26
C ALA N 22 -79.63 98.31 -68.85
N PHE N 23 -80.03 97.05 -68.71
CA PHE N 23 -80.10 96.36 -67.43
C PHE N 23 -78.71 96.24 -66.76
N VAL N 24 -77.72 95.78 -67.52
CA VAL N 24 -76.37 95.60 -66.95
C VAL N 24 -75.65 96.91 -66.69
N ARG N 25 -76.10 97.98 -67.35
CA ARG N 25 -75.44 99.29 -67.19
C ARG N 25 -75.98 100.12 -66.05
N GLU N 26 -77.12 99.70 -65.48
CA GLU N 26 -77.70 100.42 -64.36
C GLU N 26 -77.73 99.52 -63.12
N PRO N 27 -76.86 99.81 -62.15
CA PRO N 27 -76.77 99.00 -60.93
C PRO N 27 -78.13 98.77 -60.23
N ALA N 28 -78.88 99.83 -60.02
CA ALA N 28 -80.20 99.76 -59.34
C ALA N 28 -81.12 98.72 -59.99
N ALA N 29 -80.91 98.46 -61.28
CA ALA N 29 -81.66 97.41 -62.02
C ALA N 29 -81.01 96.06 -61.80
N ALA N 30 -79.76 95.96 -62.19
CA ALA N 30 -79.01 94.69 -62.12
C ALA N 30 -78.92 94.12 -60.71
N LEU N 31 -78.71 94.98 -59.71
CA LEU N 31 -78.55 94.51 -58.32
C LEU N 31 -79.82 94.65 -57.43
N ALA N 32 -80.95 94.96 -58.01
CA ALA N 32 -82.21 95.14 -57.22
C ALA N 32 -82.55 93.98 -56.25
N GLY N 33 -82.38 92.73 -56.70
CA GLY N 33 -82.73 91.57 -55.89
C GLY N 33 -81.54 90.81 -55.32
N VAL N 34 -80.35 91.42 -55.45
CA VAL N 34 -79.12 90.79 -54.97
C VAL N 34 -79.08 90.77 -53.45
N GLN N 35 -78.85 89.60 -52.88
CA GLN N 35 -78.78 89.47 -51.44
C GLN N 35 -77.34 89.47 -50.96
N ARG N 36 -77.20 89.70 -49.66
CA ARG N 36 -75.92 89.66 -48.93
C ARG N 36 -75.01 90.83 -49.23
N LEU N 37 -75.57 91.86 -49.87
CA LEU N 37 -74.88 93.12 -50.04
C LEU N 37 -75.70 94.19 -49.30
N ARG N 38 -75.40 94.37 -48.03
CA ARG N 38 -76.19 95.26 -47.20
C ARG N 38 -75.85 96.74 -47.48
N GLY N 39 -76.86 97.61 -47.35
CA GLY N 39 -76.64 99.04 -47.50
C GLY N 39 -76.24 99.46 -48.90
N LEU N 40 -76.64 98.66 -49.88
CA LEU N 40 -76.28 98.91 -51.27
C LEU N 40 -76.82 100.26 -51.69
N ASP N 41 -75.96 101.08 -52.30
CA ASP N 41 -76.39 102.35 -52.84
C ASP N 41 -75.45 102.80 -53.96
N SER N 42 -75.88 103.80 -54.73
CA SER N 42 -75.12 104.32 -55.86
C SER N 42 -75.55 105.71 -56.25
N ASP N 43 -74.61 106.48 -56.80
CA ASP N 43 -74.89 107.83 -57.33
C ASP N 43 -74.79 107.83 -58.86
N GLY N 44 -74.73 106.65 -59.46
CA GLY N 44 -74.60 106.52 -60.93
C GLY N 44 -73.15 106.40 -61.36
N GLU N 45 -72.24 106.87 -60.52
CA GLU N 45 -70.80 106.83 -60.80
C GLU N 45 -70.12 105.68 -60.07
N GLN N 46 -70.46 105.49 -58.80
CA GLN N 46 -69.93 104.42 -58.03
C GLN N 46 -71.05 103.68 -57.32
N VAL N 47 -70.75 102.46 -56.92
CA VAL N 47 -71.67 101.63 -56.16
C VAL N 47 -70.95 101.25 -54.86
N TRP N 48 -71.68 101.21 -53.76
CA TRP N 48 -71.08 100.85 -52.47
C TRP N 48 -72.05 100.12 -51.56
N GLY N 49 -71.49 99.50 -50.53
CA GLY N 49 -72.27 98.71 -49.60
C GLY N 49 -71.35 97.99 -48.65
N GLU N 50 -71.83 96.89 -48.10
CA GLU N 50 -71.02 96.13 -47.15
C GLU N 50 -71.41 94.67 -47.13
N LEU N 51 -70.44 93.81 -46.85
CA LEU N 51 -70.67 92.41 -46.62
C LEU N 51 -70.55 92.18 -45.13
N LEU N 52 -71.29 91.18 -44.62
CA LEU N 52 -71.27 90.88 -43.20
C LEU N 52 -70.48 89.61 -42.90
N VAL N 53 -69.45 89.76 -42.09
CA VAL N 53 -68.66 88.63 -41.60
C VAL N 53 -69.07 88.39 -40.16
N ARG N 54 -69.60 87.20 -39.89
CA ARG N 54 -70.07 86.85 -38.56
C ARG N 54 -69.02 86.09 -37.78
N VAL N 55 -68.61 86.65 -36.64
CA VAL N 55 -67.70 85.96 -35.76
C VAL N 55 -68.29 85.93 -34.38
N PRO N 56 -67.77 85.05 -33.52
CA PRO N 56 -68.31 84.99 -32.18
C PRO N 56 -68.09 86.28 -31.38
N LEU N 57 -69.07 86.60 -30.56
CA LEU N 57 -69.02 87.70 -29.63
C LEU N 57 -69.16 89.08 -30.27
N LEU N 58 -68.44 89.34 -31.35
CA LEU N 58 -68.66 90.59 -32.09
C LEU N 58 -69.92 90.52 -32.92
N GLY N 59 -70.28 89.32 -33.35
CA GLY N 59 -71.46 89.11 -34.17
C GLY N 59 -71.19 89.53 -35.61
N GLU N 60 -72.16 90.19 -36.21
CA GLU N 60 -72.03 90.63 -37.59
C GLU N 60 -71.11 91.84 -37.70
N VAL N 61 -69.97 91.65 -38.37
CA VAL N 61 -69.02 92.72 -38.61
C VAL N 61 -69.12 93.11 -40.06
N ASP N 62 -69.40 94.38 -40.31
CA ASP N 62 -69.57 94.87 -41.69
C ASP N 62 -68.26 95.30 -42.31
N LEU N 63 -68.00 94.80 -43.52
CA LEU N 63 -66.82 95.16 -44.31
C LEU N 63 -67.29 95.94 -45.53
N PRO N 64 -66.88 97.21 -45.64
CA PRO N 64 -67.39 97.99 -46.75
C PRO N 64 -66.70 97.65 -48.08
N PHE N 65 -67.36 98.01 -49.16
CA PHE N 65 -66.77 98.02 -50.49
C PHE N 65 -67.31 99.22 -51.21
N ARG N 66 -66.56 99.66 -52.21
CA ARG N 66 -66.96 100.72 -53.08
C ARG N 66 -66.30 100.44 -54.43
N SER N 67 -67.09 100.48 -55.50
CA SER N 67 -66.60 100.20 -56.84
C SER N 67 -67.06 101.24 -57.85
N GLU N 68 -66.20 101.50 -58.82
CA GLU N 68 -66.48 102.43 -59.91
C GLU N 68 -67.28 101.70 -60.98
N ILE N 69 -68.32 102.36 -61.50
CA ILE N 69 -69.12 101.80 -62.57
C ILE N 69 -68.52 102.25 -63.89
N VAL N 70 -68.17 101.29 -64.74
CA VAL N 70 -67.54 101.58 -66.02
C VAL N 70 -68.38 101.02 -67.14
N ARG N 71 -68.86 101.92 -67.99
CA ARG N 71 -69.70 101.57 -69.12
C ARG N 71 -68.81 101.14 -70.29
N THR N 72 -69.11 99.98 -70.83
CA THR N 72 -68.33 99.41 -71.93
C THR N 72 -69.20 99.18 -73.16
N PRO N 73 -68.57 98.87 -74.31
CA PRO N 73 -69.38 98.73 -75.52
C PRO N 73 -70.44 97.60 -75.48
N GLN N 74 -70.15 96.51 -74.78
CA GLN N 74 -71.09 95.36 -74.67
C GLN N 74 -71.82 95.31 -73.33
N GLY N 75 -71.56 96.25 -72.45
CA GLY N 75 -72.20 96.22 -71.12
C GLY N 75 -71.61 97.20 -70.11
N ALA N 76 -71.04 96.67 -69.06
CA ALA N 76 -70.49 97.49 -67.98
C ALA N 76 -69.64 96.65 -67.06
N GLU N 77 -68.80 97.31 -66.29
CA GLU N 77 -67.99 96.65 -65.27
C GLU N 77 -68.09 97.40 -63.96
N LEU N 78 -67.77 96.69 -62.87
CA LEU N 78 -67.47 97.32 -61.60
C LEU N 78 -65.98 97.13 -61.36
N ARG N 79 -65.28 98.22 -61.09
CA ARG N 79 -63.88 98.18 -60.76
C ARG N 79 -63.68 98.72 -59.34
N PRO N 80 -63.08 97.89 -58.45
CA PRO N 80 -63.02 98.19 -57.02
C PRO N 80 -62.11 99.33 -56.66
N LEU N 81 -62.51 100.09 -55.65
CA LEU N 81 -61.67 101.15 -55.11
C LEU N 81 -61.00 100.64 -53.85
N THR N 82 -59.78 101.09 -53.63
CA THR N 82 -59.01 100.73 -52.46
C THR N 82 -59.54 101.50 -51.26
N LEU N 83 -59.81 100.79 -50.18
CA LEU N 83 -60.26 101.43 -48.93
C LEU N 83 -59.12 101.37 -47.90
N THR N 84 -59.29 102.02 -46.75
CA THR N 84 -58.17 102.17 -45.80
C THR N 84 -57.87 100.87 -45.07
N GLY N 85 -56.70 100.78 -44.48
CA GLY N 85 -56.33 99.55 -43.76
C GLY N 85 -56.78 99.52 -42.28
N GLU N 86 -57.46 100.57 -41.82
CA GLU N 86 -57.92 100.67 -40.41
C GLU N 86 -58.90 99.56 -40.05
N ARG N 87 -59.64 99.09 -41.04
CA ARG N 87 -60.55 97.99 -40.83
C ARG N 87 -60.66 97.18 -42.07
N ALA N 88 -61.04 95.91 -41.91
CA ALA N 88 -61.20 94.99 -43.02
C ALA N 88 -62.21 95.52 -44.03
N TRP N 89 -61.97 95.23 -45.30
CA TRP N 89 -62.85 95.68 -46.36
C TRP N 89 -62.88 94.63 -47.46
N VAL N 90 -63.70 94.90 -48.46
CA VAL N 90 -63.85 94.00 -49.58
C VAL N 90 -63.72 94.75 -50.91
N ALA N 91 -63.04 94.12 -51.87
CA ALA N 91 -62.95 94.60 -53.26
C ALA N 91 -63.92 93.78 -54.09
N VAL N 92 -64.94 94.45 -54.66
CA VAL N 92 -65.95 93.82 -55.50
C VAL N 92 -65.73 94.21 -56.96
N SER N 93 -65.42 93.24 -57.78
CA SER N 93 -65.22 93.45 -59.22
C SER N 93 -66.25 92.65 -59.97
N GLY N 94 -66.61 93.14 -61.15
CA GLY N 94 -67.57 92.44 -62.00
C GLY N 94 -67.54 92.91 -63.43
N GLN N 95 -67.85 92.01 -64.35
CA GLN N 95 -67.93 92.32 -65.75
C GLN N 95 -69.21 91.69 -66.30
N ALA N 96 -69.89 92.44 -67.16
CA ALA N 96 -71.14 91.97 -67.75
C ALA N 96 -71.20 92.34 -69.22
N THR N 97 -71.68 91.40 -70.03
CA THR N 97 -71.88 91.67 -71.45
C THR N 97 -73.28 91.24 -71.86
N ALA N 98 -73.85 91.95 -72.83
CA ALA N 98 -75.15 91.64 -73.39
C ALA N 98 -74.95 91.42 -74.88
N ALA N 99 -75.50 90.33 -75.38
CA ALA N 99 -75.27 89.96 -76.76
C ALA N 99 -76.58 89.88 -77.53
N GLU N 100 -76.48 89.42 -78.77
CA GLU N 100 -77.64 89.27 -79.63
C GLU N 100 -78.69 88.42 -78.94
N GLY N 101 -79.92 88.90 -78.97
CA GLY N 101 -81.04 88.15 -78.43
C GLY N 101 -81.24 88.35 -76.95
N GLY N 102 -80.37 89.14 -76.33
CA GLY N 102 -80.48 89.43 -74.89
C GLY N 102 -79.71 88.47 -73.99
N GLU N 103 -78.83 87.68 -74.57
CA GLU N 103 -78.00 86.76 -73.82
C GLU N 103 -76.97 87.56 -72.99
N MET N 104 -77.00 87.39 -71.68
CA MET N 104 -76.09 88.12 -70.79
C MET N 104 -75.09 87.20 -70.07
N ALA N 105 -73.85 87.66 -70.01
CA ALA N 105 -72.77 86.92 -69.35
C ALA N 105 -72.29 87.79 -68.20
N PHE N 106 -72.10 87.16 -67.04
CA PHE N 106 -71.61 87.83 -65.86
C PHE N 106 -70.41 87.08 -65.29
N ALA N 107 -69.47 87.84 -64.75
CA ALA N 107 -68.38 87.32 -63.95
C ALA N 107 -68.16 88.31 -62.79
N PHE N 108 -68.11 87.79 -61.58
CA PHE N 108 -67.84 88.60 -60.38
C PHE N 108 -66.68 88.04 -59.62
N GLN N 109 -65.87 88.94 -59.06
CA GLN N 109 -64.73 88.51 -58.20
C GLN N 109 -64.75 89.33 -56.91
N PHE N 110 -64.48 88.67 -55.79
CA PHE N 110 -64.45 89.30 -54.48
C PHE N 110 -63.15 88.98 -53.80
N GLN N 111 -62.59 89.98 -53.15
CA GLN N 111 -61.36 89.80 -52.38
C GLN N 111 -61.54 90.51 -51.03
N ALA N 112 -61.33 89.79 -49.94
CA ALA N 112 -61.41 90.38 -48.60
C ALA N 112 -60.00 90.84 -48.25
N HIS N 113 -59.88 92.08 -47.79
CA HIS N 113 -58.60 92.65 -47.41
C HIS N 113 -58.58 92.84 -45.90
N LEU N 114 -57.76 92.05 -45.22
CA LEU N 114 -57.71 92.09 -43.76
C LEU N 114 -56.71 93.12 -43.25
N ALA N 115 -56.98 93.67 -42.08
CA ALA N 115 -56.11 94.67 -41.47
C ALA N 115 -54.91 94.02 -40.79
N THR N 116 -53.76 94.69 -40.87
CA THR N 116 -52.54 94.18 -40.26
C THR N 116 -51.93 95.20 -39.32
N GLY N 124 -53.16 84.67 -30.78
CA GLY N 124 -53.38 85.43 -32.04
C GLY N 124 -53.42 84.57 -33.29
N ALA N 125 -52.64 83.49 -33.30
CA ALA N 125 -52.61 82.58 -34.46
C ALA N 125 -53.92 81.78 -34.53
N ALA N 126 -54.38 81.28 -33.38
CA ALA N 126 -55.65 80.54 -33.29
C ALA N 126 -56.83 81.42 -33.68
N PHE N 127 -56.79 82.69 -33.26
CA PHE N 127 -57.88 83.62 -33.59
C PHE N 127 -57.95 83.92 -35.09
N GLU N 128 -56.79 84.04 -35.71
CA GLU N 128 -56.73 84.40 -37.13
C GLU N 128 -57.52 83.35 -37.88
N VAL N 129 -57.46 82.11 -37.39
CA VAL N 129 -58.20 81.03 -38.01
C VAL N 129 -59.71 81.27 -38.01
N MET N 130 -60.26 81.81 -36.92
CA MET N 130 -61.71 82.10 -36.92
C MET N 130 -62.09 83.20 -37.91
N VAL N 131 -61.28 84.25 -37.98
CA VAL N 131 -61.59 85.37 -38.91
C VAL N 131 -61.45 84.99 -40.38
N GLN N 132 -60.37 84.27 -40.74
CA GLN N 132 -60.17 83.85 -42.14
C GLN N 132 -61.29 82.93 -42.62
N ALA N 133 -61.67 81.97 -41.78
CA ALA N 133 -62.74 81.03 -42.11
C ALA N 133 -64.07 81.75 -42.29
N ALA N 134 -64.36 82.67 -41.40
CA ALA N 134 -65.62 83.40 -41.43
C ALA N 134 -65.71 84.28 -42.68
N ALA N 135 -64.63 84.99 -42.96
CA ALA N 135 -64.56 85.88 -44.12
C ALA N 135 -64.69 85.08 -45.41
N GLY N 136 -64.09 83.89 -45.42
CA GLY N 136 -64.19 83.00 -46.58
C GLY N 136 -65.62 82.56 -46.82
N VAL N 137 -66.35 82.28 -45.74
CA VAL N 137 -67.74 81.86 -45.84
C VAL N 137 -68.60 82.98 -46.36
N THR N 138 -68.32 84.20 -45.89
CA THR N 138 -69.04 85.41 -46.33
C THR N 138 -68.88 85.62 -47.85
N LEU N 139 -67.65 85.53 -48.32
CA LEU N 139 -67.37 85.73 -49.73
C LEU N 139 -68.07 84.70 -50.61
N LEU N 140 -68.03 83.45 -50.20
CA LEU N 140 -68.66 82.37 -50.95
C LEU N 140 -70.19 82.48 -50.93
N LEU N 141 -70.78 82.85 -49.79
CA LEU N 141 -72.23 82.95 -49.71
C LEU N 141 -72.73 83.99 -50.73
N VAL N 142 -72.09 85.17 -50.75
CA VAL N 142 -72.52 86.22 -51.66
C VAL N 142 -72.28 85.80 -53.13
N ALA N 143 -71.14 85.18 -53.38
CA ALA N 143 -70.77 84.77 -54.74
C ALA N 143 -71.74 83.69 -55.27
N MET N 144 -71.98 82.68 -54.45
CA MET N 144 -72.85 81.59 -54.82
C MET N 144 -74.30 81.99 -55.03
N ALA N 145 -74.74 83.07 -54.36
CA ALA N 145 -76.14 83.52 -54.50
C ALA N 145 -76.35 84.51 -55.65
N LEU N 146 -75.27 84.98 -56.27
CA LEU N 146 -75.38 86.00 -57.32
C LEU N 146 -76.28 85.64 -58.49
N PRO N 147 -76.15 84.41 -59.04
CA PRO N 147 -77.03 84.09 -60.15
C PRO N 147 -78.53 84.21 -59.79
N GLN N 148 -78.88 83.72 -58.61
CA GLN N 148 -80.24 83.82 -58.10
C GLN N 148 -80.64 85.31 -58.00
N GLY N 149 -79.75 86.12 -57.42
CA GLY N 149 -80.00 87.55 -57.24
C GLY N 149 -80.16 88.32 -58.53
N LEU N 150 -79.29 88.06 -59.49
CA LEU N 150 -79.35 88.72 -60.79
C LEU N 150 -80.62 88.32 -61.51
N ALA N 151 -80.98 87.03 -61.41
CA ALA N 151 -82.20 86.53 -62.07
C ALA N 151 -83.47 87.18 -61.46
N ALA N 152 -83.45 87.38 -60.15
CA ALA N 152 -84.57 88.05 -59.46
C ALA N 152 -84.83 89.48 -59.96
N GLY N 153 -83.84 90.12 -60.57
CA GLY N 153 -84.03 91.48 -61.08
C GLY N 153 -84.70 91.55 -62.46
N LEU N 154 -84.86 90.41 -63.12
CA LEU N 154 -85.37 90.36 -64.48
C LEU N 154 -86.89 90.28 -64.54
N PRO N 155 -87.49 91.09 -65.45
CA PRO N 155 -88.92 91.14 -65.68
C PRO N 155 -89.34 90.07 -66.67
N PRO N 156 -90.65 89.78 -66.71
CA PRO N 156 -91.24 88.79 -67.62
C PRO N 156 -91.41 89.32 -69.03
N ALA N 157 -91.38 88.42 -70.01
CA ALA N 157 -91.68 88.78 -71.41
C ALA N 157 -93.19 89.00 -71.53
N LEU O 3 -60.72 47.33 -88.04
CA LEU O 3 -60.59 47.62 -89.51
C LEU O 3 -61.95 47.94 -90.13
N SER O 4 -62.89 48.28 -89.25
CA SER O 4 -64.20 48.76 -89.68
C SER O 4 -64.60 49.94 -88.82
N ALA O 5 -65.42 50.80 -89.38
CA ALA O 5 -65.98 51.94 -88.68
C ALA O 5 -67.37 52.16 -89.26
N GLU O 6 -68.29 52.59 -88.41
CA GLU O 6 -69.70 52.81 -88.76
C GLU O 6 -70.15 54.16 -88.25
N GLN O 7 -71.07 54.80 -88.94
CA GLN O 7 -71.66 56.04 -88.44
C GLN O 7 -73.09 56.17 -88.96
N SER O 8 -73.99 56.59 -88.09
CA SER O 8 -75.36 56.83 -88.50
C SER O 8 -75.91 58.07 -87.80
N PHE O 9 -76.74 58.82 -88.52
CA PHE O 9 -77.24 60.08 -87.99
C PHE O 9 -78.34 60.63 -88.86
N THR O 10 -79.06 61.59 -88.30
CA THR O 10 -80.15 62.26 -89.01
C THR O 10 -79.88 63.74 -89.06
N LEU O 11 -80.38 64.38 -90.13
CA LEU O 11 -80.27 65.83 -90.34
C LEU O 11 -81.46 66.29 -91.13
N ARG O 12 -81.95 67.48 -90.86
CA ARG O 12 -83.05 68.04 -91.60
C ARG O 12 -82.58 68.99 -92.69
N HIS O 13 -83.07 68.81 -93.90
CA HIS O 13 -82.74 69.72 -94.98
C HIS O 13 -83.71 70.89 -94.83
N PRO O 14 -83.21 72.12 -94.67
CA PRO O 14 -84.07 73.31 -94.50
C PRO O 14 -85.07 73.60 -95.64
N HIS O 15 -84.84 73.05 -96.83
CA HIS O 15 -85.71 73.34 -97.98
C HIS O 15 -86.78 72.27 -98.28
N GLY O 16 -86.89 71.24 -97.43
CA GLY O 16 -87.97 70.25 -97.59
C GLY O 16 -87.57 68.99 -98.33
N GLN O 17 -88.56 68.17 -98.66
CA GLN O 17 -88.32 66.81 -99.18
C GLN O 17 -87.67 66.73 -100.57
N ALA O 18 -88.24 67.43 -101.56
CA ALA O 18 -87.68 67.39 -102.92
C ALA O 18 -86.22 67.79 -102.90
N ALA O 19 -85.90 68.84 -102.16
CA ALA O 19 -84.53 69.31 -102.07
C ALA O 19 -83.63 68.28 -101.35
N ALA O 20 -84.15 67.65 -100.30
CA ALA O 20 -83.39 66.65 -99.55
C ALA O 20 -83.07 65.44 -100.45
N LEU O 21 -84.04 65.00 -101.25
CA LEU O 21 -83.84 63.92 -102.24
C LEU O 21 -82.74 64.29 -103.23
N ALA O 22 -82.80 65.52 -103.76
CA ALA O 22 -81.81 65.99 -104.73
C ALA O 22 -80.43 66.05 -104.12
N PHE O 23 -80.35 66.52 -102.88
CA PHE O 23 -79.10 66.66 -102.14
C PHE O 23 -78.40 65.29 -101.93
N VAL O 24 -79.15 64.31 -101.46
CA VAL O 24 -78.55 62.99 -101.18
C VAL O 24 -78.21 62.22 -102.44
N ARG O 25 -78.83 62.60 -103.56
CA ARG O 25 -78.60 61.88 -104.82
C ARG O 25 -77.45 62.42 -105.64
N GLU O 26 -76.93 63.58 -105.25
CA GLU O 26 -75.79 64.17 -105.96
C GLU O 26 -74.60 64.27 -105.00
N PRO O 27 -73.59 63.43 -105.21
CA PRO O 27 -72.40 63.43 -104.35
C PRO O 27 -71.76 64.81 -104.16
N ALA O 28 -71.52 65.52 -105.25
CA ALA O 28 -70.88 66.86 -105.21
C ALA O 28 -71.61 67.81 -104.26
N ALA O 29 -72.90 67.56 -104.02
CA ALA O 29 -73.70 68.34 -103.06
C ALA O 29 -73.52 67.77 -101.66
N ALA O 30 -73.87 66.50 -101.51
CA ALA O 30 -73.83 65.82 -100.20
C ALA O 30 -72.45 65.80 -99.58
N LEU O 31 -71.41 65.59 -100.38
CA LEU O 31 -70.04 65.49 -99.86
C LEU O 31 -69.18 66.78 -100.02
N ALA O 32 -69.78 67.89 -100.41
CA ALA O 32 -69.03 69.16 -100.62
C ALA O 32 -68.11 69.58 -99.43
N GLY O 33 -68.61 69.45 -98.21
CA GLY O 33 -67.86 69.87 -97.02
C GLY O 33 -67.29 68.74 -96.19
N VAL O 34 -67.35 67.54 -96.73
CA VAL O 34 -66.86 66.35 -96.04
C VAL O 34 -65.35 66.36 -95.96
N GLN O 35 -64.82 66.20 -94.75
CA GLN O 35 -63.38 66.19 -94.56
C GLN O 35 -62.86 64.76 -94.48
N ARG O 36 -61.54 64.64 -94.64
CA ARG O 36 -60.79 63.39 -94.51
C ARG O 36 -61.00 62.43 -95.64
N LEU O 37 -61.62 62.91 -96.72
CA LEU O 37 -61.72 62.17 -97.96
C LEU O 37 -60.95 62.95 -99.04
N ARG O 38 -59.66 62.69 -99.15
CA ARG O 38 -58.83 63.46 -100.06
C ARG O 38 -59.04 63.04 -101.51
N GLY O 39 -58.90 64.01 -102.42
CA GLY O 39 -58.99 63.73 -103.86
C GLY O 39 -60.36 63.26 -104.30
N LEU O 40 -61.37 63.66 -103.56
CA LEU O 40 -62.74 63.25 -103.85
C LEU O 40 -63.13 63.71 -105.25
N ASP O 41 -63.67 62.79 -106.04
CA ASP O 41 -64.17 63.15 -107.36
C ASP O 41 -65.25 62.15 -107.80
N SER O 42 -65.98 62.51 -108.86
CA SER O 42 -67.07 61.68 -109.39
C SER O 42 -67.42 62.04 -110.81
N ASP O 43 -67.91 61.05 -111.56
CA ASP O 43 -68.38 61.25 -112.93
C ASP O 43 -69.91 61.09 -112.99
N GLY O 44 -70.55 61.07 -111.83
CA GLY O 44 -72.01 60.90 -111.76
C GLY O 44 -72.42 59.44 -111.58
N GLU O 45 -71.52 58.54 -111.98
CA GLU O 45 -71.76 57.10 -111.88
C GLU O 45 -71.06 56.50 -110.66
N GLN O 46 -69.81 56.89 -110.44
CA GLN O 46 -69.07 56.43 -109.31
C GLN O 46 -68.43 57.60 -108.60
N VAL O 47 -68.08 57.38 -107.36
CA VAL O 47 -67.37 58.35 -106.53
C VAL O 47 -66.08 57.70 -106.07
N TRP O 48 -65.00 58.47 -106.02
CA TRP O 48 -63.71 57.93 -105.59
C TRP O 48 -62.85 58.96 -104.87
N GLY O 49 -61.83 58.46 -104.17
CA GLY O 49 -60.95 59.31 -103.40
C GLY O 49 -60.01 58.46 -102.60
N GLU O 50 -59.53 59.01 -101.48
CA GLU O 50 -58.59 58.26 -100.66
C GLU O 50 -58.65 58.72 -99.22
N LEU O 51 -58.37 57.80 -98.30
CA LEU O 51 -58.20 58.11 -96.91
C LEU O 51 -56.72 58.05 -96.61
N LEU O 52 -56.27 58.84 -95.63
CA LEU O 52 -54.87 58.88 -95.28
C LEU O 52 -54.60 58.17 -93.97
N VAL O 53 -53.75 57.15 -94.02
CA VAL O 53 -53.28 56.43 -92.84
C VAL O 53 -51.87 56.91 -92.55
N ARG O 54 -51.66 57.50 -91.39
CA ARG O 54 -50.36 58.03 -91.01
C ARG O 54 -49.58 57.03 -90.17
N VAL O 55 -48.41 56.64 -90.65
CA VAL O 55 -47.53 55.78 -89.89
C VAL O 55 -46.17 56.42 -89.85
N PRO O 56 -45.34 55.98 -88.90
CA PRO O 56 -44.01 56.57 -88.81
C PRO O 56 -43.16 56.32 -90.06
N LEU O 57 -42.36 57.30 -90.39
CA LEU O 57 -41.37 57.22 -91.45
C LEU O 57 -41.97 57.29 -92.85
N LEU O 58 -43.01 56.51 -93.13
CA LEU O 58 -43.70 56.64 -94.42
C LEU O 58 -44.58 57.89 -94.45
N GLY O 59 -45.07 58.29 -93.27
CA GLY O 59 -45.93 59.45 -93.15
C GLY O 59 -47.34 59.12 -93.61
N GLU O 60 -47.94 60.03 -94.35
CA GLU O 60 -49.30 59.84 -94.84
C GLU O 60 -49.33 58.86 -96.00
N VAL O 61 -49.96 57.71 -95.78
CA VAL O 61 -50.13 56.71 -96.82
C VAL O 61 -51.57 56.73 -97.27
N ASP O 62 -51.78 56.94 -98.57
CA ASP O 62 -53.14 57.05 -99.11
C ASP O 62 -53.71 55.69 -99.50
N LEU O 63 -54.92 55.43 -99.04
CA LEU O 63 -55.66 54.20 -99.36
C LEU O 63 -56.86 54.61 -100.22
N PRO O 64 -56.91 54.13 -101.47
CA PRO O 64 -57.99 54.56 -102.32
C PRO O 64 -59.31 53.84 -102.01
N PHE O 65 -60.41 54.45 -102.45
CA PHE O 65 -61.71 53.82 -102.47
C PHE O 65 -62.40 54.27 -103.73
N ARG O 66 -63.36 53.47 -104.16
CA ARG O 66 -64.19 53.81 -105.28
C ARG O 66 -65.53 53.11 -105.04
N SER O 67 -66.61 53.86 -105.14
CA SER O 67 -67.95 53.34 -104.89
C SER O 67 -68.93 53.72 -106.00
N GLU O 68 -69.87 52.82 -106.26
CA GLU O 68 -70.93 53.02 -107.23
C GLU O 68 -72.05 53.82 -106.59
N ILE O 69 -72.57 54.81 -107.32
CA ILE O 69 -73.70 55.61 -106.85
C ILE O 69 -74.98 54.93 -107.32
N VAL O 70 -75.85 54.61 -106.38
CA VAL O 70 -77.10 53.92 -106.69
C VAL O 70 -78.28 54.76 -106.22
N ARG O 71 -79.10 55.16 -107.16
CA ARG O 71 -80.26 55.97 -106.90
C ARG O 71 -81.41 55.07 -106.48
N THR O 72 -82.01 55.40 -105.35
CA THR O 72 -83.11 54.61 -104.79
C THR O 72 -84.38 55.45 -104.66
N PRO O 73 -85.52 54.81 -104.36
CA PRO O 73 -86.76 55.59 -104.30
C PRO O 73 -86.79 56.69 -103.23
N GLN O 74 -86.13 56.48 -102.09
CA GLN O 74 -86.10 57.47 -101.00
C GLN O 74 -84.79 58.26 -100.92
N GLY O 75 -83.85 57.98 -101.82
CA GLY O 75 -82.55 58.67 -101.77
C GLY O 75 -81.50 58.06 -102.67
N ALA O 76 -80.44 57.54 -102.08
CA ALA O 76 -79.32 56.99 -102.83
C ALA O 76 -78.41 56.22 -101.89
N GLU O 77 -77.59 55.36 -102.50
CA GLU O 77 -76.57 54.62 -101.76
C GLU O 77 -75.23 54.74 -102.46
N LEU O 78 -74.16 54.48 -101.70
CA LEU O 78 -72.84 54.19 -102.25
C LEU O 78 -72.59 52.72 -101.98
N ARG O 79 -72.24 52.00 -103.02
CA ARG O 79 -71.88 50.59 -102.90
C ARG O 79 -70.43 50.41 -103.37
N PRO O 80 -69.56 49.88 -102.49
CA PRO O 80 -68.11 49.85 -102.72
C PRO O 80 -67.69 48.91 -103.80
N LEU O 81 -66.66 49.30 -104.53
CA LEU O 81 -66.04 48.44 -105.53
C LEU O 81 -64.78 47.83 -104.95
N THR O 82 -64.52 46.59 -105.33
CA THR O 82 -63.33 45.88 -104.89
C THR O 82 -62.12 46.41 -105.63
N LEU O 83 -61.07 46.75 -104.89
CA LEU O 83 -59.82 47.22 -105.50
C LEU O 83 -58.75 46.11 -105.34
N THR O 84 -57.58 46.28 -105.95
CA THR O 84 -56.59 45.19 -106.02
C THR O 84 -55.91 44.99 -104.67
N GLY O 85 -55.29 43.83 -104.49
CA GLY O 85 -54.61 43.55 -103.23
C GLY O 85 -53.15 44.03 -103.16
N GLU O 86 -52.66 44.69 -104.23
CA GLU O 86 -51.27 45.18 -104.30
C GLU O 86 -50.99 46.23 -103.21
N ARG O 87 -52.02 46.96 -102.81
CA ARG O 87 -51.88 47.93 -101.76
C ARG O 87 -53.16 48.03 -101.00
N ALA O 88 -53.06 48.47 -99.75
CA ALA O 88 -54.21 48.65 -98.88
C ALA O 88 -55.22 49.60 -99.50
N TRP O 89 -56.50 49.33 -99.25
CA TRP O 89 -57.56 50.15 -99.78
C TRP O 89 -58.71 50.20 -98.79
N VAL O 90 -59.73 50.97 -99.13
CA VAL O 90 -60.89 51.12 -98.28
C VAL O 90 -62.17 50.91 -99.08
N ALA O 91 -63.14 50.24 -98.46
CA ALA O 91 -64.50 50.07 -98.99
C ALA O 91 -65.40 51.06 -98.25
N VAL O 92 -65.96 52.02 -98.99
CA VAL O 92 -66.86 53.03 -98.44
C VAL O 92 -68.30 52.75 -98.88
N SER O 93 -69.15 52.46 -97.92
CA SER O 93 -70.57 52.20 -98.19
C SER O 93 -71.40 53.25 -97.46
N GLY O 94 -72.57 53.56 -98.02
CA GLY O 94 -73.47 54.51 -97.40
C GLY O 94 -74.88 54.41 -97.94
N GLN O 95 -75.84 54.74 -97.08
CA GLN O 95 -77.22 54.75 -97.46
C GLN O 95 -77.85 56.04 -96.90
N ALA O 96 -78.69 56.66 -97.72
CA ALA O 96 -79.34 57.91 -97.34
C ALA O 96 -80.79 57.90 -97.76
N THR O 97 -81.65 58.40 -96.89
CA THR O 97 -83.06 58.54 -97.23
C THR O 97 -83.53 59.96 -96.88
N ALA O 98 -84.49 60.45 -97.65
CA ALA O 98 -85.10 61.75 -97.42
C ALA O 98 -86.59 61.51 -97.26
N ALA O 99 -87.16 62.08 -96.21
CA ALA O 99 -88.54 61.83 -95.89
C ALA O 99 -89.35 63.13 -95.91
N GLU O 100 -90.61 63.01 -95.49
CA GLU O 100 -91.51 64.14 -95.43
C GLU O 100 -90.89 65.25 -94.61
N GLY O 101 -90.93 66.46 -95.14
CA GLY O 101 -90.46 67.63 -94.43
C GLY O 101 -88.97 67.87 -94.57
N GLY O 102 -88.29 66.98 -95.31
CA GLY O 102 -86.86 67.13 -95.54
C GLY O 102 -85.97 66.43 -94.51
N GLU O 103 -86.56 65.58 -93.70
CA GLU O 103 -85.82 64.81 -92.71
C GLU O 103 -84.93 63.77 -93.42
N MET O 104 -83.62 63.86 -93.21
CA MET O 104 -82.69 62.93 -93.85
C MET O 104 -81.97 62.01 -92.86
N ALA O 105 -81.86 60.75 -93.25
CA ALA O 105 -81.19 59.73 -92.44
C ALA O 105 -79.99 59.25 -93.23
N PHE O 106 -78.85 59.12 -92.55
CA PHE O 106 -77.64 58.64 -93.15
C PHE O 106 -77.06 57.50 -92.33
N ALA O 107 -76.45 56.53 -93.02
CA ALA O 107 -75.65 55.49 -92.42
C ALA O 107 -74.45 55.27 -93.34
N PHE O 108 -73.25 55.29 -92.77
CA PHE O 108 -72.02 55.01 -93.52
C PHE O 108 -71.24 53.91 -92.88
N GLN O 109 -70.62 53.07 -93.71
CA GLN O 109 -69.74 51.99 -93.19
C GLN O 109 -68.42 52.00 -93.96
N PHE O 110 -67.33 51.80 -93.23
CA PHE O 110 -65.99 51.79 -93.81
C PHE O 110 -65.29 50.53 -93.41
N GLN O 111 -64.57 49.94 -94.35
CA GLN O 111 -63.79 48.75 -94.09
C GLN O 111 -62.40 48.95 -94.75
N ALA O 112 -61.34 48.80 -93.97
CA ALA O 112 -59.98 48.89 -94.52
C ALA O 112 -59.57 47.47 -94.89
N HIS O 113 -59.06 47.30 -96.10
CA HIS O 113 -58.62 46.02 -96.59
C HIS O 113 -57.09 46.03 -96.72
N LEU O 114 -56.42 45.28 -95.87
CA LEU O 114 -54.97 45.27 -95.86
C LEU O 114 -54.39 44.24 -96.81
N ALA O 115 -53.19 44.53 -97.32
CA ALA O 115 -52.53 43.62 -98.26
C ALA O 115 -51.83 42.49 -97.53
N THR O 116 -51.85 41.30 -98.13
CA THR O 116 -51.23 40.13 -97.54
C THR O 116 -50.23 39.49 -98.49
N GLY O 124 -42.17 41.50 -87.70
CA GLY O 124 -43.40 41.65 -88.52
C GLY O 124 -44.69 41.68 -87.71
N ALA O 125 -44.72 40.95 -86.59
CA ALA O 125 -45.91 40.93 -85.73
C ALA O 125 -46.07 42.27 -85.01
N ALA O 126 -44.94 42.79 -84.49
CA ALA O 126 -44.92 44.09 -83.80
C ALA O 126 -45.32 45.23 -84.76
N PHE O 127 -44.85 45.15 -85.99
CA PHE O 127 -45.17 46.17 -87.00
C PHE O 127 -46.65 46.18 -87.36
N GLU O 128 -47.24 44.99 -87.45
CA GLU O 128 -48.63 44.87 -87.86
C GLU O 128 -49.45 45.68 -86.87
N VAL O 129 -49.01 45.70 -85.62
CA VAL O 129 -49.69 46.47 -84.60
C VAL O 129 -49.73 47.96 -84.92
N MET O 130 -48.65 48.52 -85.45
CA MET O 130 -48.67 49.96 -85.80
C MET O 130 -49.63 50.25 -86.95
N VAL O 131 -49.63 49.39 -87.97
CA VAL O 131 -50.51 49.61 -89.13
C VAL O 131 -52.00 49.44 -88.80
N GLN O 132 -52.36 48.39 -88.05
CA GLN O 132 -53.76 48.17 -87.67
C GLN O 132 -54.31 49.32 -86.84
N ALA O 133 -53.53 49.76 -85.86
CA ALA O 133 -53.92 50.86 -84.98
C ALA O 133 -54.13 52.16 -85.78
N ALA O 134 -53.20 52.44 -86.68
CA ALA O 134 -53.23 53.65 -87.47
C ALA O 134 -54.44 53.65 -88.40
N ALA O 135 -54.67 52.53 -89.07
CA ALA O 135 -55.80 52.39 -90.00
C ALA O 135 -57.11 52.52 -89.25
N GLY O 136 -57.16 51.97 -88.04
CA GLY O 136 -58.35 52.08 -87.20
C GLY O 136 -58.66 53.52 -86.84
N VAL O 137 -57.61 54.29 -86.55
CA VAL O 137 -57.77 55.70 -86.21
C VAL O 137 -58.26 56.49 -87.39
N THR O 138 -57.75 56.16 -88.58
CA THR O 138 -58.16 56.82 -89.82
C THR O 138 -59.65 56.60 -90.09
N LEU O 139 -60.09 55.35 -89.96
CA LEU O 139 -61.48 55.03 -90.21
C LEU O 139 -62.43 55.75 -89.25
N LEU O 140 -62.07 55.76 -87.97
CA LEU O 140 -62.88 56.43 -86.96
C LEU O 140 -62.91 57.96 -87.14
N LEU O 141 -61.78 58.56 -87.50
CA LEU O 141 -61.73 60.00 -87.67
C LEU O 141 -62.72 60.42 -88.77
N VAL O 142 -62.67 59.73 -89.92
CA VAL O 142 -63.55 60.09 -91.02
C VAL O 142 -65.01 59.81 -90.65
N ALA O 143 -65.27 58.70 -89.98
CA ALA O 143 -66.64 58.30 -89.62
C ALA O 143 -67.23 59.30 -88.60
N MET O 144 -66.46 59.60 -87.58
CA MET O 144 -66.89 60.52 -86.54
C MET O 144 -67.14 61.94 -87.03
N ALA O 145 -66.44 62.36 -88.10
CA ALA O 145 -66.60 63.73 -88.61
C ALA O 145 -67.73 63.85 -89.66
N LEU O 146 -68.29 62.73 -90.11
CA LEU O 146 -69.30 62.76 -91.17
C LEU O 146 -70.51 63.64 -90.90
N PRO O 147 -71.10 63.55 -89.68
CA PRO O 147 -72.25 64.41 -89.45
C PRO O 147 -71.93 65.91 -89.63
N GLN O 148 -70.79 66.33 -89.12
CA GLN O 148 -70.31 67.70 -89.27
C GLN O 148 -70.16 68.03 -90.76
N GLY O 149 -69.53 67.12 -91.50
CA GLY O 149 -69.30 67.30 -92.94
C GLY O 149 -70.56 67.39 -93.76
N LEU O 150 -71.49 66.49 -93.49
CA LEU O 150 -72.76 66.48 -94.21
C LEU O 150 -73.55 67.75 -93.90
N ALA O 151 -73.51 68.17 -92.64
CA ALA O 151 -74.22 69.40 -92.22
C ALA O 151 -73.63 70.65 -92.90
N ALA O 152 -72.31 70.66 -93.06
CA ALA O 152 -71.63 71.77 -93.73
C ALA O 152 -72.07 71.95 -95.20
N GLY O 153 -72.63 70.91 -95.82
CA GLY O 153 -73.09 71.03 -97.20
C GLY O 153 -74.48 71.63 -97.37
N LEU O 154 -75.19 71.83 -96.26
CA LEU O 154 -76.57 72.29 -96.29
C LEU O 154 -76.67 73.81 -96.29
N PRO O 155 -77.57 74.35 -97.16
CA PRO O 155 -77.84 75.77 -97.29
C PRO O 155 -78.88 76.21 -96.29
N PRO O 156 -78.98 77.53 -96.05
CA PRO O 156 -79.95 78.12 -95.13
C PRO O 156 -81.34 78.23 -95.72
N ALA O 157 -82.36 78.22 -94.87
CA ALA O 157 -83.74 78.45 -95.31
C ALA O 157 -83.91 79.93 -95.59
N LEU P 3 -96.98 45.42 -48.54
CA LEU P 3 -98.44 45.23 -48.75
C LEU P 3 -99.15 46.55 -49.02
N SER P 4 -98.35 47.54 -49.40
CA SER P 4 -98.86 48.84 -49.83
C SER P 4 -98.10 49.28 -51.06
N ALA P 5 -98.75 50.08 -51.89
CA ALA P 5 -98.14 50.67 -53.05
C ALA P 5 -98.80 52.05 -53.22
N GLU P 6 -98.03 53.01 -53.70
CA GLU P 6 -98.47 54.40 -53.87
C GLU P 6 -98.04 54.89 -55.25
N GLN P 7 -98.81 55.78 -55.84
CA GLN P 7 -98.42 56.39 -57.11
C GLN P 7 -99.02 57.79 -57.19
N SER P 8 -98.22 58.74 -57.65
CA SER P 8 -98.70 60.10 -57.86
C SER P 8 -98.11 60.68 -59.12
N PHE P 9 -98.90 61.47 -59.82
CA PHE P 9 -98.48 62.01 -61.10
C PHE P 9 -99.42 63.08 -61.60
N THR P 10 -98.96 63.83 -62.57
CA THR P 10 -99.76 64.89 -63.19
C THR P 10 -99.90 64.62 -64.68
N LEU P 11 -101.02 65.08 -65.25
CA LEU P 11 -101.30 64.96 -66.69
C LEU P 11 -102.18 66.12 -67.09
N ARG P 12 -102.00 66.62 -68.29
CA ARG P 12 -102.82 67.69 -68.80
C ARG P 12 -103.94 67.17 -69.68
N HIS P 13 -105.16 67.60 -69.43
CA HIS P 13 -106.26 67.22 -70.29
C HIS P 13 -106.22 68.21 -71.46
N PRO P 14 -106.13 67.72 -72.70
CA PRO P 14 -106.06 68.61 -73.88
C PRO P 14 -107.25 69.54 -74.10
N HIS P 15 -108.41 69.24 -73.49
CA HIS P 15 -109.61 70.06 -73.70
C HIS P 15 -109.90 71.11 -72.60
N GLY P 16 -109.01 71.26 -71.63
CA GLY P 16 -109.16 72.32 -70.61
C GLY P 16 -109.81 71.86 -69.33
N GLN P 17 -110.14 72.84 -68.46
CA GLN P 17 -110.58 72.57 -67.09
C GLN P 17 -111.91 71.84 -66.93
N ALA P 18 -112.98 72.37 -67.57
CA ALA P 18 -114.30 71.75 -67.46
C ALA P 18 -114.23 70.28 -67.88
N ALA P 19 -113.53 70.01 -68.97
CA ALA P 19 -113.40 68.66 -69.47
C ALA P 19 -112.59 67.78 -68.48
N ALA P 20 -111.53 68.35 -67.90
CA ALA P 20 -110.70 67.62 -66.96
C ALA P 20 -111.51 67.25 -65.70
N LEU P 21 -112.32 68.19 -65.22
CA LEU P 21 -113.24 67.91 -64.07
C LEU P 21 -114.19 66.77 -64.40
N ALA P 22 -114.80 66.81 -65.60
CA ALA P 22 -115.73 65.78 -66.02
C ALA P 22 -115.05 64.42 -66.13
N PHE P 23 -113.84 64.42 -66.66
CA PHE P 23 -113.06 63.21 -66.85
C PHE P 23 -112.73 62.51 -65.52
N VAL P 24 -112.23 63.27 -64.55
CA VAL P 24 -111.86 62.68 -63.25
C VAL P 24 -113.06 62.27 -62.42
N ARG P 25 -114.23 62.83 -62.73
CA ARG P 25 -115.44 62.54 -61.93
C ARG P 25 -116.21 61.35 -62.44
N GLU P 26 -115.88 60.86 -63.64
CA GLU P 26 -116.56 59.69 -64.20
C GLU P 26 -115.55 58.55 -64.36
N PRO P 27 -115.66 57.53 -63.51
CA PRO P 27 -114.75 56.38 -63.58
C PRO P 27 -114.60 55.76 -64.97
N ALA P 28 -115.71 55.47 -65.62
CA ALA P 28 -115.72 54.85 -66.96
C ALA P 28 -114.85 55.63 -67.96
N ALA P 29 -114.67 56.93 -67.72
CA ALA P 29 -113.79 57.78 -68.55
C ALA P 29 -112.36 57.67 -68.05
N ALA P 30 -112.16 58.02 -66.78
CA ALA P 30 -110.82 58.04 -66.18
C ALA P 30 -110.12 56.69 -66.21
N LEU P 31 -110.85 55.60 -65.96
CA LEU P 31 -110.26 54.27 -65.92
C LEU P 31 -110.45 53.40 -67.19
N ALA P 32 -110.94 54.00 -68.27
CA ALA P 32 -111.18 53.24 -69.54
C ALA P 32 -109.97 52.39 -70.04
N GLY P 33 -108.77 52.95 -69.98
CA GLY P 33 -107.58 52.27 -70.47
C GLY P 33 -106.65 51.72 -69.39
N VAL P 34 -107.13 51.75 -68.15
CA VAL P 34 -106.34 51.29 -67.01
C VAL P 34 -106.19 49.78 -67.04
N GLN P 35 -104.95 49.32 -66.96
CA GLN P 35 -104.69 47.89 -66.97
C GLN P 35 -104.49 47.35 -65.56
N ARG P 36 -104.59 46.03 -65.45
CA ARG P 36 -104.34 45.28 -64.22
C ARG P 36 -105.43 45.43 -63.18
N LEU P 37 -106.56 46.00 -63.59
CA LEU P 37 -107.77 46.03 -62.78
C LEU P 37 -108.85 45.22 -63.51
N ARG P 38 -108.87 43.92 -63.25
CA ARG P 38 -109.77 43.04 -63.98
C ARG P 38 -111.22 43.17 -63.48
N GLY P 39 -112.18 42.99 -64.39
CA GLY P 39 -113.59 43.01 -64.03
C GLY P 39 -114.08 44.36 -63.53
N LEU P 40 -113.42 45.41 -63.96
CA LEU P 40 -113.75 46.76 -63.52
C LEU P 40 -115.19 47.08 -63.89
N ASP P 41 -115.95 47.58 -62.94
CA ASP P 41 -117.31 48.01 -63.20
C ASP P 41 -117.75 49.06 -62.17
N SER P 42 -118.86 49.74 -62.47
CA SER P 42 -119.39 50.79 -61.60
C SER P 42 -120.85 51.07 -61.87
N ASP P 43 -121.57 51.51 -60.83
CA ASP P 43 -122.97 51.91 -60.96
C ASP P 43 -123.10 53.44 -60.78
N GLY P 44 -121.97 54.15 -60.82
CA GLY P 44 -121.96 55.61 -60.64
C GLY P 44 -121.72 56.01 -59.19
N GLU P 45 -122.02 55.08 -58.26
CA GLU P 45 -121.85 55.31 -56.83
C GLU P 45 -120.57 54.67 -56.31
N GLN P 46 -120.31 53.45 -56.72
CA GLN P 46 -119.13 52.76 -56.34
C GLN P 46 -118.45 52.16 -57.56
N VAL P 47 -117.18 51.88 -57.41
CA VAL P 47 -116.38 51.21 -58.44
C VAL P 47 -115.82 49.94 -57.82
N TRP P 48 -115.76 48.87 -58.61
CA TRP P 48 -115.23 47.60 -58.09
C TRP P 48 -114.52 46.79 -59.18
N GLY P 49 -113.76 45.80 -58.73
CA GLY P 49 -112.98 44.97 -59.63
C GLY P 49 -112.09 44.06 -58.84
N GLU P 50 -110.99 43.64 -59.44
CA GLU P 50 -110.08 42.74 -58.76
C GLU P 50 -108.66 42.87 -59.30
N LEU P 51 -107.69 42.63 -58.43
CA LEU P 51 -106.30 42.54 -58.83
C LEU P 51 -105.94 41.08 -58.79
N LEU P 52 -104.98 40.69 -59.64
CA LEU P 52 -104.55 39.29 -59.72
C LEU P 52 -103.19 39.09 -59.08
N VAL P 53 -103.16 38.23 -58.07
CA VAL P 53 -101.90 37.82 -57.43
C VAL P 53 -101.58 36.42 -57.93
N ARG P 54 -100.44 36.29 -58.59
CA ARG P 54 -100.03 35.01 -59.15
C ARG P 54 -99.09 34.27 -58.22
N VAL P 55 -99.50 33.07 -57.80
CA VAL P 55 -98.64 32.23 -57.01
C VAL P 55 -98.56 30.88 -57.66
N PRO P 56 -97.55 30.08 -57.29
CA PRO P 56 -97.44 28.77 -57.88
C PRO P 56 -98.62 27.85 -57.56
N LEU P 57 -98.97 27.05 -58.54
CA LEU P 57 -99.97 26.00 -58.40
C LEU P 57 -101.40 26.52 -58.38
N LEU P 58 -101.68 27.55 -57.59
CA LEU P 58 -103.02 28.18 -57.64
C LEU P 58 -103.15 29.06 -58.87
N GLY P 59 -102.03 29.62 -59.34
CA GLY P 59 -102.03 30.49 -60.49
C GLY P 59 -102.53 31.87 -60.13
N GLU P 60 -103.36 32.44 -60.99
CA GLU P 60 -103.89 33.77 -60.75
C GLU P 60 -105.00 33.73 -59.72
N VAL P 61 -104.75 34.37 -58.57
CA VAL P 61 -105.74 34.47 -57.51
C VAL P 61 -106.26 35.89 -57.49
N ASP P 62 -107.57 36.04 -57.62
CA ASP P 62 -108.20 37.37 -57.69
C ASP P 62 -108.53 37.89 -56.31
N LEU P 63 -108.12 39.14 -56.05
CA LEU P 63 -108.41 39.85 -54.81
C LEU P 63 -109.35 41.01 -55.15
N PRO P 64 -110.57 40.99 -54.61
CA PRO P 64 -111.49 42.03 -54.98
C PRO P 64 -111.20 43.37 -54.26
N PHE P 65 -111.72 44.44 -54.84
CA PHE P 65 -111.78 45.73 -54.20
C PHE P 65 -113.10 46.36 -54.57
N ARG P 66 -113.53 47.29 -53.73
CA ARG P 66 -114.71 48.07 -53.99
C ARG P 66 -114.49 49.42 -53.30
N SER P 67 -114.70 50.50 -54.04
CA SER P 67 -114.49 51.84 -53.51
C SER P 67 -115.66 52.77 -53.83
N GLU P 68 -115.91 53.69 -52.91
CA GLU P 68 -116.95 54.69 -53.05
C GLU P 68 -116.41 55.86 -53.86
N ILE P 69 -117.22 56.34 -54.80
CA ILE P 69 -116.85 57.49 -55.61
C ILE P 69 -117.35 58.74 -54.90
N VAL P 70 -116.43 59.66 -54.62
CA VAL P 70 -116.77 60.90 -53.91
C VAL P 70 -116.40 62.09 -54.75
N ARG P 71 -117.41 62.87 -55.10
CA ARG P 71 -117.26 64.05 -55.91
C ARG P 71 -116.84 65.22 -55.04
N THR P 72 -115.77 65.88 -55.41
CA THR P 72 -115.21 67.00 -54.65
C THR P 72 -115.20 68.27 -55.48
N PRO P 73 -114.92 69.42 -54.85
CA PRO P 73 -114.97 70.67 -55.61
C PRO P 73 -113.97 70.76 -56.78
N GLN P 74 -112.78 70.16 -56.64
CA GLN P 74 -111.74 70.19 -57.69
C GLN P 74 -111.64 68.90 -58.49
N GLY P 75 -112.48 67.91 -58.17
CA GLY P 75 -112.41 66.62 -58.86
C GLY P 75 -113.22 65.52 -58.22
N ALA P 76 -112.54 64.48 -57.75
CA ALA P 76 -113.20 63.33 -57.17
C ALA P 76 -112.19 62.46 -56.46
N GLU P 77 -112.69 61.60 -55.57
CA GLU P 77 -111.86 60.62 -54.89
C GLU P 77 -112.51 59.24 -54.97
N LEU P 78 -111.67 58.22 -54.78
CA LEU P 78 -112.15 56.88 -54.47
C LEU P 78 -111.78 56.62 -53.03
N ARG P 79 -112.76 56.22 -52.23
CA ARG P 79 -112.54 55.84 -50.85
C ARG P 79 -112.93 54.37 -50.65
N PRO P 80 -111.97 53.55 -50.19
CA PRO P 80 -112.13 52.09 -50.15
C PRO P 80 -113.14 51.59 -49.15
N LEU P 81 -113.83 50.54 -49.53
CA LEU P 81 -114.75 49.87 -48.61
C LEU P 81 -114.07 48.63 -48.04
N THR P 82 -114.37 48.34 -46.79
CA THR P 82 -113.83 47.18 -46.12
C THR P 82 -114.54 45.94 -46.62
N LEU P 83 -113.76 44.93 -47.01
CA LEU P 83 -114.34 43.65 -47.44
C LEU P 83 -114.07 42.59 -46.36
N THR P 84 -114.62 41.40 -46.51
CA THR P 84 -114.57 40.39 -45.43
C THR P 84 -113.18 39.77 -45.30
N GLY P 85 -112.91 39.15 -44.17
CA GLY P 85 -111.61 38.53 -43.96
C GLY P 85 -111.48 37.08 -44.47
N GLU P 86 -112.56 36.54 -45.07
CA GLU P 86 -112.59 35.15 -45.57
C GLU P 86 -111.56 34.94 -46.68
N ARG P 87 -111.25 35.99 -47.42
CA ARG P 87 -110.25 35.91 -48.44
C ARG P 87 -109.57 37.22 -48.58
N ALA P 88 -108.33 37.19 -49.09
CA ALA P 88 -107.53 38.38 -49.30
C ALA P 88 -108.25 39.38 -50.21
N TRP P 89 -108.05 40.65 -49.94
CA TRP P 89 -108.69 41.70 -50.72
C TRP P 89 -107.76 42.89 -50.81
N VAL P 90 -108.19 43.90 -51.56
CA VAL P 90 -107.41 45.10 -51.75
C VAL P 90 -108.27 46.35 -51.48
N ALA P 91 -107.65 47.34 -50.83
CA ALA P 91 -108.24 48.67 -50.63
C ALA P 91 -107.60 49.61 -51.64
N VAL P 92 -108.43 50.15 -52.55
CA VAL P 92 -107.98 51.08 -53.58
C VAL P 92 -108.48 52.49 -53.26
N SER P 93 -107.54 53.39 -53.03
CA SER P 93 -107.87 54.79 -52.74
C SER P 93 -107.25 55.66 -53.81
N GLY P 94 -107.88 56.80 -54.08
CA GLY P 94 -107.36 57.73 -55.05
C GLY P 94 -107.96 59.11 -54.91
N GLN P 95 -107.17 60.12 -55.28
CA GLN P 95 -107.62 61.48 -55.26
C GLN P 95 -107.17 62.14 -56.57
N ALA P 96 -108.05 62.95 -57.14
CA ALA P 96 -107.78 63.62 -58.39
C ALA P 96 -108.28 65.06 -58.35
N THR P 97 -107.48 65.97 -58.89
CA THR P 97 -107.89 67.36 -58.99
C THR P 97 -107.65 67.85 -60.42
N ALA P 98 -108.49 68.77 -60.86
CA ALA P 98 -108.38 69.40 -62.17
C ALA P 98 -108.26 70.89 -61.92
N ALA P 99 -107.29 71.52 -62.56
CA ALA P 99 -107.02 72.91 -62.31
C ALA P 99 -107.16 73.74 -63.59
N GLU P 100 -106.79 75.02 -63.48
CA GLU P 100 -106.85 75.92 -64.60
C GLU P 100 -106.05 75.35 -65.76
N GLY P 101 -106.65 75.37 -66.94
CA GLY P 101 -105.99 74.94 -68.16
C GLY P 101 -106.07 73.47 -68.40
N GLY P 102 -106.72 72.74 -67.48
CA GLY P 102 -106.89 71.28 -67.63
C GLY P 102 -105.77 70.45 -67.00
N GLU P 103 -104.95 71.07 -66.18
CA GLU P 103 -103.89 70.38 -65.48
C GLU P 103 -104.50 69.45 -64.42
N MET P 104 -104.22 68.15 -64.52
CA MET P 104 -104.75 67.19 -63.57
C MET P 104 -103.69 66.51 -62.72
N ALA P 105 -103.99 66.36 -61.43
CA ALA P 105 -103.10 65.73 -60.46
C ALA P 105 -103.80 64.50 -59.94
N PHE P 106 -103.05 63.39 -59.88
CA PHE P 106 -103.56 62.14 -59.36
C PHE P 106 -102.64 61.60 -58.29
N ALA P 107 -103.25 60.95 -57.29
CA ALA P 107 -102.55 60.17 -56.30
C ALA P 107 -103.40 58.92 -56.02
N PHE P 108 -102.77 57.76 -56.09
CA PHE P 108 -103.44 56.48 -55.79
C PHE P 108 -102.70 55.74 -54.73
N GLN P 109 -103.45 55.07 -53.85
CA GLN P 109 -102.84 54.22 -52.80
C GLN P 109 -103.53 52.86 -52.80
N PHE P 110 -102.74 51.79 -52.64
CA PHE P 110 -103.24 50.43 -52.61
C PHE P 110 -102.75 49.74 -51.39
N GLN P 111 -103.62 48.98 -50.75
CA GLN P 111 -103.24 48.20 -49.58
C GLN P 111 -103.84 46.78 -49.75
N ALA P 112 -103.00 45.76 -49.67
CA ALA P 112 -103.49 44.39 -49.74
C ALA P 112 -103.76 43.94 -48.30
N HIS P 113 -104.94 43.36 -48.08
CA HIS P 113 -105.33 42.88 -46.77
C HIS P 113 -105.38 41.36 -46.80
N LEU P 114 -104.45 40.73 -46.09
CA LEU P 114 -104.36 39.28 -46.09
C LEU P 114 -105.23 38.64 -45.02
N ALA P 115 -105.69 37.43 -45.28
CA ALA P 115 -106.55 36.71 -44.34
C ALA P 115 -105.71 36.04 -43.25
N THR P 116 -106.25 36.03 -42.04
CA THR P 116 -105.56 35.42 -40.90
C THR P 116 -106.43 34.37 -40.22
N GLY P 124 -95.38 26.88 -42.92
CA GLY P 124 -96.27 28.07 -43.00
C GLY P 124 -95.52 29.40 -43.07
N ALA P 125 -94.38 29.47 -42.41
CA ALA P 125 -93.57 30.71 -42.41
C ALA P 125 -92.93 30.91 -43.80
N ALA P 126 -92.40 29.82 -44.36
CA ALA P 126 -91.78 29.84 -45.70
C ALA P 126 -92.81 30.19 -46.77
N PHE P 127 -94.02 29.67 -46.62
CA PHE P 127 -95.09 29.94 -47.58
C PHE P 127 -95.53 31.40 -47.56
N GLU P 128 -95.58 31.98 -46.37
CA GLU P 128 -96.05 33.34 -46.20
C GLU P 128 -95.16 34.22 -47.07
N VAL P 129 -93.89 33.85 -47.16
CA VAL P 129 -92.94 34.59 -47.98
C VAL P 129 -93.35 34.62 -49.45
N MET P 130 -93.86 33.50 -49.99
CA MET P 130 -94.29 33.53 -51.41
C MET P 130 -95.49 34.43 -51.62
N VAL P 131 -96.47 34.37 -50.71
CA VAL P 131 -97.69 35.19 -50.85
C VAL P 131 -97.42 36.70 -50.68
N GLN P 132 -96.63 37.09 -49.68
CA GLN P 132 -96.31 38.50 -49.47
C GLN P 132 -95.57 39.11 -50.66
N ALA P 133 -94.59 38.36 -51.16
CA ALA P 133 -93.79 38.82 -52.31
C ALA P 133 -94.66 38.99 -53.55
N ALA P 134 -95.53 38.03 -53.79
CA ALA P 134 -96.39 38.02 -54.96
C ALA P 134 -97.38 39.19 -54.89
N ALA P 135 -97.99 39.37 -53.73
CA ALA P 135 -98.98 40.44 -53.54
C ALA P 135 -98.31 41.80 -53.68
N GLY P 136 -97.07 41.91 -53.21
CA GLY P 136 -96.29 43.13 -53.35
C GLY P 136 -96.03 43.47 -54.80
N VAL P 137 -95.73 42.45 -55.60
CA VAL P 137 -95.49 42.64 -57.03
C VAL P 137 -96.72 43.07 -57.74
N THR P 138 -97.87 42.49 -57.35
CA THR P 138 -99.17 42.84 -57.93
C THR P 138 -99.50 44.33 -57.68
N LEU P 139 -99.32 44.76 -56.44
CA LEU P 139 -99.62 46.12 -56.10
C LEU P 139 -98.75 47.13 -56.85
N LEU P 140 -97.45 46.84 -56.95
CA LEU P 140 -96.52 47.71 -57.66
C LEU P 140 -96.79 47.73 -59.17
N LEU P 141 -97.13 46.58 -59.77
CA LEU P 141 -97.38 46.54 -61.20
C LEU P 141 -98.55 47.47 -61.55
N VAL P 142 -99.64 47.37 -60.80
CA VAL P 142 -100.81 48.19 -61.08
C VAL P 142 -100.50 49.68 -60.81
N ALA P 143 -99.80 49.96 -59.73
CA ALA P 143 -99.47 51.34 -59.34
C ALA P 143 -98.55 51.98 -60.39
N MET P 144 -97.50 51.27 -60.77
CA MET P 144 -96.55 51.76 -61.73
C MET P 144 -97.13 51.99 -63.12
N ALA P 145 -98.17 51.25 -63.49
CA ALA P 145 -98.77 51.40 -64.81
C ALA P 145 -99.89 52.46 -64.87
N LEU P 146 -100.29 52.98 -63.72
CA LEU P 146 -101.41 53.94 -63.68
C LEU P 146 -101.24 55.18 -64.56
N PRO P 147 -100.06 55.82 -64.53
CA PRO P 147 -99.93 57.00 -65.40
C PRO P 147 -100.18 56.67 -66.89
N GLN P 148 -99.63 55.55 -67.34
CA GLN P 148 -99.84 55.08 -68.70
C GLN P 148 -101.34 54.86 -68.96
N GLY P 149 -102.00 54.19 -68.01
CA GLY P 149 -103.43 53.88 -68.13
C GLY P 149 -104.32 55.10 -68.14
N LEU P 150 -104.05 56.05 -67.26
CA LEU P 150 -104.82 57.28 -67.20
C LEU P 150 -104.62 58.09 -68.47
N ALA P 151 -103.38 58.11 -68.96
CA ALA P 151 -103.06 58.85 -70.20
C ALA P 151 -103.80 58.24 -71.41
N ALA P 152 -103.89 56.91 -71.43
CA ALA P 152 -104.59 56.20 -72.51
C ALA P 152 -106.09 56.57 -72.60
N GLY P 153 -106.66 57.09 -71.53
CA GLY P 153 -108.08 57.48 -71.55
C GLY P 153 -108.34 58.86 -72.14
N LEU P 154 -107.29 59.63 -72.39
CA LEU P 154 -107.41 61.01 -72.85
C LEU P 154 -107.51 61.13 -74.36
N PRO P 155 -108.45 61.98 -74.84
CA PRO P 155 -108.67 62.26 -76.24
C PRO P 155 -107.75 63.35 -76.73
N PRO P 156 -107.59 63.47 -78.05
CA PRO P 156 -106.76 64.48 -78.69
C PRO P 156 -107.43 65.84 -78.75
N ALA P 157 -106.62 66.91 -78.77
CA ALA P 157 -107.14 68.26 -78.98
C ALA P 157 -107.51 68.43 -80.44
N LEU Q 3 -104.05 15.35 -55.29
CA LEU Q 3 -104.72 16.31 -56.23
C LEU Q 3 -105.88 15.65 -56.96
N SER Q 4 -106.34 14.54 -56.39
CA SER Q 4 -107.53 13.85 -56.86
C SER Q 4 -108.38 13.44 -55.67
N ALA Q 5 -109.67 13.33 -55.89
CA ALA Q 5 -110.61 12.86 -54.90
C ALA Q 5 -111.70 12.12 -55.66
N GLU Q 6 -112.23 11.07 -55.04
CA GLU Q 6 -113.24 10.19 -55.64
C GLU Q 6 -114.35 9.96 -54.64
N GLN Q 7 -115.57 9.78 -55.11
CA GLN Q 7 -116.67 9.43 -54.23
C GLN Q 7 -117.69 8.60 -55.01
N SER Q 8 -118.20 7.55 -54.37
CA SER Q 8 -119.24 6.73 -54.99
C SER Q 8 -120.25 6.30 -53.93
N PHE Q 9 -121.50 6.23 -54.34
CA PHE Q 9 -122.57 5.93 -53.40
C PHE Q 9 -123.87 5.67 -54.12
N THR Q 10 -124.81 5.09 -53.38
CA THR Q 10 -126.13 4.78 -53.90
C THR Q 10 -127.19 5.48 -53.06
N LEU Q 11 -128.31 5.82 -53.69
CA LEU Q 11 -129.46 6.46 -53.03
C LEU Q 11 -130.70 6.05 -53.77
N ARG Q 12 -131.79 5.88 -53.05
CA ARG Q 12 -133.07 5.55 -53.66
C ARG Q 12 -133.93 6.78 -53.86
N HIS Q 13 -134.45 6.97 -55.05
CA HIS Q 13 -135.38 8.07 -55.28
C HIS Q 13 -136.75 7.55 -54.83
N PRO Q 14 -137.39 8.25 -53.89
CA PRO Q 14 -138.72 7.82 -53.37
C PRO Q 14 -139.85 7.70 -54.40
N HIS Q 15 -139.71 8.36 -55.57
CA HIS Q 15 -140.78 8.35 -56.57
C HIS Q 15 -140.60 7.32 -57.72
N GLY Q 16 -139.56 6.49 -57.65
CA GLY Q 16 -139.40 5.42 -58.64
C GLY Q 16 -138.46 5.76 -59.79
N GLN Q 17 -138.43 4.88 -60.80
CA GLN Q 17 -137.43 4.95 -61.88
C GLN Q 17 -137.50 6.17 -62.79
N ALA Q 18 -138.68 6.44 -63.37
CA ALA Q 18 -138.84 7.59 -64.27
C ALA Q 18 -138.38 8.86 -63.59
N ALA Q 19 -138.79 9.04 -62.34
CA ALA Q 19 -138.42 10.23 -61.59
C ALA Q 19 -136.90 10.27 -61.32
N ALA Q 20 -136.31 9.11 -61.01
CA ALA Q 20 -134.88 9.03 -60.73
C ALA Q 20 -134.07 9.40 -61.99
N LEU Q 21 -134.51 8.90 -63.15
CA LEU Q 21 -133.89 9.27 -64.45
C LEU Q 21 -133.96 10.77 -64.69
N ALA Q 22 -135.13 11.37 -64.45
CA ALA Q 22 -135.32 12.80 -64.64
C ALA Q 22 -134.43 13.61 -63.70
N PHE Q 23 -134.35 13.15 -62.47
CA PHE Q 23 -133.55 13.81 -61.42
C PHE Q 23 -132.05 13.85 -61.77
N VAL Q 24 -131.50 12.71 -62.18
CA VAL Q 24 -130.06 12.65 -62.50
C VAL Q 24 -129.72 13.36 -63.79
N ARG Q 25 -130.71 13.56 -64.66
CA ARG Q 25 -130.47 14.19 -65.97
C ARG Q 25 -130.57 15.70 -65.94
N GLU Q 26 -131.09 16.26 -64.85
CA GLU Q 26 -131.20 17.71 -64.73
C GLU Q 26 -130.34 18.20 -63.56
N PRO Q 27 -129.23 18.85 -63.87
CA PRO Q 27 -128.31 19.36 -62.84
C PRO Q 27 -128.99 20.17 -61.74
N ALA Q 28 -129.81 21.16 -62.13
CA ALA Q 28 -130.51 22.04 -61.17
C ALA Q 28 -131.31 21.24 -60.13
N ALA Q 29 -131.71 20.01 -60.48
CA ALA Q 29 -132.39 19.10 -59.55
C ALA Q 29 -131.37 18.34 -58.72
N ALA Q 30 -130.51 17.61 -59.41
CA ALA Q 30 -129.51 16.75 -58.74
C ALA Q 30 -128.57 17.52 -57.84
N LEU Q 31 -128.13 18.71 -58.26
CA LEU Q 31 -127.17 19.50 -57.48
C LEU Q 31 -127.79 20.66 -56.64
N ALA Q 32 -129.10 20.70 -56.53
CA ALA Q 32 -129.78 21.80 -55.76
C ALA Q 32 -129.22 22.04 -54.33
N GLY Q 33 -128.97 20.95 -53.59
CA GLY Q 33 -128.50 21.07 -52.21
C GLY Q 33 -127.04 20.75 -52.00
N VAL Q 34 -126.31 20.62 -53.11
CA VAL Q 34 -124.89 20.29 -53.06
C VAL Q 34 -124.08 21.46 -52.52
N GLN Q 35 -123.27 21.20 -51.51
CA GLN Q 35 -122.45 22.25 -50.92
C GLN Q 35 -121.03 22.20 -51.47
N ARG Q 36 -120.32 23.31 -51.26
CA ARG Q 36 -118.91 23.47 -51.60
C ARG Q 36 -118.64 23.60 -53.08
N LEU Q 37 -119.71 23.81 -53.85
CA LEU Q 37 -119.61 24.17 -55.25
C LEU Q 37 -120.20 25.57 -55.43
N ARG Q 38 -119.36 26.58 -55.25
CA ARG Q 38 -119.84 27.95 -55.28
C ARG Q 38 -120.13 28.42 -56.72
N GLY Q 39 -121.12 29.30 -56.85
CA GLY Q 39 -121.44 29.89 -58.15
C GLY Q 39 -121.94 28.90 -59.17
N LEU Q 40 -122.52 27.81 -58.69
CA LEU Q 40 -123.00 26.76 -59.57
C LEU Q 40 -124.04 27.31 -60.52
N ASP Q 41 -123.89 27.02 -61.81
CA ASP Q 41 -124.87 27.42 -62.80
C ASP Q 41 -124.80 26.50 -64.02
N SER Q 42 -125.82 26.57 -64.87
CA SER Q 42 -125.92 25.73 -66.06
C SER Q 42 -126.87 26.30 -67.10
N ASP Q 43 -126.60 26.01 -68.36
CA ASP Q 43 -127.47 26.41 -69.47
C ASP Q 43 -128.16 25.18 -70.08
N GLY Q 44 -128.08 24.04 -69.39
CA GLY Q 44 -128.68 22.79 -69.87
C GLY Q 44 -127.68 21.94 -70.65
N GLU Q 45 -126.64 22.60 -71.18
CA GLU Q 45 -125.60 21.93 -71.95
C GLU Q 45 -124.35 21.66 -71.12
N GLN Q 46 -123.94 22.66 -70.35
CA GLN Q 46 -122.81 22.53 -69.49
C GLN Q 46 -123.16 23.02 -68.10
N VAL Q 47 -122.37 22.58 -67.14
CA VAL Q 47 -122.48 23.01 -65.75
C VAL Q 47 -121.14 23.61 -65.34
N TRP Q 48 -121.17 24.67 -64.56
CA TRP Q 48 -119.93 25.31 -64.12
C TRP Q 48 -120.05 25.92 -62.73
N GLY Q 49 -118.90 26.22 -62.14
CA GLY Q 49 -118.84 26.76 -60.81
C GLY Q 49 -117.41 26.85 -60.36
N GLU Q 50 -117.20 26.82 -59.05
CA GLU Q 50 -115.86 26.91 -58.51
C GLU Q 50 -115.74 26.25 -57.16
N LEU Q 51 -114.57 25.72 -56.87
CA LEU Q 51 -114.24 25.22 -55.55
C LEU Q 51 -113.32 26.22 -54.90
N LEU Q 52 -113.38 26.30 -53.57
CA LEU Q 52 -112.57 27.26 -52.83
C LEU Q 52 -111.41 26.56 -52.12
N VAL Q 53 -110.19 26.97 -52.46
CA VAL Q 53 -108.99 26.52 -51.77
C VAL Q 53 -108.53 27.63 -50.86
N ARG Q 54 -108.49 27.36 -49.56
CA ARG Q 54 -108.11 28.36 -48.58
C ARG Q 54 -106.63 28.24 -48.23
N VAL Q 55 -105.88 29.32 -48.46
CA VAL Q 55 -104.50 29.36 -48.05
C VAL Q 55 -104.27 30.62 -47.26
N PRO Q 56 -103.17 30.66 -46.49
CA PRO Q 56 -102.92 31.85 -45.70
C PRO Q 56 -102.71 33.10 -46.55
N LEU Q 57 -103.18 34.22 -46.02
CA LEU Q 57 -102.97 35.52 -46.59
C LEU Q 57 -103.81 35.81 -47.83
N LEU Q 58 -103.84 34.89 -48.79
CA LEU Q 58 -104.75 35.04 -49.94
C LEU Q 58 -106.18 34.73 -49.55
N GLY Q 59 -106.35 33.84 -48.57
CA GLY Q 59 -107.66 33.44 -48.12
C GLY Q 59 -108.29 32.46 -49.09
N GLU Q 60 -109.58 32.64 -49.35
CA GLU Q 60 -110.29 31.75 -50.26
C GLU Q 60 -109.95 32.05 -51.70
N VAL Q 61 -109.29 31.08 -52.36
CA VAL Q 61 -108.94 31.20 -53.76
C VAL Q 61 -109.86 30.29 -54.54
N ASP Q 62 -110.58 30.86 -55.50
CA ASP Q 62 -111.55 30.09 -56.29
C ASP Q 62 -110.92 29.44 -57.50
N LEU Q 63 -111.18 28.15 -57.67
CA LEU Q 63 -110.71 27.37 -58.82
C LEU Q 63 -111.94 26.97 -59.63
N PRO Q 64 -112.03 27.45 -60.88
CA PRO Q 64 -113.22 27.16 -61.64
C PRO Q 64 -113.22 25.72 -62.20
N PHE Q 65 -114.42 25.26 -62.54
CA PHE Q 65 -114.61 24.04 -63.31
C PHE Q 65 -115.75 24.29 -64.25
N ARG Q 66 -115.78 23.52 -65.33
CA ARG Q 66 -116.84 23.53 -66.28
C ARG Q 66 -116.91 22.12 -66.87
N SER Q 67 -118.10 21.55 -66.88
CA SER Q 67 -118.29 20.19 -67.39
C SER Q 67 -119.49 20.10 -68.35
N GLU Q 68 -119.35 19.22 -69.32
CA GLU Q 68 -120.39 18.95 -70.30
C GLU Q 68 -121.37 17.96 -69.71
N ILE Q 69 -122.66 18.21 -69.90
CA ILE Q 69 -123.71 17.30 -69.45
C ILE Q 69 -124.00 16.32 -70.57
N VAL Q 70 -123.88 15.04 -70.29
CA VAL Q 70 -124.10 14.00 -71.28
C VAL Q 70 -125.20 13.07 -70.83
N ARG Q 71 -126.26 13.03 -71.60
CA ARG Q 71 -127.41 12.21 -71.31
C ARG Q 71 -127.16 10.79 -71.82
N THR Q 72 -127.34 9.82 -70.96
CA THR Q 72 -127.10 8.42 -71.29
C THR Q 72 -128.37 7.58 -71.12
N PRO Q 73 -128.35 6.33 -71.58
CA PRO Q 73 -129.58 5.54 -71.50
C PRO Q 73 -130.10 5.28 -70.07
N GLN Q 74 -129.20 5.15 -69.10
CA GLN Q 74 -129.58 4.89 -67.69
C GLN Q 74 -129.49 6.13 -66.80
N GLY Q 75 -129.10 7.27 -67.37
CA GLY Q 75 -128.95 8.48 -66.55
C GLY Q 75 -128.24 9.62 -67.26
N ALA Q 76 -127.08 10.00 -66.75
CA ALA Q 76 -126.33 11.12 -67.28
C ALA Q 76 -124.94 11.13 -66.71
N GLU Q 77 -124.04 11.85 -67.39
CA GLU Q 77 -122.68 12.06 -66.90
C GLU Q 77 -122.32 13.52 -66.97
N LEU Q 78 -121.30 13.90 -66.19
CA LEU Q 78 -120.58 15.15 -66.38
C LEU Q 78 -119.20 14.78 -66.88
N ARG Q 79 -118.81 15.38 -67.98
CA ARG Q 79 -117.49 15.19 -68.54
C ARG Q 79 -116.76 16.55 -68.55
N PRO Q 80 -115.59 16.62 -67.89
CA PRO Q 80 -114.89 17.89 -67.64
C PRO Q 80 -114.30 18.52 -68.87
N LEU Q 81 -114.33 19.84 -68.90
CA LEU Q 81 -113.68 20.59 -69.97
C LEU Q 81 -112.34 21.12 -69.45
N THR Q 82 -111.36 21.16 -70.34
CA THR Q 82 -110.05 21.65 -70.03
C THR Q 82 -110.09 23.17 -69.94
N LEU Q 83 -109.57 23.72 -68.85
CA LEU Q 83 -109.49 25.18 -68.70
C LEU Q 83 -108.02 25.62 -68.84
N THR Q 84 -107.76 26.92 -68.86
CA THR Q 84 -106.41 27.42 -69.20
C THR Q 84 -105.44 27.19 -68.06
N GLY Q 85 -104.16 27.27 -68.35
CA GLY Q 85 -103.14 27.06 -67.31
C GLY Q 85 -102.74 28.33 -66.54
N GLU Q 86 -103.37 29.48 -66.87
CA GLU Q 86 -103.06 30.77 -66.21
C GLU Q 86 -103.36 30.74 -64.71
N ARG Q 87 -104.33 29.92 -64.32
CA ARG Q 87 -104.65 29.77 -62.93
C ARG Q 87 -105.15 28.38 -62.68
N ALA Q 88 -105.00 27.94 -61.43
CA ALA Q 88 -105.43 26.61 -61.02
C ALA Q 88 -106.92 26.42 -61.29
N TRP Q 89 -107.28 25.19 -61.64
CA TRP Q 89 -108.66 24.86 -61.93
C TRP Q 89 -108.95 23.44 -61.49
N VAL Q 90 -110.20 23.04 -61.65
CA VAL Q 90 -110.63 21.71 -61.26
C VAL Q 90 -111.41 21.04 -62.39
N ALA Q 91 -111.16 19.74 -62.58
CA ALA Q 91 -111.92 18.89 -63.49
C ALA Q 91 -112.90 18.07 -62.66
N VAL Q 92 -114.20 18.30 -62.89
CA VAL Q 92 -115.26 17.59 -62.19
C VAL Q 92 -115.94 16.59 -63.13
N SER Q 93 -115.84 15.32 -62.79
CA SER Q 93 -116.46 14.25 -63.59
C SER Q 93 -117.46 13.53 -62.71
N GLY Q 94 -118.48 12.98 -63.33
CA GLY Q 94 -119.49 12.21 -62.61
C GLY Q 94 -120.33 11.34 -63.51
N GLN Q 95 -120.78 10.22 -62.96
CA GLN Q 95 -121.65 9.32 -63.68
C GLN Q 95 -122.78 8.92 -62.74
N ALA Q 96 -123.98 8.85 -63.30
CA ALA Q 96 -125.17 8.51 -62.51
C ALA Q 96 -126.06 7.56 -63.30
N THR Q 97 -126.60 6.57 -62.62
CA THR Q 97 -127.55 5.65 -63.23
C THR Q 97 -128.78 5.52 -62.34
N ALA Q 98 -129.93 5.31 -62.96
CA ALA Q 98 -131.20 5.09 -62.27
C ALA Q 98 -131.71 3.74 -62.73
N ALA Q 99 -132.10 2.92 -61.77
CA ALA Q 99 -132.51 1.56 -62.08
C ALA Q 99 -133.94 1.32 -61.65
N GLU Q 100 -134.36 0.05 -61.77
CA GLU Q 100 -135.69 -0.35 -61.39
C GLU Q 100 -135.96 0.03 -59.95
N GLY Q 101 -137.11 0.64 -59.73
CA GLY Q 101 -137.54 1.00 -58.38
C GLY Q 101 -137.02 2.33 -57.90
N GLY Q 102 -136.22 2.99 -58.75
CA GLY Q 102 -135.67 4.30 -58.41
C GLY Q 102 -134.31 4.26 -57.71
N GLU Q 103 -133.66 3.11 -57.72
CA GLU Q 103 -132.34 2.96 -57.15
C GLU Q 103 -131.32 3.73 -58.00
N MET Q 104 -130.63 4.69 -57.38
CA MET Q 104 -129.64 5.49 -58.09
C MET Q 104 -128.21 5.28 -57.60
N ALA Q 105 -127.28 5.19 -58.56
CA ALA Q 105 -125.87 5.00 -58.28
C ALA Q 105 -125.14 6.23 -58.79
N PHE Q 106 -124.23 6.74 -57.98
CA PHE Q 106 -123.42 7.89 -58.33
C PHE Q 106 -121.94 7.58 -58.13
N ALA Q 107 -121.11 8.14 -59.00
CA ALA Q 107 -119.67 8.15 -58.85
C ALA Q 107 -119.19 9.53 -59.34
N PHE Q 108 -118.40 10.19 -58.50
CA PHE Q 108 -117.80 11.49 -58.86
C PHE Q 108 -116.31 11.44 -58.72
N GLN Q 109 -115.61 12.13 -59.63
CA GLN Q 109 -114.14 12.23 -59.56
C GLN Q 109 -113.74 13.70 -59.73
N PHE Q 110 -112.76 14.14 -58.94
CA PHE Q 110 -112.26 15.50 -58.98
C PHE Q 110 -110.77 15.47 -59.14
N GLN Q 111 -110.26 16.36 -59.98
CA GLN Q 111 -108.82 16.50 -60.17
C GLN Q 111 -108.49 18.00 -60.16
N ALA Q 112 -107.56 18.40 -59.30
CA ALA Q 112 -107.12 19.80 -59.27
C ALA Q 112 -105.92 19.89 -60.20
N HIS Q 113 -105.94 20.90 -61.07
CA HIS Q 113 -104.88 21.13 -62.02
C HIS Q 113 -104.14 22.41 -61.65
N LEU Q 114 -102.91 22.27 -61.19
CA LEU Q 114 -102.14 23.42 -60.73
C LEU Q 114 -101.37 24.08 -61.87
N ALA Q 115 -101.15 25.39 -61.73
CA ALA Q 115 -100.42 26.14 -62.75
C ALA Q 115 -98.91 25.98 -62.58
N THR Q 116 -98.20 25.92 -63.71
CA THR Q 116 -96.76 25.76 -63.69
C THR Q 116 -96.07 26.88 -64.48
N GLY Q 124 -89.77 28.26 -52.48
CA GLY Q 124 -90.80 27.74 -53.42
C GLY Q 124 -91.22 26.30 -53.17
N ALA Q 125 -90.28 25.47 -52.71
CA ALA Q 125 -90.58 24.07 -52.41
C ALA Q 125 -91.47 23.96 -51.16
N ALA Q 126 -91.11 24.74 -50.12
CA ALA Q 126 -91.89 24.79 -48.87
C ALA Q 126 -93.32 25.30 -49.13
N PHE Q 127 -93.43 26.31 -50.00
CA PHE Q 127 -94.74 26.88 -50.31
C PHE Q 127 -95.64 25.89 -51.05
N GLU Q 128 -95.04 25.11 -51.94
CA GLU Q 128 -95.81 24.18 -52.76
C GLU Q 128 -96.53 23.25 -51.81
N VAL Q 129 -95.89 22.95 -50.68
CA VAL Q 129 -96.49 22.09 -49.68
C VAL Q 129 -97.80 22.67 -49.12
N MET Q 130 -97.85 23.99 -48.89
CA MET Q 130 -99.11 24.58 -48.39
C MET Q 130 -100.23 24.51 -49.42
N VAL Q 131 -99.90 24.78 -50.69
CA VAL Q 131 -100.94 24.76 -51.76
C VAL Q 131 -101.46 23.35 -52.04
N GLN Q 132 -100.57 22.35 -52.13
CA GLN Q 132 -100.99 20.97 -52.40
C GLN Q 132 -101.88 20.43 -51.29
N ALA Q 133 -101.49 20.68 -50.04
CA ALA Q 133 -102.26 20.23 -48.88
C ALA Q 133 -103.65 20.87 -48.86
N ALA Q 134 -103.69 22.16 -49.12
CA ALA Q 134 -104.94 22.91 -49.09
C ALA Q 134 -105.88 22.44 -50.18
N ALA Q 135 -105.35 22.27 -51.39
CA ALA Q 135 -106.15 21.82 -52.53
C ALA Q 135 -106.67 20.41 -52.30
N GLY Q 136 -105.85 19.57 -51.66
CA GLY Q 136 -106.26 18.22 -51.32
C GLY Q 136 -107.43 18.21 -50.35
N VAL Q 137 -107.39 19.13 -49.38
CA VAL Q 137 -108.46 19.24 -48.40
C VAL Q 137 -109.73 19.69 -49.03
N THR Q 138 -109.62 20.64 -49.99
CA THR Q 138 -110.78 21.15 -50.73
C THR Q 138 -111.47 20.04 -51.51
N LEU Q 139 -110.68 19.25 -52.23
CA LEU Q 139 -111.22 18.17 -53.02
C LEU Q 139 -111.95 17.13 -52.17
N LEU Q 140 -111.34 16.75 -51.05
CA LEU Q 140 -111.93 15.76 -50.16
C LEU Q 140 -113.20 16.29 -49.47
N LEU Q 141 -113.21 17.57 -49.07
CA LEU Q 141 -114.38 18.13 -48.40
C LEU Q 141 -115.60 18.04 -49.34
N VAL Q 142 -115.42 18.47 -50.59
CA VAL Q 142 -116.54 18.45 -51.53
C VAL Q 142 -116.96 17.00 -51.84
N ALA Q 143 -115.99 16.12 -52.01
CA ALA Q 143 -116.26 14.72 -52.36
C ALA Q 143 -117.00 14.01 -51.22
N MET Q 144 -116.49 14.18 -50.01
CA MET Q 144 -117.08 13.56 -48.84
C MET Q 144 -118.49 14.05 -48.52
N ALA Q 145 -118.82 15.28 -48.91
CA ALA Q 145 -120.15 15.83 -48.62
C ALA Q 145 -121.18 15.52 -49.71
N LEU Q 146 -120.75 14.98 -50.84
CA LEU Q 146 -121.66 14.74 -51.97
C LEU Q 146 -122.89 13.88 -51.65
N PRO Q 147 -122.70 12.75 -50.94
CA PRO Q 147 -123.89 11.96 -50.64
C PRO Q 147 -124.96 12.76 -49.86
N GLN Q 148 -124.52 13.53 -48.88
CA GLN Q 148 -125.39 14.40 -48.11
C GLN Q 148 -126.10 15.40 -49.03
N GLY Q 149 -125.31 16.02 -49.93
CA GLY Q 149 -125.83 17.01 -50.87
C GLY Q 149 -126.84 16.46 -51.85
N LEU Q 150 -126.52 15.31 -52.43
CA LEU Q 150 -127.41 14.66 -53.38
C LEU Q 150 -128.71 14.25 -52.69
N ALA Q 151 -128.59 13.75 -51.46
CA ALA Q 151 -129.77 13.32 -50.68
C ALA Q 151 -130.68 14.53 -50.35
N ALA Q 152 -130.06 15.67 -50.06
CA ALA Q 152 -130.81 16.90 -49.77
C ALA Q 152 -131.69 17.36 -50.96
N GLY Q 153 -131.37 16.93 -52.17
CA GLY Q 153 -132.17 17.32 -53.34
C GLY Q 153 -133.43 16.49 -53.56
N LEU Q 154 -133.56 15.39 -52.81
CA LEU Q 154 -134.65 14.44 -53.00
C LEU Q 154 -135.90 14.81 -52.21
N PRO Q 155 -137.09 14.72 -52.87
CA PRO Q 155 -138.38 14.99 -52.28
C PRO Q 155 -138.92 13.75 -51.58
N PRO Q 156 -139.91 13.95 -50.71
CA PRO Q 156 -140.57 12.88 -49.97
C PRO Q 156 -141.58 12.11 -50.80
N ALA Q 157 -141.80 10.84 -50.46
CA ALA Q 157 -142.86 10.04 -51.09
C ALA Q 157 -144.20 10.49 -50.56
N LEU R 3 -91.20 -47.07 -60.29
CA LEU R 3 -92.61 -46.79 -60.71
C LEU R 3 -92.97 -47.56 -61.99
N SER R 4 -92.17 -48.58 -62.27
CA SER R 4 -92.43 -49.50 -63.36
C SER R 4 -92.19 -50.92 -62.88
N ALA R 5 -92.88 -51.86 -63.49
CA ALA R 5 -92.68 -53.27 -63.23
C ALA R 5 -92.95 -53.99 -64.55
N GLU R 6 -92.21 -55.07 -64.78
CA GLU R 6 -92.29 -55.85 -66.03
C GLU R 6 -92.37 -57.33 -65.68
N GLN R 7 -93.05 -58.10 -66.51
CA GLN R 7 -93.08 -59.55 -66.32
C GLN R 7 -93.24 -60.23 -67.68
N SER R 8 -92.49 -61.30 -67.90
CA SER R 8 -92.61 -62.07 -69.11
C SER R 8 -92.48 -63.56 -68.81
N PHE R 9 -93.24 -64.36 -69.53
CA PHE R 9 -93.28 -65.79 -69.26
C PHE R 9 -94.01 -66.54 -70.35
N THR R 10 -93.82 -67.85 -70.36
CA THR R 10 -94.49 -68.73 -71.31
C THR R 10 -95.31 -69.76 -70.57
N LEU R 11 -96.39 -70.20 -71.21
CA LEU R 11 -97.29 -71.24 -70.68
C LEU R 11 -97.89 -71.97 -71.85
N ARG R 12 -98.11 -73.28 -71.69
CA ARG R 12 -98.73 -74.07 -72.72
C ARG R 12 -100.22 -74.25 -72.46
N HIS R 13 -101.04 -73.98 -73.46
CA HIS R 13 -102.47 -74.22 -73.32
C HIS R 13 -102.66 -75.71 -73.63
N PRO R 14 -103.24 -76.48 -72.71
CA PRO R 14 -103.45 -77.93 -72.91
C PRO R 14 -104.31 -78.33 -74.12
N HIS R 15 -105.12 -77.41 -74.65
CA HIS R 15 -106.03 -77.74 -75.76
C HIS R 15 -105.52 -77.34 -77.17
N GLY R 16 -104.29 -76.83 -77.26
CA GLY R 16 -103.70 -76.54 -78.57
C GLY R 16 -103.83 -75.10 -79.02
N GLN R 17 -103.47 -74.85 -80.28
CA GLN R 17 -103.34 -73.48 -80.82
C GLN R 17 -104.63 -72.65 -80.89
N ALA R 18 -105.66 -73.20 -81.56
CA ALA R 18 -106.93 -72.48 -81.69
C ALA R 18 -107.45 -72.05 -80.33
N ALA R 19 -107.39 -72.95 -79.37
CA ALA R 19 -107.86 -72.66 -78.03
C ALA R 19 -107.00 -71.58 -77.35
N ALA R 20 -105.68 -71.66 -77.55
CA ALA R 20 -104.75 -70.70 -76.96
C ALA R 20 -105.01 -69.29 -77.53
N LEU R 21 -105.25 -69.20 -78.84
CA LEU R 21 -105.62 -67.92 -79.48
C LEU R 21 -106.90 -67.35 -78.88
N ALA R 22 -107.93 -68.21 -78.71
CA ALA R 22 -109.19 -67.78 -78.15
C ALA R 22 -109.04 -67.30 -76.71
N PHE R 23 -108.23 -68.02 -75.96
CA PHE R 23 -107.96 -67.71 -74.55
C PHE R 23 -107.30 -66.33 -74.37
N VAL R 24 -106.25 -66.06 -75.14
CA VAL R 24 -105.54 -64.78 -75.00
C VAL R 24 -106.33 -63.61 -75.55
N ARG R 25 -107.31 -63.88 -76.41
CA ARG R 25 -108.08 -62.81 -77.03
C ARG R 25 -109.30 -62.40 -76.24
N GLU R 26 -109.66 -63.19 -75.22
CA GLU R 26 -110.80 -62.86 -74.37
C GLU R 26 -110.33 -62.62 -72.93
N PRO R 27 -110.35 -61.36 -72.50
CA PRO R 27 -109.90 -61.02 -71.15
C PRO R 27 -110.54 -61.85 -70.03
N ALA R 28 -111.85 -61.96 -70.05
CA ALA R 28 -112.61 -62.72 -69.02
C ALA R 28 -112.08 -64.15 -68.86
N ALA R 29 -111.46 -64.69 -69.92
CA ALA R 29 -110.81 -66.02 -69.88
C ALA R 29 -109.40 -65.89 -69.33
N ALA R 30 -108.59 -65.10 -70.02
CA ALA R 30 -107.17 -64.93 -69.67
C ALA R 30 -106.96 -64.40 -68.26
N LEU R 31 -107.78 -63.45 -67.82
CA LEU R 31 -107.62 -62.83 -66.50
C LEU R 31 -108.56 -63.37 -65.40
N ALA R 32 -109.28 -64.44 -65.66
CA ALA R 32 -110.24 -65.01 -64.67
C ALA R 32 -109.66 -65.24 -63.24
N GLY R 33 -108.44 -65.77 -63.16
CA GLY R 33 -107.81 -66.09 -61.89
C GLY R 33 -106.71 -65.13 -61.46
N VAL R 34 -106.58 -64.03 -62.20
CA VAL R 34 -105.55 -63.04 -61.92
C VAL R 34 -105.83 -62.30 -60.62
N GLN R 35 -104.85 -62.26 -59.73
CA GLN R 35 -105.04 -61.57 -58.47
C GLN R 35 -104.41 -60.19 -58.52
N ARG R 36 -104.82 -59.37 -57.54
CA ARG R 36 -104.29 -58.02 -57.31
C ARG R 36 -104.74 -57.00 -58.34
N LEU R 37 -105.73 -57.39 -59.14
CA LEU R 37 -106.41 -56.46 -60.03
C LEU R 37 -107.87 -56.37 -59.58
N ARG R 38 -108.15 -55.46 -58.66
CA ARG R 38 -109.48 -55.37 -58.08
C ARG R 38 -110.47 -54.70 -59.04
N GLY R 39 -111.73 -55.13 -58.97
CA GLY R 39 -112.80 -54.52 -59.77
C GLY R 39 -112.62 -54.71 -61.26
N LEU R 40 -111.95 -55.78 -61.63
CA LEU R 40 -111.68 -56.06 -63.03
C LEU R 40 -112.99 -56.20 -63.79
N ASP R 41 -113.09 -55.51 -64.92
CA ASP R 41 -114.26 -55.64 -65.77
C ASP R 41 -113.91 -55.26 -67.21
N SER R 42 -114.81 -55.61 -68.14
CA SER R 42 -114.59 -55.34 -69.57
C SER R 42 -115.89 -55.37 -70.34
N ASP R 43 -115.94 -54.59 -71.44
CA ASP R 43 -117.09 -54.58 -72.35
C ASP R 43 -116.70 -55.23 -73.69
N GLY R 44 -115.56 -55.89 -73.73
CA GLY R 44 -115.06 -56.53 -74.96
C GLY R 44 -114.13 -55.63 -75.74
N GLU R 45 -114.25 -54.31 -75.51
CA GLU R 45 -113.43 -53.31 -76.19
C GLU R 45 -112.28 -52.84 -75.29
N GLN R 46 -112.57 -52.59 -74.04
CA GLN R 46 -111.57 -52.17 -73.10
C GLN R 46 -111.68 -53.00 -71.84
N VAL R 47 -110.60 -53.02 -71.08
CA VAL R 47 -110.54 -53.70 -69.80
C VAL R 47 -110.14 -52.64 -68.76
N TRP R 48 -110.72 -52.73 -67.57
CA TRP R 48 -110.40 -51.76 -66.51
C TRP R 48 -110.47 -52.37 -65.12
N GLY R 49 -109.89 -51.66 -64.16
CA GLY R 49 -109.85 -52.13 -62.80
C GLY R 49 -108.99 -51.19 -61.98
N GLU R 50 -108.42 -51.72 -60.90
CA GLU R 50 -107.59 -50.90 -60.04
C GLU R 50 -106.57 -51.73 -59.29
N LEU R 51 -105.43 -51.13 -59.00
CA LEU R 51 -104.43 -51.73 -58.14
C LEU R 51 -104.50 -51.00 -56.82
N LEU R 52 -104.15 -51.71 -55.74
CA LEU R 52 -104.21 -51.13 -54.41
C LEU R 52 -102.82 -50.81 -53.87
N VAL R 53 -102.58 -49.54 -53.58
CA VAL R 53 -101.35 -49.09 -52.93
C VAL R 53 -101.68 -48.82 -51.48
N ARG R 54 -101.01 -49.55 -50.58
CA ARG R 54 -101.24 -49.43 -49.15
C ARG R 54 -100.25 -48.49 -48.51
N VAL R 55 -100.76 -47.41 -47.90
CA VAL R 55 -99.91 -46.52 -47.15
C VAL R 55 -100.49 -46.34 -45.78
N PRO R 56 -99.68 -45.85 -44.83
CA PRO R 56 -100.21 -45.66 -43.49
C PRO R 56 -101.34 -44.65 -43.42
N LEU R 57 -102.28 -44.92 -42.55
CA LEU R 57 -103.37 -44.02 -42.22
C LEU R 57 -104.45 -43.96 -43.29
N LEU R 58 -104.07 -43.79 -44.56
CA LEU R 58 -105.06 -43.86 -45.65
C LEU R 58 -105.46 -45.30 -45.92
N GLY R 59 -104.55 -46.23 -45.69
CA GLY R 59 -104.79 -47.64 -45.92
C GLY R 59 -104.69 -47.96 -47.40
N GLU R 60 -105.61 -48.77 -47.88
CA GLU R 60 -105.60 -49.17 -49.29
C GLU R 60 -106.12 -48.05 -50.16
N VAL R 61 -105.24 -47.51 -51.01
CA VAL R 61 -105.61 -46.47 -51.97
C VAL R 61 -105.66 -47.10 -53.35
N ASP R 62 -106.80 -46.99 -53.99
CA ASP R 62 -107.00 -47.60 -55.31
C ASP R 62 -106.55 -46.68 -56.44
N LEU R 63 -105.75 -47.23 -57.35
CA LEU R 63 -105.27 -46.53 -58.54
C LEU R 63 -105.89 -47.21 -59.75
N PRO R 64 -106.73 -46.48 -60.50
CA PRO R 64 -107.38 -47.12 -61.61
C PRO R 64 -106.47 -47.32 -62.82
N PHE R 65 -106.86 -48.24 -63.69
CA PHE R 65 -106.28 -48.39 -65.01
C PHE R 65 -107.40 -48.73 -65.96
N ARG R 66 -107.16 -48.44 -67.23
CA ARG R 66 -108.07 -48.79 -68.28
C ARG R 66 -107.20 -49.00 -69.53
N SER R 67 -107.41 -50.13 -70.20
CA SER R 67 -106.63 -50.47 -71.37
C SER R 67 -107.51 -50.94 -72.53
N GLU R 68 -107.08 -50.63 -73.75
CA GLU R 68 -107.76 -51.03 -74.96
C GLU R 68 -107.32 -52.44 -75.33
N ILE R 69 -108.28 -53.29 -75.71
CA ILE R 69 -108.00 -54.65 -76.14
C ILE R 69 -107.77 -54.61 -77.65
N VAL R 70 -106.61 -55.09 -78.08
CA VAL R 70 -106.25 -55.09 -79.49
C VAL R 70 -105.98 -56.51 -79.95
N ARG R 71 -106.77 -56.97 -80.90
CA ARG R 71 -106.66 -58.29 -81.44
C ARG R 71 -105.60 -58.29 -82.53
N THR R 72 -104.65 -59.21 -82.43
CA THR R 72 -103.55 -59.31 -83.38
C THR R 72 -103.53 -60.68 -84.06
N PRO R 73 -102.71 -60.83 -85.10
CA PRO R 73 -102.74 -62.12 -85.82
C PRO R 73 -102.34 -63.34 -84.98
N GLN R 74 -101.44 -63.18 -84.02
CA GLN R 74 -100.98 -64.29 -83.15
C GLN R 74 -101.60 -64.27 -81.76
N GLY R 75 -102.45 -63.29 -81.48
CA GLY R 75 -103.04 -63.20 -80.14
C GLY R 75 -103.76 -61.89 -79.87
N ALA R 76 -103.27 -61.11 -78.93
CA ALA R 76 -103.91 -59.87 -78.54
C ALA R 76 -102.97 -59.06 -77.66
N GLU R 77 -103.27 -57.77 -77.56
CA GLU R 77 -102.54 -56.87 -76.66
C GLU R 77 -103.50 -56.07 -75.82
N LEU R 78 -102.99 -55.56 -74.70
CA LEU R 78 -103.63 -54.47 -73.97
C LEU R 78 -102.76 -53.24 -74.17
N ARG R 79 -103.39 -52.16 -74.61
CA ARG R 79 -102.71 -50.89 -74.75
C ARG R 79 -103.36 -49.86 -73.83
N PRO R 80 -102.57 -49.25 -72.91
CA PRO R 80 -103.09 -48.42 -71.84
C PRO R 80 -103.67 -47.11 -72.29
N LEU R 81 -104.72 -46.67 -71.63
CA LEU R 81 -105.30 -45.36 -71.86
C LEU R 81 -104.81 -44.40 -70.79
N THR R 82 -104.61 -43.16 -71.19
CA THR R 82 -104.18 -42.12 -70.29
C THR R 82 -105.35 -41.69 -69.41
N LEU R 83 -105.13 -41.65 -68.10
CA LEU R 83 -106.17 -41.19 -67.17
C LEU R 83 -105.77 -39.81 -66.62
N THR R 84 -106.64 -39.17 -65.86
CA THR R 84 -106.41 -37.76 -65.47
C THR R 84 -105.33 -37.65 -64.40
N GLY R 85 -104.79 -36.47 -64.22
CA GLY R 85 -103.75 -36.26 -63.21
C GLY R 85 -104.25 -35.93 -61.81
N GLU R 86 -105.59 -35.88 -61.63
CA GLU R 86 -106.21 -35.54 -60.33
C GLU R 86 -105.86 -36.57 -59.25
N ARG R 87 -105.62 -37.80 -59.66
CA ARG R 87 -105.22 -38.82 -58.74
C ARG R 87 -104.32 -39.80 -59.42
N ALA R 88 -103.49 -40.49 -58.64
CA ALA R 88 -102.56 -41.48 -59.15
C ALA R 88 -103.30 -42.57 -59.91
N TRP R 89 -102.66 -43.08 -60.94
CA TRP R 89 -103.25 -44.13 -61.76
C TRP R 89 -102.16 -45.07 -62.25
N VAL R 90 -102.58 -46.10 -62.96
CA VAL R 90 -101.65 -47.07 -63.50
C VAL R 90 -101.92 -47.33 -64.98
N ALA R 91 -100.85 -47.47 -65.75
CA ALA R 91 -100.90 -47.88 -67.16
C ALA R 91 -100.51 -49.35 -67.22
N VAL R 92 -101.47 -50.19 -67.67
CA VAL R 92 -101.27 -51.62 -67.79
C VAL R 92 -101.17 -52.00 -69.27
N SER R 93 -100.02 -52.51 -69.67
CA SER R 93 -99.78 -52.94 -71.05
C SER R 93 -99.47 -54.43 -71.04
N GLY R 94 -99.81 -55.10 -72.13
CA GLY R 94 -99.52 -56.52 -72.26
C GLY R 94 -99.60 -57.00 -73.69
N GLN R 95 -98.79 -58.02 -73.99
CA GLN R 95 -98.79 -58.63 -75.29
C GLN R 95 -98.79 -60.14 -75.09
N ALA R 96 -99.57 -60.84 -75.91
CA ALA R 96 -99.69 -62.28 -75.83
C ALA R 96 -99.70 -62.90 -77.22
N THR R 97 -98.99 -64.01 -77.37
CA THR R 97 -99.00 -64.74 -78.63
C THR R 97 -99.27 -66.21 -78.34
N ALA R 98 -99.94 -66.87 -79.29
CA ALA R 98 -100.21 -68.30 -79.23
C ALA R 98 -99.59 -68.92 -80.47
N ALA R 99 -98.86 -69.99 -80.27
CA ALA R 99 -98.13 -70.60 -81.37
C ALA R 99 -98.57 -72.04 -81.58
N GLU R 100 -97.86 -72.73 -82.47
CA GLU R 100 -98.14 -74.11 -82.78
C GLU R 100 -98.11 -74.94 -81.51
N GLY R 101 -99.13 -75.76 -81.34
CA GLY R 101 -99.19 -76.68 -80.21
C GLY R 101 -99.77 -76.07 -78.97
N GLY R 102 -100.13 -74.78 -79.04
CA GLY R 102 -100.75 -74.09 -77.90
C GLY R 102 -99.75 -73.38 -76.99
N GLU R 103 -98.52 -73.25 -77.43
CA GLU R 103 -97.49 -72.56 -76.66
C GLU R 103 -97.82 -71.06 -76.62
N MET R 104 -97.98 -70.52 -75.42
CA MET R 104 -98.30 -69.09 -75.26
C MET R 104 -97.21 -68.29 -74.58
N ALA R 105 -96.97 -67.09 -75.11
CA ALA R 105 -95.95 -66.19 -74.58
C ALA R 105 -96.68 -64.94 -74.11
N PHE R 106 -96.31 -64.47 -72.92
CA PHE R 106 -96.88 -63.26 -72.35
C PHE R 106 -95.78 -62.31 -71.93
N ALA R 107 -96.05 -61.01 -72.08
CA ALA R 107 -95.24 -59.95 -71.53
C ALA R 107 -96.20 -58.86 -71.02
N PHE R 108 -96.01 -58.44 -69.79
CA PHE R 108 -96.81 -57.36 -69.19
C PHE R 108 -95.93 -56.27 -68.68
N GLN R 109 -96.38 -55.03 -68.82
CA GLN R 109 -95.63 -53.87 -68.28
C GLN R 109 -96.61 -52.97 -67.51
N PHE R 110 -96.16 -52.46 -66.36
CA PHE R 110 -96.96 -51.59 -65.52
C PHE R 110 -96.19 -50.35 -65.22
N GLN R 111 -96.88 -49.22 -65.27
CA GLN R 111 -96.27 -47.94 -64.93
C GLN R 111 -97.25 -47.18 -64.01
N ALA R 112 -96.78 -46.76 -62.84
CA ALA R 112 -97.61 -45.97 -61.93
C ALA R 112 -97.35 -44.50 -62.26
N HIS R 113 -98.42 -43.74 -62.43
CA HIS R 113 -98.34 -42.32 -62.74
C HIS R 113 -98.82 -41.52 -61.54
N LEU R 114 -97.89 -40.84 -60.89
CA LEU R 114 -98.21 -40.08 -59.68
C LEU R 114 -98.68 -38.66 -60.00
N ALA R 115 -99.53 -38.12 -59.13
CA ALA R 115 -100.06 -36.77 -59.31
C ALA R 115 -99.06 -35.72 -58.83
N THR R 116 -99.00 -34.60 -59.55
CA THR R 116 -98.09 -33.51 -59.21
C THR R 116 -98.85 -32.20 -59.03
N GLY R 124 -92.55 -32.96 -46.97
CA GLY R 124 -93.02 -33.46 -48.28
C GLY R 124 -92.05 -34.40 -48.99
N ALA R 125 -90.75 -34.17 -48.79
CA ALA R 125 -89.73 -35.03 -49.41
C ALA R 125 -89.71 -36.40 -48.73
N ALA R 126 -89.79 -36.40 -47.39
CA ALA R 126 -89.83 -37.65 -46.60
C ALA R 126 -91.08 -38.47 -46.94
N PHE R 127 -92.20 -37.78 -47.12
CA PHE R 127 -93.45 -38.47 -47.43
C PHE R 127 -93.42 -39.12 -48.81
N GLU R 128 -92.79 -38.45 -49.77
CA GLU R 128 -92.75 -38.93 -51.14
C GLU R 128 -92.11 -40.31 -51.09
N VAL R 129 -91.16 -40.48 -50.18
CA VAL R 129 -90.48 -41.76 -50.03
C VAL R 129 -91.47 -42.88 -49.65
N MET R 130 -92.43 -42.61 -48.78
CA MET R 130 -93.41 -43.67 -48.42
C MET R 130 -94.29 -44.05 -49.61
N VAL R 131 -94.75 -43.04 -50.36
CA VAL R 131 -95.64 -43.33 -51.52
C VAL R 131 -94.92 -44.05 -52.66
N GLN R 132 -93.70 -43.62 -53.01
CA GLN R 132 -92.95 -44.27 -54.09
C GLN R 132 -92.64 -45.74 -53.76
N ALA R 133 -92.22 -45.98 -52.53
CA ALA R 133 -91.90 -47.34 -52.08
C ALA R 133 -93.14 -48.25 -52.11
N ALA R 134 -94.25 -47.72 -51.64
CA ALA R 134 -95.49 -48.46 -51.57
C ALA R 134 -96.00 -48.80 -52.97
N ALA R 135 -95.97 -47.83 -53.86
CA ALA R 135 -96.43 -48.00 -55.24
C ALA R 135 -95.55 -49.01 -55.97
N GLY R 136 -94.25 -48.96 -55.67
CA GLY R 136 -93.31 -49.92 -56.25
C GLY R 136 -93.60 -51.33 -55.83
N VAL R 137 -93.98 -51.51 -54.56
CA VAL R 137 -94.31 -52.83 -54.03
C VAL R 137 -95.58 -53.35 -54.66
N THR R 138 -96.55 -52.46 -54.86
CA THR R 138 -97.82 -52.82 -55.51
C THR R 138 -97.59 -53.32 -56.94
N LEU R 139 -96.78 -52.60 -57.69
CA LEU R 139 -96.51 -52.97 -59.06
C LEU R 139 -95.81 -54.33 -59.17
N LEU R 140 -94.82 -54.55 -58.30
CA LEU R 140 -94.08 -55.80 -58.30
C LEU R 140 -94.96 -56.99 -57.86
N LEU R 141 -95.81 -56.78 -56.85
CA LEU R 141 -96.66 -57.86 -56.36
C LEU R 141 -97.56 -58.37 -57.50
N VAL R 142 -98.20 -57.45 -58.20
CA VAL R 142 -99.11 -57.85 -59.28
C VAL R 142 -98.31 -58.49 -60.43
N ALA R 143 -97.16 -57.93 -60.76
CA ALA R 143 -96.34 -58.42 -61.87
C ALA R 143 -95.81 -59.84 -61.56
N MET R 144 -95.27 -60.01 -60.37
CA MET R 144 -94.72 -61.28 -59.94
C MET R 144 -95.74 -62.40 -59.84
N ALA R 145 -97.01 -62.05 -59.57
CA ALA R 145 -98.06 -63.07 -59.44
C ALA R 145 -98.75 -63.43 -60.77
N LEU R 146 -98.46 -62.68 -61.83
CA LEU R 146 -99.14 -62.89 -63.11
C LEU R 146 -99.02 -64.31 -63.68
N PRO R 147 -97.82 -64.90 -63.67
CA PRO R 147 -97.76 -66.26 -64.21
C PRO R 147 -98.70 -67.24 -63.47
N GLN R 148 -98.73 -67.15 -62.15
CA GLN R 148 -99.61 -67.95 -61.33
C GLN R 148 -101.08 -67.70 -61.73
N GLY R 149 -101.42 -66.41 -61.87
CA GLY R 149 -102.79 -66.01 -62.23
C GLY R 149 -103.24 -66.46 -63.59
N LEU R 150 -102.35 -66.31 -64.58
CA LEU R 150 -102.65 -66.74 -65.94
C LEU R 150 -102.80 -68.25 -66.00
N ALA R 151 -101.95 -68.96 -65.26
CA ALA R 151 -101.99 -70.44 -65.22
C ALA R 151 -103.31 -70.92 -64.57
N ALA R 152 -103.77 -70.21 -63.55
CA ALA R 152 -105.03 -70.54 -62.88
C ALA R 152 -106.25 -70.47 -63.81
N GLY R 153 -106.15 -69.73 -64.92
CA GLY R 153 -107.27 -69.63 -65.86
C GLY R 153 -107.36 -70.79 -66.86
N LEU R 154 -106.35 -71.65 -66.88
CA LEU R 154 -106.27 -72.73 -67.87
C LEU R 154 -106.97 -74.00 -67.41
N PRO R 155 -107.75 -74.62 -68.33
CA PRO R 155 -108.46 -75.85 -68.09
C PRO R 155 -107.57 -77.05 -68.35
N PRO R 156 -107.97 -78.23 -67.86
CA PRO R 156 -107.25 -79.49 -68.04
C PRO R 156 -107.48 -80.11 -69.40
N ALA R 157 -106.50 -80.87 -69.87
CA ALA R 157 -106.65 -81.65 -71.11
C ALA R 157 -107.55 -82.83 -70.84
N LEU S 3 -39.03 -52.28 -96.75
CA LEU S 3 -40.16 -53.09 -97.33
C LEU S 3 -40.23 -52.94 -98.85
N SER S 4 -39.12 -52.48 -99.41
CA SER S 4 -38.95 -52.40 -100.86
C SER S 4 -37.57 -52.89 -101.22
N ALA S 5 -37.44 -53.41 -102.43
CA ALA S 5 -36.17 -53.84 -102.97
C ALA S 5 -36.24 -53.58 -104.48
N GLU S 6 -35.11 -53.21 -105.06
CA GLU S 6 -35.00 -52.86 -106.49
C GLU S 6 -33.80 -53.57 -107.08
N GLN S 7 -33.88 -53.91 -108.35
CA GLN S 7 -32.72 -54.48 -109.04
C GLN S 7 -32.78 -54.11 -110.52
N SER S 8 -31.64 -53.74 -111.08
CA SER S 8 -31.56 -53.44 -112.50
C SER S 8 -30.25 -53.95 -113.07
N PHE S 9 -30.31 -54.43 -114.30
CA PHE S 9 -29.14 -55.04 -114.91
C PHE S 9 -29.36 -55.29 -116.39
N THR S 10 -28.26 -55.53 -117.08
CA THR S 10 -28.29 -55.83 -118.51
C THR S 10 -27.68 -57.20 -118.77
N LEU S 11 -28.16 -57.85 -119.82
CA LEU S 11 -27.65 -59.17 -120.27
C LEU S 11 -27.84 -59.26 -121.75
N ARG S 12 -26.91 -59.92 -122.43
CA ARG S 12 -27.02 -60.12 -123.85
C ARG S 12 -27.58 -61.50 -124.18
N HIS S 13 -28.59 -61.54 -125.04
CA HIS S 13 -29.12 -62.83 -125.47
C HIS S 13 -28.20 -63.28 -126.62
N PRO S 14 -27.59 -64.46 -126.50
CA PRO S 14 -26.68 -64.98 -127.54
C PRO S 14 -27.28 -65.15 -128.95
N HIS S 15 -28.60 -65.23 -129.06
CA HIS S 15 -29.23 -65.47 -130.37
C HIS S 15 -29.78 -64.21 -131.08
N GLY S 16 -29.53 -63.02 -130.51
CA GLY S 16 -29.92 -61.77 -131.20
C GLY S 16 -31.26 -61.20 -130.75
N GLN S 17 -31.71 -60.17 -131.48
CA GLN S 17 -32.87 -59.36 -131.08
C GLN S 17 -34.22 -60.09 -131.04
N ALA S 18 -34.60 -60.74 -132.15
CA ALA S 18 -35.88 -61.45 -132.21
C ALA S 18 -35.99 -62.44 -131.06
N ALA S 19 -34.92 -63.18 -130.82
CA ALA S 19 -34.91 -64.16 -129.75
C ALA S 19 -35.01 -63.49 -128.37
N ALA S 20 -34.33 -62.37 -128.19
CA ALA S 20 -34.34 -61.64 -126.93
C ALA S 20 -35.77 -61.12 -126.64
N LEU S 21 -36.43 -60.59 -127.67
CA LEU S 21 -37.84 -60.15 -127.55
C LEU S 21 -38.75 -61.30 -127.12
N ALA S 22 -38.58 -62.47 -127.76
CA ALA S 22 -39.39 -63.64 -127.45
C ALA S 22 -39.14 -64.12 -126.03
N PHE S 23 -37.89 -64.09 -125.62
CA PHE S 23 -37.47 -64.53 -124.28
C PHE S 23 -38.10 -63.66 -123.17
N VAL S 24 -38.03 -62.35 -123.32
CA VAL S 24 -38.57 -61.45 -122.27
C VAL S 24 -40.08 -61.43 -122.25
N ARG S 25 -40.72 -61.84 -123.35
CA ARG S 25 -42.18 -61.80 -123.45
C ARG S 25 -42.85 -63.05 -122.95
N GLU S 26 -42.07 -64.13 -122.72
CA GLU S 26 -42.63 -65.37 -122.21
C GLU S 26 -42.03 -65.66 -120.82
N PRO S 27 -42.84 -65.51 -119.78
CA PRO S 27 -42.38 -65.75 -118.41
C PRO S 27 -41.68 -67.10 -118.21
N ALA S 28 -42.32 -68.19 -118.66
CA ALA S 28 -41.77 -69.55 -118.52
C ALA S 28 -40.34 -69.66 -119.05
N ALA S 29 -39.97 -68.78 -119.99
CA ALA S 29 -38.60 -68.71 -120.53
C ALA S 29 -37.74 -67.83 -119.64
N ALA S 30 -38.16 -66.58 -119.48
CA ALA S 30 -37.40 -65.58 -118.71
C ALA S 30 -37.18 -65.98 -117.26
N LEU S 31 -38.19 -66.57 -116.62
CA LEU S 31 -38.09 -66.94 -115.21
C LEU S 31 -37.78 -68.45 -114.93
N ALA S 32 -37.45 -69.21 -115.95
CA ALA S 32 -37.17 -70.67 -115.79
C ALA S 32 -36.16 -71.01 -114.65
N GLY S 33 -35.08 -70.25 -114.54
CA GLY S 33 -34.05 -70.53 -113.55
C GLY S 33 -34.02 -69.58 -112.36
N VAL S 34 -35.06 -68.75 -112.27
CA VAL S 34 -35.15 -67.76 -111.20
C VAL S 34 -35.41 -68.44 -109.87
N GLN S 35 -34.59 -68.12 -108.88
CA GLN S 35 -34.76 -68.71 -107.56
C GLN S 35 -35.49 -67.76 -106.62
N ARG S 36 -35.97 -68.34 -105.52
CA ARG S 36 -36.64 -67.62 -104.43
C ARG S 36 -38.03 -67.12 -104.77
N LEU S 37 -38.56 -67.61 -105.90
CA LEU S 37 -39.95 -67.40 -106.25
C LEU S 37 -40.64 -68.77 -106.27
N ARG S 38 -41.15 -69.19 -105.12
CA ARG S 38 -41.72 -70.51 -105.00
C ARG S 38 -43.11 -70.59 -105.64
N GLY S 39 -43.44 -71.76 -106.19
CA GLY S 39 -44.76 -72.00 -106.76
C GLY S 39 -45.07 -71.15 -107.97
N LEU S 40 -44.02 -70.75 -108.68
CA LEU S 40 -44.17 -69.88 -109.84
C LEU S 40 -45.04 -70.56 -110.88
N ASP S 41 -46.03 -69.85 -111.39
CA ASP S 41 -46.87 -70.37 -112.45
C ASP S 41 -47.49 -69.22 -113.25
N SER S 42 -48.05 -69.55 -114.42
CA SER S 42 -48.65 -68.56 -115.31
C SER S 42 -49.60 -69.19 -116.30
N ASP S 43 -50.62 -68.41 -116.71
CA ASP S 43 -51.57 -68.85 -117.73
C ASP S 43 -51.37 -68.03 -119.03
N GLY S 44 -50.25 -67.31 -119.11
CA GLY S 44 -49.95 -66.47 -120.28
C GLY S 44 -50.43 -65.04 -120.09
N GLU S 45 -51.41 -64.85 -119.21
CA GLU S 45 -51.97 -63.53 -118.92
C GLU S 45 -51.39 -62.94 -117.64
N GLN S 46 -51.28 -63.76 -116.61
CA GLN S 46 -50.72 -63.33 -115.37
C GLN S 46 -49.69 -64.32 -114.90
N VAL S 47 -48.82 -63.86 -114.02
CA VAL S 47 -47.80 -64.70 -113.38
C VAL S 47 -48.03 -64.60 -111.88
N TRP S 48 -47.84 -65.71 -111.18
CA TRP S 48 -48.02 -65.71 -109.72
C TRP S 48 -47.10 -66.69 -109.01
N GLY S 49 -46.98 -66.51 -107.70
CA GLY S 49 -46.10 -67.33 -106.90
C GLY S 49 -46.05 -66.79 -105.50
N GLU S 50 -44.95 -67.06 -104.80
CA GLU S 50 -44.83 -66.60 -103.43
C GLU S 50 -43.36 -66.44 -103.03
N LEU S 51 -43.11 -65.50 -102.14
CA LEU S 51 -41.81 -65.35 -101.53
C LEU S 51 -41.92 -65.87 -100.12
N LEU S 52 -40.81 -66.37 -99.59
CA LEU S 52 -40.79 -66.94 -98.24
C LEU S 52 -40.08 -66.00 -97.26
N VAL S 53 -40.83 -65.60 -96.23
CA VAL S 53 -40.28 -64.81 -95.13
C VAL S 53 -40.12 -65.75 -93.95
N ARG S 54 -38.89 -65.90 -93.48
CA ARG S 54 -38.59 -66.80 -92.38
C ARG S 54 -38.54 -66.06 -91.06
N VAL S 55 -39.40 -66.44 -90.13
CA VAL S 55 -39.37 -65.89 -88.80
C VAL S 55 -39.32 -67.02 -87.81
N PRO S 56 -38.90 -66.71 -86.56
CA PRO S 56 -38.85 -67.76 -85.58
C PRO S 56 -40.21 -68.40 -85.27
N LEU S 57 -40.18 -69.69 -85.02
CA LEU S 57 -41.34 -70.43 -84.57
C LEU S 57 -42.36 -70.72 -85.67
N LEU S 58 -42.74 -69.70 -86.44
CA LEU S 58 -43.61 -69.94 -87.61
C LEU S 58 -42.83 -70.56 -88.76
N GLY S 59 -41.54 -70.25 -88.83
CA GLY S 59 -40.68 -70.76 -89.88
C GLY S 59 -40.92 -70.01 -91.17
N GLU S 60 -40.97 -70.73 -92.28
CA GLU S 60 -41.17 -70.12 -93.58
C GLU S 60 -42.63 -69.72 -93.77
N VAL S 61 -42.86 -68.41 -93.87
CA VAL S 61 -44.20 -67.88 -94.11
C VAL S 61 -44.25 -67.40 -95.55
N ASP S 62 -45.19 -67.93 -96.32
CA ASP S 62 -45.30 -67.58 -97.73
C ASP S 62 -46.17 -66.35 -97.96
N LEU S 63 -45.64 -65.41 -98.73
CA LEU S 63 -46.35 -64.19 -99.11
C LEU S 63 -46.62 -64.26 -100.62
N PRO S 64 -47.90 -64.30 -101.02
CA PRO S 64 -48.16 -64.44 -102.43
C PRO S 64 -47.96 -63.14 -103.21
N PHE S 65 -47.78 -63.29 -104.52
CA PHE S 65 -47.83 -62.18 -105.45
C PHE S 65 -48.53 -62.68 -106.70
N ARG S 66 -49.07 -61.74 -107.45
CA ARG S 66 -49.67 -62.02 -108.73
C ARG S 66 -49.51 -60.74 -109.56
N SER S 67 -49.00 -60.90 -110.77
CA SER S 67 -48.75 -59.78 -111.66
C SER S 67 -49.28 -60.01 -113.07
N GLU S 68 -49.72 -58.95 -113.70
CA GLU S 68 -50.23 -58.97 -115.06
C GLU S 68 -49.05 -58.87 -116.02
N ILE S 69 -49.06 -59.69 -117.07
CA ILE S 69 -48.02 -59.66 -118.09
C ILE S 69 -48.48 -58.68 -119.17
N VAL S 70 -47.65 -57.69 -119.45
CA VAL S 70 -47.96 -56.66 -120.43
C VAL S 70 -46.90 -56.65 -121.51
N ARG S 71 -47.33 -56.92 -122.73
CA ARG S 71 -46.45 -56.95 -123.87
C ARG S 71 -46.28 -55.55 -124.42
N THR S 72 -45.03 -55.14 -124.58
CA THR S 72 -44.71 -53.79 -125.05
C THR S 72 -43.91 -53.85 -126.35
N PRO S 73 -43.72 -52.70 -127.00
CA PRO S 73 -43.02 -52.73 -128.30
C PRO S 73 -41.56 -53.25 -128.24
N GLN S 74 -40.85 -52.98 -127.14
CA GLN S 74 -39.45 -53.41 -126.98
C GLN S 74 -39.29 -54.63 -126.08
N GLY S 75 -40.40 -55.15 -125.54
CA GLY S 75 -40.30 -56.28 -124.62
C GLY S 75 -41.59 -56.60 -123.89
N ALA S 76 -41.57 -56.46 -122.57
CA ALA S 76 -42.71 -56.79 -121.74
C ALA S 76 -42.51 -56.25 -120.35
N GLU S 77 -43.61 -56.14 -119.61
CA GLU S 77 -43.58 -55.75 -118.20
C GLU S 77 -44.40 -56.70 -117.37
N LEU S 78 -44.12 -56.72 -116.07
CA LEU S 78 -45.02 -57.28 -115.07
C LEU S 78 -45.57 -56.11 -114.28
N ARG S 79 -46.88 -56.04 -114.18
CA ARG S 79 -47.53 -55.03 -113.38
C ARG S 79 -48.34 -55.71 -112.26
N PRO S 80 -48.05 -55.37 -110.99
CA PRO S 80 -48.57 -56.09 -109.83
C PRO S 80 -50.05 -55.90 -109.61
N LEU S 81 -50.70 -56.96 -109.14
CA LEU S 81 -52.09 -56.88 -108.75
C LEU S 81 -52.18 -56.75 -107.23
N THR S 82 -53.16 -56.00 -106.77
CA THR S 82 -53.40 -55.82 -105.36
C THR S 82 -54.03 -57.07 -104.78
N LEU S 83 -53.47 -57.57 -103.68
CA LEU S 83 -54.04 -58.73 -103.00
C LEU S 83 -54.68 -58.27 -101.67
N THR S 84 -55.36 -59.16 -100.98
CA THR S 84 -56.17 -58.75 -99.80
C THR S 84 -55.28 -58.42 -98.61
N GLY S 85 -55.83 -57.71 -97.64
CA GLY S 85 -55.06 -57.35 -96.46
C GLY S 85 -55.08 -58.38 -95.33
N GLU S 86 -55.77 -59.52 -95.54
CA GLU S 86 -55.89 -60.59 -94.53
C GLU S 86 -54.52 -61.19 -94.17
N ARG S 87 -53.60 -61.17 -95.12
CA ARG S 87 -52.28 -61.65 -94.88
C ARG S 87 -51.30 -60.89 -95.70
N ALA S 88 -50.05 -60.85 -95.25
CA ALA S 88 -48.97 -60.16 -95.95
C ALA S 88 -48.81 -60.69 -97.36
N TRP S 89 -48.45 -59.79 -98.28
CA TRP S 89 -48.27 -60.15 -99.67
C TRP S 89 -47.16 -59.32 -100.26
N VAL S 90 -46.84 -59.60 -101.51
CA VAL S 90 -45.80 -58.89 -102.22
C VAL S 90 -46.29 -58.41 -103.58
N ALA S 91 -45.88 -57.20 -103.95
CA ALA S 91 -46.11 -56.63 -105.28
C ALA S 91 -44.81 -56.74 -106.07
N VAL S 92 -44.84 -57.54 -107.15
CA VAL S 92 -43.68 -57.75 -108.02
C VAL S 92 -43.88 -57.01 -109.34
N SER S 93 -43.02 -56.05 -109.60
CA SER S 93 -43.07 -55.28 -110.84
C SER S 93 -41.77 -55.50 -111.59
N GLY S 94 -41.82 -55.41 -112.92
CA GLY S 94 -40.63 -55.55 -113.74
C GLY S 94 -40.83 -55.00 -115.14
N GLN S 95 -39.73 -54.53 -115.72
CA GLN S 95 -39.74 -54.04 -117.07
C GLN S 95 -38.51 -54.61 -117.78
N ALA S 96 -38.70 -55.01 -119.03
CA ALA S 96 -37.64 -55.60 -119.83
C ALA S 96 -37.67 -55.07 -121.24
N THR S 97 -36.51 -54.77 -121.78
CA THR S 97 -36.41 -54.35 -123.18
C THR S 97 -35.33 -55.17 -123.87
N ALA S 98 -35.53 -55.40 -125.17
CA ALA S 98 -34.56 -56.11 -126.02
C ALA S 98 -34.21 -55.16 -127.15
N ALA S 99 -32.92 -55.01 -127.39
CA ALA S 99 -32.46 -54.06 -128.37
C ALA S 99 -31.68 -54.74 -129.48
N GLU S 100 -31.10 -53.92 -130.36
CA GLU S 100 -30.30 -54.41 -131.46
C GLU S 100 -29.21 -55.30 -130.95
N GLY S 101 -29.05 -56.45 -131.57
CA GLY S 101 -27.99 -57.38 -131.24
C GLY S 101 -28.32 -58.31 -130.10
N GLY S 102 -29.52 -58.15 -129.54
CA GLY S 102 -29.96 -59.02 -128.44
C GLY S 102 -29.62 -58.49 -127.04
N GLU S 103 -29.22 -57.24 -126.95
CA GLU S 103 -28.93 -56.61 -125.68
C GLU S 103 -30.23 -56.43 -124.88
N MET S 104 -30.29 -57.02 -123.69
CA MET S 104 -31.49 -56.92 -122.86
C MET S 104 -31.27 -56.15 -121.56
N ALA S 105 -32.24 -55.31 -121.22
CA ALA S 105 -32.20 -54.51 -120.00
C ALA S 105 -33.37 -54.93 -119.15
N PHE S 106 -33.10 -55.12 -117.85
CA PHE S 106 -34.11 -55.50 -116.89
C PHE S 106 -34.10 -54.55 -115.71
N ALA S 107 -35.29 -54.28 -115.16
CA ALA S 107 -35.46 -53.60 -113.91
C ALA S 107 -36.62 -54.29 -113.17
N PHE S 108 -36.39 -54.66 -111.92
CA PHE S 108 -37.43 -55.26 -111.08
C PHE S 108 -37.60 -54.49 -109.81
N GLN S 109 -38.84 -54.39 -109.35
CA GLN S 109 -39.14 -53.72 -108.05
C GLN S 109 -40.06 -54.62 -107.23
N PHE S 110 -39.79 -54.70 -105.93
CA PHE S 110 -40.57 -55.52 -105.01
C PHE S 110 -41.01 -54.68 -103.85
N GLN S 111 -42.25 -54.85 -103.43
CA GLN S 111 -42.78 -54.15 -102.27
C GLN S 111 -43.55 -55.17 -101.42
N ALA S 112 -43.19 -55.28 -100.15
CA ALA S 112 -43.91 -56.16 -99.23
C ALA S 112 -45.01 -55.33 -98.58
N HIS S 113 -46.22 -55.86 -98.57
CA HIS S 113 -47.36 -55.18 -98.00
C HIS S 113 -47.80 -55.94 -96.74
N LEU S 114 -47.59 -55.33 -95.58
CA LEU S 114 -47.90 -55.98 -94.32
C LEU S 114 -49.34 -55.75 -93.89
N ALA S 115 -49.90 -56.72 -93.15
CA ALA S 115 -51.27 -56.62 -92.68
C ALA S 115 -51.36 -55.75 -91.43
N THR S 116 -52.44 -54.99 -91.33
CA THR S 116 -52.67 -54.11 -90.18
C THR S 116 -54.00 -54.39 -89.51
N GLY S 124 -45.67 -55.94 -78.85
CA GLY S 124 -46.02 -55.78 -80.28
C GLY S 124 -45.04 -54.93 -81.08
N ALA S 125 -44.45 -53.93 -80.42
CA ALA S 125 -43.47 -53.06 -81.09
C ALA S 125 -42.17 -53.83 -81.35
N ALA S 126 -41.72 -54.59 -80.34
CA ALA S 126 -40.51 -55.42 -80.44
C ALA S 126 -40.67 -56.50 -81.53
N PHE S 127 -41.87 -57.08 -81.60
CA PHE S 127 -42.13 -58.11 -82.59
C PHE S 127 -42.11 -57.57 -84.02
N GLU S 128 -42.64 -56.37 -84.19
CA GLU S 128 -42.74 -55.77 -85.52
C GLU S 128 -41.33 -55.71 -86.09
N VAL S 129 -40.37 -55.49 -85.20
CA VAL S 129 -38.97 -55.44 -85.62
C VAL S 129 -38.51 -56.75 -86.25
N MET S 130 -38.92 -57.89 -85.70
CA MET S 130 -38.50 -59.18 -86.30
C MET S 130 -39.13 -59.38 -87.69
N VAL S 131 -40.41 -59.03 -87.83
CA VAL S 131 -41.09 -59.22 -89.13
C VAL S 131 -40.57 -58.28 -90.22
N GLN S 132 -40.36 -56.99 -89.90
CA GLN S 132 -39.85 -56.04 -90.88
C GLN S 132 -38.45 -56.42 -91.38
N ALA S 133 -37.58 -56.81 -90.45
CA ALA S 133 -36.22 -57.20 -90.78
C ALA S 133 -36.22 -58.45 -91.68
N ALA S 134 -37.04 -59.42 -91.33
CA ALA S 134 -37.11 -60.68 -92.06
C ALA S 134 -37.63 -60.45 -93.47
N ALA S 135 -38.69 -59.66 -93.59
CA ALA S 135 -39.30 -59.37 -94.89
C ALA S 135 -38.32 -58.59 -95.76
N GLY S 136 -37.55 -57.69 -95.14
CA GLY S 136 -36.52 -56.95 -95.86
C GLY S 136 -35.45 -57.85 -96.42
N VAL S 137 -35.07 -58.86 -95.65
CA VAL S 137 -34.05 -59.81 -96.10
C VAL S 137 -34.55 -60.64 -97.24
N THR S 138 -35.83 -61.04 -97.17
CA THR S 138 -36.47 -61.81 -98.23
C THR S 138 -36.47 -61.05 -99.56
N LEU S 139 -36.88 -59.79 -99.49
CA LEU S 139 -36.94 -58.97 -100.69
C LEU S 139 -35.57 -58.78 -101.33
N LEU S 140 -34.56 -58.51 -100.52
CA LEU S 140 -33.20 -58.31 -101.01
C LEU S 140 -32.61 -59.61 -101.59
N LEU S 141 -32.86 -60.75 -100.95
CA LEU S 141 -32.31 -62.01 -101.42
C LEU S 141 -32.82 -62.29 -102.84
N VAL S 142 -34.13 -62.15 -103.05
CA VAL S 142 -34.70 -62.42 -104.37
C VAL S 142 -34.20 -61.39 -105.39
N ALA S 143 -34.13 -60.13 -105.00
CA ALA S 143 -33.70 -59.05 -105.90
C ALA S 143 -32.24 -59.23 -106.32
N MET S 144 -31.38 -59.48 -105.33
CA MET S 144 -29.97 -59.66 -105.58
C MET S 144 -29.63 -60.87 -106.42
N ALA S 145 -30.49 -61.91 -106.39
CA ALA S 145 -30.22 -63.14 -107.16
C ALA S 145 -30.80 -63.09 -108.58
N LEU S 146 -31.60 -62.07 -108.89
CA LEU S 146 -32.27 -62.01 -110.21
C LEU S 146 -31.33 -62.06 -111.42
N PRO S 147 -30.22 -61.30 -111.40
CA PRO S 147 -29.35 -61.38 -112.57
C PRO S 147 -28.84 -62.82 -112.83
N GLN S 148 -28.45 -63.51 -111.76
CA GLN S 148 -28.02 -64.89 -111.84
C GLN S 148 -29.15 -65.76 -112.42
N GLY S 149 -30.36 -65.57 -111.90
CA GLY S 149 -31.53 -66.33 -112.33
C GLY S 149 -31.91 -66.11 -113.78
N LEU S 150 -31.91 -64.85 -114.20
CA LEU S 150 -32.24 -64.50 -115.58
C LEU S 150 -31.19 -65.07 -116.52
N ALA S 151 -29.93 -65.00 -116.11
CA ALA S 151 -28.82 -65.52 -116.93
C ALA S 151 -28.92 -67.04 -117.09
N ALA S 152 -29.33 -67.72 -116.02
CA ALA S 152 -29.51 -69.18 -116.05
C ALA S 152 -30.57 -69.64 -117.09
N GLY S 153 -31.47 -68.75 -117.48
CA GLY S 153 -32.49 -69.11 -118.48
C GLY S 153 -32.02 -69.03 -119.93
N LEU S 154 -30.83 -68.47 -120.16
CA LEU S 154 -30.33 -68.23 -121.50
C LEU S 154 -29.56 -69.42 -122.07
N PRO S 155 -29.84 -69.76 -123.35
CA PRO S 155 -29.20 -70.83 -124.08
C PRO S 155 -27.91 -70.35 -124.71
N PRO S 156 -27.04 -71.30 -125.11
CA PRO S 156 -25.76 -71.02 -125.75
C PRO S 156 -25.90 -70.68 -127.21
N ALA S 157 -24.97 -69.89 -127.74
CA ALA S 157 -24.91 -69.61 -129.18
C ALA S 157 -24.39 -70.83 -129.91
N LEU T 3 -1.30 -19.23 -113.14
CA LEU T 3 -1.22 -18.48 -114.45
C LEU T 3 -0.61 -19.36 -115.55
N SER T 4 -0.63 -20.66 -115.29
CA SER T 4 -0.22 -21.64 -116.28
C SER T 4 -1.21 -22.79 -116.27
N ALA T 5 -1.34 -23.45 -117.41
CA ALA T 5 -2.16 -24.64 -117.53
C ALA T 5 -1.47 -25.53 -118.56
N GLU T 6 -1.56 -26.83 -118.37
CA GLU T 6 -0.92 -27.84 -119.22
C GLU T 6 -1.92 -28.92 -119.57
N GLN T 7 -1.78 -29.51 -120.75
CA GLN T 7 -2.63 -30.65 -121.11
C GLN T 7 -1.85 -31.56 -122.06
N SER T 8 -1.96 -32.86 -121.84
CA SER T 8 -1.34 -33.83 -122.73
C SER T 8 -2.24 -35.04 -122.90
N PHE T 9 -2.24 -35.58 -124.12
CA PHE T 9 -3.14 -36.67 -124.44
C PHE T 9 -2.80 -37.30 -125.77
N THR T 10 -3.35 -38.48 -125.99
CA THR T 10 -3.15 -39.21 -127.24
C THR T 10 -4.49 -39.47 -127.90
N LEU T 11 -4.48 -39.54 -129.23
CA LEU T 11 -5.66 -39.84 -130.05
C LEU T 11 -5.20 -40.53 -131.30
N ARG T 12 -6.01 -41.47 -131.79
CA ARG T 12 -5.70 -42.17 -133.02
C ARG T 12 -6.44 -41.55 -134.20
N HIS T 13 -5.71 -41.26 -135.27
CA HIS T 13 -6.36 -40.78 -136.48
C HIS T 13 -6.85 -42.03 -137.21
N PRO T 14 -8.15 -42.12 -137.50
CA PRO T 14 -8.72 -43.29 -138.19
C PRO T 14 -8.14 -43.61 -139.59
N HIS T 15 -7.51 -42.63 -140.24
CA HIS T 15 -7.00 -42.84 -141.60
C HIS T 15 -5.49 -43.17 -141.70
N GLY T 16 -4.81 -43.34 -140.56
CA GLY T 16 -3.41 -43.77 -140.58
C GLY T 16 -2.40 -42.64 -140.47
N GLN T 17 -1.12 -42.99 -140.67
CA GLN T 17 0.01 -42.07 -140.40
C GLN T 17 0.07 -40.81 -141.28
N ALA T 18 0.07 -41.00 -142.61
CA ALA T 18 0.15 -39.86 -143.53
C ALA T 18 -0.93 -38.85 -143.21
N ALA T 19 -2.14 -39.33 -142.99
CA ALA T 19 -3.27 -38.46 -142.70
C ALA T 19 -3.07 -37.75 -141.34
N ALA T 20 -2.56 -38.48 -140.35
CA ALA T 20 -2.33 -37.92 -139.02
C ALA T 20 -1.28 -36.79 -139.09
N LEU T 21 -0.21 -37.02 -139.86
CA LEU T 21 0.83 -35.98 -140.10
C LEU T 21 0.21 -34.73 -140.73
N ALA T 22 -0.63 -34.93 -141.76
CA ALA T 22 -1.27 -33.82 -142.45
C ALA T 22 -2.20 -33.06 -141.52
N PHE T 23 -2.93 -33.78 -140.71
CA PHE T 23 -3.89 -33.22 -139.74
C PHE T 23 -3.19 -32.31 -138.71
N VAL T 24 -2.13 -32.79 -138.10
CA VAL T 24 -1.43 -32.02 -137.06
C VAL T 24 -0.65 -30.84 -137.63
N ARG T 25 -0.35 -30.89 -138.93
CA ARG T 25 0.45 -29.83 -139.56
C ARG T 25 -0.38 -28.68 -140.10
N GLU T 26 -1.70 -28.87 -140.17
CA GLU T 26 -2.59 -27.81 -140.65
C GLU T 26 -3.54 -27.39 -139.52
N PRO T 27 -3.32 -26.20 -138.98
CA PRO T 27 -4.16 -25.69 -137.88
C PRO T 27 -5.66 -25.75 -138.16
N ALA T 28 -6.07 -25.25 -139.31
CA ALA T 28 -7.51 -25.23 -139.70
C ALA T 28 -8.16 -26.61 -139.58
N ALA T 29 -7.34 -27.67 -139.70
CA ALA T 29 -7.82 -29.05 -139.53
C ALA T 29 -7.80 -29.42 -138.06
N ALA T 30 -6.63 -29.35 -137.46
CA ALA T 30 -6.43 -29.74 -136.05
C ALA T 30 -7.30 -28.96 -135.08
N LEU T 31 -7.46 -27.66 -135.30
CA LEU T 31 -8.22 -26.81 -134.37
C LEU T 31 -9.68 -26.48 -134.83
N ALA T 32 -10.15 -27.14 -135.87
CA ALA T 32 -11.54 -26.87 -136.39
C ALA T 32 -12.66 -26.89 -135.31
N GLY T 33 -12.62 -27.87 -134.40
CA GLY T 33 -13.66 -28.02 -133.39
C GLY T 33 -13.24 -27.60 -131.99
N VAL T 34 -12.08 -26.96 -131.89
CA VAL T 34 -11.54 -26.52 -130.61
C VAL T 34 -12.37 -25.37 -130.05
N GLN T 35 -12.81 -25.51 -128.81
CA GLN T 35 -13.60 -24.46 -128.19
C GLN T 35 -12.74 -23.60 -127.28
N ARG T 36 -13.28 -22.44 -126.94
CA ARG T 36 -12.69 -21.48 -125.99
C ARG T 36 -11.49 -20.74 -126.53
N LEU T 37 -11.28 -20.86 -127.86
CA LEU T 37 -10.30 -20.05 -128.56
C LEU T 37 -11.07 -19.17 -129.57
N ARG T 38 -11.49 -18.00 -129.11
CA ARG T 38 -12.31 -17.14 -129.93
C ARG T 38 -11.49 -16.42 -131.01
N GLY T 39 -12.11 -16.18 -132.17
CA GLY T 39 -11.46 -15.43 -133.24
C GLY T 39 -10.27 -16.13 -133.84
N LEU T 40 -10.25 -17.45 -133.74
CA LEU T 40 -9.13 -18.24 -134.23
C LEU T 40 -8.95 -18.00 -135.73
N ASP T 41 -7.72 -17.71 -136.13
CA ASP T 41 -7.41 -17.55 -137.54
C ASP T 41 -5.92 -17.84 -137.79
N SER T 42 -5.56 -18.00 -139.07
CA SER T 42 -4.19 -18.32 -139.46
C SER T 42 -3.93 -18.00 -140.91
N ASP T 43 -2.67 -17.67 -141.23
CA ASP T 43 -2.24 -17.41 -142.60
C ASP T 43 -1.30 -18.54 -143.08
N GLY T 44 -1.25 -19.63 -142.33
CA GLY T 44 -0.38 -20.77 -142.66
C GLY T 44 0.97 -20.68 -141.96
N GLU T 45 1.36 -19.46 -141.58
CA GLU T 45 2.62 -19.20 -140.89
C GLU T 45 2.44 -19.06 -139.39
N GLN T 46 1.42 -18.32 -138.99
CA GLN T 46 1.11 -18.15 -137.60
C GLN T 46 -0.35 -18.40 -137.36
N VAL T 47 -0.68 -18.69 -136.11
CA VAL T 47 -2.05 -18.87 -135.67
C VAL T 47 -2.31 -17.86 -134.56
N TRP T 48 -3.51 -17.29 -134.53
CA TRP T 48 -3.85 -16.31 -133.50
C TRP T 48 -5.31 -16.35 -133.10
N GLY T 49 -5.61 -15.73 -131.97
CA GLY T 49 -6.96 -15.71 -131.45
C GLY T 49 -6.97 -15.08 -130.08
N GLU T 50 -7.94 -15.45 -129.27
CA GLU T 50 -8.04 -14.87 -127.93
C GLU T 50 -8.75 -15.80 -126.97
N LEU T 51 -8.39 -15.73 -125.71
CA LEU T 51 -9.09 -16.42 -124.65
C LEU T 51 -9.88 -15.38 -123.89
N LEU T 52 -11.01 -15.79 -123.31
CA LEU T 52 -11.87 -14.87 -122.59
C LEU T 52 -11.76 -15.08 -121.08
N VAL T 53 -11.35 -14.03 -120.38
CA VAL T 53 -11.32 -14.02 -118.93
C VAL T 53 -12.51 -13.20 -118.45
N ARG T 54 -13.40 -13.84 -117.70
CA ARG T 54 -14.61 -13.18 -117.21
C ARG T 54 -14.41 -12.66 -115.80
N VAL T 55 -14.57 -11.34 -115.63
CA VAL T 55 -14.52 -10.75 -114.33
C VAL T 55 -15.77 -9.91 -114.14
N PRO T 56 -16.09 -9.58 -112.88
CA PRO T 56 -17.27 -8.77 -112.66
C PRO T 56 -17.19 -7.38 -113.28
N LEU T 57 -18.32 -6.91 -113.76
CA LEU T 57 -18.48 -5.57 -114.27
C LEU T 57 -17.86 -5.34 -115.65
N LEU T 58 -16.62 -5.77 -115.85
CA LEU T 58 -16.04 -5.72 -117.20
C LEU T 58 -16.59 -6.81 -118.09
N GLY T 59 -16.97 -7.94 -117.47
CA GLY T 59 -17.50 -9.07 -118.19
C GLY T 59 -16.39 -9.84 -118.88
N GLU T 60 -16.63 -10.25 -120.10
CA GLU T 60 -15.65 -11.02 -120.86
C GLU T 60 -14.54 -10.11 -121.37
N VAL T 61 -13.31 -10.33 -120.86
CA VAL T 61 -12.14 -9.59 -121.29
C VAL T 61 -11.30 -10.52 -122.15
N ASP T 62 -11.03 -10.10 -123.38
CA ASP T 62 -10.28 -10.93 -124.32
C ASP T 62 -8.77 -10.71 -124.19
N LEU T 63 -8.04 -11.82 -124.08
CA LEU T 63 -6.58 -11.82 -124.02
C LEU T 63 -6.07 -12.48 -125.30
N PRO T 64 -5.33 -11.72 -126.13
CA PRO T 64 -4.90 -12.29 -127.37
C PRO T 64 -3.72 -13.26 -127.21
N PHE T 65 -3.54 -14.10 -128.20
CA PHE T 65 -2.33 -14.91 -128.36
C PHE T 65 -2.03 -14.97 -129.83
N ARG T 66 -0.76 -15.23 -130.13
CA ARG T 66 -0.31 -15.44 -131.48
C ARG T 66 0.89 -16.39 -131.38
N SER T 67 0.87 -17.44 -132.18
CA SER T 67 1.91 -18.45 -132.16
C SER T 67 2.39 -18.80 -133.57
N GLU T 68 3.68 -19.10 -133.66
CA GLU T 68 4.31 -19.50 -134.90
C GLU T 68 4.08 -20.99 -135.12
N ILE T 69 3.73 -21.38 -136.34
CA ILE T 69 3.54 -22.78 -136.69
C ILE T 69 4.88 -23.32 -137.19
N VAL T 70 5.35 -24.39 -136.54
CA VAL T 70 6.64 -24.99 -136.89
C VAL T 70 6.44 -26.43 -137.28
N ARG T 71 6.78 -26.74 -138.50
CA ARG T 71 6.66 -28.07 -139.05
C ARG T 71 7.87 -28.89 -138.65
N THR T 72 7.63 -30.05 -138.08
CA THR T 72 8.69 -30.93 -137.61
C THR T 72 8.63 -32.29 -138.31
N PRO T 73 9.67 -33.12 -138.13
CA PRO T 73 9.66 -34.40 -138.85
C PRO T 73 8.50 -35.35 -138.50
N GLN T 74 8.04 -35.33 -137.25
CA GLN T 74 6.92 -36.20 -136.80
C GLN T 74 5.59 -35.47 -136.68
N GLY T 75 5.57 -34.18 -136.97
CA GLY T 75 4.32 -33.40 -136.83
C GLY T 75 4.50 -31.91 -136.95
N ALA T 76 4.22 -31.20 -135.87
CA ALA T 76 4.28 -29.75 -135.87
C ALA T 76 4.20 -29.23 -134.46
N GLU T 77 4.63 -27.98 -134.27
CA GLU T 77 4.52 -27.29 -132.98
C GLU T 77 3.91 -25.92 -133.18
N LEU T 78 3.37 -25.38 -132.08
CA LEU T 78 3.08 -23.96 -131.98
C LEU T 78 4.06 -23.39 -130.99
N ARG T 79 4.75 -22.34 -131.40
CA ARG T 79 5.67 -21.63 -130.52
C ARG T 79 5.19 -20.18 -130.35
N PRO T 80 4.94 -19.76 -129.09
CA PRO T 80 4.28 -18.49 -128.79
C PRO T 80 5.11 -17.28 -129.11
N LEU T 81 4.44 -16.23 -129.56
CA LEU T 81 5.09 -14.94 -129.77
C LEU T 81 4.78 -14.04 -128.60
N THR T 82 5.75 -13.21 -128.24
CA THR T 82 5.61 -12.26 -127.17
C THR T 82 4.74 -11.10 -127.63
N LEU T 83 3.72 -10.76 -126.83
CA LEU T 83 2.86 -9.62 -127.15
C LEU T 83 3.18 -8.48 -126.16
N THR T 84 2.58 -7.30 -126.36
CA THR T 84 2.98 -6.11 -125.57
C THR T 84 2.44 -6.19 -124.15
N GLY T 85 3.01 -5.40 -123.27
CA GLY T 85 2.57 -5.40 -121.88
C GLY T 85 1.39 -4.44 -121.56
N GLU T 86 0.88 -3.74 -122.59
CA GLU T 86 -0.23 -2.77 -122.42
C GLU T 86 -1.50 -3.45 -121.93
N ARG T 87 -1.66 -4.72 -122.28
CA ARG T 87 -2.80 -5.47 -121.82
C ARG T 87 -2.42 -6.90 -121.66
N ALA T 88 -3.16 -7.62 -120.81
CA ALA T 88 -2.93 -9.02 -120.55
C ALA T 88 -3.01 -9.84 -121.83
N TRP T 89 -2.20 -10.88 -121.91
CA TRP T 89 -2.18 -11.74 -123.08
C TRP T 89 -1.88 -13.16 -122.67
N VAL T 90 -1.90 -14.05 -123.64
CA VAL T 90 -1.64 -15.46 -123.39
C VAL T 90 -0.60 -16.00 -124.37
N ALA T 91 0.29 -16.84 -123.85
CA ALA T 91 1.26 -17.61 -124.65
C ALA T 91 0.74 -19.03 -124.80
N VAL T 92 0.43 -19.42 -126.05
CA VAL T 92 -0.07 -20.75 -126.36
C VAL T 92 1.02 -21.58 -127.05
N SER T 93 1.45 -22.65 -126.41
CA SER T 93 2.46 -23.53 -126.97
C SER T 93 1.85 -24.91 -127.13
N GLY T 94 2.35 -25.66 -128.11
CA GLY T 94 1.87 -27.02 -128.35
C GLY T 94 2.83 -27.82 -129.20
N GLN T 95 2.84 -29.13 -128.95
CA GLN T 95 3.64 -30.04 -129.73
C GLN T 95 2.77 -31.25 -130.08
N ALA T 96 2.90 -31.72 -131.32
CA ALA T 96 2.13 -32.85 -131.79
C ALA T 96 3.00 -33.79 -132.61
N THR T 97 2.81 -35.08 -132.41
CA THR T 97 3.51 -36.08 -133.20
C THR T 97 2.51 -37.09 -133.74
N ALA T 98 2.80 -37.64 -134.91
CA ALA T 98 2.00 -38.68 -135.54
C ALA T 98 2.93 -39.86 -135.77
N ALA T 99 2.48 -41.04 -135.36
CA ALA T 99 3.31 -42.22 -135.43
C ALA T 99 2.69 -43.28 -136.31
N GLU T 100 3.32 -44.46 -136.33
CA GLU T 100 2.85 -45.58 -137.10
C GLU T 100 1.41 -45.89 -136.74
N GLY T 101 0.59 -46.06 -137.76
CA GLY T 101 -0.79 -46.44 -137.57
C GLY T 101 -1.73 -45.28 -137.32
N GLY T 102 -1.16 -44.07 -137.28
CA GLY T 102 -1.96 -42.86 -137.07
C GLY T 102 -2.12 -42.44 -135.61
N GLU T 103 -1.33 -43.04 -134.74
CA GLU T 103 -1.34 -42.68 -133.32
C GLU T 103 -0.77 -41.27 -133.14
N MET T 104 -1.57 -40.36 -132.57
CA MET T 104 -1.14 -38.99 -132.37
C MET T 104 -1.01 -38.61 -130.89
N ALA T 105 0.07 -37.89 -130.57
CA ALA T 105 0.34 -37.42 -129.22
C ALA T 105 0.32 -35.91 -129.25
N PHE T 106 -0.35 -35.32 -128.27
CA PHE T 106 -0.43 -33.88 -128.14
C PHE T 106 -0.02 -33.45 -126.74
N ALA T 107 0.63 -32.29 -126.66
CA ALA T 107 0.92 -31.62 -125.41
C ALA T 107 0.72 -30.10 -125.68
N PHE T 108 -0.07 -29.46 -124.83
CA PHE T 108 -0.28 -28.01 -124.91
C PHE T 108 0.05 -27.35 -123.62
N GLN T 109 0.62 -26.14 -123.70
CA GLN T 109 0.93 -25.35 -122.49
C GLN T 109 0.42 -23.91 -122.70
N PHE T 110 -0.16 -23.34 -121.65
CA PHE T 110 -0.71 -21.99 -121.68
C PHE T 110 -0.15 -21.21 -120.54
N GLN T 111 0.22 -19.97 -120.81
CA GLN T 111 0.70 -19.07 -119.77
C GLN T 111 0.01 -17.70 -119.96
N ALA T 112 -0.63 -17.21 -118.90
CA ALA T 112 -1.27 -15.89 -118.96
C ALA T 112 -0.23 -14.90 -118.47
N HIS T 113 -0.04 -13.82 -119.22
CA HIS T 113 0.90 -12.78 -118.88
C HIS T 113 0.14 -11.51 -118.49
N LEU T 114 0.19 -11.16 -117.23
CA LEU T 114 -0.56 -10.01 -116.72
C LEU T 114 0.23 -8.72 -116.85
N ALA T 115 -0.49 -7.61 -117.01
CA ALA T 115 0.14 -6.30 -117.14
C ALA T 115 0.51 -5.73 -115.78
N THR T 116 1.65 -5.04 -115.74
CA THR T 116 2.13 -4.44 -114.49
C THR T 116 2.38 -2.95 -114.66
N GLY T 124 -6.22 -2.73 -104.11
CA GLY T 124 -5.49 -3.35 -105.24
C GLY T 124 -5.06 -4.79 -105.01
N ALA T 125 -4.74 -5.13 -103.77
CA ALA T 125 -4.32 -6.49 -103.43
C ALA T 125 -5.53 -7.44 -103.51
N ALA T 126 -6.67 -7.00 -102.97
CA ALA T 126 -7.93 -7.77 -103.01
C ALA T 126 -8.39 -8.00 -104.45
N PHE T 127 -8.25 -6.96 -105.28
CA PHE T 127 -8.66 -7.06 -106.67
C PHE T 127 -7.81 -8.05 -107.46
N GLU T 128 -6.51 -8.07 -107.18
CA GLU T 128 -5.59 -8.92 -107.91
C GLU T 128 -6.07 -10.34 -107.75
N VAL T 129 -6.65 -10.64 -106.59
CA VAL T 129 -7.18 -11.96 -106.32
C VAL T 129 -8.29 -12.34 -107.30
N MET T 130 -9.18 -11.40 -107.64
CA MET T 130 -10.24 -11.73 -108.60
C MET T 130 -9.69 -12.01 -110.00
N VAL T 131 -8.73 -11.19 -110.44
CA VAL T 131 -8.15 -11.37 -111.79
C VAL T 131 -7.32 -12.66 -111.92
N GLN T 132 -6.48 -12.97 -110.93
CA GLN T 132 -5.66 -14.19 -110.97
C GLN T 132 -6.54 -15.45 -110.99
N ALA T 133 -7.56 -15.47 -110.14
CA ALA T 133 -8.48 -16.61 -110.07
C ALA T 133 -9.23 -16.81 -111.40
N ALA T 134 -9.70 -15.71 -111.96
CA ALA T 134 -10.47 -15.75 -113.19
C ALA T 134 -9.61 -16.24 -114.35
N ALA T 135 -8.39 -15.70 -114.45
CA ALA T 135 -7.47 -16.07 -115.52
C ALA T 135 -7.08 -17.53 -115.39
N GLY T 136 -6.90 -18.00 -114.15
CA GLY T 136 -6.61 -19.41 -113.90
C GLY T 136 -7.71 -20.32 -114.38
N VAL T 137 -8.96 -19.91 -114.17
CA VAL T 137 -10.11 -20.68 -114.60
C VAL T 137 -10.20 -20.74 -116.10
N THR T 138 -9.89 -19.61 -116.75
CA THR T 138 -9.88 -19.54 -118.21
C THR T 138 -8.86 -20.50 -118.82
N LEU T 139 -7.66 -20.49 -118.27
CA LEU T 139 -6.61 -21.35 -118.78
C LEU T 139 -6.95 -22.83 -118.62
N LEU T 140 -7.49 -23.21 -117.47
CA LEU T 140 -7.87 -24.60 -117.21
C LEU T 140 -9.05 -25.04 -118.09
N LEU T 141 -10.03 -24.17 -118.29
CA LEU T 141 -11.20 -24.54 -119.09
C LEU T 141 -10.75 -24.91 -120.51
N VAL T 142 -9.91 -24.05 -121.11
CA VAL T 142 -9.46 -24.31 -122.48
C VAL T 142 -8.57 -25.57 -122.52
N ALA T 143 -7.69 -25.72 -121.53
CA ALA T 143 -6.77 -26.85 -121.50
C ALA T 143 -7.53 -28.18 -121.32
N MET T 144 -8.45 -28.20 -120.37
CA MET T 144 -9.24 -29.38 -120.09
C MET T 144 -10.15 -29.81 -121.23
N ALA T 145 -10.56 -28.86 -122.08
CA ALA T 145 -11.46 -29.20 -123.19
C ALA T 145 -10.72 -29.59 -124.48
N LEU T 146 -9.40 -29.42 -124.50
CA LEU T 146 -8.62 -29.69 -125.72
C LEU T 146 -8.78 -31.10 -126.31
N PRO T 147 -8.71 -32.14 -125.45
CA PRO T 147 -8.88 -33.47 -126.04
C PRO T 147 -10.22 -33.64 -126.79
N GLN T 148 -11.29 -33.13 -126.19
CA GLN T 148 -12.62 -33.13 -126.79
C GLN T 148 -12.58 -32.39 -128.12
N GLY T 149 -11.98 -31.19 -128.11
CA GLY T 149 -11.88 -30.35 -129.29
C GLY T 149 -11.07 -30.96 -130.43
N LEU T 150 -9.92 -31.53 -130.10
CA LEU T 150 -9.07 -32.17 -131.09
C LEU T 150 -9.79 -33.38 -131.68
N ALA T 151 -10.48 -34.13 -130.83
CA ALA T 151 -11.22 -35.32 -131.28
C ALA T 151 -12.36 -34.94 -132.23
N ALA T 152 -13.02 -33.82 -131.94
CA ALA T 152 -14.10 -33.30 -132.80
C ALA T 152 -13.64 -32.98 -134.23
N GLY T 153 -12.34 -32.75 -134.43
CA GLY T 153 -11.84 -32.45 -135.78
C GLY T 153 -11.57 -33.68 -136.65
N LEU T 154 -11.65 -34.87 -136.06
CA LEU T 154 -11.31 -36.11 -136.75
C LEU T 154 -12.50 -36.71 -137.50
N PRO T 155 -12.25 -37.15 -138.75
CA PRO T 155 -13.22 -37.79 -139.60
C PRO T 155 -13.30 -39.27 -139.33
N PRO T 156 -14.39 -39.92 -139.78
CA PRO T 156 -14.62 -41.36 -139.62
C PRO T 156 -13.83 -42.19 -140.62
N ALA T 157 -13.51 -43.43 -140.23
CA ALA T 157 -12.88 -44.38 -141.16
C ALA T 157 -13.93 -44.88 -142.14
N MET U 1 69.27 -72.24 80.26
CA MET U 1 69.95 -72.70 79.06
C MET U 1 68.97 -72.86 77.90
N GLY U 2 68.11 -73.87 77.99
CA GLY U 2 67.12 -74.12 76.95
C GLY U 2 66.16 -72.95 76.82
N ASP U 3 65.77 -72.36 77.95
CA ASP U 3 64.85 -71.25 77.89
C ASP U 3 65.46 -70.10 77.09
N ASP U 4 66.73 -69.80 77.34
CA ASP U 4 67.39 -68.75 76.59
C ASP U 4 67.49 -69.12 75.11
N ALA U 5 67.91 -70.37 74.87
CA ALA U 5 68.04 -70.88 73.50
C ALA U 5 66.69 -71.00 72.81
N ARG U 6 65.70 -71.46 73.58
CA ARG U 6 64.33 -71.65 73.10
C ARG U 6 63.51 -70.37 73.11
N ILE U 7 63.44 -69.65 74.23
CA ILE U 7 62.69 -68.40 74.37
C ILE U 7 63.20 -67.35 73.38
N ALA U 8 64.50 -67.36 73.11
CA ALA U 8 65.08 -66.40 72.17
C ALA U 8 64.66 -66.70 70.74
N ALA U 9 64.66 -67.98 70.37
CA ALA U 9 64.26 -68.38 69.02
C ALA U 9 62.79 -68.02 68.80
N ILE U 10 61.96 -68.32 69.79
CA ILE U 10 60.53 -68.01 69.70
C ILE U 10 60.35 -66.51 69.51
N GLY U 11 61.09 -65.72 70.28
CA GLY U 11 60.99 -64.27 70.16
C GLY U 11 61.39 -63.73 68.80
N ASP U 12 62.48 -64.27 68.22
CA ASP U 12 62.91 -63.81 66.91
C ASP U 12 61.91 -64.18 65.82
N VAL U 13 61.26 -65.34 65.95
CA VAL U 13 60.27 -65.73 64.96
C VAL U 13 59.10 -64.76 65.07
N ASP U 14 58.76 -64.40 66.30
CA ASP U 14 57.69 -63.46 66.60
C ASP U 14 58.03 -62.09 66.00
N GLU U 15 59.27 -61.66 66.19
CA GLU U 15 59.71 -60.37 65.66
C GLU U 15 59.63 -60.37 64.13
N LEU U 16 60.05 -61.47 63.52
CA LEU U 16 60.00 -61.62 62.07
C LEU U 16 58.54 -61.51 61.61
N ASN U 17 57.66 -62.26 62.27
CA ASN U 17 56.26 -62.26 61.90
C ASN U 17 55.66 -60.85 62.01
N SER U 18 56.12 -60.10 63.01
CA SER U 18 55.65 -58.73 63.19
C SER U 18 56.16 -57.83 62.08
N GLN U 19 57.39 -58.04 61.64
CA GLN U 19 57.94 -57.24 60.56
C GLN U 19 57.16 -57.53 59.29
N ILE U 20 56.72 -58.77 59.11
CA ILE U 20 55.93 -59.13 57.94
C ILE U 20 54.58 -58.43 58.03
N GLY U 21 54.08 -58.26 59.25
CA GLY U 21 52.82 -57.57 59.44
C GLY U 21 52.94 -56.13 58.97
N VAL U 22 54.11 -55.53 59.19
CA VAL U 22 54.34 -54.16 58.76
C VAL U 22 54.37 -54.10 57.23
N LEU U 23 55.01 -55.10 56.62
CA LEU U 23 55.09 -55.18 55.18
C LEU U 23 53.69 -55.34 54.58
N LEU U 24 52.84 -56.09 55.27
CA LEU U 24 51.47 -56.31 54.81
C LEU U 24 50.58 -55.09 54.90
N ALA U 25 51.05 -54.05 55.60
CA ALA U 25 50.29 -52.81 55.73
C ALA U 25 50.53 -51.92 54.52
N GLU U 26 51.42 -52.37 53.64
CA GLU U 26 51.78 -51.63 52.44
C GLU U 26 50.97 -52.15 51.26
N PRO U 27 50.92 -51.37 50.17
CA PRO U 27 50.18 -51.84 48.99
C PRO U 27 51.01 -52.97 48.39
N LEU U 28 50.36 -54.05 48.00
CA LEU U 28 51.07 -55.20 47.44
C LEU U 28 50.30 -55.90 46.34
N PRO U 29 51.01 -56.66 45.52
CA PRO U 29 50.36 -57.42 44.45
C PRO U 29 49.50 -58.45 45.15
N ASP U 30 48.29 -58.69 44.69
CA ASP U 30 47.42 -59.66 45.37
C ASP U 30 48.08 -61.01 45.66
N ASP U 31 48.85 -61.51 44.71
CA ASP U 31 49.52 -62.80 44.91
C ASP U 31 50.55 -62.72 46.04
N VAL U 32 51.33 -61.64 46.05
CA VAL U 32 52.35 -61.46 47.09
C VAL U 32 51.68 -61.38 48.45
N ARG U 33 50.57 -60.64 48.54
CA ARG U 33 49.84 -60.50 49.79
C ARG U 33 49.36 -61.85 50.29
N ALA U 34 48.83 -62.67 49.38
CA ALA U 34 48.34 -63.99 49.75
C ALA U 34 49.46 -64.86 50.32
N ALA U 35 50.63 -64.82 49.69
CA ALA U 35 51.75 -65.63 50.15
C ALA U 35 52.21 -65.17 51.54
N LEU U 36 52.42 -63.87 51.70
CA LEU U 36 52.85 -63.33 52.99
C LEU U 36 51.86 -63.62 54.12
N SER U 37 50.57 -63.49 53.86
CA SER U 37 49.57 -63.78 54.90
C SER U 37 49.64 -65.23 55.34
N ALA U 38 49.78 -66.14 54.37
CA ALA U 38 49.88 -67.56 54.66
C ALA U 38 51.13 -67.84 55.51
N ILE U 39 52.23 -67.16 55.15
CA ILE U 39 53.49 -67.33 55.86
C ILE U 39 53.30 -66.92 57.33
N GLN U 40 52.53 -65.88 57.59
CA GLN U 40 52.31 -65.45 58.97
C GLN U 40 51.72 -66.60 59.80
N HIS U 41 50.79 -67.34 59.19
CA HIS U 41 50.19 -68.48 59.89
C HIS U 41 51.26 -69.54 60.11
N ASP U 42 52.10 -69.77 59.10
CA ASP U 42 53.17 -70.75 59.21
C ASP U 42 54.09 -70.39 60.37
N LEU U 43 54.48 -69.12 60.46
CA LEU U 43 55.37 -68.67 61.52
C LEU U 43 54.73 -68.81 62.90
N PHE U 44 53.42 -68.63 62.97
CA PHE U 44 52.73 -68.80 64.24
C PHE U 44 52.87 -70.26 64.65
N ASP U 45 52.63 -71.16 63.71
CA ASP U 45 52.76 -72.59 63.99
C ASP U 45 54.20 -72.97 64.31
N LEU U 46 55.13 -72.36 63.59
CA LEU U 46 56.56 -72.65 63.80
C LEU U 46 56.95 -72.29 65.23
N GLY U 47 56.50 -71.12 65.68
CA GLY U 47 56.80 -70.70 67.05
C GLY U 47 56.24 -71.69 68.05
N GLY U 48 55.06 -72.22 67.77
CA GLY U 48 54.45 -73.18 68.66
C GLY U 48 55.25 -74.46 68.73
N GLU U 49 55.82 -74.88 67.60
CA GLU U 49 56.62 -76.10 67.57
C GLU U 49 57.89 -75.91 68.40
N LEU U 50 58.51 -74.73 68.29
CA LEU U 50 59.73 -74.45 69.05
C LEU U 50 59.43 -74.44 70.54
N CYS U 51 58.24 -73.97 70.90
CA CYS U 51 57.86 -73.87 72.29
C CYS U 51 57.49 -75.19 72.98
N ILE U 52 56.54 -75.90 72.41
CA ILE U 52 56.08 -77.17 73.00
C ILE U 52 56.88 -78.42 72.66
N PRO U 53 57.35 -79.10 73.71
CA PRO U 53 58.09 -80.37 73.58
C PRO U 53 57.19 -81.50 73.10
N GLY U 54 57.70 -82.28 72.15
CA GLY U 54 56.92 -83.40 71.63
C GLY U 54 55.90 -82.95 70.60
N HIS U 55 55.86 -81.65 70.33
CA HIS U 55 54.91 -81.10 69.37
C HIS U 55 55.58 -80.62 68.09
N ALA U 56 55.05 -81.05 66.95
CA ALA U 56 55.58 -80.64 65.65
C ALA U 56 54.46 -80.03 64.82
N ALA U 57 54.81 -79.11 63.92
CA ALA U 57 53.81 -78.45 63.10
C ALA U 57 54.28 -78.20 61.67
N ILE U 58 55.58 -77.98 61.49
CA ILE U 58 56.13 -77.72 60.17
C ILE U 58 56.45 -79.05 59.48
N THR U 59 55.88 -79.24 58.29
CA THR U 59 56.05 -80.46 57.52
C THR U 59 56.65 -80.23 56.13
N GLU U 60 56.87 -81.32 55.39
CA GLU U 60 57.42 -81.22 54.05
C GLU U 60 56.51 -80.33 53.21
N ASP U 61 55.21 -80.42 53.45
CA ASP U 61 54.23 -79.62 52.72
C ASP U 61 54.51 -78.12 52.84
N HIS U 62 54.96 -77.70 54.02
CA HIS U 62 55.27 -76.29 54.26
C HIS U 62 56.50 -75.91 53.43
N LEU U 63 57.50 -76.79 53.47
CA LEU U 63 58.74 -76.57 52.73
C LEU U 63 58.46 -76.56 51.23
N LEU U 64 57.64 -77.51 50.79
CA LEU U 64 57.28 -77.62 49.37
C LEU U 64 56.61 -76.34 48.88
N ARG U 65 55.72 -75.79 49.68
CA ARG U 65 55.02 -74.56 49.30
C ARG U 65 56.00 -73.41 49.12
N LEU U 66 56.99 -73.32 50.01
CA LEU U 66 57.99 -72.27 49.91
C LEU U 66 58.81 -72.49 48.64
N ALA U 67 59.22 -73.73 48.41
CA ALA U 67 59.99 -74.06 47.22
C ALA U 67 59.22 -73.65 45.97
N LEU U 68 57.91 -73.89 46.01
CA LEU U 68 57.05 -73.53 44.89
C LEU U 68 57.02 -72.03 44.65
N TRP U 69 56.90 -71.26 45.73
CA TRP U 69 56.86 -69.81 45.61
C TRP U 69 58.18 -69.27 45.08
N LEU U 70 59.29 -69.87 45.52
CA LEU U 70 60.61 -69.43 45.07
C LEU U 70 60.72 -69.63 43.56
N VAL U 71 60.42 -70.84 43.11
CA VAL U 71 60.49 -71.14 41.67
C VAL U 71 59.57 -70.19 40.90
N HIS U 72 58.35 -70.03 41.39
CA HIS U 72 57.38 -69.16 40.75
C HIS U 72 57.81 -67.71 40.57
N TYR U 73 58.07 -67.03 41.69
CA TYR U 73 58.47 -65.63 41.63
C TYR U 73 59.80 -65.39 40.94
N ASN U 74 60.72 -66.34 41.07
CA ASN U 74 62.01 -66.21 40.41
C ASN U 74 61.87 -66.30 38.89
N GLY U 75 60.95 -67.16 38.44
CA GLY U 75 60.73 -67.32 37.02
C GLY U 75 59.88 -66.17 36.49
N GLN U 76 59.63 -65.20 37.35
CA GLN U 76 58.82 -64.03 37.03
C GLN U 76 59.72 -62.80 37.06
N LEU U 77 61.02 -63.03 37.30
CA LEU U 77 62.00 -61.96 37.37
C LEU U 77 63.15 -62.21 36.42
N PRO U 78 63.86 -61.15 36.02
CA PRO U 78 65.00 -61.31 35.13
C PRO U 78 66.17 -61.82 35.97
N PRO U 79 67.16 -62.46 35.36
CA PRO U 79 68.32 -62.96 36.12
C PRO U 79 69.07 -61.88 36.86
N LEU U 80 69.67 -62.25 37.99
CA LEU U 80 70.43 -61.32 38.81
C LEU U 80 71.69 -60.91 38.05
N GLU U 81 71.86 -59.61 37.83
CA GLU U 81 73.02 -59.10 37.08
C GLU U 81 74.18 -58.63 37.95
N GLU U 82 73.91 -58.33 39.21
CA GLU U 82 74.94 -57.85 40.11
C GLU U 82 74.45 -57.93 41.56
N PHE U 83 75.36 -57.76 42.51
CA PHE U 83 74.99 -57.79 43.92
C PHE U 83 73.96 -56.68 44.13
N ILE U 84 72.95 -56.96 44.94
CA ILE U 84 71.91 -55.99 45.22
C ILE U 84 72.04 -55.40 46.62
N LEU U 85 71.69 -54.13 46.77
CA LEU U 85 71.74 -53.46 48.06
C LEU U 85 70.30 -53.43 48.56
N PRO U 86 70.08 -53.67 49.84
CA PRO U 86 68.69 -53.69 50.31
C PRO U 86 68.06 -52.30 50.23
N GLY U 87 66.99 -52.19 49.45
CA GLY U 87 66.31 -50.91 49.30
C GLY U 87 65.47 -50.83 48.04
N GLY U 88 64.99 -49.63 47.74
CA GLY U 88 64.15 -49.43 46.56
C GLY U 88 62.81 -48.88 46.99
N ALA U 89 61.73 -49.43 46.44
CA ALA U 89 60.39 -49.00 46.84
C ALA U 89 60.27 -49.35 48.31
N ARG U 90 59.42 -48.63 49.04
CA ARG U 90 59.27 -48.91 50.46
C ARG U 90 58.94 -50.37 50.72
N GLY U 91 58.08 -50.95 49.89
CA GLY U 91 57.72 -52.34 50.07
C GLY U 91 58.94 -53.24 49.96
N ALA U 92 59.76 -53.00 48.94
CA ALA U 92 60.96 -53.79 48.74
C ALA U 92 61.92 -53.64 49.92
N ALA U 93 62.08 -52.41 50.41
CA ALA U 93 62.97 -52.14 51.53
C ALA U 93 62.51 -52.90 52.78
N LEU U 94 61.21 -52.90 53.04
CA LEU U 94 60.66 -53.61 54.18
C LEU U 94 60.88 -55.12 54.03
N ALA U 95 60.70 -55.61 52.81
CA ALA U 95 60.91 -57.03 52.54
C ALA U 95 62.34 -57.41 52.90
N HIS U 96 63.28 -56.53 52.60
CA HIS U 96 64.69 -56.80 52.92
C HIS U 96 64.89 -56.79 54.43
N VAL U 97 64.17 -55.94 55.15
CA VAL U 97 64.30 -55.94 56.60
C VAL U 97 63.75 -57.27 57.10
N CYS U 98 62.63 -57.71 56.53
CA CYS U 98 62.05 -59.00 56.93
C CYS U 98 63.08 -60.09 56.66
N ARG U 99 63.75 -59.99 55.52
CA ARG U 99 64.76 -60.98 55.15
C ARG U 99 65.85 -61.09 56.21
N THR U 100 66.37 -59.96 56.65
CA THR U 100 67.43 -59.97 57.65
C THR U 100 66.96 -60.43 59.02
N VAL U 101 65.71 -60.14 59.37
CA VAL U 101 65.19 -60.59 60.66
C VAL U 101 64.93 -62.09 60.60
N CYS U 102 64.58 -62.58 59.41
CA CYS U 102 64.34 -64.00 59.22
C CYS U 102 65.68 -64.73 59.39
N ARG U 103 66.74 -64.16 58.85
CA ARG U 103 68.05 -64.79 58.99
C ARG U 103 68.49 -64.78 60.45
N ARG U 104 68.10 -63.73 61.18
CA ARG U 104 68.42 -63.62 62.60
C ARG U 104 67.70 -64.74 63.34
N ALA U 105 66.45 -64.99 62.97
CA ALA U 105 65.65 -66.05 63.60
C ALA U 105 66.27 -67.42 63.26
N GLU U 106 66.77 -67.55 62.05
CA GLU U 106 67.38 -68.81 61.64
C GLU U 106 68.61 -69.09 62.51
N ARG U 107 69.39 -68.05 62.80
CA ARG U 107 70.57 -68.23 63.64
C ARG U 107 70.17 -68.73 65.04
N SER U 108 69.10 -68.16 65.58
CA SER U 108 68.60 -68.56 66.90
C SER U 108 68.04 -69.96 66.88
N ILE U 109 67.37 -70.33 65.79
CA ILE U 109 66.79 -71.66 65.65
C ILE U 109 67.92 -72.69 65.54
N LYS U 110 68.98 -72.32 64.83
CA LYS U 110 70.13 -73.21 64.68
C LYS U 110 70.80 -73.41 66.04
N ALA U 111 70.92 -72.33 66.81
CA ALA U 111 71.52 -72.40 68.14
C ALA U 111 70.69 -73.31 69.04
N LEU U 112 69.37 -73.17 68.94
CA LEU U 112 68.46 -73.98 69.75
C LEU U 112 68.63 -75.47 69.45
N GLY U 113 68.67 -75.80 68.16
CA GLY U 113 68.82 -77.18 67.75
C GLY U 113 70.15 -77.79 68.20
N ALA U 114 71.12 -76.93 68.49
CA ALA U 114 72.42 -77.41 68.93
C ALA U 114 72.43 -77.80 70.41
N SER U 115 71.49 -77.26 71.19
CA SER U 115 71.44 -77.55 72.61
C SER U 115 70.23 -78.39 73.03
N GLU U 116 69.34 -78.65 72.08
CA GLU U 116 68.14 -79.43 72.36
C GLU U 116 67.68 -80.20 71.12
N PRO U 117 67.04 -81.36 71.32
CA PRO U 117 66.56 -82.13 70.17
C PRO U 117 65.47 -81.33 69.49
N LEU U 118 65.62 -81.12 68.18
CA LEU U 118 64.66 -80.34 67.42
C LEU U 118 64.59 -80.91 66.01
N ASN U 119 63.40 -80.91 65.42
CA ASN U 119 63.26 -81.42 64.06
C ASN U 119 63.98 -80.44 63.15
N ILE U 120 64.32 -80.88 61.95
CA ILE U 120 65.04 -80.04 61.00
C ILE U 120 64.13 -79.07 60.23
N ALA U 121 62.84 -79.36 60.19
CA ALA U 121 61.90 -78.54 59.45
C ALA U 121 61.93 -77.05 59.78
N PRO U 122 61.96 -76.68 61.06
CA PRO U 122 61.98 -75.24 61.39
C PRO U 122 63.12 -74.45 60.73
N ALA U 123 64.36 -74.93 60.86
CA ALA U 123 65.46 -74.19 60.24
C ALA U 123 65.38 -74.25 58.71
N ALA U 124 64.91 -75.36 58.16
CA ALA U 124 64.79 -75.47 56.71
C ALA U 124 63.71 -74.52 56.22
N TYR U 125 62.69 -74.30 57.04
CA TYR U 125 61.61 -73.37 56.67
C TYR U 125 62.14 -71.94 56.56
N VAL U 126 62.79 -71.45 57.62
CA VAL U 126 63.30 -70.09 57.59
C VAL U 126 64.46 -69.90 56.62
N ASN U 127 65.16 -70.98 56.29
CA ASN U 127 66.27 -70.91 55.35
C ASN U 127 65.64 -70.54 54.00
N LEU U 128 64.56 -71.22 53.67
CA LEU U 128 63.85 -70.96 52.42
C LEU U 128 63.17 -69.60 52.45
N LEU U 129 62.56 -69.26 53.60
CA LEU U 129 61.86 -67.99 53.74
C LEU U 129 62.77 -66.78 53.51
N SER U 130 64.01 -66.86 54.00
CA SER U 130 64.96 -65.76 53.82
C SER U 130 65.17 -65.55 52.32
N ASP U 131 65.37 -66.65 51.60
CA ASP U 131 65.58 -66.57 50.16
C ASP U 131 64.34 -66.02 49.46
N LEU U 132 63.16 -66.44 49.91
CA LEU U 132 61.91 -65.96 49.30
C LEU U 132 61.68 -64.47 49.54
N LEU U 133 62.03 -63.99 50.73
CA LEU U 133 61.85 -62.57 51.04
C LEU U 133 62.77 -61.74 50.14
N PHE U 134 63.94 -62.30 49.80
CA PHE U 134 64.87 -61.61 48.92
C PHE U 134 64.22 -61.48 47.54
N VAL U 135 63.64 -62.59 47.09
CA VAL U 135 62.97 -62.66 45.79
C VAL U 135 61.77 -61.72 45.77
N LEU U 136 60.96 -61.75 46.83
CA LEU U 136 59.78 -60.89 46.89
C LEU U 136 60.18 -59.41 46.89
N ALA U 137 61.33 -59.09 47.45
CA ALA U 137 61.78 -57.70 47.44
C ALA U 137 61.96 -57.26 45.98
N ARG U 138 62.58 -58.13 45.18
CA ARG U 138 62.81 -57.83 43.77
C ARG U 138 61.46 -57.70 43.04
N VAL U 139 60.51 -58.55 43.39
CA VAL U 139 59.19 -58.51 42.77
C VAL U 139 58.51 -57.18 43.09
N LEU U 140 58.64 -56.73 44.33
CA LEU U 140 58.03 -55.47 44.74
C LEU U 140 58.66 -54.26 44.08
N ASN U 141 59.97 -54.30 43.83
CA ASN U 141 60.63 -53.18 43.17
C ASN U 141 60.09 -53.16 41.74
N ARG U 142 59.96 -54.35 41.16
CA ARG U 142 59.46 -54.53 39.81
C ARG U 142 58.03 -53.98 39.73
N ALA U 143 57.19 -54.45 40.65
CA ALA U 143 55.79 -54.04 40.69
C ALA U 143 55.61 -52.54 40.91
N ALA U 144 56.62 -51.90 41.49
CA ALA U 144 56.56 -50.46 41.76
C ALA U 144 57.04 -49.69 40.53
N GLY U 145 57.42 -50.42 39.48
CA GLY U 145 57.89 -49.78 38.27
C GLY U 145 59.35 -49.37 38.39
N GLY U 146 59.96 -49.71 39.53
CA GLY U 146 61.36 -49.38 39.74
C GLY U 146 62.26 -50.57 39.52
N ALA U 147 63.50 -50.47 39.99
CA ALA U 147 64.48 -51.54 39.85
C ALA U 147 65.27 -51.73 41.14
N ASP U 148 65.96 -52.85 41.25
CA ASP U 148 66.78 -53.14 42.43
C ASP U 148 67.95 -52.17 42.52
N VAL U 149 68.39 -51.91 43.73
CA VAL U 149 69.53 -51.02 43.97
C VAL U 149 70.80 -51.84 43.79
N LEU U 150 71.69 -51.43 42.89
CA LEU U 150 72.91 -52.18 42.63
C LEU U 150 74.10 -51.59 43.35
N TRP U 151 75.14 -52.39 43.56
CA TRP U 151 76.32 -51.86 44.25
C TRP U 151 77.41 -51.48 43.27
N ASP U 152 78.47 -50.86 43.78
CA ASP U 152 79.59 -50.44 42.95
C ASP U 152 80.24 -51.63 42.25
N MET V 1 82.06 -71.21 66.86
CA MET V 1 82.58 -70.06 67.60
C MET V 1 82.71 -68.83 66.71
N GLY V 2 83.68 -68.87 65.80
CA GLY V 2 83.91 -67.77 64.88
C GLY V 2 82.69 -67.55 64.00
N ASP V 3 82.07 -68.62 63.55
CA ASP V 3 80.90 -68.47 62.69
C ASP V 3 79.81 -67.71 63.43
N ASP V 4 79.57 -68.05 64.68
CA ASP V 4 78.56 -67.33 65.45
C ASP V 4 78.97 -65.88 65.65
N ALA V 5 80.23 -65.68 66.01
CA ALA V 5 80.79 -64.35 66.23
C ALA V 5 80.85 -63.56 64.93
N ARG V 6 81.26 -64.25 63.87
CA ARG V 6 81.39 -63.67 62.53
C ARG V 6 80.06 -63.59 61.78
N ILE V 7 79.33 -64.69 61.77
CA ILE V 7 78.04 -64.74 61.08
C ILE V 7 77.04 -63.78 61.71
N ALA V 8 77.11 -63.62 63.02
CA ALA V 8 76.21 -62.71 63.72
C ALA V 8 76.52 -61.25 63.39
N ALA V 9 77.81 -60.90 63.36
CA ALA V 9 78.21 -59.54 63.04
C ALA V 9 77.78 -59.20 61.61
N ILE V 10 78.02 -60.13 60.69
CA ILE V 10 77.65 -59.93 59.29
C ILE V 10 76.14 -59.69 59.20
N GLY V 11 75.37 -60.51 59.93
CA GLY V 11 73.92 -60.36 59.91
C GLY V 11 73.43 -59.01 60.44
N ASP V 12 74.03 -58.54 61.53
CA ASP V 12 73.62 -57.25 62.08
C ASP V 12 73.95 -56.09 61.15
N VAL V 13 75.07 -56.19 60.44
CA VAL V 13 75.44 -55.14 59.50
C VAL V 13 74.42 -55.15 58.37
N ASP V 14 74.01 -56.35 57.98
CA ASP V 14 73.02 -56.54 56.91
C ASP V 14 71.68 -55.95 57.39
N GLU V 15 71.31 -56.23 58.63
CA GLU V 15 70.05 -55.72 59.17
C GLU V 15 70.07 -54.18 59.19
N LEU V 16 71.21 -53.62 59.62
CA LEU V 16 71.39 -52.18 59.66
C LEU V 16 71.22 -51.60 58.25
N ASN V 17 71.91 -52.20 57.30
CA ASN V 17 71.84 -51.74 55.91
C ASN V 17 70.41 -51.77 55.39
N SER V 18 69.66 -52.79 55.80
CA SER V 18 68.26 -52.92 55.40
C SER V 18 67.41 -51.83 56.02
N GLN V 19 67.69 -51.49 57.29
CA GLN V 19 66.94 -50.44 57.95
C GLN V 19 67.22 -49.11 57.26
N ILE V 20 68.44 -48.93 56.76
CA ILE V 20 68.79 -47.70 56.05
C ILE V 20 68.01 -47.68 54.73
N GLY V 21 67.79 -48.85 54.15
CA GLY V 21 67.04 -48.94 52.91
C GLY V 21 65.61 -48.46 53.14
N VAL V 22 65.07 -48.76 54.33
CA VAL V 22 63.72 -48.32 54.66
C VAL V 22 63.70 -46.80 54.81
N LEU V 23 64.73 -46.26 55.43
CA LEU V 23 64.85 -44.82 55.61
C LEU V 23 64.95 -44.13 54.25
N LEU V 24 65.65 -44.76 53.32
CA LEU V 24 65.81 -44.19 51.98
C LEU V 24 64.54 -44.21 51.15
N ALA V 25 63.51 -44.92 51.62
CA ALA V 25 62.23 -44.97 50.91
C ALA V 25 61.38 -43.78 51.30
N GLU V 26 61.90 -42.97 52.22
CA GLU V 26 61.20 -41.78 52.70
C GLU V 26 61.70 -40.55 51.97
N PRO V 27 60.95 -39.45 52.03
CA PRO V 27 61.39 -38.22 51.36
C PRO V 27 62.58 -37.71 52.18
N LEU V 28 63.63 -37.29 51.49
CA LEU V 28 64.83 -36.82 52.19
C LEU V 28 65.50 -35.67 51.47
N PRO V 29 66.33 -34.90 52.20
CA PRO V 29 67.07 -33.80 51.59
C PRO V 29 68.05 -34.45 50.64
N ASP V 30 68.24 -33.90 49.45
CA ASP V 30 69.14 -34.53 48.49
C ASP V 30 70.51 -34.89 49.05
N ASP V 31 71.07 -34.01 49.87
CA ASP V 31 72.38 -34.29 50.45
C ASP V 31 72.33 -35.49 51.39
N VAL V 32 71.31 -35.55 52.23
CA VAL V 32 71.16 -36.65 53.17
C VAL V 32 71.01 -37.97 52.40
N ARG V 33 70.21 -37.95 51.34
CA ARG V 33 70.01 -39.15 50.52
C ARG V 33 71.33 -39.62 49.93
N ALA V 34 72.14 -38.69 49.44
CA ALA V 34 73.43 -39.05 48.85
C ALA V 34 74.34 -39.71 49.87
N ALA V 35 74.37 -39.18 51.09
CA ALA V 35 75.22 -39.73 52.13
C ALA V 35 74.76 -41.14 52.51
N LEU V 36 73.47 -41.30 52.78
CA LEU V 36 72.92 -42.61 53.14
C LEU V 36 73.15 -43.67 52.05
N SER V 37 72.95 -43.31 50.78
CA SER V 37 73.16 -44.27 49.70
C SER V 37 74.62 -44.73 49.67
N ALA V 38 75.54 -43.79 49.84
CA ALA V 38 76.97 -44.12 49.84
C ALA V 38 77.28 -45.05 51.01
N ILE V 39 76.68 -44.77 52.16
CA ILE V 39 76.89 -45.59 53.35
C ILE V 39 76.45 -47.03 53.08
N GLN V 40 75.35 -47.21 52.34
CA GLN V 40 74.90 -48.58 52.04
C GLN V 40 76.01 -49.36 51.34
N HIS V 41 76.71 -48.70 50.41
CA HIS V 41 77.80 -49.37 49.71
C HIS V 41 78.91 -49.68 50.70
N ASP V 42 79.19 -48.74 51.60
CA ASP V 42 80.22 -48.95 52.61
C ASP V 42 79.89 -50.18 53.47
N LEU V 43 78.63 -50.27 53.89
CA LEU V 43 78.21 -51.39 54.72
C LEU V 43 78.30 -52.71 53.99
N PHE V 44 78.05 -52.69 52.69
CA PHE V 44 78.15 -53.91 51.90
C PHE V 44 79.61 -54.34 51.93
N ASP V 45 80.52 -53.40 51.72
CA ASP V 45 81.94 -53.73 51.74
C ASP V 45 82.39 -54.15 53.13
N LEU V 46 81.84 -53.50 54.16
CA LEU V 46 82.19 -53.81 55.54
C LEU V 46 81.83 -55.27 55.84
N GLY V 47 80.62 -55.68 55.43
CA GLY V 47 80.20 -57.05 55.64
C GLY V 47 81.13 -58.02 54.96
N GLY V 48 81.61 -57.65 53.77
CA GLY V 48 82.53 -58.50 53.05
C GLY V 48 83.85 -58.66 53.78
N GLU V 49 84.32 -57.60 54.41
CA GLU V 49 85.56 -57.64 55.16
C GLU V 49 85.42 -58.56 56.36
N LEU V 50 84.28 -58.48 57.05
CA LEU V 50 84.04 -59.32 58.20
C LEU V 50 83.99 -60.79 57.80
N CYS V 51 83.46 -61.05 56.61
CA CYS V 51 83.31 -62.41 56.14
C CYS V 51 84.59 -63.08 55.65
N ILE V 52 85.27 -62.45 54.69
CA ILE V 52 86.49 -63.02 54.13
C ILE V 52 87.80 -62.77 54.89
N PRO V 53 88.48 -63.86 55.26
CA PRO V 53 89.77 -63.81 55.94
C PRO V 53 90.87 -63.29 55.03
N GLY V 54 91.70 -62.39 55.56
CA GLY V 54 92.78 -61.83 54.78
C GLY V 54 92.31 -60.72 53.86
N HIS V 55 91.02 -60.43 53.90
CA HIS V 55 90.44 -59.39 53.05
C HIS V 55 90.01 -58.15 53.84
N ALA V 56 90.44 -56.98 53.38
CA ALA V 56 90.10 -55.71 54.02
C ALA V 56 89.43 -54.80 53.00
N ALA V 57 88.55 -53.91 53.46
CA ALA V 57 87.86 -53.01 52.56
C ALA V 57 87.66 -51.61 53.15
N ILE V 58 87.52 -51.53 54.47
CA ILE V 58 87.31 -50.25 55.13
C ILE V 58 88.67 -49.60 55.44
N THR V 59 88.85 -48.38 54.95
CA THR V 59 90.10 -47.64 55.12
C THR V 59 89.92 -46.31 55.83
N GLU V 60 91.03 -45.61 56.05
CA GLU V 60 90.99 -44.31 56.70
C GLU V 60 90.08 -43.38 55.90
N ASP V 61 90.10 -43.54 54.58
CA ASP V 61 89.27 -42.71 53.70
C ASP V 61 87.79 -42.83 54.04
N HIS V 62 87.36 -44.03 54.42
CA HIS V 62 85.96 -44.26 54.80
C HIS V 62 85.66 -43.54 56.09
N LEU V 63 86.59 -43.65 57.04
CA LEU V 63 86.44 -43.01 58.34
C LEU V 63 86.44 -41.49 58.18
N LEU V 64 87.36 -41.00 57.34
CA LEU V 64 87.48 -39.57 57.10
C LEU V 64 86.19 -39.00 56.52
N ARG V 65 85.57 -39.73 55.61
CA ARG V 65 84.33 -39.27 55.01
C ARG V 65 83.22 -39.16 56.04
N LEU V 66 83.17 -40.11 56.97
CA LEU V 66 82.16 -40.07 58.02
C LEU V 66 82.45 -38.88 58.93
N ALA V 67 83.72 -38.69 59.28
CA ALA V 67 84.11 -37.57 60.14
C ALA V 67 83.68 -36.27 59.47
N LEU V 68 83.86 -36.20 58.15
CA LEU V 68 83.48 -35.01 57.41
C LEU V 68 81.98 -34.76 57.45
N TRP V 69 81.19 -35.80 57.31
CA TRP V 69 79.74 -35.65 57.35
C TRP V 69 79.27 -35.22 58.73
N LEU V 70 79.92 -35.76 59.77
CA LEU V 70 79.57 -35.40 61.14
C LEU V 70 79.80 -33.91 61.36
N VAL V 71 80.99 -33.44 61.03
CA VAL V 71 81.32 -32.04 61.19
C VAL V 71 80.35 -31.18 60.39
N HIS V 72 80.12 -31.57 59.14
CA HIS V 72 79.22 -30.83 58.26
C HIS V 72 77.79 -30.68 58.78
N TYR V 73 77.10 -31.79 58.99
CA TYR V 73 75.73 -31.75 59.47
C TYR V 73 75.57 -31.15 60.85
N ASN V 74 76.56 -31.36 61.70
CA ASN V 74 76.51 -30.81 63.06
C ASN V 74 76.62 -29.29 63.01
N GLY V 75 77.44 -28.79 62.10
CA GLY V 75 77.61 -27.35 61.97
C GLY V 75 76.44 -26.74 61.23
N GLN V 76 75.44 -27.57 60.96
CA GLN V 76 74.25 -27.16 60.25
C GLN V 76 73.06 -27.23 61.20
N LEU V 77 73.34 -27.58 62.46
CA LEU V 77 72.32 -27.70 63.48
C LEU V 77 72.65 -26.85 64.69
N PRO V 78 71.63 -26.49 65.49
CA PRO V 78 71.87 -25.68 66.68
C PRO V 78 72.41 -26.63 67.74
N PRO V 79 73.11 -26.10 68.75
CA PRO V 79 73.66 -26.96 69.82
C PRO V 79 72.60 -27.74 70.57
N LEU V 80 72.98 -28.92 71.06
CA LEU V 80 72.07 -29.77 71.81
C LEU V 80 71.74 -29.10 73.15
N GLU V 81 70.45 -28.88 73.40
CA GLU V 81 70.01 -28.21 74.63
C GLU V 81 69.60 -29.16 75.75
N GLU V 82 69.25 -30.38 75.39
CA GLU V 82 68.80 -31.36 76.38
C GLU V 82 68.83 -32.76 75.78
N PHE V 83 68.69 -33.78 76.62
CA PHE V 83 68.66 -35.15 76.15
C PHE V 83 67.50 -35.27 75.16
N ILE V 84 67.72 -36.01 74.08
CA ILE V 84 66.68 -36.19 73.07
C ILE V 84 66.08 -37.59 73.13
N LEU V 85 64.79 -37.69 72.83
CA LEU V 85 64.10 -38.97 72.81
C LEU V 85 64.00 -39.35 71.35
N PRO V 86 64.20 -40.62 71.02
CA PRO V 86 64.13 -40.98 69.60
C PRO V 86 62.71 -40.83 69.05
N GLY V 87 62.57 -39.97 68.05
CA GLY V 87 61.25 -39.74 67.45
C GLY V 87 61.16 -38.42 66.71
N GLY V 88 59.94 -38.07 66.31
CA GLY V 88 59.73 -36.83 65.58
C GLY V 88 59.11 -37.15 64.24
N ALA V 89 59.62 -36.53 63.17
CA ALA V 89 59.11 -36.81 61.83
C ALA V 89 59.43 -38.28 61.58
N ARG V 90 58.65 -38.93 60.72
CA ARG V 90 58.89 -40.34 60.44
C ARG V 90 60.33 -40.61 60.03
N GLY V 91 60.88 -39.72 59.20
CA GLY V 91 62.25 -39.88 58.75
C GLY V 91 63.20 -39.88 59.94
N ALA V 92 63.04 -38.93 60.84
CA ALA V 92 63.87 -38.83 62.02
C ALA V 92 63.76 -40.08 62.89
N ALA V 93 62.54 -40.55 63.08
CA ALA V 93 62.28 -41.74 63.89
C ALA V 93 62.99 -42.96 63.30
N LEU V 94 62.92 -43.12 61.98
CA LEU V 94 63.58 -44.24 61.32
C LEU V 94 65.09 -44.11 61.47
N ALA V 95 65.61 -42.90 61.36
CA ALA V 95 67.04 -42.67 61.51
C ALA V 95 67.48 -43.14 62.89
N HIS V 96 66.65 -42.90 63.90
CA HIS V 96 66.98 -43.33 65.26
C HIS V 96 66.96 -44.85 65.35
N VAL V 97 66.06 -45.49 64.63
CA VAL V 97 66.03 -46.96 64.64
C VAL V 97 67.34 -47.43 64.00
N CYS V 98 67.72 -46.79 62.89
CA CYS V 98 68.97 -47.17 62.23
C CYS V 98 70.13 -46.99 63.21
N ARG V 99 70.09 -45.91 63.97
CA ARG V 99 71.13 -45.62 64.95
C ARG V 99 71.27 -46.77 65.96
N THR V 100 70.15 -47.22 66.50
CA THR V 100 70.19 -48.31 67.48
C THR V 100 70.61 -49.65 66.87
N VAL V 101 70.25 -49.90 65.62
CA VAL V 101 70.63 -51.16 64.99
C VAL V 101 72.13 -51.09 64.66
N CYS V 102 72.62 -49.89 64.36
CA CYS V 102 74.04 -49.71 64.08
C CYS V 102 74.83 -49.99 65.36
N ARG V 103 74.33 -49.52 66.49
CA ARG V 103 75.01 -49.76 67.76
C ARG V 103 74.99 -51.26 68.08
N ARG V 104 73.91 -51.93 67.68
CA ARG V 104 73.79 -53.37 67.90
C ARG V 104 74.86 -54.08 67.07
N ALA V 105 75.05 -53.61 65.84
CA ALA V 105 76.06 -54.20 64.95
C ALA V 105 77.46 -53.94 65.51
N GLU V 106 77.65 -52.76 66.11
CA GLU V 106 78.94 -52.42 66.68
C GLU V 106 79.26 -53.38 67.83
N ARG V 107 78.26 -53.72 68.64
CA ARG V 107 78.48 -54.65 69.73
C ARG V 107 78.93 -56.02 69.20
N SER V 108 78.30 -56.47 68.13
CA SER V 108 78.64 -57.75 67.51
C SER V 108 80.03 -57.72 66.88
N ILE V 109 80.38 -56.59 66.28
CA ILE V 109 81.68 -56.42 65.65
C ILE V 109 82.76 -56.42 66.73
N LYS V 110 82.47 -55.78 67.85
CA LYS V 110 83.41 -55.74 68.96
C LYS V 110 83.61 -57.15 69.52
N ALA V 111 82.52 -57.90 69.63
CA ALA V 111 82.60 -59.28 70.14
C ALA V 111 83.45 -60.13 69.19
N LEU V 112 83.25 -59.92 67.89
CA LEU V 112 84.00 -60.68 66.88
C LEU V 112 85.50 -60.40 67.00
N GLY V 113 85.86 -59.13 67.12
CA GLY V 113 87.25 -58.76 67.23
C GLY V 113 87.91 -59.31 68.49
N ALA V 114 87.10 -59.67 69.47
CA ALA V 114 87.63 -60.21 70.71
C ALA V 114 87.98 -61.70 70.59
N SER V 115 87.39 -62.39 69.63
CA SER V 115 87.64 -63.82 69.45
C SER V 115 88.41 -64.15 68.18
N GLU V 116 88.66 -63.14 67.34
CA GLU V 116 89.37 -63.34 66.09
C GLU V 116 90.13 -62.09 65.69
N PRO V 117 91.26 -62.26 64.98
CA PRO V 117 92.03 -61.09 64.55
C PRO V 117 91.19 -60.30 63.55
N LEU V 118 91.01 -59.02 63.81
CA LEU V 118 90.20 -58.17 62.94
C LEU V 118 90.80 -56.77 62.95
N ASN V 119 90.75 -56.08 61.81
CA ASN V 119 91.27 -54.73 61.75
C ASN V 119 90.35 -53.86 62.58
N ILE V 120 90.84 -52.69 63.00
CA ILE V 120 90.05 -51.79 63.82
C ILE V 120 89.05 -50.95 63.03
N ALA V 121 89.28 -50.81 61.72
CA ALA V 121 88.43 -49.99 60.89
C ALA V 121 86.93 -50.28 60.97
N PRO V 122 86.54 -51.57 60.92
CA PRO V 122 85.10 -51.87 61.00
C PRO V 122 84.38 -51.29 62.22
N ALA V 123 84.91 -51.51 63.42
CA ALA V 123 84.24 -50.97 64.60
C ALA V 123 84.32 -49.44 64.63
N ALA V 124 85.43 -48.88 64.15
CA ALA V 124 85.57 -47.43 64.13
C ALA V 124 84.57 -46.82 63.15
N TYR V 125 84.27 -47.57 62.08
CA TYR V 125 83.32 -47.10 61.08
C TYR V 125 81.91 -47.01 61.68
N VAL V 126 81.44 -48.10 62.27
CA VAL V 126 80.10 -48.10 62.85
C VAL V 126 79.99 -47.22 64.09
N ASN V 127 81.11 -46.97 64.76
CA ASN V 127 81.12 -46.10 65.94
C ASN V 127 80.73 -44.70 65.43
N LEU V 128 81.38 -44.30 64.34
CA LEU V 128 81.09 -43.00 63.75
C LEU V 128 79.70 -42.96 63.12
N LEU V 129 79.31 -44.04 62.47
CA LEU V 129 78.01 -44.11 61.82
C LEU V 129 76.86 -43.94 62.81
N SER V 130 76.98 -44.53 63.99
CA SER V 130 75.93 -44.39 65.01
C SER V 130 75.77 -42.91 65.34
N ASP V 131 76.89 -42.22 65.54
CA ASP V 131 76.85 -40.80 65.86
C ASP V 131 76.25 -40.00 64.70
N LEU V 132 76.60 -40.37 63.47
CA LEU V 132 76.08 -39.66 62.30
C LEU V 132 74.56 -39.86 62.13
N LEU V 133 74.09 -41.06 62.42
CA LEU V 133 72.65 -41.33 62.28
C LEU V 133 71.88 -40.49 63.31
N PHE V 134 72.51 -40.25 64.47
CA PHE V 134 71.88 -39.43 65.50
C PHE V 134 71.75 -38.01 64.96
N VAL V 135 72.84 -37.53 64.36
CA VAL V 135 72.89 -36.20 63.78
C VAL V 135 71.90 -36.06 62.63
N LEU V 136 71.87 -37.05 61.75
CA LEU V 136 70.95 -37.02 60.63
C LEU V 136 69.50 -37.02 61.08
N ALA V 137 69.21 -37.65 62.21
CA ALA V 137 67.85 -37.65 62.73
C ALA V 137 67.45 -36.21 63.05
N ARG V 138 68.38 -35.48 63.67
CA ARG V 138 68.11 -34.08 64.01
C ARG V 138 67.92 -33.25 62.75
N VAL V 139 68.72 -33.54 61.73
CA VAL V 139 68.63 -32.83 60.46
C VAL V 139 67.27 -33.06 59.82
N LEU V 140 66.78 -34.30 59.89
CA LEU V 140 65.50 -34.64 59.31
C LEU V 140 64.33 -34.01 60.06
N ASN V 141 64.44 -33.87 61.37
CA ASN V 141 63.37 -33.24 62.12
C ASN V 141 63.35 -31.78 61.70
N ARG V 142 64.55 -31.21 61.57
CA ARG V 142 64.73 -29.82 61.16
C ARG V 142 64.11 -29.63 59.77
N ALA V 143 64.51 -30.48 58.83
CA ALA V 143 64.04 -30.42 57.45
C ALA V 143 62.53 -30.60 57.34
N ALA V 144 61.93 -31.25 58.33
CA ALA V 144 60.49 -31.47 58.32
C ALA V 144 59.77 -30.28 58.94
N GLY V 145 60.53 -29.28 59.35
CA GLY V 145 59.93 -28.09 59.95
C GLY V 145 59.60 -28.31 61.41
N GLY V 146 59.95 -29.49 61.92
CA GLY V 146 59.68 -29.81 63.31
C GLY V 146 60.92 -29.68 64.17
N ALA V 147 60.87 -30.25 65.37
CA ALA V 147 61.99 -30.19 66.30
C ALA V 147 62.19 -31.54 66.99
N ASP V 148 63.35 -31.72 67.61
CA ASP V 148 63.65 -32.97 68.30
C ASP V 148 62.73 -33.13 69.52
N VAL V 149 62.48 -34.38 69.89
CA VAL V 149 61.63 -34.67 71.05
C VAL V 149 62.53 -34.61 72.29
N LEU V 150 62.17 -33.78 73.26
CA LEU V 150 62.99 -33.63 74.46
C LEU V 150 62.44 -34.44 75.62
N TRP V 151 63.29 -34.72 76.60
CA TRP V 151 62.81 -35.49 77.74
C TRP V 151 62.51 -34.59 78.93
N ASP V 152 61.93 -35.16 79.97
CA ASP V 152 61.59 -34.41 81.18
C ASP V 152 62.82 -33.78 81.81
N MET W 1 81.84 -58.92 80.75
CA MET W 1 80.71 -59.67 81.27
C MET W 1 79.51 -58.76 81.52
N GLY W 2 79.62 -57.92 82.55
CA GLY W 2 78.56 -57.00 82.91
C GLY W 2 78.31 -56.02 81.77
N ASP W 3 79.37 -55.55 81.12
CA ASP W 3 79.18 -54.61 80.02
C ASP W 3 78.33 -55.24 78.93
N ASP W 4 78.62 -56.48 78.58
CA ASP W 4 77.84 -57.16 77.56
C ASP W 4 76.40 -57.35 78.03
N ALA W 5 76.26 -57.81 79.27
CA ALA W 5 74.95 -58.03 79.89
C ALA W 5 74.20 -56.71 80.08
N ARG W 6 74.94 -55.70 80.52
CA ARG W 6 74.41 -54.36 80.78
C ARG W 6 74.28 -53.51 79.52
N ILE W 7 75.35 -53.36 78.71
CA ILE W 7 75.36 -52.58 77.49
C ILE W 7 74.32 -53.12 76.50
N ALA W 8 74.13 -54.43 76.48
CA ALA W 8 73.16 -55.05 75.59
C ALA W 8 71.73 -54.70 76.01
N ALA W 9 71.44 -54.75 77.29
CA ALA W 9 70.11 -54.44 77.81
C ALA W 9 69.78 -52.97 77.50
N ILE W 10 70.75 -52.10 77.76
CA ILE W 10 70.57 -50.67 77.48
C ILE W 10 70.26 -50.47 76.00
N GLY W 11 71.01 -51.15 75.14
CA GLY W 11 70.79 -51.02 73.71
C GLY W 11 69.41 -51.49 73.26
N ASP W 12 68.93 -52.60 73.80
CA ASP W 12 67.62 -53.10 73.43
C ASP W 12 66.50 -52.16 73.89
N VAL W 13 66.68 -51.54 75.05
CA VAL W 13 65.67 -50.61 75.54
C VAL W 13 65.64 -49.40 74.60
N ASP W 14 66.84 -49.01 74.16
CA ASP W 14 67.01 -47.89 73.23
C ASP W 14 66.33 -48.24 71.90
N GLU W 15 66.56 -49.46 71.42
CA GLU W 15 65.96 -49.89 70.17
C GLU W 15 64.44 -49.89 70.27
N LEU W 16 63.92 -50.38 71.40
CA LEU W 16 62.49 -50.41 71.65
C LEU W 16 61.95 -48.97 71.62
N ASN W 17 62.60 -48.08 72.34
CA ASN W 17 62.18 -46.68 72.40
C ASN W 17 62.14 -46.07 71.00
N SER W 18 63.12 -46.45 70.17
CA SER W 18 63.18 -45.94 68.80
C SER W 18 62.03 -46.48 67.97
N GLN W 19 61.68 -47.74 68.19
CA GLN W 19 60.57 -48.33 67.44
C GLN W 19 59.27 -47.63 67.83
N ILE W 20 59.17 -47.22 69.10
CA ILE W 20 57.98 -46.51 69.56
C ILE W 20 57.95 -45.13 68.89
N GLY W 21 59.14 -44.58 68.65
CA GLY W 21 59.21 -43.28 67.98
C GLY W 21 58.64 -43.40 66.57
N VAL W 22 58.88 -44.54 65.93
CA VAL W 22 58.38 -44.77 64.58
C VAL W 22 56.85 -44.88 64.64
N LEU W 23 56.34 -45.57 65.66
CA LEU W 23 54.91 -45.73 65.83
C LEU W 23 54.26 -44.36 66.07
N LEU W 24 54.95 -43.50 66.80
CA LEU W 24 54.44 -42.16 67.09
C LEU W 24 54.39 -41.24 65.87
N ALA W 25 55.04 -41.65 64.78
CA ALA W 25 55.05 -40.85 63.56
C ALA W 25 53.80 -41.16 62.74
N GLU W 26 53.00 -42.09 63.23
CA GLU W 26 51.77 -42.49 62.57
C GLU W 26 50.58 -41.77 63.19
N PRO W 27 49.44 -41.75 62.49
CA PRO W 27 48.26 -41.08 63.05
C PRO W 27 47.78 -41.97 64.19
N LEU W 28 47.44 -41.37 65.32
CA LEU W 28 47.01 -42.13 66.48
C LEU W 28 45.91 -41.43 67.28
N PRO W 29 45.18 -42.21 68.08
CA PRO W 29 44.14 -41.63 68.93
C PRO W 29 44.87 -40.76 69.94
N ASP W 30 44.35 -39.58 70.25
CA ASP W 30 45.06 -38.71 71.17
C ASP W 30 45.47 -39.38 72.48
N ASP W 31 44.60 -40.22 73.03
CA ASP W 31 44.93 -40.89 74.28
C ASP W 31 46.11 -41.86 74.09
N VAL W 32 46.09 -42.62 73.00
CA VAL W 32 47.16 -43.57 72.73
C VAL W 32 48.49 -42.82 72.56
N ARG W 33 48.44 -41.70 71.85
CA ARG W 33 49.65 -40.90 71.64
C ARG W 33 50.21 -40.42 72.97
N ALA W 34 49.34 -39.96 73.86
CA ALA W 34 49.78 -39.47 75.17
C ALA W 34 50.47 -40.58 75.97
N ALA W 35 49.89 -41.79 75.95
CA ALA W 35 50.47 -42.91 76.68
C ALA W 35 51.85 -43.27 76.12
N LEU W 36 51.92 -43.45 74.81
CA LEU W 36 53.19 -43.80 74.17
C LEU W 36 54.28 -42.76 74.41
N SER W 37 53.95 -41.47 74.33
CA SER W 37 54.95 -40.43 74.57
C SER W 37 55.49 -40.51 75.99
N ALA W 38 54.60 -40.72 76.95
CA ALA W 38 55.00 -40.83 78.35
C ALA W 38 55.92 -42.04 78.53
N ILE W 39 55.58 -43.13 77.86
CA ILE W 39 56.37 -44.37 77.94
C ILE W 39 57.79 -44.10 77.44
N GLN W 40 57.94 -43.28 76.40
CA GLN W 40 59.27 -42.98 75.88
C GLN W 40 60.14 -42.37 76.99
N HIS W 41 59.55 -41.49 77.80
CA HIS W 41 60.29 -40.89 78.90
C HIS W 41 60.64 -41.96 79.92
N ASP W 42 59.69 -42.86 80.18
CA ASP W 42 59.92 -43.95 81.13
C ASP W 42 61.11 -44.80 80.67
N LEU W 43 61.13 -45.15 79.39
CA LEU W 43 62.20 -45.97 78.83
C LEU W 43 63.55 -45.27 78.91
N PHE W 44 63.54 -43.95 78.76
CA PHE W 44 64.78 -43.20 78.84
C PHE W 44 65.29 -43.35 80.27
N ASP W 45 64.41 -43.17 81.24
CA ASP W 45 64.80 -43.31 82.64
C ASP W 45 65.21 -44.74 82.96
N LEU W 46 64.51 -45.71 82.38
CA LEU W 46 64.81 -47.12 82.61
C LEU W 46 66.23 -47.42 82.15
N GLY W 47 66.58 -46.94 80.97
CA GLY W 47 67.92 -47.15 80.44
C GLY W 47 68.96 -46.55 81.38
N GLY W 48 68.65 -45.40 81.95
CA GLY W 48 69.58 -44.76 82.87
C GLY W 48 69.78 -45.59 84.12
N GLU W 49 68.72 -46.23 84.61
CA GLU W 49 68.81 -47.08 85.80
C GLU W 49 69.69 -48.29 85.52
N LEU W 50 69.53 -48.88 84.34
CA LEU W 50 70.33 -50.03 83.97
C LEU W 50 71.81 -49.67 83.87
N CYS W 51 72.06 -48.45 83.40
CA CYS W 51 73.42 -47.99 83.22
C CYS W 51 74.18 -47.62 84.49
N ILE W 52 73.62 -46.71 85.28
CA ILE W 52 74.27 -46.26 86.50
C ILE W 52 74.06 -47.10 87.75
N PRO W 53 75.17 -47.52 88.36
CA PRO W 53 75.17 -48.31 89.60
C PRO W 53 74.73 -47.45 90.79
N GLY W 54 73.87 -48.03 91.62
CA GLY W 54 73.38 -47.31 92.79
C GLY W 54 72.28 -46.33 92.44
N HIS W 55 71.92 -46.28 91.16
CA HIS W 55 70.87 -45.37 90.72
C HIS W 55 69.60 -46.09 90.30
N ALA W 56 68.46 -45.64 90.81
CA ALA W 56 67.16 -46.24 90.49
C ALA W 56 66.24 -45.14 89.96
N ALA W 57 65.29 -45.51 89.10
CA ALA W 57 64.38 -44.54 88.52
C ALA W 57 62.95 -45.08 88.36
N ILE W 58 62.83 -46.38 88.12
CA ILE W 58 61.52 -47.01 87.94
C ILE W 58 60.94 -47.40 89.30
N THR W 59 59.74 -46.89 89.59
CA THR W 59 59.07 -47.13 90.85
C THR W 59 57.71 -47.80 90.71
N GLU W 60 57.07 -48.09 91.84
CA GLU W 60 55.74 -48.70 91.82
C GLU W 60 54.80 -47.82 91.01
N ASP W 61 54.98 -46.51 91.12
CA ASP W 61 54.14 -45.55 90.41
C ASP W 61 54.17 -45.79 88.89
N HIS W 62 55.34 -46.17 88.38
CA HIS W 62 55.49 -46.44 86.94
C HIS W 62 54.71 -47.69 86.59
N LEU W 63 54.85 -48.71 87.44
CA LEU W 63 54.17 -49.98 87.24
C LEU W 63 52.66 -49.78 87.34
N LEU W 64 52.24 -49.00 88.34
CA LEU W 64 50.82 -48.73 88.55
C LEU W 64 50.20 -48.06 87.34
N ARG W 65 50.93 -47.12 86.74
CA ARG W 65 50.41 -46.41 85.57
C ARG W 65 50.21 -47.37 84.40
N LEU W 66 51.13 -48.31 84.23
CA LEU W 66 51.02 -49.28 83.15
C LEU W 66 49.82 -50.18 83.44
N ALA W 67 49.69 -50.63 84.69
CA ALA W 67 48.56 -51.48 85.09
C ALA W 67 47.26 -50.76 84.78
N LEU W 68 47.24 -49.45 85.04
CA LEU W 68 46.05 -48.65 84.79
C LEU W 68 45.72 -48.59 83.31
N TRP W 69 46.73 -48.41 82.47
CA TRP W 69 46.50 -48.34 81.03
C TRP W 69 46.01 -49.68 80.50
N LEU W 70 46.55 -50.77 81.04
CA LEU W 70 46.14 -52.10 80.60
C LEU W 70 44.66 -52.30 80.90
N VAL W 71 44.27 -52.05 82.14
CA VAL W 71 42.86 -52.20 82.54
C VAL W 71 41.99 -51.31 81.66
N HIS W 72 42.40 -50.06 81.51
CA HIS W 72 41.64 -49.10 80.71
C HIS W 72 41.40 -49.51 79.26
N TYR W 73 42.46 -49.69 78.50
CA TYR W 73 42.34 -50.06 77.11
C TYR W 73 41.69 -51.43 76.88
N ASN W 74 41.94 -52.36 77.78
CA ASN W 74 41.34 -53.68 77.66
C ASN W 74 39.83 -53.62 77.87
N GLY W 75 39.39 -52.75 78.78
CA GLY W 75 37.98 -52.61 79.04
C GLY W 75 37.32 -51.76 77.96
N GLN W 76 38.11 -51.45 76.94
CA GLN W 76 37.65 -50.63 75.82
C GLN W 76 37.64 -51.50 74.56
N LEU W 77 37.96 -52.78 74.74
CA LEU W 77 38.01 -53.73 73.64
C LEU W 77 37.14 -54.94 73.92
N PRO W 78 36.71 -55.65 72.87
CA PRO W 78 35.89 -56.84 73.07
C PRO W 78 36.83 -57.96 73.48
N PRO W 79 36.31 -59.02 74.13
CA PRO W 79 37.16 -60.13 74.57
C PRO W 79 37.86 -60.82 73.41
N LEU W 80 39.05 -61.37 73.68
CA LEU W 80 39.84 -62.07 72.68
C LEU W 80 39.12 -63.35 72.29
N GLU W 81 38.82 -63.51 71.00
CA GLU W 81 38.09 -64.69 70.52
C GLU W 81 38.99 -65.80 69.97
N GLU W 82 40.20 -65.45 69.59
CA GLU W 82 41.13 -66.42 69.01
C GLU W 82 42.54 -65.86 69.01
N PHE W 83 43.54 -66.70 68.76
CA PHE W 83 44.92 -66.26 68.69
C PHE W 83 45.00 -65.20 67.59
N ILE W 84 45.78 -64.15 67.84
CA ILE W 84 45.93 -63.08 66.88
C ILE W 84 47.29 -63.12 66.19
N LEU W 85 47.33 -62.73 64.93
CA LEU W 85 48.57 -62.70 64.17
C LEU W 85 48.99 -61.23 64.15
N PRO W 86 50.28 -60.95 64.31
CA PRO W 86 50.67 -59.54 64.32
C PRO W 86 50.46 -58.88 62.97
N GLY W 87 49.62 -57.85 62.93
CA GLY W 87 49.34 -57.15 61.68
C GLY W 87 48.04 -56.39 61.72
N GLY W 88 47.62 -55.89 60.55
CA GLY W 88 46.40 -55.11 60.46
C GLY W 88 46.72 -53.73 59.92
N ALA W 89 46.15 -52.70 60.53
CA ALA W 89 46.44 -51.34 60.10
C ALA W 89 47.93 -51.13 60.36
N ARG W 90 48.57 -50.24 59.62
CA ARG W 90 49.99 -50.01 59.79
C ARG W 90 50.35 -49.71 61.25
N GLY W 91 49.52 -48.90 61.89
CA GLY W 91 49.76 -48.56 63.28
C GLY W 91 49.78 -49.81 64.15
N ALA W 92 48.80 -50.67 63.97
CA ALA W 92 48.71 -51.91 64.74
C ALA W 92 49.93 -52.80 64.49
N ALA W 93 50.33 -52.90 63.21
CA ALA W 93 51.48 -53.73 62.84
C ALA W 93 52.75 -53.22 63.53
N LEU W 94 52.94 -51.90 63.55
CA LEU W 94 54.11 -51.31 64.20
C LEU W 94 54.07 -51.57 65.69
N ALA W 95 52.87 -51.47 66.28
CA ALA W 95 52.72 -51.71 67.71
C ALA W 95 53.18 -53.14 68.03
N HIS W 96 52.87 -54.08 67.15
CA HIS W 96 53.29 -55.47 67.34
C HIS W 96 54.80 -55.59 67.24
N VAL W 97 55.41 -54.82 66.35
CA VAL W 97 56.86 -54.85 66.24
C VAL W 97 57.43 -54.32 67.56
N CYS W 98 56.83 -53.24 68.07
CA CYS W 98 57.30 -52.67 69.33
C CYS W 98 57.16 -53.74 70.42
N ARG W 99 56.04 -54.47 70.38
CA ARG W 99 55.79 -55.51 71.37
C ARG W 99 56.92 -56.55 71.38
N THR W 100 57.30 -57.02 70.19
CA THR W 100 58.36 -58.02 70.11
C THR W 100 59.74 -57.48 70.49
N VAL W 101 60.00 -56.22 70.21
CA VAL W 101 61.29 -55.63 70.58
C VAL W 101 61.31 -55.41 72.10
N CYS W 102 60.15 -55.13 72.67
CA CYS W 102 60.05 -54.94 74.11
C CYS W 102 60.34 -56.29 74.79
N ARG W 103 59.81 -57.37 74.23
CA ARG W 103 60.06 -58.69 74.81
C ARG W 103 61.54 -59.03 74.68
N ARG W 104 62.16 -58.59 73.60
CA ARG W 104 63.60 -58.82 73.38
C ARG W 104 64.38 -58.09 74.46
N ALA W 105 63.96 -56.86 74.78
CA ALA W 105 64.62 -56.07 75.81
C ALA W 105 64.42 -56.72 77.18
N GLU W 106 63.23 -57.30 77.39
CA GLU W 106 62.95 -57.96 78.66
C GLU W 106 63.90 -59.15 78.85
N ARG W 107 64.16 -59.89 77.77
CA ARG W 107 65.08 -61.02 77.86
C ARG W 107 66.47 -60.56 78.27
N SER W 108 66.92 -59.45 77.69
CA SER W 108 68.23 -58.90 78.00
C SER W 108 68.29 -58.35 79.43
N ILE W 109 67.19 -57.76 79.89
CA ILE W 109 67.12 -57.22 81.24
C ILE W 109 67.14 -58.37 82.25
N LYS W 110 66.46 -59.47 81.90
CA LYS W 110 66.43 -60.64 82.77
C LYS W 110 67.84 -61.23 82.84
N ALA W 111 68.53 -61.29 81.71
CA ALA W 111 69.89 -61.82 81.68
C ALA W 111 70.81 -60.96 82.55
N LEU W 112 70.64 -59.65 82.46
CA LEU W 112 71.45 -58.71 83.23
C LEU W 112 71.26 -58.94 84.73
N GLY W 113 70.00 -59.05 85.14
CA GLY W 113 69.70 -59.26 86.55
C GLY W 113 70.25 -60.56 87.09
N ALA W 114 70.55 -61.49 86.19
CA ALA W 114 71.09 -62.78 86.60
C ALA W 114 72.58 -62.72 86.88
N SER W 115 73.27 -61.73 86.31
CA SER W 115 74.71 -61.61 86.51
C SER W 115 75.12 -60.41 87.34
N GLU W 116 74.14 -59.57 87.70
CA GLU W 116 74.42 -58.38 88.50
C GLU W 116 73.22 -58.00 89.35
N PRO W 117 73.46 -57.37 90.51
CA PRO W 117 72.35 -56.98 91.37
C PRO W 117 71.55 -55.91 90.65
N LEU W 118 70.25 -56.13 90.52
CA LEU W 118 69.37 -55.19 89.83
C LEU W 118 68.01 -55.20 90.49
N ASN W 119 67.36 -54.05 90.57
CA ASN W 119 66.03 -53.99 91.17
C ASN W 119 65.09 -54.74 90.23
N ILE W 120 63.95 -55.16 90.75
CA ILE W 120 62.98 -55.90 89.96
C ILE W 120 62.10 -55.02 89.07
N ALA W 121 62.01 -53.74 89.40
CA ALA W 121 61.17 -52.82 88.65
C ALA W 121 61.39 -52.80 87.14
N PRO W 122 62.66 -52.75 86.68
CA PRO W 122 62.87 -52.73 85.23
C PRO W 122 62.22 -53.88 84.45
N ALA W 123 62.45 -55.12 84.88
CA ALA W 123 61.83 -56.24 84.17
C ALA W 123 60.31 -56.23 84.32
N ALA W 124 59.81 -55.83 85.49
CA ALA W 124 58.38 -55.78 85.71
C ALA W 124 57.75 -54.71 84.82
N TYR W 125 58.51 -53.65 84.56
CA TYR W 125 58.02 -52.57 83.71
C TYR W 125 57.84 -53.06 82.27
N VAL W 126 58.88 -53.65 81.70
CA VAL W 126 58.80 -54.13 80.32
C VAL W 126 57.88 -55.34 80.17
N ASN W 127 57.67 -56.08 81.26
CA ASN W 127 56.78 -57.24 81.22
C ASN W 127 55.38 -56.67 80.95
N LEU W 128 55.03 -55.62 81.69
CA LEU W 128 53.74 -54.98 81.52
C LEU W 128 53.64 -54.26 80.19
N LEU W 129 54.72 -53.59 79.79
CA LEU W 129 54.74 -52.85 78.53
C LEU W 129 54.48 -53.76 77.32
N SER W 130 55.04 -54.96 77.32
CA SER W 130 54.82 -55.89 76.22
C SER W 130 53.32 -56.18 76.11
N ASP W 131 52.69 -56.44 77.25
CA ASP W 131 51.27 -56.73 77.26
C ASP W 131 50.46 -55.51 76.80
N LEU W 132 50.88 -54.31 77.21
CA LEU W 132 50.18 -53.10 76.82
C LEU W 132 50.29 -52.83 75.31
N LEU W 133 51.47 -53.09 74.74
CA LEU W 133 51.66 -52.87 73.31
C LEU W 133 50.76 -53.82 72.52
N PHE W 134 50.52 -55.01 73.07
CA PHE W 134 49.64 -55.99 72.42
C PHE W 134 48.23 -55.39 72.41
N VAL W 135 47.83 -54.86 73.56
CA VAL W 135 46.50 -54.26 73.73
C VAL W 135 46.35 -53.04 72.83
N LEU W 136 47.37 -52.18 72.81
CA LEU W 136 47.30 -51.00 71.98
C LEU W 136 47.22 -51.34 70.49
N ALA W 137 47.81 -52.46 70.10
CA ALA W 137 47.73 -52.88 68.70
C ALA W 137 46.26 -53.14 68.36
N ARG W 138 45.56 -53.81 69.28
CA ARG W 138 44.14 -54.10 69.05
C ARG W 138 43.34 -52.80 69.01
N VAL W 139 43.69 -51.85 69.87
CA VAL W 139 43.01 -50.56 69.90
C VAL W 139 43.19 -49.84 68.58
N LEU W 140 44.40 -49.90 68.03
CA LEU W 140 44.69 -49.23 66.76
C LEU W 140 43.97 -49.88 65.58
N ASN W 141 43.81 -51.19 65.61
CA ASN W 141 43.10 -51.86 64.52
C ASN W 141 41.65 -51.39 64.61
N ARG W 142 41.15 -51.33 65.84
CA ARG W 142 39.78 -50.90 66.12
C ARG W 142 39.59 -49.47 65.63
N ALA W 143 40.49 -48.59 66.05
CA ALA W 143 40.44 -47.18 65.68
C ALA W 143 40.55 -46.96 64.17
N ALA W 144 41.13 -47.93 63.47
CA ALA W 144 41.29 -47.82 62.02
C ALA W 144 40.04 -48.34 61.31
N GLY W 145 39.07 -48.79 62.10
CA GLY W 145 37.84 -49.32 61.54
C GLY W 145 38.00 -50.75 61.09
N GLY W 146 39.19 -51.31 61.33
CA GLY W 146 39.46 -52.68 60.95
C GLY W 146 39.36 -53.63 62.13
N ALA W 147 39.90 -54.83 61.96
CA ALA W 147 39.89 -55.85 63.02
C ALA W 147 41.22 -56.57 63.09
N ASP W 148 41.44 -57.29 64.19
CA ASP W 148 42.69 -58.03 64.37
C ASP W 148 42.77 -59.18 63.37
N VAL W 149 43.98 -59.56 63.01
CA VAL W 149 44.21 -60.65 62.07
C VAL W 149 44.16 -61.95 62.88
N LEU W 150 43.28 -62.87 62.50
CA LEU W 150 43.13 -64.13 63.24
C LEU W 150 43.88 -65.26 62.57
N TRP W 151 44.19 -66.32 63.33
CA TRP W 151 44.91 -67.43 62.72
C TRP W 151 43.95 -68.57 62.39
N ASP W 152 44.48 -69.60 61.70
CA ASP W 152 43.68 -70.74 61.31
C ASP W 152 43.09 -71.45 62.53
N MET X 1 -2.88 -29.65 127.72
CA MET X 1 -3.17 -31.01 127.30
C MET X 1 -4.14 -31.02 126.11
N GLY X 2 -5.39 -30.67 126.37
CA GLY X 2 -6.41 -30.63 125.32
C GLY X 2 -6.04 -29.61 124.25
N ASP X 3 -5.51 -28.47 124.67
CA ASP X 3 -5.15 -27.45 123.70
C ASP X 3 -4.11 -28.01 122.73
N ASP X 4 -3.10 -28.70 123.26
CA ASP X 4 -2.09 -29.28 122.38
C ASP X 4 -2.71 -30.35 121.49
N ALA X 5 -3.52 -31.20 122.09
CA ALA X 5 -4.21 -32.28 121.37
C ALA X 5 -5.23 -31.72 120.39
N ARG X 6 -5.94 -30.70 120.84
CA ARG X 6 -6.98 -30.03 120.04
C ARG X 6 -6.42 -29.00 119.07
N ILE X 7 -5.60 -28.04 119.53
CA ILE X 7 -4.99 -27.01 118.71
C ILE X 7 -4.13 -27.61 117.60
N ALA X 8 -3.48 -28.74 117.89
CA ALA X 8 -2.64 -29.40 116.91
C ALA X 8 -3.49 -30.04 115.80
N ALA X 9 -4.59 -30.68 116.17
CA ALA X 9 -5.47 -31.31 115.20
C ALA X 9 -6.05 -30.24 114.28
N ILE X 10 -6.51 -29.14 114.87
CA ILE X 10 -7.07 -28.03 114.11
C ILE X 10 -6.03 -27.52 113.10
N GLY X 11 -4.80 -27.36 113.58
CA GLY X 11 -3.73 -26.87 112.71
C GLY X 11 -3.44 -27.80 111.53
N ASP X 12 -3.41 -29.11 111.79
CA ASP X 12 -3.14 -30.06 110.71
C ASP X 12 -4.26 -30.08 109.67
N VAL X 13 -5.50 -29.90 110.12
CA VAL X 13 -6.62 -29.89 109.18
C VAL X 13 -6.48 -28.64 108.33
N ASP X 14 -6.06 -27.54 108.96
CA ASP X 14 -5.85 -26.27 108.29
C ASP X 14 -4.72 -26.43 107.25
N GLU X 15 -3.64 -27.09 107.66
CA GLU X 15 -2.50 -27.30 106.76
C GLU X 15 -2.94 -28.13 105.55
N LEU X 16 -3.73 -29.17 105.81
CA LEU X 16 -4.24 -30.03 104.76
C LEU X 16 -5.09 -29.20 103.79
N ASN X 17 -6.01 -28.41 104.34
CA ASN X 17 -6.88 -27.58 103.53
C ASN X 17 -6.05 -26.62 102.66
N SER X 18 -4.96 -26.12 103.20
CA SER X 18 -4.09 -25.22 102.46
C SER X 18 -3.38 -25.95 101.33
N GLN X 19 -2.97 -27.19 101.59
CA GLN X 19 -2.31 -27.96 100.55
C GLN X 19 -3.29 -28.24 99.41
N ILE X 20 -4.56 -28.42 99.76
CA ILE X 20 -5.58 -28.65 98.75
C ILE X 20 -5.76 -27.37 97.93
N GLY X 21 -5.59 -26.23 98.59
CA GLY X 21 -5.70 -24.95 97.90
C GLY X 21 -4.61 -24.85 96.84
N VAL X 22 -3.43 -25.38 97.15
CA VAL X 22 -2.32 -25.35 96.20
C VAL X 22 -2.64 -26.26 95.02
N LEU X 23 -3.24 -27.42 95.31
CA LEU X 23 -3.62 -28.36 94.26
C LEU X 23 -4.68 -27.73 93.35
N LEU X 24 -5.58 -26.94 93.95
CA LEU X 24 -6.64 -26.28 93.18
C LEU X 24 -6.12 -25.16 92.28
N ALA X 25 -4.87 -24.76 92.47
CA ALA X 25 -4.28 -23.71 91.64
C ALA X 25 -3.74 -24.31 90.35
N GLU X 26 -3.83 -25.64 90.24
CA GLU X 26 -3.35 -26.36 89.08
C GLU X 26 -4.51 -26.64 88.13
N PRO X 27 -4.20 -26.99 86.87
CA PRO X 27 -5.28 -27.28 85.92
C PRO X 27 -5.86 -28.62 86.36
N LEU X 28 -7.19 -28.72 86.37
CA LEU X 28 -7.84 -29.96 86.81
C LEU X 28 -9.10 -30.26 86.03
N PRO X 29 -9.52 -31.52 86.06
CA PRO X 29 -10.76 -31.92 85.38
C PRO X 29 -11.87 -31.22 86.13
N ASP X 30 -12.86 -30.68 85.43
CA ASP X 30 -13.92 -29.96 86.12
C ASP X 30 -14.55 -30.71 87.28
N ASP X 31 -14.76 -32.01 87.11
CA ASP X 31 -15.36 -32.81 88.18
C ASP X 31 -14.43 -32.87 89.40
N VAL X 32 -13.15 -33.09 89.16
CA VAL X 32 -12.18 -33.16 90.25
C VAL X 32 -12.13 -31.84 91.00
N ARG X 33 -12.15 -30.73 90.26
CA ARG X 33 -12.12 -29.41 90.87
C ARG X 33 -13.34 -29.20 91.76
N ALA X 34 -14.51 -29.62 91.28
CA ALA X 34 -15.73 -29.47 92.07
C ALA X 34 -15.66 -30.25 93.37
N ALA X 35 -15.13 -31.47 93.32
CA ALA X 35 -15.03 -32.29 94.52
C ALA X 35 -14.07 -31.65 95.52
N LEU X 36 -12.87 -31.29 95.05
CA LEU X 36 -11.87 -30.67 95.93
C LEU X 36 -12.38 -29.38 96.58
N SER X 37 -13.05 -28.53 95.81
CA SER X 37 -13.57 -27.28 96.36
C SER X 37 -14.57 -27.55 97.48
N ALA X 38 -15.45 -28.53 97.25
CA ALA X 38 -16.45 -28.89 98.26
C ALA X 38 -15.76 -29.42 99.52
N ILE X 39 -14.72 -30.21 99.32
CA ILE X 39 -13.96 -30.77 100.44
C ILE X 39 -13.37 -29.64 101.29
N GLN X 40 -12.91 -28.56 100.65
CA GLN X 40 -12.34 -27.45 101.41
C GLN X 40 -13.37 -26.91 102.40
N HIS X 41 -14.62 -26.82 101.97
CA HIS X 41 -15.68 -26.33 102.86
C HIS X 41 -15.88 -27.35 103.98
N ASP X 42 -15.84 -28.64 103.64
CA ASP X 42 -16.00 -29.69 104.64
C ASP X 42 -14.90 -29.57 105.71
N LEU X 43 -13.67 -29.37 105.26
CA LEU X 43 -12.54 -29.25 106.18
C LEU X 43 -12.66 -28.03 107.07
N PHE X 44 -13.23 -26.96 106.54
CA PHE X 44 -13.41 -25.76 107.33
C PHE X 44 -14.39 -26.10 108.45
N ASP X 45 -15.49 -26.78 108.11
CA ASP X 45 -16.47 -27.16 109.10
C ASP X 45 -15.89 -28.17 110.09
N LEU X 46 -15.06 -29.08 109.58
CA LEU X 46 -14.45 -30.10 110.44
C LEU X 46 -13.59 -29.43 111.51
N GLY X 47 -12.79 -28.45 111.08
CA GLY X 47 -11.95 -27.73 112.02
C GLY X 47 -12.78 -27.05 113.09
N GLY X 48 -13.94 -26.52 112.67
CA GLY X 48 -14.82 -25.86 113.63
C GLY X 48 -15.36 -26.84 114.66
N GLU X 49 -15.67 -28.06 114.23
CA GLU X 49 -16.18 -29.07 115.14
C GLU X 49 -15.11 -29.45 116.17
N LEU X 50 -13.87 -29.59 115.70
CA LEU X 50 -12.78 -29.94 116.60
C LEU X 50 -12.56 -28.84 117.64
N CYS X 51 -12.76 -27.60 117.20
CA CYS X 51 -12.53 -26.46 118.08
C CYS X 51 -13.61 -26.22 119.14
N ILE X 52 -14.85 -26.09 118.71
CA ILE X 52 -15.96 -25.82 119.64
C ILE X 52 -16.59 -27.03 120.33
N PRO X 53 -16.60 -26.98 121.66
CA PRO X 53 -17.22 -28.01 122.49
C PRO X 53 -18.74 -28.00 122.37
N GLY X 54 -19.33 -29.19 122.24
CA GLY X 54 -20.77 -29.30 122.12
C GLY X 54 -21.24 -29.00 120.71
N HIS X 55 -20.30 -28.70 119.82
CA HIS X 55 -20.65 -28.39 118.44
C HIS X 55 -20.21 -29.48 117.47
N ALA X 56 -21.13 -29.90 116.60
CA ALA X 56 -20.86 -30.92 115.60
C ALA X 56 -21.20 -30.37 114.21
N ALA X 57 -20.50 -30.87 113.19
CA ALA X 57 -20.74 -30.39 111.83
C ALA X 57 -20.65 -31.50 110.79
N ILE X 58 -19.80 -32.49 111.04
CA ILE X 58 -19.64 -33.60 110.10
C ILE X 58 -20.67 -34.68 110.38
N THR X 59 -21.44 -35.02 109.35
CA THR X 59 -22.51 -36.01 109.45
C THR X 59 -22.34 -37.19 108.50
N GLU X 60 -23.27 -38.14 108.59
CA GLU X 60 -23.23 -39.30 107.71
C GLU X 60 -23.25 -38.84 106.26
N ASP X 61 -23.99 -37.76 106.00
CA ASP X 61 -24.08 -37.21 104.65
C ASP X 61 -22.71 -36.85 104.07
N HIS X 62 -21.82 -36.35 104.93
CA HIS X 62 -20.48 -35.98 104.50
C HIS X 62 -19.70 -37.25 104.15
N LEU X 63 -19.84 -38.25 105.01
CA LEU X 63 -19.15 -39.52 104.80
C LEU X 63 -19.69 -40.20 103.54
N LEU X 64 -21.00 -40.17 103.37
CA LEU X 64 -21.64 -40.77 102.21
C LEU X 64 -21.14 -40.16 100.91
N ARG X 65 -20.98 -38.84 100.90
CA ARG X 65 -20.50 -38.15 99.71
C ARG X 65 -19.09 -38.59 99.36
N LEU X 66 -18.25 -38.77 100.37
CA LEU X 66 -16.88 -39.22 100.14
C LEU X 66 -16.91 -40.64 99.59
N ALA X 67 -17.74 -41.49 100.21
CA ALA X 67 -17.87 -42.88 99.76
C ALA X 67 -18.29 -42.90 98.30
N LEU X 68 -19.19 -42.00 97.94
CA LEU X 68 -19.68 -41.91 96.57
C LEU X 68 -18.57 -41.52 95.61
N TRP X 69 -17.74 -40.55 96.00
CA TRP X 69 -16.66 -40.11 95.13
C TRP X 69 -15.62 -41.22 94.97
N LEU X 70 -15.37 -41.97 96.03
CA LEU X 70 -14.41 -43.07 95.97
C LEU X 70 -14.88 -44.11 94.96
N VAL X 71 -16.13 -44.55 95.11
CA VAL X 71 -16.69 -45.54 94.19
C VAL X 71 -16.64 -45.01 92.77
N HIS X 72 -17.07 -43.76 92.60
CA HIS X 72 -17.10 -43.14 91.27
C HIS X 72 -15.74 -43.09 90.56
N TYR X 73 -14.78 -42.40 91.16
CA TYR X 73 -13.47 -42.27 90.55
C TYR X 73 -12.71 -43.58 90.41
N ASN X 74 -12.92 -44.50 91.35
CA ASN X 74 -12.26 -45.79 91.28
C ASN X 74 -12.80 -46.61 90.10
N GLY X 75 -14.11 -46.49 89.85
CA GLY X 75 -14.71 -47.22 88.75
C GLY X 75 -14.41 -46.52 87.44
N GLN X 76 -13.56 -45.50 87.51
CA GLN X 76 -13.18 -44.73 86.34
C GLN X 76 -11.69 -44.96 86.06
N LEU X 77 -11.09 -45.85 86.87
CA LEU X 77 -9.68 -46.18 86.74
C LEU X 77 -9.48 -47.67 86.58
N PRO X 78 -8.34 -48.08 86.01
CA PRO X 78 -8.07 -49.51 85.84
C PRO X 78 -7.61 -50.03 87.20
N PRO X 79 -7.71 -51.34 87.44
CA PRO X 79 -7.29 -51.90 88.72
C PRO X 79 -5.81 -51.68 89.03
N LEU X 80 -5.49 -51.57 90.31
CA LEU X 80 -4.11 -51.35 90.75
C LEU X 80 -3.28 -52.59 90.44
N GLU X 81 -2.21 -52.42 89.66
CA GLU X 81 -1.37 -53.54 89.28
C GLU X 81 -0.13 -53.74 90.15
N GLU X 82 0.28 -52.69 90.84
CA GLU X 82 1.47 -52.77 91.70
C GLU X 82 1.50 -51.58 92.66
N PHE X 83 2.38 -51.63 93.66
CA PHE X 83 2.51 -50.54 94.60
C PHE X 83 2.87 -49.29 93.80
N ILE X 84 2.29 -48.16 94.18
CA ILE X 84 2.55 -46.89 93.49
C ILE X 84 3.44 -45.98 94.32
N LEU X 85 4.30 -45.22 93.64
CA LEU X 85 5.18 -44.27 94.30
C LEU X 85 4.52 -42.91 94.12
N PRO X 86 4.54 -42.06 95.15
CA PRO X 86 3.88 -40.77 94.98
C PRO X 86 4.61 -39.90 93.96
N GLY X 87 3.90 -39.53 92.89
CA GLY X 87 4.50 -38.70 91.86
C GLY X 87 3.77 -38.80 90.53
N GLY X 88 4.37 -38.22 89.49
CA GLY X 88 3.78 -38.23 88.17
C GLY X 88 3.56 -36.80 87.71
N ALA X 89 2.39 -36.51 87.16
CA ALA X 89 2.10 -35.15 86.72
C ALA X 89 2.12 -34.31 87.99
N ARG X 90 2.41 -33.02 87.85
CA ARG X 90 2.46 -32.15 89.03
C ARG X 90 1.19 -32.25 89.86
N GLY X 91 0.04 -32.29 89.19
CA GLY X 91 -1.22 -32.38 89.90
C GLY X 91 -1.27 -33.63 90.75
N ALA X 92 -0.90 -34.76 90.15
CA ALA X 92 -0.90 -36.03 90.86
C ALA X 92 0.05 -35.99 92.06
N ALA X 93 1.23 -35.42 91.86
CA ALA X 93 2.23 -35.32 92.93
C ALA X 93 1.70 -34.49 94.10
N LEU X 94 1.04 -33.38 93.80
CA LEU X 94 0.46 -32.53 94.84
C LEU X 94 -0.65 -33.29 95.57
N ALA X 95 -1.45 -34.04 94.83
CA ALA X 95 -2.53 -34.81 95.43
C ALA X 95 -1.94 -35.78 96.46
N HIS X 96 -0.80 -36.37 96.12
CA HIS X 96 -0.14 -37.29 97.05
C HIS X 96 0.35 -36.56 98.28
N VAL X 97 0.81 -35.32 98.12
CA VAL X 97 1.26 -34.56 99.28
C VAL X 97 0.01 -34.30 100.14
N CYS X 98 -1.10 -33.96 99.51
CA CYS X 98 -2.33 -33.72 100.25
C CYS X 98 -2.71 -35.00 101.00
N ARG X 99 -2.54 -36.13 100.33
CA ARG X 99 -2.86 -37.42 100.93
C ARG X 99 -2.07 -37.63 102.23
N THR X 100 -0.76 -37.39 102.18
CA THR X 100 0.07 -37.58 103.35
C THR X 100 -0.22 -36.57 104.47
N VAL X 101 -0.59 -35.35 104.11
CA VAL X 101 -0.90 -34.35 105.14
C VAL X 101 -2.25 -34.70 105.76
N CYS X 102 -3.14 -35.29 104.96
CA CYS X 102 -4.44 -35.70 105.46
C CYS X 102 -4.23 -36.83 106.48
N ARG X 103 -3.33 -37.74 106.18
CA ARG X 103 -3.05 -38.85 107.11
C ARG X 103 -2.44 -38.29 108.38
N ARG X 104 -1.64 -37.23 108.26
CA ARG X 104 -1.02 -36.60 109.41
C ARG X 104 -2.12 -36.00 110.28
N ALA X 105 -3.11 -35.38 109.65
CA ALA X 105 -4.22 -34.77 110.37
C ALA X 105 -5.05 -35.86 111.05
N GLU X 106 -5.19 -37.00 110.38
CA GLU X 106 -5.94 -38.11 110.95
C GLU X 106 -5.25 -38.60 112.23
N ARG X 107 -3.93 -38.65 112.22
CA ARG X 107 -3.20 -39.09 113.42
C ARG X 107 -3.47 -38.13 114.59
N SER X 108 -3.48 -36.84 114.30
CA SER X 108 -3.73 -35.82 115.32
C SER X 108 -5.17 -35.87 115.82
N ILE X 109 -6.10 -36.16 114.92
CA ILE X 109 -7.51 -36.24 115.28
C ILE X 109 -7.73 -37.47 116.15
N LYS X 110 -7.02 -38.56 115.82
CA LYS X 110 -7.13 -39.79 116.60
C LYS X 110 -6.56 -39.54 118.01
N ALA X 111 -5.44 -38.82 118.08
CA ALA X 111 -4.83 -38.51 119.36
C ALA X 111 -5.80 -37.66 120.21
N LEU X 112 -6.44 -36.70 119.57
CA LEU X 112 -7.38 -35.82 120.25
C LEU X 112 -8.54 -36.62 120.84
N GLY X 113 -9.11 -37.51 120.04
CA GLY X 113 -10.22 -38.33 120.49
C GLY X 113 -9.85 -39.23 121.65
N ALA X 114 -8.56 -39.48 121.82
CA ALA X 114 -8.11 -40.36 122.90
C ALA X 114 -8.03 -39.62 124.23
N SER X 115 -7.93 -38.30 124.20
CA SER X 115 -7.83 -37.50 125.42
C SER X 115 -9.05 -36.64 125.70
N GLU X 116 -10.00 -36.63 124.78
CA GLU X 116 -11.21 -35.84 124.94
C GLU X 116 -12.38 -36.47 124.20
N PRO X 117 -13.62 -36.27 124.71
CA PRO X 117 -14.78 -36.85 124.05
C PRO X 117 -14.93 -36.18 122.68
N LEU X 118 -15.01 -36.99 121.63
CA LEU X 118 -15.12 -36.49 120.28
C LEU X 118 -15.97 -37.45 119.46
N ASN X 119 -16.78 -36.91 118.56
CA ASN X 119 -17.60 -37.78 117.72
C ASN X 119 -16.66 -38.54 116.79
N ILE X 120 -17.12 -39.64 116.23
CA ILE X 120 -16.29 -40.44 115.34
C ILE X 120 -16.23 -39.91 113.91
N ALA X 121 -17.18 -39.08 113.54
CA ALA X 121 -17.25 -38.55 112.18
C ALA X 121 -15.97 -37.88 111.67
N PRO X 122 -15.33 -37.03 112.49
CA PRO X 122 -14.10 -36.38 112.00
C PRO X 122 -13.01 -37.35 111.53
N ALA X 123 -12.66 -38.35 112.35
CA ALA X 123 -11.63 -39.29 111.91
C ALA X 123 -12.10 -40.13 110.73
N ALA X 124 -13.39 -40.49 110.71
CA ALA X 124 -13.92 -41.29 109.61
C ALA X 124 -13.88 -40.47 108.32
N TYR X 125 -14.07 -39.16 108.45
CA TYR X 125 -14.02 -38.28 107.28
C TYR X 125 -12.63 -38.26 106.66
N VAL X 126 -11.61 -37.95 107.47
CA VAL X 126 -10.26 -37.90 106.95
C VAL X 126 -9.71 -39.26 106.55
N ASN X 127 -10.26 -40.33 107.13
CA ASN X 127 -9.82 -41.68 106.79
C ASN X 127 -10.22 -41.89 105.32
N LEU X 128 -11.46 -41.52 105.00
CA LEU X 128 -11.94 -41.63 103.64
C LEU X 128 -11.25 -40.66 102.70
N LEU X 129 -11.01 -39.44 103.18
CA LEU X 129 -10.36 -38.41 102.36
C LEU X 129 -8.97 -38.83 101.91
N SER X 130 -8.21 -39.47 102.81
CA SER X 130 -6.86 -39.92 102.46
C SER X 130 -6.96 -40.89 101.28
N ASP X 131 -7.91 -41.82 101.37
CA ASP X 131 -8.09 -42.80 100.31
C ASP X 131 -8.52 -42.11 99.01
N LEU X 132 -9.39 -41.12 99.12
CA LEU X 132 -9.87 -40.40 97.93
C LEU X 132 -8.76 -39.60 97.26
N LEU X 133 -7.87 -38.99 98.05
CA LEU X 133 -6.77 -38.22 97.49
C LEU X 133 -5.83 -39.15 96.73
N PHE X 134 -5.71 -40.39 97.20
CA PHE X 134 -4.86 -41.38 96.52
C PHE X 134 -5.48 -41.67 95.17
N VAL X 135 -6.80 -41.87 95.16
CA VAL X 135 -7.55 -42.16 93.94
C VAL X 135 -7.49 -40.98 92.98
N LEU X 136 -7.68 -39.77 93.50
CA LEU X 136 -7.65 -38.58 92.66
C LEU X 136 -6.26 -38.38 92.04
N ALA X 137 -5.22 -38.80 92.74
CA ALA X 137 -3.87 -38.68 92.19
C ALA X 137 -3.79 -39.54 90.93
N ARG X 138 -4.35 -40.74 90.99
CA ARG X 138 -4.33 -41.63 89.84
C ARG X 138 -5.15 -41.04 88.70
N VAL X 139 -6.28 -40.41 89.04
CA VAL X 139 -7.13 -39.79 88.04
C VAL X 139 -6.39 -38.66 87.34
N LEU X 140 -5.63 -37.88 88.11
CA LEU X 140 -4.87 -36.77 87.53
C LEU X 140 -3.73 -37.24 86.64
N ASN X 141 -3.10 -38.35 86.99
CA ASN X 141 -2.01 -38.86 86.15
C ASN X 141 -2.66 -39.30 84.83
N ARG X 142 -3.82 -39.95 84.96
CA ARG X 142 -4.58 -40.42 83.82
C ARG X 142 -4.97 -39.24 82.93
N ALA X 143 -5.57 -38.22 83.55
CA ALA X 143 -6.01 -37.03 82.84
C ALA X 143 -4.87 -36.28 82.18
N ALA X 144 -3.65 -36.47 82.68
CA ALA X 144 -2.48 -35.80 82.12
C ALA X 144 -1.91 -36.62 80.96
N GLY X 145 -2.55 -37.76 80.68
CA GLY X 145 -2.08 -38.61 79.59
C GLY X 145 -0.92 -39.48 80.04
N GLY X 146 -0.56 -39.38 81.31
CA GLY X 146 0.52 -40.17 81.85
C GLY X 146 0.03 -41.37 82.63
N ALA X 147 0.93 -41.96 83.42
CA ALA X 147 0.58 -43.12 84.23
C ALA X 147 1.20 -43.02 85.62
N ASP X 148 0.72 -43.83 86.56
CA ASP X 148 1.25 -43.82 87.91
C ASP X 148 2.69 -44.32 87.93
N VAL X 149 3.45 -43.85 88.91
CA VAL X 149 4.85 -44.25 89.06
C VAL X 149 4.86 -45.56 89.84
N LEU X 150 5.45 -46.61 89.27
CA LEU X 150 5.46 -47.92 89.93
C LEU X 150 6.78 -48.17 90.64
N TRP X 151 6.78 -49.08 91.61
CA TRP X 151 8.02 -49.36 92.31
C TRP X 151 8.68 -50.63 91.78
N ASP X 152 9.89 -50.91 92.26
CA ASP X 152 10.63 -52.09 91.84
C ASP X 152 9.87 -53.37 92.16
N MET Y 1 1.79 -46.61 121.85
CA MET Y 1 3.18 -46.18 122.02
C MET Y 1 3.98 -46.41 120.74
N GLY Y 2 4.24 -47.67 120.43
CA GLY Y 2 5.00 -48.02 119.24
C GLY Y 2 4.26 -47.56 117.99
N ASP Y 3 2.94 -47.71 117.98
CA ASP Y 3 2.20 -47.30 116.79
C ASP Y 3 2.40 -45.81 116.55
N ASP Y 4 2.32 -45.00 117.59
CA ASP Y 4 2.53 -43.57 117.43
C ASP Y 4 3.96 -43.29 116.98
N ALA Y 5 4.91 -43.95 117.64
CA ALA Y 5 6.33 -43.80 117.31
C ALA Y 5 6.64 -44.35 115.93
N ARG Y 6 6.04 -45.49 115.63
CA ARG Y 6 6.22 -46.19 114.35
C ARG Y 6 5.35 -45.62 113.23
N ILE Y 7 4.03 -45.49 113.44
CA ILE Y 7 3.10 -44.96 112.45
C ILE Y 7 3.47 -43.53 112.05
N ALA Y 8 3.99 -42.76 113.01
CA ALA Y 8 4.38 -41.39 112.74
C ALA Y 8 5.62 -41.34 111.84
N ALA Y 9 6.60 -42.20 112.12
CA ALA Y 9 7.83 -42.24 111.33
C ALA Y 9 7.49 -42.65 109.89
N ILE Y 10 6.65 -43.66 109.76
CA ILE Y 10 6.23 -44.13 108.43
C ILE Y 10 5.55 -42.99 107.67
N GLY Y 11 4.67 -42.27 108.36
CA GLY Y 11 3.98 -41.16 107.72
C GLY Y 11 4.91 -40.05 107.26
N ASP Y 12 5.90 -39.70 108.07
CA ASP Y 12 6.84 -38.64 107.68
C ASP Y 12 7.70 -39.06 106.48
N VAL Y 13 8.06 -40.34 106.41
CA VAL Y 13 8.85 -40.82 105.29
C VAL Y 13 7.98 -40.72 104.03
N ASP Y 14 6.70 -41.04 104.19
CA ASP Y 14 5.73 -40.99 103.12
C ASP Y 14 5.57 -39.54 102.65
N GLU Y 15 5.47 -38.61 103.62
CA GLU Y 15 5.32 -37.20 103.30
C GLU Y 15 6.56 -36.70 102.53
N LEU Y 16 7.73 -37.11 102.99
CA LEU Y 16 8.99 -36.74 102.34
C LEU Y 16 8.97 -37.26 100.90
N ASN Y 17 8.64 -38.54 100.73
CA ASN Y 17 8.61 -39.14 99.41
C ASN Y 17 7.64 -38.39 98.49
N SER Y 18 6.53 -37.91 99.04
CA SER Y 18 5.56 -37.16 98.27
C SER Y 18 6.10 -35.81 97.88
N GLN Y 19 6.86 -35.18 98.77
CA GLN Y 19 7.45 -33.88 98.45
C GLN Y 19 8.47 -34.06 97.34
N ILE Y 20 9.16 -35.19 97.32
CA ILE Y 20 10.14 -35.47 96.27
C ILE Y 20 9.39 -35.66 94.95
N GLY Y 21 8.17 -36.22 95.04
CA GLY Y 21 7.37 -36.41 93.84
C GLY Y 21 7.02 -35.06 93.23
N VAL Y 22 6.80 -34.06 94.09
CA VAL Y 22 6.48 -32.72 93.61
C VAL Y 22 7.71 -32.13 92.93
N LEU Y 23 8.87 -32.36 93.52
CA LEU Y 23 10.13 -31.86 92.96
C LEU Y 23 10.38 -32.50 91.59
N LEU Y 24 10.02 -33.78 91.46
CA LEU Y 24 10.21 -34.50 90.21
C LEU Y 24 9.27 -34.04 89.10
N ALA Y 25 8.27 -33.24 89.44
CA ALA Y 25 7.33 -32.72 88.45
C ALA Y 25 7.91 -31.47 87.80
N GLU Y 26 9.06 -31.05 88.28
CA GLU Y 26 9.75 -29.86 87.77
C GLU Y 26 10.81 -30.27 86.76
N PRO Y 27 11.27 -29.30 85.95
CA PRO Y 27 12.31 -29.62 84.97
C PRO Y 27 13.59 -29.86 85.78
N LEU Y 28 14.34 -30.90 85.44
CA LEU Y 28 15.55 -31.23 86.18
C LEU Y 28 16.65 -31.78 85.28
N PRO Y 29 17.88 -31.71 85.76
CA PRO Y 29 19.02 -32.26 85.01
C PRO Y 29 18.79 -33.77 84.98
N ASP Y 30 19.03 -34.42 83.85
CA ASP Y 30 18.78 -35.85 83.79
C ASP Y 30 19.39 -36.66 84.92
N ASP Y 31 20.62 -36.31 85.31
CA ASP Y 31 21.28 -37.03 86.39
C ASP Y 31 20.55 -36.84 87.71
N VAL Y 32 20.15 -35.60 88.00
CA VAL Y 32 19.43 -35.30 89.24
C VAL Y 32 18.11 -36.06 89.27
N ARG Y 33 17.41 -36.10 88.14
CA ARG Y 33 16.14 -36.81 88.06
C ARG Y 33 16.34 -38.30 88.35
N ALA Y 34 17.39 -38.89 87.80
CA ALA Y 34 17.67 -40.30 88.02
C ALA Y 34 17.92 -40.59 89.48
N ALA Y 35 18.68 -39.73 90.16
CA ALA Y 35 18.98 -39.93 91.57
C ALA Y 35 17.71 -39.83 92.42
N LEU Y 36 16.94 -38.76 92.21
CA LEU Y 36 15.69 -38.57 92.96
C LEU Y 36 14.71 -39.73 92.76
N SER Y 37 14.55 -40.21 91.53
CA SER Y 37 13.63 -41.30 91.28
C SER Y 37 14.06 -42.56 92.03
N ALA Y 38 15.36 -42.84 92.03
CA ALA Y 38 15.88 -44.01 92.73
C ALA Y 38 15.63 -43.86 94.24
N ILE Y 39 15.82 -42.65 94.74
CA ILE Y 39 15.59 -42.37 96.16
C ILE Y 39 14.14 -42.67 96.54
N GLN Y 40 13.20 -42.36 95.65
CA GLN Y 40 11.80 -42.63 95.94
C GLN Y 40 11.60 -44.12 96.23
N HIS Y 41 12.26 -44.97 95.44
CA HIS Y 41 12.16 -46.41 95.67
C HIS Y 41 12.78 -46.77 97.01
N ASP Y 42 13.91 -46.13 97.32
CA ASP Y 42 14.59 -46.37 98.60
C ASP Y 42 13.66 -46.03 99.76
N LEU Y 43 13.00 -44.88 99.67
CA LEU Y 43 12.10 -44.44 100.72
C LEU Y 43 10.90 -45.37 100.88
N PHE Y 44 10.45 -45.94 99.77
CA PHE Y 44 9.34 -46.87 99.82
C PHE Y 44 9.80 -48.08 100.64
N ASP Y 45 11.00 -48.58 100.32
CA ASP Y 45 11.54 -49.72 101.05
C ASP Y 45 11.81 -49.37 102.51
N LEU Y 46 12.29 -48.16 102.74
CA LEU Y 46 12.59 -47.72 104.10
C LEU Y 46 11.32 -47.74 104.95
N GLY Y 47 10.23 -47.23 104.40
CA GLY Y 47 8.96 -47.23 105.10
C GLY Y 47 8.53 -48.64 105.43
N GLY Y 48 8.78 -49.56 104.50
CA GLY Y 48 8.43 -50.95 104.75
C GLY Y 48 9.22 -51.56 105.88
N GLU Y 49 10.49 -51.18 105.99
CA GLU Y 49 11.34 -51.69 107.06
C GLU Y 49 10.85 -51.18 108.41
N LEU Y 50 10.46 -49.90 108.46
CA LEU Y 50 9.97 -49.33 109.70
C LEU Y 50 8.67 -50.01 110.13
N CYS Y 51 7.86 -50.38 109.15
CA CYS Y 51 6.58 -51.00 109.43
C CYS Y 51 6.64 -52.45 109.89
N ILE Y 52 7.26 -53.31 109.10
CA ILE Y 52 7.33 -54.73 109.42
C ILE Y 52 8.46 -55.17 110.37
N PRO Y 53 8.07 -55.83 111.46
CA PRO Y 53 9.01 -56.37 112.45
C PRO Y 53 9.79 -57.55 111.90
N GLY Y 54 11.10 -57.57 112.15
CA GLY Y 54 11.94 -58.64 111.66
C GLY Y 54 12.31 -58.46 110.20
N HIS Y 55 11.83 -57.38 109.60
CA HIS Y 55 12.12 -57.12 108.19
C HIS Y 55 13.06 -55.93 108.01
N ALA Y 56 14.10 -56.13 107.19
CA ALA Y 56 15.07 -55.09 106.90
C ALA Y 56 15.17 -54.89 105.39
N ALA Y 57 15.50 -53.68 104.96
CA ALA Y 57 15.61 -53.40 103.54
C ALA Y 57 16.75 -52.46 103.19
N ILE Y 58 17.08 -51.54 104.11
CA ILE Y 58 18.16 -50.59 103.88
C ILE Y 58 19.49 -51.20 104.29
N THR Y 59 20.43 -51.22 103.35
CA THR Y 59 21.75 -51.81 103.57
C THR Y 59 22.90 -50.83 103.36
N GLU Y 60 24.12 -51.30 103.58
CA GLU Y 60 25.30 -50.46 103.39
C GLU Y 60 25.31 -49.95 101.95
N ASP Y 61 24.86 -50.78 101.02
CA ASP Y 61 24.82 -50.41 99.61
C ASP Y 61 24.00 -49.15 99.38
N HIS Y 62 22.91 -49.01 100.13
CA HIS Y 62 22.05 -47.83 100.01
C HIS Y 62 22.79 -46.60 100.51
N LEU Y 63 23.46 -46.78 101.66
CA LEU Y 63 24.22 -45.70 102.27
C LEU Y 63 25.38 -45.30 101.36
N LEU Y 64 26.06 -46.31 100.81
CA LEU Y 64 27.20 -46.08 99.92
C LEU Y 64 26.79 -45.26 98.69
N ARG Y 65 25.61 -45.58 98.14
CA ARG Y 65 25.14 -44.85 96.96
C ARG Y 65 24.89 -43.39 97.29
N LEU Y 66 24.34 -43.13 98.47
CA LEU Y 66 24.09 -41.74 98.89
C LEU Y 66 25.44 -41.04 99.07
N ALA Y 67 26.38 -41.71 99.73
CA ALA Y 67 27.71 -41.14 99.94
C ALA Y 67 28.32 -40.78 98.60
N LEU Y 68 28.13 -41.66 97.61
CA LEU Y 68 28.67 -41.42 96.29
C LEU Y 68 28.06 -40.21 95.63
N TRP Y 69 26.74 -40.05 95.76
CA TRP Y 69 26.07 -38.89 95.17
C TRP Y 69 26.51 -37.61 95.83
N LEU Y 70 26.72 -37.66 97.15
CA LEU Y 70 27.17 -36.47 97.89
C LEU Y 70 28.53 -36.02 97.36
N VAL Y 71 29.48 -36.96 97.32
CA VAL Y 71 30.81 -36.65 96.83
C VAL Y 71 30.73 -36.11 95.41
N HIS Y 72 29.98 -36.80 94.57
CA HIS Y 72 29.82 -36.40 93.18
C HIS Y 72 29.30 -34.99 92.96
N TYR Y 73 28.10 -34.72 93.43
CA TYR Y 73 27.49 -33.41 93.25
C TYR Y 73 28.24 -32.29 93.96
N ASN Y 74 28.84 -32.58 95.09
CA ASN Y 74 29.59 -31.57 95.82
C ASN Y 74 30.85 -31.19 95.04
N GLY Y 75 31.47 -32.16 94.39
CA GLY Y 75 32.67 -31.90 93.62
C GLY Y 75 32.30 -31.27 92.28
N GLN Y 76 31.02 -30.95 92.13
CA GLN Y 76 30.51 -30.35 90.92
C GLN Y 76 30.03 -28.93 91.23
N LEU Y 77 30.25 -28.53 92.49
CA LEU Y 77 29.86 -27.20 92.96
C LEU Y 77 31.03 -26.46 93.57
N PRO Y 78 30.95 -25.13 93.61
CA PRO Y 78 32.03 -24.34 94.20
C PRO Y 78 31.86 -24.43 95.70
N PRO Y 79 32.93 -24.18 96.48
CA PRO Y 79 32.83 -24.25 97.94
C PRO Y 79 31.82 -23.27 98.53
N LEU Y 80 31.23 -23.65 99.65
CA LEU Y 80 30.25 -22.83 100.33
C LEU Y 80 30.95 -21.58 100.88
N GLU Y 81 30.48 -20.39 100.47
CA GLU Y 81 31.08 -19.14 100.91
C GLU Y 81 30.39 -18.48 102.10
N GLU Y 82 29.14 -18.83 102.33
CA GLU Y 82 28.38 -18.24 103.43
C GLU Y 82 27.13 -19.08 103.70
N PHE Y 83 26.47 -18.80 104.83
CA PHE Y 83 25.24 -19.52 105.15
C PHE Y 83 24.24 -19.26 104.03
N ILE Y 84 23.50 -20.30 103.65
CA ILE Y 84 22.52 -20.19 102.59
C ILE Y 84 21.10 -20.17 103.13
N LEU Y 85 20.23 -19.41 102.46
CA LEU Y 85 18.83 -19.32 102.85
C LEU Y 85 18.09 -20.23 101.88
N PRO Y 86 17.10 -20.99 102.36
CA PRO Y 86 16.41 -21.89 101.43
C PRO Y 86 15.61 -21.11 100.40
N GLY Y 87 15.94 -21.30 99.13
CA GLY Y 87 15.24 -20.61 98.07
C GLY Y 87 16.04 -20.54 96.78
N GLY Y 88 15.55 -19.76 95.82
CA GLY Y 88 16.21 -19.61 94.54
C GLY Y 88 15.26 -20.05 93.44
N ALA Y 89 15.76 -20.84 92.50
CA ALA Y 89 14.91 -21.33 91.42
C ALA Y 89 13.85 -22.20 92.11
N ARG Y 90 12.69 -22.35 91.49
CA ARG Y 90 11.62 -23.15 92.10
C ARG Y 90 12.11 -24.54 92.46
N GLY Y 91 12.89 -25.15 91.57
CA GLY Y 91 13.41 -26.47 91.83
C GLY Y 91 14.24 -26.49 93.10
N ALA Y 92 15.14 -25.53 93.23
CA ALA Y 92 16.00 -25.43 94.41
C ALA Y 92 15.18 -25.24 95.68
N ALA Y 93 14.17 -24.37 95.60
CA ALA Y 93 13.30 -24.10 96.75
C ALA Y 93 12.57 -25.36 97.20
N LEU Y 94 12.07 -26.14 96.24
CA LEU Y 94 11.37 -27.39 96.56
C LEU Y 94 12.34 -28.38 97.19
N ALA Y 95 13.57 -28.43 96.66
CA ALA Y 95 14.58 -29.34 97.20
C ALA Y 95 14.81 -29.01 98.68
N HIS Y 96 14.81 -27.73 99.01
CA HIS Y 96 15.00 -27.31 100.40
C HIS Y 96 13.81 -27.74 101.26
N VAL Y 97 12.61 -27.70 100.69
CA VAL Y 97 11.44 -28.16 101.44
C VAL Y 97 11.62 -29.65 101.68
N CYS Y 98 12.06 -30.38 100.66
CA CYS Y 98 12.28 -31.81 100.80
C CYS Y 98 13.31 -32.04 101.90
N ARG Y 99 14.35 -31.21 101.91
CA ARG Y 99 15.41 -31.31 102.91
C ARG Y 99 14.84 -31.21 104.33
N THR Y 100 13.99 -30.21 104.56
CA THR Y 100 13.42 -30.02 105.89
C THR Y 100 12.44 -31.12 106.28
N VAL Y 101 11.71 -31.67 105.31
CA VAL Y 101 10.77 -32.74 105.61
C VAL Y 101 11.56 -34.02 105.90
N CYS Y 102 12.71 -34.16 105.24
CA CYS Y 102 13.55 -35.33 105.45
C CYS Y 102 14.11 -35.25 106.88
N ARG Y 103 14.49 -34.06 107.31
CA ARG Y 103 15.01 -33.91 108.68
C ARG Y 103 13.90 -34.19 109.69
N ARG Y 104 12.67 -33.84 109.32
CA ARG Y 104 11.52 -34.09 110.20
C ARG Y 104 11.34 -35.60 110.33
N ALA Y 105 11.49 -36.32 109.21
CA ALA Y 105 11.35 -37.79 109.22
C ALA Y 105 12.48 -38.40 110.04
N GLU Y 106 13.67 -37.81 109.95
CA GLU Y 106 14.81 -38.32 110.71
C GLU Y 106 14.52 -38.21 112.21
N ARG Y 107 13.92 -37.10 112.63
CA ARG Y 107 13.58 -36.93 114.04
C ARG Y 107 12.62 -38.02 114.50
N SER Y 108 11.62 -38.32 113.68
CA SER Y 108 10.64 -39.35 114.00
C SER Y 108 11.27 -40.75 114.01
N ILE Y 109 12.21 -40.99 113.10
CA ILE Y 109 12.89 -42.27 113.02
C ILE Y 109 13.78 -42.44 114.25
N LYS Y 110 14.40 -41.36 114.69
CA LYS Y 110 15.26 -41.39 115.87
C LYS Y 110 14.40 -41.68 117.10
N ALA Y 111 13.23 -41.04 117.17
CA ALA Y 111 12.31 -41.26 118.29
C ALA Y 111 11.86 -42.72 118.33
N LEU Y 112 11.57 -43.27 117.15
CA LEU Y 112 11.13 -44.66 117.05
C LEU Y 112 12.21 -45.60 117.56
N GLY Y 113 13.45 -45.39 117.12
CA GLY Y 113 14.54 -46.24 117.55
C GLY Y 113 14.80 -46.18 119.04
N ALA Y 114 14.32 -45.11 119.68
CA ALA Y 114 14.51 -44.97 121.12
C ALA Y 114 13.51 -45.78 121.93
N SER Y 115 12.38 -46.13 121.32
CA SER Y 115 11.34 -46.89 122.02
C SER Y 115 11.17 -48.31 121.50
N GLU Y 116 11.88 -48.65 120.44
CA GLU Y 116 11.80 -49.98 119.85
C GLU Y 116 13.10 -50.37 119.17
N PRO Y 117 13.41 -51.69 119.14
CA PRO Y 117 14.65 -52.13 118.50
C PRO Y 117 14.54 -51.83 117.02
N LEU Y 118 15.53 -51.12 116.48
CA LEU Y 118 15.52 -50.75 115.07
C LEU Y 118 16.97 -50.72 114.58
N ASN Y 119 17.17 -51.14 113.33
CA ASN Y 119 18.52 -51.12 112.77
C ASN Y 119 18.92 -49.65 112.62
N ILE Y 120 20.22 -49.40 112.52
CA ILE Y 120 20.71 -48.04 112.38
C ILE Y 120 20.63 -47.49 110.96
N ALA Y 121 20.52 -48.37 109.98
CA ALA Y 121 20.47 -47.96 108.58
C ALA Y 121 19.43 -46.90 108.24
N PRO Y 122 18.18 -47.05 108.71
CA PRO Y 122 17.17 -46.04 108.38
C PRO Y 122 17.55 -44.60 108.76
N ALA Y 123 17.99 -44.37 109.99
CA ALA Y 123 18.36 -43.00 110.36
C ALA Y 123 19.60 -42.55 109.62
N ALA Y 124 20.55 -43.46 109.38
CA ALA Y 124 21.77 -43.11 108.66
C ALA Y 124 21.42 -42.74 107.22
N TYR Y 125 20.41 -43.39 106.67
CA TYR Y 125 19.98 -43.11 105.30
C TYR Y 125 19.43 -41.69 105.18
N VAL Y 126 18.45 -41.35 106.03
CA VAL Y 126 17.87 -40.02 105.97
C VAL Y 126 18.82 -38.92 106.43
N ASN Y 127 19.83 -39.28 107.23
CA ASN Y 127 20.82 -38.31 107.69
C ASN Y 127 21.57 -37.86 106.43
N LEU Y 128 21.97 -38.84 105.63
CA LEU Y 128 22.68 -38.56 104.39
C LEU Y 128 21.79 -37.87 103.37
N LEU Y 129 20.54 -38.33 103.28
CA LEU Y 129 19.59 -37.76 102.32
C LEU Y 129 19.35 -36.28 102.56
N SER Y 130 19.26 -35.86 103.82
CA SER Y 130 19.05 -34.45 104.14
C SER Y 130 20.22 -33.65 103.56
N ASP Y 131 21.43 -34.14 103.77
CA ASP Y 131 22.62 -33.46 103.27
C ASP Y 131 22.61 -33.42 101.74
N LEU Y 132 22.20 -34.53 101.11
CA LEU Y 132 22.17 -34.60 99.66
C LEU Y 132 21.12 -33.64 99.06
N LEU Y 133 19.98 -33.51 99.72
CA LEU Y 133 18.95 -32.61 99.22
C LEU Y 133 19.45 -31.17 99.28
N PHE Y 134 20.29 -30.86 100.28
CA PHE Y 134 20.86 -29.53 100.42
C PHE Y 134 21.77 -29.28 99.22
N VAL Y 135 22.59 -30.29 98.91
CA VAL Y 135 23.54 -30.22 97.80
C VAL Y 135 22.79 -30.12 96.47
N LEU Y 136 21.75 -30.94 96.30
CA LEU Y 136 20.99 -30.91 95.07
C LEU Y 136 20.30 -29.56 94.87
N ALA Y 137 19.93 -28.89 95.96
CA ALA Y 137 19.31 -27.59 95.84
C ALA Y 137 20.32 -26.63 95.20
N ARG Y 138 21.56 -26.71 95.64
CA ARG Y 138 22.60 -25.85 95.08
C ARG Y 138 22.83 -26.19 93.61
N VAL Y 139 22.79 -27.47 93.28
CA VAL Y 139 22.96 -27.91 91.90
C VAL Y 139 21.86 -27.35 91.01
N LEU Y 140 20.63 -27.35 91.53
CA LEU Y 140 19.49 -26.85 90.76
C LEU Y 140 19.54 -25.34 90.58
N ASN Y 141 20.05 -24.61 91.56
CA ASN Y 141 20.16 -23.17 91.40
C ASN Y 141 21.20 -22.92 90.31
N ARG Y 142 22.28 -23.70 90.37
CA ARG Y 142 23.37 -23.62 89.40
C ARG Y 142 22.81 -23.91 88.00
N ALA Y 143 22.12 -25.04 87.88
CA ALA Y 143 21.55 -25.47 86.61
C ALA Y 143 20.53 -24.49 86.05
N ALA Y 144 19.94 -23.67 86.92
CA ALA Y 144 18.97 -22.68 86.48
C ALA Y 144 19.67 -21.39 86.06
N GLY Y 145 20.99 -21.39 86.15
CA GLY Y 145 21.76 -20.21 85.77
C GLY Y 145 21.77 -19.18 86.89
N GLY Y 146 21.17 -19.52 88.02
CA GLY Y 146 21.13 -18.62 89.15
C GLY Y 146 22.15 -18.99 90.21
N ALA Y 147 21.98 -18.44 91.41
CA ALA Y 147 22.90 -18.71 92.51
C ALA Y 147 22.12 -18.90 93.82
N ASP Y 148 22.78 -19.45 94.82
CA ASP Y 148 22.14 -19.66 96.11
C ASP Y 148 21.82 -18.33 96.79
N VAL Y 149 20.79 -18.33 97.62
CA VAL Y 149 20.39 -17.12 98.34
C VAL Y 149 21.26 -17.04 99.60
N LEU Y 150 21.98 -15.94 99.78
CA LEU Y 150 22.87 -15.79 100.93
C LEU Y 150 22.24 -14.97 102.03
N TRP Y 151 22.72 -15.13 103.26
CA TRP Y 151 22.14 -14.35 104.35
C TRP Y 151 23.00 -13.13 104.67
N ASP Y 152 22.49 -12.28 105.57
CA ASP Y 152 23.21 -11.07 105.97
C ASP Y 152 24.56 -11.42 106.59
N MET Z 1 14.96 -34.22 125.78
CA MET Z 1 13.87 -33.33 126.15
C MET Z 1 14.00 -31.99 125.43
N GLY Z 2 14.99 -31.20 125.82
CA GLY Z 2 15.21 -29.89 125.22
C GLY Z 2 15.55 -30.05 123.73
N ASP Z 3 16.33 -31.07 123.40
CA ASP Z 3 16.70 -31.24 122.00
C ASP Z 3 15.44 -31.48 121.17
N ASP Z 4 14.53 -32.31 121.66
CA ASP Z 4 13.30 -32.55 120.92
C ASP Z 4 12.46 -31.28 120.84
N ALA Z 5 12.35 -30.59 121.98
CA ALA Z 5 11.60 -29.34 122.06
C ALA Z 5 12.27 -28.24 121.25
N ARG Z 6 13.60 -28.19 121.35
CA ARG Z 6 14.42 -27.20 120.65
C ARG Z 6 14.70 -27.57 119.20
N ILE Z 7 15.20 -28.77 118.91
CA ILE Z 7 15.51 -29.25 117.57
C ILE Z 7 14.25 -29.25 116.68
N ALA Z 8 13.10 -29.54 117.29
CA ALA Z 8 11.84 -29.55 116.54
C ALA Z 8 11.42 -28.14 116.14
N ALA Z 9 11.56 -27.19 117.06
CA ALA Z 9 11.20 -25.81 116.78
C ALA Z 9 12.09 -25.26 115.67
N ILE Z 10 13.38 -25.53 115.77
CA ILE Z 10 14.34 -25.08 114.75
C ILE Z 10 13.94 -25.65 113.40
N GLY Z 11 13.61 -26.94 113.38
CA GLY Z 11 13.21 -27.58 112.13
C GLY Z 11 11.97 -26.97 111.50
N ASP Z 12 10.95 -26.68 112.32
CA ASP Z 12 9.72 -26.09 111.79
C ASP Z 12 9.96 -24.68 111.24
N VAL Z 13 10.85 -23.92 111.87
CA VAL Z 13 11.15 -22.58 111.38
C VAL Z 13 11.85 -22.73 110.03
N ASP Z 14 12.70 -23.73 109.93
CA ASP Z 14 13.45 -24.03 108.71
C ASP Z 14 12.45 -24.43 107.61
N GLU Z 15 11.49 -25.28 107.96
CA GLU Z 15 10.49 -25.73 107.00
C GLU Z 15 9.66 -24.54 106.50
N LEU Z 16 9.29 -23.66 107.42
CA LEU Z 16 8.53 -22.46 107.09
C LEU Z 16 9.35 -21.60 106.12
N ASN Z 17 10.61 -21.36 106.46
CA ASN Z 17 11.49 -20.56 105.63
C ASN Z 17 11.60 -21.15 104.21
N SER Z 18 11.62 -22.48 104.14
CA SER Z 18 11.71 -23.16 102.85
C SER Z 18 10.42 -22.98 102.06
N GLN Z 19 9.28 -23.01 102.75
CA GLN Z 19 8.02 -22.82 102.06
C GLN Z 19 7.95 -21.41 101.51
N ILE Z 20 8.53 -20.45 102.23
CA ILE Z 20 8.55 -19.07 101.76
C ILE Z 20 9.45 -18.98 100.52
N GLY Z 21 10.48 -19.81 100.50
CA GLY Z 21 11.37 -19.83 99.34
C GLY Z 21 10.60 -20.28 98.11
N VAL Z 22 9.67 -21.21 98.30
CA VAL Z 22 8.86 -21.70 97.19
C VAL Z 22 7.93 -20.59 96.72
N LEU Z 23 7.37 -19.85 97.66
CA LEU Z 23 6.48 -18.73 97.34
C LEU Z 23 7.27 -17.66 96.56
N LEU Z 24 8.52 -17.45 96.93
CA LEU Z 24 9.35 -16.45 96.27
C LEU Z 24 9.75 -16.84 94.84
N ALA Z 25 9.50 -18.09 94.47
CA ALA Z 25 9.83 -18.55 93.12
C ALA Z 25 8.68 -18.21 92.18
N GLU Z 26 7.61 -17.64 92.74
CA GLU Z 26 6.44 -17.25 91.97
C GLU Z 26 6.52 -15.77 91.62
N PRO Z 27 5.70 -15.33 90.65
CA PRO Z 27 5.72 -13.91 90.28
C PRO Z 27 5.04 -13.18 91.45
N LEU Z 28 5.62 -12.06 91.86
CA LEU Z 28 5.08 -11.32 92.99
C LEU Z 28 5.22 -9.81 92.83
N PRO Z 29 4.41 -9.06 93.56
CA PRO Z 29 4.50 -7.60 93.52
C PRO Z 29 5.85 -7.25 94.12
N ASP Z 30 6.58 -6.30 93.55
CA ASP Z 30 7.90 -5.99 94.07
C ASP Z 30 7.94 -5.75 95.58
N ASP Z 31 6.93 -5.07 96.11
CA ASP Z 31 6.90 -4.79 97.55
C ASP Z 31 6.75 -6.09 98.34
N VAL Z 32 5.85 -6.97 97.89
CA VAL Z 32 5.64 -8.24 98.58
C VAL Z 32 6.92 -9.06 98.57
N ARG Z 33 7.61 -9.08 97.43
CA ARG Z 33 8.86 -9.83 97.30
C ARG Z 33 9.89 -9.31 98.29
N ALA Z 34 9.99 -7.99 98.41
CA ALA Z 34 10.96 -7.39 99.32
C ALA Z 34 10.66 -7.78 100.77
N ALA Z 35 9.40 -7.78 101.16
CA ALA Z 35 9.03 -8.15 102.52
C ALA Z 35 9.36 -9.60 102.81
N LEU Z 36 8.93 -10.49 101.92
CA LEU Z 36 9.20 -11.93 102.08
C LEU Z 36 10.69 -12.25 102.15
N SER Z 37 11.50 -11.62 101.28
CA SER Z 37 12.94 -11.87 101.31
C SER Z 37 13.55 -11.46 102.65
N ALA Z 38 13.12 -10.31 103.16
CA ALA Z 38 13.63 -9.82 104.44
C ALA Z 38 13.22 -10.79 105.55
N ILE Z 39 12.00 -11.30 105.48
CA ILE Z 39 11.50 -12.24 106.47
C ILE Z 39 12.37 -13.50 106.50
N GLN Z 40 12.82 -13.95 105.33
CA GLN Z 40 13.68 -15.14 105.28
C GLN Z 40 14.92 -14.93 106.14
N HIS Z 41 15.50 -13.72 106.08
CA HIS Z 41 16.67 -13.42 106.88
C HIS Z 41 16.29 -13.43 108.36
N ASP Z 42 15.11 -12.88 108.67
CA ASP Z 42 14.63 -12.86 110.04
C ASP Z 42 14.50 -14.28 110.59
N LEU Z 43 13.91 -15.17 109.78
CA LEU Z 43 13.72 -16.54 110.20
C LEU Z 43 15.04 -17.27 110.39
N PHE Z 44 16.05 -16.92 109.59
CA PHE Z 44 17.35 -17.53 109.74
C PHE Z 44 17.88 -17.13 111.11
N ASP Z 45 17.78 -15.84 111.43
CA ASP Z 45 18.24 -15.35 112.73
C ASP Z 45 17.43 -15.95 113.86
N LEU Z 46 16.12 -16.09 113.65
CA LEU Z 46 15.24 -16.64 114.68
C LEU Z 46 15.67 -18.06 115.02
N GLY Z 47 15.96 -18.85 113.99
CA GLY Z 47 16.39 -20.22 114.20
C GLY Z 47 17.69 -20.25 115.00
N GLY Z 48 18.57 -19.29 114.73
CA GLY Z 48 19.83 -19.22 115.46
C GLY Z 48 19.61 -18.92 116.92
N GLU Z 49 18.63 -18.06 117.22
CA GLU Z 49 18.34 -17.71 118.60
C GLU Z 49 17.80 -18.93 119.35
N LEU Z 50 16.94 -19.70 118.69
CA LEU Z 50 16.37 -20.89 119.31
C LEU Z 50 17.46 -21.92 119.60
N CYS Z 51 18.45 -21.96 118.71
CA CYS Z 51 19.53 -22.94 118.85
C CYS Z 51 20.56 -22.62 119.92
N ILE Z 52 21.16 -21.44 119.84
CA ILE Z 52 22.20 -21.05 120.78
C ILE Z 52 21.75 -20.44 122.10
N PRO Z 53 22.19 -21.05 123.20
CA PRO Z 53 21.90 -20.58 124.55
C PRO Z 53 22.62 -19.27 124.87
N GLY Z 54 21.90 -18.33 125.48
CA GLY Z 54 22.50 -17.06 125.82
C GLY Z 54 22.56 -16.12 124.64
N HIS Z 55 22.08 -16.59 123.49
CA HIS Z 55 22.10 -15.77 122.27
C HIS Z 55 20.70 -15.32 121.85
N ALA Z 56 20.56 -14.02 121.58
CA ALA Z 56 19.28 -13.45 121.15
C ALA Z 56 19.49 -12.73 119.82
N ALA Z 57 18.45 -12.65 119.00
CA ALA Z 57 18.55 -12.00 117.71
C ALA Z 57 17.29 -11.22 117.33
N ILE Z 58 16.13 -11.70 117.77
CA ILE Z 58 14.86 -11.04 117.47
C ILE Z 58 14.58 -9.95 118.49
N THR Z 59 14.39 -8.73 118.00
CA THR Z 59 14.15 -7.56 118.84
C THR Z 59 12.82 -6.87 118.55
N GLU Z 60 12.53 -5.82 119.33
CA GLU Z 60 11.30 -5.07 119.14
C GLU Z 60 11.26 -4.54 117.70
N ASP Z 61 12.42 -4.18 117.17
CA ASP Z 61 12.53 -3.67 115.81
C ASP Z 61 11.96 -4.65 114.78
N HIS Z 62 12.19 -5.95 115.02
CA HIS Z 62 11.69 -6.98 114.13
C HIS Z 62 10.17 -7.04 114.21
N LEU Z 63 9.67 -6.98 115.44
CA LEU Z 63 8.23 -7.02 115.69
C LEU Z 63 7.57 -5.77 115.10
N LEU Z 64 8.20 -4.63 115.29
CA LEU Z 64 7.69 -3.36 114.79
C LEU Z 64 7.56 -3.39 113.26
N ARG Z 65 8.55 -3.96 112.60
CA ARG Z 65 8.51 -4.04 111.13
C ARG Z 65 7.34 -4.89 110.66
N LEU Z 66 7.09 -5.99 111.37
CA LEU Z 66 5.97 -6.85 111.01
C LEU Z 66 4.66 -6.09 111.23
N ALA Z 67 4.57 -5.42 112.37
CA ALA Z 67 3.37 -4.64 112.69
C ALA Z 67 3.12 -3.62 111.58
N LEU Z 68 4.22 -3.01 111.12
CA LEU Z 68 4.11 -2.03 110.05
C LEU Z 68 3.59 -2.62 108.76
N TRP Z 69 4.09 -3.80 108.39
CA TRP Z 69 3.64 -4.45 107.18
C TRP Z 69 2.18 -4.86 107.27
N LEU Z 70 1.76 -5.29 108.46
CA LEU Z 70 0.37 -5.68 108.66
C LEU Z 70 -0.54 -4.48 108.43
N VAL Z 71 -0.24 -3.38 109.11
CA VAL Z 71 -1.04 -2.17 108.96
C VAL Z 71 -1.06 -1.73 107.50
N HIS Z 72 0.12 -1.71 106.88
CA HIS Z 72 0.24 -1.30 105.48
C HIS Z 72 -0.59 -2.11 104.49
N TYR Z 73 -0.33 -3.41 104.42
CA TYR Z 73 -1.05 -4.26 103.48
C TYR Z 73 -2.54 -4.36 103.77
N ASN Z 74 -2.91 -4.32 105.04
CA ASN Z 74 -4.31 -4.39 105.41
C ASN Z 74 -5.05 -3.14 104.96
N GLY Z 75 -4.38 -1.99 105.05
CA GLY Z 75 -5.00 -0.75 104.64
C GLY Z 75 -4.97 -0.62 103.12
N GLN Z 76 -4.55 -1.69 102.47
CA GLN Z 76 -4.45 -1.74 101.02
C GLN Z 76 -5.47 -2.76 100.50
N LEU Z 77 -6.25 -3.32 101.42
CA LEU Z 77 -7.25 -4.31 101.08
C LEU Z 77 -8.62 -3.90 101.61
N PRO Z 78 -9.69 -4.43 101.00
CA PRO Z 78 -11.04 -4.11 101.46
C PRO Z 78 -11.29 -4.93 102.71
N PRO Z 79 -12.24 -4.52 103.57
CA PRO Z 79 -12.52 -5.26 104.79
C PRO Z 79 -12.98 -6.70 104.54
N LEU Z 80 -12.67 -7.59 105.47
CA LEU Z 80 -13.05 -8.99 105.36
C LEU Z 80 -14.57 -9.10 105.46
N GLU Z 81 -15.20 -9.70 104.44
CA GLU Z 81 -16.65 -9.84 104.41
C GLU Z 81 -17.16 -11.19 104.90
N GLU Z 82 -16.31 -12.20 104.88
CA GLU Z 82 -16.70 -13.54 105.30
C GLU Z 82 -15.47 -14.40 105.54
N PHE Z 83 -15.66 -15.56 106.15
CA PHE Z 83 -14.54 -16.48 106.39
C PHE Z 83 -13.94 -16.83 105.03
N ILE Z 84 -12.62 -16.91 104.97
CA ILE Z 84 -11.93 -17.22 103.73
C ILE Z 84 -11.39 -18.65 103.75
N LEU Z 85 -11.39 -19.29 102.59
CA LEU Z 85 -10.86 -20.65 102.46
C LEU Z 85 -9.48 -20.47 101.84
N PRO Z 86 -8.48 -21.24 102.30
CA PRO Z 86 -7.15 -21.06 101.73
C PRO Z 86 -7.10 -21.49 100.26
N GLY Z 87 -6.76 -20.54 99.39
CA GLY Z 87 -6.70 -20.84 97.97
C GLY Z 87 -6.81 -19.61 97.10
N GLY Z 88 -6.94 -19.81 95.79
CA GLY Z 88 -7.05 -18.71 94.86
C GLY Z 88 -5.92 -18.81 93.85
N ALA Z 89 -5.26 -17.69 93.57
CA ALA Z 89 -4.13 -17.70 92.65
C ALA Z 89 -3.08 -18.59 93.31
N ARG Z 90 -2.21 -19.19 92.51
CA ARG Z 90 -1.18 -20.07 93.07
C ARG Z 90 -0.37 -19.37 94.15
N GLY Z 91 -0.04 -18.11 93.93
CA GLY Z 91 0.72 -17.36 94.90
C GLY Z 91 -0.02 -17.28 96.22
N ALA Z 92 -1.31 -16.94 96.15
CA ALA Z 92 -2.13 -16.84 97.35
C ALA Z 92 -2.21 -18.18 98.08
N ALA Z 93 -2.40 -19.26 97.32
CA ALA Z 93 -2.50 -20.60 97.89
C ALA Z 93 -1.22 -20.97 98.63
N LEU Z 94 -0.06 -20.66 98.04
CA LEU Z 94 1.22 -20.95 98.67
C LEU Z 94 1.37 -20.12 99.94
N ALA Z 95 0.94 -18.86 99.89
CA ALA Z 95 1.03 -18.00 101.05
C ALA Z 95 0.24 -18.62 102.21
N HIS Z 96 -0.90 -19.22 101.90
CA HIS Z 96 -1.71 -19.87 102.93
C HIS Z 96 -0.99 -21.09 103.48
N VAL Z 97 -0.27 -21.80 102.64
CA VAL Z 97 0.49 -22.95 103.12
C VAL Z 97 1.56 -22.41 104.06
N CYS Z 98 2.22 -21.32 103.67
CA CYS Z 98 3.25 -20.73 104.53
C CYS Z 98 2.62 -20.34 105.86
N ARG Z 99 1.41 -19.78 105.79
CA ARG Z 99 0.69 -19.36 107.00
C ARG Z 99 0.50 -20.54 107.96
N THR Z 100 0.05 -21.67 107.44
CA THR Z 100 -0.18 -22.84 108.30
C THR Z 100 1.11 -23.44 108.83
N VAL Z 101 2.18 -23.39 108.05
CA VAL Z 101 3.46 -23.93 108.53
C VAL Z 101 4.03 -22.99 109.59
N CYS Z 102 3.75 -21.69 109.44
CA CYS Z 102 4.23 -20.71 110.40
C CYS Z 102 3.50 -20.97 111.73
N ARG Z 103 2.21 -21.27 111.66
CA ARG Z 103 1.46 -21.55 112.88
C ARG Z 103 1.98 -22.83 113.53
N ARG Z 104 2.41 -23.77 112.70
CA ARG Z 104 2.95 -25.04 113.19
C ARG Z 104 4.25 -24.73 113.95
N ALA Z 105 5.07 -23.84 113.40
CA ALA Z 105 6.32 -23.45 114.03
C ALA Z 105 6.05 -22.73 115.33
N GLU Z 106 4.99 -21.91 115.34
CA GLU Z 106 4.63 -21.19 116.56
C GLU Z 106 4.28 -22.17 117.67
N ARG Z 107 3.56 -23.23 117.33
CA ARG Z 107 3.19 -24.24 118.34
C ARG Z 107 4.46 -24.87 118.94
N SER Z 108 5.43 -25.17 118.08
CA SER Z 108 6.68 -25.77 118.53
C SER Z 108 7.51 -24.80 119.37
N ILE Z 109 7.48 -23.53 119.00
CA ILE Z 109 8.22 -22.50 119.73
C ILE Z 109 7.57 -22.30 121.10
N LYS Z 110 6.25 -22.37 121.15
CA LYS Z 110 5.53 -22.23 122.41
C LYS Z 110 5.87 -23.42 123.31
N ALA Z 111 5.92 -24.61 122.72
CA ALA Z 111 6.25 -25.81 123.50
C ALA Z 111 7.66 -25.70 124.07
N LEU Z 112 8.58 -25.18 123.25
CA LEU Z 112 9.96 -25.03 123.67
C LEU Z 112 10.07 -24.07 124.86
N GLY Z 113 9.38 -22.94 124.75
CA GLY Z 113 9.41 -21.96 125.83
C GLY Z 113 8.82 -22.48 127.12
N ALA Z 114 8.03 -23.54 127.03
CA ALA Z 114 7.42 -24.12 128.22
C ALA Z 114 8.37 -25.04 128.97
N SER Z 115 9.39 -25.55 128.28
CA SER Z 115 10.34 -26.47 128.92
C SER Z 115 11.74 -25.87 129.09
N GLU Z 116 11.94 -24.67 128.56
CA GLU Z 116 13.24 -24.01 128.66
C GLU Z 116 13.09 -22.50 128.66
N PRO Z 117 14.02 -21.79 129.32
CA PRO Z 117 13.94 -20.32 129.35
C PRO Z 117 14.15 -19.81 127.94
N LEU Z 118 13.21 -18.99 127.47
CA LEU Z 118 13.29 -18.45 126.13
C LEU Z 118 12.68 -17.06 126.13
N ASN Z 119 13.25 -16.15 125.34
CA ASN Z 119 12.70 -14.80 125.27
C ASN Z 119 11.35 -14.90 124.58
N ILE Z 120 10.51 -13.88 124.76
CA ILE Z 120 9.18 -13.89 124.17
C ILE Z 120 9.16 -13.46 122.70
N ALA Z 121 10.21 -12.79 122.25
CA ALA Z 121 10.27 -12.29 120.89
C ALA Z 121 10.02 -13.34 119.80
N PRO Z 122 10.64 -14.52 119.91
CA PRO Z 122 10.41 -15.53 118.86
C PRO Z 122 8.93 -15.89 118.62
N ALA Z 123 8.19 -16.21 119.67
CA ALA Z 123 6.79 -16.54 119.47
C ALA Z 123 5.98 -15.33 119.02
N ALA Z 124 6.32 -14.15 119.51
CA ALA Z 124 5.61 -12.94 119.11
C ALA Z 124 5.88 -12.64 117.64
N TYR Z 125 7.07 -13.00 117.17
CA TYR Z 125 7.42 -12.79 115.78
C TYR Z 125 6.57 -13.67 114.86
N VAL Z 126 6.55 -14.97 115.12
CA VAL Z 126 5.77 -15.87 114.28
C VAL Z 126 4.27 -15.68 114.44
N ASN Z 127 3.84 -15.13 115.58
CA ASN Z 127 2.41 -14.88 115.81
C ASN Z 127 2.01 -13.82 114.78
N LEU Z 128 2.83 -12.77 114.68
CA LEU Z 128 2.57 -11.71 113.72
C LEU Z 128 2.74 -12.18 112.29
N LEU Z 129 3.77 -13.00 112.05
CA LEU Z 129 4.04 -13.51 110.71
C LEU Z 129 2.87 -14.31 110.14
N SER Z 130 2.24 -15.12 110.98
CA SER Z 130 1.09 -15.93 110.53
C SER Z 130 0.01 -14.98 110.03
N ASP Z 131 -0.26 -13.93 110.81
CA ASP Z 131 -1.28 -12.96 110.43
C ASP Z 131 -0.88 -12.25 109.14
N LEU Z 132 0.39 -11.91 109.00
CA LEU Z 132 0.86 -11.22 107.80
C LEU Z 132 0.76 -12.11 106.55
N LEU Z 133 1.05 -13.40 106.69
CA LEU Z 133 0.97 -14.30 105.56
C LEU Z 133 -0.48 -14.41 105.10
N PHE Z 134 -1.42 -14.31 106.03
CA PHE Z 134 -2.84 -14.37 105.71
C PHE Z 134 -3.18 -13.13 104.87
N VAL Z 135 -2.69 -11.99 105.32
CA VAL Z 135 -2.91 -10.72 104.64
C VAL Z 135 -2.26 -10.72 103.26
N LEU Z 136 -1.03 -11.20 103.18
CA LEU Z 136 -0.33 -11.25 101.91
C LEU Z 136 -1.03 -12.18 100.91
N ALA Z 137 -1.69 -13.21 101.42
CA ALA Z 137 -2.42 -14.11 100.53
C ALA Z 137 -3.53 -13.31 99.84
N ARG Z 138 -4.22 -12.48 100.62
CA ARG Z 138 -5.30 -11.66 100.08
C ARG Z 138 -4.74 -10.66 99.07
N VAL Z 139 -3.57 -10.10 99.37
CA VAL Z 139 -2.92 -9.15 98.47
C VAL Z 139 -2.59 -9.82 97.14
N LEU Z 140 -2.10 -11.06 97.21
CA LEU Z 140 -1.75 -11.79 96.00
C LEU Z 140 -2.96 -12.18 95.16
N ASN Z 141 -4.08 -12.48 95.80
CA ASN Z 141 -5.27 -12.80 95.04
C ASN Z 141 -5.70 -11.53 94.33
N ARG Z 142 -5.62 -10.42 95.05
CA ARG Z 142 -5.97 -9.10 94.52
C ARG Z 142 -5.07 -8.78 93.33
N ALA Z 143 -3.76 -8.91 93.54
CA ALA Z 143 -2.78 -8.62 92.51
C ALA Z 143 -2.93 -9.50 91.28
N ALA Z 144 -3.54 -10.67 91.45
CA ALA Z 144 -3.74 -11.60 90.35
C ALA Z 144 -5.04 -11.27 89.61
N GLY Z 145 -5.73 -10.23 90.07
CA GLY Z 145 -6.98 -9.83 89.45
C GLY Z 145 -8.14 -10.70 89.91
N GLY Z 146 -7.85 -11.61 90.84
CA GLY Z 146 -8.88 -12.49 91.36
C GLY Z 146 -9.39 -12.04 92.72
N ALA Z 147 -10.07 -12.94 93.41
CA ALA Z 147 -10.61 -12.63 94.74
C ALA Z 147 -10.43 -13.82 95.68
N ASP Z 148 -10.57 -13.57 96.98
CA ASP Z 148 -10.42 -14.64 97.97
C ASP Z 148 -11.53 -15.67 97.82
N VAL Z 149 -11.25 -16.90 98.21
CA VAL Z 149 -12.23 -17.97 98.14
C VAL Z 149 -13.08 -17.89 99.41
N LEU Z 150 -14.39 -17.77 99.27
CA LEU Z 150 -15.27 -17.64 100.43
C LEU Z 150 -15.92 -18.97 100.79
N TRP Z 151 -16.37 -19.11 102.03
CA TRP Z 151 -17.01 -20.36 102.42
C TRP Z 151 -18.53 -20.24 102.39
N ASP Z 152 -19.22 -21.35 102.59
CA ASP Z 152 -20.68 -21.38 102.59
C ASP Z 152 -21.24 -20.47 103.68
N MET AA 1 -6.15 53.75 123.16
CA MET AA 1 -5.04 52.88 123.53
C MET AA 1 -5.20 51.49 122.92
N GLY AA 2 -6.17 50.73 123.43
CA GLY AA 2 -6.42 49.39 122.92
C GLY AA 2 -6.83 49.43 121.46
N ASP AA 3 -7.64 50.42 121.10
CA ASP AA 3 -8.08 50.50 119.71
C ASP AA 3 -6.88 50.67 118.79
N ASP AA 4 -5.95 51.54 119.17
CA ASP AA 4 -4.76 51.73 118.35
C ASP AA 4 -3.92 50.44 118.31
N ALA AA 5 -3.75 49.85 119.49
CA ALA AA 5 -2.99 48.60 119.63
C ALA AA 5 -3.70 47.45 118.94
N ARG AA 6 -5.01 47.41 119.10
CA ARG AA 6 -5.87 46.37 118.54
C ARG AA 6 -6.24 46.63 117.07
N ILE AA 7 -6.76 47.81 116.73
CA ILE AA 7 -7.13 48.19 115.37
C ILE AA 7 -5.93 48.11 114.43
N ALA AA 8 -4.75 48.45 114.94
CA ALA AA 8 -3.53 48.42 114.13
C ALA AA 8 -3.13 46.97 113.80
N ALA AA 9 -3.21 46.09 114.80
CA ALA AA 9 -2.86 44.69 114.61
C ALA AA 9 -3.81 44.07 113.58
N ILE AA 10 -5.09 44.34 113.74
CA ILE AA 10 -6.10 43.82 112.82
C ILE AA 10 -5.79 44.30 111.40
N GLY AA 11 -5.47 45.58 111.27
CA GLY AA 11 -5.14 46.12 109.94
C GLY AA 11 -3.93 45.48 109.30
N ASP AA 12 -2.87 45.23 110.08
CA ASP AA 12 -1.67 44.61 109.53
C ASP AA 12 -1.93 43.16 109.09
N VAL AA 13 -2.78 42.45 109.83
CA VAL AA 13 -3.09 41.08 109.46
C VAL AA 13 -3.87 41.13 108.14
N ASP AA 14 -4.74 42.12 108.02
CA ASP AA 14 -5.55 42.32 106.82
C ASP AA 14 -4.62 42.65 105.65
N GLU AA 15 -3.65 43.52 105.88
CA GLU AA 15 -2.71 43.89 104.83
C GLU AA 15 -1.90 42.67 104.38
N LEU AA 16 -1.47 41.86 105.34
CA LEU AA 16 -0.72 40.65 105.04
C LEU AA 16 -1.60 39.72 104.19
N ASN AA 17 -2.83 39.51 104.62
CA ASN AA 17 -3.75 38.64 103.89
C ASN AA 17 -3.94 39.12 102.45
N SER AA 18 -3.99 40.44 102.28
CA SER AA 18 -4.14 41.03 100.95
C SER AA 18 -2.89 40.79 100.11
N GLN AA 19 -1.72 40.88 100.72
CA GLN AA 19 -0.49 40.64 99.99
C GLN AA 19 -0.45 39.18 99.53
N ILE AA 20 -0.99 38.28 100.36
CA ILE AA 20 -1.02 36.87 100.00
C ILE AA 20 -1.99 36.69 98.82
N GLY AA 21 -3.04 37.51 98.79
CA GLY AA 21 -3.98 37.45 97.69
C GLY AA 21 -3.29 37.81 96.39
N VAL AA 22 -2.35 38.76 96.45
CA VAL AA 22 -1.61 39.16 95.26
C VAL AA 22 -0.70 38.01 94.82
N LEU AA 23 -0.08 37.34 95.80
CA LEU AA 23 0.79 36.21 95.50
C LEU AA 23 -0.03 35.08 94.85
N LEU AA 24 -1.26 34.91 95.31
CA LEU AA 24 -2.14 33.86 94.77
C LEU AA 24 -2.60 34.14 93.34
N ALA AA 25 -2.38 35.37 92.86
CA ALA AA 25 -2.79 35.72 91.50
C ALA AA 25 -1.69 35.30 90.52
N GLU AA 26 -0.60 34.78 91.06
CA GLU AA 26 0.54 34.33 90.26
C GLU AA 26 0.45 32.83 90.02
N PRO AA 27 1.21 32.32 89.03
CA PRO AA 27 1.18 30.88 88.78
C PRO AA 27 1.92 30.24 89.96
N LEU AA 28 1.37 29.16 90.49
CA LEU AA 28 1.98 28.49 91.64
C LEU AA 28 1.84 26.99 91.59
N PRO AA 29 2.69 26.29 92.34
CA PRO AA 29 2.61 24.83 92.40
C PRO AA 29 1.29 24.53 93.10
N ASP AA 30 0.53 23.54 92.64
CA ASP AA 30 -0.75 23.26 93.26
C ASP AA 30 -0.71 23.13 94.78
N ASP AA 31 0.34 22.49 95.30
CA ASP AA 31 0.45 22.33 96.75
C ASP AA 31 0.63 23.67 97.44
N VAL AA 32 1.50 24.52 96.88
CA VAL AA 32 1.75 25.83 97.46
C VAL AA 32 0.46 26.66 97.46
N ARG AA 33 -0.28 26.59 96.36
CA ARG AA 33 -1.54 27.33 96.25
C ARG AA 33 -2.52 26.87 97.32
N ALA AA 34 -2.61 25.56 97.55
CA ALA AA 34 -3.52 25.04 98.56
C ALA AA 34 -3.15 25.54 99.96
N ALA AA 35 -1.86 25.57 100.28
CA ALA AA 35 -1.42 26.02 101.58
C ALA AA 35 -1.74 27.51 101.77
N LEU AA 36 -1.36 28.34 100.80
CA LEU AA 36 -1.62 29.77 100.87
C LEU AA 36 -3.11 30.10 101.00
N SER AA 37 -3.97 29.41 100.24
CA SER AA 37 -5.40 29.67 100.32
C SER AA 37 -5.93 29.35 101.71
N ALA AA 38 -5.48 28.23 102.28
CA ALA AA 38 -5.91 27.84 103.63
C ALA AA 38 -5.44 28.90 104.64
N ILE AA 39 -4.22 29.39 104.46
CA ILE AA 39 -3.68 30.40 105.35
C ILE AA 39 -4.55 31.66 105.33
N GLN AA 40 -5.08 32.03 104.15
CA GLN AA 40 -5.94 33.20 104.08
C GLN AA 40 -7.13 33.05 105.02
N HIS AA 41 -7.71 31.85 105.08
CA HIS AA 41 -8.83 31.62 105.97
C HIS AA 41 -8.35 31.74 107.41
N ASP AA 42 -7.18 31.20 107.69
CA ASP AA 42 -6.61 31.28 109.04
C ASP AA 42 -6.46 32.74 109.47
N LEU AA 43 -5.91 33.56 108.56
CA LEU AA 43 -5.70 34.97 108.87
C LEU AA 43 -7.02 35.71 109.08
N PHE AA 44 -8.06 35.30 108.37
CA PHE AA 44 -9.36 35.92 108.55
C PHE AA 44 -9.81 35.62 109.97
N ASP AA 45 -9.69 34.36 110.37
CA ASP AA 45 -10.07 33.97 111.73
C ASP AA 45 -9.20 34.65 112.78
N LEU AA 46 -7.91 34.77 112.47
CA LEU AA 46 -6.98 35.39 113.41
C LEU AA 46 -7.40 36.84 113.67
N GLY AA 47 -7.73 37.55 112.60
CA GLY AA 47 -8.17 38.93 112.73
C GLY AA 47 -9.42 39.02 113.60
N GLY AA 48 -10.31 38.04 113.46
CA GLY AA 48 -11.52 38.03 114.25
C GLY AA 48 -11.22 37.83 115.73
N GLU AA 49 -10.22 36.99 116.02
CA GLU AA 49 -9.85 36.75 117.42
C GLU AA 49 -9.28 38.02 118.03
N LEU AA 50 -8.45 38.74 117.28
CA LEU AA 50 -7.86 39.97 117.78
C LEU AA 50 -8.94 41.02 118.04
N CYS AA 51 -9.97 41.01 117.21
CA CYS AA 51 -11.04 41.98 117.34
C CYS AA 51 -12.02 41.74 118.49
N ILE AA 52 -12.62 40.56 118.53
CA ILE AA 52 -13.61 40.24 119.55
C ILE AA 52 -13.07 39.74 120.89
N PRO AA 53 -13.45 40.42 121.96
CA PRO AA 53 -13.08 40.06 123.34
C PRO AA 53 -13.79 38.77 123.77
N GLY AA 54 -13.03 37.88 124.42
CA GLY AA 54 -13.59 36.63 124.88
C GLY AA 54 -13.73 35.60 123.77
N HIS AA 55 -13.30 35.98 122.57
CA HIS AA 55 -13.39 35.09 121.42
C HIS AA 55 -12.02 34.61 120.96
N ALA AA 56 -11.88 33.30 120.77
CA ALA AA 56 -10.63 32.69 120.31
C ALA AA 56 -10.91 31.87 119.06
N ALA AA 57 -9.91 31.74 118.19
CA ALA AA 57 -10.09 30.99 116.95
C ALA AA 57 -8.85 30.19 116.56
N ILE AA 58 -7.67 30.70 116.90
CA ILE AA 58 -6.42 30.02 116.57
C ILE AA 58 -6.07 29.01 117.66
N THR AA 59 -5.90 27.76 117.25
CA THR AA 59 -5.61 26.65 118.16
C THR AA 59 -4.30 25.93 117.85
N GLU AA 60 -3.96 24.95 118.68
CA GLU AA 60 -2.74 24.18 118.47
C GLU AA 60 -2.78 23.56 117.08
N ASP AA 61 -3.97 23.15 116.64
CA ASP AA 61 -4.14 22.54 115.33
C ASP AA 61 -3.64 23.45 114.21
N HIS AA 62 -3.87 24.76 114.36
CA HIS AA 62 -3.42 25.72 113.36
C HIS AA 62 -1.90 25.79 113.37
N LEU AA 63 -1.33 25.82 114.56
CA LEU AA 63 0.12 25.88 114.72
C LEU AA 63 0.76 24.59 114.19
N LEU AA 64 0.14 23.46 114.51
CA LEU AA 64 0.63 22.16 114.07
C LEU AA 64 0.68 22.08 112.54
N ARG AA 65 -0.35 22.60 111.88
CA ARG AA 65 -0.40 22.57 110.43
C ARG AA 65 0.73 23.39 109.83
N LEU AA 66 1.03 24.53 110.44
CA LEU AA 66 2.12 25.37 109.95
C LEU AA 66 3.45 24.63 110.16
N ALA AA 67 3.61 24.04 111.34
CA ALA AA 67 4.82 23.28 111.65
C ALA AA 67 5.01 22.18 110.61
N LEU AA 68 3.90 21.55 110.24
CA LEU AA 68 3.94 20.49 109.24
C LEU AA 68 4.38 20.98 107.89
N TRP AA 69 3.87 22.13 107.48
CA TRP AA 69 4.24 22.70 106.18
C TRP AA 69 5.71 23.10 106.17
N LEU AA 70 6.19 23.62 107.29
CA LEU AA 70 7.59 24.03 107.39
C LEU AA 70 8.49 22.82 107.18
N VAL AA 71 8.23 21.77 107.96
CA VAL AA 71 9.03 20.54 107.86
C VAL AA 71 8.96 20.01 106.44
N HIS AA 72 7.75 19.95 105.89
CA HIS AA 72 7.55 19.44 104.53
C HIS AA 72 8.33 20.16 103.44
N TYR AA 73 8.05 21.45 103.28
CA TYR AA 73 8.72 22.24 102.25
C TYR AA 73 10.22 22.36 102.45
N ASN AA 74 10.66 22.41 103.70
CA ASN AA 74 12.08 22.50 103.98
C ASN AA 74 12.80 21.23 103.59
N GLY AA 75 12.14 20.09 103.79
CA GLY AA 75 12.74 18.82 103.44
C GLY AA 75 12.63 18.58 101.95
N GLN AA 76 12.16 19.59 101.24
CA GLN AA 76 11.99 19.54 99.79
C GLN AA 76 12.97 20.51 99.14
N LEU AA 77 13.79 21.14 99.98
CA LEU AA 77 14.77 22.11 99.52
C LEU AA 77 16.17 21.73 99.99
N PRO AA 78 17.21 22.23 99.30
CA PRO AA 78 18.58 21.93 99.68
C PRO AA 78 18.89 22.85 100.87
N PRO AA 79 19.89 22.50 101.69
CA PRO AA 79 20.24 23.33 102.84
C PRO AA 79 20.67 24.74 102.45
N LEU AA 80 20.42 25.69 103.34
CA LEU AA 80 20.79 27.09 103.11
C LEU AA 80 22.31 27.22 103.11
N GLU AA 81 22.87 27.74 102.01
CA GLU AA 81 24.32 27.87 101.89
C GLU AA 81 24.86 29.24 102.24
N GLU AA 82 23.99 30.25 102.20
CA GLU AA 82 24.41 31.62 102.50
C GLU AA 82 23.18 32.50 102.75
N PHE AA 83 23.40 33.70 103.27
CA PHE AA 83 22.30 34.62 103.50
C PHE AA 83 21.63 34.89 102.15
N ILE AA 84 20.31 34.96 102.17
CA ILE AA 84 19.54 35.18 100.95
C ILE AA 84 18.99 36.61 100.89
N LEU AA 85 18.92 37.16 99.68
CA LEU AA 85 18.38 38.50 99.48
C LEU AA 85 16.97 38.28 98.97
N PRO AA 86 16.01 39.08 99.41
CA PRO AA 86 14.65 38.86 98.93
C PRO AA 86 14.51 39.17 97.45
N GLY AA 87 14.13 38.17 96.66
CA GLY AA 87 13.98 38.36 95.24
C GLY AA 87 14.05 37.07 94.46
N GLY AA 88 14.10 37.18 93.13
CA GLY AA 88 14.16 36.01 92.27
C GLY AA 88 12.98 36.04 91.32
N ALA AA 89 12.31 34.89 91.16
CA ALA AA 89 11.14 34.84 90.31
C ALA AA 89 10.11 35.77 90.96
N ARG AA 90 9.20 36.32 90.16
CA ARG AA 90 8.20 37.23 90.72
C ARG AA 90 7.46 36.61 91.89
N GLY AA 91 7.11 35.34 91.77
CA GLY AA 91 6.42 34.66 92.85
C GLY AA 91 7.23 34.69 94.13
N ALA AA 92 8.51 34.34 94.02
CA ALA AA 92 9.40 34.33 95.16
C ALA AA 92 9.52 35.72 95.79
N ALA AA 93 9.65 36.73 94.94
CA ALA AA 93 9.77 38.12 95.41
C ALA AA 93 8.53 38.54 96.19
N LEU AA 94 7.36 38.18 95.69
CA LEU AA 94 6.11 38.52 96.37
C LEU AA 94 6.03 37.79 97.70
N ALA AA 95 6.46 36.53 97.72
CA ALA AA 95 6.44 35.75 98.94
C ALA AA 95 7.29 36.46 100.01
N HIS AA 96 8.41 37.03 99.59
CA HIS AA 96 9.28 37.76 100.52
C HIS AA 96 8.58 39.01 101.03
N VAL AA 97 7.81 39.67 100.17
CA VAL AA 97 7.08 40.84 100.61
C VAL AA 97 6.06 40.38 101.65
N CYS AA 98 5.39 39.27 101.38
CA CYS AA 98 4.41 38.73 102.32
C CYS AA 98 5.13 38.44 103.64
N ARG AA 99 6.33 37.88 103.55
CA ARG AA 99 7.12 37.55 104.73
C ARG AA 99 7.35 38.79 105.60
N THR AA 100 7.77 39.88 104.98
CA THR AA 100 8.04 41.11 105.72
C THR AA 100 6.78 41.76 106.30
N VAL AA 101 5.66 41.64 105.59
CA VAL AA 101 4.41 42.22 106.08
C VAL AA 101 3.90 41.35 107.25
N CYS AA 102 4.18 40.06 107.17
CA CYS AA 102 3.76 39.15 108.24
C CYS AA 102 4.56 39.50 109.50
N ARG AA 103 5.85 39.80 109.34
CA ARG AA 103 6.67 40.16 110.49
C ARG AA 103 6.17 41.49 111.07
N ARG AA 104 5.69 42.37 110.19
CA ARG AA 104 5.17 43.67 110.62
C ARG AA 104 3.92 43.42 111.47
N ALA AA 105 3.08 42.49 111.03
CA ALA AA 105 1.86 42.15 111.76
C ALA AA 105 2.21 41.51 113.10
N GLU AA 106 3.27 40.72 113.11
CA GLU AA 106 3.71 40.07 114.35
C GLU AA 106 4.12 41.14 115.36
N ARG AA 107 4.81 42.18 114.91
CA ARG AA 107 5.22 43.25 115.82
C ARG AA 107 4.00 43.92 116.43
N SER AA 108 2.98 44.16 115.63
CA SER AA 108 1.74 44.79 116.09
C SER AA 108 0.97 43.88 117.05
N ILE AA 109 0.99 42.58 116.77
CA ILE AA 109 0.30 41.61 117.61
C ILE AA 109 1.02 41.52 118.96
N LYS AA 110 2.35 41.58 118.93
CA LYS AA 110 3.13 41.54 120.16
C LYS AA 110 2.85 42.80 120.98
N ALA AA 111 2.76 43.94 120.32
CA ALA AA 111 2.46 45.19 121.01
C ALA AA 111 1.08 45.12 121.66
N LEU AA 112 0.12 44.55 120.95
CA LEU AA 112 -1.24 44.42 121.44
C LEU AA 112 -1.27 43.56 122.71
N GLY AA 113 -0.59 42.42 122.66
CA GLY AA 113 -0.55 41.52 123.79
C GLY AA 113 0.09 42.14 125.01
N ALA AA 114 0.90 43.18 124.80
CA ALA AA 114 1.56 43.86 125.91
C ALA AA 114 0.65 44.83 126.64
N SER AA 115 -0.41 45.29 125.97
CA SER AA 115 -1.33 46.24 126.59
C SER AA 115 -2.71 45.67 126.88
N GLU AA 116 -2.95 44.42 126.46
CA GLU AA 116 -4.23 43.78 126.67
C GLU AA 116 -4.07 42.27 126.78
N PRO AA 117 -4.96 41.61 127.54
CA PRO AA 117 -4.86 40.15 127.69
C PRO AA 117 -5.15 39.53 126.32
N LEU AA 118 -4.24 38.69 125.86
CA LEU AA 118 -4.39 38.04 124.55
C LEU AA 118 -3.78 36.65 124.63
N ASN AA 119 -4.39 35.68 123.94
CA ASN AA 119 -3.84 34.34 123.96
C ASN AA 119 -2.52 34.38 123.18
N ILE AA 120 -1.68 33.38 123.39
CA ILE AA 120 -0.38 33.35 122.73
C ILE AA 120 -0.43 32.82 121.29
N ALA AA 121 -1.50 32.11 120.96
CA ALA AA 121 -1.64 31.52 119.63
C ALA AA 121 -1.46 32.48 118.45
N PRO AA 122 -2.08 33.67 118.50
CA PRO AA 122 -1.91 34.60 117.39
C PRO AA 122 -0.46 34.93 117.03
N ALA AA 123 0.34 35.34 118.02
CA ALA AA 123 1.73 35.65 117.71
C ALA AA 123 2.51 34.41 117.30
N ALA AA 124 2.21 33.27 117.91
CA ALA AA 124 2.91 32.04 117.56
C ALA AA 124 2.56 31.64 116.13
N TYR AA 125 1.34 31.96 115.70
CA TYR AA 125 0.90 31.64 114.34
C TYR AA 125 1.71 32.44 113.32
N VAL AA 126 1.74 33.76 113.48
CA VAL AA 126 2.47 34.60 112.54
C VAL AA 126 3.98 34.42 112.63
N ASN AA 127 4.47 33.97 113.77
CA ASN AA 127 5.90 33.73 113.95
C ASN AA 127 6.25 32.59 112.98
N LEU AA 128 5.43 31.55 113.00
CA LEU AA 128 5.64 30.41 112.11
C LEU AA 128 5.39 30.77 110.66
N LEU AA 129 4.35 31.57 110.41
CA LEU AA 129 4.00 31.99 109.05
C LEU AA 129 5.13 32.74 108.37
N SER AA 130 5.81 33.62 109.11
CA SER AA 130 6.92 34.39 108.55
C SER AA 130 7.98 33.40 108.05
N ASP AA 131 8.29 32.42 108.89
CA ASP AA 131 9.30 31.43 108.52
C ASP AA 131 8.84 30.61 107.31
N LEU AA 132 7.55 30.27 107.26
CA LEU AA 132 7.02 29.49 106.14
C LEU AA 132 7.05 30.28 104.83
N LEU AA 133 6.76 31.57 104.90
CA LEU AA 133 6.77 32.40 103.69
C LEU AA 133 8.20 32.48 103.15
N PHE AA 134 9.18 32.45 104.04
CA PHE AA 134 10.59 32.47 103.63
C PHE AA 134 10.88 31.19 102.87
N VAL AA 135 10.41 30.07 103.42
CA VAL AA 135 10.61 28.75 102.83
C VAL AA 135 9.89 28.66 101.49
N LEU AA 136 8.64 29.14 101.45
CA LEU AA 136 7.88 29.09 100.22
C LEU AA 136 8.52 29.93 99.12
N ALA AA 137 9.20 31.00 99.51
CA ALA AA 137 9.88 31.84 98.52
C ALA AA 137 10.95 30.99 97.84
N ARG AA 138 11.69 30.22 98.63
CA ARG AA 138 12.74 29.36 98.09
C ARG AA 138 12.12 28.29 97.18
N VAL AA 139 10.98 27.75 97.59
CA VAL AA 139 10.28 26.74 96.79
C VAL AA 139 9.87 27.32 95.45
N LEU AA 140 9.39 28.55 95.45
CA LEU AA 140 8.96 29.19 94.21
C LEU AA 140 10.11 29.51 93.28
N ASN AA 141 11.27 29.86 93.84
CA ASN AA 141 12.43 30.14 92.98
C ASN AA 141 12.82 28.81 92.33
N ARG AA 142 12.78 27.75 93.14
CA ARG AA 142 13.10 26.41 92.71
C ARG AA 142 12.15 25.99 91.59
N ALA AA 143 10.85 26.14 91.86
CA ALA AA 143 9.81 25.77 90.90
C ALA AA 143 9.89 26.57 89.61
N ALA AA 144 10.51 27.75 89.67
CA ALA AA 144 10.65 28.59 88.48
C ALA AA 144 11.89 28.20 87.70
N GLY AA 145 12.61 27.20 88.21
CA GLY AA 145 13.83 26.77 87.53
C GLY AA 145 15.01 27.65 87.88
N GLY AA 146 14.77 28.64 88.74
CA GLY AA 146 15.83 29.55 89.14
C GLY AA 146 16.40 29.21 90.50
N ALA AA 147 17.12 30.15 91.09
CA ALA AA 147 17.74 29.93 92.39
C ALA AA 147 17.60 31.19 93.26
N ASP AA 148 17.83 31.04 94.56
CA ASP AA 148 17.72 32.17 95.47
C ASP AA 148 18.82 33.19 95.19
N VAL AA 149 18.54 34.45 95.50
CA VAL AA 149 19.52 35.51 95.31
C VAL AA 149 20.44 35.54 96.53
N LEU AA 150 21.74 35.40 96.32
CA LEU AA 150 22.68 35.36 97.43
C LEU AA 150 23.35 36.71 97.66
N TRP AA 151 23.87 36.94 98.86
CA TRP AA 151 24.53 38.21 99.12
C TRP AA 151 26.04 38.09 99.00
N ASP AA 152 26.73 39.22 99.09
CA ASP AA 152 28.19 39.25 99.00
C ASP AA 152 28.82 38.41 100.11
N MET BA 1 69.55 91.80 68.05
CA MET BA 1 69.54 90.91 69.21
C MET BA 1 68.17 90.26 69.39
N GLY BA 2 67.19 91.06 69.80
CA GLY BA 2 65.84 90.57 70.01
C GLY BA 2 65.26 90.05 68.71
N ASP BA 3 65.52 90.74 67.60
CA ASP BA 3 64.97 90.28 66.34
C ASP BA 3 65.49 88.89 66.01
N ASP BA 4 66.77 88.66 66.22
CA ASP BA 4 67.33 87.33 65.95
C ASP BA 4 66.72 86.30 66.92
N ALA BA 5 66.66 86.68 68.19
CA ALA BA 5 66.10 85.82 69.24
C ALA BA 5 64.60 85.61 69.02
N ARG BA 6 63.93 86.70 68.66
CA ARG BA 6 62.48 86.71 68.43
C ARG BA 6 62.10 86.20 67.04
N ILE BA 7 62.67 86.75 65.97
CA ILE BA 7 62.40 86.36 64.59
C ILE BA 7 62.71 84.86 64.38
N ALA BA 8 63.75 84.38 65.05
CA ALA BA 8 64.13 82.97 64.91
C ALA BA 8 63.09 82.05 65.57
N ALA BA 9 62.62 82.44 66.75
CA ALA BA 9 61.62 81.64 67.46
C ALA BA 9 60.34 81.58 66.64
N ILE BA 10 59.92 82.73 66.11
CA ILE BA 10 58.72 82.81 65.29
C ILE BA 10 58.87 81.88 64.07
N GLY BA 11 60.04 81.93 63.45
CA GLY BA 11 60.28 81.08 62.29
C GLY BA 11 60.22 79.58 62.60
N ASP BA 12 60.80 79.17 63.72
CA ASP BA 12 60.78 77.76 64.10
C ASP BA 12 59.36 77.28 64.40
N VAL BA 13 58.54 78.14 65.00
CA VAL BA 13 57.17 77.77 65.30
C VAL BA 13 56.43 77.59 63.97
N ASP BA 14 56.74 78.48 63.03
CA ASP BA 14 56.15 78.45 61.70
C ASP BA 14 56.57 77.15 60.99
N GLU BA 15 57.85 76.81 61.10
CA GLU BA 15 58.36 75.59 60.46
C GLU BA 15 57.66 74.36 61.06
N LEU BA 16 57.51 74.36 62.38
CA LEU BA 16 56.84 73.27 63.07
C LEU BA 16 55.40 73.15 62.56
N ASN BA 17 54.70 74.28 62.52
CA ASN BA 17 53.32 74.29 62.07
C ASN BA 17 53.21 73.74 60.64
N SER BA 18 54.20 74.06 59.81
CA SER BA 18 54.22 73.57 58.43
C SER BA 18 54.45 72.07 58.39
N GLN BA 19 55.31 71.57 59.27
CA GLN BA 19 55.56 70.14 59.31
C GLN BA 19 54.28 69.41 59.73
N ILE BA 20 53.51 70.03 60.61
CA ILE BA 20 52.25 69.43 61.05
C ILE BA 20 51.27 69.43 59.88
N GLY BA 21 51.37 70.44 59.01
CA GLY BA 21 50.52 70.50 57.84
C GLY BA 21 50.82 69.31 56.93
N VAL BA 22 52.08 68.93 56.86
CA VAL BA 22 52.47 67.79 56.04
C VAL BA 22 51.90 66.51 56.64
N LEU BA 23 51.95 66.41 57.96
CA LEU BA 23 51.41 65.25 58.66
C LEU BA 23 49.90 65.15 58.43
N LEU BA 24 49.24 66.30 58.40
CA LEU BA 24 47.79 66.34 58.18
C LEU BA 24 47.38 65.95 56.77
N ALA BA 25 48.34 65.87 55.85
CA ALA BA 25 48.04 65.47 54.47
C ALA BA 25 48.02 63.96 54.36
N GLU BA 26 48.32 63.28 55.47
CA GLU BA 26 48.32 61.83 55.53
C GLU BA 26 47.02 61.32 56.09
N PRO BA 27 46.73 60.02 55.90
CA PRO BA 27 45.49 59.47 56.44
C PRO BA 27 45.68 59.41 57.94
N LEU BA 28 44.67 59.81 58.70
CA LEU BA 28 44.77 59.83 60.16
C LEU BA 28 43.46 59.46 60.84
N PRO BA 29 43.56 59.05 62.10
CA PRO BA 29 42.36 58.72 62.87
C PRO BA 29 41.62 60.04 63.06
N ASP BA 30 40.31 60.04 62.93
CA ASP BA 30 39.58 61.30 63.05
C ASP BA 30 39.92 62.12 64.29
N ASP BA 31 40.09 61.45 65.42
CA ASP BA 31 40.42 62.15 66.64
C ASP BA 31 41.79 62.81 66.56
N VAL BA 32 42.77 62.08 66.03
CA VAL BA 32 44.12 62.61 65.89
C VAL BA 32 44.11 63.83 64.96
N ARG BA 33 43.37 63.74 63.87
CA ARG BA 33 43.27 64.84 62.92
C ARG BA 33 42.69 66.08 63.59
N ALA BA 34 41.65 65.89 64.40
CA ALA BA 34 41.02 67.00 65.10
C ALA BA 34 42.01 67.69 66.04
N ALA BA 35 42.80 66.91 66.77
CA ALA BA 35 43.76 67.47 67.71
C ALA BA 35 44.83 68.27 66.96
N LEU BA 36 45.42 67.65 65.94
CA LEU BA 36 46.46 68.31 65.15
C LEU BA 36 45.97 69.61 64.51
N SER BA 37 44.76 69.61 63.94
CA SER BA 37 44.23 70.82 63.32
C SER BA 37 44.09 71.94 64.35
N ALA BA 38 43.60 71.60 65.54
CA ALA BA 38 43.43 72.60 66.59
C ALA BA 38 44.79 73.15 67.01
N ILE BA 39 45.78 72.28 67.09
CA ILE BA 39 47.14 72.67 67.45
C ILE BA 39 47.67 73.69 66.45
N GLN BA 40 47.37 73.51 65.16
CA GLN BA 40 47.84 74.46 64.15
C GLN BA 40 47.36 75.87 64.50
N HIS BA 41 46.11 75.98 64.93
CA HIS BA 41 45.58 77.28 65.30
C HIS BA 41 46.32 77.80 66.53
N ASP BA 42 46.58 76.92 67.48
CA ASP BA 42 47.32 77.30 68.68
C ASP BA 42 48.70 77.86 68.31
N LEU BA 43 49.39 77.16 67.41
CA LEU BA 43 50.72 77.60 66.99
C LEU BA 43 50.68 78.94 66.27
N PHE BA 44 49.61 79.18 65.54
CA PHE BA 44 49.47 80.46 64.84
C PHE BA 44 49.38 81.55 65.90
N ASP BA 45 48.55 81.31 66.93
CA ASP BA 45 48.41 82.29 68.00
C ASP BA 45 49.70 82.42 68.80
N LEU BA 46 50.40 81.31 69.00
CA LEU BA 46 51.65 81.33 69.75
C LEU BA 46 52.66 82.23 69.04
N GLY BA 47 52.76 82.07 67.72
CA GLY BA 47 53.68 82.89 66.95
C GLY BA 47 53.33 84.36 67.08
N GLY BA 48 52.04 84.66 67.13
CA GLY BA 48 51.61 86.04 67.27
C GLY BA 48 52.02 86.62 68.62
N GLU BA 49 51.96 85.79 69.67
CA GLU BA 49 52.34 86.24 71.00
C GLU BA 49 53.84 86.54 71.05
N LEU BA 50 54.63 85.69 70.41
CA LEU BA 50 56.08 85.89 70.38
C LEU BA 50 56.42 87.17 69.63
N CYS BA 51 55.64 87.47 68.60
CA CYS BA 51 55.90 88.64 67.78
C CYS BA 51 55.51 89.98 68.39
N ILE BA 52 54.26 90.11 68.80
CA ILE BA 52 53.77 91.36 69.37
C ILE BA 52 54.01 91.58 70.86
N PRO BA 53 54.66 92.70 71.18
CA PRO BA 53 54.94 93.11 72.57
C PRO BA 53 53.67 93.53 73.29
N GLY BA 54 53.53 93.07 74.53
CA GLY BA 54 52.34 93.40 75.31
C GLY BA 54 51.15 92.54 74.94
N HIS BA 55 51.33 91.64 73.99
CA HIS BA 55 50.26 90.76 73.54
C HIS BA 55 50.45 89.32 73.96
N ALA BA 56 49.42 88.72 74.56
CA ALA BA 56 49.46 87.33 75.00
C ALA BA 56 48.31 86.57 74.36
N ALA BA 57 48.49 85.27 74.15
CA ALA BA 57 47.45 84.46 73.53
C ALA BA 57 47.35 83.06 74.13
N ILE BA 58 48.48 82.51 74.57
CA ILE BA 58 48.50 81.17 75.16
C ILE BA 58 48.16 81.25 76.64
N THR BA 59 47.13 80.51 77.04
CA THR BA 59 46.65 80.49 78.42
C THR BA 59 46.68 79.12 79.08
N GLU BA 60 46.30 79.05 80.34
CA GLU BA 60 46.26 77.78 81.05
C GLU BA 60 45.35 76.81 80.29
N ASP BA 61 44.29 77.34 79.71
CA ASP BA 61 43.34 76.52 78.96
C ASP BA 61 44.02 75.76 77.83
N HIS BA 62 45.00 76.40 77.18
CA HIS BA 62 45.73 75.77 76.09
C HIS BA 62 46.57 74.63 76.65
N LEU BA 63 47.24 74.91 77.77
CA LEU BA 63 48.09 73.93 78.42
C LEU BA 63 47.24 72.75 78.91
N LEU BA 64 46.09 73.08 79.51
CA LEU BA 64 45.19 72.06 80.03
C LEU BA 64 44.72 71.12 78.93
N ARG BA 65 44.42 71.67 77.77
CA ARG BA 65 43.96 70.85 76.64
C ARG BA 65 45.05 69.88 76.20
N LEU BA 66 46.30 70.34 76.19
CA LEU BA 66 47.40 69.48 75.81
C LEU BA 66 47.56 68.38 76.86
N ALA BA 67 47.50 68.77 78.13
CA ALA BA 67 47.62 67.81 79.23
C ALA BA 67 46.54 66.74 79.07
N LEU BA 68 45.35 67.17 78.69
CA LEU BA 68 44.24 66.25 78.51
C LEU BA 68 44.50 65.27 77.38
N TRP BA 69 45.03 65.77 76.26
CA TRP BA 69 45.33 64.89 75.13
C TRP BA 69 46.42 63.89 75.48
N LEU BA 70 47.40 64.33 76.26
CA LEU BA 70 48.49 63.45 76.66
C LEU BA 70 47.93 62.29 77.49
N VAL BA 71 47.17 62.64 78.52
CA VAL BA 71 46.57 61.61 79.38
C VAL BA 71 45.71 60.67 78.55
N HIS BA 72 44.87 61.26 77.69
CA HIS BA 72 43.99 60.47 76.84
C HIS BA 72 44.67 59.46 75.93
N TYR BA 73 45.52 59.95 75.04
CA TYR BA 73 46.22 59.07 74.11
C TYR BA 73 47.16 58.08 74.78
N ASN BA 74 47.78 58.50 75.87
CA ASN BA 74 48.69 57.61 76.60
C ASN BA 74 47.92 56.46 77.23
N GLY BA 75 46.71 56.74 77.72
CA GLY BA 75 45.91 55.71 78.34
C GLY BA 75 45.25 54.85 77.28
N GLN BA 76 45.63 55.10 76.03
CA GLN BA 76 45.08 54.37 74.89
C GLN BA 76 46.21 53.54 74.28
N LEU BA 77 47.38 53.59 74.91
CA LEU BA 77 48.54 52.85 74.43
C LEU BA 77 49.11 51.96 75.53
N PRO BA 78 49.86 50.92 75.13
CA PRO BA 78 50.45 50.02 76.13
C PRO BA 78 51.68 50.73 76.68
N PRO BA 79 52.14 50.36 77.87
CA PRO BA 79 53.32 51.01 78.45
C PRO BA 79 54.57 50.87 77.60
N LEU BA 80 55.46 51.86 77.69
CA LEU BA 80 56.70 51.86 76.93
C LEU BA 80 57.61 50.74 77.45
N GLU BA 81 58.01 49.83 76.57
CA GLU BA 81 58.85 48.70 76.97
C GLU BA 81 60.34 48.90 76.73
N GLU BA 82 60.68 49.83 75.85
CA GLU BA 82 62.08 50.09 75.53
C GLU BA 82 62.21 51.42 74.79
N PHE BA 83 63.44 51.91 74.65
CA PHE BA 83 63.67 53.15 73.93
C PHE BA 83 63.15 52.96 72.51
N ILE BA 84 62.52 53.99 71.97
CA ILE BA 84 61.96 53.92 70.62
C ILE BA 84 62.80 54.73 69.63
N LEU BA 85 62.87 54.23 68.40
CA LEU BA 85 63.61 54.92 67.34
C LEU BA 85 62.56 55.62 66.51
N PRO BA 86 62.82 56.85 66.07
CA PRO BA 86 61.79 57.53 65.29
C PRO BA 86 61.56 56.86 63.94
N GLY BA 87 60.33 56.40 63.72
CA GLY BA 87 60.01 55.74 62.46
C GLY BA 87 58.78 54.85 62.56
N GLY BA 88 58.54 54.06 61.51
CA GLY BA 88 57.39 53.18 61.48
C GLY BA 88 56.53 53.54 60.29
N ALA BA 89 55.22 53.61 60.50
CA ALA BA 89 54.32 53.98 59.42
C ALA BA 89 54.71 55.41 59.03
N ARG BA 90 54.45 55.80 57.78
CA ARG BA 90 54.81 57.15 57.36
C ARG BA 90 54.25 58.22 58.29
N GLY BA 91 53.01 58.03 58.72
CA GLY BA 91 52.40 58.99 59.62
C GLY BA 91 53.20 59.13 60.90
N ALA BA 92 53.57 57.98 61.49
CA ALA BA 92 54.34 57.98 62.72
C ALA BA 92 55.69 58.66 62.52
N ALA BA 93 56.34 58.36 61.40
CA ALA BA 93 57.65 58.95 61.10
C ALA BA 93 57.56 60.47 61.00
N LEU BA 94 56.52 60.96 60.34
CA LEU BA 94 56.32 62.40 60.19
C LEU BA 94 56.06 63.02 61.55
N ALA BA 95 55.28 62.34 62.38
CA ALA BA 95 54.98 62.83 63.72
C ALA BA 95 56.29 63.03 64.50
N HIS BA 96 57.22 62.09 64.32
CA HIS BA 96 58.52 62.20 64.99
C HIS BA 96 59.30 63.39 64.46
N VAL BA 97 59.18 63.67 63.17
CA VAL BA 97 59.88 64.83 62.61
C VAL BA 97 59.25 66.07 63.25
N CYS BA 98 57.93 66.09 63.36
CA CYS BA 98 57.25 67.22 63.98
C CYS BA 98 57.75 67.37 65.42
N ARG BA 99 57.91 66.24 66.10
CA ARG BA 99 58.38 66.24 67.47
C ARG BA 99 59.74 66.94 67.58
N THR BA 100 60.68 66.57 66.71
CA THR BA 100 62.01 67.17 66.76
C THR BA 100 62.02 68.64 66.37
N VAL BA 101 61.14 69.04 65.45
CA VAL BA 101 61.09 70.44 65.05
C VAL BA 101 60.45 71.25 66.18
N CYS BA 102 59.53 70.62 66.91
CA CYS BA 102 58.88 71.29 68.03
C CYS BA 102 59.93 71.53 69.11
N ARG BA 103 60.80 70.54 69.34
CA ARG BA 103 61.85 70.70 70.35
C ARG BA 103 62.82 71.80 69.92
N ARG BA 104 63.04 71.91 68.61
CA ARG BA 104 63.91 72.94 68.07
C ARG BA 104 63.30 74.32 68.35
N ALA BA 105 61.98 74.41 68.18
CA ALA BA 105 61.27 75.66 68.43
C ALA BA 105 61.32 75.99 69.92
N GLU BA 106 61.23 74.96 70.76
CA GLU BA 106 61.28 75.17 72.20
C GLU BA 106 62.65 75.76 72.59
N ARG BA 107 63.70 75.27 71.97
CA ARG BA 107 65.04 75.81 72.27
C ARG BA 107 65.12 77.29 71.92
N SER BA 108 64.54 77.66 70.78
CA SER BA 108 64.54 79.06 70.34
C SER BA 108 63.66 79.93 71.23
N ILE BA 109 62.55 79.37 71.69
CA ILE BA 109 61.64 80.10 72.57
C ILE BA 109 62.32 80.31 73.93
N LYS BA 110 63.05 79.31 74.38
CA LYS BA 110 63.77 79.42 75.65
C LYS BA 110 64.86 80.49 75.52
N ALA BA 111 65.56 80.50 74.39
CA ALA BA 111 66.59 81.50 74.16
C ALA BA 111 65.99 82.90 74.15
N LEU BA 112 64.83 83.04 73.52
CA LEU BA 112 64.16 84.33 73.46
C LEU BA 112 63.79 84.83 74.85
N GLY BA 113 63.22 83.96 75.66
CA GLY BA 113 62.83 84.32 77.01
C GLY BA 113 64.01 84.72 77.87
N ALA BA 114 65.21 84.31 77.48
CA ALA BA 114 66.41 84.64 78.24
C ALA BA 114 66.92 86.05 77.95
N SER BA 115 66.55 86.59 76.79
CA SER BA 115 66.99 87.93 76.41
C SER BA 115 65.88 88.97 76.39
N GLU BA 116 64.65 88.54 76.62
CA GLU BA 116 63.50 89.45 76.62
C GLU BA 116 62.41 88.94 77.55
N PRO BA 117 61.62 89.87 78.13
CA PRO BA 117 60.54 89.45 79.01
C PRO BA 117 59.51 88.69 78.19
N LEU BA 118 59.18 87.48 78.62
CA LEU BA 118 58.22 86.66 77.90
C LEU BA 118 57.45 85.83 78.91
N ASN BA 119 56.16 85.60 78.65
CA ASN BA 119 55.37 84.79 79.56
C ASN BA 119 55.89 83.36 79.46
N ILE BA 120 55.59 82.55 80.46
CA ILE BA 120 56.05 81.17 80.48
C ILE BA 120 55.20 80.22 79.64
N ALA BA 121 53.97 80.63 79.33
CA ALA BA 121 53.05 79.78 78.58
C ALA BA 121 53.60 79.23 77.26
N PRO BA 122 54.25 80.09 76.43
CA PRO BA 122 54.77 79.58 75.16
C PRO BA 122 55.71 78.38 75.28
N ALA BA 123 56.73 78.46 76.14
CA ALA BA 123 57.63 77.32 76.29
C ALA BA 123 56.93 76.12 76.91
N ALA BA 124 56.01 76.37 77.85
CA ALA BA 124 55.29 75.27 78.48
C ALA BA 124 54.38 74.59 77.47
N TYR BA 125 53.88 75.36 76.51
CA TYR BA 125 53.03 74.80 75.46
C TYR BA 125 53.81 73.83 74.57
N VAL BA 126 54.94 74.29 74.03
CA VAL BA 126 55.72 73.44 73.16
C VAL BA 126 56.41 72.30 73.90
N ASN BA 127 56.61 72.45 75.21
CA ASN BA 127 57.23 71.40 76.01
C ASN BA 127 56.23 70.24 76.00
N LEU BA 128 54.96 70.57 76.23
CA LEU BA 128 53.91 69.56 76.22
C LEU BA 128 53.67 69.01 74.82
N LEU BA 129 53.70 69.88 73.82
CA LEU BA 129 53.47 69.48 72.44
C LEU BA 129 54.48 68.44 71.96
N SER BA 130 55.74 68.62 72.34
CA SER BA 130 56.79 67.68 71.95
C SER BA 130 56.43 66.30 72.49
N ASP BA 131 56.02 66.25 73.75
CA ASP BA 131 55.65 64.99 74.38
C ASP BA 131 54.41 64.39 73.69
N LEU BA 132 53.46 65.23 73.34
CA LEU BA 132 52.24 64.76 72.68
C LEU BA 132 52.52 64.20 71.27
N LEU BA 133 53.43 64.84 70.55
CA LEU BA 133 53.77 64.37 69.20
C LEU BA 133 54.43 62.99 69.31
N PHE BA 134 55.17 62.76 70.39
CA PHE BA 134 55.83 61.47 70.60
C PHE BA 134 54.72 60.42 70.80
N VAL BA 135 53.74 60.77 71.62
CA VAL BA 135 52.62 59.89 71.91
C VAL BA 135 51.79 59.63 70.67
N LEU BA 136 51.50 60.69 69.90
CA LEU BA 136 50.72 60.53 68.69
C LEU BA 136 51.45 59.65 67.67
N ALA BA 137 52.77 59.68 67.67
CA ALA BA 137 53.52 58.84 66.75
C ALA BA 137 53.21 57.37 67.08
N ARG BA 138 53.20 57.06 68.37
CA ARG BA 138 52.92 55.70 68.81
C ARG BA 138 51.48 55.31 68.43
N VAL BA 139 50.55 56.27 68.57
CA VAL BA 139 49.16 56.02 68.22
C VAL BA 139 49.03 55.72 66.73
N LEU BA 140 49.76 56.46 65.91
CA LEU BA 140 49.72 56.25 64.47
C LEU BA 140 50.32 54.92 64.04
N ASN BA 141 51.37 54.47 64.74
CA ASN BA 141 51.95 53.18 64.39
C ASN BA 141 50.92 52.12 64.74
N ARG BA 142 50.27 52.31 65.88
CA ARG BA 142 49.23 51.41 66.36
C ARG BA 142 48.09 51.36 65.35
N ALA BA 143 47.59 52.55 64.98
CA ALA BA 143 46.49 52.66 64.04
C ALA BA 143 46.81 52.09 62.67
N ALA BA 144 48.10 52.00 62.34
CA ALA BA 144 48.52 51.45 61.06
C ALA BA 144 48.65 49.94 61.14
N GLY BA 145 48.37 49.39 62.32
CA GLY BA 145 48.47 47.95 62.51
C GLY BA 145 49.90 47.52 62.76
N GLY BA 146 50.80 48.50 62.83
CA GLY BA 146 52.20 48.19 63.07
C GLY BA 146 52.61 48.44 64.51
N ALA BA 147 53.91 48.52 64.76
CA ALA BA 147 54.43 48.76 66.10
C ALA BA 147 55.60 49.74 66.06
N ASP BA 148 55.95 50.28 67.22
CA ASP BA 148 57.07 51.23 67.29
C ASP BA 148 58.39 50.53 66.98
N VAL BA 149 59.34 51.28 66.46
CA VAL BA 149 60.66 50.75 66.13
C VAL BA 149 61.49 50.77 67.42
N LEU BA 150 62.01 49.62 67.83
CA LEU BA 150 62.78 49.55 69.06
C LEU BA 150 64.28 49.56 68.80
N TRP BA 151 65.07 49.93 69.80
CA TRP BA 151 66.51 49.97 69.59
C TRP BA 151 67.18 48.72 70.16
N ASP BA 152 68.47 48.58 69.91
CA ASP BA 152 69.23 47.43 70.39
C ASP BA 152 69.20 47.35 71.91
N MET CA 1 124.43 14.04 34.44
CA MET CA 1 124.05 14.43 35.79
C MET CA 1 122.85 15.37 35.78
N GLY CA 2 123.08 16.60 35.32
CA GLY CA 2 122.01 17.60 35.26
C GLY CA 2 120.91 17.13 34.31
N ASP CA 3 121.29 16.53 33.19
CA ASP CA 3 120.29 16.09 32.24
C ASP CA 3 119.36 15.07 32.91
N ASP CA 4 119.92 14.13 33.65
CA ASP CA 4 119.09 13.14 34.34
C ASP CA 4 118.23 13.82 35.40
N ALA CA 5 118.86 14.71 36.17
CA ALA CA 5 118.17 15.47 37.21
C ALA CA 5 117.13 16.43 36.63
N ARG CA 6 117.53 17.06 35.54
CA ARG CA 6 116.69 18.04 34.82
C ARG CA 6 115.70 17.38 33.88
N ILE CA 7 116.13 16.50 32.97
CA ILE CA 7 115.28 15.81 32.01
C ILE CA 7 114.22 14.98 32.73
N ALA CA 8 114.57 14.42 33.88
CA ALA CA 8 113.63 13.62 34.65
C ALA CA 8 112.52 14.48 35.26
N ALA CA 9 112.90 15.64 35.80
CA ALA CA 9 111.94 16.55 36.41
C ALA CA 9 110.97 17.04 35.34
N ILE CA 10 111.51 17.42 34.18
CA ILE CA 10 110.68 17.90 33.07
C ILE CA 10 109.68 16.79 32.68
N GLY CA 11 110.18 15.56 32.58
CA GLY CA 11 109.30 14.46 32.22
C GLY CA 11 108.17 14.21 33.20
N ASP CA 12 108.48 14.27 34.50
CA ASP CA 12 107.44 14.06 35.51
C ASP CA 12 106.39 15.17 35.49
N VAL CA 13 106.80 16.40 35.22
CA VAL CA 13 105.85 17.50 35.15
C VAL CA 13 104.95 17.25 33.94
N ASP CA 14 105.55 16.76 32.87
CA ASP CA 14 104.83 16.44 31.63
C ASP CA 14 103.82 15.31 31.91
N GLU CA 15 104.27 14.29 32.64
CA GLU CA 15 103.39 13.16 32.97
C GLU CA 15 102.22 13.64 33.82
N LEU CA 16 102.51 14.51 34.79
CA LEU CA 16 101.47 15.07 35.65
C LEU CA 16 100.46 15.83 34.79
N ASN CA 17 100.97 16.70 33.92
CA ASN CA 17 100.10 17.50 33.05
C ASN CA 17 99.21 16.59 32.20
N SER CA 18 99.76 15.47 31.75
CA SER CA 18 99.00 14.53 30.95
C SER CA 18 97.92 13.84 31.78
N GLN CA 19 98.22 13.54 33.04
CA GLN CA 19 97.23 12.92 33.90
C GLN CA 19 96.10 13.90 34.15
N ILE CA 20 96.41 15.19 34.22
CA ILE CA 20 95.39 16.20 34.42
C ILE CA 20 94.53 16.27 33.16
N GLY CA 21 95.14 16.02 32.01
CA GLY CA 21 94.40 16.03 30.76
C GLY CA 21 93.36 14.92 30.78
N VAL CA 22 93.71 13.78 31.39
CA VAL CA 22 92.78 12.66 31.47
C VAL CA 22 91.63 13.04 32.40
N LEU CA 23 91.96 13.72 33.50
CA LEU CA 23 90.94 14.17 34.44
C LEU CA 23 89.98 15.15 33.77
N LEU CA 24 90.53 16.00 32.91
CA LEU CA 24 89.72 16.99 32.20
C LEU CA 24 88.78 16.38 31.16
N ALA CA 25 88.98 15.10 30.84
CA ALA CA 25 88.12 14.43 29.87
C ALA CA 25 86.87 13.91 30.57
N GLU CA 26 86.81 14.10 31.88
CA GLU CA 26 85.68 13.66 32.68
C GLU CA 26 84.72 14.82 32.91
N PRO CA 27 83.48 14.52 33.34
CA PRO CA 27 82.53 15.60 33.59
C PRO CA 27 83.02 16.29 34.86
N LEU CA 28 83.00 17.61 34.87
CA LEU CA 28 83.47 18.37 36.03
C LEU CA 28 82.68 19.63 36.27
N PRO CA 29 82.76 20.15 37.49
CA PRO CA 29 82.07 21.40 37.84
C PRO CA 29 82.77 22.48 37.02
N ASP CA 30 82.03 23.41 36.43
CA ASP CA 30 82.66 24.42 35.61
C ASP CA 30 83.85 25.12 36.26
N ASP CA 31 83.73 25.43 37.56
CA ASP CA 31 84.82 26.09 38.26
C ASP CA 31 86.06 25.20 38.34
N VAL CA 32 85.85 23.93 38.66
CA VAL CA 32 86.96 22.99 38.77
C VAL CA 32 87.66 22.85 37.41
N ARG CA 33 86.87 22.77 36.34
CA ARG CA 33 87.43 22.66 35.00
C ARG CA 33 88.29 23.87 34.67
N ALA CA 34 87.81 25.05 35.01
CA ALA CA 34 88.55 26.28 34.75
C ALA CA 34 89.89 26.28 35.47
N ALA CA 35 89.90 25.86 36.73
CA ALA CA 35 91.13 25.83 37.51
C ALA CA 35 92.13 24.83 36.92
N LEU CA 36 91.67 23.61 36.65
CA LEU CA 36 92.54 22.58 36.08
C LEU CA 36 93.12 23.00 34.72
N SER CA 37 92.31 23.60 33.86
CA SER CA 37 92.81 24.02 32.55
C SER CA 37 93.92 25.07 32.71
N ALA CA 38 93.70 26.01 33.62
CA ALA CA 38 94.71 27.06 33.86
C ALA CA 38 96.00 26.42 34.39
N ILE CA 39 95.86 25.43 35.26
CA ILE CA 39 97.01 24.74 35.83
C ILE CA 39 97.82 24.09 34.71
N GLN CA 40 97.15 23.53 33.71
CA GLN CA 40 97.88 22.90 32.60
C GLN CA 40 98.83 23.90 31.96
N HIS CA 41 98.38 25.14 31.78
CA HIS CA 41 99.22 26.17 31.20
C HIS CA 41 100.39 26.46 32.14
N ASP CA 42 100.10 26.51 33.44
CA ASP CA 42 101.13 26.75 34.44
C ASP CA 42 102.21 25.68 34.36
N LEU CA 43 101.78 24.42 34.27
CA LEU CA 43 102.72 23.31 34.21
C LEU CA 43 103.56 23.35 32.94
N PHE CA 44 102.97 23.82 31.84
CA PHE CA 44 103.71 23.94 30.59
C PHE CA 44 104.83 24.95 30.82
N ASP CA 45 104.48 26.08 31.44
CA ASP CA 45 105.48 27.11 31.71
C ASP CA 45 106.52 26.62 32.71
N LEU CA 46 106.07 25.86 33.71
CA LEU CA 46 106.96 25.34 34.73
C LEU CA 46 108.02 24.45 34.08
N GLY CA 47 107.58 23.58 33.18
CA GLY CA 47 108.50 22.70 32.48
C GLY CA 47 109.52 23.50 31.70
N GLY CA 48 109.07 24.60 31.10
CA GLY CA 48 109.98 25.44 30.35
C GLY CA 48 111.03 26.07 31.23
N GLU CA 49 110.65 26.46 32.45
CA GLU CA 49 111.58 27.06 33.38
C GLU CA 49 112.63 26.05 33.80
N LEU CA 50 112.22 24.82 34.04
CA LEU CA 50 113.15 23.76 34.44
C LEU CA 50 114.14 23.48 33.32
N CYS CA 51 113.66 23.57 32.09
CA CYS CA 51 114.49 23.29 30.93
C CYS CA 51 115.53 24.35 30.58
N ILE CA 52 115.06 25.58 30.36
CA ILE CA 52 115.95 26.67 29.98
C ILE CA 52 116.69 27.40 31.10
N PRO CA 53 118.01 27.43 31.00
CA PRO CA 53 118.87 28.14 31.95
C PRO CA 53 118.72 29.65 31.83
N GLY CA 54 118.63 30.32 32.98
CA GLY CA 54 118.48 31.76 32.99
C GLY CA 54 117.05 32.20 32.72
N HIS CA 55 116.17 31.23 32.52
CA HIS CA 55 114.76 31.52 32.24
C HIS CA 55 113.85 31.15 33.40
N ALA CA 56 112.98 32.09 33.78
CA ALA CA 56 112.04 31.87 34.87
C ALA CA 56 110.62 32.15 34.36
N ALA CA 57 109.63 31.48 34.93
CA ALA CA 57 108.25 31.66 34.49
C ALA CA 57 107.25 31.64 35.65
N ILE CA 58 107.55 30.87 36.69
CA ILE CA 58 106.67 30.76 37.84
C ILE CA 58 106.96 31.89 38.84
N THR CA 59 105.94 32.66 39.16
CA THR CA 59 106.06 33.80 40.06
C THR CA 59 105.16 33.72 41.28
N GLU CA 60 105.26 34.71 42.16
CA GLU CA 60 104.43 34.74 43.36
C GLU CA 60 102.96 34.71 42.96
N ASP CA 61 102.65 35.35 41.83
CA ASP CA 61 101.28 35.39 41.34
C ASP CA 61 100.72 33.98 41.11
N HIS CA 62 101.56 33.08 40.63
CA HIS CA 62 101.15 31.70 40.39
C HIS CA 62 100.86 31.02 41.71
N LEU CA 63 101.75 31.23 42.67
CA LEU CA 63 101.61 30.65 44.00
C LEU CA 63 100.37 31.20 44.68
N LEU CA 64 100.17 32.51 44.56
CA LEU CA 64 99.03 33.18 45.17
C LEU CA 64 97.71 32.61 44.64
N ARG CA 65 97.66 32.35 43.34
CA ARG CA 65 96.46 31.81 42.74
C ARG CA 65 96.14 30.42 43.29
N LEU CA 66 97.18 29.61 43.49
CA LEU CA 66 96.98 28.29 44.05
C LEU CA 66 96.50 28.42 45.49
N ALA CA 67 97.13 29.31 46.25
CA ALA CA 67 96.73 29.54 47.64
C ALA CA 67 95.26 29.94 47.69
N LEU CA 68 94.86 30.76 46.73
CA LEU CA 68 93.48 31.21 46.66
C LEU CA 68 92.52 30.07 46.40
N TRP CA 69 92.88 29.18 45.48
CA TRP CA 69 92.03 28.04 45.16
C TRP CA 69 91.92 27.10 46.34
N LEU CA 70 93.02 26.93 47.08
CA LEU CA 70 93.02 26.05 48.25
C LEU CA 70 92.04 26.58 49.28
N VAL CA 71 92.19 27.85 49.63
CA VAL CA 71 91.30 28.48 50.61
C VAL CA 71 89.85 28.36 50.14
N HIS CA 72 89.63 28.69 48.87
CA HIS CA 72 88.28 28.64 48.30
C HIS CA 72 87.59 27.28 48.38
N TYR CA 73 88.19 26.28 47.74
CA TYR CA 73 87.60 24.95 47.72
C TYR CA 73 87.52 24.31 49.10
N ASN CA 74 88.49 24.58 49.96
CA ASN CA 74 88.48 24.03 51.31
C ASN CA 74 87.33 24.62 52.12
N GLY CA 75 87.05 25.89 51.91
CA GLY CA 75 85.96 26.54 52.64
C GLY CA 75 84.62 26.17 52.02
N GLN CA 76 84.67 25.24 51.07
CA GLN CA 76 83.49 24.78 50.37
C GLN CA 76 83.25 23.31 50.73
N LEU CA 77 84.09 22.79 51.61
CA LEU CA 77 84.01 21.41 52.06
C LEU CA 77 83.91 21.32 53.57
N PRO CA 78 83.38 20.21 54.08
CA PRO CA 78 83.27 20.04 55.53
C PRO CA 78 84.65 19.64 56.03
N PRO CA 79 84.94 19.84 57.32
CA PRO CA 79 86.26 19.48 57.86
C PRO CA 79 86.58 18.00 57.72
N LEU CA 80 87.87 17.70 57.59
CA LEU CA 80 88.33 16.32 57.46
C LEU CA 80 88.07 15.57 58.77
N GLU CA 81 87.32 14.48 58.71
CA GLU CA 81 86.98 13.71 59.91
C GLU CA 81 87.89 12.50 60.16
N GLU CA 82 88.56 12.03 59.12
CA GLU CA 82 89.42 10.87 59.25
C GLU CA 82 90.34 10.76 58.02
N PHE CA 83 91.35 9.91 58.11
CA PHE CA 83 92.26 9.71 56.98
C PHE CA 83 91.41 9.24 55.80
N ILE CA 84 91.74 9.73 54.61
CA ILE CA 84 91.01 9.37 53.41
C ILE CA 84 91.82 8.43 52.53
N LEU CA 85 91.12 7.52 51.86
CA LEU CA 85 91.77 6.57 50.95
C LEU CA 85 91.52 7.13 49.56
N PRO CA 86 92.51 7.06 48.67
CA PRO CA 86 92.28 7.61 47.34
C PRO CA 86 91.24 6.81 46.57
N GLY CA 87 90.15 7.47 46.19
CA GLY CA 87 89.10 6.80 45.45
C GLY CA 87 87.76 7.50 45.55
N GLY CA 88 86.71 6.84 45.05
CA GLY CA 88 85.38 7.42 45.08
C GLY CA 88 84.85 7.52 43.66
N ALA CA 89 84.27 8.66 43.31
CA ALA CA 89 83.77 8.85 41.95
C ALA CA 89 85.01 8.78 41.05
N ARG CA 90 84.83 8.40 39.80
CA ARG CA 90 85.97 8.30 38.89
C ARG CA 90 86.78 9.58 38.85
N GLY CA 91 86.09 10.72 38.83
CA GLY CA 91 86.78 11.99 38.80
C GLY CA 91 87.67 12.15 40.01
N ALA CA 92 87.13 11.85 41.20
CA ALA CA 92 87.89 11.96 42.42
C ALA CA 92 89.11 11.04 42.41
N ALA CA 93 88.91 9.81 41.94
CA ALA CA 93 89.98 8.82 41.87
C ALA CA 93 91.12 9.31 40.97
N LEU CA 94 90.76 9.89 39.82
CA LEU CA 94 91.76 10.41 38.89
C LEU CA 94 92.49 11.58 39.52
N ALA CA 95 91.76 12.42 40.25
CA ALA CA 95 92.38 13.57 40.92
C ALA CA 95 93.45 13.07 41.88
N HIS CA 96 93.17 11.97 42.56
CA HIS CA 96 94.13 11.40 43.49
C HIS CA 96 95.35 10.88 42.75
N VAL CA 97 95.14 10.31 41.56
CA VAL CA 97 96.28 9.84 40.78
C VAL CA 97 97.11 11.07 40.40
N CYS CA 98 96.44 12.15 39.99
CA CYS CA 98 97.16 13.37 39.64
C CYS CA 98 97.95 13.85 40.86
N ARG CA 99 97.33 13.76 42.03
CA ARG CA 99 97.97 14.18 43.26
C ARG CA 99 99.28 13.42 43.48
N THR CA 100 99.25 12.11 43.34
CA THR CA 100 100.45 11.31 43.55
C THR CA 100 101.52 11.53 42.47
N VAL CA 101 101.11 11.81 41.24
CA VAL CA 101 102.08 12.06 40.18
C VAL CA 101 102.69 13.45 40.40
N CYS CA 102 101.90 14.37 40.96
CA CYS CA 102 102.39 15.71 41.24
C CYS CA 102 103.46 15.60 42.35
N ARG CA 103 103.21 14.75 43.34
CA ARG CA 103 104.19 14.58 44.41
C ARG CA 103 105.46 13.95 43.86
N ARG CA 104 105.30 13.07 42.87
CA ARG CA 104 106.44 12.42 42.24
C ARG CA 104 107.27 13.48 41.52
N ALA CA 105 106.59 14.42 40.85
CA ALA CA 105 107.27 15.49 40.14
C ALA CA 105 107.98 16.41 41.14
N GLU CA 106 107.35 16.62 42.29
CA GLU CA 106 107.95 17.47 43.32
C GLU CA 106 109.26 16.85 43.80
N ARG CA 107 109.28 15.52 43.96
CA ARG CA 107 110.50 14.84 44.40
C ARG CA 107 111.63 15.06 43.38
N SER CA 108 111.29 14.96 42.10
CA SER CA 108 112.26 15.15 41.03
C SER CA 108 112.74 16.60 40.95
N ILE CA 109 111.83 17.54 41.20
CA ILE CA 109 112.16 18.96 41.17
C ILE CA 109 113.08 19.28 42.35
N LYS CA 110 112.81 18.66 43.49
CA LYS CA 110 113.65 18.87 44.68
C LYS CA 110 115.04 18.30 44.41
N ALA CA 111 115.10 17.14 43.77
CA ALA CA 111 116.40 16.52 43.46
C ALA CA 111 117.18 17.43 42.50
N LEU CA 112 116.49 18.00 41.52
CA LEU CA 112 117.13 18.88 40.56
C LEU CA 112 117.72 20.10 41.24
N GLY CA 113 116.94 20.72 42.12
CA GLY CA 113 117.41 21.90 42.83
C GLY CA 113 118.61 21.62 43.71
N ALA CA 114 118.81 20.35 44.06
CA ALA CA 114 119.94 19.98 44.91
C ALA CA 114 121.24 19.86 44.13
N SER CA 115 121.15 19.66 42.82
CA SER CA 115 122.35 19.52 42.00
C SER CA 115 122.57 20.69 41.04
N GLU CA 116 121.63 21.62 40.98
CA GLU CA 116 121.74 22.77 40.10
C GLU CA 116 121.01 23.98 40.68
N PRO CA 117 121.47 25.19 40.37
CA PRO CA 117 120.82 26.39 40.88
C PRO CA 117 119.43 26.47 40.26
N LEU CA 118 118.41 26.58 41.11
CA LEU CA 118 117.04 26.64 40.64
C LEU CA 118 116.24 27.55 41.57
N ASN CA 119 115.30 28.30 41.02
CA ASN CA 119 114.48 29.17 41.86
C ASN CA 119 113.60 28.27 42.70
N ILE CA 120 113.07 28.81 43.80
CA ILE CA 120 112.23 28.04 44.70
C ILE CA 120 110.79 27.90 44.23
N ALA CA 121 110.36 28.79 43.34
CA ALA CA 121 108.98 28.80 42.86
C ALA CA 121 108.48 27.46 42.32
N PRO CA 122 109.27 26.77 41.48
CA PRO CA 122 108.78 25.49 40.94
C PRO CA 122 108.36 24.47 42.01
N ALA CA 123 109.23 24.20 43.00
CA ALA CA 123 108.85 23.24 44.03
C ALA CA 123 107.69 23.75 44.89
N ALA CA 124 107.67 25.06 45.15
CA ALA CA 124 106.59 25.63 45.95
C ALA CA 124 105.27 25.51 45.19
N TYR CA 125 105.34 25.60 43.86
CA TYR CA 125 104.13 25.48 43.04
C TYR CA 125 103.55 24.08 43.14
N VAL CA 126 104.36 23.05 42.89
CA VAL CA 126 103.86 21.69 42.95
C VAL CA 126 103.53 21.23 44.36
N ASN CA 127 104.13 21.87 45.37
CA ASN CA 127 103.85 21.53 46.76
C ASN CA 127 102.39 21.92 46.98
N LEU CA 128 102.04 23.12 46.54
CA LEU CA 128 100.66 23.60 46.68
C LEU CA 128 99.70 22.81 45.80
N LEU CA 129 100.13 22.50 44.58
CA LEU CA 129 99.30 21.77 43.65
C LEU CA 129 98.89 20.39 44.18
N SER CA 130 99.82 19.70 44.83
CA SER CA 130 99.52 18.38 45.40
C SER CA 130 98.37 18.53 46.41
N ASP CA 131 98.48 19.55 47.26
CA ASP CA 131 97.45 19.78 48.27
C ASP CA 131 96.12 20.15 47.60
N LEU CA 132 96.18 20.94 46.53
CA LEU CA 132 94.96 21.34 45.83
C LEU CA 132 94.27 20.16 45.14
N LEU CA 133 95.06 19.26 44.57
CA LEU CA 133 94.49 18.09 43.91
C LEU CA 133 93.79 17.21 44.94
N PHE CA 134 94.31 17.19 46.16
CA PHE CA 134 93.69 16.41 47.24
C PHE CA 134 92.32 17.02 47.54
N VAL CA 135 92.30 18.35 47.63
CA VAL CA 135 91.08 19.10 47.92
C VAL CA 135 90.08 18.93 46.78
N LEU CA 136 90.55 19.05 45.55
CA LEU CA 136 89.66 18.91 44.40
C LEU CA 136 89.06 17.51 44.33
N ALA CA 137 89.80 16.51 44.80
CA ALA CA 137 89.27 15.15 44.80
C ALA CA 137 88.03 15.11 45.70
N ARG CA 138 88.15 15.75 46.86
CA ARG CA 138 87.02 15.80 47.81
C ARG CA 138 85.85 16.55 47.20
N VAL CA 139 86.14 17.63 46.48
CA VAL CA 139 85.10 18.41 45.83
C VAL CA 139 84.37 17.57 44.79
N LEU CA 140 85.12 16.78 44.04
CA LEU CA 140 84.53 15.93 43.02
C LEU CA 140 83.67 14.81 43.59
N ASN CA 141 84.07 14.27 44.75
CA ASN CA 141 83.27 13.22 45.35
C ASN CA 141 81.97 13.87 45.80
N ARG CA 142 82.09 15.07 46.35
CA ARG CA 142 80.95 15.85 46.82
C ARG CA 142 80.02 16.14 45.65
N ALA CA 143 80.59 16.67 44.57
CA ALA CA 143 79.82 17.02 43.38
C ALA CA 143 79.14 15.80 42.74
N ALA CA 144 79.68 14.62 43.01
CA ALA CA 144 79.11 13.39 42.44
C ALA CA 144 78.00 12.86 43.35
N GLY CA 145 77.75 13.58 44.44
CA GLY CA 145 76.71 13.16 45.37
C GLY CA 145 77.21 12.08 46.30
N GLY CA 146 78.50 11.73 46.18
CA GLY CA 146 79.07 10.71 47.03
C GLY CA 146 79.90 11.30 48.15
N ALA CA 147 80.73 10.48 48.78
CA ALA CA 147 81.57 10.92 49.88
C ALA CA 147 82.97 10.31 49.76
N ASP CA 148 83.92 10.87 50.50
CA ASP CA 148 85.29 10.36 50.47
C ASP CA 148 85.36 8.96 51.07
N VAL CA 149 86.33 8.18 50.62
CA VAL CA 149 86.52 6.82 51.12
C VAL CA 149 87.35 6.92 52.40
N LEU CA 150 86.84 6.40 53.51
CA LEU CA 150 87.54 6.49 54.78
C LEU CA 150 88.29 5.21 55.11
N TRP CA 151 89.29 5.29 55.98
CA TRP CA 151 90.03 4.09 56.32
C TRP CA 151 89.56 3.52 57.65
N ASP CA 152 90.08 2.34 57.99
CA ASP CA 152 89.71 1.68 59.25
C ASP CA 152 90.07 2.55 60.45
N MET DA 1 119.34 10.58 51.96
CA MET DA 1 119.52 9.17 51.63
C MET DA 1 118.27 8.36 51.96
N GLY DA 2 118.01 8.18 53.25
CA GLY DA 2 116.84 7.42 53.69
C GLY DA 2 115.57 8.10 53.23
N ASP DA 3 115.53 9.43 53.29
CA ASP DA 3 114.32 10.13 52.87
C ASP DA 3 114.02 9.82 51.41
N ASP DA 4 115.03 9.86 50.56
CA ASP DA 4 114.83 9.55 49.15
C ASP DA 4 114.39 8.09 48.99
N ALA DA 5 115.09 7.20 49.69
CA ALA DA 5 114.79 5.77 49.66
C ALA DA 5 113.44 5.47 50.28
N ARG DA 6 113.17 6.15 51.39
CA ARG DA 6 111.92 5.99 52.14
C ARG DA 6 110.76 6.81 51.56
N ILE DA 7 110.93 8.11 51.33
CA ILE DA 7 109.91 8.99 50.78
C ILE DA 7 109.47 8.51 49.40
N ALA DA 8 110.40 7.96 48.63
CA ALA DA 8 110.09 7.46 47.30
C ALA DA 8 109.22 6.20 47.36
N ALA DA 9 109.54 5.29 48.27
CA ALA DA 9 108.78 4.06 48.43
C ALA DA 9 107.35 4.40 48.86
N ILE DA 10 107.24 5.32 49.83
CA ILE DA 10 105.94 5.74 50.32
C ILE DA 10 105.12 6.32 49.16
N GLY DA 11 105.76 7.15 48.36
CA GLY DA 11 105.07 7.75 47.22
C GLY DA 11 104.57 6.74 46.20
N ASP DA 12 105.40 5.74 45.88
CA ASP DA 12 104.99 4.72 44.91
C ASP DA 12 103.82 3.88 45.44
N VAL DA 13 103.80 3.61 46.74
CA VAL DA 13 102.72 2.83 47.32
C VAL DA 13 101.44 3.67 47.21
N ASP DA 14 101.60 4.97 47.44
CA ASP DA 14 100.48 5.92 47.36
C ASP DA 14 99.97 5.96 45.91
N GLU DA 15 100.89 6.02 44.95
CA GLU DA 15 100.52 6.07 43.54
C GLU DA 15 99.76 4.79 43.16
N LEU DA 16 100.27 3.65 43.63
CA LEU DA 16 99.63 2.36 43.37
C LEU DA 16 98.21 2.37 43.95
N ASN DA 17 98.08 2.81 45.20
CA ASN DA 17 96.78 2.85 45.85
C ASN DA 17 95.81 3.74 45.06
N SER DA 18 96.33 4.83 44.50
CA SER DA 18 95.50 5.73 43.72
C SER DA 18 95.07 5.08 42.42
N GLN DA 19 95.96 4.31 41.81
CA GLN DA 19 95.60 3.63 40.57
C GLN DA 19 94.51 2.59 40.86
N ILE DA 20 94.56 1.99 42.04
CA ILE DA 20 93.54 1.01 42.41
C ILE DA 20 92.21 1.76 42.60
N GLY DA 21 92.29 3.00 43.08
CA GLY DA 21 91.09 3.79 43.26
C GLY DA 21 90.43 4.03 41.91
N VAL DA 22 91.24 4.21 40.87
CA VAL DA 22 90.70 4.42 39.52
C VAL DA 22 90.03 3.14 39.04
N LEU DA 23 90.65 2.00 39.33
CA LEU DA 23 90.10 0.70 38.94
C LEU DA 23 88.76 0.48 39.66
N LEU DA 24 88.67 0.92 40.91
CA LEU DA 24 87.45 0.77 41.69
C LEU DA 24 86.30 1.65 41.20
N ALA DA 25 86.59 2.60 40.33
CA ALA DA 25 85.56 3.49 39.79
C ALA DA 25 84.89 2.81 38.59
N GLU DA 26 85.37 1.62 38.24
CA GLU DA 26 84.84 0.86 37.13
C GLU DA 26 83.86 -0.19 37.64
N PRO DA 27 83.03 -0.74 36.74
CA PRO DA 27 82.07 -1.77 37.18
C PRO DA 27 82.92 -3.01 37.47
N LEU DA 28 82.64 -3.69 38.57
CA LEU DA 28 83.41 -4.87 38.96
C LEU DA 28 82.56 -5.93 39.61
N PRO DA 29 83.06 -7.17 39.61
CA PRO DA 29 82.35 -8.26 40.27
C PRO DA 29 82.37 -7.93 41.75
N ASP DA 30 81.27 -8.15 42.46
CA ASP DA 30 81.25 -7.80 43.87
C ASP DA 30 82.43 -8.34 44.68
N ASP DA 31 82.83 -9.58 44.40
CA ASP DA 31 83.95 -10.16 45.13
C ASP DA 31 85.26 -9.43 44.83
N VAL DA 32 85.48 -9.12 43.56
CA VAL DA 32 86.69 -8.40 43.17
C VAL DA 32 86.73 -7.02 43.84
N ARG DA 33 85.59 -6.34 43.86
CA ARG DA 33 85.51 -5.03 44.49
C ARG DA 33 85.85 -5.11 45.97
N ALA DA 34 85.35 -6.13 46.65
CA ALA DA 34 85.63 -6.31 48.07
C ALA DA 34 87.11 -6.51 48.32
N ALA DA 35 87.76 -7.32 47.49
CA ALA DA 35 89.19 -7.58 47.66
C ALA DA 35 90.00 -6.30 47.44
N LEU DA 36 89.74 -5.61 46.33
CA LEU DA 36 90.45 -4.37 46.03
C LEU DA 36 90.29 -3.31 47.11
N SER DA 37 89.06 -3.15 47.62
CA SER DA 37 88.83 -2.15 48.67
C SER DA 37 89.65 -2.48 49.92
N ALA DA 38 89.67 -3.75 50.29
CA ALA DA 38 90.43 -4.18 51.46
C ALA DA 38 91.92 -3.91 51.24
N ILE DA 39 92.40 -4.17 50.03
CA ILE DA 39 93.79 -3.95 49.68
C ILE DA 39 94.16 -2.48 49.87
N GLN DA 40 93.24 -1.57 49.53
CA GLN DA 40 93.51 -0.15 49.69
C GLN DA 40 93.85 0.16 51.15
N HIS DA 41 93.11 -0.46 52.07
CA HIS DA 41 93.38 -0.24 53.49
C HIS DA 41 94.76 -0.82 53.83
N ASP DA 42 95.06 -1.99 53.27
CA ASP DA 42 96.35 -2.62 53.51
C ASP DA 42 97.48 -1.69 53.06
N LEU DA 43 97.34 -1.12 51.86
CA LEU DA 43 98.36 -0.24 51.32
C LEU DA 43 98.52 1.02 52.16
N PHE DA 44 97.43 1.50 52.74
CA PHE DA 44 97.50 2.68 53.60
C PHE DA 44 98.36 2.31 54.80
N ASP DA 45 98.09 1.15 55.39
CA ASP DA 45 98.87 0.70 56.54
C ASP DA 45 100.32 0.43 56.16
N LEU DA 46 100.52 -0.13 54.97
CA LEU DA 46 101.87 -0.44 54.50
C LEU DA 46 102.69 0.85 54.40
N GLY DA 47 102.08 1.89 53.84
CA GLY DA 47 102.77 3.16 53.72
C GLY DA 47 103.14 3.70 55.09
N GLY DA 48 102.26 3.50 56.06
CA GLY DA 48 102.54 3.95 57.41
C GLY DA 48 103.72 3.23 58.02
N GLU DA 49 103.83 1.93 57.74
CA GLU DA 49 104.94 1.14 58.26
C GLU DA 49 106.26 1.63 57.66
N LEU DA 50 106.26 1.92 56.37
CA LEU DA 50 107.46 2.40 55.70
C LEU DA 50 107.89 3.74 56.28
N CYS DA 51 106.91 4.55 56.63
CA CYS DA 51 107.19 5.89 57.14
C CYS DA 51 107.70 5.94 58.58
N ILE DA 52 106.96 5.37 59.51
CA ILE DA 52 107.34 5.39 60.93
C ILE DA 52 108.31 4.33 61.40
N PRO DA 53 109.42 4.78 61.98
CA PRO DA 53 110.45 3.90 62.56
C PRO DA 53 109.95 3.19 63.82
N GLY DA 54 110.24 1.89 63.90
CA GLY DA 54 109.81 1.12 65.06
C GLY DA 54 108.36 0.72 64.96
N HIS DA 55 107.69 1.10 63.87
CA HIS DA 55 106.29 0.78 63.68
C HIS DA 55 106.08 -0.25 62.57
N ALA DA 56 105.30 -1.29 62.88
CA ALA DA 56 104.99 -2.35 61.91
C ALA DA 56 103.48 -2.48 61.79
N ALA DA 57 103.00 -2.90 60.61
CA ALA DA 57 101.57 -3.05 60.39
C ALA DA 57 101.21 -4.27 59.54
N ILE DA 58 102.10 -4.64 58.62
CA ILE DA 58 101.86 -5.78 57.75
C ILE DA 58 102.32 -7.07 58.44
N THR DA 59 101.41 -8.02 58.57
CA THR DA 59 101.67 -9.29 59.24
C THR DA 59 101.45 -10.51 58.35
N GLU DA 60 101.72 -11.69 58.89
CA GLU DA 60 101.51 -12.93 58.14
C GLU DA 60 100.06 -13.00 57.69
N ASP DA 61 99.16 -12.51 58.53
CA ASP DA 61 97.73 -12.53 58.21
C ASP DA 61 97.43 -11.80 56.90
N HIS DA 62 98.15 -10.70 56.65
CA HIS DA 62 97.97 -9.93 55.42
C HIS DA 62 98.45 -10.76 54.24
N LEU DA 63 99.61 -11.38 54.41
CA LEU DA 63 100.19 -12.22 53.36
C LEU DA 63 99.30 -13.42 53.08
N LEU DA 64 98.79 -14.03 54.16
CA LEU DA 64 97.93 -15.19 54.04
C LEU DA 64 96.67 -14.86 53.24
N ARG DA 65 96.10 -13.68 53.50
CA ARG DA 65 94.89 -13.28 52.79
C ARG DA 65 95.16 -13.13 51.30
N LEU DA 66 96.32 -12.58 50.95
CA LEU DA 66 96.66 -12.42 49.55
C LEU DA 66 96.85 -13.80 48.93
N ALA DA 67 97.55 -14.68 49.63
CA ALA DA 67 97.77 -16.04 49.15
C ALA DA 67 96.43 -16.71 48.89
N LEU DA 68 95.48 -16.47 49.79
CA LEU DA 68 94.16 -17.05 49.65
C LEU DA 68 93.44 -16.54 48.42
N TRP DA 69 93.53 -15.24 48.15
CA TRP DA 69 92.89 -14.66 46.99
C TRP DA 69 93.52 -15.18 45.70
N LEU DA 70 94.83 -15.37 45.71
CA LEU DA 70 95.54 -15.87 44.54
C LEU DA 70 95.02 -17.27 44.21
N VAL DA 71 95.04 -18.15 45.20
CA VAL DA 71 94.57 -19.52 45.01
C VAL DA 71 93.12 -19.50 44.53
N HIS DA 72 92.29 -18.71 45.18
CA HIS DA 72 90.88 -18.61 44.84
C HIS DA 72 90.60 -18.19 43.40
N TYR DA 73 91.04 -17.00 43.03
CA TYR DA 73 90.80 -16.49 41.68
C TYR DA 73 91.48 -17.31 40.59
N ASN DA 74 92.64 -17.86 40.89
CA ASN DA 74 93.34 -18.67 39.91
C ASN DA 74 92.58 -19.97 39.64
N GLY DA 75 91.97 -20.52 40.69
CA GLY DA 75 91.22 -21.76 40.53
C GLY DA 75 89.86 -21.47 39.92
N GLN DA 76 89.67 -20.21 39.53
CA GLN DA 76 88.42 -19.76 38.93
C GLN DA 76 88.68 -19.38 37.47
N LEU DA 77 89.91 -19.60 37.04
CA LEU DA 77 90.33 -19.28 35.68
C LEU DA 77 90.93 -20.50 35.00
N PRO DA 78 90.92 -20.52 33.66
CA PRO DA 78 91.50 -21.64 32.92
C PRO DA 78 93.02 -21.44 32.95
N PRO DA 79 93.78 -22.52 32.74
CA PRO DA 79 95.25 -22.39 32.75
C PRO DA 79 95.78 -21.44 31.69
N LEU DA 80 96.91 -20.80 31.98
CA LEU DA 80 97.54 -19.86 31.05
C LEU DA 80 98.06 -20.64 29.84
N GLU DA 81 97.60 -20.26 28.64
CA GLU DA 81 98.00 -20.94 27.42
C GLU DA 81 99.15 -20.28 26.66
N GLU DA 82 99.37 -19.00 26.92
CA GLU DA 82 100.42 -18.27 26.24
C GLU DA 82 100.70 -16.95 26.96
N PHE DA 83 101.81 -16.29 26.61
CA PHE DA 83 102.14 -15.01 27.23
C PHE DA 83 100.98 -14.05 26.96
N ILE DA 84 100.64 -13.24 27.94
CA ILE DA 84 99.54 -12.30 27.80
C ILE DA 84 100.05 -10.87 27.66
N LEU DA 85 99.34 -10.07 26.87
CA LEU DA 85 99.70 -8.67 26.68
C LEU DA 85 98.75 -7.88 27.57
N PRO DA 86 99.23 -6.84 28.24
CA PRO DA 86 98.33 -6.11 29.11
C PRO DA 86 97.24 -5.38 28.33
N GLY DA 87 95.99 -5.72 28.60
CA GLY DA 87 94.89 -5.09 27.89
C GLY DA 87 93.62 -5.91 27.93
N GLY DA 88 92.62 -5.49 27.15
CA GLY DA 88 91.35 -6.20 27.10
C GLY DA 88 90.25 -5.23 27.51
N ALA DA 89 89.35 -5.69 28.37
CA ALA DA 89 88.27 -4.82 28.85
C ALA DA 89 88.97 -3.70 29.62
N ARG DA 90 88.33 -2.54 29.70
CA ARG DA 90 88.95 -1.41 30.39
C ARG DA 90 89.37 -1.79 31.81
N GLY DA 91 88.52 -2.55 32.50
CA GLY DA 91 88.84 -2.96 33.85
C GLY DA 91 90.12 -3.77 33.88
N ALA DA 92 90.24 -4.73 32.97
CA ALA DA 92 91.43 -5.57 32.90
C ALA DA 92 92.67 -4.74 32.60
N ALA DA 93 92.55 -3.79 31.66
CA ALA DA 93 93.66 -2.93 31.29
C ALA DA 93 94.14 -2.11 32.48
N LEU DA 94 93.21 -1.57 33.26
CA LEU DA 94 93.56 -0.78 34.44
C LEU DA 94 94.24 -1.67 35.48
N ALA DA 95 93.74 -2.89 35.63
CA ALA DA 95 94.32 -3.83 36.58
C ALA DA 95 95.80 -4.05 36.21
N HIS DA 96 96.08 -4.14 34.92
CA HIS DA 96 97.46 -4.33 34.47
C HIS DA 96 98.31 -3.11 34.78
N VAL DA 97 97.72 -1.92 34.68
CA VAL DA 97 98.46 -0.72 35.02
C VAL DA 97 98.76 -0.78 36.52
N CYS DA 98 97.77 -1.19 37.31
CA CYS DA 98 97.98 -1.30 38.75
C CYS DA 98 99.10 -2.30 39.01
N ARG DA 99 99.11 -3.38 38.25
CA ARG DA 99 100.13 -4.42 38.39
C ARG DA 99 101.52 -3.83 38.19
N THR DA 100 101.71 -3.06 37.12
CA THR DA 100 103.01 -2.48 36.85
C THR DA 100 103.43 -1.41 37.86
N VAL DA 101 102.47 -0.67 38.39
CA VAL DA 101 102.79 0.35 39.38
C VAL DA 101 103.13 -0.34 40.70
N CYS DA 102 102.50 -1.48 40.95
CA CYS DA 102 102.78 -2.25 42.16
C CYS DA 102 104.21 -2.78 42.08
N ARG DA 103 104.61 -3.24 40.90
CA ARG DA 103 105.98 -3.73 40.73
C ARG DA 103 106.98 -2.59 40.90
N ARG DA 104 106.57 -1.39 40.47
CA ARG DA 104 107.43 -0.22 40.61
C ARG DA 104 107.62 0.08 42.10
N ALA DA 105 106.53 -0.04 42.86
CA ALA DA 105 106.58 0.19 44.30
C ALA DA 105 107.45 -0.87 44.98
N GLU DA 106 107.36 -2.10 44.48
CA GLU DA 106 108.17 -3.19 45.03
C GLU DA 106 109.66 -2.88 44.84
N ARG DA 107 110.02 -2.35 43.68
CA ARG DA 107 111.42 -2.00 43.43
C ARG DA 107 111.90 -0.95 44.43
N SER DA 108 111.07 0.04 44.70
CA SER DA 108 111.40 1.09 45.64
C SER DA 108 111.48 0.57 47.07
N ILE DA 109 110.60 -0.36 47.41
CA ILE DA 109 110.59 -0.95 48.75
C ILE DA 109 111.84 -1.81 48.93
N LYS DA 110 112.24 -2.51 47.88
CA LYS DA 110 113.44 -3.33 47.93
C LYS DA 110 114.66 -2.43 48.10
N ALA DA 111 114.68 -1.30 47.39
CA ALA DA 111 115.78 -0.36 47.50
C ALA DA 111 115.87 0.20 48.92
N LEU DA 112 114.71 0.50 49.50
CA LEU DA 112 114.66 1.04 50.86
C LEU DA 112 115.23 0.05 51.86
N GLY DA 113 114.81 -1.21 51.74
CA GLY DA 113 115.29 -2.25 52.65
C GLY DA 113 116.78 -2.48 52.54
N ALA DA 114 117.37 -2.06 51.44
CA ALA DA 114 118.80 -2.24 51.24
C ALA DA 114 119.63 -1.16 51.94
N SER DA 115 119.00 -0.02 52.24
CA SER DA 115 119.71 1.07 52.89
C SER DA 115 119.24 1.34 54.32
N GLU DA 116 118.20 0.63 54.76
CA GLU DA 116 117.66 0.79 56.10
C GLU DA 116 117.03 -0.49 56.61
N PRO DA 117 117.05 -0.71 57.93
CA PRO DA 117 116.46 -1.92 58.48
C PRO DA 117 114.95 -1.86 58.24
N LEU DA 118 114.41 -2.90 57.62
CA LEU DA 118 113.00 -2.96 57.31
C LEU DA 118 112.52 -4.40 57.40
N ASN DA 119 111.31 -4.61 57.88
CA ASN DA 119 110.78 -5.96 57.97
C ASN DA 119 110.57 -6.46 56.55
N ILE DA 120 110.49 -7.78 56.39
CA ILE DA 120 110.31 -8.36 55.06
C ILE DA 120 108.87 -8.34 54.56
N ALA DA 121 107.92 -8.20 55.48
CA ALA DA 121 106.51 -8.20 55.12
C ALA DA 121 106.10 -7.24 54.00
N PRO DA 122 106.56 -5.98 54.05
CA PRO DA 122 106.18 -5.05 52.99
C PRO DA 122 106.50 -5.52 51.57
N ALA DA 123 107.74 -5.94 51.32
CA ALA DA 123 108.06 -6.41 49.96
C ALA DA 123 107.33 -7.70 49.63
N ALA DA 124 107.14 -8.57 50.61
CA ALA DA 124 106.44 -9.82 50.36
C ALA DA 124 104.97 -9.54 50.03
N TYR DA 125 104.44 -8.48 50.63
CA TYR DA 125 103.05 -8.10 50.38
C TYR DA 125 102.87 -7.65 48.92
N VAL DA 126 103.68 -6.69 48.48
CA VAL DA 126 103.55 -6.21 47.11
C VAL DA 126 103.99 -7.23 46.07
N ASN DA 127 104.83 -8.18 46.47
CA ASN DA 127 105.27 -9.23 45.55
C ASN DA 127 104.01 -10.05 45.21
N LEU DA 128 103.25 -10.38 46.24
CA LEU DA 128 102.02 -11.14 46.06
C LEU DA 128 100.96 -10.30 45.36
N LEU DA 129 100.87 -9.03 45.72
CA LEU DA 129 99.86 -8.14 45.13
C LEU DA 129 100.03 -8.00 43.62
N SER DA 130 101.28 -7.92 43.15
CA SER DA 130 101.54 -7.81 41.72
C SER DA 130 100.96 -9.05 41.03
N ASP DA 131 101.22 -10.22 41.59
CA ASP DA 131 100.71 -11.45 41.00
C ASP DA 131 99.19 -11.48 41.04
N LEU DA 132 98.60 -10.99 42.13
CA LEU DA 132 97.14 -10.99 42.25
C LEU DA 132 96.49 -10.03 41.25
N LEU DA 133 97.11 -8.88 41.02
CA LEU DA 133 96.56 -7.93 40.07
C LEU DA 133 96.58 -8.53 38.66
N PHE DA 134 97.59 -9.36 38.38
CA PHE DA 134 97.69 -10.02 37.08
C PHE DA 134 96.49 -10.97 36.96
N VAL DA 135 96.25 -11.73 38.02
CA VAL DA 135 95.16 -12.69 38.06
C VAL DA 135 93.81 -11.98 37.96
N LEU DA 136 93.65 -10.89 38.71
CA LEU DA 136 92.39 -10.15 38.67
C LEU DA 136 92.13 -9.56 37.29
N ALA DA 137 93.19 -9.23 36.56
CA ALA DA 137 93.01 -8.70 35.22
C ALA DA 137 92.35 -9.78 34.36
N ARG DA 138 92.81 -11.01 34.50
CA ARG DA 138 92.25 -12.12 33.75
C ARG DA 138 90.79 -12.35 34.14
N VAL DA 139 90.51 -12.22 35.44
CA VAL DA 139 89.14 -12.40 35.94
C VAL DA 139 88.23 -11.34 35.33
N LEU DA 140 88.71 -10.11 35.25
CA LEU DA 140 87.92 -9.02 34.69
C LEU DA 140 87.67 -9.18 33.19
N ASN DA 141 88.63 -9.73 32.46
CA ASN DA 141 88.42 -9.94 31.04
C ASN DA 141 87.35 -11.01 30.91
N ARG DA 142 87.45 -12.03 31.76
CA ARG DA 142 86.50 -13.13 31.79
C ARG DA 142 85.11 -12.59 32.10
N ALA DA 143 85.01 -11.81 33.18
CA ALA DA 143 83.75 -11.24 33.61
C ALA DA 143 83.14 -10.31 32.58
N ALA DA 144 83.96 -9.77 31.69
CA ALA DA 144 83.47 -8.87 30.66
C ALA DA 144 83.02 -9.67 29.43
N GLY DA 145 83.13 -10.99 29.53
CA GLY DA 145 82.73 -11.83 28.42
C GLY DA 145 83.80 -11.91 27.35
N GLY DA 146 84.93 -11.26 27.61
CA GLY DA 146 86.03 -11.27 26.66
C GLY DA 146 87.12 -12.24 27.05
N ALA DA 147 88.29 -12.09 26.45
CA ALA DA 147 89.43 -12.96 26.74
C ALA DA 147 90.73 -12.15 26.82
N ASP DA 148 91.76 -12.75 27.38
CA ASP DA 148 93.05 -12.07 27.51
C ASP DA 148 93.66 -11.84 26.13
N VAL DA 149 94.48 -10.79 26.01
CA VAL DA 149 95.15 -10.47 24.77
C VAL DA 149 96.41 -11.32 24.69
N LEU DA 150 96.56 -12.10 23.64
CA LEU DA 150 97.72 -12.99 23.51
C LEU DA 150 98.79 -12.38 22.60
N TRP DA 151 100.03 -12.85 22.74
CA TRP DA 151 101.08 -12.30 21.90
C TRP DA 151 101.37 -13.24 20.72
N ASP DA 152 102.23 -12.77 19.81
CA ASP DA 152 102.59 -13.57 18.64
C ASP DA 152 103.26 -14.87 19.05
N LEU EA 3 68.41 -75.92 41.89
CA LEU EA 3 68.89 -77.34 41.71
C LEU EA 3 70.27 -77.54 42.32
N SER EA 4 70.62 -76.62 43.21
CA SER EA 4 71.84 -76.73 43.99
C SER EA 4 71.55 -76.35 45.43
N ALA EA 5 72.31 -76.90 46.35
CA ALA EA 5 72.22 -76.56 47.76
C ALA EA 5 73.64 -76.68 48.30
N GLU EA 6 73.96 -75.82 49.26
CA GLU EA 6 75.31 -75.75 49.87
C GLU EA 6 75.16 -75.69 51.38
N GLN EA 7 76.12 -76.24 52.10
CA GLN EA 7 76.12 -76.11 53.56
C GLN EA 7 77.56 -76.14 54.06
N SER EA 8 77.87 -75.26 55.01
CA SER EA 8 79.18 -75.25 55.62
C SER EA 8 79.07 -74.97 57.10
N PHE EA 9 79.94 -75.60 57.88
CA PHE EA 9 79.86 -75.49 59.33
C PHE EA 9 81.08 -76.08 60.00
N THR EA 10 81.24 -75.75 61.26
CA THR EA 10 82.34 -76.25 62.08
C THR EA 10 81.79 -77.00 63.28
N LEU EA 11 82.56 -77.99 63.73
CA LEU EA 11 82.22 -78.79 64.93
C LEU EA 11 83.51 -79.25 65.55
N ARG EA 12 83.53 -79.33 66.87
CA ARG EA 12 84.70 -79.81 67.58
C ARG EA 12 84.55 -81.29 67.95
N HIS EA 13 85.55 -82.09 67.64
CA HIS EA 13 85.53 -83.49 68.04
C HIS EA 13 86.05 -83.49 69.48
N PRO EA 14 85.27 -84.02 70.43
CA PRO EA 14 85.67 -84.06 71.86
C PRO EA 14 86.97 -84.81 72.17
N HIS EA 15 87.42 -85.70 71.27
CA HIS EA 15 88.62 -86.51 71.55
C HIS EA 15 89.93 -85.98 70.90
N GLY EA 16 89.88 -84.81 70.27
CA GLY EA 16 91.11 -84.19 69.74
C GLY EA 16 91.38 -84.47 68.27
N GLN EA 17 92.57 -84.08 67.81
CA GLN EA 17 92.91 -84.08 66.38
C GLN EA 17 92.95 -85.44 65.69
N ALA EA 18 93.74 -86.38 66.24
CA ALA EA 18 93.86 -87.71 65.65
C ALA EA 18 92.49 -88.34 65.46
N ALA EA 19 91.65 -88.22 66.47
CA ALA EA 19 90.31 -88.78 66.43
C ALA EA 19 89.45 -88.07 65.37
N ALA EA 20 89.59 -86.75 65.27
CA ALA EA 20 88.82 -85.96 64.31
C ALA EA 20 89.21 -86.36 62.87
N LEU EA 21 90.51 -86.54 62.64
CA LEU EA 21 91.01 -87.02 61.32
C LEU EA 21 90.42 -88.38 60.98
N ALA EA 22 90.41 -89.30 61.95
CA ALA EA 22 89.88 -90.64 61.74
C ALA EA 22 88.38 -90.61 61.45
N PHE EA 23 87.69 -89.76 62.17
CA PHE EA 23 86.23 -89.59 62.03
C PHE EA 23 85.84 -89.10 60.63
N VAL EA 24 86.50 -88.06 60.15
CA VAL EA 24 86.16 -87.49 58.83
C VAL EA 24 86.60 -88.38 57.67
N ARG EA 25 87.54 -89.28 57.93
CA ARG EA 25 88.07 -90.15 56.87
C ARG EA 25 87.30 -91.44 56.71
N GLU EA 26 86.42 -91.76 57.66
CA GLU EA 26 85.61 -92.96 57.56
C GLU EA 26 84.12 -92.58 57.48
N PRO EA 27 83.53 -92.76 56.30
CA PRO EA 27 82.12 -92.41 56.09
C PRO EA 27 81.17 -93.02 57.13
N ALA EA 28 81.28 -94.31 57.38
CA ALA EA 28 80.42 -95.03 58.34
C ALA EA 28 80.40 -94.35 59.72
N ALA EA 29 81.47 -93.62 60.04
CA ALA EA 29 81.57 -92.84 61.29
C ALA EA 29 80.93 -91.47 61.09
N ALA EA 30 81.45 -90.72 60.14
CA ALA EA 30 81.00 -89.35 59.86
C ALA EA 30 79.52 -89.25 59.51
N LEU EA 31 79.02 -90.21 58.72
CA LEU EA 31 77.62 -90.18 58.27
C LEU EA 31 76.66 -91.11 59.05
N ALA EA 32 77.11 -91.69 60.15
CA ALA EA 32 76.25 -92.62 60.95
C ALA EA 32 74.83 -92.08 61.30
N GLY EA 33 74.75 -90.81 61.71
CA GLY EA 33 73.49 -90.22 62.13
C GLY EA 33 72.88 -89.25 61.13
N VAL EA 34 73.45 -89.21 59.93
CA VAL EA 34 72.98 -88.31 58.88
C VAL EA 34 71.63 -88.74 58.36
N GLN EA 35 70.68 -87.82 58.35
CA GLN EA 35 69.35 -88.14 57.87
C GLN EA 35 69.17 -87.66 56.43
N ARG EA 36 68.13 -88.20 55.79
CA ARG EA 36 67.70 -87.84 54.44
C ARG EA 36 68.60 -88.35 53.34
N LEU EA 37 69.52 -89.26 53.71
CA LEU EA 37 70.32 -89.99 52.76
C LEU EA 37 69.95 -91.47 52.89
N ARG EA 38 68.93 -91.89 52.13
CA ARG EA 38 68.43 -93.24 52.27
C ARG EA 38 69.35 -94.26 51.57
N GLY EA 39 69.42 -95.47 52.13
CA GLY EA 39 70.20 -96.56 51.54
C GLY EA 39 71.68 -96.30 51.51
N LEU EA 40 72.15 -95.48 52.44
CA LEU EA 40 73.55 -95.12 52.49
C LEU EA 40 74.41 -96.37 52.67
N ASP EA 41 75.43 -96.50 51.84
CA ASP EA 41 76.37 -97.61 51.98
C ASP EA 41 77.72 -97.23 51.38
N SER EA 42 78.74 -98.03 51.67
CA SER EA 42 80.11 -97.79 51.21
C SER EA 42 80.96 -99.03 51.26
N ASP EA 43 81.94 -99.12 50.36
CA ASP EA 43 82.91 -100.22 50.34
C ASP EA 43 84.31 -99.70 50.75
N GLY EA 44 84.35 -98.48 51.29
CA GLY EA 44 85.64 -97.87 51.69
C GLY EA 44 86.22 -97.01 50.60
N GLU EA 45 85.83 -97.28 49.35
CA GLU EA 45 86.32 -96.54 48.18
C GLU EA 45 85.31 -95.49 47.72
N GLN EA 46 84.05 -95.88 47.67
CA GLN EA 46 83.00 -94.98 47.29
C GLN EA 46 81.87 -95.05 48.30
N VAL EA 47 81.06 -94.01 48.31
CA VAL EA 47 79.87 -93.93 49.12
C VAL EA 47 78.68 -93.70 48.19
N TRP EA 48 77.56 -94.33 48.49
CA TRP EA 48 76.37 -94.16 47.66
C TRP EA 48 75.07 -94.24 48.46
N GLY EA 49 73.99 -93.79 47.81
CA GLY EA 49 72.70 -93.75 48.46
C GLY EA 49 71.72 -93.05 47.57
N GLU EA 50 70.68 -92.47 48.17
CA GLU EA 50 69.67 -91.78 47.40
C GLU EA 50 68.97 -90.71 48.21
N LEU EA 51 68.54 -89.66 47.54
CA LEU EA 51 67.71 -88.64 48.13
C LEU EA 51 66.31 -88.85 47.61
N LEU EA 52 65.31 -88.47 48.42
CA LEU EA 52 63.91 -88.66 48.03
C LEU EA 52 63.26 -87.33 47.64
N VAL EA 53 62.79 -87.26 46.42
CA VAL EA 53 62.02 -86.12 45.93
C VAL EA 53 60.56 -86.54 45.90
N ARG EA 54 59.73 -85.84 46.67
CA ARG EA 54 58.32 -86.16 46.77
C ARG EA 54 57.50 -85.29 45.83
N VAL EA 55 56.78 -85.95 44.91
CA VAL EA 55 55.88 -85.24 44.03
C VAL EA 55 54.53 -85.90 44.10
N PRO EA 56 53.48 -85.19 43.66
CA PRO EA 56 52.16 -85.80 43.72
C PRO EA 56 52.03 -87.04 42.84
N LEU EA 57 51.26 -87.99 43.33
CA LEU EA 57 50.89 -89.18 42.61
C LEU EA 57 52.01 -90.22 42.51
N LEU EA 58 53.21 -89.80 42.13
CA LEU EA 58 54.36 -90.72 42.15
C LEU EA 58 54.85 -90.95 43.57
N GLY EA 59 54.67 -89.94 44.43
CA GLY EA 59 55.09 -90.02 45.82
C GLY EA 59 56.60 -89.82 45.91
N GLU EA 60 57.23 -90.61 46.75
CA GLU EA 60 58.68 -90.50 46.95
C GLU EA 60 59.43 -91.10 45.78
N VAL EA 61 60.15 -90.24 45.04
CA VAL EA 61 60.99 -90.67 43.93
C VAL EA 61 62.43 -90.59 44.36
N ASP EA 62 63.13 -91.71 44.28
CA ASP EA 62 64.52 -91.78 44.73
C ASP EA 62 65.50 -91.38 43.62
N LEU EA 63 66.41 -90.48 43.96
CA LEU EA 63 67.47 -90.02 43.06
C LEU EA 63 68.80 -90.52 43.62
N PRO EA 64 69.50 -91.38 42.89
CA PRO EA 64 70.72 -91.92 43.44
C PRO EA 64 71.90 -90.93 43.37
N PHE EA 65 72.90 -91.18 44.20
CA PHE EA 65 74.18 -90.51 44.11
C PHE EA 65 75.23 -91.55 44.43
N ARG EA 66 76.44 -91.29 43.96
CA ARG EA 66 77.58 -92.10 44.25
C ARG EA 66 78.80 -91.16 44.20
N SER EA 67 79.61 -91.20 45.24
CA SER EA 67 80.78 -90.34 45.33
C SER EA 67 82.04 -91.11 45.73
N GLU EA 68 83.17 -90.66 45.21
CA GLU EA 68 84.47 -91.23 45.52
C GLU EA 68 84.98 -90.62 46.81
N ILE EA 69 85.53 -91.47 47.68
CA ILE EA 69 86.12 -91.00 48.94
C ILE EA 69 87.59 -90.72 48.69
N VAL EA 70 88.01 -89.49 48.97
CA VAL EA 70 89.38 -89.07 48.74
C VAL EA 70 90.01 -88.62 50.04
N ARG EA 71 91.04 -89.31 50.45
CA ARG EA 71 91.76 -89.03 51.67
C ARG EA 71 92.78 -87.92 51.42
N THR EA 72 92.73 -86.88 52.24
CA THR EA 72 93.61 -85.73 52.09
C THR EA 72 94.47 -85.54 53.35
N PRO EA 73 95.47 -84.65 53.27
CA PRO EA 73 96.35 -84.50 54.44
C PRO EA 73 95.65 -84.02 55.72
N GLN EA 74 94.62 -83.17 55.60
CA GLN EA 74 93.88 -82.64 56.76
C GLN EA 74 92.54 -83.32 56.99
N GLY EA 75 92.18 -84.29 56.16
CA GLY EA 75 90.88 -84.95 56.30
C GLY EA 75 90.50 -85.83 55.14
N ALA EA 76 89.43 -85.46 54.45
CA ALA EA 76 88.92 -86.26 53.35
C ALA EA 76 87.89 -85.46 52.57
N GLU EA 77 87.63 -85.90 51.34
CA GLU EA 77 86.58 -85.32 50.50
C GLU EA 77 85.71 -86.40 49.92
N LEU EA 78 84.50 -86.00 49.51
CA LEU EA 78 83.68 -86.80 48.61
C LEU EA 78 83.67 -86.07 47.29
N ARG EA 79 83.99 -86.78 46.22
CA ARG EA 79 83.93 -86.24 44.88
C ARG EA 79 82.93 -87.05 44.06
N PRO EA 80 81.89 -86.38 43.51
CA PRO EA 80 80.75 -87.03 42.88
C PRO EA 80 81.07 -87.72 41.59
N LEU EA 81 80.41 -88.86 41.36
CA LEU EA 81 80.51 -89.56 40.10
C LEU EA 81 79.30 -89.23 39.25
N THR EA 82 79.51 -89.16 37.94
CA THR EA 82 78.46 -88.89 37.00
C THR EA 82 77.60 -90.14 36.82
N LEU EA 83 76.29 -89.99 36.94
CA LEU EA 83 75.38 -91.11 36.71
C LEU EA 83 74.63 -90.89 35.38
N THR EA 84 73.84 -91.87 34.95
CA THR EA 84 73.25 -91.82 33.59
C THR EA 84 72.12 -90.80 33.51
N GLY EA 85 71.76 -90.41 32.32
CA GLY EA 85 70.68 -89.43 32.14
C GLY EA 85 69.27 -90.05 32.06
N GLU EA 86 69.17 -91.38 32.17
CA GLU EA 86 67.88 -92.10 32.09
C GLU EA 86 66.91 -91.69 33.20
N ARG EA 87 67.47 -91.29 34.34
CA ARG EA 87 66.67 -90.83 35.43
C ARG EA 87 67.41 -89.80 36.21
N ALA EA 88 66.68 -88.93 36.90
CA ALA EA 88 67.25 -87.87 37.71
C ALA EA 88 68.19 -88.45 38.76
N TRP EA 89 69.25 -87.70 39.06
CA TRP EA 89 70.22 -88.13 40.04
C TRP EA 89 70.77 -86.92 40.78
N VAL EA 90 71.63 -87.19 41.75
CA VAL EA 90 72.22 -86.14 42.54
C VAL EA 90 73.75 -86.31 42.61
N ALA EA 91 74.46 -85.18 42.54
CA ALA EA 91 75.91 -85.13 42.76
C ALA EA 91 76.15 -84.58 44.16
N VAL EA 92 76.75 -85.42 45.02
CA VAL EA 92 77.06 -85.06 46.41
C VAL EA 92 78.56 -84.85 46.56
N SER EA 93 78.95 -83.63 46.89
CA SER EA 93 80.35 -83.29 47.10
C SER EA 93 80.51 -82.81 48.53
N GLY EA 94 81.70 -83.02 49.09
CA GLY EA 94 81.99 -82.57 50.44
C GLY EA 94 83.49 -82.52 50.73
N GLN EA 95 83.86 -81.59 51.60
CA GLN EA 95 85.22 -81.47 52.03
C GLN EA 95 85.24 -81.30 53.54
N ALA EA 96 86.19 -81.96 54.19
CA ALA EA 96 86.30 -81.93 55.64
C ALA EA 96 87.75 -81.80 56.06
N THR EA 97 88.00 -80.97 57.06
CA THR EA 97 89.34 -80.84 57.61
C THR EA 97 89.27 -80.96 59.13
N ALA EA 98 90.33 -81.50 59.72
CA ALA EA 98 90.47 -81.62 61.17
C ALA EA 98 91.74 -80.89 61.54
N ALA EA 99 91.64 -80.04 62.55
CA ALA EA 99 92.76 -79.20 62.93
C ALA EA 99 93.18 -79.46 64.37
N GLU EA 100 94.11 -78.64 64.85
CA GLU EA 100 94.61 -78.75 66.20
C GLU EA 100 93.46 -78.69 67.17
N GLY EA 101 93.46 -79.62 68.12
CA GLY EA 101 92.46 -79.62 69.18
C GLY EA 101 91.19 -80.33 68.81
N GLY EA 102 91.12 -80.83 67.57
CA GLY EA 102 89.95 -81.56 67.10
C GLY EA 102 88.88 -80.70 66.43
N GLU EA 103 89.23 -79.47 66.11
CA GLU EA 103 88.32 -78.57 65.43
C GLU EA 103 88.10 -79.06 63.99
N MET EA 104 86.85 -79.34 63.63
CA MET EA 104 86.53 -79.83 62.29
C MET EA 104 85.68 -78.86 61.48
N ALA EA 105 86.04 -78.71 60.20
CA ALA EA 105 85.33 -77.84 59.27
C ALA EA 105 84.75 -78.73 58.19
N PHE EA 106 83.49 -78.47 57.84
CA PHE EA 106 82.80 -79.20 56.79
C PHE EA 106 82.19 -78.23 55.80
N ALA EA 107 82.19 -78.64 54.52
CA ALA EA 107 81.47 -77.97 53.47
C ALA EA 107 80.88 -79.07 52.57
N PHE EA 108 79.59 -78.99 52.31
CA PHE EA 108 78.91 -79.92 51.40
C PHE EA 108 78.21 -79.20 50.30
N GLN EA 109 78.22 -79.78 49.10
CA GLN EA 109 77.48 -79.19 47.95
C GLN EA 109 76.66 -80.30 47.28
N PHE EA 110 75.43 -79.96 46.89
CA PHE EA 110 74.53 -80.89 46.23
C PHE EA 110 74.03 -80.27 44.97
N GLN EA 111 73.97 -81.09 43.91
CA GLN EA 111 73.43 -80.65 42.64
C GLN EA 111 72.48 -81.74 42.12
N ALA EA 112 71.24 -81.37 41.81
CA ALA EA 112 70.29 -82.33 41.24
C ALA EA 112 70.42 -82.22 39.73
N HIS EA 113 70.53 -83.36 39.07
CA HIS EA 113 70.66 -83.41 37.63
C HIS EA 113 69.40 -84.04 37.05
N LEU EA 114 68.61 -83.23 36.36
CA LEU EA 114 67.34 -83.68 35.80
C LEU EA 114 67.49 -84.30 34.42
N ALA EA 115 66.62 -85.24 34.10
CA ALA EA 115 66.65 -85.90 32.80
C ALA EA 115 65.98 -85.05 31.72
N THR EA 116 66.54 -85.08 30.51
CA THR EA 116 66.00 -84.31 29.40
C THR EA 116 65.69 -85.22 28.21
N GLY EA 124 53.48 -79.46 29.94
CA GLY EA 124 54.88 -79.81 30.31
C GLY EA 124 55.63 -78.70 31.04
N ALA EA 125 55.33 -77.45 30.69
CA ALA EA 125 55.99 -76.30 31.35
C ALA EA 125 55.50 -76.17 32.79
N ALA EA 126 54.18 -76.30 32.99
CA ALA EA 126 53.56 -76.25 34.32
C ALA EA 126 54.06 -77.38 35.21
N PHE EA 127 54.24 -78.57 34.63
CA PHE EA 127 54.72 -79.71 35.39
C PHE EA 127 56.16 -79.54 35.85
N GLU EA 128 56.98 -78.95 34.99
CA GLU EA 128 58.40 -78.79 35.28
C GLU EA 128 58.50 -78.00 36.57
N VAL EA 129 57.55 -77.09 36.76
CA VAL EA 129 57.52 -76.28 37.98
C VAL EA 129 57.36 -77.15 39.23
N MET EA 130 56.52 -78.18 39.18
CA MET EA 130 56.37 -79.05 40.38
C MET EA 130 57.65 -79.82 40.69
N VAL EA 131 58.29 -80.35 39.64
CA VAL EA 131 59.52 -81.15 39.85
C VAL EA 131 60.70 -80.30 40.34
N GLN EA 132 60.92 -79.12 39.74
CA GLN EA 132 62.02 -78.25 40.15
C GLN EA 132 61.87 -77.80 41.62
N ALA EA 133 60.65 -77.41 41.98
CA ALA EA 133 60.37 -76.97 43.35
C ALA EA 133 60.60 -78.09 44.36
N ALA EA 134 60.14 -79.28 44.02
CA ALA EA 134 60.24 -80.44 44.90
C ALA EA 134 61.69 -80.83 45.09
N ALA EA 135 62.44 -80.87 43.99
CA ALA EA 135 63.86 -81.25 44.04
C ALA EA 135 64.65 -80.22 44.83
N GLY EA 136 64.28 -78.95 44.70
CA GLY EA 136 64.91 -77.88 45.47
C GLY EA 136 64.70 -78.05 46.95
N VAL EA 137 63.49 -78.45 47.33
CA VAL EA 137 63.16 -78.67 48.73
C VAL EA 137 63.92 -79.83 49.30
N THR EA 138 64.07 -80.89 48.48
CA THR EA 138 64.84 -82.08 48.88
C THR EA 138 66.30 -81.73 49.17
N LEU EA 139 66.90 -80.98 48.27
CA LEU EA 139 68.30 -80.60 48.42
C LEU EA 139 68.53 -79.74 49.67
N LEU EA 140 67.65 -78.78 49.90
CA LEU EA 140 67.75 -77.91 51.06
C LEU EA 140 67.52 -78.66 52.38
N LEU EA 141 66.55 -79.58 52.40
CA LEU EA 141 66.26 -80.32 53.63
C LEU EA 141 67.51 -81.10 54.06
N VAL EA 142 68.14 -81.82 53.12
CA VAL EA 142 69.31 -82.62 53.46
C VAL EA 142 70.48 -81.70 53.86
N ALA EA 143 70.66 -80.61 53.15
CA ALA EA 143 71.77 -79.68 53.39
C ALA EA 143 71.61 -79.02 54.78
N MET EA 144 70.42 -78.52 55.05
CA MET EA 144 70.14 -77.86 56.30
C MET EA 144 70.24 -78.75 57.52
N ALA EA 145 70.02 -80.06 57.34
CA ALA EA 145 70.08 -81.00 58.48
C ALA EA 145 71.48 -81.58 58.72
N LEU EA 146 72.41 -81.32 57.80
CA LEU EA 146 73.76 -81.91 57.92
C LEU EA 146 74.49 -81.62 59.23
N PRO EA 147 74.49 -80.35 59.69
CA PRO EA 147 75.19 -80.11 60.94
C PRO EA 147 74.65 -80.97 62.11
N GLN EA 148 73.33 -81.08 62.20
CA GLN EA 148 72.68 -81.91 63.20
C GLN EA 148 73.13 -83.37 63.04
N GLY EA 149 73.12 -83.85 61.79
CA GLY EA 149 73.51 -85.22 61.49
C GLY EA 149 74.95 -85.55 61.80
N LEU EA 150 75.85 -84.66 61.42
CA LEU EA 150 77.27 -84.84 61.69
C LEU EA 150 77.53 -84.81 63.19
N ALA EA 151 76.84 -83.92 63.89
CA ALA EA 151 76.99 -83.81 65.36
C ALA EA 151 76.50 -85.09 66.06
N ALA EA 152 75.42 -85.67 65.54
CA ALA EA 152 74.88 -86.92 66.10
C ALA EA 152 75.87 -88.09 66.02
N GLY EA 153 76.85 -88.02 65.13
CA GLY EA 153 77.84 -89.11 65.03
C GLY EA 153 78.99 -89.03 66.05
N LEU EA 154 79.07 -87.92 66.78
CA LEU EA 154 80.18 -87.67 67.70
C LEU EA 154 79.93 -88.25 69.08
N PRO EA 155 80.96 -88.91 69.66
CA PRO EA 155 80.94 -89.49 70.97
C PRO EA 155 81.30 -88.47 72.03
N PRO EA 156 80.98 -88.76 73.30
CA PRO EA 156 81.28 -87.89 74.44
C PRO EA 156 82.72 -87.98 74.89
N ALA EA 157 83.24 -86.90 75.48
CA ALA EA 157 84.57 -86.91 76.09
C ALA EA 157 84.51 -87.69 77.39
N LEU FA 3 85.89 -33.60 68.89
CA LEU FA 3 87.29 -33.28 69.30
C LEU FA 3 87.66 -33.95 70.62
N SER FA 4 86.87 -34.98 70.96
CA SER FA 4 87.14 -35.82 72.11
C SER FA 4 86.92 -37.27 71.71
N ALA FA 5 87.62 -38.16 72.38
CA ALA FA 5 87.45 -39.59 72.21
C ALA FA 5 87.71 -40.21 73.57
N GLU FA 6 87.00 -41.30 73.86
CA GLU FA 6 87.07 -42.00 75.16
C GLU FA 6 87.18 -43.49 74.89
N GLN FA 7 87.86 -44.21 75.77
CA GLN FA 7 87.91 -45.66 75.67
C GLN FA 7 88.09 -46.26 77.06
N SER FA 8 87.35 -47.32 77.35
CA SER FA 8 87.48 -48.02 78.61
C SER FA 8 87.37 -49.52 78.40
N PHE FA 9 88.13 -50.26 79.18
CA PHE FA 9 88.19 -51.71 79.00
C PHE FA 9 88.93 -52.38 80.12
N THR FA 10 88.77 -53.69 80.20
CA THR FA 10 89.42 -54.50 81.22
C THR FA 10 90.28 -55.56 80.55
N LEU FA 11 91.37 -55.95 81.22
CA LEU FA 11 92.27 -57.01 80.76
C LEU FA 11 92.88 -57.66 81.97
N ARG FA 12 93.12 -58.96 81.89
CA ARG FA 12 93.75 -59.68 82.98
C ARG FA 12 95.25 -59.85 82.73
N HIS FA 13 96.06 -59.51 83.72
CA HIS FA 13 97.49 -59.74 83.60
C HIS FA 13 97.70 -61.21 84.00
N PRO FA 14 98.30 -62.01 83.12
CA PRO FA 14 98.53 -63.45 83.42
C PRO FA 14 99.39 -63.77 84.65
N HIS FA 15 100.18 -62.79 85.13
CA HIS FA 15 101.08 -63.05 86.26
C HIS FA 15 100.57 -62.57 87.64
N GLY FA 16 99.32 -62.08 87.69
CA GLY FA 16 98.72 -61.72 88.99
C GLY FA 16 98.83 -60.25 89.35
N GLN FA 17 98.45 -59.92 90.59
CA GLN FA 17 98.30 -58.52 91.04
C GLN FA 17 99.58 -57.69 91.07
N ALA FA 18 100.61 -58.17 91.76
CA ALA FA 18 101.87 -57.42 91.86
C ALA FA 18 102.40 -57.06 90.49
N ALA FA 19 102.35 -58.04 89.58
CA ALA FA 19 102.84 -57.81 88.22
C ALA FA 19 101.95 -56.80 87.48
N ALA FA 20 100.63 -56.88 87.68
CA ALA FA 20 99.69 -55.97 87.03
C ALA FA 20 99.93 -54.53 87.51
N LEU FA 21 100.15 -54.35 88.81
CA LEU FA 21 100.51 -53.03 89.39
C LEU FA 21 101.78 -52.48 88.76
N ALA FA 22 102.82 -53.33 88.64
CA ALA FA 22 104.08 -52.92 88.06
C ALA FA 22 103.92 -52.53 86.59
N PHE FA 23 103.13 -53.31 85.88
CA PHE FA 23 102.87 -53.09 84.45
C PHE FA 23 102.19 -51.72 84.19
N VAL FA 24 101.13 -51.43 84.94
CA VAL FA 24 100.40 -50.17 84.72
C VAL FA 24 101.17 -48.95 85.20
N ARG FA 25 102.14 -49.16 86.08
CA ARG FA 25 102.91 -48.04 86.64
C ARG FA 25 104.11 -47.66 85.82
N GLU FA 26 104.50 -48.50 84.86
CA GLU FA 26 105.65 -48.21 84.00
C GLU FA 26 105.17 -48.06 82.55
N PRO FA 27 105.17 -46.84 82.05
CA PRO FA 27 104.73 -46.57 80.67
C PRO FA 27 105.38 -47.47 79.61
N ALA FA 28 106.71 -47.56 79.64
CA ALA FA 28 107.47 -48.37 78.66
C ALA FA 28 106.96 -49.81 78.59
N ALA FA 29 106.35 -50.29 79.67
CA ALA FA 29 105.72 -51.63 79.70
C ALA FA 29 104.31 -51.56 79.15
N ALA FA 30 103.49 -50.73 79.77
CA ALA FA 30 102.07 -50.61 79.41
C ALA FA 30 101.85 -50.17 77.97
N LEU FA 31 102.67 -49.24 77.48
CA LEU FA 31 102.50 -48.70 76.13
C LEU FA 31 103.47 -49.28 75.06
N ALA FA 32 104.19 -50.34 75.40
CA ALA FA 32 105.17 -50.95 74.45
C ALA FA 32 104.59 -51.27 73.03
N GLY FA 33 103.39 -51.83 72.99
CA GLY FA 33 102.78 -52.23 71.72
C GLY FA 33 101.66 -51.32 71.23
N VAL FA 34 101.50 -50.18 71.89
CA VAL FA 34 100.46 -49.23 71.56
C VAL FA 34 100.75 -48.55 70.22
N GLN FA 35 99.77 -48.59 69.32
CA GLN FA 35 99.96 -47.98 68.01
C GLN FA 35 99.31 -46.60 67.98
N ARG FA 36 99.70 -45.84 66.96
CA ARG FA 36 99.16 -44.51 66.64
C ARG FA 36 99.59 -43.43 67.61
N LEU FA 37 100.58 -43.74 68.44
CA LEU FA 37 101.24 -42.75 69.28
C LEU FA 37 102.71 -42.68 68.83
N ARG FA 38 102.97 -41.81 67.85
CA ARG FA 38 104.30 -41.73 67.28
C ARG FA 38 105.28 -41.00 68.20
N GLY FA 39 106.55 -41.42 68.16
CA GLY FA 39 107.60 -40.73 68.93
C GLY FA 39 107.42 -40.84 70.43
N LEU FA 40 106.75 -41.90 70.86
CA LEU FA 40 106.48 -42.09 72.27
C LEU FA 40 107.78 -42.17 73.05
N ASP FA 41 107.88 -41.41 74.12
CA ASP FA 41 109.04 -41.47 74.99
C ASP FA 41 108.67 -41.02 76.41
N SER FA 42 109.57 -41.29 77.37
CA SER FA 42 109.35 -40.94 78.77
C SER FA 42 110.64 -40.90 79.55
N ASP FA 43 110.67 -40.06 80.60
CA ASP FA 43 111.82 -39.98 81.51
C ASP FA 43 111.43 -40.54 82.89
N GLY FA 44 110.29 -41.23 82.97
CA GLY FA 44 109.81 -41.79 84.23
C GLY FA 44 108.85 -40.85 84.95
N GLU FA 45 108.95 -39.56 84.64
CA GLU FA 45 108.10 -38.53 85.24
C GLU FA 45 106.96 -38.13 84.32
N GLN FA 46 107.26 -37.94 83.05
CA GLN FA 46 106.26 -37.61 82.08
C GLN FA 46 106.38 -38.51 80.87
N VAL FA 47 105.31 -38.60 80.12
CA VAL FA 47 105.26 -39.34 78.87
C VAL FA 47 104.86 -38.36 77.78
N TRP FA 48 105.45 -38.50 76.60
CA TRP FA 48 105.12 -37.61 75.48
C TRP FA 48 105.21 -38.30 74.13
N GLY FA 49 104.63 -37.66 73.12
CA GLY FA 49 104.59 -38.21 71.79
C GLY FA 49 103.73 -37.35 70.92
N GLU FA 50 103.17 -37.94 69.87
CA GLU FA 50 102.34 -37.19 68.95
C GLU FA 50 101.33 -38.08 68.25
N LEU FA 51 100.18 -37.51 67.92
CA LEU FA 51 99.19 -38.17 67.10
C LEU FA 51 99.26 -37.53 65.73
N LEU FA 52 98.93 -38.30 64.69
CA LEU FA 52 98.99 -37.81 63.33
C LEU FA 52 97.60 -37.54 62.77
N VAL FA 53 97.34 -36.30 62.39
CA VAL FA 53 96.12 -35.91 61.72
C VAL FA 53 96.44 -35.72 60.25
N ARG FA 54 95.79 -36.52 59.40
CA ARG FA 54 96.03 -36.48 57.97
C ARG FA 54 95.02 -35.59 57.27
N VAL FA 55 95.52 -34.55 56.59
CA VAL FA 55 94.66 -33.72 55.79
C VAL FA 55 95.25 -33.61 54.41
N PRO FA 56 94.43 -33.19 53.43
CA PRO FA 56 94.96 -33.07 52.08
C PRO FA 56 96.09 -32.05 51.96
N LEU FA 57 97.04 -32.36 51.10
CA LEU FA 57 98.11 -31.47 50.74
C LEU FA 57 99.19 -31.32 51.81
N LEU FA 58 98.79 -31.08 53.05
CA LEU FA 58 99.79 -31.07 54.15
C LEU FA 58 100.21 -32.49 54.52
N GLY FA 59 99.31 -33.45 54.32
CA GLY FA 59 99.57 -34.83 54.64
C GLY FA 59 99.47 -35.06 56.14
N GLU FA 60 100.40 -35.83 56.68
CA GLU FA 60 100.38 -36.14 58.10
C GLU FA 60 100.88 -34.96 58.91
N VAL FA 61 99.98 -34.39 59.72
CA VAL FA 61 100.33 -33.29 60.61
C VAL FA 61 100.38 -33.83 62.03
N ASP FA 62 101.52 -33.66 62.68
CA ASP FA 62 101.73 -34.19 64.03
C ASP FA 62 101.25 -33.21 65.10
N LEU FA 63 100.45 -33.72 66.03
CA LEU FA 63 99.95 -32.95 67.18
C LEU FA 63 100.59 -33.55 68.44
N PRO FA 64 101.40 -32.75 69.14
CA PRO FA 64 102.06 -33.32 70.29
C PRO FA 64 101.14 -33.47 71.51
N PHE FA 65 101.55 -34.31 72.43
CA PHE FA 65 100.95 -34.40 73.76
C PHE FA 65 102.08 -34.66 74.73
N ARG FA 66 101.83 -34.30 75.98
CA ARG FA 66 102.73 -34.58 77.05
C ARG FA 66 101.87 -34.73 78.31
N SER FA 67 102.08 -35.80 79.04
CA SER FA 67 101.30 -36.09 80.24
C SER FA 67 102.18 -36.48 81.43
N GLU FA 68 101.74 -36.10 82.61
CA GLU FA 68 102.41 -36.42 83.86
C GLU FA 68 102.00 -37.81 84.30
N ILE FA 69 102.97 -38.60 84.75
CA ILE FA 69 102.70 -39.94 85.26
C ILE FA 69 102.47 -39.83 86.75
N VAL FA 70 101.32 -40.29 87.21
CA VAL FA 70 100.95 -40.21 88.62
C VAL FA 70 100.68 -41.60 89.15
N ARG FA 71 101.48 -41.99 90.13
CA ARG FA 71 101.39 -43.29 90.76
C ARG FA 71 100.33 -43.23 91.85
N THR FA 72 99.39 -44.17 91.79
CA THR FA 72 98.28 -44.23 92.74
C THR FA 72 98.28 -45.55 93.51
N PRO FA 73 97.45 -45.66 94.54
CA PRO FA 73 97.49 -46.90 95.34
C PRO FA 73 97.13 -48.18 94.58
N GLN FA 74 96.22 -48.09 93.60
CA GLN FA 74 95.79 -49.26 92.80
C GLN FA 74 96.41 -49.32 91.41
N GLY FA 75 97.25 -48.33 91.08
CA GLY FA 75 97.85 -48.30 89.74
C GLY FA 75 98.56 -47.02 89.39
N ALA FA 76 98.06 -46.30 88.40
CA ALA FA 76 98.68 -45.07 87.94
C ALA FA 76 97.74 -44.33 87.01
N GLU FA 77 98.01 -43.05 86.82
CA GLU FA 77 97.26 -42.22 85.88
C GLU FA 77 98.23 -41.46 85.00
N LEU FA 78 97.71 -41.01 83.85
CA LEU FA 78 98.34 -39.97 83.05
C LEU FA 78 97.46 -38.74 83.18
N ARG FA 79 98.07 -37.63 83.55
CA ARG FA 79 97.36 -36.36 83.61
C ARG FA 79 98.01 -35.38 82.63
N PRO FA 80 97.21 -34.85 81.68
CA PRO FA 80 97.73 -34.07 80.56
C PRO FA 80 98.28 -32.73 80.94
N LEU FA 81 99.34 -32.32 80.24
CA LEU FA 81 99.89 -30.98 80.42
C LEU FA 81 99.39 -30.09 79.28
N THR FA 82 99.17 -28.83 79.59
CA THR FA 82 98.73 -27.85 78.63
C THR FA 82 99.90 -27.47 77.74
N LEU FA 83 99.69 -27.50 76.43
CA LEU FA 83 100.73 -27.09 75.47
C LEU FA 83 100.31 -25.74 74.85
N THR FA 84 101.18 -25.14 74.04
CA THR FA 84 100.92 -23.76 73.57
C THR FA 84 99.85 -23.73 72.49
N GLY FA 85 99.29 -22.57 72.23
CA GLY FA 85 98.24 -22.44 71.22
C GLY FA 85 98.76 -22.19 69.79
N GLU FA 86 100.10 -22.13 69.62
CA GLU FA 86 100.72 -21.86 68.31
C GLU FA 86 100.39 -22.95 67.28
N ARG FA 87 100.17 -24.17 67.78
CA ARG FA 87 99.79 -25.25 66.91
C ARG FA 87 98.90 -26.20 67.65
N ALA FA 88 98.09 -26.94 66.89
CA ALA FA 88 97.17 -27.92 67.46
C ALA FA 88 97.91 -28.96 68.29
N TRP FA 89 97.28 -29.41 69.36
CA TRP FA 89 97.87 -30.39 70.24
C TRP FA 89 96.80 -31.30 70.78
N VAL FA 90 97.22 -32.29 71.55
CA VAL FA 90 96.31 -33.25 72.14
C VAL FA 90 96.59 -33.41 73.64
N ALA FA 91 95.50 -33.53 74.40
CA ALA FA 91 95.55 -33.84 75.84
C ALA FA 91 95.19 -35.32 76.00
N VAL FA 92 96.15 -36.11 76.48
CA VAL FA 92 95.98 -37.54 76.71
C VAL FA 92 95.88 -37.83 78.20
N SER FA 93 94.73 -38.33 78.62
CA SER FA 93 94.50 -38.68 80.03
C SER FA 93 94.21 -40.17 80.10
N GLY FA 94 94.54 -40.77 81.23
CA GLY FA 94 94.27 -42.19 81.45
C GLY FA 94 94.35 -42.58 82.91
N GLN FA 95 93.56 -43.58 83.27
CA GLN FA 95 93.56 -44.12 84.59
C GLN FA 95 93.58 -45.64 84.50
N ALA FA 96 94.37 -46.27 85.37
CA ALA FA 96 94.52 -47.71 85.37
C ALA FA 96 94.52 -48.25 86.79
N THR FA 97 93.83 -49.35 87.00
CA THR FA 97 93.84 -50.01 88.31
C THR FA 97 94.14 -51.49 88.11
N ALA FA 98 94.80 -52.08 89.10
CA ALA FA 98 95.10 -53.51 89.13
C ALA FA 98 94.50 -54.06 90.40
N ALA FA 99 93.77 -55.15 90.27
CA ALA FA 99 93.05 -55.71 91.39
C ALA FA 99 93.50 -57.13 91.68
N GLU FA 100 92.80 -57.76 92.62
CA GLU FA 100 93.10 -59.12 93.01
C GLU FA 100 93.08 -60.02 91.80
N GLY FA 101 94.11 -60.84 91.67
CA GLY FA 101 94.19 -61.82 90.60
C GLY FA 101 94.78 -61.28 89.33
N GLY FA 102 95.12 -59.99 89.33
CA GLY FA 102 95.73 -59.36 88.16
C GLY FA 102 94.73 -58.73 87.19
N GLU FA 103 93.50 -58.59 87.62
CA GLU FA 103 92.47 -57.95 86.81
C GLU FA 103 92.77 -56.45 86.67
N MET FA 104 92.94 -55.98 85.44
CA MET FA 104 93.24 -54.57 85.20
C MET FA 104 92.13 -53.82 84.46
N ALA FA 105 91.86 -52.60 84.92
CA ALA FA 105 90.85 -51.74 84.33
C ALA FA 105 91.55 -50.52 83.80
N PHE FA 106 91.19 -50.12 82.58
CA PHE FA 106 91.74 -48.95 81.93
C PHE FA 106 90.62 -48.03 81.45
N ALA FA 107 90.88 -46.72 81.52
CA ALA FA 107 90.04 -45.71 80.92
C ALA FA 107 90.99 -44.65 80.35
N PHE FA 108 90.81 -44.31 79.08
CA PHE FA 108 91.60 -43.24 78.43
C PHE FA 108 90.70 -42.21 77.84
N GLN FA 109 91.13 -40.95 77.92
CA GLN FA 109 90.38 -39.83 77.30
C GLN FA 109 91.34 -38.97 76.49
N PHE FA 110 90.89 -38.53 75.31
CA PHE FA 110 91.68 -37.71 74.41
C PHE FA 110 90.90 -36.49 74.04
N GLN FA 111 91.57 -35.35 74.02
CA GLN FA 111 90.94 -34.11 73.59
C GLN FA 111 91.92 -33.40 72.63
N ALA FA 112 91.44 -33.05 71.45
CA ALA FA 112 92.27 -32.30 70.50
C ALA FA 112 91.99 -30.82 70.74
N HIS FA 113 93.05 -30.04 70.85
CA HIS FA 113 92.93 -28.62 71.09
C HIS FA 113 93.40 -27.87 69.84
N LEU FA 114 92.48 -27.24 69.14
CA LEU FA 114 92.80 -26.55 67.90
C LEU FA 114 93.24 -25.11 68.12
N ALA FA 115 94.08 -24.61 67.23
CA ALA FA 115 94.59 -23.25 67.33
C ALA FA 115 93.58 -22.24 66.79
N THR FA 116 93.50 -21.08 67.43
CA THR FA 116 92.58 -20.03 67.02
C THR FA 116 93.32 -18.73 66.77
N GLY FA 124 87.11 -20.31 54.74
CA GLY FA 124 87.57 -20.72 56.09
C GLY FA 124 86.61 -21.63 56.84
N ALA FA 125 85.32 -21.43 56.63
CA ALA FA 125 84.30 -22.26 57.29
C ALA FA 125 84.30 -23.68 56.70
N ALA FA 126 84.39 -23.76 55.36
CA ALA FA 126 84.45 -25.05 54.64
C ALA FA 126 85.71 -25.82 55.04
N PHE FA 127 86.83 -25.12 55.18
CA PHE FA 127 88.08 -25.76 55.55
C PHE FA 127 88.04 -26.33 56.97
N GLU FA 128 87.41 -25.61 57.88
CA GLU FA 128 87.37 -26.01 59.26
C GLU FA 128 86.75 -27.39 59.30
N VAL FA 129 85.81 -27.63 58.40
CA VAL FA 129 85.16 -28.93 58.32
C VAL FA 129 86.15 -30.06 58.01
N MET FA 130 87.12 -29.83 57.13
CA MET FA 130 88.12 -30.89 56.85
C MET FA 130 88.99 -31.18 58.07
N VAL FA 131 89.43 -30.13 58.76
CA VAL FA 131 90.32 -30.31 59.93
C VAL FA 131 89.60 -30.99 61.11
N GLN FA 132 88.37 -30.56 61.43
CA GLN FA 132 87.62 -31.16 62.53
C GLN FA 132 87.34 -32.65 62.30
N ALA FA 133 86.93 -32.97 61.08
CA ALA FA 133 86.63 -34.36 60.71
C ALA FA 133 87.89 -35.23 60.82
N ALA FA 134 89.00 -34.73 60.31
CA ALA FA 134 90.25 -35.46 60.30
C ALA FA 134 90.75 -35.71 61.71
N ALA FA 135 90.70 -34.67 62.54
CA ALA FA 135 91.16 -34.76 63.93
C ALA FA 135 90.30 -35.73 64.70
N GLY FA 136 89.00 -35.72 64.41
CA GLY FA 136 88.06 -36.66 65.04
C GLY FA 136 88.38 -38.09 64.70
N VAL FA 137 88.76 -38.33 63.45
CA VAL FA 137 89.13 -39.68 63.00
C VAL FA 137 90.39 -40.14 63.67
N THR FA 138 91.35 -39.22 63.83
CA THR FA 138 92.62 -39.52 64.50
C THR FA 138 92.40 -39.95 65.95
N LEU FA 139 91.57 -39.19 66.66
CA LEU FA 139 91.29 -39.48 68.04
C LEU FA 139 90.62 -40.84 68.23
N LEU FA 140 89.63 -41.13 67.38
CA LEU FA 140 88.91 -42.40 67.44
C LEU FA 140 89.80 -43.59 67.08
N LEU FA 141 90.66 -43.43 66.07
CA LEU FA 141 91.53 -44.53 65.65
C LEU FA 141 92.43 -44.95 66.82
N VAL FA 142 93.06 -43.97 67.47
CA VAL FA 142 93.95 -44.30 68.58
C VAL FA 142 93.16 -44.89 69.76
N ALA FA 143 92.00 -44.32 70.05
CA ALA FA 143 91.18 -44.76 71.18
C ALA FA 143 90.68 -46.20 70.96
N MET FA 144 90.15 -46.44 69.77
CA MET FA 144 89.62 -47.74 69.42
C MET FA 144 90.67 -48.85 69.39
N ALA FA 145 91.93 -48.51 69.12
CA ALA FA 145 92.99 -49.52 69.04
C ALA FA 145 93.67 -49.78 70.40
N LEU FA 146 93.38 -48.97 71.41
CA LEU FA 146 94.04 -49.10 72.71
C LEU FA 146 93.95 -50.48 73.35
N PRO FA 147 92.76 -51.10 73.38
CA PRO FA 147 92.69 -52.42 73.99
C PRO FA 147 93.67 -53.43 73.33
N GLN FA 148 93.71 -53.42 72.00
CA GLN FA 148 94.62 -54.24 71.24
C GLN FA 148 96.07 -53.95 71.63
N GLY FA 149 96.39 -52.65 71.69
CA GLY FA 149 97.75 -52.21 72.03
C GLY FA 149 98.19 -52.58 73.42
N LEU FA 150 97.31 -52.38 74.40
CA LEU FA 150 97.60 -52.71 75.79
C LEU FA 150 97.77 -54.22 75.92
N ALA FA 151 96.93 -54.98 75.23
CA ALA FA 151 97.00 -56.45 75.27
C ALA FA 151 98.32 -56.96 74.67
N ALA FA 152 98.78 -56.30 73.61
CA ALA FA 152 100.06 -56.66 72.97
C ALA FA 152 101.26 -56.50 73.90
N GLY FA 153 101.15 -55.71 74.95
CA GLY FA 153 102.26 -55.54 75.90
C GLY FA 153 102.36 -56.63 76.96
N LEU FA 154 101.36 -57.50 77.04
CA LEU FA 154 101.30 -58.52 78.08
C LEU FA 154 102.01 -59.80 77.71
N PRO FA 155 102.80 -60.36 78.65
CA PRO FA 155 103.53 -61.59 78.50
C PRO FA 155 102.66 -62.79 78.84
N PRO FA 156 103.08 -63.98 78.41
CA PRO FA 156 102.37 -65.24 78.66
C PRO FA 156 102.60 -65.77 80.06
N ALA FA 157 101.63 -66.52 80.58
CA ALA FA 157 101.79 -67.22 81.86
C ALA FA 157 102.72 -68.41 81.67
N LEU GA 3 44.49 -60.42 86.98
CA LEU GA 3 44.24 -60.87 88.40
C LEU GA 3 44.91 -62.22 88.67
N SER GA 4 45.87 -62.55 87.80
CA SER GA 4 46.71 -63.72 87.99
C SER GA 4 48.15 -63.35 87.68
N ALA GA 5 49.07 -64.07 88.30
CA ALA GA 5 50.48 -63.91 88.05
C ALA GA 5 51.09 -65.30 88.24
N GLU GA 6 52.12 -65.58 87.44
CA GLU GA 6 52.80 -66.89 87.43
C GLU GA 6 54.29 -66.68 87.46
N GLN GA 7 55.04 -67.58 88.07
CA GLN GA 7 56.50 -67.52 88.03
C GLN GA 7 57.06 -68.92 88.12
N SER GA 8 58.07 -69.20 87.31
CA SER GA 8 58.75 -70.49 87.35
C SER GA 8 60.25 -70.30 87.15
N PHE GA 9 61.02 -71.11 87.84
CA PHE GA 9 62.47 -70.97 87.82
C PHE GA 9 63.16 -72.13 88.47
N THR GA 10 64.44 -72.24 88.22
CA THR GA 10 65.28 -73.30 88.81
C THR GA 10 66.41 -72.68 89.60
N LEU GA 11 66.84 -73.39 90.64
CA LEU GA 11 67.97 -72.98 91.51
C LEU GA 11 68.63 -74.22 92.03
N ARG GA 12 69.94 -74.18 92.19
CA ARG GA 12 70.67 -75.31 92.74
C ARG GA 12 70.95 -75.10 94.22
N HIS GA 13 70.64 -76.11 95.02
CA HIS GA 13 70.96 -76.04 96.44
C HIS GA 13 72.42 -76.49 96.55
N PRO GA 14 73.29 -75.65 97.11
CA PRO GA 14 74.72 -75.99 97.24
C PRO GA 14 75.06 -77.25 98.05
N HIS GA 15 74.13 -77.73 98.89
CA HIS GA 15 74.42 -78.89 99.73
C HIS GA 15 73.88 -80.25 99.20
N GLY GA 16 73.31 -80.24 97.99
CA GLY GA 16 72.88 -81.51 97.36
C GLY GA 16 71.42 -81.85 97.55
N GLN GA 17 71.04 -83.07 97.16
CA GLN GA 17 69.62 -83.48 97.09
C GLN GA 17 68.87 -83.54 98.41
N ALA GA 18 69.40 -84.28 99.39
CA ALA GA 18 68.73 -84.40 100.69
C ALA GA 18 68.43 -83.04 101.28
N ALA GA 19 69.41 -82.14 101.21
CA ALA GA 19 69.26 -80.81 101.74
C ALA GA 19 68.21 -80.01 100.94
N ALA GA 20 68.20 -80.17 99.62
CA ALA GA 20 67.25 -79.47 98.75
C ALA GA 20 65.81 -79.92 99.07
N LEU GA 21 65.62 -81.24 99.27
CA LEU GA 21 64.31 -81.79 99.69
C LEU GA 21 63.86 -81.19 101.01
N ALA GA 22 64.78 -81.13 101.99
CA ALA GA 22 64.45 -80.58 103.30
C ALA GA 22 64.10 -79.11 103.22
N PHE GA 23 64.83 -78.38 102.39
CA PHE GA 23 64.63 -76.94 102.19
C PHE GA 23 63.23 -76.63 101.61
N VAL GA 24 62.86 -77.33 100.55
CA VAL GA 24 61.56 -77.06 99.90
C VAL GA 24 60.39 -77.55 100.73
N ARG GA 25 60.63 -78.46 101.67
CA ARG GA 25 59.55 -79.03 102.48
C ARG GA 25 59.27 -78.25 103.74
N GLU GA 26 60.15 -77.31 104.10
CA GLU GA 26 59.95 -76.48 105.28
C GLU GA 26 59.80 -75.01 104.87
N PRO GA 27 58.59 -74.48 104.96
CA PRO GA 27 58.33 -73.09 104.58
C PRO GA 27 59.28 -72.07 105.21
N ALA GA 28 59.46 -72.15 106.53
CA ALA GA 28 60.34 -71.22 107.28
C ALA GA 28 61.75 -71.14 106.67
N ALA GA 29 62.17 -72.22 105.99
CA ALA GA 29 63.46 -72.27 105.29
C ALA GA 29 63.32 -71.65 103.90
N ALA GA 30 62.43 -72.24 103.11
CA ALA GA 30 62.23 -71.83 101.71
C ALA GA 30 61.80 -70.37 101.57
N LEU GA 31 60.93 -69.90 102.47
CA LEU GA 31 60.42 -68.52 102.38
C LEU GA 31 61.09 -67.50 103.33
N ALA GA 32 62.18 -67.88 103.98
CA ALA GA 32 62.87 -66.97 104.95
C ALA GA 32 63.18 -65.55 104.40
N GLY GA 33 63.67 -65.48 103.16
CA GLY GA 33 64.05 -64.20 102.57
C GLY GA 33 63.10 -63.65 101.53
N VAL GA 34 61.93 -64.29 101.42
CA VAL GA 34 60.91 -63.89 100.45
C VAL GA 34 60.30 -62.56 100.82
N GLN GA 35 60.29 -61.62 99.88
CA GLN GA 35 59.72 -60.32 100.14
C GLN GA 35 58.31 -60.22 99.58
N ARG GA 36 57.60 -59.20 100.06
CA ARG GA 36 56.25 -58.85 99.60
C ARG GA 36 55.17 -59.81 100.07
N LEU GA 37 55.53 -60.67 101.02
CA LEU GA 37 54.57 -61.51 101.70
C LEU GA 37 54.58 -61.11 103.18
N ARG GA 38 53.76 -60.13 103.54
CA ARG GA 38 53.79 -59.60 104.89
C ARG GA 38 53.09 -60.53 105.88
N GLY GA 39 53.58 -60.55 107.12
CA GLY GA 39 52.94 -61.33 108.19
C GLY GA 39 53.00 -62.83 107.95
N LEU GA 40 54.01 -63.25 107.21
CA LEU GA 40 54.16 -64.67 106.88
C LEU GA 40 54.29 -65.49 108.15
N ASP GA 41 53.52 -66.55 108.26
CA ASP GA 41 53.64 -67.46 109.39
C ASP GA 41 53.12 -68.85 109.01
N SER GA 42 53.43 -69.84 109.85
CA SER GA 42 53.04 -71.23 109.61
C SER GA 42 53.07 -72.06 110.87
N ASP GA 43 52.21 -73.08 110.92
CA ASP GA 43 52.17 -74.03 112.03
C ASP GA 43 52.68 -75.40 111.58
N GLY GA 44 53.28 -75.46 110.40
CA GLY GA 44 53.79 -76.71 109.83
C GLY GA 44 52.78 -77.38 108.91
N GLU GA 45 51.50 -77.05 109.11
CA GLU GA 45 50.41 -77.61 108.31
C GLU GA 45 49.97 -76.64 107.22
N GLN GA 46 49.82 -75.38 107.57
CA GLN GA 46 49.46 -74.37 106.63
C GLN GA 46 50.38 -73.19 106.73
N VAL GA 47 50.42 -72.40 105.68
CA VAL GA 47 51.19 -71.17 105.62
C VAL GA 47 50.21 -70.04 105.33
N TRP GA 48 50.42 -68.88 105.94
CA TRP GA 48 49.53 -67.74 105.70
C TRP GA 48 50.26 -66.40 105.79
N GLY GA 49 49.60 -65.36 105.29
CA GLY GA 49 50.17 -64.05 105.25
C GLY GA 49 49.29 -63.12 104.47
N GLU GA 50 49.87 -62.07 103.92
CA GLU GA 50 49.09 -61.11 103.16
C GLU GA 50 49.93 -60.39 102.13
N LEU GA 51 49.29 -60.01 101.03
CA LEU GA 51 49.91 -59.17 100.03
C LEU GA 51 49.31 -57.79 100.17
N LEU GA 52 50.08 -56.76 99.83
CA LEU GA 52 49.62 -55.39 99.97
C LEU GA 52 49.28 -54.78 98.61
N VAL GA 53 48.04 -54.36 98.45
CA VAL GA 53 47.58 -53.65 97.27
C VAL GA 53 47.45 -52.18 97.65
N ARG GA 54 48.22 -51.33 96.99
CA ARG GA 54 48.23 -49.90 97.28
C ARG GA 54 47.30 -49.15 96.34
N VAL GA 55 46.31 -48.47 96.92
CA VAL GA 55 45.43 -47.62 96.15
C VAL GA 55 45.40 -46.26 96.79
N PRO GA 56 44.95 -45.25 96.03
CA PRO GA 56 44.90 -43.93 96.61
C PRO GA 56 43.95 -43.81 97.80
N LEU GA 57 44.34 -43.00 98.76
CA LEU GA 57 43.53 -42.65 99.90
C LEU GA 57 43.42 -43.75 100.95
N LEU GA 58 43.13 -44.97 100.53
CA LEU GA 58 43.15 -46.11 101.48
C LEU GA 58 44.59 -46.51 101.80
N GLY GA 59 45.49 -46.31 100.85
CA GLY GA 59 46.88 -46.66 101.01
C GLY GA 59 47.07 -48.17 100.85
N GLU GA 60 47.88 -48.75 101.70
CA GLU GA 60 48.16 -50.18 101.63
C GLU GA 60 47.00 -50.98 102.18
N VAL GA 61 46.35 -51.76 101.30
CA VAL GA 61 45.26 -52.63 101.67
C VAL GA 61 45.77 -54.05 101.65
N ASP GA 62 45.65 -54.74 102.77
CA ASP GA 62 46.16 -56.11 102.90
C ASP GA 62 45.13 -57.14 102.46
N LEU GA 63 45.57 -58.05 101.59
CA LEU GA 63 44.75 -59.17 101.11
C LEU GA 63 45.36 -60.45 101.66
N PRO GA 64 44.60 -61.17 102.50
CA PRO GA 64 45.18 -62.35 103.09
C PRO GA 64 45.23 -63.54 102.12
N PHE GA 65 46.09 -64.50 102.45
CA PHE GA 65 46.11 -65.81 101.81
C PHE GA 65 46.42 -66.81 102.88
N ARG GA 66 46.02 -68.05 102.61
CA ARG GA 66 46.32 -69.16 103.46
C ARG GA 66 46.38 -70.40 102.55
N SER GA 67 47.46 -71.15 102.66
CA SER GA 67 47.66 -72.33 101.83
C SER GA 67 48.09 -73.56 102.66
N GLU GA 68 47.65 -74.71 102.20
CA GLU GA 68 47.98 -75.99 102.81
C GLU GA 68 49.34 -76.44 102.29
N ILE GA 69 50.18 -76.94 103.20
CA ILE GA 69 51.48 -77.47 102.83
C ILE GA 69 51.32 -78.96 102.56
N VAL GA 70 51.70 -79.38 101.36
CA VAL GA 70 51.57 -80.77 100.95
C VAL GA 70 52.93 -81.33 100.60
N ARG GA 71 53.34 -82.35 101.33
CA ARG GA 71 54.62 -82.99 101.13
C ARG GA 71 54.48 -84.05 100.04
N THR GA 72 55.35 -83.97 99.06
CA THR GA 72 55.32 -84.88 97.91
C THR GA 72 56.62 -85.67 97.81
N PRO GA 73 56.66 -86.69 96.94
CA PRO GA 73 57.87 -87.52 96.87
C PRO GA 73 59.15 -86.76 96.45
N GLN GA 74 59.02 -85.75 95.59
CA GLN GA 74 60.18 -84.97 95.11
C GLN GA 74 60.30 -83.60 95.77
N GLY GA 75 59.39 -83.28 96.67
CA GLY GA 75 59.43 -81.96 97.32
C GLY GA 75 58.19 -81.61 98.12
N ALA GA 76 57.47 -80.59 97.70
CA ALA GA 76 56.30 -80.12 98.41
C ALA GA 76 55.52 -79.15 97.55
N GLU GA 77 54.26 -78.94 97.90
CA GLU GA 77 53.41 -77.96 97.25
C GLU GA 77 52.72 -77.09 98.28
N LEU GA 78 52.28 -75.92 97.83
CA LEU GA 78 51.29 -75.12 98.56
C LEU GA 78 50.01 -75.19 97.75
N ARG GA 79 48.93 -75.55 98.40
CA ARG GA 79 47.62 -75.58 97.78
C ARG GA 79 46.70 -74.59 98.52
N PRO GA 80 46.14 -73.60 97.80
CA PRO GA 80 45.42 -72.49 98.39
C PRO GA 80 44.11 -72.86 99.02
N LEU GA 81 43.78 -72.18 100.11
CA LEU GA 81 42.48 -72.35 100.74
C LEU GA 81 41.59 -71.19 100.35
N THR GA 82 40.30 -71.46 100.20
CA THR GA 82 39.32 -70.46 99.85
C THR GA 82 39.04 -69.61 101.07
N LEU GA 83 39.09 -68.29 100.89
CA LEU GA 83 38.76 -67.36 101.98
C LEU GA 83 37.41 -66.69 101.67
N THR GA 84 36.88 -65.91 102.60
CA THR GA 84 35.50 -65.39 102.45
C THR GA 84 35.42 -64.28 101.42
N GLY GA 85 34.23 -63.99 100.94
CA GLY GA 85 34.07 -62.93 99.94
C GLY GA 85 33.88 -61.51 100.51
N GLU GA 86 33.91 -61.40 101.86
CA GLU GA 86 33.71 -60.08 102.54
C GLU GA 86 34.80 -59.08 102.17
N ARG GA 87 35.98 -59.59 101.86
CA ARG GA 87 37.07 -58.73 101.43
C ARG GA 87 37.93 -59.46 100.47
N ALA GA 88 38.64 -58.70 99.64
CA ALA GA 88 39.54 -59.25 98.64
C ALA GA 88 40.61 -60.14 99.29
N TRP GA 89 41.00 -61.19 98.58
CA TRP GA 89 42.00 -62.10 99.10
C TRP GA 89 42.83 -62.63 97.95
N VAL GA 90 43.83 -63.44 98.30
CA VAL GA 90 44.71 -64.00 97.30
C VAL GA 90 44.85 -65.52 97.51
N ALA GA 91 44.88 -66.26 96.40
CA ALA GA 91 45.17 -67.70 96.38
C ALA GA 91 46.61 -67.87 95.93
N VAL GA 92 47.45 -68.41 96.82
CA VAL GA 92 48.86 -68.66 96.55
C VAL GA 92 49.12 -70.15 96.38
N SER GA 93 49.53 -70.54 95.19
CA SER GA 93 49.84 -71.94 94.89
C SER GA 93 51.30 -72.04 94.51
N GLY GA 94 51.90 -73.19 94.77
CA GLY GA 94 53.28 -73.42 94.41
C GLY GA 94 53.65 -74.89 94.40
N GLN GA 95 54.59 -75.25 93.54
CA GLN GA 95 55.09 -76.59 93.47
C GLN GA 95 56.62 -76.52 93.40
N ALA GA 96 57.28 -77.43 94.11
CA ALA GA 96 58.72 -77.46 94.17
C ALA GA 96 59.22 -78.90 94.09
N THR GA 97 60.29 -79.10 93.33
CA THR GA 97 60.91 -80.42 93.27
C THR GA 97 62.41 -80.28 93.47
N ALA GA 98 63.02 -81.30 94.06
CA ALA GA 98 64.46 -81.37 94.27
C ALA GA 98 64.94 -82.62 93.59
N ALA GA 99 66.00 -82.49 92.80
CA ALA GA 99 66.47 -83.60 92.01
C ALA GA 99 67.91 -83.94 92.37
N GLU GA 100 68.49 -84.87 91.60
CA GLU GA 100 69.85 -85.29 91.79
C GLU GA 100 70.77 -84.09 91.77
N GLY GA 101 71.66 -84.02 92.74
CA GLY GA 101 72.67 -82.98 92.80
C GLY GA 101 72.19 -81.71 93.46
N GLY GA 102 70.92 -81.70 93.88
CA GLY GA 102 70.36 -80.53 94.56
C GLY GA 102 69.69 -79.52 93.64
N GLU GA 103 69.46 -79.91 92.39
CA GLU GA 103 68.78 -79.06 91.44
C GLU GA 103 67.30 -78.89 91.84
N MET GA 104 66.87 -77.66 92.07
CA MET GA 104 65.50 -77.40 92.47
C MET GA 104 64.69 -76.61 91.43
N ALA GA 105 63.45 -77.04 91.23
CA ALA GA 105 62.54 -76.40 90.29
C ALA GA 105 61.37 -75.85 91.09
N PHE GA 106 60.99 -74.61 90.79
CA PHE GA 106 59.86 -73.97 91.43
C PHE GA 106 58.90 -73.42 90.40
N ALA GA 107 57.61 -73.49 90.73
CA ALA GA 107 56.55 -72.83 89.99
C ALA GA 107 55.56 -72.27 91.02
N PHE GA 108 55.24 -70.99 90.89
CA PHE GA 108 54.25 -70.34 91.77
C PHE GA 108 53.17 -69.70 90.95
N GLN GA 109 51.94 -69.77 91.47
CA GLN GA 109 50.79 -69.10 90.80
C GLN GA 109 50.00 -68.30 91.85
N PHE GA 110 49.58 -67.10 91.46
CA PHE GA 110 48.82 -66.22 92.33
C PHE GA 110 47.57 -65.79 91.63
N GLN GA 111 46.47 -65.77 92.38
CA GLN GA 111 45.19 -65.30 91.85
C GLN GA 111 44.58 -64.36 92.89
N ALA GA 112 44.23 -63.15 92.48
CA ALA GA 112 43.55 -62.21 93.38
C ALA GA 112 42.06 -62.42 93.18
N HIS GA 113 41.33 -62.55 94.28
CA HIS GA 113 39.90 -62.75 94.26
C HIS GA 113 39.22 -61.50 94.81
N LEU GA 114 38.54 -60.76 93.95
CA LEU GA 114 37.90 -59.52 94.35
C LEU GA 114 36.49 -59.73 94.88
N ALA GA 115 36.06 -58.85 95.78
CA ALA GA 115 34.73 -58.95 96.37
C ALA GA 115 33.68 -58.35 95.44
N THR GA 116 32.50 -58.96 95.42
CA THR GA 116 31.41 -58.49 94.58
C THR GA 116 30.15 -58.23 95.39
N GLY GA 124 31.62 -46.06 89.49
CA GLY GA 124 32.04 -47.42 89.89
C GLY GA 124 32.87 -48.16 88.85
N ALA GA 125 32.59 -47.90 87.57
CA ALA GA 125 33.33 -48.55 86.48
C ALA GA 125 34.76 -47.98 86.43
N ALA GA 126 34.88 -46.65 86.54
CA ALA GA 126 36.18 -45.97 86.55
C ALA GA 126 37.03 -46.40 87.74
N PHE GA 127 36.39 -46.58 88.89
CA PHE GA 127 37.09 -47.00 90.10
C PHE GA 127 37.63 -48.43 89.98
N GLU GA 128 36.85 -49.30 89.36
CA GLU GA 128 37.23 -50.70 89.24
C GLU GA 128 38.57 -50.75 88.54
N VAL GA 129 38.77 -49.82 87.62
CA VAL GA 129 40.03 -49.74 86.89
C VAL GA 129 41.22 -49.50 87.81
N MET GA 130 41.06 -48.64 88.83
CA MET GA 130 42.19 -48.41 89.76
C MET GA 130 42.51 -49.66 90.59
N VAL GA 131 41.47 -50.35 91.07
CA VAL GA 131 41.69 -51.55 91.90
C VAL GA 131 42.29 -52.72 91.11
N GLN GA 132 41.77 -52.99 89.89
CA GLN GA 132 42.31 -54.08 89.07
C GLN GA 132 43.77 -53.87 88.71
N ALA GA 133 44.11 -52.64 88.31
CA ALA GA 133 45.48 -52.29 87.95
C ALA GA 133 46.42 -52.45 89.14
N ALA GA 134 45.99 -51.98 90.29
CA ALA GA 134 46.80 -52.02 91.50
C ALA GA 134 47.05 -53.46 91.93
N ALA GA 135 45.99 -54.26 91.93
CA ALA GA 135 46.08 -55.66 92.34
C ALA GA 135 46.97 -56.43 91.38
N GLY GA 136 46.89 -56.09 90.09
CA GLY GA 136 47.75 -56.71 89.08
C GLY GA 136 49.21 -56.41 89.33
N VAL GA 137 49.51 -55.18 89.73
CA VAL GA 137 50.88 -54.78 90.03
C VAL GA 137 51.41 -55.49 91.22
N THR GA 138 50.55 -55.66 92.25
CA THR GA 138 50.92 -56.38 93.46
C THR GA 138 51.29 -57.83 93.17
N LEU GA 139 50.47 -58.50 92.37
CA LEU GA 139 50.71 -59.89 92.03
C LEU GA 139 52.01 -60.07 91.27
N LEU GA 140 52.26 -59.19 90.29
CA LEU GA 140 53.48 -59.26 89.50
C LEU GA 140 54.74 -58.94 90.32
N LEU GA 141 54.65 -57.96 91.22
CA LEU GA 141 55.81 -57.59 92.03
C LEU GA 141 56.26 -58.81 92.86
N VAL GA 142 55.31 -59.46 93.53
CA VAL GA 142 55.67 -60.60 94.37
C VAL GA 142 56.18 -61.76 93.50
N ALA GA 143 55.53 -62.01 92.38
CA ALA GA 143 55.89 -63.12 91.49
C ALA GA 143 57.31 -62.90 90.90
N MET GA 144 57.54 -61.70 90.39
CA MET GA 144 58.82 -61.37 89.80
C MET GA 144 59.98 -61.40 90.77
N ALA GA 145 59.73 -61.16 92.07
CA ALA GA 145 60.80 -61.14 93.06
C ALA GA 145 61.07 -62.52 93.69
N LEU GA 146 60.23 -63.50 93.40
CA LEU GA 146 60.37 -64.84 94.02
C LEU GA 146 61.73 -65.50 93.82
N PRO GA 147 62.27 -65.50 92.59
CA PRO GA 147 63.57 -66.14 92.44
C PRO GA 147 64.65 -65.52 93.35
N GLN GA 148 64.67 -64.20 93.44
CA GLN GA 148 65.58 -63.49 94.31
C GLN GA 148 65.35 -63.91 95.77
N GLY GA 149 64.08 -63.96 96.17
CA GLY GA 149 63.71 -64.34 97.54
C GLY GA 149 64.08 -65.76 97.92
N LEU GA 150 63.79 -66.69 97.01
CA LEU GA 150 64.12 -68.09 97.24
C LEU GA 150 65.64 -68.27 97.32
N ALA GA 151 66.36 -67.57 96.46
CA ALA GA 151 67.84 -67.64 96.43
C ALA GA 151 68.44 -67.10 97.73
N ALA GA 152 67.83 -66.03 98.27
CA ALA GA 152 68.28 -65.44 99.54
C ALA GA 152 68.19 -66.42 100.72
N GLY GA 153 67.35 -67.44 100.62
CA GLY GA 153 67.23 -68.43 101.71
C GLY GA 153 68.30 -69.51 101.71
N LEU GA 154 69.10 -69.58 100.65
CA LEU GA 154 70.09 -70.64 100.49
C LEU GA 154 71.43 -70.31 101.14
N PRO GA 155 72.01 -71.30 101.86
CA PRO GA 155 73.29 -71.20 102.52
C PRO GA 155 74.42 -71.53 101.56
N PRO GA 156 75.66 -71.14 101.92
CA PRO GA 156 76.86 -71.39 101.12
C PRO GA 156 77.37 -72.81 101.28
N ALA GA 157 78.05 -73.31 100.24
CA ALA GA 157 78.72 -74.62 100.32
C ALA GA 157 79.97 -74.47 101.17
N LEU HA 3 -15.77 -52.87 99.85
CA LEU HA 3 -16.67 -53.80 100.61
C LEU HA 3 -15.91 -54.51 101.73
N SER HA 4 -14.78 -53.93 102.09
CA SER HA 4 -14.00 -54.38 103.23
C SER HA 4 -13.52 -53.17 104.02
N ALA HA 5 -13.31 -53.36 105.31
CA ALA HA 5 -12.77 -52.34 106.18
C ALA HA 5 -11.94 -53.09 107.21
N GLU HA 6 -10.85 -52.46 107.65
CA GLU HA 6 -9.90 -53.04 108.61
C GLU HA 6 -9.58 -52.01 109.68
N GLN HA 7 -9.31 -52.46 110.88
CA GLN HA 7 -8.86 -51.55 111.95
C GLN HA 7 -7.96 -52.30 112.90
N SER HA 8 -6.86 -51.67 113.31
CA SER HA 8 -5.97 -52.25 114.29
C SER HA 8 -5.47 -51.19 115.24
N PHE HA 9 -5.29 -51.56 116.50
CA PHE HA 9 -4.91 -50.60 117.52
C PHE HA 9 -4.54 -51.28 118.81
N THR HA 10 -3.89 -50.52 119.68
CA THR HA 10 -3.49 -51.02 120.99
C THR HA 10 -4.10 -50.15 122.08
N LEU HA 11 -4.36 -50.77 123.23
CA LEU HA 11 -4.90 -50.08 124.42
C LEU HA 11 -4.39 -50.79 125.65
N ARG HA 12 -4.13 -50.05 126.70
CA ARG HA 12 -3.70 -50.64 127.95
C ARG HA 12 -4.87 -50.80 128.92
N HIS HA 13 -5.00 -51.99 129.49
CA HIS HA 13 -6.03 -52.21 130.49
C HIS HA 13 -5.41 -51.72 131.80
N PRO HA 14 -6.05 -50.77 132.49
CA PRO HA 14 -5.52 -50.23 133.75
C PRO HA 14 -5.31 -51.23 134.90
N HIS HA 15 -5.97 -52.40 134.84
CA HIS HA 15 -5.88 -53.38 135.93
C HIS HA 15 -4.86 -54.53 135.69
N GLY HA 16 -4.12 -54.48 134.59
CA GLY HA 16 -3.06 -55.48 134.36
C GLY HA 16 -3.47 -56.64 133.48
N GLN HA 17 -2.60 -57.66 133.40
CA GLN HA 17 -2.74 -58.76 132.43
C GLN HA 17 -3.96 -59.67 132.61
N ALA HA 18 -4.13 -60.22 133.82
CA ALA HA 18 -5.26 -61.12 134.09
C ALA HA 18 -6.57 -60.45 133.73
N ALA HA 19 -6.71 -59.19 134.11
CA ALA HA 19 -7.93 -58.45 133.83
C ALA HA 19 -8.09 -58.22 132.31
N ALA HA 20 -6.98 -57.91 131.63
CA ALA HA 20 -7.01 -57.66 130.19
C ALA HA 20 -7.45 -58.94 129.44
N LEU HA 21 -6.91 -60.09 129.87
CA LEU HA 21 -7.32 -61.40 129.30
C LEU HA 21 -8.81 -61.64 129.49
N ALA HA 22 -9.32 -61.37 130.71
CA ALA HA 22 -10.73 -61.57 131.01
C ALA HA 22 -11.62 -60.64 130.17
N PHE HA 23 -11.16 -59.41 130.02
CA PHE HA 23 -11.88 -58.38 129.26
C PHE HA 23 -12.05 -58.77 127.78
N VAL HA 24 -10.96 -59.19 127.14
CA VAL HA 24 -11.01 -59.53 125.71
C VAL HA 24 -11.74 -60.84 125.45
N ARG HA 25 -11.85 -61.68 126.48
CA ARG HA 25 -12.50 -63.00 126.31
C ARG HA 25 -13.99 -62.97 126.53
N GLU HA 26 -14.51 -61.86 127.08
CA GLU HA 26 -15.95 -61.74 127.30
C GLU HA 26 -16.51 -60.59 126.45
N PRO HA 27 -17.26 -60.93 125.40
CA PRO HA 27 -17.83 -59.91 124.51
C PRO HA 27 -18.59 -58.80 125.23
N ALA HA 28 -19.50 -59.17 126.13
CA ALA HA 28 -20.33 -58.20 126.88
C ALA HA 28 -19.47 -57.14 127.58
N ALA HA 29 -18.21 -57.48 127.89
CA ALA HA 29 -17.25 -56.54 128.48
C ALA HA 29 -16.58 -55.73 127.39
N ALA HA 30 -15.91 -56.43 126.48
CA ALA HA 30 -15.14 -55.80 125.40
C ALA HA 30 -15.98 -54.90 124.50
N LEU HA 31 -17.21 -55.34 124.18
CA LEU HA 31 -18.07 -54.57 123.27
C LEU HA 31 -19.18 -53.73 123.95
N ALA HA 32 -19.12 -53.58 125.27
CA ALA HA 32 -20.16 -52.80 126.01
C ALA HA 32 -20.44 -51.38 125.44
N GLY HA 33 -19.38 -50.66 125.09
CA GLY HA 33 -19.53 -49.28 124.61
C GLY HA 33 -19.34 -49.11 123.12
N VAL HA 34 -19.26 -50.22 122.40
CA VAL HA 34 -19.05 -50.21 120.96
C VAL HA 34 -20.28 -49.68 120.24
N GLN HA 35 -20.09 -48.69 119.39
CA GLN HA 35 -21.20 -48.12 118.64
C GLN HA 35 -21.26 -48.70 117.24
N ARG HA 36 -22.42 -48.50 116.61
CA ARG HA 36 -22.69 -48.87 115.22
C ARG HA 36 -22.85 -50.36 115.00
N LEU HA 37 -22.97 -51.11 116.11
CA LEU HA 37 -23.32 -52.52 116.05
C LEU HA 37 -24.68 -52.67 116.76
N ARG HA 38 -25.75 -52.53 115.99
CA ARG HA 38 -27.08 -52.54 116.58
C ARG HA 38 -27.53 -53.97 116.93
N GLY HA 39 -28.32 -54.08 118.00
CA GLY HA 39 -28.89 -55.37 118.40
C GLY HA 39 -27.85 -56.39 118.83
N LEU HA 40 -26.72 -55.89 119.32
CA LEU HA 40 -25.63 -56.75 119.73
C LEU HA 40 -26.10 -57.69 120.83
N ASP HA 41 -25.82 -58.98 120.68
CA ASP HA 41 -26.14 -59.95 121.71
C ASP HA 41 -25.22 -61.17 121.59
N SER HA 42 -25.21 -62.00 122.64
CA SER HA 42 -24.36 -63.20 122.69
C SER HA 42 -24.85 -64.20 123.70
N ASP HA 43 -24.59 -65.48 123.44
CA ASP HA 43 -24.91 -66.56 124.36
C ASP HA 43 -23.62 -67.16 124.97
N GLY HA 44 -22.50 -66.46 124.79
CA GLY HA 44 -21.20 -66.93 125.29
C GLY HA 44 -20.44 -67.73 124.25
N GLU HA 45 -21.17 -68.29 123.28
CA GLU HA 45 -20.58 -69.08 122.20
C GLU HA 45 -20.43 -68.27 120.92
N GLN HA 46 -21.46 -67.52 120.57
CA GLN HA 46 -21.42 -66.68 119.41
C GLN HA 46 -21.88 -65.28 119.77
N VAL HA 47 -21.51 -64.34 118.93
CA VAL HA 47 -21.92 -62.95 119.05
C VAL HA 47 -22.63 -62.57 117.75
N TRP HA 48 -23.68 -61.79 117.85
CA TRP HA 48 -24.42 -61.37 116.65
C TRP HA 48 -25.02 -59.99 116.79
N GLY HA 49 -25.42 -59.42 115.64
CA GLY HA 49 -25.97 -58.09 115.61
C GLY HA 49 -26.16 -57.66 114.18
N GLU HA 50 -26.16 -56.36 113.95
CA GLU HA 50 -26.36 -55.86 112.60
C GLU HA 50 -25.71 -54.50 112.40
N LEU HA 51 -25.27 -54.23 111.19
CA LEU HA 51 -24.79 -52.93 110.79
C LEU HA 51 -25.87 -52.29 109.95
N LEU HA 52 -25.94 -50.96 109.98
CA LEU HA 52 -26.97 -50.24 109.23
C LEU HA 52 -26.37 -49.55 108.00
N VAL HA 53 -26.87 -49.92 106.84
CA VAL HA 53 -26.51 -49.27 105.58
C VAL HA 53 -27.67 -48.35 105.20
N ARG HA 54 -27.40 -47.07 105.10
CA ARG HA 54 -28.43 -46.09 104.77
C ARG HA 54 -28.42 -45.76 103.29
N VAL HA 55 -29.56 -46.01 102.64
CA VAL HA 55 -29.72 -45.65 101.25
C VAL HA 55 -30.98 -44.84 101.11
N PRO HA 56 -31.11 -44.11 100.00
CA PRO HA 56 -32.32 -43.33 99.82
C PRO HA 56 -33.59 -44.17 99.73
N LEU HA 57 -34.65 -43.64 100.28
CA LEU HA 57 -35.99 -44.22 100.19
C LEU HA 57 -36.19 -45.44 101.07
N LEU HA 58 -35.28 -46.39 101.05
CA LEU HA 58 -35.35 -47.52 101.99
C LEU HA 58 -34.93 -47.10 103.39
N GLY HA 59 -34.04 -46.12 103.46
CA GLY HA 59 -33.53 -45.63 104.72
C GLY HA 59 -32.50 -46.59 105.29
N GLU HA 60 -32.57 -46.83 106.60
CA GLU HA 60 -31.63 -47.71 107.26
C GLU HA 60 -31.96 -49.16 106.96
N VAL HA 61 -31.04 -49.84 106.25
CA VAL HA 61 -31.17 -51.25 105.94
C VAL HA 61 -30.19 -52.01 106.81
N ASP HA 62 -30.71 -52.96 107.59
CA ASP HA 62 -29.87 -53.71 108.52
C ASP HA 62 -29.28 -54.96 107.85
N LEU HA 63 -27.96 -55.11 108.01
CA LEU HA 63 -27.22 -56.27 107.51
C LEU HA 63 -26.73 -57.05 108.72
N PRO HA 64 -27.19 -58.30 108.88
CA PRO HA 64 -26.80 -59.03 110.05
C PRO HA 64 -25.37 -59.59 109.96
N PHE HA 65 -24.82 -59.91 111.13
CA PHE HA 65 -23.58 -60.67 111.23
C PHE HA 65 -23.74 -61.59 112.41
N ARG HA 66 -22.97 -62.67 112.39
CA ARG HA 66 -22.89 -63.60 113.48
C ARG HA 66 -21.48 -64.19 113.45
N SER HA 67 -20.81 -64.18 114.59
CA SER HA 67 -19.45 -64.67 114.67
C SER HA 67 -19.25 -65.61 115.88
N GLU HA 68 -18.39 -66.58 115.69
CA GLU HA 68 -18.04 -67.54 116.73
C GLU HA 68 -16.97 -66.93 117.62
N ILE HA 69 -17.11 -67.10 118.94
CA ILE HA 69 -16.13 -66.62 119.89
C ILE HA 69 -15.13 -67.74 120.14
N VAL HA 70 -13.86 -67.46 119.90
CA VAL HA 70 -12.80 -68.45 120.06
C VAL HA 70 -11.80 -67.96 121.07
N ARG HA 71 -11.66 -68.72 122.14
CA ARG HA 71 -10.75 -68.40 123.22
C ARG HA 71 -9.36 -68.92 122.87
N THR HA 72 -8.38 -68.04 122.95
CA THR HA 72 -7.00 -68.38 122.61
C THR HA 72 -6.07 -68.18 123.81
N PRO HA 73 -4.82 -68.66 123.69
CA PRO HA 73 -3.93 -68.55 124.86
C PRO HA 73 -3.65 -67.11 125.32
N GLN HA 74 -3.59 -66.15 124.39
CA GLN HA 74 -3.30 -64.74 124.73
C GLN HA 74 -4.55 -63.85 124.72
N GLY HA 75 -5.71 -64.42 124.42
CA GLY HA 75 -6.93 -63.62 124.36
C GLY HA 75 -8.12 -64.34 123.75
N ALA HA 76 -8.59 -63.85 122.62
CA ALA HA 76 -9.77 -64.40 121.97
C ALA HA 76 -9.88 -63.85 120.57
N GLU HA 77 -10.67 -64.54 119.75
CA GLU HA 77 -10.99 -64.09 118.40
C GLU HA 77 -12.48 -64.17 118.15
N LEU HA 78 -12.93 -63.40 117.16
CA LEU HA 78 -14.24 -63.61 116.55
C LEU HA 78 -13.97 -64.15 115.15
N ARG HA 79 -14.61 -65.25 114.84
CA ARG HA 79 -14.53 -65.84 113.51
C ARG HA 79 -15.93 -65.87 112.89
N PRO HA 80 -16.10 -65.23 111.71
CA PRO HA 80 -17.41 -65.00 111.12
C PRO HA 80 -18.09 -66.23 110.61
N LEU HA 81 -19.40 -66.27 110.75
CA LEU HA 81 -20.20 -67.35 110.17
C LEU HA 81 -20.83 -66.86 108.87
N THR HA 82 -20.95 -67.78 107.92
CA THR HA 82 -21.55 -67.48 106.64
C THR HA 82 -23.06 -67.39 106.81
N LEU HA 83 -23.65 -66.32 106.29
CA LEU HA 83 -25.11 -66.16 106.33
C LEU HA 83 -25.66 -66.35 104.91
N THR HA 84 -26.98 -66.37 104.75
CA THR HA 84 -27.59 -66.74 103.45
C THR HA 84 -27.44 -65.62 102.44
N GLY HA 85 -27.61 -65.94 101.18
CA GLY HA 85 -27.50 -64.92 100.12
C GLY HA 85 -28.79 -64.15 99.81
N GLU HA 86 -29.88 -64.47 100.53
CA GLU HA 86 -31.19 -63.83 100.31
C GLU HA 86 -31.15 -62.32 100.59
N ARG HA 87 -30.26 -61.91 101.47
CA ARG HA 87 -30.08 -60.50 101.76
C ARG HA 87 -28.67 -60.24 102.13
N ALA HA 88 -28.24 -59.00 101.92
CA ALA HA 88 -26.87 -58.58 102.24
C ALA HA 88 -26.56 -58.83 103.71
N TRP HA 89 -25.30 -59.16 103.98
CA TRP HA 89 -24.87 -59.43 105.33
C TRP HA 89 -23.43 -58.97 105.51
N VAL HA 90 -22.93 -59.11 106.73
CA VAL HA 90 -21.57 -58.70 107.03
C VAL HA 90 -20.84 -59.83 107.78
N ALA HA 91 -19.57 -60.01 107.43
CA ALA HA 91 -18.65 -60.92 108.14
C ALA HA 91 -17.77 -60.06 109.04
N VAL HA 92 -17.88 -60.26 110.36
CA VAL HA 92 -17.10 -59.55 111.35
C VAL HA 92 -16.05 -60.46 111.97
N SER HA 93 -14.79 -60.13 111.75
CA SER HA 93 -13.68 -60.91 112.30
C SER HA 93 -12.87 -60.01 113.22
N GLY HA 94 -12.25 -60.61 114.21
CA GLY HA 94 -11.40 -59.87 115.14
C GLY HA 94 -10.47 -60.76 115.92
N GLN HA 95 -9.31 -60.19 116.28
CA GLN HA 95 -8.35 -60.89 117.07
C GLN HA 95 -7.85 -59.93 118.16
N ALA HA 96 -7.69 -60.45 119.37
CA ALA HA 96 -7.26 -59.66 120.51
C ALA HA 96 -6.25 -60.42 121.34
N THR HA 97 -5.22 -59.72 121.77
CA THR HA 97 -4.23 -60.32 122.67
C THR HA 97 -4.01 -59.40 123.86
N ALA HA 98 -3.70 -60.01 125.01
CA ALA HA 98 -3.38 -59.27 126.24
C ALA HA 98 -1.99 -59.73 126.65
N ALA HA 99 -1.14 -58.76 126.96
CA ALA HA 99 0.24 -59.06 127.26
C ALA HA 99 0.60 -58.60 128.66
N GLU HA 100 1.89 -58.71 128.99
CA GLU HA 100 2.40 -58.30 130.27
C GLU HA 100 2.03 -56.86 130.54
N GLY HA 101 1.52 -56.60 131.73
CA GLY HA 101 1.20 -55.26 132.16
C GLY HA 101 -0.18 -54.79 131.72
N GLY HA 102 -0.89 -55.66 131.00
CA GLY HA 102 -2.25 -55.33 130.55
C GLY HA 102 -2.31 -54.66 129.18
N GLU HA 103 -1.21 -54.69 128.45
CA GLU HA 103 -1.17 -54.13 127.10
C GLU HA 103 -2.03 -55.00 126.16
N MET HA 104 -3.04 -54.40 125.54
CA MET HA 104 -3.91 -55.13 124.63
C MET HA 104 -3.81 -54.68 123.17
N ALA HA 105 -3.80 -55.66 122.27
CA ALA HA 105 -3.72 -55.41 120.84
C ALA HA 105 -5.00 -55.93 120.21
N PHE HA 106 -5.58 -55.13 119.33
CA PHE HA 106 -6.79 -55.51 118.63
C PHE HA 106 -6.61 -55.33 117.13
N ALA HA 107 -7.22 -56.23 116.35
CA ALA HA 107 -7.34 -56.11 114.93
C ALA HA 107 -8.77 -56.60 114.56
N PHE HA 108 -9.49 -55.79 113.81
CA PHE HA 108 -10.82 -56.15 113.32
C PHE HA 108 -10.89 -56.06 111.83
N GLN HA 109 -11.63 -56.97 111.21
CA GLN HA 109 -11.85 -56.93 109.75
C GLN HA 109 -13.34 -57.12 109.47
N PHE HA 110 -13.86 -56.35 108.50
CA PHE HA 110 -15.25 -56.40 108.12
C PHE HA 110 -15.34 -56.58 106.64
N GLN HA 111 -16.27 -57.43 106.21
CA GLN HA 111 -16.53 -57.66 104.80
C GLN HA 111 -18.04 -57.66 104.59
N ALA HA 112 -18.52 -56.81 103.67
CA ALA HA 112 -19.95 -56.79 103.34
C ALA HA 112 -20.14 -57.74 102.18
N HIS HA 113 -21.14 -58.62 102.29
CA HIS HA 113 -21.44 -59.60 101.27
C HIS HA 113 -22.79 -59.24 100.63
N LEU HA 114 -22.75 -58.80 99.38
CA LEU HA 114 -23.96 -58.36 98.70
C LEU HA 114 -24.67 -59.51 98.00
N ALA HA 115 -25.99 -59.38 97.88
CA ALA HA 115 -26.80 -60.41 97.24
C ALA HA 115 -26.75 -60.28 95.72
N THR HA 116 -26.75 -61.42 95.03
CA THR HA 116 -26.70 -61.44 93.58
C THR HA 116 -27.87 -62.24 93.00
N GLY HA 124 -29.77 -50.38 86.58
CA GLY HA 124 -29.17 -51.29 87.59
C GLY HA 124 -27.70 -51.04 87.89
N ALA HA 125 -26.96 -50.59 86.87
CA ALA HA 125 -25.52 -50.29 87.05
C ALA HA 125 -25.35 -49.02 87.90
N ALA HA 126 -26.16 -48.00 87.59
CA ALA HA 126 -26.15 -46.73 88.35
C ALA HA 126 -26.55 -46.95 89.80
N PHE HA 127 -27.53 -47.82 90.02
CA PHE HA 127 -28.00 -48.10 91.37
C PHE HA 127 -26.94 -48.82 92.20
N GLU HA 128 -26.21 -49.73 91.57
CA GLU HA 128 -25.23 -50.53 92.27
C GLU HA 128 -24.24 -49.56 92.90
N VAL HA 129 -24.00 -48.45 92.22
CA VAL HA 129 -23.10 -47.42 92.73
C VAL HA 129 -23.58 -46.85 94.07
N MET HA 130 -24.89 -46.61 94.22
CA MET HA 130 -25.37 -46.09 95.51
C MET HA 130 -25.20 -47.10 96.64
N VAL HA 131 -25.51 -48.38 96.36
CA VAL HA 131 -25.40 -49.41 97.41
C VAL HA 131 -23.94 -49.69 97.82
N GLN HA 132 -23.03 -49.80 96.86
CA GLN HA 132 -21.62 -50.05 97.18
C GLN HA 132 -21.01 -48.93 98.00
N ALA HA 133 -21.29 -47.69 97.61
CA ALA HA 133 -20.78 -46.52 98.31
C ALA HA 133 -21.32 -46.46 99.75
N ALA HA 134 -22.60 -46.72 99.90
CA ALA HA 134 -23.25 -46.66 101.20
C ALA HA 134 -22.70 -47.74 102.13
N ALA HA 135 -22.56 -48.96 101.61
CA ALA HA 135 -22.06 -50.08 102.39
C ALA HA 135 -20.61 -49.83 102.80
N GLY HA 136 -19.85 -49.22 101.90
CA GLY HA 136 -18.47 -48.86 102.20
C GLY HA 136 -18.37 -47.87 103.33
N VAL HA 137 -19.27 -46.90 103.36
CA VAL HA 137 -19.30 -45.89 104.41
C VAL HA 137 -19.67 -46.50 105.73
N THR HA 138 -20.60 -47.46 105.70
CA THR HA 138 -21.02 -48.17 106.92
C THR HA 138 -19.86 -48.94 107.54
N LEU HA 139 -19.13 -49.67 106.70
CA LEU HA 139 -18.02 -50.46 107.18
C LEU HA 139 -16.92 -49.60 107.79
N LEU HA 140 -16.60 -48.49 107.14
CA LEU HA 140 -15.57 -47.58 107.63
C LEU HA 140 -15.99 -46.88 108.93
N LEU HA 141 -17.26 -46.48 109.03
CA LEU HA 141 -17.72 -45.78 110.22
C LEU HA 141 -17.55 -46.69 111.44
N VAL HA 142 -17.98 -47.94 111.33
CA VAL HA 142 -17.88 -48.86 112.47
C VAL HA 142 -16.39 -49.16 112.77
N ALA HA 143 -15.60 -49.36 111.73
CA ALA HA 143 -14.18 -49.70 111.90
C ALA HA 143 -13.41 -48.53 112.56
N MET HA 144 -13.62 -47.34 112.04
CA MET HA 144 -12.97 -46.15 112.55
C MET HA 144 -13.34 -45.80 113.99
N ALA HA 145 -14.54 -46.19 114.43
CA ALA HA 145 -14.98 -45.87 115.79
C ALA HA 145 -14.60 -46.94 116.82
N LEU HA 146 -14.08 -48.08 116.36
CA LEU HA 146 -13.77 -49.19 117.28
C LEU HA 146 -12.82 -48.84 118.43
N PRO HA 147 -11.71 -48.13 118.14
CA PRO HA 147 -10.82 -47.81 119.25
C PRO HA 147 -11.54 -47.01 120.37
N GLN HA 148 -12.35 -46.04 119.97
CA GLN HA 148 -13.14 -45.25 120.89
C GLN HA 148 -14.08 -46.16 121.69
N GLY HA 149 -14.77 -47.06 120.98
CA GLY HA 149 -15.71 -47.99 121.59
C GLY HA 149 -15.08 -48.96 122.57
N LEU HA 150 -13.95 -49.54 122.19
CA LEU HA 150 -13.23 -50.47 123.04
C LEU HA 150 -12.73 -49.75 124.28
N ALA HA 151 -12.24 -48.53 124.09
CA ALA HA 151 -11.72 -47.73 125.22
C ALA HA 151 -12.85 -47.38 126.21
N ALA HA 152 -14.04 -47.10 125.69
CA ALA HA 152 -15.21 -46.80 126.53
C ALA HA 152 -15.59 -47.96 127.46
N GLY HA 153 -15.19 -49.18 127.13
CA GLY HA 153 -15.51 -50.34 127.98
C GLY HA 153 -14.57 -50.53 129.17
N LEU HA 154 -13.47 -49.78 129.21
CA LEU HA 154 -12.45 -49.94 130.23
C LEU HA 154 -12.71 -49.13 131.49
N PRO HA 155 -12.53 -49.76 132.67
CA PRO HA 155 -12.70 -49.16 133.97
C PRO HA 155 -11.43 -48.44 134.39
N PRO HA 156 -11.54 -47.54 135.38
CA PRO HA 156 -10.42 -46.78 135.95
C PRO HA 156 -9.58 -47.60 136.90
N ALA HA 157 -8.29 -47.25 137.01
CA ALA HA 157 -7.41 -47.86 138.01
C ALA HA 157 -7.75 -47.29 139.38
N LEU IA 3 34.82 -36.63 105.46
CA LEU IA 3 35.92 -37.43 106.10
C LEU IA 3 35.96 -37.19 107.61
N SER IA 4 34.84 -36.68 108.13
CA SER IA 4 34.65 -36.52 109.56
C SER IA 4 33.24 -36.95 109.92
N ALA IA 5 33.07 -37.40 111.14
CA ALA IA 5 31.78 -37.77 111.68
C ALA IA 5 31.83 -37.42 113.17
N GLU IA 6 30.68 -37.00 113.70
CA GLU IA 6 30.56 -36.57 115.10
C GLU IA 6 29.33 -37.20 115.71
N GLN IA 7 29.36 -37.48 117.00
CA GLN IA 7 28.17 -37.98 117.69
C GLN IA 7 28.21 -37.53 119.14
N SER IA 8 27.07 -37.10 119.66
CA SER IA 8 26.96 -36.72 121.06
C SER IA 8 25.63 -37.16 121.62
N PHE IA 9 25.64 -37.58 122.88
CA PHE IA 9 24.45 -38.12 123.50
C PHE IA 9 24.62 -38.29 124.99
N THR IA 10 23.51 -38.48 125.67
CA THR IA 10 23.51 -38.69 127.11
C THR IA 10 22.85 -40.02 127.43
N LEU IA 11 23.29 -40.63 128.53
CA LEU IA 11 22.75 -41.91 129.03
C LEU IA 11 22.89 -41.91 130.53
N ARG IA 12 21.95 -42.52 131.22
CA ARG IA 12 22.00 -42.64 132.67
C ARG IA 12 22.53 -44.00 133.08
N HIS IA 13 23.52 -44.03 133.96
CA HIS IA 13 24.01 -45.29 134.48
C HIS IA 13 23.06 -45.66 135.63
N PRO IA 14 22.42 -46.82 135.56
CA PRO IA 14 21.46 -47.26 136.61
C PRO IA 14 22.02 -47.37 138.04
N HIS IA 15 23.35 -47.46 138.19
CA HIS IA 15 23.95 -47.65 139.53
C HIS IA 15 24.50 -46.36 140.17
N GLY IA 16 24.29 -45.20 139.53
CA GLY IA 16 24.70 -43.92 140.15
C GLY IA 16 26.05 -43.40 139.71
N GLN IA 17 26.51 -42.34 140.39
CA GLN IA 17 27.71 -41.60 139.96
C GLN IA 17 29.04 -42.35 140.00
N ALA IA 18 29.38 -42.94 141.16
CA ALA IA 18 30.65 -43.67 141.29
C ALA IA 18 30.76 -44.73 140.21
N ALA IA 19 29.67 -45.45 139.97
CA ALA IA 19 29.67 -46.50 138.97
C ALA IA 19 29.82 -45.91 137.55
N ALA IA 20 29.16 -44.78 137.30
CA ALA IA 20 29.22 -44.13 135.99
C ALA IA 20 30.67 -43.66 135.71
N LEU IA 21 31.32 -43.08 136.72
CA LEU IA 21 32.74 -42.68 136.60
C LEU IA 21 33.63 -43.88 136.27
N ALA IA 22 33.42 -45.00 136.97
CA ALA IA 22 34.20 -46.21 136.76
C ALA IA 22 33.98 -46.75 135.35
N PHE IA 23 32.74 -46.73 134.92
CA PHE IA 23 32.34 -47.23 133.60
C PHE IA 23 33.02 -46.45 132.45
N VAL IA 24 32.97 -45.12 132.52
CA VAL IA 24 33.55 -44.30 131.44
C VAL IA 24 35.07 -44.32 131.46
N ARG IA 25 35.66 -44.67 132.60
CA ARG IA 25 37.13 -44.66 132.72
C ARG IA 25 37.78 -45.95 132.31
N GLU IA 26 36.98 -47.02 132.12
CA GLU IA 26 37.53 -48.31 131.69
C GLU IA 26 36.96 -48.67 130.32
N PRO IA 27 37.79 -48.59 129.29
CA PRO IA 27 37.36 -48.91 127.92
C PRO IA 27 36.63 -50.26 127.78
N ALA IA 28 37.22 -51.31 128.31
CA ALA IA 28 36.65 -52.67 128.23
C ALA IA 28 35.21 -52.72 128.73
N ALA IA 29 34.84 -51.78 129.61
CA ALA IA 29 33.46 -51.64 130.12
C ALA IA 29 32.64 -50.80 129.15
N ALA IA 30 33.09 -49.57 128.94
CA ALA IA 30 32.38 -48.60 128.09
C ALA IA 30 32.17 -49.09 126.66
N LEU IA 31 33.20 -49.73 126.08
CA LEU IA 31 33.11 -50.19 124.69
C LEU IA 31 32.79 -51.69 124.49
N ALA IA 32 32.40 -52.38 125.55
CA ALA IA 32 32.10 -53.85 125.46
C ALA IA 32 31.11 -54.23 124.31
N GLY IA 33 30.04 -53.46 124.14
CA GLY IA 33 29.02 -53.76 123.14
C GLY IA 33 29.06 -52.89 121.90
N VAL IA 34 30.10 -52.08 121.78
CA VAL IA 34 30.25 -51.17 120.66
C VAL IA 34 30.53 -51.93 119.37
N GLN IA 35 29.73 -51.64 118.35
CA GLN IA 35 29.91 -52.32 117.07
C GLN IA 35 30.68 -51.44 116.11
N ARG IA 36 31.19 -52.08 115.06
CA ARG IA 36 31.89 -51.44 113.94
C ARG IA 36 33.28 -50.97 114.28
N LEU IA 37 33.78 -51.40 115.44
CA LEU IA 37 35.17 -51.19 115.82
C LEU IA 37 35.82 -52.57 115.94
N ARG IA 38 36.36 -53.07 114.82
CA ARG IA 38 36.89 -54.42 114.80
C ARG IA 38 38.27 -54.49 115.47
N GLY IA 39 38.55 -55.63 116.10
CA GLY IA 39 39.87 -55.86 116.71
C GLY IA 39 40.16 -54.94 117.88
N LEU IA 40 39.11 -54.48 118.53
CA LEU IA 40 39.25 -53.56 119.65
C LEU IA 40 40.08 -54.20 120.75
N ASP IA 41 41.07 -53.48 121.24
CA ASP IA 41 41.88 -53.95 122.35
C ASP IA 41 42.50 -52.77 123.09
N SER IA 42 43.02 -53.05 124.30
CA SER IA 42 43.64 -52.01 125.14
C SER IA 42 44.55 -52.60 126.19
N ASP IA 43 45.57 -51.84 126.58
CA ASP IA 43 46.49 -52.23 127.65
C ASP IA 43 46.27 -51.34 128.89
N GLY IA 44 45.17 -50.58 128.90
CA GLY IA 44 44.86 -49.68 130.02
C GLY IA 44 45.37 -48.27 129.76
N GLU IA 45 46.38 -48.15 128.88
CA GLU IA 45 46.98 -46.87 128.54
C GLU IA 45 46.44 -46.33 127.21
N GLN IA 46 46.35 -47.21 126.23
CA GLN IA 46 45.82 -46.84 124.95
C GLN IA 46 44.78 -47.84 124.51
N VAL IA 47 43.94 -47.41 123.59
CA VAL IA 47 42.92 -48.25 122.98
C VAL IA 47 43.17 -48.26 121.47
N TRP IA 48 42.98 -49.39 120.83
CA TRP IA 48 43.20 -49.48 119.38
C TRP IA 48 42.26 -50.48 118.71
N GLY IA 49 42.18 -50.38 117.39
CA GLY IA 49 41.31 -51.23 116.62
C GLY IA 49 41.30 -50.76 115.19
N GLU IA 50 40.22 -51.06 114.48
CA GLU IA 50 40.13 -50.67 113.08
C GLU IA 50 38.68 -50.49 112.64
N LEU IA 51 38.47 -49.60 111.68
CA LEU IA 51 37.19 -49.46 111.04
C LEU IA 51 37.31 -50.06 109.66
N LEU IA 52 36.20 -50.57 109.13
CA LEU IA 52 36.21 -51.21 107.82
C LEU IA 52 35.55 -50.32 106.77
N VAL IA 53 36.32 -49.98 105.74
CA VAL IA 53 35.81 -49.26 104.59
C VAL IA 53 35.66 -50.26 103.46
N ARG IA 54 34.44 -50.42 102.97
CA ARG IA 54 34.14 -51.38 101.91
C ARG IA 54 34.14 -50.70 100.55
N VAL IA 55 35.02 -51.16 99.66
CA VAL IA 55 35.03 -50.68 98.30
C VAL IA 55 34.97 -51.86 97.37
N PRO IA 56 34.60 -51.62 96.11
CA PRO IA 56 34.54 -52.73 95.19
C PRO IA 56 35.89 -53.41 94.94
N LEU IA 57 35.84 -54.70 94.77
CA LEU IA 57 36.99 -55.51 94.40
C LEU IA 57 37.98 -55.74 95.53
N LEU IA 58 38.36 -54.69 96.25
CA LEU IA 58 39.20 -54.89 97.45
C LEU IA 58 38.38 -55.42 98.61
N GLY IA 59 37.10 -55.07 98.63
CA GLY IA 59 36.20 -55.51 99.69
C GLY IA 59 36.44 -54.68 100.95
N GLU IA 60 36.44 -55.35 102.08
CA GLU IA 60 36.63 -54.66 103.36
C GLU IA 60 38.08 -54.29 103.56
N VAL IA 61 38.35 -52.98 103.59
CA VAL IA 61 39.69 -52.47 103.84
C VAL IA 61 39.72 -51.90 105.25
N ASP IA 62 40.62 -52.40 106.06
CA ASP IA 62 40.71 -51.98 107.47
C ASP IA 62 41.60 -50.77 107.63
N LEU IA 63 41.09 -49.77 108.34
CA LEU IA 63 41.82 -48.54 108.68
C LEU IA 63 42.03 -48.53 110.19
N PRO IA 64 43.30 -48.57 110.62
CA PRO IA 64 43.53 -48.64 112.04
C PRO IA 64 43.34 -47.30 112.75
N PHE IA 65 43.14 -47.36 114.06
CA PHE IA 65 43.18 -46.20 114.93
C PHE IA 65 43.83 -46.64 116.21
N ARG IA 66 44.39 -45.67 116.92
CA ARG IA 66 44.96 -45.89 118.22
C ARG IA 66 44.80 -44.57 118.98
N SER IA 67 44.26 -44.65 120.18
CA SER IA 67 44.01 -43.46 121.00
C SER IA 67 44.51 -43.63 122.43
N GLU IA 68 44.96 -42.54 123.00
CA GLU IA 68 45.43 -42.49 124.38
C GLU IA 68 44.23 -42.32 125.31
N ILE IA 69 44.21 -43.07 126.41
CA ILE IA 69 43.15 -42.96 127.39
C ILE IA 69 43.59 -41.94 128.42
N VAL IA 70 42.78 -40.90 128.63
CA VAL IA 70 43.10 -39.83 129.56
C VAL IA 70 42.01 -39.73 130.61
N ARG IA 71 42.40 -39.95 131.84
CA ARG IA 71 41.50 -39.90 132.97
C ARG IA 71 41.35 -38.45 133.43
N THR IA 72 40.11 -38.01 133.54
CA THR IA 72 39.80 -36.64 133.93
C THR IA 72 38.97 -36.59 135.21
N PRO IA 73 38.80 -35.40 135.79
CA PRO IA 73 38.06 -35.36 137.06
C PRO IA 73 36.60 -35.85 137.00
N GLN IA 74 35.93 -35.62 135.87
CA GLN IA 74 34.51 -36.03 135.70
C GLN IA 74 34.35 -37.29 134.86
N GLY IA 75 35.44 -37.87 134.38
CA GLY IA 75 35.36 -39.05 133.53
C GLY IA 75 36.65 -39.44 132.84
N ALA IA 76 36.67 -39.37 131.52
CA ALA IA 76 37.82 -39.77 130.74
C ALA IA 76 37.66 -39.31 129.32
N GLU IA 77 38.78 -39.27 128.59
CA GLU IA 77 38.79 -38.96 127.18
C GLU IA 77 39.62 -39.98 126.42
N LEU IA 78 39.36 -40.06 125.11
CA LEU IA 78 40.27 -40.70 124.17
C LEU IA 78 40.86 -39.58 123.33
N ARG IA 79 42.18 -39.55 123.25
CA ARG IA 79 42.88 -38.60 122.41
C ARG IA 79 43.69 -39.37 121.36
N PRO IA 80 43.43 -39.09 120.06
CA PRO IA 80 43.97 -39.88 118.96
C PRO IA 80 45.45 -39.74 118.76
N LEU IA 81 46.09 -40.84 118.37
CA LEU IA 81 47.49 -40.81 118.00
C LEU IA 81 47.62 -40.78 116.50
N THR IA 82 48.63 -40.07 116.02
CA THR IA 82 48.90 -39.97 114.60
C THR IA 82 49.51 -41.27 114.11
N LEU IA 83 48.97 -41.82 113.02
CA LEU IA 83 49.53 -43.04 112.43
C LEU IA 83 50.21 -42.67 111.10
N THR IA 84 50.89 -43.62 110.46
CA THR IA 84 51.74 -43.28 109.28
C THR IA 84 50.88 -43.01 108.06
N GLY IA 85 51.46 -42.37 107.07
CA GLY IA 85 50.73 -42.05 105.84
C GLY IA 85 50.75 -43.16 104.77
N GLU IA 86 51.41 -44.29 105.07
CA GLU IA 86 51.53 -45.42 104.11
C GLU IA 86 50.16 -46.01 103.77
N ARG IA 87 49.22 -45.92 104.69
CA ARG IA 87 47.88 -46.38 104.44
C ARG IA 87 46.91 -45.55 105.20
N ALA IA 88 45.67 -45.51 104.71
CA ALA IA 88 44.60 -44.75 105.34
C ALA IA 88 44.38 -45.19 106.78
N TRP IA 89 44.03 -44.24 107.63
CA TRP IA 89 43.80 -44.52 109.03
C TRP IA 89 42.70 -43.63 109.56
N VAL IA 90 42.35 -43.83 110.82
CA VAL IA 90 41.30 -43.07 111.46
C VAL IA 90 41.77 -42.51 112.81
N ALA IA 91 41.39 -41.26 113.09
CA ALA IA 91 41.60 -40.63 114.39
C ALA IA 91 40.28 -40.68 115.14
N VAL IA 92 40.27 -41.40 116.28
CA VAL IA 92 39.09 -41.54 117.13
C VAL IA 92 39.26 -40.74 118.41
N SER IA 93 38.43 -39.75 118.59
CA SER IA 93 38.46 -38.90 119.79
C SER IA 93 37.13 -39.04 120.52
N GLY IA 94 37.17 -38.88 121.83
CA GLY IA 94 35.96 -38.95 122.64
C GLY IA 94 36.12 -38.33 124.01
N GLN IA 95 35.03 -37.80 124.53
CA GLN IA 95 35.02 -37.24 125.85
C GLN IA 95 33.75 -37.73 126.56
N ALA IA 96 33.91 -38.06 127.84
CA ALA IA 96 32.82 -38.59 128.64
C ALA IA 96 32.83 -37.98 130.02
N THR IA 97 31.65 -37.62 130.53
CA THR IA 97 31.54 -37.12 131.88
C THR IA 97 30.42 -37.87 132.60
N ALA IA 98 30.58 -38.03 133.91
CA ALA IA 98 29.59 -38.66 134.77
C ALA IA 98 29.23 -37.65 135.84
N ALA IA 99 27.95 -37.45 136.05
CA ALA IA 99 27.49 -36.44 136.97
C ALA IA 99 26.65 -37.04 138.09
N GLU IA 100 26.08 -36.15 138.91
CA GLU IA 100 25.25 -36.56 140.00
C GLU IA 100 24.14 -37.46 139.51
N GLY IA 101 23.95 -38.57 140.20
CA GLY IA 101 22.87 -39.49 139.89
C GLY IA 101 23.20 -40.49 138.82
N GLY IA 102 24.42 -40.40 138.28
CA GLY IA 102 24.86 -41.34 137.24
C GLY IA 102 24.58 -40.88 135.82
N GLU IA 103 24.21 -39.63 135.65
CA GLU IA 103 23.96 -39.06 134.32
C GLU IA 103 25.28 -38.96 133.56
N MET IA 104 25.36 -39.62 132.40
CA MET IA 104 26.57 -39.59 131.59
C MET IA 104 26.40 -38.90 130.25
N ALA IA 105 27.40 -38.10 129.89
CA ALA IA 105 27.41 -37.36 128.62
C ALA IA 105 28.59 -37.87 127.82
N PHE IA 106 28.34 -38.13 126.53
CA PHE IA 106 29.37 -38.58 125.61
C PHE IA 106 29.40 -37.70 124.38
N ALA IA 107 30.61 -37.49 123.85
CA ALA IA 107 30.82 -36.88 122.57
C ALA IA 107 31.98 -37.63 121.90
N PHE IA 108 31.77 -38.07 120.67
CA PHE IA 108 32.82 -38.74 119.89
C PHE IA 108 33.04 -38.06 118.58
N GLN IA 109 34.29 -38.01 118.14
CA GLN IA 109 34.63 -37.42 116.82
C GLN IA 109 35.56 -38.39 116.07
N PHE IA 110 35.31 -38.54 114.77
CA PHE IA 110 36.09 -39.41 113.92
C PHE IA 110 36.57 -38.65 112.73
N GLN IA 111 37.83 -38.88 112.35
CA GLN IA 111 38.39 -38.26 111.17
C GLN IA 111 39.15 -39.34 110.39
N ALA IA 112 38.83 -39.51 109.11
CA ALA IA 112 39.55 -40.47 108.27
C ALA IA 112 40.68 -39.69 107.60
N HIS IA 113 41.88 -40.25 107.65
CA HIS IA 113 43.05 -39.64 107.07
C HIS IA 113 43.50 -40.48 105.87
N LEU IA 114 43.34 -39.94 104.67
CA LEU IA 114 43.67 -40.66 103.46
C LEU IA 114 45.12 -40.48 103.05
N ALA IA 115 45.67 -41.50 102.38
CA ALA IA 115 47.05 -41.46 101.94
C ALA IA 115 47.19 -40.67 100.65
N THR IA 116 48.30 -39.94 100.52
CA THR IA 116 48.55 -39.13 99.33
C THR IA 116 49.90 -39.48 98.72
N GLY IA 124 41.79 -41.47 87.95
CA GLY IA 124 42.11 -41.23 89.39
C GLY IA 124 41.13 -40.32 90.11
N ALA IA 125 40.58 -39.34 89.39
CA ALA IA 125 39.60 -38.40 89.98
C ALA IA 125 38.27 -39.13 90.25
N ALA IA 126 37.83 -39.94 89.27
CA ALA IA 126 36.60 -40.74 89.40
C ALA IA 126 36.72 -41.76 90.54
N PHE IA 127 37.90 -42.36 90.68
CA PHE IA 127 38.12 -43.34 91.73
C PHE IA 127 38.07 -42.71 93.12
N GLU IA 128 38.62 -41.51 93.24
CA GLU IA 128 38.70 -40.84 94.54
C GLU IA 128 37.30 -40.72 95.06
N VAL IA 129 36.35 -40.53 94.15
CA VAL IA 129 34.95 -40.42 94.52
C VAL IA 129 34.43 -41.69 95.21
N MET IA 130 34.83 -42.87 94.74
CA MET IA 130 34.38 -44.10 95.41
C MET IA 130 34.96 -44.23 96.82
N VAL IA 131 36.25 -43.92 96.96
CA VAL IA 131 36.90 -44.04 98.29
C VAL IA 131 36.36 -43.02 99.32
N GLN IA 132 36.20 -41.76 98.91
CA GLN IA 132 35.68 -40.73 99.84
C GLN IA 132 34.27 -41.06 100.31
N ALA IA 133 33.42 -41.48 99.39
CA ALA IA 133 32.04 -41.83 99.71
C ALA IA 133 31.98 -43.02 100.67
N ALA IA 134 32.79 -44.03 100.40
CA ALA IA 134 32.81 -45.24 101.21
C ALA IA 134 33.31 -44.94 102.61
N ALA IA 135 34.38 -44.17 102.71
CA ALA IA 135 34.96 -43.81 104.01
C ALA IA 135 33.99 -42.97 104.81
N GLY IA 136 33.26 -42.10 104.12
CA GLY IA 136 32.23 -41.28 104.76
C GLY IA 136 31.12 -42.12 105.36
N VAL IA 137 30.73 -43.17 104.64
CA VAL IA 137 29.69 -44.07 105.10
C VAL IA 137 30.14 -44.85 106.31
N THR IA 138 31.41 -45.28 106.30
CA THR IA 138 32.01 -46.00 107.41
C THR IA 138 32.01 -45.16 108.69
N LEU IA 139 32.43 -43.91 108.57
CA LEU IA 139 32.49 -43.03 109.71
C LEU IA 139 31.11 -42.77 110.31
N LEU IA 140 30.12 -42.54 109.46
CA LEU IA 140 28.76 -42.28 109.90
C LEU IA 140 28.12 -43.53 110.54
N LEU IA 141 28.36 -44.71 109.98
CA LEU IA 141 27.77 -45.93 110.50
C LEU IA 141 28.24 -46.13 111.96
N VAL IA 142 29.55 -46.01 112.19
CA VAL IA 142 30.08 -46.21 113.53
C VAL IA 142 29.58 -45.12 114.48
N ALA IA 143 29.54 -43.88 114.01
CA ALA IA 143 29.13 -42.74 114.84
C ALA IA 143 27.65 -42.87 115.23
N MET IA 144 26.82 -43.15 114.24
CA MET IA 144 25.39 -43.29 114.46
C MET IA 144 25.00 -44.45 115.37
N ALA IA 145 25.83 -45.50 115.42
CA ALA IA 145 25.52 -46.66 116.25
C ALA IA 145 26.07 -46.56 117.68
N LEU IA 146 26.88 -45.54 117.95
CA LEU IA 146 27.52 -45.41 119.27
C LEU IA 146 26.56 -45.38 120.46
N PRO IA 147 25.48 -44.60 120.37
CA PRO IA 147 24.57 -44.59 121.52
C PRO IA 147 24.02 -46.00 121.85
N GLN IA 148 23.64 -46.74 120.82
CA GLN IA 148 23.18 -48.11 120.96
C GLN IA 148 24.27 -48.96 121.62
N GLY IA 149 25.50 -48.83 121.11
CA GLY IA 149 26.63 -49.60 121.63
C GLY IA 149 26.99 -49.30 123.07
N LEU IA 150 27.02 -48.02 123.41
CA LEU IA 150 27.32 -47.60 124.78
C LEU IA 150 26.23 -48.10 125.73
N ALA IA 151 24.98 -48.01 125.28
CA ALA IA 151 23.84 -48.45 126.10
C ALA IA 151 23.90 -49.97 126.35
N ALA IA 152 24.32 -50.72 125.33
CA ALA IA 152 24.47 -52.19 125.45
C ALA IA 152 25.49 -52.60 126.53
N GLY IA 153 26.41 -51.70 126.90
CA GLY IA 153 27.39 -52.04 127.94
C GLY IA 153 26.89 -51.86 129.38
N LEU IA 154 25.71 -51.27 129.54
CA LEU IA 154 25.18 -50.93 130.85
C LEU IA 154 24.37 -52.07 131.47
N PRO IA 155 24.61 -52.34 132.77
CA PRO IA 155 23.93 -53.35 133.55
C PRO IA 155 22.64 -52.81 134.12
N PRO IA 156 21.74 -53.71 134.54
CA PRO IA 156 20.45 -53.37 135.14
C PRO IA 156 20.57 -52.95 136.59
N ALA IA 157 19.64 -52.11 137.05
CA ALA IA 157 19.55 -51.75 138.46
C ALA IA 157 18.99 -52.92 139.25
N LEU JA 3 -5.41 -2.99 117.41
CA LEU JA 3 -5.47 -2.15 118.66
C LEU JA 3 -6.09 -2.94 119.83
N SER JA 4 -6.10 -4.25 119.66
CA SER JA 4 -6.53 -5.17 120.72
C SER JA 4 -5.56 -6.33 120.78
N ALA JA 5 -5.44 -6.92 121.96
CA ALA JA 5 -4.64 -8.10 122.17
C ALA JA 5 -5.35 -8.90 123.26
N GLU JA 6 -5.27 -10.22 123.15
CA GLU JA 6 -5.95 -11.15 124.07
C GLU JA 6 -4.97 -12.23 124.49
N GLN JA 7 -5.10 -12.74 125.69
CA GLN JA 7 -4.28 -13.86 126.14
C GLN JA 7 -5.06 -14.69 127.15
N SER JA 8 -4.99 -16.01 127.02
CA SER JA 8 -5.62 -16.90 127.97
C SER JA 8 -4.74 -18.11 128.24
N PHE JA 9 -4.75 -18.58 129.47
CA PHE JA 9 -3.88 -19.66 129.87
C PHE JA 9 -4.23 -20.18 131.23
N THR JA 10 -3.69 -21.35 131.55
CA THR JA 10 -3.90 -22.00 132.83
C THR JA 10 -2.57 -22.24 133.51
N LEU JA 11 -2.58 -22.22 134.84
CA LEU JA 11 -1.40 -22.48 135.68
C LEU JA 11 -1.86 -23.08 136.97
N ARG JA 12 -1.09 -23.99 137.52
CA ARG JA 12 -1.40 -24.60 138.80
C ARG JA 12 -0.65 -23.93 139.94
N HIS JA 13 -1.36 -23.56 140.98
CA HIS JA 13 -0.70 -22.99 142.15
C HIS JA 13 -0.24 -24.20 142.98
N PRO JA 14 1.06 -24.29 143.27
CA PRO JA 14 1.60 -25.43 144.04
C PRO JA 14 1.03 -25.64 145.45
N HIS JA 15 0.42 -24.61 146.04
CA HIS JA 15 -0.09 -24.72 147.41
C HIS JA 15 -1.60 -25.01 147.53
N GLY JA 16 -2.29 -25.24 146.41
CA GLY JA 16 -3.71 -25.65 146.45
C GLY JA 16 -4.69 -24.51 146.27
N GLN JA 17 -5.97 -24.81 146.49
CA GLN JA 17 -7.08 -23.89 146.16
C GLN JA 17 -7.12 -22.58 146.96
N ALA JA 18 -7.12 -22.68 148.29
CA ALA JA 18 -7.18 -21.48 149.13
C ALA JA 18 -6.08 -20.50 148.75
N ALA JA 19 -4.88 -21.03 148.56
CA ALA JA 19 -3.74 -20.19 148.20
C ALA JA 19 -3.92 -19.58 146.81
N ALA JA 20 -4.45 -20.36 145.86
CA ALA JA 20 -4.68 -19.89 144.51
C ALA JA 20 -5.70 -18.75 144.50
N LEU JA 21 -6.77 -18.90 145.29
CA LEU JA 21 -7.79 -17.82 145.44
C LEU JA 21 -7.15 -16.55 145.99
N ALA JA 22 -6.31 -16.70 147.04
CA ALA JA 22 -5.64 -15.55 147.64
C ALA JA 22 -4.70 -14.87 146.67
N PHE JA 23 -3.99 -15.66 145.90
CA PHE JA 23 -3.02 -15.18 144.91
C PHE JA 23 -3.71 -14.33 143.81
N VAL JA 24 -4.78 -14.84 143.24
CA VAL JA 24 -5.46 -14.12 142.15
C VAL JA 24 -6.22 -12.89 142.64
N ARG JA 25 -6.52 -12.86 143.94
CA ARG JA 25 -7.30 -11.73 144.50
C ARG JA 25 -6.45 -10.57 144.96
N GLU JA 26 -5.13 -10.78 145.04
CA GLU JA 26 -4.22 -9.70 145.45
C GLU JA 26 -3.26 -9.37 144.29
N PRO JA 27 -3.46 -8.23 143.66
CA PRO JA 27 -2.63 -7.81 142.53
C PRO JA 27 -1.11 -7.88 142.81
N ALA JA 28 -0.69 -7.30 143.93
CA ALA JA 28 0.75 -7.29 144.31
C ALA JA 28 1.37 -8.68 144.29
N ALA JA 29 0.54 -9.72 144.49
CA ALA JA 29 0.99 -11.12 144.41
C ALA JA 29 0.96 -11.59 142.96
N ALA JA 30 -0.22 -11.53 142.35
CA ALA JA 30 -0.43 -12.02 140.98
C ALA JA 30 0.45 -11.32 139.96
N LEU JA 31 0.63 -10.01 140.09
CA LEU JA 31 1.42 -9.24 139.11
C LEU JA 31 2.87 -8.91 139.54
N ALA JA 32 3.35 -9.50 140.62
CA ALA JA 32 4.73 -9.23 141.12
C ALA JA 32 5.86 -9.35 140.03
N GLY JA 33 5.80 -10.38 139.20
CA GLY JA 33 6.82 -10.62 138.21
C GLY JA 33 6.42 -10.29 136.78
N VAL JA 34 5.27 -9.63 136.64
CA VAL JA 34 4.74 -9.27 135.33
C VAL JA 34 5.57 -8.17 134.69
N GLN JA 35 6.02 -8.41 133.46
CA GLN JA 35 6.82 -7.42 132.77
C GLN JA 35 5.97 -6.61 131.81
N ARG JA 36 6.55 -5.48 131.38
CA ARG JA 36 5.97 -4.58 130.38
C ARG JA 36 4.78 -3.78 130.88
N LEU JA 37 4.58 -3.80 132.19
CA LEU JA 37 3.62 -2.93 132.85
C LEU JA 37 4.40 -2.00 133.78
N ARG JA 38 4.83 -0.87 133.25
CA ARG JA 38 5.68 0.02 134.02
C ARG JA 38 4.87 0.83 135.05
N GLY JA 39 5.50 1.14 136.17
CA GLY JA 39 4.88 1.98 137.20
C GLY JA 39 3.66 1.33 137.85
N LEU JA 40 3.63 0.02 137.85
CA LEU JA 40 2.49 -0.72 138.39
C LEU JA 40 2.31 -0.38 139.86
N ASP JA 41 1.10 -0.04 140.24
CA ASP JA 41 0.78 0.23 141.64
C ASP JA 41 -0.70 -0.02 141.91
N SER JA 42 -1.07 -0.09 143.19
CA SER JA 42 -2.44 -0.35 143.61
C SER JA 42 -2.70 0.08 145.03
N ASP JA 43 -3.94 0.45 145.33
CA ASP JA 43 -4.37 0.80 146.68
C ASP JA 43 -5.32 -0.26 147.24
N GLY JA 44 -5.40 -1.40 146.56
CA GLY JA 44 -6.29 -2.50 146.97
C GLY JA 44 -7.64 -2.43 146.26
N GLU JA 45 -8.00 -1.23 145.81
CA GLU JA 45 -9.27 -1.00 145.11
C GLU JA 45 -9.08 -0.97 143.59
N GLN JA 46 -8.05 -0.27 143.14
CA GLN JA 46 -7.74 -0.20 141.75
C GLN JA 46 -6.28 -0.51 141.53
N VAL JA 47 -5.96 -0.87 140.30
CA VAL JA 47 -4.60 -1.12 139.86
C VAL JA 47 -4.32 -0.19 138.69
N TRP JA 48 -3.11 0.35 138.62
CA TRP JA 48 -2.76 1.26 137.52
C TRP JA 48 -1.29 1.16 137.14
N GLY JA 49 -0.98 1.70 135.96
CA GLY JA 49 0.37 1.65 135.43
C GLY JA 49 0.37 2.19 134.03
N GLU JA 50 1.34 1.76 133.24
CA GLU JA 50 1.45 2.23 131.88
C GLU JA 50 2.15 1.23 130.98
N LEU JA 51 1.78 1.22 129.71
CA LEU JA 51 2.46 0.45 128.71
C LEU JA 51 3.27 1.42 127.87
N LEU JA 52 4.39 0.95 127.33
CA LEU JA 52 5.26 1.80 126.53
C LEU JA 52 5.16 1.49 125.04
N VAL JA 53 4.76 2.50 124.28
CA VAL JA 53 4.73 2.41 122.82
C VAL JA 53 5.93 3.18 122.29
N ARG JA 54 6.80 2.47 121.59
CA ARG JA 54 8.02 3.07 121.05
C ARG JA 54 7.84 3.49 119.61
N VAL JA 55 8.02 4.79 119.36
CA VAL JA 55 7.99 5.30 118.01
C VAL JA 55 9.24 6.10 117.76
N PRO JA 56 9.56 6.34 116.48
CA PRO JA 56 10.76 7.11 116.21
C PRO JA 56 10.71 8.53 116.74
N LEU JA 57 11.85 9.01 117.18
CA LEU JA 57 12.03 10.39 117.60
C LEU JA 57 11.42 10.71 118.96
N LEU JA 58 10.18 10.33 119.19
CA LEU JA 58 9.60 10.49 120.53
C LEU JA 58 10.14 9.44 121.49
N GLY JA 59 10.49 8.27 120.95
CA GLY JA 59 11.00 7.18 121.76
C GLY JA 59 9.87 6.48 122.49
N GLU JA 60 10.11 6.14 123.75
CA GLU JA 60 9.11 5.45 124.55
C GLU JA 60 8.01 6.41 125.00
N VAL JA 61 6.80 6.18 124.50
CA VAL JA 61 5.64 6.97 124.89
C VAL JA 61 4.77 6.12 125.80
N ASP JA 62 4.52 6.63 127.00
CA ASP JA 62 3.75 5.88 127.99
C ASP JA 62 2.26 6.11 127.85
N LEU JA 63 1.51 5.01 127.82
CA LEU JA 63 0.04 5.04 127.76
C LEU JA 63 -0.49 4.48 129.08
N PRO JA 64 -1.20 5.31 129.86
CA PRO JA 64 -1.64 4.83 131.14
C PRO JA 64 -2.85 3.88 131.04
N PHE JA 65 -3.04 3.10 132.10
CA PHE JA 65 -4.25 2.34 132.30
C PHE JA 65 -4.56 2.38 133.78
N ARG JA 66 -5.82 2.16 134.10
CA ARG JA 66 -6.28 2.06 135.45
C ARG JA 66 -7.50 1.13 135.43
N SER JA 67 -7.49 0.12 136.29
CA SER JA 67 -8.56 -0.85 136.34
C SER JA 67 -9.05 -1.10 137.77
N GLU JA 68 -10.34 -1.37 137.89
CA GLU JA 68 -10.97 -1.69 139.15
C GLU JA 68 -10.77 -3.15 139.46
N ILE JA 69 -10.43 -3.45 140.72
CA ILE JA 69 -10.27 -4.84 141.16
C ILE JA 69 -11.61 -5.32 141.69
N VAL JA 70 -12.10 -6.41 141.12
CA VAL JA 70 -13.39 -6.96 141.51
C VAL JA 70 -13.23 -8.38 141.99
N ARG JA 71 -13.57 -8.60 143.24
CA ARG JA 71 -13.47 -9.90 143.87
C ARG JA 71 -14.71 -10.72 143.54
N THR JA 72 -14.48 -11.92 143.04
CA THR JA 72 -15.57 -12.81 142.63
C THR JA 72 -15.52 -14.12 143.42
N PRO JA 73 -16.58 -14.94 143.30
CA PRO JA 73 -16.60 -16.17 144.11
C PRO JA 73 -15.45 -17.16 143.82
N GLN JA 74 -14.99 -17.23 142.57
CA GLN JA 74 -13.90 -18.15 142.18
C GLN JA 74 -12.55 -17.46 142.01
N GLY JA 75 -12.50 -16.14 142.22
CA GLY JA 75 -11.25 -15.42 142.02
C GLY JA 75 -11.39 -13.91 142.04
N ALA JA 76 -11.10 -13.27 140.91
CA ALA JA 76 -11.13 -11.82 140.81
C ALA JA 76 -11.05 -11.41 139.36
N GLU JA 77 -11.46 -10.17 139.10
CA GLU JA 77 -11.33 -9.57 137.77
C GLU JA 77 -10.70 -8.20 137.87
N LEU JA 78 -10.15 -7.75 136.74
CA LEU JA 78 -9.82 -6.34 136.54
C LEU JA 78 -10.81 -5.83 135.51
N ARG JA 79 -11.47 -4.73 135.84
CA ARG JA 79 -12.38 -4.07 134.92
C ARG JA 79 -11.87 -2.65 134.65
N PRO JA 80 -11.62 -2.32 133.38
CA PRO JA 80 -10.94 -1.08 132.99
C PRO JA 80 -11.74 0.17 133.21
N LEU JA 81 -11.05 1.23 133.60
CA LEU JA 81 -11.67 2.54 133.72
C LEU JA 81 -11.35 3.36 132.49
N THR JA 82 -12.31 4.18 132.08
CA THR JA 82 -12.15 5.06 130.95
C THR JA 82 -11.26 6.22 131.33
N LEU JA 83 -10.24 6.48 130.51
CA LEU JA 83 -9.35 7.63 130.74
C LEU JA 83 -9.64 8.71 129.68
N THR JA 84 -9.02 9.87 129.80
CA THR JA 84 -9.40 11.02 128.93
C THR JA 84 -8.88 10.84 127.52
N GLY JA 85 -9.43 11.59 126.58
CA GLY JA 85 -8.99 11.48 125.19
C GLY JA 85 -7.80 12.38 124.81
N GLU JA 86 -7.27 13.14 125.80
CA GLU JA 86 -6.14 14.07 125.56
C GLU JA 86 -4.88 13.34 125.12
N ARG JA 87 -4.74 12.09 125.55
CA ARG JA 87 -3.62 11.29 125.14
C ARG JA 87 -4.03 9.86 125.09
N ALA JA 88 -3.31 9.08 124.27
CA ALA JA 88 -3.56 7.66 124.11
C ALA JA 88 -3.49 6.94 125.45
N TRP JA 89 -4.33 5.91 125.60
CA TRP JA 89 -4.37 5.14 126.83
C TRP JA 89 -4.68 3.70 126.50
N VAL JA 90 -4.69 2.87 127.54
CA VAL JA 90 -4.96 1.47 127.38
C VAL JA 90 -6.02 1.01 128.39
N ALA JA 91 -6.92 0.14 127.94
CA ALA JA 91 -7.91 -0.54 128.79
C ALA JA 91 -7.41 -1.95 129.03
N VAL JA 92 -7.12 -2.27 130.30
CA VAL JA 92 -6.65 -3.59 130.71
C VAL JA 92 -7.74 -4.33 131.46
N SER JA 93 -8.19 -5.44 130.89
CA SER JA 93 -9.23 -6.27 131.51
C SER JA 93 -8.63 -7.65 131.77
N GLY JA 94 -9.14 -8.32 132.80
CA GLY JA 94 -8.70 -9.67 133.12
C GLY JA 94 -9.66 -10.40 134.02
N GLN JA 95 -9.69 -11.71 133.87
CA GLN JA 95 -10.51 -12.55 134.70
C GLN JA 95 -9.67 -13.75 135.14
N ALA JA 96 -9.81 -14.14 136.39
CA ALA JA 96 -9.05 -15.24 136.95
C ALA JA 96 -9.93 -16.10 137.83
N THR JA 97 -9.77 -17.41 137.72
CA THR JA 97 -10.50 -18.34 138.58
C THR JA 97 -9.51 -19.34 139.17
N ALA JA 98 -9.81 -19.79 140.40
CA ALA JA 98 -9.03 -20.82 141.08
C ALA JA 98 -9.97 -21.95 141.40
N ALA JA 99 -9.55 -23.16 141.08
CA ALA JA 99 -10.40 -24.31 141.23
C ALA JA 99 -9.80 -25.33 142.17
N GLU JA 100 -10.45 -26.49 142.27
CA GLU JA 100 -10.00 -27.56 143.11
C GLU JA 100 -8.57 -27.93 142.77
N GLY JA 101 -7.74 -28.04 143.80
CA GLY JA 101 -6.37 -28.47 143.63
C GLY JA 101 -5.42 -27.34 143.31
N GLY JA 102 -5.96 -26.12 143.18
CA GLY JA 102 -5.13 -24.95 142.90
C GLY JA 102 -4.98 -24.64 141.41
N GLU JA 103 -5.78 -25.27 140.58
CA GLU JA 103 -5.76 -25.02 139.15
C GLU JA 103 -6.30 -23.61 138.86
N MET JA 104 -5.49 -22.76 138.24
CA MET JA 104 -5.91 -21.39 137.93
C MET JA 104 -6.02 -21.11 136.44
N ALA JA 105 -7.09 -20.39 136.08
CA ALA JA 105 -7.35 -20.02 134.70
C ALA JA 105 -7.31 -18.50 134.62
N PHE JA 106 -6.62 -17.99 133.60
CA PHE JA 106 -6.52 -16.57 133.37
C PHE JA 106 -6.93 -16.23 131.94
N ALA JA 107 -7.56 -15.06 131.79
CA ALA JA 107 -7.83 -14.46 130.50
C ALA JA 107 -7.61 -12.95 130.66
N PHE JA 108 -6.81 -12.37 129.78
CA PHE JA 108 -6.56 -10.92 129.76
C PHE JA 108 -6.89 -10.35 128.42
N GLN JA 109 -7.43 -9.13 128.42
CA GLN JA 109 -7.73 -8.41 127.16
C GLN JA 109 -7.20 -6.98 127.28
N PHE JA 110 -6.59 -6.49 126.19
CA PHE JA 110 -6.03 -5.16 126.13
C PHE JA 110 -6.58 -4.44 124.94
N GLN JA 111 -6.91 -3.17 125.12
CA GLN JA 111 -7.39 -2.34 124.02
C GLN JA 111 -6.67 -0.99 124.12
N ALA JA 112 -6.03 -0.58 123.03
CA ALA JA 112 -5.37 0.74 123.00
C ALA JA 112 -6.38 1.72 122.43
N HIS JA 113 -6.55 2.85 123.11
CA HIS JA 113 -7.47 3.88 122.70
C HIS JA 113 -6.68 5.10 122.23
N LEU JA 114 -6.73 5.37 120.94
CA LEU JA 114 -5.97 6.47 120.36
C LEU JA 114 -6.72 7.78 120.40
N ALA JA 115 -5.98 8.88 120.48
CA ALA JA 115 -6.59 10.22 120.53
C ALA JA 115 -6.97 10.69 119.14
N THR JA 116 -8.08 11.41 119.04
CA THR JA 116 -8.55 11.92 117.76
C THR JA 116 -8.77 13.43 117.83
N GLY JA 124 -0.20 12.76 107.28
CA GLY JA 124 -0.94 12.24 108.45
C GLY JA 124 -1.39 10.79 108.33
N ALA JA 125 -1.73 10.38 107.11
CA ALA JA 125 -2.16 9.00 106.86
C ALA JA 125 -0.98 8.03 107.01
N ALA JA 126 0.17 8.41 106.43
CA ALA JA 126 1.42 7.62 106.52
C ALA JA 126 1.88 7.50 107.97
N PHE JA 127 1.75 8.58 108.73
CA PHE JA 127 2.16 8.58 110.13
C PHE JA 127 1.30 7.65 110.98
N GLU JA 128 0.00 7.65 110.70
CA GLU JA 128 -0.94 6.86 111.49
C GLU JA 128 -0.47 5.42 111.42
N VAL JA 129 0.09 5.03 110.29
CA VAL JA 129 0.60 3.69 110.11
C VAL JA 129 1.71 3.36 111.11
N MET JA 130 2.61 4.29 111.38
CA MET JA 130 3.67 4.01 112.37
C MET JA 130 3.11 3.85 113.78
N VAL JA 131 2.17 4.70 114.16
CA VAL JA 131 1.59 4.62 115.53
C VAL JA 131 0.74 3.36 115.75
N GLN JA 132 -0.11 3.00 114.77
CA GLN JA 132 -0.95 1.80 114.90
C GLN JA 132 -0.10 0.54 115.01
N ALA JA 133 0.91 0.44 114.17
CA ALA JA 133 1.81 -0.73 114.17
C ALA JA 133 2.56 -0.84 115.50
N ALA JA 134 3.06 0.28 115.99
CA ALA JA 134 3.82 0.31 117.22
C ALA JA 134 2.95 -0.08 118.41
N ALA JA 135 1.76 0.48 118.47
CA ALA JA 135 0.82 0.21 119.57
C ALA JA 135 0.41 -1.25 119.55
N GLY JA 136 0.24 -1.79 118.34
CA GLY JA 136 -0.10 -3.21 118.18
C GLY JA 136 0.98 -4.11 118.72
N VAL JA 137 2.24 -3.74 118.48
CA VAL JA 137 3.38 -4.51 118.96
C VAL JA 137 3.46 -4.47 120.45
N THR JA 138 3.19 -3.29 121.03
CA THR JA 138 3.18 -3.11 122.48
C THR JA 138 2.15 -4.02 123.16
N LEU JA 139 0.94 -4.03 122.61
CA LEU JA 139 -0.12 -4.83 123.17
C LEU JA 139 0.19 -6.32 123.13
N LEU JA 140 0.71 -6.78 122.00
CA LEU JA 140 1.07 -8.18 121.83
C LEU JA 140 2.25 -8.60 122.73
N LEU JA 141 3.25 -7.73 122.88
CA LEU JA 141 4.40 -8.07 123.70
C LEU JA 141 3.94 -8.32 125.14
N VAL JA 142 3.13 -7.42 125.69
CA VAL JA 142 2.67 -7.58 127.07
C VAL JA 142 1.76 -8.82 127.20
N ALA JA 143 0.88 -9.01 126.22
CA ALA JA 143 -0.06 -10.13 126.26
C ALA JA 143 0.67 -11.48 126.18
N MET JA 144 1.58 -11.58 125.23
CA MET JA 144 2.34 -12.80 125.03
C MET JA 144 3.25 -13.16 126.20
N ALA JA 145 3.69 -12.17 126.98
CA ALA JA 145 4.59 -12.45 128.11
C ALA JA 145 3.84 -12.73 129.42
N LEU JA 146 2.52 -12.54 129.43
CA LEU JA 146 1.74 -12.71 130.67
C LEU JA 146 1.88 -14.07 131.34
N PRO JA 147 1.79 -15.18 130.57
CA PRO JA 147 1.93 -16.47 131.24
C PRO JA 147 3.28 -16.60 132.00
N GLN JA 148 4.35 -16.16 131.36
CA GLN JA 148 5.67 -16.16 131.97
C GLN JA 148 5.66 -15.31 133.25
N GLY JA 149 5.07 -14.11 133.15
CA GLY JA 149 4.99 -13.18 134.28
C GLY JA 149 4.18 -13.70 135.44
N LEU JA 150 3.02 -14.26 135.16
CA LEU JA 150 2.16 -14.82 136.19
C LEU JA 150 2.85 -16.00 136.86
N ALA JA 151 3.53 -16.82 136.06
CA ALA JA 151 4.25 -18.00 136.60
C ALA JA 151 5.39 -17.57 137.52
N ALA JA 152 6.08 -16.49 137.15
CA ALA JA 152 7.17 -15.94 137.97
C ALA JA 152 6.72 -15.51 139.38
N GLY JA 153 5.43 -15.25 139.56
CA GLY JA 153 4.93 -14.85 140.88
C GLY JA 153 4.64 -16.00 141.83
N LEU JA 154 4.70 -17.24 141.34
CA LEU JA 154 4.34 -18.42 142.11
C LEU JA 154 5.51 -18.98 142.89
N PRO JA 155 5.25 -19.34 144.17
CA PRO JA 155 6.22 -19.93 145.07
C PRO JA 155 6.28 -21.44 144.90
N PRO JA 156 7.35 -22.06 145.39
CA PRO JA 156 7.55 -23.52 145.32
C PRO JA 156 6.75 -24.27 146.37
N ALA JA 157 6.40 -25.53 146.07
CA ALA JA 157 5.76 -26.40 147.07
C ALA JA 157 6.80 -26.84 148.07
N LEU KA 3 13.89 21.96 115.89
CA LEU KA 3 14.04 21.21 117.18
C LEU KA 3 14.72 22.09 118.25
N SER KA 4 14.69 23.39 118.00
CA SER KA 4 15.17 24.38 118.95
C SER KA 4 14.19 25.53 118.99
N ALA KA 5 14.12 26.20 120.13
CA ALA KA 5 13.32 27.39 120.30
C ALA KA 5 14.08 28.27 121.29
N GLU KA 6 13.97 29.58 121.09
CA GLU KA 6 14.69 30.58 121.90
C GLU KA 6 13.71 31.67 122.31
N GLN KA 7 13.91 32.27 123.45
CA GLN KA 7 13.10 33.42 123.87
C GLN KA 7 13.93 34.32 124.76
N SER KA 8 13.83 35.63 124.54
CA SER KA 8 14.50 36.59 125.39
C SER KA 8 13.62 37.80 125.62
N PHE KA 9 13.70 38.36 126.82
CA PHE KA 9 12.82 39.46 127.19
C PHE KA 9 13.24 40.09 128.49
N THR KA 10 12.72 41.27 128.75
CA THR KA 10 12.99 42.01 129.97
C THR KA 10 11.69 42.29 130.71
N LEU KA 11 11.78 42.36 132.03
CA LEU KA 11 10.64 42.67 132.91
C LEU KA 11 11.17 43.36 134.14
N ARG KA 12 10.41 44.30 134.66
CA ARG KA 12 10.79 45.01 135.88
C ARG KA 12 10.11 44.40 137.10
N HIS KA 13 10.89 44.12 138.13
CA HIS KA 13 10.30 43.64 139.37
C HIS KA 13 9.87 44.89 140.13
N PRO KA 14 8.59 45.00 140.49
CA PRO KA 14 8.08 46.18 141.20
C PRO KA 14 8.72 46.49 142.57
N HIS KA 15 9.38 45.51 143.18
CA HIS KA 15 9.97 45.73 144.52
C HIS KA 15 11.49 46.05 144.52
N GLY KA 16 12.09 46.20 143.35
CA GLY KA 16 13.51 46.62 143.28
C GLY KA 16 14.50 45.48 143.13
N GLN KA 17 15.79 45.81 143.25
CA GLN KA 17 16.89 44.89 142.93
C GLN KA 17 16.99 43.63 143.81
N ALA KA 18 17.07 43.83 145.14
CA ALA KA 18 17.20 42.69 146.06
C ALA KA 18 16.08 41.68 145.81
N ALA KA 19 14.87 42.18 145.65
CA ALA KA 19 13.72 41.31 145.42
C ALA KA 19 13.84 40.61 144.06
N ALA KA 20 14.30 41.32 143.04
CA ALA KA 20 14.45 40.75 141.70
C ALA KA 20 15.50 39.62 141.72
N LEU KA 21 16.60 39.84 142.43
CA LEU KA 21 17.64 38.79 142.61
C LEU KA 21 17.05 37.56 143.28
N ALA KA 22 16.28 37.76 144.36
CA ALA KA 22 15.67 36.66 145.08
C ALA KA 22 14.68 35.89 144.21
N PHE KA 23 13.91 36.64 143.44
CA PHE KA 23 12.89 36.06 142.53
C PHE KA 23 13.52 35.15 141.47
N VAL KA 24 14.55 35.63 140.79
CA VAL KA 24 15.19 34.83 139.72
C VAL KA 24 15.98 33.65 140.26
N ARG KA 25 16.36 33.70 141.53
CA ARG KA 25 17.19 32.64 142.12
C ARG KA 25 16.38 31.51 142.71
N GLU KA 26 15.06 31.71 142.85
CA GLU KA 26 14.19 30.66 143.38
C GLU KA 26 13.18 30.23 142.31
N PRO KA 27 13.37 29.04 141.76
CA PRO KA 27 12.46 28.54 140.72
C PRO KA 27 10.98 28.62 141.07
N ALA KA 28 10.61 28.12 142.25
CA ALA KA 28 9.21 28.11 142.72
C ALA KA 28 8.57 29.50 142.63
N ALA KA 29 9.39 30.55 142.71
CA ALA KA 29 8.92 31.94 142.55
C ALA KA 29 8.85 32.31 141.08
N ALA KA 30 10.00 32.21 140.41
CA ALA KA 30 10.12 32.61 139.00
C ALA KA 30 9.20 31.83 138.07
N LEU KA 31 9.04 30.53 138.31
CA LEU KA 31 8.22 29.68 137.44
C LEU KA 31 6.79 29.37 137.97
N ALA KA 32 6.37 30.03 139.03
CA ALA KA 32 5.02 29.77 139.64
C ALA KA 32 3.84 29.80 138.61
N GLY KA 33 3.84 30.77 137.70
CA GLY KA 33 2.75 30.92 136.75
C GLY KA 33 3.08 30.49 135.33
N VAL KA 34 4.22 29.85 135.17
CA VAL KA 34 4.69 29.40 133.86
C VAL KA 34 3.83 28.26 133.35
N GLN KA 35 3.31 28.39 132.13
CA GLN KA 35 2.48 27.36 131.56
C GLN KA 35 3.29 26.49 130.61
N ARG KA 36 2.72 25.32 130.31
CA ARG KA 36 3.25 24.36 129.34
C ARG KA 36 4.48 23.61 129.82
N LEU KA 37 4.75 23.73 131.13
CA LEU KA 37 5.76 22.91 131.78
C LEU KA 37 5.05 22.04 132.82
N ARG KA 38 4.60 20.87 132.40
CA ARG KA 38 3.80 20.03 133.27
C ARG KA 38 4.69 19.31 134.31
N GLY KA 39 4.13 19.07 135.49
CA GLY KA 39 4.83 18.32 136.53
C GLY KA 39 6.06 19.01 137.06
N LEU KA 40 6.08 20.33 136.96
CA LEU KA 40 7.23 21.11 137.38
C LEU KA 40 7.49 20.88 138.86
N ASP KA 41 8.75 20.58 139.20
CA ASP KA 41 9.14 20.43 140.59
C ASP KA 41 10.63 20.70 140.76
N SER KA 42 11.06 20.88 142.01
CA SER KA 42 12.46 21.17 142.33
C SER KA 42 12.80 20.85 143.76
N ASP KA 43 14.07 20.51 144.01
CA ASP KA 43 14.57 20.26 145.36
C ASP KA 43 15.54 21.38 145.78
N GLY KA 44 15.56 22.47 145.02
CA GLY KA 44 16.46 23.60 145.30
C GLY KA 44 17.77 23.49 144.53
N GLU KA 45 18.12 22.27 144.13
CA GLU KA 45 19.35 22.01 143.38
C GLU KA 45 19.08 21.86 141.89
N GLN KA 46 18.02 21.13 141.54
CA GLN KA 46 17.64 20.95 140.18
C GLN KA 46 16.16 21.22 140.02
N VAL KA 47 15.78 21.49 138.79
CA VAL KA 47 14.39 21.69 138.42
C VAL KA 47 14.05 20.67 137.33
N TRP KA 48 12.85 20.13 137.37
CA TRP KA 48 12.45 19.14 136.36
C TRP KA 48 10.96 19.19 136.05
N GLY KA 49 10.59 18.56 134.94
CA GLY KA 49 9.22 18.56 134.49
C GLY KA 49 9.13 17.92 133.13
N GLU KA 50 8.12 18.30 132.37
CA GLU KA 50 7.94 17.71 131.05
C GLU KA 50 7.17 18.65 130.13
N LEU KA 51 7.47 18.56 128.84
CA LEU KA 51 6.73 19.25 127.82
C LEU KA 51 5.88 18.22 127.11
N LEU KA 52 4.73 18.64 126.59
CA LEU KA 52 3.82 17.73 125.92
C LEU KA 52 3.85 17.92 124.41
N VAL KA 53 4.21 16.87 123.69
CA VAL KA 53 4.16 16.85 122.24
C VAL KA 53 2.94 16.04 121.83
N ARG KA 54 2.01 16.68 121.14
CA ARG KA 54 0.78 16.04 120.71
C ARG KA 54 0.89 15.51 119.29
N VAL KA 55 0.71 14.20 119.15
CA VAL KA 55 0.68 13.59 117.84
C VAL KA 55 -0.58 12.76 117.72
N PRO KA 56 -0.97 12.43 116.48
CA PRO KA 56 -2.17 11.63 116.33
C PRO KA 56 -2.06 10.24 116.96
N LEU KA 57 -3.17 9.79 117.50
CA LEU KA 57 -3.32 8.45 118.01
C LEU KA 57 -2.63 8.23 119.36
N LEU KA 58 -1.38 8.64 119.50
CA LEU KA 58 -0.71 8.58 120.82
C LEU KA 58 -1.22 9.69 121.73
N GLY KA 59 -1.61 10.81 121.13
CA GLY KA 59 -2.09 11.96 121.87
C GLY KA 59 -0.93 12.72 122.49
N GLU KA 60 -1.10 13.14 123.73
CA GLU KA 60 -0.07 13.89 124.42
C GLU KA 60 1.05 12.98 124.88
N VAL KA 61 2.24 13.20 124.30
CA VAL KA 61 3.44 12.45 124.67
C VAL KA 61 4.34 13.36 125.47
N ASP KA 62 4.66 12.95 126.68
CA ASP KA 62 5.48 13.77 127.58
C ASP KA 62 6.97 13.55 127.37
N LEU KA 63 7.69 14.65 127.22
CA LEU KA 63 9.15 14.64 127.07
C LEU KA 63 9.75 15.30 128.32
N PRO KA 64 10.51 14.53 129.11
CA PRO KA 64 11.02 15.11 130.32
C PRO KA 64 12.21 16.05 130.10
N PHE KA 65 12.45 16.91 131.07
CA PHE KA 65 13.66 17.70 131.16
C PHE KA 65 14.05 17.77 132.61
N ARG KA 66 15.33 18.02 132.84
CA ARG KA 66 15.87 18.23 134.15
C ARG KA 66 17.06 19.17 133.99
N SER KA 67 17.08 20.22 134.78
CA SER KA 67 18.14 21.22 134.71
C SER KA 67 18.71 21.57 136.08
N GLU KA 68 20.00 21.87 136.10
CA GLU KA 68 20.70 22.27 137.30
C GLU KA 68 20.49 23.77 137.53
N ILE KA 69 20.21 24.15 138.77
CA ILE KA 69 20.06 25.56 139.12
C ILE KA 69 21.42 26.09 139.53
N VAL KA 70 21.87 27.14 138.87
CA VAL KA 70 23.17 27.73 139.13
C VAL KA 70 23.01 29.18 139.53
N ARG KA 71 23.42 29.49 140.73
CA ARG KA 71 23.35 30.83 141.28
C ARG KA 71 24.54 31.64 140.82
N THR KA 72 24.28 32.80 140.24
CA THR KA 72 25.33 33.67 139.72
C THR KA 72 25.31 35.04 140.41
N PRO KA 73 26.34 35.85 140.17
CA PRO KA 73 26.38 37.14 140.89
C PRO KA 73 25.21 38.08 140.59
N GLN KA 74 24.68 38.07 139.38
CA GLN KA 74 23.55 38.94 138.98
C GLN KA 74 22.21 38.22 138.94
N GLY KA 75 22.19 36.94 139.24
CA GLY KA 75 20.94 36.18 139.18
C GLY KA 75 21.11 34.67 139.28
N ALA KA 76 20.75 33.96 138.22
CA ALA KA 76 20.81 32.51 138.23
C ALA KA 76 20.65 31.99 136.82
N GLU KA 77 21.05 30.74 136.61
CA GLU KA 77 20.87 30.05 135.35
C GLU KA 77 20.26 28.68 135.58
N LEU KA 78 19.66 28.14 134.52
CA LEU KA 78 19.35 26.72 134.44
C LEU KA 78 20.26 26.14 133.39
N ARG KA 79 20.97 25.08 133.76
CA ARG KA 79 21.83 24.37 132.85
C ARG KA 79 21.33 22.92 132.71
N PRO KA 80 21.01 22.50 131.47
CA PRO KA 80 20.32 21.23 131.22
C PRO KA 80 21.15 20.01 131.49
N LEU KA 81 20.50 18.97 131.98
CA LEU KA 81 21.15 17.68 132.15
C LEU KA 81 20.77 16.77 131.00
N THR KA 82 21.71 15.93 130.60
CA THR KA 82 21.51 14.97 129.54
C THR KA 82 20.65 13.83 130.06
N LEU KA 83 19.60 13.50 129.33
CA LEU KA 83 18.74 12.36 129.69
C LEU KA 83 18.99 11.21 128.69
N THR KA 84 18.39 10.06 128.92
CA THR KA 84 18.73 8.85 128.12
C THR KA 84 18.13 8.92 126.74
N GLY KA 85 18.64 8.12 125.83
CA GLY KA 85 18.12 8.11 124.45
C GLY KA 85 16.92 7.19 124.22
N GLU KA 86 16.46 6.48 125.27
CA GLU KA 86 15.34 5.52 125.16
C GLU KA 86 14.04 6.21 124.74
N ARG KA 87 13.91 7.49 125.09
CA ARG KA 87 12.76 8.25 124.69
C ARG KA 87 13.14 9.68 124.51
N ALA KA 88 12.36 10.39 123.70
CA ALA KA 88 12.59 11.80 123.41
C ALA KA 88 12.57 12.62 124.70
N TRP KA 89 13.41 13.65 124.74
CA TRP KA 89 13.50 14.50 125.89
C TRP KA 89 13.78 15.93 125.46
N VAL KA 90 13.82 16.83 126.43
CA VAL KA 90 14.08 18.23 126.15
C VAL KA 90 15.19 18.76 127.07
N ALA KA 91 16.05 19.60 126.51
CA ALA KA 91 17.07 20.35 127.25
C ALA KA 91 16.57 21.78 127.41
N VAL KA 92 16.34 22.18 128.67
CA VAL KA 92 15.86 23.52 129.01
C VAL KA 92 16.99 24.33 129.64
N SER KA 93 17.40 25.39 128.97
CA SER KA 93 18.45 26.29 129.47
C SER KA 93 17.85 27.67 129.66
N GLY KA 94 18.41 28.41 130.61
CA GLY KA 94 17.97 29.78 130.85
C GLY KA 94 18.98 30.58 131.65
N GLN KA 95 18.97 31.89 131.41
CA GLN KA 95 19.83 32.80 132.12
C GLN KA 95 18.99 34.00 132.52
N ALA KA 96 19.20 34.49 133.74
CA ALA KA 96 18.45 35.62 134.27
C ALA KA 96 19.38 36.55 135.02
N THR KA 97 19.19 37.85 134.83
CA THR KA 97 19.95 38.84 135.58
C THR KA 97 18.99 39.86 136.16
N ALA KA 98 19.34 40.41 137.32
CA ALA KA 98 18.59 41.47 137.98
C ALA KA 98 19.54 42.64 138.15
N ALA KA 99 19.07 43.82 137.78
CA ALA KA 99 19.92 44.98 137.80
C ALA KA 99 19.35 46.06 138.70
N GLU KA 100 20.00 47.23 138.67
CA GLU KA 100 19.58 48.35 139.46
C GLU KA 100 18.13 48.68 139.19
N GLY KA 101 17.36 48.86 140.25
CA GLY KA 101 15.96 49.26 140.12
C GLY KA 101 15.03 48.10 139.93
N GLY KA 102 15.57 46.88 139.87
CA GLY KA 102 14.75 45.69 139.72
C GLY KA 102 14.51 45.27 138.27
N GLU KA 103 15.25 45.84 137.34
CA GLU KA 103 15.16 45.48 135.93
C GLU KA 103 15.70 44.07 135.73
N MET KA 104 14.86 43.17 135.21
CA MET KA 104 15.29 41.79 134.98
C MET KA 104 15.33 41.40 133.50
N ALA KA 105 16.37 40.67 133.14
CA ALA KA 105 16.57 40.20 131.77
C ALA KA 105 16.54 38.68 131.82
N PHE KA 106 15.81 38.09 130.87
CA PHE KA 106 15.71 36.65 130.74
C PHE KA 106 16.03 36.22 129.33
N ALA KA 107 16.68 35.05 129.21
CA ALA KA 107 16.89 34.37 127.97
C ALA KA 107 16.69 32.87 128.24
N PHE KA 108 15.85 32.22 127.44
CA PHE KA 108 15.62 30.77 127.55
C PHE KA 108 15.88 30.10 126.24
N GLN KA 109 16.45 28.89 126.30
CA GLN KA 109 16.68 28.09 125.08
C GLN KA 109 16.18 26.66 125.32
N PHE KA 110 15.52 26.09 124.31
CA PHE KA 110 14.98 24.75 124.38
C PHE KA 110 15.47 23.95 123.20
N GLN KA 111 15.83 22.71 123.45
CA GLN KA 111 16.26 21.80 122.40
C GLN KA 111 15.56 20.45 122.64
N ALA KA 112 14.86 19.95 121.62
CA ALA KA 112 14.22 18.64 121.71
C ALA KA 112 15.22 17.63 121.16
N HIS KA 113 15.44 16.55 121.91
CA HIS KA 113 16.35 15.51 121.52
C HIS KA 113 15.56 14.24 121.19
N LEU KA 114 15.54 13.88 119.91
CA LEU KA 114 14.75 12.74 119.47
C LEU KA 114 15.53 11.43 119.55
N ALA KA 115 14.82 10.34 119.75
CA ALA KA 115 15.44 9.03 119.86
C ALA KA 115 15.74 8.45 118.48
N THR KA 116 16.87 7.74 118.37
CA THR KA 116 17.27 7.14 117.11
C THR KA 116 17.52 5.65 117.27
N GLY KA 124 8.35 5.46 107.21
CA GLY KA 124 9.14 6.08 108.30
C GLY KA 124 9.57 7.52 108.04
N ALA KA 125 9.82 7.84 106.77
CA ALA KA 125 10.23 9.21 106.42
C ALA KA 125 9.04 10.17 106.56
N ALA KA 126 7.86 9.73 106.07
CA ALA KA 126 6.62 10.52 106.18
C ALA KA 126 6.24 10.74 107.65
N PHE KA 127 6.43 9.72 108.48
CA PHE KA 127 6.08 9.82 109.88
C PHE KA 127 6.99 10.81 110.62
N GLU KA 128 8.27 10.82 110.27
CA GLU KA 128 9.23 11.65 110.94
C GLU KA 128 8.75 13.09 110.80
N VAL KA 129 8.12 13.38 109.67
CA VAL KA 129 7.58 14.71 109.43
C VAL KA 129 6.52 15.10 110.47
N MET KA 130 5.66 14.17 110.86
CA MET KA 130 4.65 14.51 111.89
C MET KA 130 5.27 14.79 113.25
N VAL KA 131 6.26 13.97 113.63
CA VAL KA 131 6.91 14.15 114.94
C VAL KA 131 7.75 15.43 115.03
N GLN KA 132 8.54 15.73 113.98
CA GLN KA 132 9.36 16.95 113.99
C GLN KA 132 8.51 18.21 114.04
N ALA KA 133 7.44 18.24 113.26
CA ALA KA 133 6.53 19.38 113.22
C ALA KA 133 5.87 19.59 114.59
N ALA KA 134 5.41 18.50 115.19
CA ALA KA 134 4.71 18.56 116.46
C ALA KA 134 5.65 19.04 117.57
N ALA KA 135 6.85 18.48 117.60
CA ALA KA 135 7.84 18.86 118.62
C ALA KA 135 8.24 20.31 118.47
N GLY KA 136 8.33 20.77 117.21
CA GLY KA 136 8.64 22.17 116.93
C GLY KA 136 7.57 23.11 117.48
N VAL KA 137 6.31 22.70 117.33
CA VAL KA 137 5.18 23.48 117.82
C VAL KA 137 5.18 23.56 119.31
N THR KA 138 5.52 22.43 119.96
CA THR KA 138 5.60 22.35 121.42
C THR KA 138 6.66 23.32 121.96
N LEU KA 139 7.84 23.29 121.35
CA LEU KA 139 8.92 24.15 121.79
C LEU KA 139 8.58 25.63 121.66
N LEU KA 140 7.99 26.01 120.53
CA LEU KA 140 7.60 27.39 120.29
C LEU KA 140 6.48 27.86 121.23
N LEU KA 141 5.49 26.99 121.49
CA LEU KA 141 4.38 27.37 122.35
C LEU KA 141 4.92 27.74 123.75
N VAL KA 142 5.78 26.88 124.30
CA VAL KA 142 6.31 27.15 125.64
C VAL KA 142 7.20 28.39 125.62
N ALA KA 143 8.02 28.54 124.59
CA ALA KA 143 8.97 29.66 124.50
C ALA KA 143 8.20 30.99 124.36
N MET KA 144 7.22 31.01 123.46
CA MET KA 144 6.44 32.20 123.22
C MET KA 144 5.60 32.64 124.41
N ALA KA 145 5.21 31.70 125.27
CA ALA KA 145 4.38 32.05 126.44
C ALA KA 145 5.20 32.44 127.68
N LEU KA 146 6.52 32.26 127.63
CA LEU KA 146 7.36 32.53 128.81
C LEU KA 146 7.25 33.94 129.38
N PRO KA 147 7.27 34.98 128.53
CA PRO KA 147 7.15 36.31 129.12
C PRO KA 147 5.85 36.48 129.94
N GLN KA 148 4.75 35.99 129.40
CA GLN KA 148 3.46 36.02 130.08
C GLN KA 148 3.56 35.26 131.42
N GLY KA 149 4.16 34.07 131.36
CA GLY KA 149 4.31 33.23 132.55
C GLY KA 149 5.18 33.83 133.64
N LEU KA 150 6.32 34.40 133.24
CA LEU KA 150 7.24 35.03 134.17
C LEU KA 150 6.56 36.25 134.80
N ALA KA 151 5.83 37.00 133.99
CA ALA KA 151 5.13 38.22 134.48
C ALA KA 151 4.04 37.83 135.49
N ALA KA 152 3.35 36.72 135.25
CA ALA KA 152 2.31 36.22 136.16
C ALA KA 152 2.86 35.90 137.57
N GLY KA 153 4.16 35.65 137.69
CA GLY KA 153 4.74 35.36 139.01
C GLY KA 153 5.05 36.58 139.86
N LEU KA 154 4.95 37.78 139.27
CA LEU KA 154 5.34 39.01 139.94
C LEU KA 154 4.20 39.62 140.75
N PRO KA 155 4.53 40.07 141.98
CA PRO KA 155 3.60 40.72 142.90
C PRO KA 155 3.52 42.21 142.61
N PRO KA 156 2.47 42.85 143.11
CA PRO KA 156 2.24 44.30 142.96
C PRO KA 156 3.09 45.13 143.91
N ALA KA 157 3.41 46.36 143.51
CA ALA KA 157 4.08 47.32 144.38
C ALA KA 157 3.10 47.82 145.42
N LEU LA 3 52.80 62.99 86.16
CA LEU LA 3 52.69 63.34 87.61
C LEU LA 3 54.04 63.68 88.21
N SER LA 4 54.98 64.00 87.32
CA SER LA 4 56.30 64.49 87.72
C SER LA 4 56.68 65.65 86.82
N ALA LA 5 57.50 66.54 87.34
CA ALA LA 5 58.04 67.65 86.59
C ALA LA 5 59.44 67.91 87.15
N GLU LA 6 60.35 68.31 86.28
CA GLU LA 6 61.76 68.55 86.63
C GLU LA 6 62.20 69.87 86.04
N GLN LA 7 63.11 70.54 86.71
CA GLN LA 7 63.69 71.77 86.16
C GLN LA 7 65.12 71.93 86.66
N SER LA 8 66.02 72.33 85.78
CA SER LA 8 67.39 72.59 86.16
C SER LA 8 67.93 73.80 85.42
N PHE LA 9 68.76 74.58 86.09
CA PHE LA 9 69.24 75.82 85.52
C PHE LA 9 70.35 76.42 86.36
N THR LA 10 71.06 77.36 85.75
CA THR LA 10 72.15 78.06 86.43
C THR LA 10 71.87 79.55 86.44
N LEU LA 11 72.37 80.22 87.47
CA LEU LA 11 72.25 81.69 87.63
C LEU LA 11 73.44 82.17 88.39
N ARG LA 12 73.91 83.36 88.07
CA ARG LA 12 75.03 83.96 88.77
C ARG LA 12 74.54 84.95 89.83
N HIS LA 13 75.05 84.82 91.05
CA HIS LA 13 74.71 85.78 92.08
C HIS LA 13 75.68 86.95 91.88
N PRO LA 14 75.16 88.16 91.69
CA PRO LA 14 76.02 89.34 91.46
C PRO LA 14 77.02 89.68 92.58
N HIS LA 15 76.80 89.19 93.79
CA HIS LA 15 77.67 89.53 94.93
C HIS LA 15 78.76 88.48 95.27
N GLY LA 16 78.87 87.42 94.46
CA GLY LA 16 79.95 86.44 94.66
C GLY LA 16 79.57 85.21 95.45
N GLN LA 17 80.56 84.40 95.80
CA GLN LA 17 80.33 83.07 96.39
C GLN LA 17 79.69 83.04 97.77
N ALA LA 18 80.26 83.77 98.73
CA ALA LA 18 79.71 83.79 100.10
C ALA LA 18 78.24 84.17 100.07
N ALA LA 19 77.91 85.19 99.29
CA ALA LA 19 76.54 85.66 99.18
C ALA LA 19 75.65 84.60 98.52
N ALA LA 20 76.16 83.91 97.49
CA ALA LA 20 75.41 82.89 96.78
C ALA LA 20 75.09 81.71 97.74
N LEU LA 21 76.09 81.32 98.54
CA LEU LA 21 75.88 80.28 99.57
C LEU LA 21 74.79 80.67 100.56
N ALA LA 22 74.84 81.93 101.04
CA ALA LA 22 73.86 82.43 101.99
C ALA LA 22 72.47 82.45 101.38
N PHE LA 23 72.38 82.87 100.13
CA PHE LA 23 71.13 82.97 99.39
C PHE LA 23 70.43 81.60 99.23
N VAL LA 24 71.19 80.60 98.80
CA VAL LA 24 70.60 79.27 98.57
C VAL LA 24 70.27 78.54 99.87
N ARG LA 25 70.89 78.97 100.97
CA ARG LA 25 70.68 78.30 102.26
C ARG LA 25 69.52 78.86 103.05
N GLU LA 26 68.99 80.02 102.63
CA GLU LA 26 67.85 80.62 103.32
C GLU LA 26 66.65 80.68 102.37
N PRO LA 27 65.65 79.84 102.61
CA PRO LA 27 64.46 79.79 101.76
C PRO LA 27 63.81 81.15 101.51
N ALA LA 28 63.57 81.91 102.58
CA ALA LA 28 62.93 83.24 102.49
C ALA LA 28 63.64 84.16 101.49
N ALA LA 29 64.94 83.91 101.26
CA ALA LA 29 65.72 84.66 100.25
C ALA LA 29 65.54 84.03 98.89
N ALA LA 30 65.90 82.76 98.79
CA ALA LA 30 65.86 82.03 97.51
C ALA LA 30 64.47 81.97 96.89
N LEU LA 31 63.44 81.78 97.70
CA LEU LA 31 62.07 81.66 97.20
C LEU LA 31 61.20 82.94 97.31
N ALA LA 32 61.80 84.08 97.66
CA ALA LA 32 61.03 85.35 97.82
C ALA LA 32 60.11 85.72 96.62
N GLY LA 33 60.60 85.54 95.40
CA GLY LA 33 59.85 85.91 94.20
C GLY LA 33 59.27 84.75 93.42
N VAL LA 34 59.35 83.55 94.01
CA VAL LA 34 58.86 82.34 93.36
C VAL LA 34 57.35 82.34 93.30
N GLN LA 35 56.82 82.13 92.09
CA GLN LA 35 55.38 82.11 91.91
C GLN LA 35 54.86 80.67 91.88
N ARG LA 36 53.54 80.55 92.06
CA ARG LA 36 52.80 79.30 91.98
C ARG LA 36 53.03 78.37 93.15
N LEU LA 37 53.65 78.91 94.21
CA LEU LA 37 53.77 78.21 95.48
C LEU LA 37 52.99 79.04 96.52
N ARG LA 38 51.70 78.76 96.66
CA ARG LA 38 50.87 79.57 97.52
C ARG LA 38 51.08 79.20 99.00
N GLY LA 39 50.95 80.20 99.87
CA GLY LA 39 51.04 79.99 101.32
C GLY LA 39 52.42 79.55 101.78
N LEU LA 40 53.44 79.92 101.01
CA LEU LA 40 54.80 79.53 101.32
C LEU LA 40 55.19 80.05 102.69
N ASP LA 41 55.75 79.17 103.52
CA ASP LA 41 56.24 79.57 104.81
C ASP LA 41 57.34 78.61 105.29
N SER LA 42 58.06 79.02 106.32
CA SER LA 42 59.16 78.22 106.88
C SER LA 42 59.52 78.63 108.29
N ASP LA 43 60.01 77.67 109.07
CA ASP LA 43 60.49 77.93 110.43
C ASP LA 43 62.03 77.78 110.50
N GLY LA 44 62.67 77.73 109.34
CA GLY LA 44 64.13 77.56 109.26
C GLY LA 44 64.53 76.10 109.14
N GLU LA 45 63.65 75.20 109.58
CA GLU LA 45 63.90 73.76 109.53
C GLU LA 45 63.19 73.11 108.34
N GLN LA 46 61.95 73.49 108.12
CA GLN LA 46 61.20 72.98 107.01
C GLN LA 46 60.55 74.12 106.26
N VAL LA 47 60.19 73.84 105.02
CA VAL LA 47 59.48 74.78 104.17
C VAL LA 47 58.18 74.09 103.74
N TRP LA 48 57.10 74.86 103.66
CA TRP LA 48 55.81 74.29 103.25
C TRP LA 48 54.95 75.29 102.49
N GLY LA 49 53.93 74.76 101.83
CA GLY LA 49 53.04 75.57 101.03
C GLY LA 49 52.10 74.68 100.26
N GLU LA 50 51.61 75.17 99.14
CA GLU LA 50 50.66 74.40 98.34
C GLU LA 50 50.71 74.79 96.88
N LEU LA 51 50.43 73.83 96.01
CA LEU LA 51 50.26 74.10 94.61
C LEU LA 51 48.78 74.00 94.32
N LEU LA 52 48.32 74.76 93.30
CA LEU LA 52 46.92 74.78 92.97
C LEU LA 52 46.64 74.00 91.67
N VAL LA 53 45.81 72.98 91.78
CA VAL LA 53 45.34 72.23 90.63
C VAL LA 53 43.91 72.67 90.34
N ARG LA 54 43.70 73.22 89.14
CA ARG LA 54 42.40 73.73 88.74
C ARG LA 54 41.62 72.70 87.95
N VAL LA 55 40.46 72.31 88.46
CA VAL LA 55 39.58 71.43 87.74
C VAL LA 55 38.20 72.05 87.67
N PRO LA 56 37.38 71.57 86.74
CA PRO LA 56 36.04 72.14 86.65
C PRO LA 56 35.20 71.93 87.90
N LEU LA 57 34.40 72.93 88.19
CA LEU LA 57 33.42 72.87 89.26
C LEU LA 57 34.02 73.00 90.66
N LEU LA 58 35.06 72.25 90.96
CA LEU LA 58 35.77 72.44 92.25
C LEU LA 58 36.63 73.69 92.21
N GLY LA 59 37.11 74.04 91.03
CA GLY LA 59 37.97 75.21 90.85
C GLY LA 59 39.38 74.91 91.32
N GLU LA 60 39.97 75.85 92.03
CA GLU LA 60 41.34 75.68 92.51
C GLU LA 60 41.37 74.76 93.71
N VAL LA 61 42.02 73.60 93.53
CA VAL LA 61 42.20 72.63 94.60
C VAL LA 61 43.65 72.69 95.05
N ASP LA 62 43.86 72.95 96.33
CA ASP LA 62 45.22 73.09 96.87
C ASP LA 62 45.79 71.75 97.31
N LEU LA 63 47.01 71.47 96.86
CA LEU LA 63 47.76 70.26 97.23
C LEU LA 63 48.96 70.72 98.06
N PRO LA 64 49.01 70.29 99.32
CA PRO LA 64 50.10 70.76 100.15
C PRO LA 64 51.43 70.03 99.86
N PHE LA 65 52.51 70.67 100.27
CA PHE LA 65 53.82 70.05 100.31
C PHE LA 65 54.51 70.56 101.54
N ARG LA 66 55.48 69.78 102.01
CA ARG LA 66 56.32 70.16 103.11
C ARG LA 66 57.67 69.47 102.89
N SER LA 67 58.74 70.23 102.96
CA SER LA 67 60.07 69.71 102.72
C SER LA 67 61.06 70.13 103.81
N GLU LA 68 62.01 69.26 104.09
CA GLU LA 68 63.07 69.50 105.06
C GLU LA 68 64.19 70.28 104.38
N ILE LA 69 64.70 71.30 105.08
CA ILE LA 69 65.81 72.08 104.55
C ILE LA 69 67.11 71.43 105.05
N VAL LA 70 67.98 71.08 104.12
CA VAL LA 70 69.24 70.42 104.45
C VAL LA 70 70.40 71.25 103.94
N ARG LA 71 71.23 71.69 104.87
CA ARG LA 71 72.38 72.50 104.57
C ARG LA 71 73.54 71.60 104.17
N THR LA 72 74.14 71.87 103.03
CA THR LA 72 75.24 71.07 102.50
C THR LA 72 76.49 71.91 102.33
N PRO LA 73 77.64 71.27 102.05
CA PRO LA 73 78.87 72.05 101.96
C PRO LA 73 78.88 73.12 100.84
N GLN LA 74 78.22 72.85 99.72
CA GLN LA 74 78.18 73.80 98.58
C GLN LA 74 76.87 74.57 98.48
N GLY LA 75 75.94 74.32 99.39
CA GLY LA 75 74.63 74.98 99.32
C GLY LA 75 73.59 74.43 100.25
N ALA LA 76 72.53 73.87 99.68
CA ALA LA 76 71.42 73.35 100.46
C ALA LA 76 70.51 72.53 99.57
N GLU LA 77 69.68 71.69 100.20
CA GLU LA 77 68.68 70.92 99.50
C GLU LA 77 67.34 71.05 100.20
N LEU LA 78 66.26 70.76 99.45
CA LEU LA 78 64.96 70.48 100.03
C LEU LA 78 64.71 69.00 99.81
N ARG LA 79 64.38 68.31 100.89
CA ARG LA 79 64.02 66.91 100.82
C ARG LA 79 62.58 66.74 101.31
N PRO LA 80 61.70 66.17 100.46
CA PRO LA 80 60.25 66.14 100.69
C PRO LA 80 59.83 65.23 101.82
N LEU LA 81 58.80 65.66 102.53
CA LEU LA 81 58.21 64.82 103.56
C LEU LA 81 56.95 64.18 103.01
N THR LA 82 56.69 62.97 103.44
CA THR LA 82 55.51 62.22 103.04
C THR LA 82 54.30 62.78 103.76
N LEU LA 83 53.24 63.08 103.01
CA LEU LA 83 52.00 63.56 103.62
C LEU LA 83 50.93 62.44 103.52
N THR LA 84 49.77 62.64 104.12
CA THR LA 84 48.78 61.53 104.22
C THR LA 84 48.10 61.27 102.89
N GLY LA 85 47.48 60.11 102.76
CA GLY LA 85 46.79 59.77 101.52
C GLY LA 85 45.33 60.25 101.43
N GLU LA 86 44.84 60.94 102.48
CA GLU LA 86 43.45 61.43 102.52
C GLU LA 86 43.15 62.43 101.41
N ARG LA 87 44.18 63.14 100.98
CA ARG LA 87 44.03 64.07 99.89
C ARG LA 87 45.30 64.16 99.12
N ALA LA 88 45.19 64.55 97.84
CA ALA LA 88 46.34 64.69 96.97
C ALA LA 88 47.35 65.67 97.54
N TRP LA 89 48.62 65.40 97.29
CA TRP LA 89 49.69 66.25 97.79
C TRP LA 89 50.83 66.26 96.79
N VAL LA 90 51.84 67.06 97.10
CA VAL LA 90 53.00 67.18 96.24
C VAL LA 90 54.29 67.01 97.04
N ALA LA 91 55.26 66.31 96.44
CA ALA LA 91 56.62 66.19 96.97
C ALA LA 91 57.51 67.15 96.19
N VAL LA 92 58.07 68.15 96.89
CA VAL LA 92 58.96 69.13 96.29
C VAL LA 92 60.40 68.88 96.73
N SER LA 93 61.25 68.56 95.79
CA SER LA 93 62.68 68.32 96.06
C SER LA 93 63.49 69.34 95.29
N GLY LA 94 64.66 69.67 95.83
CA GLY LA 94 65.56 70.61 95.16
C GLY LA 94 66.97 70.54 95.70
N GLN LA 95 67.92 70.84 94.82
CA GLN LA 95 69.31 70.88 95.19
C GLN LA 95 69.92 72.15 94.59
N ALA LA 96 70.77 72.81 95.36
CA ALA LA 96 71.40 74.04 94.94
C ALA LA 96 72.85 74.06 95.35
N THR LA 97 73.71 74.53 94.45
CA THR LA 97 75.12 74.69 94.78
C THR LA 97 75.57 76.09 94.37
N ALA LA 98 76.54 76.62 95.13
CA ALA LA 98 77.14 77.92 94.84
C ALA LA 98 78.63 77.69 94.68
N ALA LA 99 79.19 78.23 93.61
CA ALA LA 99 80.57 77.98 93.29
C ALA LA 99 81.38 79.26 93.25
N GLU LA 100 82.63 79.14 92.83
CA GLU LA 100 83.52 80.27 92.73
C GLU LA 100 82.89 81.34 91.86
N GLY LA 101 82.93 82.56 92.35
CA GLY LA 101 82.44 83.71 91.59
C GLY LA 101 80.96 83.95 91.73
N GLY LA 102 80.29 83.09 92.50
CA GLY LA 102 78.85 83.23 92.73
C GLY LA 102 77.97 82.48 91.74
N GLU LA 103 78.56 81.61 90.96
CA GLU LA 103 77.82 80.79 90.00
C GLU LA 103 76.94 79.79 90.76
N MET LA 104 75.63 79.85 90.55
CA MET LA 104 74.71 78.94 91.23
C MET LA 104 73.99 77.97 90.29
N ALA LA 105 73.88 76.72 90.73
CA ALA LA 105 73.22 75.68 89.96
C ALA LA 105 72.02 75.21 90.78
N PHE LA 106 70.89 75.06 90.11
CA PHE LA 106 69.67 74.59 90.73
C PHE LA 106 69.09 73.42 89.96
N ALA LA 107 68.50 72.47 90.69
CA ALA LA 107 67.71 71.41 90.13
C ALA LA 107 66.51 71.20 91.07
N PHE LA 108 65.31 71.20 90.51
CA PHE LA 108 64.08 70.95 91.27
C PHE LA 108 63.31 69.81 90.68
N GLN LA 109 62.70 69.00 91.55
CA GLN LA 109 61.83 67.89 91.08
C GLN LA 109 60.51 67.94 91.85
N PHE LA 110 59.41 67.69 91.14
CA PHE LA 110 58.08 67.71 91.72
C PHE LA 110 57.38 66.43 91.37
N GLN LA 111 56.68 65.87 92.34
CA GLN LA 111 55.89 64.66 92.13
C GLN LA 111 54.52 64.87 92.78
N ALA LA 112 53.46 64.70 92.02
CA ALA LA 112 52.10 64.79 92.58
C ALA LA 112 51.70 63.39 93.00
N HIS LA 113 51.18 63.27 94.22
CA HIS LA 113 50.75 62.00 94.76
C HIS LA 113 49.23 62.01 94.91
N LEU LA 114 48.56 61.22 94.09
CA LEU LA 114 47.11 61.19 94.07
C LEU LA 114 46.55 60.21 95.08
N ALA LA 115 45.34 60.50 95.58
CA ALA LA 115 44.68 59.64 96.55
C ALA LA 115 44.00 58.46 95.87
N THR LA 116 44.03 57.31 96.53
CA THR LA 116 43.40 56.10 95.98
C THR LA 116 42.41 55.50 96.97
N GLY LA 124 34.29 57.02 86.14
CA GLY LA 124 35.54 57.22 86.94
C GLY LA 124 36.81 57.23 86.13
N ALA LA 125 36.84 56.45 85.06
CA ALA LA 125 38.03 56.40 84.17
C ALA LA 125 38.18 57.71 83.40
N ALA LA 126 37.05 58.20 82.87
CA ALA LA 126 37.01 59.49 82.13
C ALA LA 126 37.41 60.66 83.03
N PHE LA 127 36.95 60.62 84.29
CA PHE LA 127 37.25 61.68 85.23
C PHE LA 127 38.74 61.72 85.59
N GLU LA 128 39.34 60.54 85.72
CA GLU LA 128 40.74 60.44 86.13
C GLU LA 128 41.54 61.22 85.12
N VAL LA 129 41.10 61.19 83.87
CA VAL LA 129 41.78 61.91 82.81
C VAL LA 129 41.81 63.42 83.07
N MET LA 130 40.72 64.00 83.58
CA MET LA 130 40.73 65.45 83.87
C MET LA 130 41.70 65.79 85.00
N VAL LA 131 41.70 64.97 86.06
CA VAL LA 131 42.59 65.25 87.21
C VAL LA 131 44.07 65.07 86.88
N GLN LA 132 44.45 63.99 86.17
CA GLN LA 132 45.84 63.76 85.79
C GLN LA 132 46.38 64.89 84.90
N ALA LA 133 45.58 65.28 83.92
CA ALA LA 133 45.98 66.35 82.99
C ALA LA 133 46.17 67.68 83.74
N ALA LA 134 45.25 67.99 84.63
CA ALA LA 134 45.28 69.23 85.37
C ALA LA 134 46.49 69.28 86.30
N ALA LA 135 46.73 68.18 87.00
CA ALA LA 135 47.85 68.10 87.93
C ALA LA 135 49.18 68.19 87.18
N GLY LA 136 49.22 67.59 85.99
CA GLY LA 136 50.40 67.68 85.14
C GLY LA 136 50.70 69.10 84.72
N VAL LA 137 49.65 69.86 84.41
CA VAL LA 137 49.80 71.26 84.02
C VAL LA 137 50.29 72.09 85.15
N THR LA 138 49.78 71.81 86.36
CA THR LA 138 50.19 72.51 87.58
C THR LA 138 51.69 72.32 87.85
N LEU LA 139 52.14 71.08 87.77
CA LEU LA 139 53.53 70.76 88.02
C LEU LA 139 54.47 71.45 87.02
N LEU LA 140 54.10 71.42 85.75
CA LEU LA 140 54.90 72.05 84.70
C LEU LA 140 54.93 73.58 84.82
N LEU LA 141 53.79 74.19 85.17
CA LEU LA 141 53.73 75.64 85.28
C LEU LA 141 54.72 76.10 86.36
N VAL LA 142 54.69 75.46 87.52
CA VAL LA 142 55.57 75.87 88.62
C VAL LA 142 57.04 75.59 88.24
N ALA LA 143 57.29 74.44 87.63
CA ALA LA 143 58.66 74.05 87.26
C ALA LA 143 59.25 75.01 86.21
N MET LA 144 58.47 75.28 85.18
CA MET LA 144 58.90 76.15 84.10
C MET LA 144 59.13 77.59 84.54
N ALA LA 145 58.44 78.04 85.58
CA ALA LA 145 58.60 79.43 86.04
C ALA LA 145 59.72 79.60 87.09
N LEU LA 146 60.28 78.50 87.57
CA LEU LA 146 61.30 78.58 88.63
C LEU LA 146 62.51 79.46 88.32
N PRO LA 147 63.09 79.32 87.11
CA PRO LA 147 64.24 80.18 86.82
C PRO LA 147 63.90 81.68 86.95
N GLN LA 148 62.75 82.07 86.43
CA GLN LA 148 62.27 83.44 86.52
C GLN LA 148 62.12 83.84 88.00
N GLY LA 149 61.51 82.95 88.79
CA GLY LA 149 61.28 83.20 90.22
C GLY LA 149 62.54 83.31 91.03
N LEU LA 150 63.49 82.42 90.80
CA LEU LA 150 64.76 82.44 91.50
C LEU LA 150 65.53 83.70 91.13
N ALA LA 151 65.49 84.07 89.86
CA ALA LA 151 66.19 85.29 89.38
C ALA LA 151 65.59 86.55 90.02
N ALA LA 152 64.27 86.57 90.19
CA ALA LA 152 63.58 87.70 90.83
C ALA LA 152 64.04 87.94 92.28
N GLY LA 153 64.60 86.93 92.93
CA GLY LA 153 65.06 87.09 94.31
C GLY LA 153 66.46 87.73 94.44
N LEU LA 154 67.16 87.88 93.33
CA LEU LA 154 68.53 88.36 93.32
C LEU LA 154 68.63 89.88 93.27
N PRO LA 155 69.52 90.46 94.11
CA PRO LA 155 69.79 91.88 94.19
C PRO LA 155 70.82 92.28 93.16
N PRO LA 156 70.91 93.58 92.87
CA PRO LA 156 71.86 94.16 91.92
C PRO LA 156 73.26 94.30 92.50
N ALA LA 157 74.27 94.26 91.64
CA ALA LA 157 75.65 94.52 92.06
C ALA LA 157 75.81 96.01 92.29
N LEU MA 3 97.72 28.02 57.25
CA LEU MA 3 98.36 29.04 58.16
C LEU MA 3 99.52 28.43 58.95
N SER MA 4 100.01 27.31 58.43
CA SER MA 4 101.20 26.67 58.97
C SER MA 4 102.07 26.21 57.82
N ALA MA 5 103.37 26.14 58.07
CA ALA MA 5 104.33 25.64 57.11
C ALA MA 5 105.42 24.95 57.94
N GLU MA 6 105.97 23.87 57.37
CA GLU MA 6 106.99 23.05 58.05
C GLU MA 6 108.13 22.78 57.08
N GLN MA 7 109.33 22.66 57.58
CA GLN MA 7 110.47 22.27 56.74
C GLN MA 7 111.48 21.50 57.57
N SER MA 8 112.01 20.43 57.01
CA SER MA 8 113.06 19.66 57.67
C SER MA 8 114.09 19.20 56.68
N PHE MA 9 115.35 19.18 57.10
CA PHE MA 9 116.43 18.85 56.20
C PHE MA 9 117.73 18.64 56.95
N THR MA 10 118.68 18.04 56.26
CA THR MA 10 120.01 17.79 56.82
C THR MA 10 121.06 18.46 55.96
N LEU MA 11 122.16 18.86 56.60
CA LEU MA 11 123.32 19.49 55.92
C LEU MA 11 124.56 19.14 56.70
N ARG MA 12 125.66 18.95 56.02
CA ARG MA 12 126.93 18.66 56.67
C ARG MA 12 127.77 19.93 56.80
N HIS MA 13 128.27 20.18 58.01
CA HIS MA 13 129.17 21.31 58.20
C HIS MA 13 130.55 20.81 57.79
N PRO MA 14 131.20 21.45 56.83
CA PRO MA 14 132.54 21.03 56.36
C PRO MA 14 133.66 20.98 57.42
N HIS MA 15 133.49 21.69 58.54
CA HIS MA 15 134.54 21.76 59.56
C HIS MA 15 134.36 20.79 60.76
N GLY MA 16 133.33 19.93 60.71
CA GLY MA 16 133.17 18.91 61.77
C GLY MA 16 132.20 19.30 62.87
N GLN MA 17 132.16 18.47 63.92
CA GLN MA 17 131.15 18.58 64.99
C GLN MA 17 131.18 19.85 65.83
N ALA MA 18 132.34 20.17 66.41
CA ALA MA 18 132.47 21.37 67.25
C ALA MA 18 131.99 22.60 66.50
N ALA MA 19 132.42 22.71 65.25
CA ALA MA 19 132.05 23.85 64.43
C ALA MA 19 130.53 23.86 64.14
N ALA MA 20 129.97 22.67 63.88
CA ALA MA 20 128.55 22.55 63.58
C ALA MA 20 127.72 22.97 64.80
N LEU MA 21 128.14 22.54 65.99
CA LEU MA 21 127.49 22.96 67.26
C LEU MA 21 127.52 24.48 67.41
N ALA MA 22 128.70 25.08 67.16
CA ALA MA 22 128.85 26.53 67.29
C ALA MA 22 127.97 27.27 66.29
N PHE MA 23 127.91 26.75 65.08
CA PHE MA 23 127.13 27.33 63.99
C PHE MA 23 125.61 27.37 64.32
N VAL MA 24 125.08 26.24 64.76
CA VAL MA 24 123.63 26.17 65.06
C VAL MA 24 123.26 26.94 66.32
N ARG MA 25 124.23 27.20 67.18
CA ARG MA 25 123.95 27.90 68.45
C ARG MA 25 124.03 29.40 68.35
N GLU MA 26 124.56 29.92 67.24
CA GLU MA 26 124.65 31.36 67.05
C GLU MA 26 123.79 31.77 65.84
N PRO MA 27 122.68 32.42 66.09
CA PRO MA 27 121.77 32.85 65.01
C PRO MA 27 122.46 33.62 63.89
N ALA MA 28 123.24 34.64 64.24
CA ALA MA 28 123.96 35.48 63.26
C ALA MA 28 124.78 34.64 62.26
N ALA MA 29 125.19 33.45 62.69
CA ALA MA 29 125.92 32.49 61.82
C ALA MA 29 124.92 31.68 61.01
N ALA MA 30 124.06 30.96 61.73
CA ALA MA 30 123.08 30.06 61.09
C ALA MA 30 122.15 30.76 60.12
N LEU MA 31 121.69 31.96 60.48
CA LEU MA 31 120.73 32.69 59.63
C LEU MA 31 121.33 33.81 58.75
N ALA MA 32 122.65 33.89 58.66
CA ALA MA 32 123.32 34.94 57.85
C ALA MA 32 122.79 35.10 56.39
N GLY MA 33 122.57 33.97 55.72
CA GLY MA 33 122.14 34.00 54.32
C GLY MA 33 120.67 33.65 54.10
N VAL MA 34 119.92 33.57 55.20
CA VAL MA 34 118.51 33.22 55.15
C VAL MA 34 117.70 34.35 54.53
N GLN MA 35 116.90 34.01 53.52
CA GLN MA 35 116.09 35.02 52.86
C GLN MA 35 114.66 34.97 53.38
N ARG MA 36 113.93 36.05 53.10
CA ARG MA 36 112.51 36.20 53.41
C ARG MA 36 112.21 36.41 54.88
N LEU MA 37 113.26 36.68 55.66
CA LEU MA 37 113.13 37.10 57.04
C LEU MA 37 113.69 38.52 57.14
N ARG MA 38 112.84 39.51 56.91
CA ARG MA 38 113.29 40.88 56.87
C ARG MA 38 113.54 41.44 58.28
N GLY MA 39 114.52 42.34 58.39
CA GLY MA 39 114.81 43.00 59.66
C GLY MA 39 115.30 42.07 60.75
N LEU MA 40 115.91 40.97 60.33
CA LEU MA 40 116.40 39.97 61.27
C LEU MA 40 117.41 40.59 62.22
N ASP MA 41 117.23 40.37 63.50
CA ASP MA 41 118.19 40.83 64.49
C ASP MA 41 118.12 39.98 65.76
N SER MA 42 119.12 40.11 66.62
CA SER MA 42 119.20 39.34 67.87
C SER MA 42 120.12 39.98 68.88
N ASP MA 43 119.84 39.75 70.16
CA ASP MA 43 120.68 40.22 71.25
C ASP MA 43 121.38 39.04 71.94
N GLY MA 44 121.33 37.87 71.30
CA GLY MA 44 121.94 36.65 71.87
C GLY MA 44 120.94 35.83 72.66
N GLU MA 45 119.89 36.49 73.15
CA GLU MA 45 118.84 35.84 73.93
C GLU MA 45 117.61 35.52 73.09
N GLN MA 46 117.20 36.46 72.27
CA GLN MA 46 116.09 36.27 71.40
C GLN MA 46 116.45 36.69 69.99
N VAL MA 47 115.69 36.19 69.04
CA VAL MA 47 115.82 36.54 67.64
C VAL MA 47 114.48 37.10 67.18
N TRP MA 48 114.51 38.12 66.33
CA TRP MA 48 113.27 38.70 65.84
C TRP MA 48 113.40 39.25 64.42
N GLY MA 49 112.25 39.50 63.80
CA GLY MA 49 112.21 39.97 62.44
C GLY MA 49 110.79 40.00 61.95
N GLU MA 50 110.60 39.90 60.65
CA GLU MA 50 109.27 39.95 60.08
C GLU MA 50 109.19 39.21 58.76
N LEU MA 51 108.03 38.65 58.47
CA LEU MA 51 107.74 38.06 57.18
C LEU MA 51 106.82 39.02 56.46
N LEU MA 52 106.90 39.03 55.13
CA LEU MA 52 106.08 39.93 54.33
C LEU MA 52 104.95 39.18 53.64
N VAL MA 53 103.73 39.58 53.92
CA VAL MA 53 102.54 39.06 53.25
C VAL MA 53 102.07 40.14 52.27
N ARG MA 54 102.06 39.79 50.99
CA ARG MA 54 101.67 40.73 49.95
C ARG MA 54 100.22 40.57 49.57
N VAL MA 55 99.45 41.63 49.74
CA VAL MA 55 98.07 41.64 49.31
C VAL MA 55 97.84 42.85 48.44
N PRO MA 56 96.75 42.83 47.66
CA PRO MA 56 96.49 43.97 46.81
C PRO MA 56 96.24 45.26 47.57
N LEU MA 57 96.71 46.35 47.00
CA LEU MA 57 96.46 47.69 47.49
C LEU MA 57 97.27 48.04 48.74
N LEU MA 58 97.30 47.18 49.74
CA LEU MA 58 98.18 47.42 50.90
C LEU MA 58 99.63 47.10 50.55
N GLY MA 59 99.83 46.18 49.62
CA GLY MA 59 101.16 45.77 49.20
C GLY MA 59 101.79 44.85 50.24
N GLU MA 60 103.05 45.07 50.52
CA GLU MA 60 103.77 44.24 51.48
C GLU MA 60 103.40 44.62 52.90
N VAL MA 61 102.75 43.67 53.60
CA VAL MA 61 102.37 43.85 54.99
C VAL MA 61 103.29 42.99 55.84
N ASP MA 62 103.99 43.63 56.77
CA ASP MA 62 104.95 42.92 57.61
C ASP MA 62 104.30 42.33 58.85
N LEU MA 63 104.58 41.05 59.09
CA LEU MA 63 104.11 40.33 60.27
C LEU MA 63 105.33 40.00 61.13
N PRO MA 64 105.38 40.54 62.35
CA PRO MA 64 106.57 40.30 63.14
C PRO MA 64 106.59 38.90 63.78
N PHE MA 65 107.78 38.48 64.16
CA PHE MA 65 107.97 37.31 65.00
C PHE MA 65 109.10 37.63 65.95
N ARG MA 66 109.11 36.91 67.05
CA ARG MA 66 110.17 36.99 68.03
C ARG MA 66 110.25 35.62 68.70
N SER MA 67 111.44 35.06 68.76
CA SER MA 67 111.65 33.74 69.33
C SER MA 67 112.82 33.72 70.32
N GLU MA 68 112.69 32.89 71.33
CA GLU MA 68 113.71 32.69 72.34
C GLU MA 68 114.72 31.68 71.83
N ILE MA 69 116.01 31.97 72.03
CA ILE MA 69 117.07 31.06 71.64
C ILE MA 69 117.36 30.15 72.82
N VAL MA 70 117.27 28.86 72.61
CA VAL MA 70 117.49 27.87 73.66
C VAL MA 70 118.61 26.94 73.28
N ARG MA 71 119.67 26.95 74.07
CA ARG MA 71 120.83 26.14 73.83
C ARG MA 71 120.59 24.74 74.42
N THR MA 72 120.81 23.73 73.60
CA THR MA 72 120.58 22.35 74.01
C THR MA 72 121.88 21.53 73.91
N PRO MA 73 121.86 20.30 74.43
CA PRO MA 73 123.12 19.53 74.42
C PRO MA 73 123.66 19.21 73.02
N GLN MA 74 122.78 19.02 72.03
CA GLN MA 74 123.19 18.68 70.65
C GLN MA 74 123.10 19.87 69.69
N GLY MA 75 122.67 21.03 70.18
CA GLY MA 75 122.52 22.20 69.31
C GLY MA 75 121.78 23.35 69.95
N ALA MA 76 120.62 23.69 69.39
CA ALA MA 76 119.84 24.83 69.85
C ALA MA 76 118.46 24.78 69.25
N GLU MA 77 117.54 25.51 69.87
CA GLU MA 77 116.18 25.67 69.35
C GLU MA 77 115.79 27.13 69.34
N LEU MA 78 114.79 27.45 68.52
CA LEU MA 78 114.05 28.69 68.63
C LEU MA 78 112.67 28.33 69.13
N ARG MA 79 112.25 28.98 70.19
CA ARG MA 79 110.91 28.79 70.74
C ARG MA 79 110.16 30.14 70.67
N PRO MA 80 109.00 30.16 69.98
CA PRO MA 80 108.29 31.40 69.65
C PRO MA 80 107.67 32.08 70.83
N LEU MA 81 107.68 33.40 70.80
CA LEU MA 81 106.99 34.19 71.81
C LEU MA 81 105.66 34.66 71.25
N THR MA 82 104.66 34.73 72.11
CA THR MA 82 103.34 35.19 71.75
C THR MA 82 103.36 36.70 71.59
N LEU MA 83 102.85 37.18 70.46
CA LEU MA 83 102.74 38.63 70.23
C LEU MA 83 101.26 39.06 70.33
N THR MA 84 100.99 40.34 70.26
CA THR MA 84 99.62 40.84 70.56
C THR MA 84 98.67 40.54 69.41
N GLY MA 85 97.37 40.60 69.67
CA GLY MA 85 96.39 40.32 68.63
C GLY MA 85 95.98 41.55 67.79
N GLU MA 86 96.59 42.72 68.06
CA GLU MA 86 96.27 43.97 67.35
C GLU MA 86 96.60 43.87 65.86
N ARG MA 87 97.59 43.04 65.52
CA ARG MA 87 97.94 42.83 64.14
C ARG MA 87 98.46 41.44 63.97
N ALA MA 88 98.35 40.93 62.75
CA ALA MA 88 98.81 39.59 62.41
C ALA MA 88 100.29 39.43 62.73
N TRP MA 89 100.66 38.23 63.14
CA TRP MA 89 102.04 37.94 63.48
C TRP MA 89 102.37 36.51 63.10
N VAL MA 90 103.62 36.14 63.32
CA VAL MA 90 104.08 34.80 63.01
C VAL MA 90 104.84 34.20 64.19
N ALA MA 91 104.61 32.91 64.43
CA ALA MA 91 105.38 32.11 65.40
C ALA MA 91 106.39 31.28 64.63
N VAL MA 92 107.68 31.54 64.87
CA VAL MA 92 108.77 30.82 64.23
C VAL MA 92 109.45 29.88 65.23
N SER MA 93 109.37 28.60 64.96
CA SER MA 93 109.98 27.58 65.82
C SER MA 93 111.01 26.83 65.00
N GLY MA 94 112.05 26.33 65.67
CA GLY MA 94 113.07 25.55 65.01
C GLY MA 94 113.91 24.74 65.97
N GLN MA 95 114.39 23.60 65.49
CA GLN MA 95 115.26 22.75 66.27
C GLN MA 95 116.42 22.32 65.37
N ALA MA 96 117.61 22.31 65.95
CA ALA MA 96 118.82 21.95 65.21
C ALA MA 96 119.71 21.06 66.06
N THR MA 97 120.28 20.05 65.43
CA THR MA 97 121.23 19.18 66.12
C THR MA 97 122.48 19.03 65.25
N ALA MA 98 123.62 18.87 65.91
CA ALA MA 98 124.90 18.63 65.25
C ALA MA 98 125.44 17.32 65.79
N ALA MA 99 125.86 16.45 64.89
CA ALA MA 99 126.29 15.13 65.28
C ALA MA 99 127.73 14.87 64.88
N GLU MA 100 128.17 13.63 65.08
CA GLU MA 100 129.51 13.23 64.73
C GLU MA 100 129.80 13.55 63.29
N GLY MA 101 130.94 14.16 63.05
CA GLY MA 101 131.40 14.45 61.70
C GLY MA 101 130.85 15.74 61.14
N GLY MA 102 130.03 16.44 61.94
CA GLY MA 102 129.46 17.72 61.52
C GLY MA 102 128.12 17.62 60.80
N GLU MA 103 127.49 16.46 60.87
CA GLU MA 103 126.18 16.26 60.27
C GLU MA 103 125.13 17.05 61.06
N MET MA 104 124.44 17.97 60.37
CA MET MA 104 123.43 18.78 61.04
C MET MA 104 122.01 18.51 60.54
N ALA MA 105 121.07 18.47 61.48
CA ALA MA 105 119.66 18.24 61.18
C ALA MA 105 118.90 19.47 61.61
N PHE MA 106 117.99 19.93 60.75
CA PHE MA 106 117.16 21.08 61.03
C PHE MA 106 115.69 20.73 60.82
N ALA MA 107 114.84 21.32 61.65
CA ALA MA 107 113.40 21.30 61.48
C ALA MA 107 112.88 22.68 61.87
N PHE MA 108 112.09 23.30 61.00
CA PHE MA 108 111.47 24.60 61.27
C PHE MA 108 109.98 24.51 61.12
N GLN MA 109 109.26 25.23 61.97
CA GLN MA 109 107.78 25.31 61.87
C GLN MA 109 107.35 26.77 61.96
N PHE MA 110 106.38 27.15 61.12
CA PHE MA 110 105.86 28.51 61.09
C PHE MA 110 104.37 28.47 61.22
N GLN MA 111 103.82 29.38 62.00
CA GLN MA 111 102.39 29.51 62.16
C GLN MA 111 102.03 31.00 62.06
N ALA MA 112 101.11 31.33 61.17
CA ALA MA 112 100.64 32.72 61.05
C ALA MA 112 99.42 32.85 61.95
N HIS MA 113 99.40 33.89 62.78
CA HIS MA 113 98.32 34.15 63.69
C HIS MA 113 97.57 35.40 63.24
N LEU MA 114 96.36 35.22 62.76
CA LEU MA 114 95.57 36.33 62.23
C LEU MA 114 94.77 37.03 63.31
N ALA MA 115 94.53 38.32 63.11
CA ALA MA 115 93.76 39.12 64.07
C ALA MA 115 92.26 38.91 63.89
N THR MA 116 91.54 38.91 65.00
CA THR MA 116 90.09 38.72 64.98
C THR MA 116 89.38 39.86 65.69
N GLY MA 124 83.28 40.50 53.53
CA GLY MA 124 84.30 40.05 54.50
C GLY MA 124 84.75 38.60 54.34
N ALA MA 125 83.84 37.74 53.91
CA ALA MA 125 84.16 36.32 53.69
C ALA MA 125 85.07 36.17 52.46
N ALA MA 126 84.73 36.88 51.38
CA ALA MA 126 85.53 36.89 50.14
C ALA MA 126 86.93 37.44 50.39
N PHE MA 127 87.02 38.49 51.21
CA PHE MA 127 88.30 39.09 51.52
C PHE MA 127 89.21 38.16 52.32
N GLU MA 128 88.61 37.42 53.24
CA GLU MA 128 89.38 36.55 54.12
C GLU MA 128 90.14 35.58 53.24
N VAL MA 129 89.52 35.22 52.11
CA VAL MA 129 90.16 34.32 51.16
C VAL MA 129 91.46 34.90 50.60
N MET MA 130 91.50 36.20 50.31
CA MET MA 130 92.76 36.79 49.80
C MET MA 130 93.87 36.78 50.85
N VAL MA 131 93.51 37.13 52.09
CA VAL MA 131 94.51 37.17 53.18
C VAL MA 131 95.05 35.78 53.55
N GLN MA 132 94.18 34.78 53.68
CA GLN MA 132 94.61 33.42 54.03
C GLN MA 132 95.54 32.84 52.95
N ALA MA 133 95.17 33.02 51.70
CA ALA MA 133 95.97 32.52 50.57
C ALA MA 133 97.35 33.18 50.54
N ALA MA 134 97.38 34.49 50.74
CA ALA MA 134 98.60 35.26 50.69
C ALA MA 134 99.54 34.86 51.82
N ALA MA 135 98.98 34.74 53.03
CA ALA MA 135 99.76 34.38 54.20
C ALA MA 135 100.31 32.97 54.06
N GLY MA 136 99.52 32.08 53.45
CA GLY MA 136 99.96 30.72 53.18
C GLY MA 136 101.14 30.68 52.23
N VAL MA 137 101.12 31.53 51.21
CA VAL MA 137 102.20 31.62 50.25
C VAL MA 137 103.45 32.13 50.88
N THR MA 138 103.30 33.12 51.78
CA THR MA 138 104.44 33.70 52.52
C THR MA 138 105.13 32.63 53.38
N LEU MA 139 104.34 31.88 54.11
CA LEU MA 139 104.89 30.86 54.97
C LEU MA 139 105.65 29.76 54.19
N LEU MA 140 105.06 29.33 53.09
CA LEU MA 140 105.69 28.31 52.26
C LEU MA 140 106.97 28.82 51.57
N LEU MA 141 106.97 30.07 51.10
CA LEU MA 141 108.13 30.61 50.42
C LEU MA 141 109.33 30.60 51.38
N VAL MA 142 109.13 31.09 52.60
CA VAL MA 142 110.23 31.14 53.57
C VAL MA 142 110.66 29.72 53.96
N ALA MA 143 109.70 28.83 54.16
CA ALA MA 143 109.99 27.45 54.58
C ALA MA 143 110.77 26.70 53.49
N MET MA 144 110.28 26.80 52.27
CA MET MA 144 110.90 26.12 51.14
C MET MA 144 112.31 26.62 50.82
N ALA MA 145 112.61 27.89 51.15
CA ALA MA 145 113.94 28.44 50.85
C ALA MA 145 114.96 28.20 51.99
N LEU MA 146 114.50 27.72 53.14
CA LEU MA 146 115.41 27.55 54.29
C LEU MA 146 116.64 26.70 54.03
N PRO MA 147 116.49 25.53 53.38
CA PRO MA 147 117.71 24.75 53.14
C PRO MA 147 118.77 25.53 52.35
N GLN MA 148 118.34 26.24 51.31
CA GLN MA 148 119.21 27.08 50.52
C GLN MA 148 119.88 28.14 51.41
N GLY MA 149 119.07 28.79 52.24
CA GLY MA 149 119.55 29.84 53.14
C GLY MA 149 120.54 29.37 54.18
N LEU MA 150 120.24 28.23 54.81
CA LEU MA 150 121.13 27.65 55.81
C LEU MA 150 122.44 27.23 55.16
N ALA MA 151 122.35 26.66 53.96
CA ALA MA 151 123.55 26.22 53.22
C ALA MA 151 124.44 27.42 52.85
N ALA MA 152 123.82 28.53 52.49
CA ALA MA 152 124.55 29.76 52.15
C ALA MA 152 125.39 30.30 53.33
N GLY MA 153 125.07 29.92 54.55
CA GLY MA 153 125.84 30.40 55.71
C GLY MA 153 127.10 29.59 55.99
N LEU MA 154 127.28 28.46 55.30
CA LEU MA 154 128.38 27.54 55.57
C LEU MA 154 129.63 27.90 54.78
N PRO MA 155 130.81 27.85 55.47
CA PRO MA 155 132.10 28.13 54.89
C PRO MA 155 132.68 26.87 54.27
N PRO MA 156 133.69 27.03 53.41
CA PRO MA 156 134.38 25.93 52.72
C PRO MA 156 135.38 25.22 53.61
N ALA MA 157 135.63 23.95 53.35
CA ALA MA 157 136.69 23.20 54.03
C ALA MA 157 138.03 23.64 53.51
N LEU NA 3 103.18 -22.98 44.61
CA LEU NA 3 103.89 -24.06 45.38
C LEU NA 3 105.39 -24.05 45.06
N SER NA 4 105.85 -22.93 44.51
CA SER NA 4 107.26 -22.70 44.26
C SER NA 4 107.60 -21.27 44.67
N ALA NA 5 108.84 -21.06 45.05
CA ALA NA 5 109.36 -19.75 45.38
C ALA NA 5 110.83 -19.76 44.95
N GLU NA 6 111.30 -18.61 44.49
CA GLU NA 6 112.66 -18.44 43.97
C GLU NA 6 113.27 -17.18 44.57
N GLN NA 7 114.58 -17.18 44.77
CA GLN NA 7 115.26 -15.97 45.24
C GLN NA 7 116.68 -15.96 44.70
N SER NA 8 117.14 -14.81 44.23
CA SER NA 8 118.50 -14.65 43.78
C SER NA 8 119.06 -13.31 44.19
N PHE NA 9 120.34 -13.28 44.52
CA PHE NA 9 120.94 -12.06 45.03
C PHE NA 9 122.45 -12.19 45.10
N THR NA 10 123.10 -11.06 45.25
CA THR NA 10 124.56 -11.01 45.38
C THR NA 10 124.93 -10.34 46.69
N LEU NA 11 126.08 -10.74 47.24
CA LEU NA 11 126.64 -10.17 48.47
C LEU NA 11 128.13 -10.27 48.41
N ARG NA 12 128.83 -9.29 48.96
CA ARG NA 12 130.28 -9.32 49.00
C ARG NA 12 130.78 -9.82 50.35
N HIS NA 13 131.70 -10.78 50.32
CA HIS NA 13 132.31 -11.25 51.55
C HIS NA 13 133.44 -10.26 51.85
N PRO NA 14 133.42 -9.62 53.02
CA PRO NA 14 134.46 -8.63 53.38
C PRO NA 14 135.91 -9.15 53.40
N HIS NA 15 136.11 -10.47 53.51
CA HIS NA 15 137.47 -11.02 53.61
C HIS NA 15 138.06 -11.56 52.29
N GLY NA 16 137.34 -11.39 51.17
CA GLY NA 16 137.90 -11.77 49.86
C GLY NA 16 137.47 -13.14 49.37
N GLN NA 17 138.10 -13.59 48.27
CA GLN NA 17 137.68 -14.80 47.55
C GLN NA 17 137.80 -16.12 48.30
N ALA NA 18 139.00 -16.42 48.83
CA ALA NA 18 139.21 -17.67 49.56
C ALA NA 18 138.19 -17.82 50.68
N ALA NA 19 137.97 -16.74 51.42
CA ALA NA 19 137.03 -16.76 52.52
C ALA NA 19 135.58 -16.96 52.01
N ALA NA 20 135.24 -16.31 50.89
CA ALA NA 20 133.91 -16.42 50.32
C ALA NA 20 133.64 -17.87 49.87
N LEU NA 21 134.64 -18.50 49.24
CA LEU NA 21 134.55 -19.93 48.85
C LEU NA 21 134.31 -20.82 50.07
N ALA NA 22 135.07 -20.58 51.15
CA ALA NA 22 134.93 -21.37 52.36
C ALA NA 22 133.57 -21.19 53.00
N PHE NA 23 133.09 -19.96 52.99
CA PHE NA 23 131.79 -19.59 53.57
C PHE NA 23 130.62 -20.32 52.85
N VAL NA 24 130.60 -20.27 51.53
CA VAL NA 24 129.51 -20.89 50.76
C VAL NA 24 129.57 -22.40 50.78
N ARG NA 25 130.74 -22.96 51.08
CA ARG NA 25 130.92 -24.43 51.06
C ARG NA 25 130.60 -25.08 52.38
N GLU NA 26 130.45 -24.29 53.45
CA GLU NA 26 130.11 -24.83 54.76
C GLU NA 26 128.74 -24.30 55.20
N PRO NA 27 127.74 -25.17 55.19
CA PRO NA 27 126.38 -24.77 55.58
C PRO NA 27 126.29 -24.05 56.93
N ALA NA 28 126.91 -24.63 57.95
CA ALA NA 28 126.88 -24.05 59.32
C ALA NA 28 127.35 -22.58 59.33
N ALA NA 29 128.16 -22.20 58.34
CA ALA NA 29 128.61 -20.81 58.18
C ALA NA 29 127.57 -20.02 57.38
N ALA NA 30 127.30 -20.47 56.17
CA ALA NA 30 126.38 -19.79 55.25
C ALA NA 30 124.97 -19.64 55.82
N LEU NA 31 124.46 -20.67 56.50
CA LEU NA 31 123.09 -20.64 57.03
C LEU NA 31 122.97 -20.30 58.54
N ALA NA 32 124.06 -19.89 59.17
CA ALA NA 32 124.04 -19.57 60.63
C ALA NA 32 122.89 -18.62 61.09
N GLY NA 33 122.64 -17.56 60.32
CA GLY NA 33 121.63 -16.57 60.68
C GLY NA 33 120.34 -16.64 59.87
N VAL NA 34 120.21 -17.70 59.08
CA VAL NA 34 119.05 -17.89 58.23
C VAL NA 34 117.81 -18.20 59.07
N GLN NA 35 116.75 -17.44 58.84
CA GLN NA 35 115.51 -17.65 59.59
C GLN NA 35 114.53 -18.46 58.77
N ARG NA 36 113.52 -19.00 59.48
CA ARG NA 36 112.40 -19.73 58.90
C ARG NA 36 112.76 -21.12 58.40
N LEU NA 37 113.96 -21.57 58.77
CA LEU NA 37 114.36 -22.95 58.55
C LEU NA 37 114.58 -23.60 59.92
N ARG NA 38 113.52 -24.16 60.48
CA ARG NA 38 113.58 -24.69 61.83
C ARG NA 38 114.31 -26.05 61.87
N GLY NA 39 115.00 -26.30 62.98
CA GLY NA 39 115.67 -27.59 63.18
C GLY NA 39 116.79 -27.85 62.19
N LEU NA 40 117.38 -26.79 61.69
CA LEU NA 40 118.45 -26.90 60.70
C LEU NA 40 119.61 -27.69 61.28
N ASP NA 41 120.08 -28.67 60.54
CA ASP NA 41 121.25 -29.44 60.95
C ASP NA 41 121.95 -30.05 59.73
N SER NA 42 123.17 -30.53 59.94
CA SER NA 42 123.98 -31.12 58.87
C SER NA 42 125.08 -32.00 59.40
N ASP NA 43 125.46 -33.01 58.61
CA ASP NA 43 126.58 -33.90 58.94
C ASP NA 43 127.76 -33.65 57.98
N GLY NA 44 127.70 -32.55 57.22
CA GLY NA 44 128.75 -32.21 56.26
C GLY NA 44 128.42 -32.74 54.86
N GLU NA 45 127.57 -33.77 54.79
CA GLU NA 45 127.18 -34.39 53.53
C GLU NA 45 125.81 -33.89 53.08
N GLN NA 46 124.86 -33.82 54.01
CA GLN NA 46 123.56 -33.34 53.72
C GLN NA 46 123.14 -32.30 54.73
N VAL NA 47 122.17 -31.50 54.36
CA VAL NA 47 121.58 -30.50 55.23
C VAL NA 47 120.09 -30.79 55.32
N TRP NA 48 119.51 -30.62 56.50
CA TRP NA 48 118.07 -30.88 56.66
C TRP NA 48 117.43 -29.96 57.69
N GLY NA 49 116.10 -29.92 57.67
CA GLY NA 49 115.35 -29.07 58.55
C GLY NA 49 113.90 -29.10 58.18
N GLU NA 50 113.17 -28.04 58.50
CA GLU NA 50 111.76 -27.99 58.20
C GLU NA 50 111.25 -26.57 58.06
N LEU NA 51 110.25 -26.38 57.21
CA LEU NA 51 109.56 -25.12 57.10
C LEU NA 51 108.21 -25.29 57.78
N LEU NA 52 107.69 -24.19 58.32
CA LEU NA 52 106.42 -24.24 59.03
C LEU NA 52 105.29 -23.61 58.21
N VAL NA 53 104.27 -24.41 57.93
CA VAL NA 53 103.06 -23.95 57.27
C VAL NA 53 101.99 -23.83 58.33
N ARG NA 54 101.48 -22.61 58.52
CA ARG NA 54 100.47 -22.35 59.54
C ARG NA 54 99.07 -22.38 58.94
N VAL NA 55 98.24 -23.29 59.45
CA VAL NA 55 96.85 -23.34 59.05
C VAL NA 55 95.98 -23.32 60.28
N PRO NA 56 94.70 -22.99 60.11
CA PRO NA 56 93.84 -22.95 61.28
C PRO NA 56 93.68 -24.30 61.96
N LEU NA 57 93.58 -24.25 63.27
CA LEU NA 57 93.29 -25.40 64.10
C LEU NA 57 94.47 -26.36 64.28
N LEU NA 58 95.14 -26.72 63.19
CA LEU NA 58 96.37 -27.53 63.31
C LEU NA 58 97.53 -26.67 63.78
N GLY NA 59 97.50 -25.39 63.43
CA GLY NA 59 98.55 -24.45 63.79
C GLY NA 59 99.76 -24.65 62.90
N GLU NA 60 100.94 -24.62 63.50
CA GLU NA 60 102.17 -24.77 62.74
C GLU NA 60 102.40 -26.23 62.36
N VAL NA 61 102.37 -26.50 61.05
CA VAL NA 61 102.62 -27.83 60.52
C VAL NA 61 103.99 -27.81 59.88
N ASP NA 62 104.87 -28.70 60.34
CA ASP NA 62 106.25 -28.74 59.84
C ASP NA 62 106.37 -29.63 58.62
N LEU NA 63 107.01 -29.09 57.58
CA LEU NA 63 107.29 -29.82 56.33
C LEU NA 63 108.81 -30.00 56.24
N PRO NA 64 109.28 -31.25 56.26
CA PRO NA 64 110.71 -31.44 56.25
C PRO NA 64 111.33 -31.23 54.87
N PHE NA 65 112.63 -30.99 54.85
CA PHE NA 65 113.43 -31.02 53.64
C PHE NA 65 114.76 -31.62 54.02
N ARG NA 66 115.44 -32.16 53.01
CA ARG NA 66 116.76 -32.68 53.14
C ARG NA 66 117.43 -32.50 51.79
N SER NA 67 118.62 -31.93 51.79
CA SER NA 67 119.36 -31.66 50.56
C SER NA 67 120.82 -32.11 50.65
N GLU NA 68 121.35 -32.56 49.53
CA GLU NA 68 122.73 -32.98 49.41
C GLU NA 68 123.60 -31.76 49.17
N ILE NA 69 124.73 -31.70 49.87
CA ILE NA 69 125.69 -30.60 49.69
C ILE NA 69 126.68 -31.03 48.62
N VAL NA 70 126.79 -30.21 47.57
CA VAL NA 70 127.66 -30.50 46.45
C VAL NA 70 128.68 -29.39 46.28
N ARG NA 71 129.93 -29.74 46.43
CA ARG NA 71 131.03 -28.81 46.31
C ARG NA 71 131.40 -28.65 44.84
N THR NA 72 131.44 -27.41 44.38
CA THR NA 72 131.74 -27.10 42.99
C THR NA 72 132.99 -26.23 42.88
N PRO NA 73 133.50 -26.04 41.65
CA PRO NA 73 134.75 -25.27 41.53
C PRO NA 73 134.66 -23.81 42.01
N GLN NA 74 133.51 -23.16 41.85
CA GLN NA 74 133.32 -21.76 42.27
C GLN NA 74 132.54 -21.61 43.58
N GLY NA 75 132.13 -22.72 44.18
CA GLY NA 75 131.34 -22.65 45.41
C GLY NA 75 130.72 -23.96 45.84
N ALA NA 76 129.40 -24.02 45.85
CA ALA NA 76 128.69 -25.20 46.30
C ALA NA 76 127.22 -25.08 45.92
N GLU NA 77 126.54 -26.23 45.92
CA GLU NA 77 125.10 -26.28 45.69
C GLU NA 77 124.43 -27.13 46.75
N LEU NA 78 123.13 -26.90 46.91
CA LEU NA 78 122.25 -27.84 47.60
C LEU NA 78 121.37 -28.47 46.55
N ARG NA 79 121.33 -29.78 46.52
CA ARG NA 79 120.45 -30.52 45.62
C ARG NA 79 119.48 -31.35 46.45
N PRO NA 80 118.16 -31.14 46.25
CA PRO NA 80 117.12 -31.70 47.11
C PRO NA 80 116.95 -33.19 46.99
N LEU NA 81 116.65 -33.84 48.11
CA LEU NA 81 116.34 -35.25 48.10
C LEU NA 81 114.82 -35.41 48.15
N THR NA 82 114.34 -36.45 47.49
CA THR NA 82 112.93 -36.77 47.47
C THR NA 82 112.54 -37.39 48.79
N LEU NA 83 111.47 -36.88 49.40
CA LEU NA 83 110.95 -37.44 50.65
C LEU NA 83 109.62 -38.17 50.36
N THR NA 84 109.07 -38.86 51.35
CA THR NA 84 107.90 -39.74 51.09
C THR NA 84 106.64 -38.93 50.87
N GLY NA 85 105.63 -39.55 50.29
CA GLY NA 85 104.36 -38.86 50.05
C GLY NA 85 103.36 -38.90 51.21
N GLU NA 86 103.74 -39.54 52.34
CA GLU NA 86 102.85 -39.68 53.51
C GLU NA 86 102.50 -38.33 54.12
N ARG NA 87 103.39 -37.36 53.96
CA ARG NA 87 103.13 -36.03 54.45
C ARG NA 87 103.81 -35.03 53.57
N ALA NA 88 103.28 -33.81 53.55
CA ALA NA 88 103.84 -32.73 52.75
C ALA NA 88 105.29 -32.47 53.12
N TRP NA 89 106.08 -32.09 52.11
CA TRP NA 89 107.48 -31.82 52.31
C TRP NA 89 107.92 -30.70 51.39
N VAL NA 90 109.17 -30.32 51.52
CA VAL NA 90 109.73 -29.26 50.71
C VAL NA 90 111.06 -29.69 50.07
N ALA NA 91 111.26 -29.29 48.82
CA ALA NA 91 112.54 -29.47 48.11
C ALA NA 91 113.25 -28.13 48.11
N VAL NA 92 114.41 -28.08 48.77
CA VAL NA 92 115.23 -26.88 48.86
C VAL NA 92 116.47 -27.02 47.98
N SER NA 93 116.58 -26.17 46.97
CA SER NA 93 117.72 -26.18 46.06
C SER NA 93 118.42 -24.82 46.16
N GLY NA 94 119.72 -24.82 45.92
CA GLY NA 94 120.49 -23.58 45.94
C GLY NA 94 121.82 -23.72 45.25
N GLN NA 95 122.28 -22.61 44.68
CA GLN NA 95 123.57 -22.56 44.03
C GLN NA 95 124.27 -21.28 44.49
N ALA NA 96 125.57 -21.40 44.75
CA ALA NA 96 126.36 -20.26 45.22
C ALA NA 96 127.71 -20.24 44.53
N THR NA 97 128.14 -19.05 44.15
CA THR NA 97 129.47 -18.90 43.57
C THR NA 97 130.20 -17.76 44.27
N ALA NA 98 131.52 -17.87 44.36
CA ALA NA 98 132.38 -16.85 44.94
C ALA NA 98 133.37 -16.46 43.86
N ALA NA 99 133.54 -15.17 43.64
CA ALA NA 99 134.38 -14.70 42.58
C ALA NA 99 135.50 -13.83 43.12
N GLU NA 100 136.26 -13.23 42.18
CA GLU NA 100 137.36 -12.36 42.52
C GLU NA 100 136.88 -11.27 43.44
N GLY NA 101 137.62 -11.05 44.51
CA GLY NA 101 137.34 -9.96 45.45
C GLY NA 101 136.33 -10.33 46.51
N GLY NA 102 135.82 -11.56 46.45
CA GLY NA 102 134.86 -12.04 47.44
C GLY NA 102 133.39 -11.80 47.08
N GLU NA 103 133.14 -11.44 45.83
CA GLU NA 103 131.79 -11.24 45.34
C GLU NA 103 131.05 -12.57 45.29
N MET NA 104 129.94 -12.70 46.01
CA MET NA 104 129.17 -13.93 46.03
C MET NA 104 127.79 -13.81 45.42
N ALA NA 105 127.41 -14.81 44.64
CA ALA NA 105 126.10 -14.86 43.98
C ALA NA 105 125.36 -16.07 44.54
N PHE NA 106 124.08 -15.86 44.87
CA PHE NA 106 123.24 -16.91 45.37
C PHE NA 106 121.96 -16.98 44.57
N ALA NA 107 121.45 -18.21 44.39
CA ALA NA 107 120.14 -18.47 43.86
C ALA NA 107 119.55 -19.65 44.66
N PHE NA 108 118.35 -19.47 45.16
CA PHE NA 108 117.64 -20.53 45.88
C PHE NA 108 116.29 -20.80 45.26
N GLN NA 109 115.89 -22.07 45.24
CA GLN NA 109 114.55 -22.45 44.74
C GLN NA 109 113.90 -23.39 45.76
N PHE NA 110 112.59 -23.18 45.98
CA PHE NA 110 111.82 -23.99 46.91
C PHE NA 110 110.61 -24.51 46.22
N GLN NA 111 110.28 -25.77 46.47
CA GLN NA 111 109.08 -26.38 45.92
C GLN NA 111 108.39 -27.15 47.05
N ALA NA 112 107.12 -26.87 47.29
CA ALA NA 112 106.35 -27.62 48.30
C ALA NA 112 105.67 -28.76 47.56
N HIS NA 113 105.80 -29.97 48.12
CA HIS NA 113 105.21 -31.15 47.54
C HIS NA 113 104.07 -31.64 48.45
N LEU NA 114 102.85 -31.50 47.98
CA LEU NA 114 101.68 -31.87 48.78
C LEU NA 114 101.32 -33.33 48.63
N ALA NA 115 100.73 -33.90 49.69
CA ALA NA 115 100.32 -35.31 49.68
C ALA NA 115 98.99 -35.48 48.96
N THR NA 116 98.87 -36.60 48.24
CA THR NA 116 97.64 -36.89 47.50
C THR NA 116 97.08 -38.26 47.89
N GLY NA 124 86.20 -30.47 50.47
CA GLY NA 124 87.63 -30.74 50.15
C GLY NA 124 88.27 -29.75 49.19
N ALA NA 125 87.47 -29.22 48.26
CA ALA NA 125 87.99 -28.23 47.29
C ALA NA 125 88.25 -26.90 47.99
N ALA NA 126 87.31 -26.48 48.85
CA ALA NA 126 87.45 -25.25 49.64
C ALA NA 126 88.64 -25.32 50.59
N PHE NA 127 88.85 -26.49 51.19
CA PHE NA 127 89.96 -26.68 52.11
C PHE NA 127 91.31 -26.59 51.40
N GLU NA 128 91.39 -27.14 50.20
CA GLU NA 128 92.63 -27.19 49.46
C GLU NA 128 93.11 -25.76 49.30
N VAL NA 129 92.16 -24.84 49.16
CA VAL NA 129 92.48 -23.44 49.02
C VAL NA 129 93.24 -22.89 50.24
N MET NA 130 92.83 -23.30 51.46
CA MET NA 130 93.56 -22.82 52.65
C MET NA 130 95.00 -23.36 52.70
N VAL NA 131 95.17 -24.64 52.38
CA VAL NA 131 96.52 -25.25 52.43
C VAL NA 131 97.46 -24.69 51.36
N GLN NA 132 96.99 -24.55 50.12
CA GLN NA 132 97.83 -24.00 49.03
C GLN NA 132 98.28 -22.58 49.33
N ALA NA 133 97.35 -21.75 49.80
CA ALA NA 133 97.65 -20.36 50.13
C ALA NA 133 98.68 -20.27 51.26
N ALA NA 134 98.50 -21.08 52.28
CA ALA NA 134 99.36 -21.07 53.44
C ALA NA 134 100.77 -21.52 53.07
N ALA NA 135 100.86 -22.60 52.30
CA ALA NA 135 102.14 -23.15 51.87
C ALA NA 135 102.87 -22.15 50.98
N GLY NA 136 102.11 -21.44 50.14
CA GLY NA 136 102.68 -20.40 49.29
C GLY NA 136 103.29 -19.27 50.09
N VAL NA 137 102.60 -18.89 51.18
CA VAL NA 137 103.09 -17.83 52.05
C VAL NA 137 104.35 -18.25 52.76
N THR NA 138 104.40 -19.51 53.18
CA THR NA 138 105.58 -20.08 53.85
C THR NA 138 106.81 -20.03 52.93
N LEU NA 139 106.62 -20.47 51.69
CA LEU NA 139 107.72 -20.50 50.75
C LEU NA 139 108.26 -19.10 50.45
N LEU NA 140 107.37 -18.14 50.26
CA LEU NA 140 107.76 -16.77 49.98
C LEU NA 140 108.44 -16.11 51.18
N LEU NA 141 107.94 -16.36 52.40
CA LEU NA 141 108.53 -15.75 53.58
C LEU NA 141 110.00 -16.17 53.70
N VAL NA 142 110.26 -17.47 53.57
CA VAL NA 142 111.64 -17.96 53.70
C VAL NA 142 112.51 -17.43 52.55
N ALA NA 143 111.97 -17.42 51.34
CA ALA NA 143 112.72 -16.98 50.15
C ALA NA 143 113.06 -15.49 50.25
N MET NA 144 112.07 -14.69 50.60
CA MET NA 144 112.25 -13.25 50.71
C MET NA 144 113.21 -12.84 51.81
N ALA NA 145 113.34 -13.66 52.86
CA ALA NA 145 114.23 -13.31 53.98
C ALA NA 145 115.67 -13.82 53.78
N LEU NA 146 115.91 -14.63 52.77
CA LEU NA 146 117.25 -15.22 52.56
C LEU NA 146 118.40 -14.22 52.46
N PRO NA 147 118.23 -13.16 51.67
CA PRO NA 147 119.35 -12.21 51.60
C PRO NA 147 119.74 -11.65 52.99
N GLN NA 148 118.74 -11.30 53.78
CA GLN NA 148 118.95 -10.83 55.15
C GLN NA 148 119.69 -11.89 55.96
N GLY NA 149 119.22 -13.14 55.87
CA GLY NA 149 119.81 -14.26 56.60
C GLY NA 149 121.23 -14.56 56.22
N LEU NA 150 121.51 -14.59 54.92
CA LEU NA 150 122.85 -14.85 54.43
C LEU NA 150 123.80 -13.73 54.86
N ALA NA 151 123.31 -12.49 54.79
CA ALA NA 151 124.11 -11.32 55.19
C ALA NA 151 124.45 -11.37 56.70
N ALA NA 152 123.49 -11.82 57.50
CA ALA NA 152 123.70 -11.95 58.95
C ALA NA 152 124.84 -12.94 59.31
N GLY NA 153 125.18 -13.85 58.40
CA GLY NA 153 126.27 -14.80 58.68
C GLY NA 153 127.67 -14.26 58.41
N LEU NA 154 127.77 -13.08 57.80
CA LEU NA 154 129.05 -12.50 57.40
C LEU NA 154 129.70 -11.68 58.49
N PRO NA 155 131.03 -11.88 58.68
CA PRO NA 155 131.83 -11.17 59.65
C PRO NA 155 132.34 -9.85 59.08
N PRO NA 156 132.78 -8.95 59.95
CA PRO NA 156 133.32 -7.63 59.57
C PRO NA 156 134.75 -7.71 59.06
N ALA NA 157 135.13 -6.77 58.20
CA ALA NA 157 136.52 -6.65 57.75
C ALA NA 157 137.35 -6.06 58.87
#